data_5ND7
#
_entry.id   5ND7
#
loop_
_entity.id
_entity.type
_entity.pdbx_description
1 polymer 'Kinesin-like protein KIF20A'
2 polymer 'Tubulin alpha chain'
3 polymer 'Tubulin beta-2B chain'
4 non-polymer 'MAGNESIUM ION'
5 non-polymer 'PHOSPHOAMINOPHOSPHONIC ACID-ADENYLATE ESTER'
6 non-polymer "GUANOSINE-5'-TRIPHOSPHATE"
7 non-polymer "GUANOSINE-5'-DIPHOSPHATE"
8 non-polymer TAXOL
#
loop_
_entity_poly.entity_id
_entity_poly.type
_entity_poly.pdbx_seq_one_letter_code
_entity_poly.pdbx_strand_id
1 'polypeptide(L)'
;SPILESTAADLRSVVRKDLLSDCSVISASLEDKQALLEDTSEKVKVYLRIRPFLTSELDRQEDQGCVCIENTETLVLQAP
KDSFALKSNERGVGQATHKFTFSQIFGPEVGQVAFFNLTMKEMVKDVLKGQNWLIYTYGVTNSGKTYTIQGTSKDAGILP
QSLALIFNSLQGQLHPTPDLKPLLSNEVIWLDSKQIRQEEMKKLSLLIGGLQEEELSTSVKKRVHTESRIGASNSFDSGV
AGLSSTSQFTSSSQLDETSQLWAQPDTVPVSVPADIRFSVWISFFEIYNELLYDLLEPPSHQHKRQTLRLCEDQNGNPYV
KDLNWIHVRDVEEAWKLLKVGRKNQSFASTHMNQQSSRSHSIFSIRILHLQGEGDIVPKISELSLCDLAGSERCKHQKSG
ERLKEAGNINTSLHTLGRCIAALRQNQQNRSKQNLIPFRDSKLTRVFQGFFTGRGRSCMIVNVNPCASTYDETLHAAKFS
ALASQLVHAPPVHLGIPSLHS
;
C
2 'polypeptide(L)'
;MRECISIHVGQAGVQIGNACWELYCLEHGIQPDGQMPSDKTIGGGDDSFNTFFSETGAGKHVPRAVFVDLEPTVIDEVRT
GTYRQLFHPEQLITGKEDAANNYARGHYTIGKEIIDLVLDRIRKLADQCTGLQGFSVFHSFGGGTGSGFTSLLMERLSVD
YGKKSKLEFSIYPAPQVSTAVVEPYNSILTTHTTLEHSDCAFMVDNEAIYDICRRNLDIERPTYTNLNRLIGQIVSSITA
SLRFDGALNVDLTEFQTNLVPYPRGHFPLATYAPVISAEKAYHEQLSVAEITNACFEPANQMVKCDPRHGKYMACCLLYR
GDVVPKDVNAAIATIKTKRTIQFVDWCPTGFKVGINYEPPTVVPGGDLAKVQRAVCMLSNTTAIAEAWARLDHKFDLMYA
KRAFVHWYVGEGMEEGEFSEAREDMAALEKDYEEVGVDSVEGEGEEEGEEY
;
A
3 'polypeptide(L)'
;MREIVHIQAGQCGNQIGAKFWEVISDEHGIDPTGSYHGDSDLQLERINVYYNEAAGNKYVPRAILVDLEPGTMDSVRSGP
FGQIFRPDNFVFGQSGAGNNWAKGHYTEGAELVDSVLDVVRKESESCDCLQGFQLTHSLGGGTGSGMGTLLISKIREEYP
DRIMNTFSVVPSPKVSDTVVEPYNATLSVHQLVENTDETYCIDNEALYDICFRTLKLTTPTYGDLNHLVSATMSGVTTCL
RFPGQLNADLRKLAVNMVPFPRLHFFMPGFAPLTSRGSQQYRALTVPELTQQMFDAKNMMAACDPRHGRYLTVAAVFRGR
MSMKEVDEQMLNVQNKNSSYFVEWIPNNVKTAVCDIPPRGLKMSATFIGNSTAIQELFKRISEQFTAMFRRKAFLHWYTG
EGMDEMEFTEAESNMNDLVSEYQQYQDATADEQGEFEEEEGEDEA
;
B
#
loop_
_chem_comp.id
_chem_comp.type
_chem_comp.name
_chem_comp.formula
ANP non-polymer 'PHOSPHOAMINOPHOSPHONIC ACID-ADENYLATE ESTER' 'C10 H17 N6 O12 P3'
GDP RNA linking GUANOSINE-5'-DIPHOSPHATE 'C10 H15 N5 O11 P2'
GTP non-polymer GUANOSINE-5'-TRIPHOSPHATE 'C10 H16 N5 O14 P3'
MG non-polymer 'MAGNESIUM ION' 'Mg 2'
TA1 non-polymer TAXOL 'C47 H51 N O14'
#
# COMPACT_ATOMS: atom_id res chain seq x y z
N SER A 41 14.65 27.33 -20.44
CA SER A 41 13.69 26.27 -20.64
C SER A 41 12.61 26.77 -21.53
N GLU A 42 11.86 25.82 -22.09
CA GLU A 42 10.68 26.13 -22.82
C GLU A 42 9.60 25.69 -21.87
N LYS A 43 8.37 26.15 -22.10
CA LYS A 43 7.28 25.71 -21.27
C LYS A 43 6.41 24.87 -22.17
N VAL A 44 5.85 23.77 -21.61
CA VAL A 44 4.91 22.92 -22.29
C VAL A 44 3.74 23.83 -22.56
N LYS A 45 3.31 24.00 -23.85
CA LYS A 45 2.26 24.98 -24.08
C LYS A 45 0.99 24.36 -23.54
N VAL A 46 0.14 25.15 -22.93
CA VAL A 46 -1.09 24.60 -22.38
C VAL A 46 -2.31 25.11 -23.13
N TYR A 47 -3.14 24.16 -23.53
CA TYR A 47 -4.34 24.48 -24.28
C TYR A 47 -5.55 23.80 -23.65
N LEU A 48 -6.66 24.53 -23.56
CA LEU A 48 -7.88 23.99 -23.01
C LEU A 48 -9.00 24.11 -24.04
N ARG A 49 -9.87 23.11 -24.07
CA ARG A 49 -11.00 23.10 -24.99
C ARG A 49 -12.19 22.40 -24.35
N ILE A 50 -13.36 22.98 -24.48
CA ILE A 50 -14.56 22.39 -23.91
C ILE A 50 -15.46 21.82 -25.01
N ARG A 51 -16.21 20.80 -24.67
CA ARG A 51 -17.11 20.17 -25.62
C ARG A 51 -18.34 21.04 -25.86
N PRO A 52 -18.79 21.15 -27.12
CA PRO A 52 -19.97 21.95 -27.47
C PRO A 52 -21.27 21.31 -27.01
N PHE A 53 -22.32 22.12 -26.95
CA PHE A 53 -23.63 21.64 -26.53
C PHE A 53 -24.52 21.38 -27.74
N LEU A 54 -24.83 20.11 -27.96
CA LEU A 54 -25.68 19.72 -29.08
C LEU A 54 -27.14 19.61 -28.63
N THR A 55 -28.03 19.40 -29.58
CA THR A 55 -29.46 19.27 -29.30
C THR A 55 -29.73 18.09 -28.35
N SER A 56 -28.86 17.09 -28.39
CA SER A 56 -29.01 15.91 -27.55
C SER A 56 -28.84 16.26 -26.07
N GLU A 57 -27.75 16.93 -25.74
CA GLU A 57 -27.48 17.33 -24.36
C GLU A 57 -28.50 18.35 -23.90
N LEU A 58 -28.88 19.26 -24.78
CA LEU A 58 -29.86 20.29 -24.47
C LEU A 58 -31.21 19.65 -24.12
N ASP A 59 -31.53 18.57 -24.81
CA ASP A 59 -32.77 17.85 -24.57
C ASP A 59 -32.73 17.11 -23.25
N ARG A 60 -31.59 16.52 -22.94
CA ARG A 60 -31.42 15.75 -21.71
C ARG A 60 -31.48 16.66 -20.48
N GLN A 61 -30.78 17.80 -20.55
CA GLN A 61 -30.75 18.75 -19.45
C GLN A 61 -30.16 20.09 -19.91
N GLU A 62 -29.94 20.98 -18.95
CA GLU A 62 -29.38 22.29 -19.26
C GLU A 62 -27.95 22.17 -19.77
N ASP A 63 -27.15 21.33 -19.09
CA ASP A 63 -25.73 21.12 -19.44
C ASP A 63 -25.02 22.47 -19.55
N GLN A 64 -25.32 23.34 -18.58
CA GLN A 64 -24.76 24.67 -18.53
C GLN A 64 -23.25 24.63 -18.47
N GLY A 65 -22.61 25.47 -19.25
CA GLY A 65 -21.18 25.48 -19.24
C GLY A 65 -20.68 26.12 -17.98
N CYS A 66 -19.99 25.35 -17.18
CA CYS A 66 -19.43 25.84 -15.93
C CYS A 66 -18.16 26.62 -16.25
N VAL A 67 -17.49 26.17 -17.28
CA VAL A 67 -16.26 26.82 -17.71
C VAL A 67 -16.60 27.92 -18.70
N CYS A 68 -16.14 29.12 -18.41
CA CYS A 68 -16.37 30.26 -19.26
C CYS A 68 -15.07 30.57 -19.95
N ILE A 69 -15.15 31.11 -21.14
CA ILE A 69 -13.95 31.39 -21.89
C ILE A 69 -13.57 32.84 -21.66
N GLU A 70 -12.51 33.04 -20.91
CA GLU A 70 -12.08 34.38 -20.62
C GLU A 70 -10.79 34.61 -21.36
N ASN A 71 -10.80 35.47 -22.37
CA ASN A 71 -9.60 35.72 -23.18
C ASN A 71 -9.17 34.45 -23.93
N THR A 72 -8.30 34.60 -24.91
CA THR A 72 -7.84 33.45 -25.68
C THR A 72 -6.84 32.58 -24.89
N GLU A 73 -6.19 33.17 -23.89
CA GLU A 73 -5.19 32.45 -23.06
C GLU A 73 -5.67 31.92 -21.70
N THR A 74 -6.68 32.54 -21.12
CA THR A 74 -7.13 32.15 -19.80
C THR A 74 -8.60 31.71 -19.76
N LEU A 75 -9.06 31.24 -18.61
CA LEU A 75 -10.42 30.78 -18.44
C LEU A 75 -10.95 31.13 -17.05
N VAL A 76 -12.23 31.48 -16.95
CA VAL A 76 -12.83 31.76 -15.66
C VAL A 76 -13.75 30.58 -15.33
N LEU A 77 -13.54 29.97 -14.18
CA LEU A 77 -14.31 28.80 -13.81
C LEU A 77 -15.37 29.06 -12.76
N GLN A 78 -16.61 28.84 -13.15
CA GLN A 78 -17.74 28.94 -12.23
C GLN A 78 -18.54 27.65 -12.37
N ALA A 79 -18.20 26.68 -11.53
CA ALA A 79 -18.83 25.37 -11.60
C ALA A 79 -19.87 25.17 -10.54
N PRO A 80 -21.14 24.96 -10.96
CA PRO A 80 -22.23 24.70 -10.02
C PRO A 80 -22.11 23.28 -9.48
N GLN A 95 -21.26 27.20 -5.94
CA GLN A 95 -20.43 27.40 -7.10
C GLN A 95 -18.97 27.44 -6.67
N ALA A 96 -18.09 27.12 -7.60
CA ALA A 96 -16.67 27.12 -7.32
C ALA A 96 -15.99 28.10 -8.25
N THR A 97 -15.05 28.86 -7.73
CA THR A 97 -14.34 29.82 -8.54
C THR A 97 -12.87 29.39 -8.74
N HIS A 98 -12.41 29.43 -9.98
CA HIS A 98 -11.05 29.05 -10.31
C HIS A 98 -10.64 29.75 -11.61
N LYS A 99 -9.34 29.95 -11.81
CA LYS A 99 -8.86 30.59 -13.02
C LYS A 99 -7.84 29.70 -13.72
N PHE A 100 -8.02 29.47 -15.00
CA PHE A 100 -7.11 28.61 -15.76
C PHE A 100 -6.18 29.48 -16.59
N THR A 101 -4.89 29.35 -16.37
CA THR A 101 -3.92 30.13 -17.13
C THR A 101 -3.09 29.18 -17.98
N PHE A 102 -3.64 28.85 -19.13
CA PHE A 102 -3.00 27.87 -20.02
C PHE A 102 -2.06 28.47 -21.03
N SER A 103 -2.62 29.14 -22.04
CA SER A 103 -1.83 29.76 -23.14
C SER A 103 -2.78 30.03 -24.28
N GLN A 104 -3.52 29.00 -24.60
CA GLN A 104 -4.51 29.07 -25.63
C GLN A 104 -5.74 28.28 -25.21
N ILE A 105 -6.90 28.86 -25.42
CA ILE A 105 -8.17 28.20 -25.15
C ILE A 105 -9.22 28.54 -26.22
N PHE A 106 -9.93 27.54 -26.73
CA PHE A 106 -10.97 27.77 -27.73
C PHE A 106 -12.32 27.28 -27.21
N GLY A 107 -13.37 28.02 -27.53
CA GLY A 107 -14.70 27.67 -27.07
C GLY A 107 -15.33 26.49 -27.83
N PRO A 108 -16.63 26.25 -27.60
CA PRO A 108 -17.37 25.18 -28.25
C PRO A 108 -17.78 25.58 -29.67
N GLU A 109 -17.66 26.87 -29.97
CA GLU A 109 -18.03 27.41 -31.26
C GLU A 109 -17.06 27.01 -32.36
N VAL A 110 -15.77 27.11 -32.06
CA VAL A 110 -14.74 26.76 -33.03
C VAL A 110 -14.89 25.32 -33.54
N GLY A 111 -14.58 25.13 -34.81
CA GLY A 111 -14.68 23.80 -35.40
C GLY A 111 -13.49 22.95 -35.02
N GLN A 112 -13.42 21.75 -35.59
CA GLN A 112 -12.33 20.84 -35.29
C GLN A 112 -11.04 21.33 -35.92
N VAL A 113 -11.17 21.89 -37.12
CA VAL A 113 -10.03 22.43 -37.84
C VAL A 113 -9.42 23.60 -37.07
N ALA A 114 -10.27 24.36 -36.37
CA ALA A 114 -9.83 25.52 -35.60
C ALA A 114 -8.80 25.11 -34.53
N PHE A 115 -9.05 23.98 -33.87
CA PHE A 115 -8.13 23.48 -32.85
C PHE A 115 -6.76 23.25 -33.49
N PHE A 116 -6.75 22.62 -34.65
CA PHE A 116 -5.51 22.35 -35.36
C PHE A 116 -4.91 23.62 -35.93
N ASN A 117 -5.77 24.52 -36.38
CA ASN A 117 -5.34 25.76 -37.02
C ASN A 117 -4.39 26.55 -36.14
N LEU A 118 -4.74 26.73 -34.89
CA LEU A 118 -3.87 27.43 -33.97
C LEU A 118 -2.83 26.59 -33.24
N THR A 119 -3.30 25.55 -32.55
CA THR A 119 -2.43 24.69 -31.77
C THR A 119 -1.50 23.81 -32.61
N MET A 120 -2.05 23.10 -33.58
CA MET A 120 -1.25 22.19 -34.42
C MET A 120 -0.35 22.92 -35.41
N LYS A 121 -0.76 24.12 -35.85
CA LYS A 121 0.02 24.88 -36.84
C LYS A 121 1.42 25.21 -36.34
N GLU A 122 1.53 25.60 -35.06
CA GLU A 122 2.84 25.94 -34.50
C GLU A 122 3.77 24.73 -34.50
N MET A 123 3.18 23.54 -34.40
CA MET A 123 3.95 22.31 -34.42
C MET A 123 4.48 22.06 -35.83
N VAL A 124 3.61 22.26 -36.82
CA VAL A 124 3.98 22.05 -38.22
C VAL A 124 5.22 22.87 -38.59
N LYS A 125 5.35 24.04 -37.98
CA LYS A 125 6.49 24.91 -38.24
C LYS A 125 7.75 24.36 -37.58
N ASP A 126 7.58 23.76 -36.40
CA ASP A 126 8.70 23.20 -35.65
C ASP A 126 9.29 21.98 -36.34
N VAL A 127 8.44 21.22 -37.02
CA VAL A 127 8.90 20.03 -37.76
C VAL A 127 9.93 20.47 -38.79
N LEU A 128 9.70 21.65 -39.37
CA LEU A 128 10.60 22.20 -40.35
C LEU A 128 11.88 22.68 -39.67
N LYS A 129 11.73 23.12 -38.42
CA LYS A 129 12.85 23.57 -37.63
C LYS A 129 13.80 22.39 -37.37
N GLY A 130 13.22 21.20 -37.32
CA GLY A 130 14.00 20.01 -37.11
C GLY A 130 13.84 19.46 -35.72
N GLN A 131 13.14 20.19 -34.87
CA GLN A 131 12.92 19.72 -33.51
C GLN A 131 11.73 18.78 -33.43
N ASN A 132 11.82 17.84 -32.50
CA ASN A 132 10.74 16.87 -32.28
C ASN A 132 9.60 17.53 -31.50
N TRP A 133 8.39 17.07 -31.70
CA TRP A 133 7.25 17.63 -30.99
C TRP A 133 6.27 16.52 -30.60
N LEU A 134 5.68 16.66 -29.43
CA LEU A 134 4.73 15.69 -28.94
C LEU A 134 3.47 16.39 -28.51
N ILE A 135 2.33 15.94 -29.01
CA ILE A 135 1.06 16.52 -28.66
C ILE A 135 0.23 15.45 -27.98
N TYR A 136 -0.12 15.68 -26.72
CA TYR A 136 -0.92 14.70 -26.00
C TYR A 136 -2.24 15.30 -25.58
N THR A 137 -3.32 14.57 -25.85
CA THR A 137 -4.65 15.01 -25.52
C THR A 137 -5.03 14.42 -24.17
N TYR A 138 -5.27 15.29 -23.23
CA TYR A 138 -5.63 14.90 -21.88
C TYR A 138 -6.93 15.57 -21.49
N GLY A 139 -7.65 14.98 -20.56
CA GLY A 139 -8.90 15.54 -20.13
C GLY A 139 -9.82 14.50 -19.57
N VAL A 140 -10.97 14.94 -19.09
CA VAL A 140 -11.97 14.04 -18.51
C VAL A 140 -12.53 13.07 -19.54
N THR A 141 -13.23 12.06 -19.06
CA THR A 141 -13.83 11.05 -19.90
C THR A 141 -14.91 11.65 -20.81
N ASN A 142 -14.97 11.14 -22.04
CA ASN A 142 -15.95 11.56 -23.05
C ASN A 142 -16.04 13.08 -23.21
N SER A 143 -14.92 13.77 -23.08
CA SER A 143 -14.90 15.21 -23.23
C SER A 143 -14.79 15.58 -24.70
N GLY A 144 -14.46 14.59 -25.52
CA GLY A 144 -14.34 14.82 -26.94
C GLY A 144 -12.89 14.87 -27.38
N LYS A 145 -12.00 14.25 -26.60
CA LYS A 145 -10.58 14.27 -26.92
C LYS A 145 -10.29 13.54 -28.23
N THR A 146 -10.91 12.38 -28.43
CA THR A 146 -10.74 11.63 -29.66
C THR A 146 -11.32 12.41 -30.84
N TYR A 147 -12.32 13.24 -30.53
CA TYR A 147 -12.95 14.07 -31.55
C TYR A 147 -12.04 15.23 -31.93
N THR A 148 -11.34 15.78 -30.93
CA THR A 148 -10.43 16.87 -31.16
C THR A 148 -9.15 16.41 -31.85
N ILE A 149 -8.70 15.21 -31.50
CA ILE A 149 -7.48 14.66 -32.09
C ILE A 149 -7.72 14.07 -33.49
N GLN A 150 -8.76 13.27 -33.65
CA GLN A 150 -9.04 12.64 -34.93
C GLN A 150 -10.05 13.43 -35.76
N GLY A 151 -11.15 13.80 -35.13
CA GLY A 151 -12.19 14.55 -35.82
C GLY A 151 -12.94 13.71 -36.83
N THR A 152 -13.35 14.33 -37.93
CA THR A 152 -14.09 13.66 -38.98
C THR A 152 -13.52 14.06 -40.35
N SER A 153 -14.09 13.52 -41.43
CA SER A 153 -13.61 13.84 -42.77
C SER A 153 -13.81 15.32 -43.11
N LYS A 154 -15.00 15.85 -42.80
CA LYS A 154 -15.29 17.26 -43.06
C LYS A 154 -14.34 18.15 -42.26
N ASP A 155 -14.29 17.92 -40.96
CA ASP A 155 -13.43 18.69 -40.07
C ASP A 155 -12.47 17.73 -39.39
N ALA A 156 -11.26 17.65 -39.91
CA ALA A 156 -10.25 16.77 -39.36
C ALA A 156 -9.68 17.32 -38.06
N GLY A 157 -9.31 16.41 -37.17
CA GLY A 157 -8.74 16.81 -35.90
C GLY A 157 -7.30 17.25 -36.04
N ILE A 158 -6.66 17.52 -34.92
CA ILE A 158 -5.27 17.96 -34.92
C ILE A 158 -4.33 16.99 -35.60
N LEU A 159 -4.55 15.70 -35.42
CA LEU A 159 -3.70 14.68 -36.02
C LEU A 159 -3.83 14.61 -37.55
N PRO A 160 -5.04 14.31 -38.09
CA PRO A 160 -5.23 14.21 -39.56
C PRO A 160 -4.89 15.52 -40.26
N GLN A 161 -5.23 16.64 -39.62
CA GLN A 161 -4.95 17.94 -40.19
C GLN A 161 -3.46 18.25 -40.14
N SER A 162 -2.78 17.70 -39.13
CA SER A 162 -1.34 17.88 -39.00
C SER A 162 -0.68 17.30 -40.23
N LEU A 163 -1.11 16.09 -40.58
CA LEU A 163 -0.59 15.40 -41.75
C LEU A 163 -0.84 16.22 -42.99
N ALA A 164 -2.05 16.73 -43.13
CA ALA A 164 -2.44 17.53 -44.28
C ALA A 164 -1.48 18.70 -44.47
N LEU A 165 -1.20 19.42 -43.39
CA LEU A 165 -0.31 20.57 -43.46
C LEU A 165 1.17 20.18 -43.57
N ILE A 166 1.61 19.19 -42.80
CA ILE A 166 3.00 18.76 -42.83
C ILE A 166 3.38 18.18 -44.19
N PHE A 167 2.52 17.34 -44.75
CA PHE A 167 2.77 16.74 -46.05
C PHE A 167 2.70 17.79 -47.14
N ASN A 168 1.87 18.80 -46.91
CA ASN A 168 1.72 19.90 -47.86
C ASN A 168 3.00 20.73 -47.84
N SER A 169 3.57 20.86 -46.65
CA SER A 169 4.82 21.61 -46.48
C SER A 169 5.98 20.86 -47.12
N LEU A 170 5.91 19.53 -47.07
CA LEU A 170 6.93 18.69 -47.66
C LEU A 170 6.67 18.50 -49.15
N ILE A 276 15.26 19.55 -53.71
CA ILE A 276 15.16 19.31 -52.29
C ILE A 276 14.19 18.16 -52.05
N ARG A 277 14.73 17.04 -51.61
CA ARG A 277 13.91 15.87 -51.37
C ARG A 277 13.54 15.73 -49.91
N PHE A 278 12.30 15.37 -49.69
CA PHE A 278 11.79 15.17 -48.34
C PHE A 278 11.36 13.73 -48.19
N SER A 279 11.51 13.21 -46.99
CA SER A 279 11.15 11.85 -46.68
C SER A 279 10.39 11.83 -45.37
N VAL A 280 9.48 10.89 -45.23
CA VAL A 280 8.70 10.79 -44.02
C VAL A 280 8.43 9.33 -43.66
N TRP A 281 8.59 9.02 -42.38
CA TRP A 281 8.35 7.69 -41.88
C TRP A 281 7.07 7.74 -41.06
N ILE A 282 6.23 6.74 -41.22
CA ILE A 282 4.97 6.70 -40.50
C ILE A 282 4.88 5.49 -39.59
N SER A 283 4.41 5.73 -38.37
CA SER A 283 4.23 4.68 -37.39
C SER A 283 2.97 4.96 -36.58
N PHE A 284 2.11 3.95 -36.45
CA PHE A 284 0.87 4.07 -35.70
C PHE A 284 0.66 2.80 -34.90
N PHE A 285 0.48 2.94 -33.60
CA PHE A 285 0.30 1.80 -32.73
C PHE A 285 -0.62 2.11 -31.57
N GLU A 286 -1.11 1.07 -30.92
CA GLU A 286 -1.98 1.20 -29.78
C GLU A 286 -1.39 0.50 -28.57
N ILE A 287 -1.35 1.21 -27.45
CA ILE A 287 -0.82 0.66 -26.21
C ILE A 287 -1.97 0.21 -25.32
N TYR A 288 -2.25 -1.08 -25.34
CA TYR A 288 -3.33 -1.63 -24.54
C TYR A 288 -2.77 -2.46 -23.41
N ASN A 289 -3.13 -2.09 -22.18
CA ASN A 289 -2.67 -2.81 -20.97
C ASN A 289 -1.15 -2.73 -20.88
N GLU A 290 -0.60 -1.58 -21.23
CA GLU A 290 0.84 -1.34 -21.23
C GLU A 290 1.56 -2.19 -22.27
N LEU A 291 0.80 -2.72 -23.22
CA LEU A 291 1.35 -3.53 -24.30
C LEU A 291 1.32 -2.71 -25.57
N LEU A 292 2.39 -2.75 -26.35
CA LEU A 292 2.45 -1.99 -27.57
C LEU A 292 2.07 -2.85 -28.76
N TYR A 293 0.97 -2.51 -29.41
CA TYR A 293 0.48 -3.25 -30.56
C TYR A 293 0.53 -2.37 -31.80
N ASP A 294 1.17 -2.88 -32.87
CA ASP A 294 1.28 -2.12 -34.11
C ASP A 294 -0.02 -2.21 -34.90
N LEU A 295 -0.59 -1.05 -35.21
CA LEU A 295 -1.84 -0.95 -35.94
C LEU A 295 -1.63 -0.97 -37.45
N LEU A 296 -0.41 -0.62 -37.86
CA LEU A 296 -0.06 -0.56 -39.28
C LEU A 296 -0.09 -1.93 -39.93
N GLU A 297 0.62 -2.93 -39.34
CA GLU A 297 0.67 -4.31 -39.82
C GLU A 297 -0.37 -5.31 -39.31
N PRO A 298 -0.57 -5.55 -38.00
CA PRO A 298 -1.46 -6.63 -37.58
C PRO A 298 -2.95 -6.36 -37.51
N PRO A 299 -3.79 -7.38 -37.70
CA PRO A 299 -5.25 -7.29 -37.68
C PRO A 299 -6.10 -6.99 -36.47
N SER A 300 -5.84 -7.57 -35.27
CA SER A 300 -6.64 -7.29 -34.11
C SER A 300 -6.03 -8.05 -32.98
N HIS A 301 -6.63 -7.99 -31.78
CA HIS A 301 -6.13 -8.66 -30.63
C HIS A 301 -6.87 -10.00 -30.48
N LYS A 304 -1.32 -12.32 -28.13
CA LYS A 304 0.00 -12.23 -28.77
C LYS A 304 0.81 -11.11 -28.22
N ARG A 305 2.09 -11.40 -27.94
CA ARG A 305 2.97 -10.41 -27.40
C ARG A 305 3.86 -10.04 -28.53
N GLN A 306 4.17 -8.74 -28.65
CA GLN A 306 5.00 -8.25 -29.70
C GLN A 306 6.36 -8.04 -29.09
N THR A 307 7.45 -8.22 -29.86
CA THR A 307 8.77 -8.17 -29.27
C THR A 307 9.49 -6.86 -29.47
N LEU A 308 9.22 -5.88 -28.58
CA LEU A 308 9.94 -4.62 -28.61
C LEU A 308 10.15 -3.99 -27.23
N ARG A 309 11.32 -3.31 -27.08
CA ARG A 309 11.75 -2.71 -25.83
C ARG A 309 12.27 -1.33 -26.12
N LEU A 310 12.49 -0.52 -25.05
CA LEU A 310 13.05 0.78 -25.26
C LEU A 310 14.48 0.73 -24.81
N CYS A 311 15.43 1.04 -25.70
CA CYS A 311 16.81 1.01 -25.31
C CYS A 311 17.28 2.43 -25.21
N GLU A 312 18.27 2.68 -24.34
CA GLU A 312 18.75 4.03 -24.16
C GLU A 312 20.12 4.12 -24.72
N ASP A 313 20.30 5.01 -25.72
CA ASP A 313 21.53 5.19 -26.47
C ASP A 313 22.51 6.03 -25.67
N GLN A 314 23.77 6.10 -26.11
CA GLN A 314 24.81 6.87 -25.44
C GLN A 314 24.39 8.33 -25.31
N ASN A 315 23.52 8.78 -26.20
CA ASN A 315 23.01 10.15 -26.19
C ASN A 315 22.08 10.38 -25.00
N GLY A 316 21.52 9.29 -24.47
CA GLY A 316 20.61 9.40 -23.34
C GLY A 316 19.17 9.40 -23.80
N ASN A 317 18.98 9.45 -25.10
CA ASN A 317 17.67 9.45 -25.72
C ASN A 317 17.12 8.03 -25.78
N PRO A 318 15.87 7.82 -25.35
CA PRO A 318 15.25 6.50 -25.39
C PRO A 318 14.78 6.19 -26.81
N TYR A 319 14.99 4.95 -27.23
CA TYR A 319 14.58 4.52 -28.56
C TYR A 319 13.81 3.22 -28.43
N VAL A 320 12.68 3.13 -29.12
CA VAL A 320 11.92 1.89 -29.08
C VAL A 320 12.52 1.01 -30.16
N LYS A 321 12.91 -0.19 -29.81
CA LYS A 321 13.52 -1.07 -30.77
C LYS A 321 12.50 -2.02 -31.39
N ASP A 322 12.76 -2.39 -32.63
CA ASP A 322 11.90 -3.30 -33.39
C ASP A 322 10.55 -2.67 -33.70
N LEU A 323 10.60 -1.42 -34.11
CA LEU A 323 9.40 -0.69 -34.48
C LEU A 323 9.17 -0.85 -35.96
N ASN A 324 7.96 -0.62 -36.42
CA ASN A 324 7.68 -0.73 -37.83
C ASN A 324 7.85 0.64 -38.43
N TRP A 325 8.42 0.70 -39.61
CA TRP A 325 8.60 1.96 -40.29
C TRP A 325 8.04 1.84 -41.68
N ILE A 326 7.43 2.89 -42.17
CA ILE A 326 6.86 2.88 -43.50
C ILE A 326 7.14 4.20 -44.18
N HIS A 327 7.29 4.16 -45.48
CA HIS A 327 7.55 5.34 -46.24
C HIS A 327 6.24 5.70 -46.92
N VAL A 328 5.90 6.97 -46.93
CA VAL A 328 4.66 7.42 -47.53
C VAL A 328 4.93 8.62 -48.43
N ARG A 329 4.30 8.63 -49.59
CA ARG A 329 4.50 9.71 -50.54
C ARG A 329 3.60 10.89 -50.22
N ASP A 330 2.31 10.60 -50.19
CA ASP A 330 1.29 11.60 -49.88
C ASP A 330 0.77 11.50 -48.45
N VAL A 331 -0.01 12.49 -48.06
CA VAL A 331 -0.62 12.54 -46.73
C VAL A 331 -1.73 11.51 -46.61
N GLU A 332 -2.46 11.30 -47.71
CA GLU A 332 -3.57 10.35 -47.73
C GLU A 332 -3.06 8.94 -47.43
N GLU A 333 -1.80 8.69 -47.79
CA GLU A 333 -1.18 7.40 -47.53
C GLU A 333 -1.09 7.17 -46.02
N ALA A 334 -0.67 8.20 -45.30
CA ALA A 334 -0.57 8.14 -43.85
C ALA A 334 -1.97 8.09 -43.24
N TRP A 335 -2.88 8.83 -43.85
CA TRP A 335 -4.27 8.86 -43.40
C TRP A 335 -4.90 7.47 -43.57
N LYS A 336 -4.56 6.81 -44.67
CA LYS A 336 -5.05 5.47 -44.96
C LYS A 336 -4.57 4.51 -43.88
N LEU A 337 -3.31 4.68 -43.47
CA LEU A 337 -2.72 3.85 -42.43
C LEU A 337 -3.47 4.02 -41.12
N LEU A 338 -3.93 5.24 -40.87
CA LEU A 338 -4.70 5.54 -39.67
C LEU A 338 -6.05 4.85 -39.71
N LYS A 339 -6.64 4.79 -40.91
CA LYS A 339 -7.92 4.12 -41.10
C LYS A 339 -7.78 2.65 -40.72
N VAL A 340 -6.65 2.08 -41.10
CA VAL A 340 -6.34 0.69 -40.79
C VAL A 340 -6.19 0.55 -39.28
N GLY A 341 -5.50 1.51 -38.69
CA GLY A 341 -5.29 1.50 -37.26
C GLY A 341 -6.60 1.59 -36.49
N ARG A 342 -7.52 2.41 -36.98
CA ARG A 342 -8.83 2.57 -36.35
C ARG A 342 -9.62 1.28 -36.45
N LYS A 343 -9.42 0.58 -37.58
CA LYS A 343 -10.11 -0.68 -37.84
C LYS A 343 -9.56 -1.80 -36.94
N ASN A 344 -8.24 -1.88 -36.84
CA ASN A 344 -7.56 -2.90 -36.04
C ASN A 344 -7.59 -2.57 -34.56
N GLN A 345 -7.85 -1.30 -34.25
CA GLN A 345 -7.90 -0.80 -32.87
C GLN A 345 -8.75 -1.66 -31.96
N SER A 346 -8.30 -1.78 -30.68
CA SER A 346 -8.98 -2.39 -29.56
C SER A 346 -9.29 -1.26 -28.62
N PHE A 347 -10.10 -1.47 -27.55
CA PHE A 347 -10.35 -0.43 -26.57
C PHE A 347 -10.38 -1.00 -25.19
N ALA A 348 -10.30 -0.08 -24.19
CA ALA A 348 -10.26 -0.38 -22.80
C ALA A 348 -11.63 -0.46 -22.22
N SER A 349 -11.70 -1.09 -21.06
CA SER A 349 -12.93 -1.21 -20.36
C SER A 349 -12.75 -0.31 -19.16
N SER A 359 -6.93 1.15 -25.74
CA SER A 359 -5.59 1.17 -26.31
C SER A 359 -5.15 2.60 -26.60
N HIS A 360 -3.95 2.96 -26.13
CA HIS A 360 -3.46 4.30 -26.33
C HIS A 360 -3.11 4.39 -27.77
N SER A 361 -3.52 5.41 -28.44
CA SER A 361 -3.19 5.48 -29.84
C SER A 361 -2.16 6.55 -29.99
N ILE A 362 -0.99 6.15 -30.47
CA ILE A 362 0.09 7.09 -30.64
C ILE A 362 0.52 7.06 -32.09
N PHE A 363 0.37 8.19 -32.75
CA PHE A 363 0.77 8.31 -34.13
C PHE A 363 2.09 9.03 -34.18
N SER A 364 3.07 8.42 -34.81
CA SER A 364 4.38 9.00 -34.91
C SER A 364 4.68 9.34 -36.36
N ILE A 365 5.16 10.56 -36.57
CA ILE A 365 5.49 11.05 -37.89
C ILE A 365 6.90 11.60 -37.85
N ARG A 366 7.82 11.01 -38.59
CA ARG A 366 9.17 11.52 -38.62
C ARG A 366 9.55 11.98 -40.01
N ILE A 367 9.76 13.28 -40.16
CA ILE A 367 10.11 13.86 -41.42
C ILE A 367 11.61 14.07 -41.52
N LEU A 368 12.14 13.82 -42.70
CA LEU A 368 13.54 13.99 -42.96
C LEU A 368 13.70 15.22 -43.84
N HIS A 369 14.43 16.19 -43.33
CA HIS A 369 14.66 17.41 -44.08
C HIS A 369 16.00 17.31 -44.77
N LEU A 370 15.96 17.22 -46.09
CA LEU A 370 17.18 17.08 -46.85
C LEU A 370 17.22 18.05 -48.02
N PRO A 378 21.24 15.11 -42.83
CA PRO A 378 19.90 15.63 -42.69
C PRO A 378 19.40 15.88 -41.28
N LYS A 379 18.38 16.71 -41.19
CA LYS A 379 17.76 17.02 -39.95
C LYS A 379 16.45 16.26 -39.94
N ILE A 380 16.23 15.48 -38.90
CA ILE A 380 15.02 14.68 -38.81
C ILE A 380 14.18 15.11 -37.63
N SER A 381 12.89 15.24 -37.85
CA SER A 381 11.99 15.65 -36.80
C SER A 381 10.92 14.59 -36.60
N GLU A 382 10.71 14.15 -35.37
CA GLU A 382 9.72 13.15 -35.08
C GLU A 382 8.61 13.73 -34.22
N LEU A 383 7.39 13.56 -34.69
CA LEU A 383 6.22 14.05 -33.97
C LEU A 383 5.41 12.87 -33.50
N SER A 384 4.70 13.04 -32.42
CA SER A 384 3.87 11.97 -31.90
C SER A 384 2.61 12.54 -31.29
N LEU A 385 1.51 11.86 -31.54
CA LEU A 385 0.23 12.28 -31.04
C LEU A 385 -0.29 11.27 -30.05
N CYS A 386 -0.86 11.75 -28.97
CA CYS A 386 -1.40 10.88 -27.96
C CYS A 386 -2.81 11.27 -27.61
N ASP A 387 -3.67 10.27 -27.48
CA ASP A 387 -5.05 10.50 -27.10
C ASP A 387 -5.50 9.44 -26.12
N LEU A 388 -5.64 9.89 -24.85
CA LEU A 388 -5.95 8.99 -23.76
C LEU A 388 -7.38 8.59 -23.87
N ALA A 389 -7.62 7.25 -23.91
CA ALA A 389 -8.94 6.70 -23.92
C ALA A 389 -9.35 6.73 -22.49
N GLY A 390 -10.67 6.67 -22.24
CA GLY A 390 -11.02 6.85 -20.87
C GLY A 390 -11.78 5.68 -20.38
N SER A 391 -11.31 5.14 -19.26
CA SER A 391 -12.01 4.10 -18.59
C SER A 391 -12.32 4.66 -17.25
N GLU A 392 -13.59 5.05 -17.03
CA GLU A 392 -13.96 5.52 -15.73
C GLU A 392 -14.87 4.46 -15.27
N ARG A 393 -14.80 4.11 -13.97
CA ARG A 393 -15.65 3.05 -13.51
C ARG A 393 -16.98 3.64 -13.18
N CYS A 394 -18.04 2.91 -13.60
CA CYS A 394 -19.35 3.34 -13.21
C CYS A 394 -19.62 2.48 -12.01
N LYS A 395 -20.61 2.85 -11.15
CA LYS A 395 -20.80 2.00 -10.00
C LYS A 395 -21.63 0.81 -10.41
N ARG A 402 -10.17 -8.02 -18.71
CA ARG A 402 -8.80 -7.59 -18.46
C ARG A 402 -8.36 -7.87 -17.03
N LEU A 403 -7.12 -7.53 -16.70
CA LEU A 403 -6.57 -7.75 -15.37
C LEU A 403 -5.92 -6.49 -14.81
N LYS A 404 -6.52 -5.95 -13.74
CA LYS A 404 -6.00 -4.77 -13.07
C LYS A 404 -5.73 -3.60 -14.01
N GLU A 405 -6.55 -3.49 -15.05
CA GLU A 405 -6.39 -2.43 -16.03
C GLU A 405 -6.62 -1.07 -15.38
N ALA A 406 -7.56 -1.02 -14.45
CA ALA A 406 -7.89 0.21 -13.76
C ALA A 406 -6.73 0.67 -12.89
N GLY A 407 -6.26 -0.22 -12.03
CA GLY A 407 -5.18 0.10 -11.13
C GLY A 407 -3.86 0.38 -11.83
N ASN A 408 -3.56 -0.41 -12.85
CA ASN A 408 -2.31 -0.25 -13.61
C ASN A 408 -2.19 1.15 -14.23
N ILE A 409 -3.20 1.57 -14.99
CA ILE A 409 -3.17 2.88 -15.61
C ILE A 409 -3.30 3.99 -14.58
N ASN A 410 -4.08 3.72 -13.53
CA ASN A 410 -4.27 4.70 -12.47
C ASN A 410 -2.90 5.16 -11.99
N THR A 411 -1.97 4.21 -11.96
CA THR A 411 -0.60 4.45 -11.56
C THR A 411 0.12 5.28 -12.62
N SER A 412 -0.16 5.00 -13.89
CA SER A 412 0.46 5.72 -15.00
C SER A 412 0.07 7.20 -14.98
N LEU A 413 -1.20 7.47 -14.69
CA LEU A 413 -1.69 8.85 -14.63
C LEU A 413 -1.09 9.54 -13.40
N HIS A 414 -0.93 8.78 -12.34
CA HIS A 414 -0.37 9.28 -11.09
C HIS A 414 1.09 9.73 -11.29
N THR A 415 1.88 8.90 -11.95
CA THR A 415 3.28 9.24 -12.20
C THR A 415 3.37 10.39 -13.21
N LEU A 416 2.44 10.41 -14.16
CA LEU A 416 2.40 11.46 -15.17
C LEU A 416 2.18 12.80 -14.47
N GLY A 417 1.25 12.81 -13.53
CA GLY A 417 0.95 14.02 -12.79
C GLY A 417 2.13 14.48 -11.96
N ARG A 418 2.78 13.54 -11.29
CA ARG A 418 3.93 13.85 -10.46
C ARG A 418 5.13 14.29 -11.30
N CYS A 419 5.31 13.65 -12.45
CA CYS A 419 6.41 13.99 -13.35
C CYS A 419 6.24 15.40 -13.91
N ILE A 420 5.01 15.73 -14.31
CA ILE A 420 4.72 17.06 -14.84
C ILE A 420 4.98 18.12 -13.76
N ALA A 421 4.66 17.77 -12.52
CA ALA A 421 4.86 18.66 -11.39
C ALA A 421 6.35 18.94 -11.21
N ALA A 422 7.16 17.89 -11.32
CA ALA A 422 8.61 18.00 -11.18
C ALA A 422 9.17 18.84 -12.33
N LEU A 423 8.61 18.62 -13.51
CA LEU A 423 9.01 19.35 -14.71
C LEU A 423 8.76 20.84 -14.54
N ARG A 424 7.68 21.17 -13.84
CA ARG A 424 7.31 22.57 -13.60
C ARG A 424 8.34 23.26 -12.72
N GLN A 425 8.61 22.67 -11.56
CA GLN A 425 9.56 23.26 -10.62
C GLN A 425 10.99 23.35 -11.17
N ASN A 426 11.41 22.34 -11.91
CA ASN A 426 12.75 22.30 -12.49
C ASN A 426 12.89 23.29 -13.65
N GLN A 427 11.80 23.51 -14.36
CA GLN A 427 11.79 24.45 -15.49
C GLN A 427 11.72 25.90 -15.04
N GLN A 428 11.18 26.10 -13.83
CA GLN A 428 11.01 27.43 -13.26
C GLN A 428 12.35 28.14 -13.13
N ASN A 429 13.43 27.36 -12.84
CA ASN A 429 14.84 27.76 -12.85
C ASN A 429 15.36 28.71 -11.79
N ARG A 430 14.86 28.67 -10.53
CA ARG A 430 15.46 29.42 -9.46
C ARG A 430 16.82 28.81 -9.18
N SER A 431 16.78 27.49 -8.91
CA SER A 431 17.85 26.54 -8.68
C SER A 431 17.12 25.37 -8.09
N LYS A 432 16.74 24.39 -8.91
CA LYS A 432 16.05 23.26 -8.35
C LYS A 432 16.42 22.05 -9.15
N GLN A 433 17.15 21.12 -8.52
CA GLN A 433 17.42 19.88 -9.21
C GLN A 433 16.68 18.78 -8.50
N ASN A 434 15.53 18.37 -9.07
CA ASN A 434 14.78 17.32 -8.45
C ASN A 434 14.81 16.13 -9.35
N LEU A 435 14.89 14.92 -8.77
CA LEU A 435 14.91 13.77 -9.62
C LEU A 435 13.48 13.47 -9.93
N ILE A 436 13.22 13.04 -11.17
CA ILE A 436 11.87 12.78 -11.63
C ILE A 436 11.59 11.28 -11.62
N PRO A 437 10.37 10.91 -11.18
CA PRO A 437 9.91 9.52 -11.08
C PRO A 437 9.63 8.87 -12.44
N PHE A 438 10.36 9.27 -13.48
CA PHE A 438 10.17 8.72 -14.83
C PHE A 438 10.18 7.19 -14.87
N ARG A 439 11.04 6.54 -14.07
CA ARG A 439 11.15 5.11 -14.00
C ARG A 439 9.90 4.45 -13.41
N ASP A 440 9.05 5.22 -12.71
CA ASP A 440 7.85 4.73 -12.03
C ASP A 440 6.98 3.84 -12.93
N SER A 441 6.50 4.40 -14.03
CA SER A 441 5.67 3.65 -14.96
C SER A 441 6.32 3.55 -16.35
N LYS A 442 5.94 2.53 -17.11
CA LYS A 442 6.45 2.34 -18.45
C LYS A 442 6.03 3.51 -19.33
N LEU A 443 4.83 4.03 -19.08
CA LEU A 443 4.29 5.15 -19.84
C LEU A 443 5.18 6.38 -19.75
N THR A 444 5.49 6.80 -18.52
CA THR A 444 6.35 7.95 -18.31
C THR A 444 7.76 7.67 -18.83
N ARG A 445 8.21 6.41 -18.72
CA ARG A 445 9.51 6.01 -19.19
C ARG A 445 9.62 6.15 -20.69
N VAL A 446 8.60 5.70 -21.45
CA VAL A 446 8.65 5.75 -22.91
C VAL A 446 8.56 7.18 -23.46
N PHE A 447 7.79 8.03 -22.79
CA PHE A 447 7.61 9.40 -23.23
C PHE A 447 8.70 10.33 -22.67
N GLN A 448 9.69 9.74 -22.03
CA GLN A 448 10.79 10.51 -21.44
C GLN A 448 11.43 11.46 -22.45
N GLY A 449 11.79 10.93 -23.61
CA GLY A 449 12.42 11.72 -24.65
C GLY A 449 11.56 12.85 -25.19
N PHE A 450 10.25 12.70 -25.11
CA PHE A 450 9.32 13.71 -25.62
C PHE A 450 9.13 14.90 -24.66
N PHE A 451 9.10 14.58 -23.38
CA PHE A 451 8.93 15.60 -22.35
C PHE A 451 10.26 16.26 -21.99
N THR A 452 11.11 15.50 -21.30
CA THR A 452 12.41 15.99 -20.84
C THR A 452 13.55 15.86 -21.87
N GLY A 453 13.39 15.03 -22.91
CA GLY A 453 14.45 14.87 -23.88
C GLY A 453 14.29 15.77 -25.10
N ARG A 454 14.89 15.35 -26.22
CA ARG A 454 14.82 16.12 -27.48
C ARG A 454 13.39 16.21 -28.01
N GLY A 455 12.72 17.28 -27.70
CA GLY A 455 11.38 17.43 -28.18
C GLY A 455 10.56 18.34 -27.32
N ARG A 456 9.72 19.10 -27.96
CA ARG A 456 8.84 20.05 -27.31
C ARG A 456 7.47 19.42 -27.25
N SER A 457 6.73 19.64 -26.19
CA SER A 457 5.43 19.03 -26.08
C SER A 457 4.35 20.06 -25.81
N CYS A 458 3.13 19.72 -26.17
CA CYS A 458 1.98 20.58 -25.95
C CYS A 458 0.98 19.86 -25.07
N MET A 459 0.34 20.59 -24.18
CA MET A 459 -0.61 19.98 -23.29
C MET A 459 -2.00 20.37 -23.73
N ILE A 460 -2.79 19.36 -24.06
CA ILE A 460 -4.13 19.57 -24.52
C ILE A 460 -5.10 19.10 -23.45
N VAL A 461 -5.89 20.02 -22.93
CA VAL A 461 -6.85 19.68 -21.91
C VAL A 461 -8.27 19.89 -22.39
N ASN A 462 -8.95 18.79 -22.65
CA ASN A 462 -10.32 18.81 -23.10
C ASN A 462 -11.19 18.54 -21.89
N VAL A 463 -12.15 19.40 -21.63
CA VAL A 463 -13.00 19.24 -20.47
C VAL A 463 -14.49 19.23 -20.84
N ASN A 464 -15.30 18.75 -19.90
CA ASN A 464 -16.74 18.67 -20.10
C ASN A 464 -17.46 19.67 -19.20
N PRO A 465 -18.43 20.40 -19.76
CA PRO A 465 -19.19 21.42 -19.04
C PRO A 465 -20.23 20.84 -18.07
N CYS A 466 -20.56 19.56 -18.21
CA CYS A 466 -21.55 18.93 -17.35
C CYS A 466 -21.15 19.04 -15.88
N ALA A 467 -22.14 19.24 -15.01
CA ALA A 467 -21.88 19.38 -13.58
C ALA A 467 -21.56 18.04 -12.91
N SER A 468 -22.13 16.97 -13.43
CA SER A 468 -21.91 15.62 -12.89
C SER A 468 -20.47 15.17 -13.15
N THR A 469 -19.91 15.65 -14.25
CA THR A 469 -18.54 15.32 -14.64
C THR A 469 -17.51 16.18 -13.91
N TYR A 470 -17.97 17.10 -13.07
CA TYR A 470 -17.08 18.00 -12.36
C TYR A 470 -16.08 17.25 -11.49
N ASP A 471 -16.43 16.04 -11.09
CA ASP A 471 -15.54 15.22 -10.27
C ASP A 471 -14.23 15.01 -10.99
N GLU A 472 -14.32 14.55 -12.23
CA GLU A 472 -13.16 14.30 -13.06
C GLU A 472 -12.47 15.61 -13.41
N THR A 473 -13.28 16.63 -13.65
CA THR A 473 -12.79 17.96 -14.00
C THR A 473 -11.98 18.58 -12.86
N LEU A 474 -12.45 18.40 -11.63
CA LEU A 474 -11.77 18.94 -10.45
C LEU A 474 -10.30 18.52 -10.40
N HIS A 475 -10.05 17.27 -10.76
CA HIS A 475 -8.70 16.73 -10.75
C HIS A 475 -7.86 17.34 -11.88
N ALA A 476 -8.40 17.31 -13.09
CA ALA A 476 -7.70 17.84 -14.26
C ALA A 476 -7.47 19.35 -14.14
N ALA A 477 -8.39 20.03 -13.46
CA ALA A 477 -8.30 21.47 -13.26
C ALA A 477 -7.14 21.82 -12.34
N LYS A 478 -7.05 21.12 -11.20
CA LYS A 478 -6.05 21.32 -10.18
C LYS A 478 -4.71 20.94 -10.74
N PHE A 479 -4.71 19.83 -11.50
CA PHE A 479 -3.49 19.30 -12.12
C PHE A 479 -2.91 20.34 -13.07
N SER A 480 -3.78 20.97 -13.87
CA SER A 480 -3.37 21.94 -14.85
C SER A 480 -3.03 23.27 -14.24
N ALA A 481 -4.06 23.97 -13.72
CA ALA A 481 -3.93 25.27 -13.12
C ALA A 481 -3.51 25.08 -11.69
N LEU A 482 -2.68 26.01 -11.18
CA LEU A 482 -2.27 25.84 -9.81
C LEU A 482 -3.17 26.70 -8.97
N ALA A 483 -3.87 26.08 -8.01
CA ALA A 483 -4.80 26.80 -7.19
C ALA A 483 -4.18 26.92 -5.79
N ARG B 2 -35.62 -1.78 18.27
CA ARG B 2 -35.33 -2.45 19.54
C ARG B 2 -33.93 -3.06 19.52
N GLU B 3 -33.73 -4.01 18.62
CA GLU B 3 -32.44 -4.68 18.50
C GLU B 3 -31.43 -3.87 17.69
N CYS B 4 -30.18 -4.30 17.79
CA CYS B 4 -29.09 -3.66 17.07
C CYS B 4 -28.14 -4.73 16.56
N ILE B 5 -27.67 -4.56 15.34
CA ILE B 5 -26.75 -5.52 14.73
C ILE B 5 -25.34 -4.96 14.72
N SER B 6 -24.39 -5.74 15.19
CA SER B 6 -23.00 -5.30 15.25
C SER B 6 -22.19 -5.81 14.07
N ILE B 7 -21.31 -4.96 13.56
CA ILE B 7 -20.46 -5.29 12.43
C ILE B 7 -19.01 -4.99 12.76
N HIS B 8 -18.26 -6.04 13.05
CA HIS B 8 -16.84 -5.89 13.38
C HIS B 8 -16.00 -6.06 12.12
N VAL B 9 -15.36 -4.98 11.68
CA VAL B 9 -14.53 -5.03 10.47
C VAL B 9 -13.06 -4.76 10.78
N GLY B 10 -12.20 -5.64 10.30
CA GLY B 10 -10.77 -5.49 10.52
C GLY B 10 -10.27 -6.41 11.60
N GLN B 11 -8.95 -6.64 11.62
CA GLN B 11 -8.31 -7.50 12.61
C GLN B 11 -8.70 -7.08 14.03
N ALA B 12 -8.38 -5.84 14.38
CA ALA B 12 -8.71 -5.31 15.70
C ALA B 12 -10.21 -5.40 15.97
N GLY B 13 -11.00 -5.15 14.93
CA GLY B 13 -12.44 -5.21 15.06
C GLY B 13 -12.91 -6.59 15.50
N VAL B 14 -12.31 -7.62 14.92
CA VAL B 14 -12.65 -8.99 15.25
C VAL B 14 -12.16 -9.33 16.65
N GLN B 15 -10.93 -8.89 16.96
CA GLN B 15 -10.34 -9.14 18.28
C GLN B 15 -11.17 -8.49 19.38
N ILE B 16 -11.42 -7.20 19.24
CA ILE B 16 -12.22 -6.46 20.22
C ILE B 16 -13.65 -6.98 20.24
N GLY B 17 -14.16 -7.36 19.07
CA GLY B 17 -15.51 -7.87 18.97
C GLY B 17 -15.72 -9.14 19.77
N ASN B 18 -14.78 -10.08 19.63
CA ASN B 18 -14.86 -11.33 20.36
C ASN B 18 -14.71 -11.09 21.85
N ALA B 19 -13.76 -10.24 22.22
CA ALA B 19 -13.51 -9.91 23.62
C ALA B 19 -14.70 -9.18 24.22
N CYS B 20 -15.33 -8.33 23.43
CA CYS B 20 -16.50 -7.57 23.87
C CYS B 20 -17.68 -8.50 24.05
N TRP B 21 -17.89 -9.39 23.09
CA TRP B 21 -18.99 -10.34 23.16
C TRP B 21 -18.78 -11.39 24.24
N GLU B 22 -17.52 -11.64 24.57
CA GLU B 22 -17.18 -12.59 25.63
C GLU B 22 -17.77 -12.06 26.93
N LEU B 23 -17.69 -10.75 27.09
CA LEU B 23 -18.22 -10.09 28.26
C LEU B 23 -19.74 -9.99 28.16
N TYR B 24 -20.22 -9.79 26.92
CA TYR B 24 -21.65 -9.69 26.65
C TYR B 24 -22.43 -10.91 27.15
N CYS B 25 -21.95 -12.09 26.79
CA CYS B 25 -22.61 -13.33 27.21
C CYS B 25 -22.28 -13.68 28.66
N LEU B 26 -21.15 -13.18 29.15
CA LEU B 26 -20.74 -13.43 30.53
C LEU B 26 -21.78 -12.90 31.50
N GLU B 27 -22.17 -11.64 31.32
CA GLU B 27 -23.16 -11.02 32.18
C GLU B 27 -24.57 -11.52 31.86
N HIS B 28 -24.75 -11.96 30.62
CA HIS B 28 -26.04 -12.48 30.18
C HIS B 28 -26.31 -13.83 30.84
N GLY B 29 -25.25 -14.51 31.23
CA GLY B 29 -25.38 -15.80 31.86
C GLY B 29 -25.51 -16.90 30.84
N ILE B 30 -24.94 -16.68 29.67
CA ILE B 30 -24.99 -17.66 28.59
C ILE B 30 -23.63 -18.32 28.41
N GLN B 31 -23.63 -19.64 28.34
CA GLN B 31 -22.41 -20.40 28.17
C GLN B 31 -22.06 -20.48 26.68
N PRO B 32 -20.81 -20.88 26.35
CA PRO B 32 -20.36 -21.01 24.96
C PRO B 32 -21.37 -21.73 24.08
N ASP B 33 -21.91 -22.82 24.58
CA ASP B 33 -22.91 -23.58 23.83
C ASP B 33 -24.30 -23.35 24.41
N GLY B 34 -24.85 -22.18 24.10
CA GLY B 34 -26.17 -21.83 24.59
C GLY B 34 -27.10 -21.44 23.46
N HIS B 61 -27.72 -18.25 23.13
CA HIS B 61 -28.60 -17.81 22.06
C HIS B 61 -27.77 -17.37 20.86
N VAL B 62 -28.43 -16.81 19.84
CA VAL B 62 -27.74 -16.37 18.64
C VAL B 62 -27.42 -14.88 18.73
N PRO B 63 -26.13 -14.52 18.66
CA PRO B 63 -25.69 -13.12 18.73
C PRO B 63 -25.97 -12.37 17.44
N ARG B 64 -26.36 -11.11 17.59
CA ARG B 64 -26.66 -10.26 16.44
C ARG B 64 -25.42 -9.47 16.04
N ALA B 65 -24.39 -10.19 15.60
CA ALA B 65 -23.14 -9.56 15.21
C ALA B 65 -22.42 -10.40 14.16
N VAL B 66 -21.66 -9.74 13.30
CA VAL B 66 -20.91 -10.43 12.26
C VAL B 66 -19.46 -9.98 12.27
N PHE B 67 -18.57 -10.86 11.83
CA PHE B 67 -17.15 -10.57 11.77
C PHE B 67 -16.72 -10.47 10.31
N VAL B 68 -16.08 -9.37 9.96
CA VAL B 68 -15.63 -9.15 8.59
C VAL B 68 -14.17 -8.71 8.52
N ASP B 69 -13.37 -9.50 7.84
CA ASP B 69 -11.95 -9.20 7.66
C ASP B 69 -11.45 -9.91 6.41
N LEU B 70 -10.52 -9.27 5.71
CA LEU B 70 -9.95 -9.83 4.50
C LEU B 70 -8.85 -10.82 4.87
N GLU B 71 -8.35 -10.68 6.09
CA GLU B 71 -7.32 -11.58 6.60
C GLU B 71 -8.01 -12.83 7.12
N PRO B 72 -7.79 -13.97 6.46
CA PRO B 72 -8.43 -15.22 6.83
C PRO B 72 -8.05 -15.70 8.23
N THR B 73 -6.79 -15.48 8.60
CA THR B 73 -6.28 -15.91 9.89
C THR B 73 -6.96 -15.25 11.09
N VAL B 74 -7.48 -14.04 10.89
CA VAL B 74 -8.14 -13.33 11.98
C VAL B 74 -9.53 -13.88 12.27
N ILE B 75 -10.32 -14.09 11.22
CA ILE B 75 -11.67 -14.61 11.37
C ILE B 75 -11.63 -16.05 11.91
N ASP B 76 -10.63 -16.81 11.49
CA ASP B 76 -10.50 -18.20 11.91
C ASP B 76 -10.18 -18.32 13.40
N GLU B 77 -9.78 -17.22 14.01
CA GLU B 77 -9.48 -17.21 15.45
C GLU B 77 -10.73 -17.52 16.25
N VAL B 78 -11.86 -17.01 15.79
CA VAL B 78 -13.14 -17.24 16.46
C VAL B 78 -13.66 -18.64 16.14
N ARG B 79 -13.12 -19.24 15.09
CA ARG B 79 -13.54 -20.57 14.67
C ARG B 79 -12.74 -21.65 15.38
N THR B 80 -11.77 -21.23 16.18
CA THR B 80 -10.93 -22.19 16.89
C THR B 80 -10.78 -21.82 18.36
N GLY B 81 -10.82 -20.53 18.65
CA GLY B 81 -10.67 -20.05 20.00
C GLY B 81 -11.94 -20.17 20.82
N THR B 82 -12.23 -19.12 21.58
CA THR B 82 -13.40 -19.09 22.44
C THR B 82 -14.66 -18.75 21.66
N TYR B 83 -15.76 -19.39 22.04
CA TYR B 83 -17.07 -19.18 21.41
C TYR B 83 -17.11 -19.69 19.98
N ARG B 84 -16.46 -20.82 19.77
CA ARG B 84 -16.38 -21.47 18.47
C ARG B 84 -17.76 -21.90 17.97
N GLN B 85 -18.62 -22.36 18.88
CA GLN B 85 -19.95 -22.80 18.51
C GLN B 85 -21.02 -21.79 18.89
N LEU B 86 -20.61 -20.57 19.23
CA LEU B 86 -21.55 -19.54 19.60
C LEU B 86 -21.97 -18.72 18.39
N PHE B 87 -21.06 -18.57 17.45
CA PHE B 87 -21.32 -17.81 16.24
C PHE B 87 -21.57 -18.72 15.05
N HIS B 88 -22.44 -18.27 14.16
CA HIS B 88 -22.77 -19.01 12.96
C HIS B 88 -21.77 -18.68 11.86
N PRO B 89 -21.42 -19.66 11.01
CA PRO B 89 -20.48 -19.44 9.90
C PRO B 89 -20.97 -18.36 8.94
N GLU B 90 -22.29 -18.14 8.93
CA GLU B 90 -22.88 -17.12 8.09
C GLU B 90 -22.49 -15.72 8.57
N GLN B 91 -22.20 -15.63 9.86
CA GLN B 91 -21.81 -14.37 10.48
C GLN B 91 -20.30 -14.24 10.50
N LEU B 92 -19.62 -15.07 9.72
CA LEU B 92 -18.18 -15.06 9.67
C LEU B 92 -17.66 -14.93 8.24
N ILE B 93 -17.61 -13.71 7.73
CA ILE B 93 -17.11 -13.46 6.39
C ILE B 93 -15.59 -13.55 6.42
N THR B 94 -15.01 -14.29 5.49
CA THR B 94 -13.57 -14.46 5.47
C THR B 94 -13.00 -14.42 4.07
N GLY B 95 -12.02 -13.55 3.87
CA GLY B 95 -11.36 -13.45 2.58
C GLY B 95 -10.15 -14.36 2.58
N LYS B 96 -9.84 -14.97 1.45
CA LYS B 96 -8.69 -15.86 1.37
C LYS B 96 -7.50 -15.17 0.72
N GLU B 97 -7.68 -13.94 0.28
CA GLU B 97 -6.60 -13.19 -0.35
C GLU B 97 -5.81 -12.38 0.68
N ASP B 98 -5.19 -11.30 0.24
CA ASP B 98 -4.40 -10.45 1.12
C ASP B 98 -5.05 -9.09 1.34
N ALA B 99 -5.16 -8.69 2.60
CA ALA B 99 -5.77 -7.42 2.96
C ALA B 99 -4.76 -6.28 2.98
N ALA B 100 -3.65 -6.51 3.65
CA ALA B 100 -2.59 -5.51 3.79
C ALA B 100 -3.04 -4.35 4.68
N ASN B 101 -2.24 -3.30 4.77
CA ASN B 101 -2.57 -2.15 5.60
C ASN B 101 -2.70 -0.89 4.76
N ASN B 102 -3.53 -0.95 3.75
CA ASN B 102 -3.77 0.18 2.87
C ASN B 102 -5.25 0.34 2.56
N TYR B 103 -5.77 1.53 2.89
CA TYR B 103 -7.18 1.86 2.67
C TYR B 103 -7.63 1.53 1.26
N ALA B 104 -6.77 1.82 0.30
CA ALA B 104 -7.06 1.59 -1.12
C ALA B 104 -7.43 0.14 -1.41
N ARG B 105 -6.73 -0.79 -0.80
CA ARG B 105 -6.98 -2.21 -1.03
C ARG B 105 -8.35 -2.63 -0.52
N GLY B 106 -8.66 -2.24 0.70
CA GLY B 106 -9.93 -2.59 1.30
C GLY B 106 -11.09 -1.75 0.81
N HIS B 107 -10.83 -0.84 -0.11
CA HIS B 107 -11.89 0.01 -0.63
C HIS B 107 -12.10 -0.16 -2.14
N TYR B 108 -11.02 -0.37 -2.89
CA TYR B 108 -11.13 -0.50 -4.34
C TYR B 108 -10.73 -1.88 -4.87
N THR B 109 -9.50 -2.29 -4.60
CA THR B 109 -8.97 -3.57 -5.09
C THR B 109 -9.79 -4.79 -4.67
N ILE B 110 -9.61 -5.23 -3.43
CA ILE B 110 -10.30 -6.42 -2.94
C ILE B 110 -11.56 -6.07 -2.16
N GLY B 111 -11.67 -4.81 -1.75
CA GLY B 111 -12.82 -4.36 -1.00
C GLY B 111 -14.15 -4.66 -1.67
N LYS B 112 -14.23 -4.36 -2.95
CA LYS B 112 -15.46 -4.57 -3.71
C LYS B 112 -15.67 -6.03 -4.12
N GLU B 113 -14.90 -6.93 -3.54
CA GLU B 113 -15.03 -8.35 -3.86
C GLU B 113 -15.82 -9.10 -2.79
N ILE B 114 -15.77 -8.62 -1.56
CA ILE B 114 -16.47 -9.28 -0.45
C ILE B 114 -17.61 -8.42 0.12
N ILE B 115 -17.60 -7.13 -0.20
CA ILE B 115 -18.62 -6.20 0.30
C ILE B 115 -20.06 -6.67 0.06
N ASP B 116 -20.34 -7.14 -1.16
CA ASP B 116 -21.69 -7.59 -1.51
C ASP B 116 -22.15 -8.72 -0.59
N LEU B 117 -21.24 -9.65 -0.30
CA LEU B 117 -21.54 -10.77 0.57
C LEU B 117 -21.79 -10.29 1.99
N VAL B 118 -21.02 -9.30 2.42
CA VAL B 118 -21.16 -8.73 3.76
C VAL B 118 -22.53 -8.07 3.90
N LEU B 119 -22.87 -7.24 2.91
CA LEU B 119 -24.15 -6.55 2.90
C LEU B 119 -25.30 -7.53 2.90
N ASP B 120 -25.12 -8.62 2.17
CA ASP B 120 -26.14 -9.67 2.08
C ASP B 120 -26.48 -10.23 3.45
N ARG B 121 -25.45 -10.59 4.20
CA ARG B 121 -25.63 -11.18 5.52
C ARG B 121 -26.26 -10.21 6.51
N ILE B 122 -25.75 -8.98 6.55
CA ILE B 122 -26.29 -7.96 7.47
C ILE B 122 -27.73 -7.60 7.12
N ARG B 123 -28.11 -7.82 5.86
CA ARG B 123 -29.45 -7.54 5.40
C ARG B 123 -30.40 -8.64 5.89
N LYS B 124 -29.92 -9.88 5.86
CA LYS B 124 -30.70 -11.01 6.33
C LYS B 124 -30.96 -10.87 7.82
N LEU B 125 -29.94 -10.42 8.54
CA LEU B 125 -30.04 -10.22 9.98
C LEU B 125 -31.00 -9.09 10.29
N ALA B 126 -30.95 -8.04 9.47
CA ALA B 126 -31.82 -6.89 9.65
C ALA B 126 -33.28 -7.28 9.52
N ASP B 127 -33.55 -8.16 8.56
CA ASP B 127 -34.91 -8.63 8.33
C ASP B 127 -35.35 -9.62 9.40
N GLN B 128 -34.37 -10.32 9.98
CA GLN B 128 -34.63 -11.29 11.02
C GLN B 128 -35.23 -10.63 12.26
N CYS B 129 -34.71 -9.46 12.61
CA CYS B 129 -35.20 -8.72 13.76
C CYS B 129 -36.37 -7.84 13.39
N THR B 130 -37.38 -7.82 14.27
CA THR B 130 -38.57 -7.01 14.05
C THR B 130 -38.38 -5.60 14.58
N GLY B 131 -38.26 -4.64 13.67
CA GLY B 131 -38.09 -3.25 14.05
C GLY B 131 -36.76 -2.99 14.72
N LEU B 132 -35.69 -3.01 13.94
CA LEU B 132 -34.35 -2.78 14.48
C LEU B 132 -34.10 -1.28 14.63
N GLN B 133 -33.18 -0.93 15.53
CA GLN B 133 -32.86 0.47 15.78
C GLN B 133 -31.70 0.93 14.90
N GLY B 134 -30.61 0.18 14.90
CA GLY B 134 -29.47 0.56 14.10
C GLY B 134 -28.37 -0.48 14.10
N PHE B 135 -27.17 -0.06 13.70
CA PHE B 135 -26.04 -0.95 13.63
C PHE B 135 -24.90 -0.47 14.54
N SER B 136 -24.22 -1.42 15.17
CA SER B 136 -23.09 -1.13 16.03
C SER B 136 -21.81 -1.51 15.29
N VAL B 137 -21.16 -0.52 14.72
CA VAL B 137 -19.94 -0.76 13.95
C VAL B 137 -18.72 -0.79 14.86
N PHE B 138 -17.80 -1.70 14.56
CA PHE B 138 -16.56 -1.83 15.32
C PHE B 138 -15.39 -1.95 14.35
N HIS B 139 -14.39 -1.08 14.51
CA HIS B 139 -13.24 -1.08 13.61
C HIS B 139 -12.08 -0.26 14.17
N SER B 140 -10.93 -0.40 13.54
CA SER B 140 -9.74 0.33 13.91
C SER B 140 -9.38 1.32 12.80
N PHE B 141 -9.22 2.60 13.16
CA PHE B 141 -8.88 3.62 12.17
C PHE B 141 -7.53 3.33 11.52
N GLY B 142 -6.64 2.71 12.27
CA GLY B 142 -5.33 2.38 11.75
C GLY B 142 -5.24 0.94 11.32
N GLY B 143 -5.48 0.69 10.04
CA GLY B 143 -5.43 -0.66 9.51
C GLY B 143 -5.79 -0.68 8.03
N GLY B 144 -6.07 -1.86 7.52
CA GLY B 144 -6.44 -1.99 6.12
C GLY B 144 -7.90 -2.35 5.99
N THR B 145 -8.30 -3.44 6.63
CA THR B 145 -9.67 -3.88 6.60
C THR B 145 -10.50 -2.98 7.53
N GLY B 146 -9.86 -2.48 8.56
CA GLY B 146 -10.53 -1.62 9.51
C GLY B 146 -10.70 -0.19 9.00
N SER B 147 -10.15 0.08 7.82
CA SER B 147 -10.24 1.42 7.25
C SER B 147 -11.07 1.42 5.97
N GLY B 148 -10.55 0.81 4.92
CA GLY B 148 -11.23 0.77 3.64
C GLY B 148 -12.57 0.07 3.68
N PHE B 149 -12.61 -1.12 4.25
CA PHE B 149 -13.83 -1.91 4.32
C PHE B 149 -14.94 -1.15 5.06
N THR B 150 -14.60 -0.52 6.16
CA THR B 150 -15.58 0.23 6.95
C THR B 150 -16.16 1.38 6.13
N SER B 151 -15.28 2.09 5.44
CA SER B 151 -15.66 3.23 4.63
C SER B 151 -16.72 2.92 3.58
N LEU B 152 -16.52 1.86 2.79
CA LEU B 152 -17.50 1.50 1.77
C LEU B 152 -18.72 0.81 2.35
N LEU B 153 -18.56 0.22 3.53
CA LEU B 153 -19.66 -0.46 4.18
C LEU B 153 -20.68 0.57 4.69
N MET B 154 -20.17 1.59 5.38
CA MET B 154 -21.01 2.66 5.91
C MET B 154 -21.69 3.41 4.77
N GLU B 155 -20.98 3.48 3.64
CA GLU B 155 -21.48 4.16 2.45
C GLU B 155 -22.80 3.54 1.99
N ARG B 156 -22.86 2.21 1.97
CA ARG B 156 -24.07 1.52 1.56
C ARG B 156 -25.13 1.55 2.66
N LEU B 157 -24.67 1.58 3.90
CA LEU B 157 -25.56 1.60 5.04
C LEU B 157 -26.39 2.89 5.12
N SER B 158 -25.75 4.02 4.89
CA SER B 158 -26.44 5.31 4.95
C SER B 158 -27.42 5.50 3.80
N VAL B 159 -27.33 4.64 2.78
CA VAL B 159 -28.21 4.75 1.63
C VAL B 159 -29.35 3.73 1.68
N ASP B 160 -29.07 2.53 2.17
CA ASP B 160 -30.08 1.48 2.26
C ASP B 160 -30.75 1.44 3.63
N TYR B 161 -30.09 2.03 4.61
CA TYR B 161 -30.61 2.08 5.98
C TYR B 161 -30.46 3.49 6.55
N GLY B 162 -30.85 4.49 5.76
CA GLY B 162 -30.75 5.87 6.20
C GLY B 162 -31.67 6.18 7.36
N LYS B 163 -32.73 5.38 7.50
CA LYS B 163 -33.71 5.57 8.56
C LYS B 163 -33.25 4.90 9.85
N LYS B 164 -32.05 4.33 9.84
CA LYS B 164 -31.51 3.65 11.01
C LYS B 164 -30.38 4.43 11.65
N SER B 165 -30.12 4.13 12.92
CA SER B 165 -29.07 4.78 13.67
C SER B 165 -27.72 4.12 13.37
N LYS B 166 -26.77 4.91 12.90
CA LYS B 166 -25.44 4.40 12.57
C LYS B 166 -24.43 4.82 13.62
N LEU B 167 -24.19 3.92 14.58
CA LEU B 167 -23.25 4.19 15.66
C LEU B 167 -22.03 3.28 15.54
N GLU B 168 -20.89 3.87 15.22
CA GLU B 168 -19.66 3.11 15.08
C GLU B 168 -18.68 3.37 16.23
N PHE B 169 -17.92 2.35 16.57
CA PHE B 169 -16.90 2.43 17.61
C PHE B 169 -15.54 2.41 16.94
N SER B 170 -15.03 3.58 16.64
CA SER B 170 -13.77 3.72 15.95
C SER B 170 -12.56 3.75 16.89
N ILE B 171 -11.66 2.81 16.71
CA ILE B 171 -10.44 2.76 17.52
C ILE B 171 -9.43 3.74 16.94
N TYR B 172 -9.07 4.74 17.74
CA TYR B 172 -8.13 5.77 17.32
C TYR B 172 -6.69 5.30 17.53
N PRO B 173 -5.83 5.48 16.52
CA PRO B 173 -4.42 5.11 16.60
C PRO B 173 -3.68 5.94 17.63
N ALA B 174 -2.66 5.35 18.24
CA ALA B 174 -1.88 6.02 19.26
C ALA B 174 -1.18 7.26 18.70
N PRO B 175 -1.20 8.37 19.46
CA PRO B 175 -0.58 9.62 19.05
C PRO B 175 0.93 9.50 18.80
N GLN B 176 1.62 8.71 19.63
CA GLN B 176 3.05 8.55 19.47
C GLN B 176 3.43 7.11 19.13
N VAL B 177 2.80 6.15 19.79
CA VAL B 177 3.09 4.74 19.55
C VAL B 177 2.25 4.17 18.41
N SER B 178 2.48 4.67 17.20
CA SER B 178 1.76 4.20 16.03
C SER B 178 2.13 2.74 15.73
N THR B 179 1.17 1.98 15.21
CA THR B 179 1.39 0.58 14.91
C THR B 179 1.88 0.39 13.48
N ALA B 180 1.37 1.21 12.57
CA ALA B 180 1.78 1.13 11.16
C ALA B 180 2.41 2.43 10.70
N VAL B 181 3.14 2.37 9.59
CA VAL B 181 3.79 3.55 9.04
C VAL B 181 2.77 4.42 8.30
N VAL B 182 1.90 3.75 7.56
CA VAL B 182 0.86 4.44 6.79
C VAL B 182 -0.39 4.63 7.64
N GLU B 183 -0.20 4.75 8.94
CA GLU B 183 -1.29 4.93 9.89
C GLU B 183 -2.23 6.09 9.51
N PRO B 184 -1.71 7.34 9.40
CA PRO B 184 -2.55 8.51 9.06
C PRO B 184 -3.15 8.42 7.67
N TYR B 185 -2.47 7.72 6.77
CA TYR B 185 -2.93 7.58 5.40
C TYR B 185 -4.26 6.83 5.33
N ASN B 186 -4.42 5.84 6.19
CA ASN B 186 -5.63 5.03 6.22
C ASN B 186 -6.71 5.66 7.10
N SER B 187 -6.32 6.18 8.25
CA SER B 187 -7.25 6.77 9.19
C SER B 187 -7.95 8.02 8.64
N ILE B 188 -7.18 8.96 8.10
CA ILE B 188 -7.72 10.20 7.57
C ILE B 188 -8.77 9.94 6.47
N LEU B 189 -8.52 8.97 5.61
CA LEU B 189 -9.46 8.65 4.53
C LEU B 189 -10.74 8.01 5.06
N THR B 190 -10.61 7.14 6.05
CA THR B 190 -11.77 6.46 6.63
C THR B 190 -12.75 7.47 7.22
N THR B 191 -12.23 8.39 8.03
CA THR B 191 -13.06 9.40 8.66
C THR B 191 -13.57 10.43 7.66
N HIS B 192 -12.90 10.53 6.51
CA HIS B 192 -13.30 11.48 5.47
C HIS B 192 -14.68 11.11 4.92
N THR B 193 -14.83 9.86 4.52
CA THR B 193 -16.09 9.39 3.95
C THR B 193 -17.12 9.05 5.04
N THR B 194 -16.67 8.41 6.11
CA THR B 194 -17.57 8.01 7.20
C THR B 194 -18.18 9.22 7.93
N LEU B 195 -17.58 10.39 7.73
CA LEU B 195 -18.05 11.62 8.38
C LEU B 195 -19.45 12.00 7.89
N GLU B 196 -19.80 11.55 6.70
CA GLU B 196 -21.10 11.83 6.11
C GLU B 196 -21.97 10.58 6.12
N HIS B 197 -21.56 9.58 6.89
CA HIS B 197 -22.30 8.33 6.94
C HIS B 197 -22.80 8.02 8.35
N SER B 198 -21.88 7.80 9.27
CA SER B 198 -22.23 7.48 10.65
C SER B 198 -22.82 8.68 11.38
N ASP B 199 -23.86 8.43 12.15
CA ASP B 199 -24.52 9.47 12.93
C ASP B 199 -23.66 9.88 14.11
N CYS B 200 -22.99 8.90 14.70
CA CYS B 200 -22.13 9.13 15.85
C CYS B 200 -21.07 8.04 15.94
N ALA B 201 -19.83 8.44 16.12
CA ALA B 201 -18.73 7.50 16.21
C ALA B 201 -17.98 7.64 17.52
N PHE B 202 -18.05 6.62 18.36
CA PHE B 202 -17.36 6.63 19.65
C PHE B 202 -15.91 6.25 19.45
N MET B 203 -15.02 7.20 19.67
CA MET B 203 -13.59 6.96 19.49
C MET B 203 -12.88 6.66 20.80
N VAL B 204 -12.01 5.66 20.76
CA VAL B 204 -11.22 5.26 21.90
C VAL B 204 -9.75 5.33 21.50
N ASP B 205 -8.90 5.84 22.38
CA ASP B 205 -7.47 5.97 22.07
C ASP B 205 -6.66 4.76 22.52
N ASN B 206 -5.97 4.14 21.56
CA ASN B 206 -5.15 2.95 21.81
C ASN B 206 -4.10 3.19 22.89
N GLU B 207 -3.42 4.33 22.80
CA GLU B 207 -2.36 4.67 23.74
C GLU B 207 -2.92 5.02 25.12
N ALA B 208 -4.08 5.66 25.12
CA ALA B 208 -4.73 6.05 26.37
C ALA B 208 -5.10 4.84 27.22
N ILE B 209 -5.43 3.73 26.57
CA ILE B 209 -5.78 2.51 27.28
C ILE B 209 -4.57 2.02 28.07
N TYR B 210 -3.40 2.21 27.49
CA TYR B 210 -2.15 1.82 28.13
C TYR B 210 -1.92 2.68 29.37
N ASP B 211 -2.25 3.97 29.25
CA ASP B 211 -2.09 4.91 30.35
C ASP B 211 -2.95 4.50 31.53
N ILE B 212 -4.19 4.13 31.25
CA ILE B 212 -5.13 3.70 32.28
C ILE B 212 -4.61 2.45 32.99
N CYS B 213 -4.07 1.52 32.20
CA CYS B 213 -3.54 0.28 32.75
C CYS B 213 -2.27 0.52 33.56
N ARG B 214 -1.57 1.60 33.25
CA ARG B 214 -0.33 1.92 33.94
C ARG B 214 -0.58 2.69 35.23
N ARG B 215 -1.31 3.79 35.13
CA ARG B 215 -1.57 4.66 36.29
C ARG B 215 -2.66 4.12 37.23
N ASN B 216 -3.77 3.66 36.68
CA ASN B 216 -4.87 3.17 37.49
C ASN B 216 -4.82 1.68 37.76
N LEU B 217 -4.77 0.89 36.69
CA LEU B 217 -4.74 -0.57 36.82
C LEU B 217 -3.43 -1.03 37.46
N ASP B 218 -2.38 -0.24 37.27
CA ASP B 218 -1.06 -0.53 37.83
C ASP B 218 -0.50 -1.86 37.34
N ILE B 219 -0.26 -1.95 36.04
CA ILE B 219 0.31 -3.15 35.45
C ILE B 219 1.32 -2.78 34.36
N GLU B 220 2.34 -3.61 34.23
CA GLU B 220 3.37 -3.40 33.23
C GLU B 220 3.20 -4.41 32.10
N ARG B 221 2.11 -5.17 32.18
CA ARG B 221 1.81 -6.20 31.19
C ARG B 221 0.40 -5.98 30.61
N PRO B 222 0.20 -4.90 29.84
CA PRO B 222 -1.09 -4.59 29.23
C PRO B 222 -1.17 -5.14 27.81
N THR B 223 -1.47 -6.42 27.70
CA THR B 223 -1.58 -7.07 26.40
C THR B 223 -2.75 -6.51 25.62
N TYR B 224 -2.78 -6.77 24.31
CA TYR B 224 -3.87 -6.30 23.46
C TYR B 224 -5.20 -6.82 23.99
N THR B 225 -5.23 -8.09 24.38
CA THR B 225 -6.42 -8.71 24.92
C THR B 225 -6.84 -8.03 26.23
N ASN B 226 -5.88 -7.41 26.91
CA ASN B 226 -6.14 -6.71 28.16
C ASN B 226 -6.79 -5.36 27.89
N LEU B 227 -6.45 -4.76 26.76
CA LEU B 227 -7.00 -3.48 26.37
C LEU B 227 -8.46 -3.68 25.98
N ASN B 228 -8.72 -4.75 25.24
CA ASN B 228 -10.06 -5.09 24.78
C ASN B 228 -11.03 -5.30 25.94
N ARG B 229 -10.48 -5.66 27.10
CA ARG B 229 -11.28 -5.87 28.30
C ARG B 229 -11.95 -4.57 28.74
N LEU B 230 -11.21 -3.48 28.64
CA LEU B 230 -11.71 -2.18 29.05
C LEU B 230 -12.72 -1.63 28.06
N ILE B 231 -12.41 -1.71 26.77
CA ILE B 231 -13.29 -1.21 25.72
C ILE B 231 -14.62 -1.95 25.75
N GLY B 232 -14.56 -3.27 25.91
CA GLY B 232 -15.76 -4.07 25.97
C GLY B 232 -16.63 -3.72 27.16
N GLN B 233 -15.97 -3.36 28.27
CA GLN B 233 -16.67 -2.99 29.49
C GLN B 233 -17.52 -1.75 29.24
N ILE B 234 -17.02 -0.88 28.37
CA ILE B 234 -17.73 0.34 28.01
C ILE B 234 -18.94 0.00 27.15
N VAL B 235 -18.71 -0.76 26.09
CA VAL B 235 -19.77 -1.16 25.17
C VAL B 235 -20.90 -1.85 25.90
N SER B 236 -20.55 -2.71 26.85
CA SER B 236 -21.54 -3.45 27.64
C SER B 236 -22.47 -2.48 28.38
N SER B 237 -21.94 -1.33 28.77
CA SER B 237 -22.73 -0.35 29.49
C SER B 237 -23.41 0.64 28.56
N ILE B 238 -22.88 0.77 27.35
CA ILE B 238 -23.45 1.69 26.36
C ILE B 238 -24.64 1.06 25.64
N THR B 239 -24.56 -0.22 25.35
CA THR B 239 -25.64 -0.90 24.66
C THR B 239 -26.32 -1.98 25.51
N ALA B 240 -25.59 -3.05 25.81
CA ALA B 240 -26.12 -4.19 26.58
C ALA B 240 -27.01 -3.81 27.76
N SER B 241 -26.43 -3.21 28.80
CA SER B 241 -27.19 -2.84 29.99
C SER B 241 -28.23 -1.76 29.72
N LEU B 242 -27.92 -0.85 28.79
CA LEU B 242 -28.84 0.24 28.46
C LEU B 242 -30.04 -0.27 27.67
N ARG B 243 -29.93 -1.49 27.15
CA ARG B 243 -31.01 -2.11 26.40
C ARG B 243 -31.93 -2.83 27.37
N PHE B 244 -31.49 -2.90 28.62
CA PHE B 244 -32.24 -3.56 29.67
C PHE B 244 -33.07 -2.54 30.44
N ASP B 245 -34.26 -2.95 30.84
CA ASP B 245 -35.18 -2.09 31.57
C ASP B 245 -34.58 -1.62 32.90
N GLY B 246 -34.21 -0.35 32.97
CA GLY B 246 -33.64 0.19 34.18
C GLY B 246 -34.57 1.20 34.84
N ALA B 247 -34.02 2.35 35.22
CA ALA B 247 -34.81 3.40 35.85
C ALA B 247 -34.94 4.60 34.93
N LEU B 248 -33.96 4.77 34.07
CA LEU B 248 -33.93 5.85 33.10
C LEU B 248 -33.13 5.41 31.89
N ASN B 249 -33.79 4.68 31.01
CA ASN B 249 -33.18 4.14 29.81
C ASN B 249 -32.90 5.23 28.77
N VAL B 250 -31.84 5.06 28.02
CA VAL B 250 -31.47 5.99 26.97
C VAL B 250 -31.42 5.23 25.65
N ASP B 251 -32.35 5.54 24.77
CA ASP B 251 -32.42 4.87 23.47
C ASP B 251 -31.21 5.22 22.61
N LEU B 252 -30.91 4.36 21.64
CA LEU B 252 -29.79 4.56 20.74
C LEU B 252 -30.01 5.82 19.91
N THR B 253 -31.27 6.10 19.61
CA THR B 253 -31.63 7.28 18.85
C THR B 253 -31.42 8.53 19.71
N GLU B 254 -31.70 8.39 21.01
CA GLU B 254 -31.53 9.49 21.95
C GLU B 254 -30.07 9.88 22.05
N PHE B 255 -29.21 8.88 21.88
CA PHE B 255 -27.77 9.08 21.93
C PHE B 255 -27.35 10.17 20.96
N GLN B 256 -27.53 9.93 19.66
CA GLN B 256 -27.16 10.90 18.64
C GLN B 256 -27.91 12.22 18.81
N THR B 257 -29.17 12.13 19.22
CA THR B 257 -30.00 13.31 19.40
C THR B 257 -29.45 14.23 20.51
N ASN B 258 -28.74 13.66 21.48
CA ASN B 258 -28.19 14.44 22.57
C ASN B 258 -26.67 14.42 22.63
N LEU B 259 -26.05 13.92 21.57
CA LEU B 259 -24.59 13.86 21.51
C LEU B 259 -24.04 14.70 20.37
N VAL B 260 -24.70 14.64 19.22
CA VAL B 260 -24.26 15.40 18.06
C VAL B 260 -25.30 16.47 17.69
N PRO B 261 -25.05 17.72 18.09
CA PRO B 261 -25.95 18.85 17.82
C PRO B 261 -25.85 19.31 16.37
N TYR B 262 -24.97 18.67 15.62
CA TYR B 262 -24.78 18.99 14.21
C TYR B 262 -24.83 17.72 13.38
N PRO B 263 -25.20 17.83 12.09
CA PRO B 263 -25.29 16.68 11.17
C PRO B 263 -23.91 16.19 10.72
N ARG B 264 -22.99 16.10 11.66
CA ARG B 264 -21.64 15.64 11.40
C ARG B 264 -21.33 14.45 12.27
N GLY B 265 -20.52 13.53 11.76
CA GLY B 265 -20.16 12.36 12.54
C GLY B 265 -19.14 12.70 13.60
N HIS B 266 -19.57 13.46 14.61
CA HIS B 266 -18.68 13.85 15.70
C HIS B 266 -18.27 12.63 16.52
N PHE B 267 -17.14 12.72 17.18
CA PHE B 267 -16.62 11.60 17.95
C PHE B 267 -16.54 11.89 19.45
N PRO B 268 -17.46 11.32 20.24
CA PRO B 268 -17.47 11.48 21.70
C PRO B 268 -16.50 10.50 22.37
N LEU B 269 -16.01 10.89 23.54
CA LEU B 269 -15.07 10.07 24.30
C LEU B 269 -15.80 9.02 25.13
N ALA B 270 -15.11 7.94 25.46
CA ALA B 270 -15.70 6.87 26.27
C ALA B 270 -14.94 6.76 27.58
N THR B 271 -15.58 7.17 28.67
CA THR B 271 -14.94 7.14 29.98
C THR B 271 -15.66 6.20 30.95
N TYR B 272 -14.88 5.41 31.67
CA TYR B 272 -15.41 4.47 32.66
C TYR B 272 -14.90 4.84 34.04
N ALA B 273 -15.81 5.07 34.97
CA ALA B 273 -15.45 5.44 36.34
C ALA B 273 -14.62 4.38 37.07
N PRO B 274 -15.14 3.14 37.25
CA PRO B 274 -14.43 2.08 37.96
C PRO B 274 -13.23 1.55 37.16
N VAL B 275 -12.05 1.96 37.56
CA VAL B 275 -10.82 1.51 36.89
C VAL B 275 -9.84 0.95 37.92
N ILE B 276 -10.36 0.69 39.11
CA ILE B 276 -9.56 0.13 40.20
C ILE B 276 -9.25 -1.34 39.93
N SER B 277 -8.01 -1.73 40.15
CA SER B 277 -7.58 -3.10 39.94
C SER B 277 -7.90 -3.98 41.14
N ALA B 278 -8.35 -5.20 40.88
CA ALA B 278 -8.67 -6.13 41.95
C ALA B 278 -7.42 -6.83 42.46
N GLU B 279 -6.59 -6.07 43.16
CA GLU B 279 -5.34 -6.61 43.70
C GLU B 279 -4.71 -5.64 44.71
N LYS B 280 -4.16 -4.55 44.20
CA LYS B 280 -3.48 -3.57 45.04
C LYS B 280 -4.47 -2.69 45.80
N ALA B 281 -5.00 -1.67 45.13
CA ALA B 281 -5.97 -0.77 45.74
C ALA B 281 -7.29 -1.50 45.96
N TYR B 282 -7.89 -1.29 47.13
CA TYR B 282 -9.15 -1.94 47.43
C TYR B 282 -10.11 -1.03 48.19
N HIS B 283 -10.63 -0.02 47.52
CA HIS B 283 -11.59 0.87 48.15
C HIS B 283 -12.96 0.22 48.08
N GLU B 284 -13.34 -0.20 46.86
CA GLU B 284 -14.60 -0.86 46.59
C GLU B 284 -15.81 0.04 46.82
N GLN B 285 -16.16 0.26 48.08
CA GLN B 285 -17.28 1.10 48.44
C GLN B 285 -16.99 2.56 48.12
N LEU B 286 -17.48 3.01 46.98
CA LEU B 286 -17.28 4.37 46.53
C LEU B 286 -18.64 5.01 46.33
N SER B 287 -18.80 6.25 46.80
CA SER B 287 -20.06 6.96 46.66
C SER B 287 -20.24 7.49 45.25
N VAL B 288 -21.47 7.86 44.91
CA VAL B 288 -21.81 8.37 43.59
C VAL B 288 -20.98 9.60 43.22
N ALA B 289 -20.77 10.48 44.20
CA ALA B 289 -20.00 11.70 43.99
C ALA B 289 -18.57 11.39 43.51
N GLU B 290 -17.97 10.35 44.07
CA GLU B 290 -16.61 9.98 43.71
C GLU B 290 -16.53 9.38 42.30
N ILE B 291 -17.42 8.43 41.99
CA ILE B 291 -17.40 7.79 40.68
C ILE B 291 -17.63 8.79 39.54
N THR B 292 -18.57 9.71 39.74
CA THR B 292 -18.86 10.73 38.73
C THR B 292 -17.65 11.65 38.55
N ASN B 293 -17.01 12.00 39.67
CA ASN B 293 -15.85 12.88 39.66
C ASN B 293 -14.62 12.22 39.01
N ALA B 294 -14.67 10.90 38.90
CA ALA B 294 -13.57 10.15 38.30
C ALA B 294 -13.66 10.06 36.79
N CYS B 295 -14.63 10.76 36.20
CA CYS B 295 -14.80 10.75 34.75
C CYS B 295 -14.50 12.11 34.12
N PHE B 296 -13.89 13.00 34.89
CA PHE B 296 -13.55 14.32 34.39
C PHE B 296 -12.05 14.57 34.50
N GLU B 297 -11.32 13.52 34.82
CA GLU B 297 -9.88 13.59 34.97
C GLU B 297 -9.16 13.01 33.76
N PRO B 298 -8.17 13.73 33.22
CA PRO B 298 -7.39 13.30 32.05
C PRO B 298 -6.71 11.96 32.26
N ALA B 299 -6.52 11.58 33.52
CA ALA B 299 -5.88 10.32 33.86
C ALA B 299 -6.81 9.14 33.58
N ASN B 300 -8.10 9.43 33.47
CA ASN B 300 -9.09 8.39 33.22
C ASN B 300 -10.15 8.86 32.24
N GLN B 301 -9.86 8.77 30.95
CA GLN B 301 -10.81 9.18 29.91
C GLN B 301 -10.80 8.25 28.71
N MET B 302 -9.85 7.29 28.72
CA MET B 302 -9.71 6.30 27.63
C MET B 302 -9.44 6.94 26.28
N VAL B 303 -8.94 8.17 26.31
CA VAL B 303 -8.63 8.90 25.11
C VAL B 303 -7.50 9.89 25.38
N LYS B 304 -6.66 10.15 24.39
CA LYS B 304 -5.54 11.07 24.56
C LYS B 304 -5.96 12.52 24.37
N CYS B 305 -7.26 12.73 24.19
CA CYS B 305 -7.79 14.08 24.02
C CYS B 305 -7.88 14.76 25.38
N ASP B 306 -6.72 15.09 25.93
CA ASP B 306 -6.64 15.75 27.23
C ASP B 306 -7.44 17.05 27.21
N PRO B 307 -8.08 17.40 28.34
CA PRO B 307 -8.87 18.63 28.47
C PRO B 307 -7.99 19.87 28.48
N ARG B 308 -7.28 20.09 27.38
CA ARG B 308 -6.40 21.24 27.22
C ARG B 308 -7.23 22.52 27.23
N HIS B 309 -8.18 22.59 26.32
CA HIS B 309 -9.06 23.74 26.20
C HIS B 309 -10.40 23.31 25.60
N GLY B 310 -10.65 22.01 25.64
CA GLY B 310 -11.87 21.48 25.07
C GLY B 310 -13.09 21.76 25.94
N LYS B 311 -14.12 22.29 25.32
CA LYS B 311 -15.36 22.59 26.01
C LYS B 311 -16.35 21.46 25.81
N TYR B 312 -17.06 21.11 26.87
CA TYR B 312 -18.04 20.04 26.80
C TYR B 312 -19.35 20.55 26.20
N MET B 313 -19.79 19.93 25.11
CA MET B 313 -21.03 20.33 24.45
C MET B 313 -22.18 19.41 24.80
N ALA B 314 -21.87 18.12 24.93
CA ALA B 314 -22.88 17.12 25.25
C ALA B 314 -22.22 15.97 26.00
N CYS B 315 -22.72 15.68 27.18
CA CYS B 315 -22.16 14.61 27.99
C CYS B 315 -23.23 13.63 28.46
N CYS B 316 -23.11 12.38 28.06
CA CYS B 316 -24.05 11.37 28.47
C CYS B 316 -23.45 10.57 29.62
N LEU B 317 -24.18 10.48 30.72
CA LEU B 317 -23.72 9.76 31.90
C LEU B 317 -24.59 8.55 32.16
N LEU B 318 -24.04 7.38 31.87
CA LEU B 318 -24.75 6.13 32.08
C LEU B 318 -24.37 5.47 33.39
N TYR B 319 -25.26 5.52 34.36
CA TYR B 319 -25.04 4.93 35.67
C TYR B 319 -25.67 3.56 35.74
N ARG B 320 -24.87 2.53 35.97
CA ARG B 320 -25.38 1.18 36.07
C ARG B 320 -25.04 0.56 37.42
N GLY B 321 -26.07 0.16 38.16
CA GLY B 321 -25.87 -0.45 39.46
C GLY B 321 -26.68 0.22 40.54
N ASP B 322 -26.20 0.15 41.78
CA ASP B 322 -26.89 0.75 42.92
C ASP B 322 -26.62 2.25 42.97
N VAL B 323 -27.42 3.02 42.25
CA VAL B 323 -27.27 4.47 42.21
C VAL B 323 -28.60 5.16 42.48
N VAL B 324 -28.54 6.26 43.23
CA VAL B 324 -29.74 7.03 43.55
C VAL B 324 -29.86 8.22 42.60
N PRO B 325 -31.02 8.39 41.95
CA PRO B 325 -31.27 9.50 41.02
C PRO B 325 -30.92 10.85 41.64
N LYS B 326 -31.33 11.06 42.89
CA LYS B 326 -31.04 12.31 43.58
C LYS B 326 -29.53 12.49 43.78
N ASP B 327 -28.84 11.39 43.99
CA ASP B 327 -27.38 11.42 44.17
C ASP B 327 -26.72 11.84 42.87
N VAL B 328 -27.29 11.37 41.76
CA VAL B 328 -26.79 11.71 40.43
C VAL B 328 -27.03 13.18 40.13
N ASN B 329 -28.24 13.63 40.42
CA ASN B 329 -28.62 15.02 40.20
C ASN B 329 -27.71 15.96 40.97
N ALA B 330 -27.38 15.58 42.21
CA ALA B 330 -26.51 16.38 43.05
C ALA B 330 -25.07 16.38 42.51
N ALA B 331 -24.61 15.21 42.07
CA ALA B 331 -23.26 15.08 41.52
C ALA B 331 -23.11 15.90 40.25
N ILE B 332 -24.13 15.86 39.40
CA ILE B 332 -24.12 16.61 38.16
C ILE B 332 -24.17 18.11 38.45
N ALA B 333 -25.01 18.49 39.41
CA ALA B 333 -25.18 19.88 39.78
C ALA B 333 -23.86 20.49 40.31
N THR B 334 -23.21 19.78 41.22
CA THR B 334 -21.96 20.25 41.80
C THR B 334 -20.85 20.39 40.74
N ILE B 335 -20.87 19.52 39.73
CA ILE B 335 -19.89 19.56 38.67
C ILE B 335 -20.13 20.76 37.76
N LYS B 336 -21.40 21.02 37.48
CA LYS B 336 -21.77 22.14 36.62
C LYS B 336 -21.28 23.46 37.21
N THR B 337 -21.33 23.58 38.53
CA THR B 337 -20.90 24.80 39.21
C THR B 337 -19.41 24.79 39.53
N LYS B 338 -18.69 23.78 39.04
CA LYS B 338 -17.26 23.67 39.30
C LYS B 338 -16.49 24.73 38.52
N ARG B 339 -17.04 25.10 37.35
CA ARG B 339 -16.44 26.10 36.47
C ARG B 339 -15.20 25.61 35.72
N THR B 340 -14.44 24.72 36.35
CA THR B 340 -13.25 24.16 35.73
C THR B 340 -13.65 23.44 34.44
N ILE B 341 -14.77 22.75 34.49
CA ILE B 341 -15.30 22.05 33.34
C ILE B 341 -16.14 23.03 32.53
N GLN B 342 -15.48 23.70 31.59
CA GLN B 342 -16.15 24.68 30.77
C GLN B 342 -16.99 24.03 29.67
N PHE B 343 -18.24 24.43 29.60
CA PHE B 343 -19.15 23.94 28.60
C PHE B 343 -19.24 24.98 27.49
N VAL B 344 -19.84 24.61 26.37
CA VAL B 344 -19.99 25.54 25.26
C VAL B 344 -20.96 26.66 25.65
N ASP B 345 -20.70 27.87 25.16
CA ASP B 345 -21.54 29.03 25.48
C ASP B 345 -23.00 28.80 25.15
N TRP B 346 -23.26 28.22 23.98
CA TRP B 346 -24.64 27.95 23.56
C TRP B 346 -25.17 26.64 24.14
N CYS B 347 -24.51 26.13 25.17
CA CYS B 347 -24.93 24.89 25.82
C CYS B 347 -25.28 25.14 27.28
N PRO B 348 -26.53 25.53 27.55
CA PRO B 348 -27.01 25.79 28.91
C PRO B 348 -27.07 24.50 29.72
N THR B 349 -27.58 23.45 29.09
CA THR B 349 -27.70 22.15 29.74
C THR B 349 -27.29 21.05 28.77
N GLY B 350 -26.17 20.41 29.04
CA GLY B 350 -25.69 19.34 28.17
C GLY B 350 -25.31 18.09 28.95
N PHE B 351 -26.26 17.57 29.70
CA PHE B 351 -26.03 16.38 30.50
C PHE B 351 -27.17 15.38 30.33
N LYS B 352 -26.87 14.25 29.71
CA LYS B 352 -27.85 13.20 29.50
C LYS B 352 -27.76 12.20 30.65
N VAL B 353 -28.83 12.08 31.42
CA VAL B 353 -28.86 11.19 32.56
C VAL B 353 -29.36 9.80 32.19
N GLY B 354 -28.50 8.81 32.35
CA GLY B 354 -28.88 7.44 32.06
C GLY B 354 -28.78 6.60 33.32
N ILE B 355 -29.85 5.91 33.67
CA ILE B 355 -29.86 5.09 34.88
C ILE B 355 -30.28 3.65 34.60
N ASN B 356 -29.36 2.73 34.82
CA ASN B 356 -29.61 1.31 34.59
C ASN B 356 -29.78 0.61 35.93
N TYR B 357 -30.47 -0.53 35.92
CA TYR B 357 -30.69 -1.29 37.13
C TYR B 357 -29.70 -2.45 37.22
N GLU B 358 -29.08 -2.77 36.10
CA GLU B 358 -28.12 -3.86 36.03
C GLU B 358 -26.74 -3.36 36.47
N PRO B 359 -26.15 -4.03 37.47
CA PRO B 359 -24.83 -3.68 37.99
C PRO B 359 -23.72 -3.97 36.98
N PRO B 360 -22.55 -3.33 37.16
CA PRO B 360 -21.40 -3.52 36.26
C PRO B 360 -20.71 -4.86 36.51
N THR B 361 -20.93 -5.80 35.61
CA THR B 361 -20.33 -7.12 35.70
C THR B 361 -18.84 -7.03 35.41
N VAL B 362 -18.07 -7.99 35.93
CA VAL B 362 -16.62 -8.01 35.75
C VAL B 362 -16.13 -9.43 35.44
N VAL B 363 -15.14 -9.53 34.56
CA VAL B 363 -14.54 -10.81 34.20
C VAL B 363 -13.92 -11.46 35.42
N PRO B 364 -14.30 -12.73 35.71
CA PRO B 364 -13.77 -13.48 36.86
C PRO B 364 -12.25 -13.59 36.86
N GLY B 365 -11.65 -13.43 35.68
CA GLY B 365 -10.22 -13.52 35.56
C GLY B 365 -9.61 -12.33 34.84
N GLY B 366 -10.16 -11.15 35.07
CA GLY B 366 -9.65 -9.95 34.44
C GLY B 366 -8.77 -9.16 35.41
N ASP B 367 -8.87 -7.85 35.37
CA ASP B 367 -8.08 -7.00 36.26
C ASP B 367 -8.95 -5.94 36.94
N LEU B 368 -10.26 -6.11 36.84
CA LEU B 368 -11.20 -5.16 37.41
C LEU B 368 -11.60 -5.59 38.82
N ALA B 369 -11.76 -4.61 39.70
CA ALA B 369 -12.11 -4.88 41.10
C ALA B 369 -13.56 -5.31 41.30
N LYS B 370 -14.43 -4.96 40.36
CA LYS B 370 -15.85 -5.31 40.43
C LYS B 370 -16.60 -4.50 41.50
N VAL B 371 -17.26 -3.44 41.06
CA VAL B 371 -18.01 -2.58 41.96
C VAL B 371 -19.51 -2.83 41.77
N GLN B 372 -20.32 -2.34 42.70
CA GLN B 372 -21.77 -2.52 42.62
C GLN B 372 -22.42 -1.41 41.82
N ARG B 373 -21.60 -0.49 41.32
CA ARG B 373 -22.09 0.63 40.52
C ARG B 373 -20.99 1.19 39.64
N ALA B 374 -21.33 1.53 38.40
CA ALA B 374 -20.37 2.07 37.46
C ALA B 374 -20.94 3.26 36.73
N VAL B 375 -20.08 4.21 36.40
CA VAL B 375 -20.48 5.41 35.68
C VAL B 375 -19.76 5.46 34.33
N CYS B 376 -20.54 5.53 33.27
CA CYS B 376 -20.00 5.59 31.93
C CYS B 376 -20.23 6.98 31.36
N MET B 377 -19.15 7.73 31.17
CA MET B 377 -19.23 9.07 30.64
C MET B 377 -18.84 9.12 29.17
N LEU B 378 -19.77 9.56 28.34
CA LEU B 378 -19.52 9.69 26.92
C LEU B 378 -19.89 11.10 26.47
N SER B 379 -18.87 11.92 26.24
CA SER B 379 -19.09 13.31 25.85
C SER B 379 -18.19 13.73 24.69
N ASN B 380 -18.66 14.72 23.95
CA ASN B 380 -17.90 15.26 22.82
C ASN B 380 -17.37 16.63 23.22
N THR B 381 -16.06 16.81 23.14
CA THR B 381 -15.44 18.07 23.52
C THR B 381 -14.65 18.66 22.36
N THR B 382 -14.29 19.92 22.49
CA THR B 382 -13.51 20.61 21.47
C THR B 382 -12.06 20.10 21.45
N ALA B 383 -11.74 19.21 22.38
CA ALA B 383 -10.39 18.64 22.47
C ALA B 383 -10.12 17.67 21.33
N ILE B 384 -11.19 17.22 20.70
CA ILE B 384 -11.08 16.29 19.56
C ILE B 384 -10.29 16.94 18.43
N ALA B 385 -10.45 18.27 18.28
CA ALA B 385 -9.75 19.01 17.25
C ALA B 385 -8.23 18.92 17.45
N GLU B 386 -7.82 18.92 18.71
CA GLU B 386 -6.40 18.83 19.05
C GLU B 386 -5.84 17.48 18.62
N ALA B 387 -6.58 16.42 18.91
CA ALA B 387 -6.17 15.08 18.56
C ALA B 387 -6.13 14.89 17.04
N TRP B 388 -7.16 15.38 16.37
CA TRP B 388 -7.24 15.29 14.92
C TRP B 388 -6.11 16.07 14.25
N ALA B 389 -5.81 17.24 14.81
CA ALA B 389 -4.74 18.09 14.28
C ALA B 389 -3.40 17.37 14.27
N ARG B 390 -3.17 16.52 15.27
CA ARG B 390 -1.93 15.75 15.37
C ARG B 390 -1.84 14.74 14.24
N LEU B 391 -2.95 14.06 13.97
CA LEU B 391 -2.99 13.06 12.91
C LEU B 391 -3.02 13.75 11.55
N ASP B 392 -3.70 14.88 11.49
CA ASP B 392 -3.78 15.68 10.28
C ASP B 392 -2.39 16.08 9.82
N HIS B 393 -1.58 16.54 10.77
CA HIS B 393 -0.21 16.94 10.50
C HIS B 393 0.61 15.72 10.05
N LYS B 394 0.35 14.58 10.67
CA LYS B 394 1.05 13.34 10.34
C LYS B 394 0.80 12.95 8.88
N PHE B 395 -0.40 13.23 8.39
CA PHE B 395 -0.75 12.92 7.03
C PHE B 395 -0.01 13.86 6.08
N ASP B 396 -0.07 15.15 6.38
CA ASP B 396 0.57 16.18 5.56
C ASP B 396 2.08 15.97 5.47
N LEU B 397 2.69 15.57 6.59
CA LEU B 397 4.14 15.34 6.64
C LEU B 397 4.60 14.37 5.54
N MET B 398 3.93 13.23 5.44
CA MET B 398 4.29 12.23 4.43
C MET B 398 3.68 12.57 3.08
N TYR B 399 2.52 13.20 3.09
CA TYR B 399 1.84 13.57 1.86
C TYR B 399 2.65 14.58 1.06
N ALA B 400 3.43 15.39 1.75
CA ALA B 400 4.27 16.39 1.11
C ALA B 400 5.19 15.77 0.07
N LYS B 401 5.60 14.53 0.31
CA LYS B 401 6.47 13.82 -0.61
C LYS B 401 5.75 12.61 -1.19
N ARG B 402 4.44 12.55 -0.93
CA ARG B 402 3.56 11.47 -1.40
C ARG B 402 3.77 10.16 -0.64
N ALA B 403 5.02 9.85 -0.32
CA ALA B 403 5.36 8.64 0.42
C ALA B 403 4.91 7.38 -0.33
N PHE B 404 4.35 6.44 0.42
CA PHE B 404 3.88 5.17 -0.15
C PHE B 404 2.54 5.36 -0.85
N VAL B 405 2.39 6.45 -1.58
CA VAL B 405 1.14 6.75 -2.27
C VAL B 405 0.87 5.76 -3.41
N HIS B 406 1.95 5.21 -3.99
CA HIS B 406 1.83 4.27 -5.09
C HIS B 406 1.09 3.00 -4.68
N TRP B 407 1.20 2.65 -3.40
CA TRP B 407 0.54 1.46 -2.88
C TRP B 407 -0.96 1.68 -2.76
N TYR B 408 -1.39 2.91 -3.00
CA TYR B 408 -2.78 3.27 -2.94
C TYR B 408 -3.30 3.58 -4.34
N VAL B 409 -2.52 4.35 -5.08
CA VAL B 409 -2.86 4.72 -6.43
C VAL B 409 -2.97 3.50 -7.35
N GLY B 410 -2.03 2.57 -7.20
CA GLY B 410 -2.02 1.37 -8.02
C GLY B 410 -3.19 0.43 -7.71
N GLU B 411 -3.89 0.69 -6.62
CA GLU B 411 -5.03 -0.13 -6.23
C GLU B 411 -6.31 0.39 -6.88
N GLY B 412 -6.24 1.58 -7.44
CA GLY B 412 -7.39 2.17 -8.10
C GLY B 412 -7.85 3.46 -7.44
N MET B 413 -6.91 4.23 -6.91
CA MET B 413 -7.23 5.50 -6.27
C MET B 413 -6.42 6.62 -6.91
N GLU B 414 -7.07 7.75 -7.15
CA GLU B 414 -6.41 8.89 -7.78
C GLU B 414 -5.99 9.88 -6.71
N GLU B 415 -5.25 10.91 -7.12
CA GLU B 415 -4.81 11.95 -6.18
C GLU B 415 -6.01 12.63 -5.55
N GLY B 416 -7.12 12.65 -6.28
CA GLY B 416 -8.34 13.27 -5.79
C GLY B 416 -8.86 12.59 -4.54
N GLU B 417 -8.51 11.33 -4.36
CA GLU B 417 -8.95 10.57 -3.19
C GLU B 417 -8.09 10.94 -1.97
N PHE B 418 -7.04 11.72 -2.21
CA PHE B 418 -6.15 12.14 -1.15
C PHE B 418 -6.23 13.66 -0.95
N SER B 419 -6.01 14.41 -2.02
CA SER B 419 -6.05 15.86 -1.97
C SER B 419 -7.42 16.40 -1.53
N GLU B 420 -8.49 15.89 -2.13
CA GLU B 420 -9.84 16.33 -1.78
C GLU B 420 -10.19 15.91 -0.35
N ALA B 421 -9.68 14.76 0.06
CA ALA B 421 -9.91 14.26 1.41
C ALA B 421 -9.18 15.12 2.43
N ARG B 422 -7.98 15.54 2.05
CA ARG B 422 -7.13 16.38 2.88
C ARG B 422 -7.86 17.68 3.23
N GLU B 423 -8.49 18.27 2.22
CA GLU B 423 -9.24 19.51 2.41
C GLU B 423 -10.51 19.26 3.19
N ASP B 424 -11.18 18.15 2.88
CA ASP B 424 -12.42 17.79 3.54
C ASP B 424 -12.23 17.58 5.03
N MET B 425 -11.20 16.82 5.38
CA MET B 425 -10.90 16.55 6.79
C MET B 425 -10.46 17.82 7.50
N ALA B 426 -9.80 18.71 6.76
CA ALA B 426 -9.33 19.97 7.33
C ALA B 426 -10.51 20.84 7.77
N ALA B 427 -11.66 20.62 7.15
CA ALA B 427 -12.86 21.38 7.50
C ALA B 427 -13.36 21.00 8.89
N LEU B 428 -12.97 19.82 9.34
CA LEU B 428 -13.37 19.35 10.67
C LEU B 428 -12.62 20.12 11.75
N GLU B 429 -11.36 20.46 11.46
CA GLU B 429 -10.54 21.22 12.39
C GLU B 429 -11.15 22.61 12.55
N LYS B 430 -11.77 23.09 11.48
CA LYS B 430 -12.41 24.38 11.49
C LYS B 430 -13.79 24.26 12.14
N ASP B 431 -14.42 23.11 11.93
CA ASP B 431 -15.75 22.83 12.48
C ASP B 431 -15.71 22.97 14.00
N TYR B 432 -14.84 22.20 14.64
CA TYR B 432 -14.70 22.25 16.10
C TYR B 432 -14.29 23.64 16.54
N GLU B 433 -13.47 24.29 15.72
CA GLU B 433 -12.97 25.64 16.01
C GLU B 433 -14.10 26.66 16.05
N GLU B 434 -15.15 26.40 15.29
CA GLU B 434 -16.29 27.31 15.24
C GLU B 434 -17.38 26.91 16.22
N VAL B 435 -17.64 25.60 16.29
CA VAL B 435 -18.65 25.08 17.22
C VAL B 435 -18.19 25.37 18.64
N GLY B 436 -16.89 25.30 18.82
CA GLY B 436 -16.31 25.56 20.10
C GLY B 436 -15.50 26.84 20.12
N VAL B 437 -15.01 27.21 21.30
CA VAL B 437 -14.18 28.39 21.49
C VAL B 437 -14.96 29.71 21.41
N ASP B 438 -15.69 29.91 20.30
CA ASP B 438 -16.46 31.13 20.10
C ASP B 438 -17.58 31.26 21.14
N SER B 439 -17.76 32.49 21.64
CA SER B 439 -18.78 32.75 22.65
C SER B 439 -20.15 32.98 22.00
N ARG C 2 -2.49 -17.63 0.92
CA ARG C 2 -1.26 -16.85 0.98
C ARG C 2 -0.09 -17.69 0.48
N GLU C 3 -0.39 -18.58 -0.45
CA GLU C 3 0.60 -19.48 -1.05
C GLU C 3 1.63 -18.71 -1.86
N ILE C 4 2.87 -19.19 -1.85
CA ILE C 4 3.96 -18.56 -2.59
C ILE C 4 4.83 -19.63 -3.25
N VAL C 5 5.43 -19.29 -4.38
CA VAL C 5 6.31 -20.21 -5.06
C VAL C 5 7.75 -19.79 -4.82
N HIS C 6 8.63 -20.75 -4.65
CA HIS C 6 10.03 -20.46 -4.41
C HIS C 6 10.82 -20.87 -5.65
N ILE C 7 11.71 -20.00 -6.11
CA ILE C 7 12.51 -20.30 -7.29
C ILE C 7 14.00 -20.12 -7.02
N GLN C 8 14.78 -21.15 -7.35
CA GLN C 8 16.21 -21.12 -7.17
C GLN C 8 16.87 -20.93 -8.54
N ALA C 9 17.65 -19.87 -8.69
CA ALA C 9 18.29 -19.60 -9.96
C ALA C 9 19.80 -19.52 -9.84
N GLY C 10 20.49 -20.41 -10.56
CA GLY C 10 21.94 -20.41 -10.56
C GLY C 10 22.52 -21.23 -9.44
N GLN C 11 23.83 -21.40 -9.49
CA GLN C 11 24.58 -22.15 -8.49
C GLN C 11 24.31 -21.62 -7.08
N CYS C 12 24.42 -20.30 -6.93
CA CYS C 12 24.19 -19.66 -5.64
C CYS C 12 22.77 -19.94 -5.15
N GLY C 13 21.80 -19.73 -6.03
CA GLY C 13 20.41 -19.96 -5.68
C GLY C 13 20.15 -21.41 -5.33
N ASN C 14 20.76 -22.30 -6.10
CA ASN C 14 20.62 -23.74 -5.88
C ASN C 14 21.18 -24.13 -4.52
N GLN C 15 22.40 -23.70 -4.25
CA GLN C 15 23.06 -24.00 -2.98
C GLN C 15 22.28 -23.46 -1.79
N ILE C 16 21.85 -22.21 -1.89
CA ILE C 16 21.09 -21.59 -0.81
C ILE C 16 19.72 -22.26 -0.66
N GLY C 17 19.10 -22.57 -1.79
CA GLY C 17 17.81 -23.23 -1.78
C GLY C 17 17.87 -24.56 -1.05
N ALA C 18 18.94 -25.30 -1.30
CA ALA C 18 19.15 -26.60 -0.66
C ALA C 18 19.24 -26.44 0.85
N LYS C 19 19.78 -25.30 1.29
CA LYS C 19 19.93 -25.02 2.71
C LYS C 19 18.61 -24.50 3.29
N PHE C 20 17.91 -23.69 2.50
CA PHE C 20 16.63 -23.13 2.92
C PHE C 20 15.64 -24.26 3.22
N TRP C 21 15.50 -25.18 2.28
CA TRP C 21 14.59 -26.30 2.43
C TRP C 21 15.12 -27.31 3.45
N GLU C 22 16.33 -27.07 3.91
CA GLU C 22 16.95 -27.94 4.91
C GLU C 22 16.64 -27.37 6.30
N VAL C 23 16.24 -26.10 6.33
CA VAL C 23 15.91 -25.42 7.58
C VAL C 23 14.39 -25.34 7.76
N ILE C 24 13.70 -24.86 6.74
CA ILE C 24 12.25 -24.72 6.79
C ILE C 24 11.55 -26.07 6.99
N SER C 25 12.24 -27.16 6.65
CA SER C 25 11.69 -28.48 6.81
C SER C 25 11.43 -28.78 8.28
N ASP C 26 12.29 -28.25 9.14
CA ASP C 26 12.15 -28.45 10.57
C ASP C 26 11.15 -27.44 11.14
N GLU C 27 11.07 -26.29 10.47
CA GLU C 27 10.14 -25.24 10.87
C GLU C 27 8.69 -25.70 10.67
N HIS C 28 8.47 -26.45 9.59
CA HIS C 28 7.15 -26.98 9.30
C HIS C 28 7.00 -28.39 9.85
N GLY C 29 8.13 -29.05 10.10
CA GLY C 29 8.11 -30.39 10.64
C GLY C 29 7.79 -31.43 9.57
N ILE C 30 8.56 -31.43 8.50
CA ILE C 30 8.35 -32.38 7.41
C ILE C 30 9.68 -33.04 7.04
N ASP C 31 9.69 -34.37 7.01
CA ASP C 31 10.88 -35.12 6.67
C ASP C 31 11.11 -35.10 5.15
N PRO C 32 12.32 -35.48 4.67
CA PRO C 32 12.66 -35.51 3.23
C PRO C 32 11.51 -36.04 2.38
N THR C 33 11.06 -37.23 2.70
CA THR C 33 9.95 -37.84 1.98
C THR C 33 8.92 -38.32 2.98
N GLY C 34 8.93 -37.68 4.15
CA GLY C 34 8.02 -38.03 5.20
C GLY C 34 6.86 -37.06 5.30
N SER C 35 5.97 -37.32 6.25
CA SER C 35 4.82 -36.48 6.45
C SER C 35 5.04 -35.42 7.53
N TYR C 36 3.96 -35.00 8.15
CA TYR C 36 4.00 -33.98 9.19
C TYR C 36 4.51 -34.58 10.50
N HIS C 37 5.79 -34.40 10.75
CA HIS C 37 6.42 -34.92 11.97
C HIS C 37 6.73 -33.75 12.90
N GLY C 38 6.01 -32.65 12.70
CA GLY C 38 6.21 -31.47 13.53
C GLY C 38 5.81 -31.71 14.97
N ASP C 39 6.42 -30.95 15.88
CA ASP C 39 6.14 -31.09 17.30
C ASP C 39 4.76 -30.54 17.62
N SER C 40 4.45 -29.38 17.08
CA SER C 40 3.16 -28.75 17.27
C SER C 40 2.25 -29.09 16.09
N ASP C 41 1.00 -28.65 16.13
CA ASP C 41 0.07 -28.90 15.02
C ASP C 41 -0.35 -27.62 14.33
N LEU C 42 0.15 -26.49 14.82
CA LEU C 42 -0.18 -25.19 14.25
C LEU C 42 0.57 -24.96 12.94
N GLN C 43 1.66 -25.68 12.75
CA GLN C 43 2.48 -25.54 11.55
C GLN C 43 1.80 -26.17 10.34
N LEU C 44 0.99 -27.20 10.59
CA LEU C 44 0.27 -27.91 9.54
C LEU C 44 -0.76 -27.03 8.84
N GLU C 45 -1.41 -26.16 9.60
CA GLU C 45 -2.44 -25.29 9.06
C GLU C 45 -1.91 -24.25 8.08
N ARG C 46 -0.59 -24.21 7.88
CA ARG C 46 0.01 -23.25 6.97
C ARG C 46 1.07 -23.87 6.07
N ILE C 47 0.94 -25.17 5.80
CA ILE C 47 1.91 -25.85 4.93
C ILE C 47 1.60 -25.65 3.45
N ASN C 48 0.42 -25.12 3.15
CA ASN C 48 0.00 -24.91 1.78
C ASN C 48 0.73 -23.73 1.14
N VAL C 49 1.41 -22.94 1.96
CA VAL C 49 2.13 -21.78 1.47
C VAL C 49 3.32 -22.17 0.60
N TYR C 50 3.98 -23.27 0.95
CA TYR C 50 5.15 -23.71 0.20
C TYR C 50 5.06 -25.16 -0.27
N TYR C 51 4.05 -25.89 0.18
CA TYR C 51 3.92 -27.28 -0.21
C TYR C 51 2.63 -27.55 -0.98
N ASN C 52 2.70 -28.50 -1.91
CA ASN C 52 1.55 -28.88 -2.71
C ASN C 52 0.99 -30.22 -2.23
N GLU C 53 -0.31 -30.25 -1.95
CA GLU C 53 -0.97 -31.46 -1.48
C GLU C 53 -0.94 -32.54 -2.55
N ALA C 54 -0.22 -33.63 -2.27
CA ALA C 54 -0.09 -34.71 -3.24
C ALA C 54 -0.60 -36.05 -2.72
N ALA C 55 0.32 -36.91 -2.27
CA ALA C 55 -0.03 -38.23 -1.78
C ALA C 55 -0.37 -38.28 -0.29
N GLY C 56 -0.68 -37.12 0.28
CA GLY C 56 -1.03 -37.07 1.70
C GLY C 56 0.19 -37.13 2.60
N ASN C 57 0.97 -38.20 2.47
CA ASN C 57 2.18 -38.37 3.27
C ASN C 57 3.32 -37.57 2.68
N LYS C 58 3.41 -37.57 1.35
CA LYS C 58 4.47 -36.86 0.66
C LYS C 58 4.09 -35.42 0.40
N TYR C 59 4.70 -34.50 1.14
CA TYR C 59 4.46 -33.08 0.97
C TYR C 59 5.52 -32.52 0.03
N VAL C 60 5.14 -32.26 -1.21
CA VAL C 60 6.07 -31.75 -2.19
C VAL C 60 6.19 -30.23 -2.17
N PRO C 61 7.41 -29.73 -1.98
CA PRO C 61 7.68 -28.30 -1.94
C PRO C 61 7.55 -27.66 -3.32
N ARG C 62 6.80 -26.56 -3.38
CA ARG C 62 6.59 -25.86 -4.62
C ARG C 62 7.76 -24.92 -4.91
N ALA C 63 8.88 -25.52 -5.28
CA ALA C 63 10.09 -24.79 -5.58
C ALA C 63 10.60 -25.18 -6.96
N ILE C 64 10.97 -24.19 -7.73
CA ILE C 64 11.49 -24.42 -9.07
C ILE C 64 12.99 -24.13 -9.09
N LEU C 65 13.78 -25.15 -9.34
CA LEU C 65 15.23 -25.00 -9.37
C LEU C 65 15.73 -24.99 -10.81
N VAL C 66 16.30 -23.87 -11.22
CA VAL C 66 16.83 -23.70 -12.57
C VAL C 66 18.34 -23.50 -12.52
N ASP C 67 19.06 -24.40 -13.16
CA ASP C 67 20.53 -24.31 -13.19
C ASP C 67 21.05 -24.72 -14.56
N LEU C 68 22.20 -24.15 -14.93
CA LEU C 68 22.82 -24.46 -16.20
C LEU C 68 23.89 -25.52 -16.02
N GLU C 69 24.27 -25.74 -14.76
CA GLU C 69 25.27 -26.73 -14.43
C GLU C 69 24.59 -27.97 -13.83
N PRO C 70 24.44 -29.04 -14.63
CA PRO C 70 23.78 -30.28 -14.19
C PRO C 70 24.44 -30.86 -12.95
N GLY C 71 25.76 -30.76 -12.88
CA GLY C 71 26.49 -31.29 -11.75
C GLY C 71 26.10 -30.60 -10.44
N THR C 72 25.96 -29.29 -10.50
CA THR C 72 25.59 -28.50 -9.33
C THR C 72 24.20 -28.89 -8.82
N MET C 73 23.25 -28.98 -9.75
CA MET C 73 21.88 -29.37 -9.40
C MET C 73 21.84 -30.82 -8.92
N ASP C 74 22.67 -31.65 -9.52
CA ASP C 74 22.72 -33.06 -9.16
C ASP C 74 23.25 -33.29 -7.76
N SER C 75 24.24 -32.50 -7.33
CA SER C 75 24.79 -32.64 -5.99
C SER C 75 23.72 -32.39 -4.93
N VAL C 76 22.73 -31.57 -5.29
CA VAL C 76 21.63 -31.27 -4.39
C VAL C 76 20.68 -32.47 -4.33
N ARG C 77 20.37 -33.01 -5.51
CA ARG C 77 19.47 -34.16 -5.63
C ARG C 77 20.00 -35.37 -4.88
N SER C 78 21.32 -35.52 -4.81
CA SER C 78 21.93 -36.64 -4.13
C SER C 78 22.38 -36.25 -2.73
N GLY C 79 21.87 -35.13 -2.22
CA GLY C 79 22.23 -34.66 -0.91
C GLY C 79 21.20 -35.02 0.14
N PRO C 80 21.03 -34.17 1.17
CA PRO C 80 20.06 -34.41 2.25
C PRO C 80 18.62 -34.21 1.78
N PHE C 81 18.24 -32.98 1.52
CA PHE C 81 16.88 -32.67 1.06
C PHE C 81 16.86 -32.41 -0.44
N GLY C 82 17.30 -33.38 -1.21
CA GLY C 82 17.32 -33.23 -2.65
C GLY C 82 16.28 -34.10 -3.32
N GLN C 83 15.86 -35.15 -2.62
CA GLN C 83 14.85 -36.06 -3.15
C GLN C 83 13.45 -35.57 -2.79
N ILE C 84 13.38 -34.54 -1.97
CA ILE C 84 12.11 -33.98 -1.55
C ILE C 84 11.43 -33.24 -2.72
N PHE C 85 12.25 -32.78 -3.66
CA PHE C 85 11.76 -32.06 -4.82
C PHE C 85 11.27 -33.02 -5.90
N ARG C 86 10.28 -32.58 -6.66
CA ARG C 86 9.74 -33.38 -7.74
C ARG C 86 10.54 -33.11 -9.01
N PRO C 87 10.86 -34.17 -9.78
CA PRO C 87 11.63 -34.06 -11.02
C PRO C 87 11.02 -33.06 -12.01
N ASP C 88 9.71 -32.88 -11.93
CA ASP C 88 9.00 -31.94 -12.81
C ASP C 88 9.45 -30.51 -12.58
N ASN C 89 9.96 -30.22 -11.39
CA ASN C 89 10.41 -28.88 -11.05
C ASN C 89 11.92 -28.72 -11.25
N PHE C 90 12.53 -29.75 -11.85
CA PHE C 90 13.95 -29.72 -12.11
C PHE C 90 14.22 -29.17 -13.51
N VAL C 91 14.61 -27.91 -13.58
CA VAL C 91 14.89 -27.28 -14.87
C VAL C 91 16.39 -27.13 -15.05
N PHE C 92 17.00 -28.14 -15.64
CA PHE C 92 18.44 -28.11 -15.88
C PHE C 92 18.73 -27.85 -17.35
N GLY C 93 19.70 -26.99 -17.60
CA GLY C 93 20.07 -26.67 -18.96
C GLY C 93 21.47 -27.14 -19.26
N GLN C 94 21.59 -28.34 -19.83
CA GLN C 94 22.88 -28.92 -20.16
C GLN C 94 23.47 -28.25 -21.42
N SER C 95 23.68 -26.95 -21.33
CA SER C 95 24.23 -26.18 -22.42
C SER C 95 25.50 -25.46 -21.95
N GLY C 96 25.82 -24.36 -22.61
CA GLY C 96 27.00 -23.60 -22.23
C GLY C 96 26.86 -22.91 -20.89
N ALA C 97 27.15 -23.63 -19.82
CA ALA C 97 27.06 -23.09 -18.47
C ALA C 97 28.26 -22.21 -18.16
N GLY C 98 28.29 -21.04 -18.77
CA GLY C 98 29.38 -20.13 -18.56
C GLY C 98 28.95 -18.94 -17.74
N ASN C 99 29.83 -18.48 -16.85
CA ASN C 99 29.54 -17.33 -16.00
C ASN C 99 29.49 -16.07 -16.84
N ASN C 100 28.32 -15.81 -17.42
CA ASN C 100 28.11 -14.66 -18.27
C ASN C 100 26.63 -14.31 -18.30
N TRP C 101 26.32 -13.06 -17.96
CA TRP C 101 24.94 -12.58 -17.96
C TRP C 101 24.26 -12.78 -19.31
N ALA C 102 24.91 -12.30 -20.37
CA ALA C 102 24.38 -12.41 -21.72
C ALA C 102 24.20 -13.86 -22.16
N LYS C 103 25.18 -14.69 -21.83
CA LYS C 103 25.13 -16.10 -22.19
C LYS C 103 23.98 -16.81 -21.50
N GLY C 104 23.77 -16.50 -20.23
CA GLY C 104 22.70 -17.11 -19.48
C GLY C 104 21.38 -16.38 -19.60
N HIS C 105 21.31 -15.43 -20.52
CA HIS C 105 20.08 -14.66 -20.72
C HIS C 105 19.60 -14.74 -22.16
N TYR C 106 20.47 -14.41 -23.09
CA TYR C 106 20.11 -14.42 -24.51
C TYR C 106 20.38 -15.76 -25.19
N THR C 107 21.63 -16.21 -25.12
CA THR C 107 22.04 -17.45 -25.78
C THR C 107 21.37 -18.70 -25.19
N GLU C 108 21.98 -19.26 -24.16
CA GLU C 108 21.49 -20.49 -23.53
C GLU C 108 20.40 -20.19 -22.51
N GLY C 109 20.16 -18.92 -22.25
CA GLY C 109 19.16 -18.54 -21.28
C GLY C 109 17.74 -18.66 -21.81
N ALA C 110 17.41 -17.84 -22.80
CA ALA C 110 16.08 -17.80 -23.39
C ALA C 110 15.54 -19.18 -23.76
N GLU C 111 16.39 -20.04 -24.33
CA GLU C 111 15.97 -21.37 -24.74
C GLU C 111 15.40 -22.18 -23.58
N LEU C 112 16.00 -22.05 -22.41
CA LEU C 112 15.56 -22.78 -21.24
C LEU C 112 14.41 -22.07 -20.54
N VAL C 113 14.37 -20.75 -20.69
CA VAL C 113 13.31 -19.94 -20.07
C VAL C 113 11.91 -20.43 -20.45
N ASP C 114 11.73 -20.80 -21.70
CA ASP C 114 10.45 -21.32 -22.18
C ASP C 114 10.01 -22.52 -21.36
N SER C 115 10.96 -23.40 -21.08
CA SER C 115 10.70 -24.59 -20.30
C SER C 115 10.39 -24.23 -18.84
N VAL C 116 11.09 -23.22 -18.34
CA VAL C 116 10.89 -22.76 -16.96
C VAL C 116 9.49 -22.16 -16.81
N LEU C 117 9.09 -21.34 -17.77
CA LEU C 117 7.79 -20.69 -17.75
C LEU C 117 6.65 -21.70 -17.65
N ASP C 118 6.80 -22.83 -18.32
CA ASP C 118 5.78 -23.86 -18.30
C ASP C 118 5.63 -24.42 -16.90
N VAL C 119 6.76 -24.62 -16.22
CA VAL C 119 6.77 -25.15 -14.88
C VAL C 119 6.21 -24.14 -13.88
N VAL C 120 6.71 -22.91 -13.96
CA VAL C 120 6.26 -21.85 -13.05
C VAL C 120 4.77 -21.55 -13.22
N ARG C 121 4.28 -21.58 -14.46
CA ARG C 121 2.87 -21.31 -14.74
C ARG C 121 2.01 -22.42 -14.15
N LYS C 122 2.59 -23.61 -14.04
CA LYS C 122 1.90 -24.75 -13.48
C LYS C 122 1.88 -24.65 -11.97
N GLU C 123 2.96 -24.15 -11.40
CA GLU C 123 3.09 -23.99 -9.96
C GLU C 123 2.19 -22.88 -9.44
N SER C 124 2.04 -21.81 -10.22
CA SER C 124 1.18 -20.69 -9.83
C SER C 124 -0.29 -21.09 -9.92
N GLU C 125 -0.63 -21.83 -10.97
CA GLU C 125 -1.99 -22.27 -11.16
C GLU C 125 -2.25 -23.59 -10.46
N SER C 126 -1.97 -23.62 -9.16
CA SER C 126 -2.17 -24.82 -8.36
C SER C 126 -3.55 -24.81 -7.73
N CYS C 127 -3.66 -24.20 -6.55
CA CYS C 127 -4.93 -24.12 -5.84
C CYS C 127 -5.01 -22.83 -5.03
N ASP C 128 -6.22 -22.44 -4.66
CA ASP C 128 -6.47 -21.23 -3.88
C ASP C 128 -5.92 -19.97 -4.58
N CYS C 129 -5.40 -19.03 -3.80
CA CYS C 129 -4.87 -17.80 -4.36
C CYS C 129 -3.39 -17.63 -4.02
N LEU C 130 -2.58 -17.44 -5.06
CA LEU C 130 -1.15 -17.27 -4.89
C LEU C 130 -0.83 -15.82 -4.53
N GLN C 131 0.16 -15.61 -3.69
CA GLN C 131 0.54 -14.27 -3.27
C GLN C 131 1.71 -13.71 -4.08
N GLY C 132 2.83 -14.42 -4.10
CA GLY C 132 3.98 -13.92 -4.82
C GLY C 132 4.94 -15.00 -5.27
N PHE C 133 6.16 -14.58 -5.58
CA PHE C 133 7.19 -15.50 -6.05
C PHE C 133 8.54 -15.15 -5.42
N GLN C 134 9.05 -16.04 -4.57
CA GLN C 134 10.33 -15.82 -3.91
C GLN C 134 11.45 -16.33 -4.82
N LEU C 135 12.53 -15.58 -4.92
CA LEU C 135 13.66 -15.99 -5.76
C LEU C 135 14.99 -15.85 -5.05
N THR C 136 15.89 -16.79 -5.32
CA THR C 136 17.23 -16.79 -4.74
C THR C 136 18.24 -16.92 -5.87
N HIS C 137 19.15 -15.96 -5.99
CA HIS C 137 20.14 -16.01 -7.06
C HIS C 137 21.43 -15.27 -6.69
N SER C 138 22.40 -15.36 -7.59
CA SER C 138 23.70 -14.71 -7.43
C SER C 138 23.74 -13.44 -8.29
N LEU C 139 24.61 -12.51 -7.93
CA LEU C 139 24.73 -11.27 -8.70
C LEU C 139 25.91 -11.32 -9.66
N GLY C 140 26.89 -12.18 -9.34
CA GLY C 140 28.07 -12.32 -10.18
C GLY C 140 28.16 -13.70 -10.80
N GLY C 141 27.04 -14.19 -11.31
CA GLY C 141 27.02 -15.50 -11.94
C GLY C 141 26.41 -15.48 -13.33
N GLY C 142 26.23 -16.64 -13.92
CA GLY C 142 25.64 -16.71 -15.23
C GLY C 142 24.18 -17.09 -15.14
N THR C 143 23.90 -18.16 -14.40
CA THR C 143 22.54 -18.62 -14.24
C THR C 143 21.78 -17.75 -13.24
N GLY C 144 22.46 -17.39 -12.17
CA GLY C 144 21.84 -16.57 -11.14
C GLY C 144 21.47 -15.18 -11.61
N SER C 145 22.45 -14.44 -12.10
CA SER C 145 22.24 -13.08 -12.56
C SER C 145 21.54 -13.00 -13.91
N GLY C 146 21.88 -13.92 -14.82
CA GLY C 146 21.30 -13.89 -16.15
C GLY C 146 19.92 -14.54 -16.22
N MET C 147 19.89 -15.86 -16.09
CA MET C 147 18.64 -16.62 -16.18
C MET C 147 17.59 -16.13 -15.19
N GLY C 148 18.00 -15.92 -13.95
CA GLY C 148 17.08 -15.45 -12.93
C GLY C 148 16.44 -14.12 -13.29
N THR C 149 17.24 -13.25 -13.89
CA THR C 149 16.76 -11.93 -14.30
C THR C 149 15.66 -12.04 -15.36
N LEU C 150 15.79 -12.99 -16.27
CA LEU C 150 14.79 -13.17 -17.31
C LEU C 150 13.55 -13.83 -16.73
N LEU C 151 13.77 -14.70 -15.76
CA LEU C 151 12.69 -15.39 -15.08
C LEU C 151 11.74 -14.40 -14.42
N ILE C 152 12.31 -13.44 -13.68
CA ILE C 152 11.52 -12.43 -13.01
C ILE C 152 10.84 -11.48 -14.00
N SER C 153 11.54 -11.18 -15.10
CA SER C 153 11.00 -10.30 -16.13
C SER C 153 9.73 -10.88 -16.75
N LYS C 154 9.73 -12.19 -16.96
CA LYS C 154 8.60 -12.87 -17.56
C LYS C 154 7.47 -13.05 -16.53
N ILE C 155 7.86 -13.33 -15.29
CA ILE C 155 6.89 -13.53 -14.21
C ILE C 155 6.08 -12.27 -13.94
N ARG C 156 6.76 -11.12 -13.86
CA ARG C 156 6.09 -9.85 -13.60
C ARG C 156 5.19 -9.46 -14.78
N GLU C 157 5.50 -10.01 -15.94
CA GLU C 157 4.75 -9.76 -17.15
C GLU C 157 3.47 -10.60 -17.15
N GLU C 158 3.58 -11.80 -16.60
CA GLU C 158 2.47 -12.73 -16.54
C GLU C 158 1.53 -12.40 -15.38
N TYR C 159 2.10 -12.24 -14.20
CA TYR C 159 1.31 -11.94 -13.01
C TYR C 159 1.75 -10.63 -12.35
N PRO C 160 1.27 -9.48 -12.86
CA PRO C 160 1.61 -8.17 -12.30
C PRO C 160 0.82 -7.90 -11.04
N ASP C 161 -0.16 -8.75 -10.78
CA ASP C 161 -1.02 -8.64 -9.61
C ASP C 161 -0.34 -9.22 -8.38
N ARG C 162 0.71 -9.99 -8.60
CA ARG C 162 1.43 -10.62 -7.51
C ARG C 162 2.73 -9.87 -7.22
N ILE C 163 3.27 -10.07 -6.03
CA ILE C 163 4.50 -9.40 -5.65
C ILE C 163 5.68 -10.34 -5.80
N MET C 164 6.88 -9.79 -5.86
CA MET C 164 8.08 -10.60 -5.99
C MET C 164 9.10 -10.23 -4.93
N ASN C 165 9.63 -11.25 -4.26
CA ASN C 165 10.64 -11.05 -3.22
C ASN C 165 11.90 -11.78 -3.63
N THR C 166 12.96 -11.03 -3.87
CA THR C 166 14.21 -11.60 -4.30
C THR C 166 15.31 -11.54 -3.24
N PHE C 167 16.01 -12.65 -3.08
CA PHE C 167 17.13 -12.75 -2.15
C PHE C 167 18.38 -12.90 -3.01
N SER C 168 19.22 -11.89 -3.02
CA SER C 168 20.41 -11.94 -3.85
C SER C 168 21.70 -11.66 -3.09
N VAL C 169 22.70 -12.51 -3.31
CA VAL C 169 24.00 -12.34 -2.69
C VAL C 169 24.83 -11.43 -3.60
N VAL C 170 25.16 -10.25 -3.12
CA VAL C 170 25.91 -9.30 -3.92
C VAL C 170 27.40 -9.66 -3.94
N PRO C 171 28.13 -9.16 -4.96
CA PRO C 171 29.57 -9.41 -5.11
C PRO C 171 30.37 -8.89 -3.93
N SER C 172 31.14 -9.76 -3.32
CA SER C 172 31.98 -9.40 -2.17
C SER C 172 32.93 -8.26 -2.53
N PRO C 173 32.73 -7.08 -1.92
CA PRO C 173 33.56 -5.90 -2.17
C PRO C 173 35.05 -6.09 -1.82
N LYS C 174 35.35 -6.69 -0.67
CA LYS C 174 36.74 -6.87 -0.27
C LYS C 174 37.46 -7.91 -1.12
N VAL C 175 36.81 -9.05 -1.36
CA VAL C 175 37.40 -10.11 -2.17
C VAL C 175 36.36 -10.70 -3.11
N SER C 176 36.29 -10.18 -4.32
CA SER C 176 35.33 -10.68 -5.31
C SER C 176 35.61 -12.14 -5.65
N ASP C 177 34.55 -12.93 -5.73
CA ASP C 177 34.67 -14.36 -6.01
C ASP C 177 34.70 -14.62 -7.51
N THR C 178 34.24 -13.65 -8.28
CA THR C 178 34.21 -13.77 -9.72
C THR C 178 34.99 -12.62 -10.37
N VAL C 179 35.61 -12.88 -11.51
CA VAL C 179 36.38 -11.86 -12.21
C VAL C 179 35.43 -10.91 -12.95
N VAL C 180 34.45 -11.48 -13.63
CA VAL C 180 33.46 -10.70 -14.36
C VAL C 180 32.25 -10.39 -13.47
N GLU C 181 32.51 -10.38 -12.18
CA GLU C 181 31.46 -10.12 -11.18
C GLU C 181 30.74 -8.78 -11.38
N PRO C 182 31.46 -7.63 -11.43
CA PRO C 182 30.83 -6.32 -11.62
C PRO C 182 30.05 -6.23 -12.94
N TYR C 183 30.55 -6.92 -13.94
CA TYR C 183 29.93 -6.93 -15.26
C TYR C 183 28.55 -7.59 -15.20
N ASN C 184 28.45 -8.65 -14.41
CA ASN C 184 27.18 -9.37 -14.27
C ASN C 184 26.27 -8.66 -13.28
N ALA C 185 26.87 -8.09 -12.24
CA ALA C 185 26.14 -7.40 -11.19
C ALA C 185 25.31 -6.23 -11.72
N THR C 186 25.96 -5.32 -12.45
CA THR C 186 25.28 -4.15 -13.00
C THR C 186 24.13 -4.54 -13.93
N LEU C 187 24.30 -5.63 -14.66
CA LEU C 187 23.26 -6.10 -15.57
C LEU C 187 22.10 -6.75 -14.83
N SER C 188 22.41 -7.53 -13.80
CA SER C 188 21.38 -8.22 -13.03
C SER C 188 20.56 -7.25 -12.18
N VAL C 189 21.24 -6.29 -11.57
CA VAL C 189 20.56 -5.29 -10.74
C VAL C 189 19.61 -4.43 -11.57
N HIS C 190 19.88 -4.34 -12.87
CA HIS C 190 19.05 -3.56 -13.77
C HIS C 190 17.64 -4.12 -13.85
N GLN C 191 17.53 -5.39 -14.22
CA GLN C 191 16.24 -6.04 -14.32
C GLN C 191 15.58 -6.16 -12.96
N LEU C 192 16.40 -6.26 -11.91
CA LEU C 192 15.90 -6.36 -10.55
C LEU C 192 15.03 -5.16 -10.20
N VAL C 193 15.60 -3.97 -10.30
CA VAL C 193 14.88 -2.75 -9.96
C VAL C 193 13.71 -2.48 -10.91
N GLU C 194 13.83 -2.93 -12.17
CA GLU C 194 12.80 -2.78 -13.17
C GLU C 194 11.69 -3.84 -13.06
N ASN C 195 11.82 -4.87 -12.19
CA ASN C 195 10.89 -6.01 -12.17
C ASN C 195 10.37 -6.36 -10.78
N THR C 196 11.26 -6.82 -9.92
CA THR C 196 10.87 -7.23 -8.58
C THR C 196 10.44 -6.05 -7.70
N ASP C 197 9.66 -6.35 -6.66
CA ASP C 197 9.16 -5.32 -5.76
C ASP C 197 9.98 -5.27 -4.48
N GLU C 198 10.43 -6.44 -4.02
CA GLU C 198 11.22 -6.52 -2.80
C GLU C 198 12.51 -7.30 -3.07
N THR C 199 13.60 -6.86 -2.45
CA THR C 199 14.89 -7.53 -2.62
C THR C 199 15.77 -7.38 -1.38
N TYR C 200 16.31 -8.50 -0.93
CA TYR C 200 17.19 -8.52 0.23
C TYR C 200 18.62 -8.77 -0.23
N CYS C 201 19.55 -7.97 0.25
CA CYS C 201 20.94 -8.10 -0.14
C CYS C 201 21.75 -8.81 0.94
N ILE C 202 22.50 -9.82 0.51
CA ILE C 202 23.34 -10.58 1.41
C ILE C 202 24.79 -10.49 0.94
N ASP C 203 25.69 -10.06 1.81
CA ASP C 203 27.10 -9.93 1.45
C ASP C 203 27.90 -11.14 1.89
N ASN C 204 28.91 -11.49 1.09
CA ASN C 204 29.76 -12.63 1.37
C ASN C 204 30.55 -12.47 2.66
N GLU C 205 31.40 -11.45 2.73
CA GLU C 205 32.23 -11.22 3.91
C GLU C 205 31.41 -10.78 5.11
N ALA C 206 30.21 -10.26 4.86
CA ALA C 206 29.34 -9.82 5.94
C ALA C 206 29.00 -11.02 6.81
N LEU C 207 28.61 -12.10 6.15
CA LEU C 207 28.27 -13.34 6.84
C LEU C 207 29.49 -13.88 7.57
N TYR C 208 30.65 -13.70 6.95
CA TYR C 208 31.91 -14.15 7.53
C TYR C 208 32.20 -13.41 8.83
N ASP C 209 32.03 -12.09 8.80
CA ASP C 209 32.27 -11.25 9.96
C ASP C 209 31.32 -11.59 11.10
N ILE C 210 30.04 -11.77 10.76
CA ILE C 210 29.03 -12.12 11.76
C ILE C 210 29.33 -13.48 12.39
N CYS C 211 29.75 -14.43 11.56
CA CYS C 211 30.07 -15.78 12.03
C CYS C 211 31.46 -15.81 12.68
N PHE C 212 32.08 -14.65 12.80
CA PHE C 212 33.40 -14.55 13.40
C PHE C 212 33.33 -13.81 14.72
N ARG C 213 32.61 -12.69 14.74
CA ARG C 213 32.48 -11.88 15.95
C ARG C 213 31.31 -12.31 16.82
N THR C 214 30.12 -12.35 16.24
CA THR C 214 28.92 -12.72 16.96
C THR C 214 28.92 -14.21 17.24
N LEU C 215 29.12 -14.98 16.19
CA LEU C 215 29.19 -16.43 16.32
C LEU C 215 30.64 -16.84 16.39
N LYS C 216 30.93 -17.90 17.12
CA LYS C 216 32.28 -18.37 17.26
C LYS C 216 32.54 -19.56 16.35
N LEU C 217 32.53 -19.30 15.06
CA LEU C 217 32.74 -20.33 14.05
C LEU C 217 34.10 -20.14 13.39
N THR C 218 35.04 -20.99 13.76
CA THR C 218 36.40 -20.93 13.22
C THR C 218 36.41 -21.32 11.74
N THR C 219 35.41 -22.08 11.31
CA THR C 219 35.33 -22.51 9.92
C THR C 219 33.92 -22.29 9.36
N PRO C 220 33.62 -21.06 8.91
CA PRO C 220 32.32 -20.70 8.35
C PRO C 220 32.25 -21.02 6.87
N THR C 221 31.99 -22.28 6.54
CA THR C 221 31.88 -22.70 5.16
C THR C 221 30.57 -22.19 4.56
N TYR C 222 30.36 -22.39 3.26
CA TYR C 222 29.13 -21.94 2.62
C TYR C 222 27.91 -22.57 3.26
N GLY C 223 28.03 -23.83 3.65
CA GLY C 223 26.92 -24.51 4.30
C GLY C 223 26.56 -23.84 5.61
N ASP C 224 27.52 -23.18 6.22
CA ASP C 224 27.31 -22.48 7.48
C ASP C 224 26.72 -21.11 7.22
N LEU C 225 27.26 -20.42 6.23
CA LEU C 225 26.80 -19.09 5.87
C LEU C 225 25.39 -19.13 5.31
N ASN C 226 25.16 -20.00 4.33
CA ASN C 226 23.85 -20.16 3.71
C ASN C 226 22.81 -20.52 4.75
N HIS C 227 23.18 -21.33 5.78
CA HIS C 227 22.27 -21.72 6.83
C HIS C 227 21.69 -20.48 7.47
N LEU C 228 22.56 -19.49 7.77
CA LEU C 228 22.09 -18.29 8.43
C LEU C 228 21.11 -17.55 7.54
N VAL C 229 21.44 -17.46 6.26
CA VAL C 229 20.60 -16.78 5.28
C VAL C 229 19.23 -17.44 5.22
N SER C 230 19.22 -18.76 5.25
CA SER C 230 17.98 -19.52 5.18
C SER C 230 17.15 -19.37 6.46
N ALA C 231 17.71 -18.72 7.47
CA ALA C 231 16.98 -18.50 8.72
C ALA C 231 16.28 -17.15 8.71
N THR C 232 16.85 -16.21 7.98
CA THR C 232 16.27 -14.87 7.88
C THR C 232 15.02 -14.90 7.00
N MET C 233 15.10 -15.62 5.90
CA MET C 233 13.99 -15.74 4.95
C MET C 233 12.77 -16.39 5.59
N SER C 234 12.99 -17.22 6.60
CA SER C 234 11.89 -17.89 7.29
C SER C 234 11.06 -16.86 8.05
N GLY C 235 11.73 -15.86 8.61
CA GLY C 235 11.04 -14.84 9.36
C GLY C 235 10.23 -13.94 8.45
N VAL C 236 10.70 -13.80 7.22
CA VAL C 236 10.03 -12.96 6.24
C VAL C 236 8.87 -13.72 5.57
N THR C 237 9.00 -15.03 5.48
CA THR C 237 7.97 -15.84 4.84
C THR C 237 7.11 -16.63 5.83
N THR C 238 7.63 -17.78 6.29
CA THR C 238 6.91 -18.67 7.20
C THR C 238 6.42 -17.96 8.46
N CYS C 239 7.29 -17.18 9.09
CA CYS C 239 6.94 -16.47 10.31
C CYS C 239 5.76 -15.51 10.11
N LEU C 240 5.56 -15.09 8.87
CA LEU C 240 4.47 -14.17 8.54
C LEU C 240 3.28 -14.92 7.95
N ARG C 241 3.25 -16.23 8.17
CA ARG C 241 2.14 -17.04 7.67
C ARG C 241 1.28 -17.49 8.84
N PHE C 242 1.91 -17.65 9.98
CA PHE C 242 1.23 -18.10 11.20
C PHE C 242 0.61 -16.90 11.93
N PRO C 243 -0.35 -17.17 12.83
CA PRO C 243 -1.03 -16.12 13.60
C PRO C 243 -0.12 -15.47 14.63
N GLY C 244 -0.56 -14.34 15.18
CA GLY C 244 0.22 -13.63 16.18
C GLY C 244 -0.56 -12.50 16.80
N GLN C 245 0.11 -11.70 17.61
CA GLN C 245 -0.52 -10.57 18.27
C GLN C 245 -0.69 -9.44 17.26
N LEU C 246 0.15 -9.48 16.23
CA LEU C 246 0.14 -8.50 15.16
C LEU C 246 0.68 -9.16 13.91
N ASN C 247 -0.23 -9.56 13.02
CA ASN C 247 0.16 -10.25 11.79
C ASN C 247 0.61 -9.28 10.69
N ALA C 248 1.46 -9.81 9.82
CA ALA C 248 2.00 -9.06 8.69
C ALA C 248 2.30 -10.02 7.55
N ASP C 249 2.56 -9.48 6.37
CA ASP C 249 2.86 -10.31 5.21
C ASP C 249 3.61 -9.48 4.17
N LEU C 250 3.77 -10.02 2.96
CA LEU C 250 4.49 -9.32 1.89
C LEU C 250 3.78 -8.02 1.54
N ARG C 251 2.46 -8.03 1.55
CA ARG C 251 1.69 -6.84 1.24
C ARG C 251 1.90 -5.80 2.33
N LYS C 252 1.77 -6.24 3.58
CA LYS C 252 1.97 -5.35 4.72
C LYS C 252 3.38 -4.81 4.73
N LEU C 253 4.34 -5.67 4.40
CA LEU C 253 5.75 -5.31 4.36
C LEU C 253 6.04 -4.30 3.26
N ALA C 254 5.77 -4.68 2.01
CA ALA C 254 6.03 -3.82 0.86
C ALA C 254 5.43 -2.42 1.05
N VAL C 255 4.17 -2.36 1.45
CA VAL C 255 3.49 -1.07 1.66
C VAL C 255 4.10 -0.26 2.80
N ASN C 256 4.81 -0.93 3.70
CA ASN C 256 5.43 -0.26 4.83
C ASN C 256 6.95 -0.39 4.77
N MET C 257 7.49 -0.50 3.56
CA MET C 257 8.94 -0.62 3.37
C MET C 257 9.41 0.07 2.10
N VAL C 258 8.66 -0.12 1.03
CA VAL C 258 8.99 0.49 -0.26
C VAL C 258 8.27 1.83 -0.39
N PRO C 259 8.98 2.94 -0.19
CA PRO C 259 8.38 4.28 -0.24
C PRO C 259 8.17 4.82 -1.66
N PHE C 260 8.79 4.20 -2.65
CA PHE C 260 8.65 4.66 -4.04
C PHE C 260 8.67 3.46 -4.99
N PRO C 261 8.33 3.66 -6.29
CA PRO C 261 8.32 2.57 -7.27
C PRO C 261 9.73 2.30 -7.80
N ARG C 262 10.70 2.24 -6.90
CA ARG C 262 12.08 1.99 -7.29
C ARG C 262 12.61 0.74 -6.60
N LEU C 263 11.68 -0.11 -6.15
CA LEU C 263 12.03 -1.37 -5.48
C LEU C 263 12.63 -1.16 -4.09
N HIS C 264 13.84 -0.61 -4.05
CA HIS C 264 14.58 -0.38 -2.80
C HIS C 264 15.09 -1.67 -2.19
N PHE C 265 16.38 -1.69 -1.88
CA PHE C 265 17.01 -2.87 -1.33
C PHE C 265 17.05 -2.84 0.19
N PHE C 266 16.55 -3.90 0.80
CA PHE C 266 16.49 -4.01 2.25
C PHE C 266 17.65 -4.84 2.77
N MET C 267 18.11 -4.52 3.97
CA MET C 267 19.20 -5.25 4.60
C MET C 267 18.63 -6.13 5.71
N PRO C 268 18.90 -7.44 5.68
CA PRO C 268 18.41 -8.39 6.67
C PRO C 268 19.32 -8.56 7.89
N GLY C 269 18.71 -8.98 9.00
CA GLY C 269 19.44 -9.21 10.23
C GLY C 269 18.72 -10.22 11.11
N PHE C 270 19.40 -10.72 12.14
CA PHE C 270 18.81 -11.71 13.03
C PHE C 270 19.00 -11.32 14.50
N ALA C 271 17.90 -11.29 15.24
CA ALA C 271 17.94 -10.92 16.65
C ALA C 271 18.63 -11.95 17.56
N PRO C 272 18.23 -13.24 17.52
CA PRO C 272 18.84 -14.27 18.36
C PRO C 272 20.13 -14.81 17.75
N LEU C 273 21.15 -13.97 17.72
CA LEU C 273 22.44 -14.37 17.15
C LEU C 273 23.51 -14.47 18.23
N THR C 274 23.73 -15.67 18.73
CA THR C 274 24.72 -15.93 19.77
C THR C 274 25.40 -17.27 19.52
N SER C 275 26.42 -17.60 20.32
CA SER C 275 27.11 -18.86 20.19
C SER C 275 26.30 -20.01 20.79
N ARG C 276 26.87 -21.21 20.80
CA ARG C 276 26.19 -22.38 21.33
C ARG C 276 26.06 -22.38 22.85
N GLY C 277 27.12 -22.79 23.54
CA GLY C 277 27.08 -22.85 24.98
C GLY C 277 27.82 -21.72 25.68
N SER C 278 28.90 -21.26 25.07
CA SER C 278 29.70 -20.18 25.65
C SER C 278 28.87 -18.91 25.80
N GLN C 279 28.18 -18.52 24.74
CA GLN C 279 27.37 -17.30 24.77
C GLN C 279 25.93 -17.60 25.20
N GLN C 280 25.74 -18.72 25.88
CA GLN C 280 24.41 -19.10 26.36
C GLN C 280 24.04 -18.26 27.57
N TYR C 281 23.68 -17.01 27.31
CA TYR C 281 23.30 -16.10 28.36
C TYR C 281 21.78 -16.00 28.44
N ARG C 282 21.15 -16.37 27.33
CA ARG C 282 19.69 -16.34 27.22
C ARG C 282 19.15 -14.94 27.39
N ALA C 283 19.99 -13.95 27.07
CA ALA C 283 19.62 -12.55 27.18
C ALA C 283 18.79 -12.14 25.98
N LEU C 284 17.54 -12.56 25.99
CA LEU C 284 16.62 -12.25 24.91
C LEU C 284 15.28 -11.82 25.49
N THR C 285 15.26 -10.67 26.15
CA THR C 285 14.04 -10.15 26.70
C THR C 285 13.38 -9.22 25.69
N VAL C 286 13.92 -8.01 25.55
CA VAL C 286 13.41 -7.02 24.60
C VAL C 286 14.53 -6.11 24.10
N PRO C 287 15.17 -5.31 24.99
CA PRO C 287 16.25 -4.39 24.59
C PRO C 287 17.44 -5.10 23.96
N GLU C 288 17.69 -6.32 24.37
CA GLU C 288 18.80 -7.10 23.84
C GLU C 288 18.59 -7.43 22.37
N LEU C 289 17.33 -7.58 21.98
CA LEU C 289 16.99 -7.89 20.60
C LEU C 289 17.18 -6.67 19.73
N THR C 290 16.75 -5.52 20.24
CA THR C 290 16.87 -4.26 19.51
C THR C 290 18.35 -3.91 19.35
N GLN C 291 19.13 -4.21 20.40
CA GLN C 291 20.55 -3.93 20.39
C GLN C 291 21.26 -4.82 19.37
N GLN C 292 20.67 -5.99 19.11
CA GLN C 292 21.24 -6.92 18.15
C GLN C 292 20.81 -6.59 16.74
N MET C 293 19.51 -6.36 16.56
CA MET C 293 18.95 -6.05 15.25
C MET C 293 19.47 -4.72 14.70
N PHE C 294 19.58 -3.72 15.55
CA PHE C 294 20.06 -2.40 15.13
C PHE C 294 21.55 -2.26 15.36
N ASP C 295 22.30 -3.30 15.04
CA ASP C 295 23.74 -3.30 15.22
C ASP C 295 24.45 -3.12 13.88
N ALA C 296 25.39 -2.20 13.84
CA ALA C 296 26.13 -1.91 12.62
C ALA C 296 27.05 -3.07 12.21
N LYS C 297 27.21 -4.05 13.07
CA LYS C 297 28.06 -5.20 12.78
C LYS C 297 27.27 -6.50 12.87
N ASN C 298 25.95 -6.40 12.66
CA ASN C 298 25.09 -7.58 12.70
C ASN C 298 24.26 -7.64 11.42
N MET C 299 24.51 -6.70 10.52
CA MET C 299 23.78 -6.64 9.26
C MET C 299 24.41 -7.61 8.27
N MET C 300 23.55 -8.31 7.52
CA MET C 300 24.01 -9.27 6.54
C MET C 300 24.43 -8.60 5.23
N ALA C 301 24.83 -7.34 5.34
CA ALA C 301 25.28 -6.55 4.20
C ALA C 301 26.55 -5.80 4.58
N ALA C 302 27.36 -5.46 3.59
CA ALA C 302 28.61 -4.73 3.83
C ALA C 302 28.33 -3.30 4.25
N CYS C 303 27.25 -2.73 3.73
CA CYS C 303 26.88 -1.37 4.07
C CYS C 303 26.34 -1.31 5.50
N ASP C 304 26.94 -0.47 6.32
CA ASP C 304 26.52 -0.32 7.71
C ASP C 304 25.45 0.76 7.85
N PRO C 305 24.53 0.59 8.81
CA PRO C 305 23.43 1.54 9.06
C PRO C 305 23.90 2.96 9.40
N ARG C 306 25.14 3.10 9.83
CA ARG C 306 25.68 4.40 10.20
C ARG C 306 26.02 5.22 8.96
N HIS C 307 26.23 4.54 7.84
CA HIS C 307 26.58 5.20 6.58
C HIS C 307 25.33 5.66 5.83
N GLY C 308 24.25 5.91 6.55
CA GLY C 308 23.03 6.35 5.92
C GLY C 308 21.93 6.56 6.93
N ARG C 309 20.70 6.67 6.44
CA ARG C 309 19.55 6.84 7.30
C ARG C 309 18.50 5.78 6.99
N TYR C 310 17.77 5.38 8.02
CA TYR C 310 16.72 4.37 7.88
C TYR C 310 15.50 4.98 7.21
N LEU C 311 15.13 4.46 6.05
CA LEU C 311 13.96 4.96 5.33
C LEU C 311 12.70 4.34 5.93
N THR C 312 12.72 3.03 6.05
CA THR C 312 11.60 2.28 6.61
C THR C 312 12.12 0.99 7.20
N VAL C 313 11.71 0.66 8.42
CA VAL C 313 12.18 -0.54 9.09
C VAL C 313 11.03 -1.47 9.43
N ALA C 314 11.24 -2.75 9.21
CA ALA C 314 10.24 -3.76 9.52
C ALA C 314 10.73 -4.59 10.69
N ALA C 315 9.86 -4.77 11.68
CA ALA C 315 10.21 -5.56 12.86
C ALA C 315 9.36 -6.82 12.91
N VAL C 316 9.91 -7.92 12.43
CA VAL C 316 9.19 -9.19 12.42
C VAL C 316 9.57 -10.05 13.61
N PHE C 317 8.88 -9.86 14.72
CA PHE C 317 9.14 -10.63 15.92
C PHE C 317 8.36 -11.94 15.90
N ARG C 318 8.87 -12.95 16.59
CA ARG C 318 8.20 -14.24 16.65
C ARG C 318 8.38 -14.89 18.01
N GLY C 319 7.28 -15.00 18.73
CA GLY C 319 7.31 -15.60 20.06
C GLY C 319 6.39 -14.87 21.00
N ARG C 320 6.28 -15.37 22.22
CA ARG C 320 5.42 -14.74 23.22
C ARG C 320 6.14 -13.57 23.89
N MET C 321 5.56 -12.39 23.77
CA MET C 321 6.14 -11.18 24.37
C MET C 321 5.09 -10.08 24.48
N SER C 322 5.42 -9.06 25.25
CA SER C 322 4.51 -7.94 25.46
C SER C 322 4.59 -6.97 24.29
N MET C 323 3.45 -6.68 23.68
CA MET C 323 3.39 -5.76 22.56
C MET C 323 3.86 -4.37 22.97
N LYS C 324 3.44 -3.95 24.16
CA LYS C 324 3.82 -2.64 24.68
C LYS C 324 5.33 -2.55 24.87
N GLU C 325 5.95 -3.64 25.31
CA GLU C 325 7.40 -3.65 25.53
C GLU C 325 8.16 -3.51 24.23
N VAL C 326 7.68 -4.18 23.18
CA VAL C 326 8.32 -4.12 21.88
C VAL C 326 8.23 -2.71 21.29
N ASP C 327 7.02 -2.20 21.20
CA ASP C 327 6.79 -0.86 20.64
C ASP C 327 7.46 0.23 21.47
N GLU C 328 7.47 0.06 22.79
CA GLU C 328 8.10 1.03 23.67
C GLU C 328 9.59 1.11 23.40
N GLN C 329 10.20 -0.05 23.21
CA GLN C 329 11.63 -0.12 22.93
C GLN C 329 11.94 0.47 21.56
N MET C 330 11.02 0.28 20.62
CA MET C 330 11.19 0.81 19.27
C MET C 330 11.24 2.32 19.31
N LEU C 331 10.37 2.92 20.13
CA LEU C 331 10.32 4.36 20.28
C LEU C 331 11.66 4.87 20.81
N ASN C 332 12.22 4.12 21.75
CA ASN C 332 13.52 4.46 22.34
C ASN C 332 14.59 4.52 21.26
N VAL C 333 14.60 3.51 20.39
CA VAL C 333 15.57 3.45 19.30
C VAL C 333 15.38 4.58 18.31
N GLN C 334 14.12 4.85 17.96
CA GLN C 334 13.80 5.91 17.00
C GLN C 334 14.13 7.29 17.57
N ASN C 335 14.17 7.39 18.89
CA ASN C 335 14.49 8.66 19.55
C ASN C 335 15.99 8.84 19.73
N LYS C 336 16.67 7.77 20.13
CA LYS C 336 18.11 7.81 20.35
C LYS C 336 18.89 7.95 19.05
N ASN C 337 18.41 7.29 18.01
CA ASN C 337 19.07 7.32 16.70
C ASN C 337 18.27 8.13 15.70
N SER C 338 17.58 9.15 16.20
CA SER C 338 16.75 10.01 15.38
C SER C 338 17.51 10.67 14.23
N SER C 339 18.79 10.98 14.48
CA SER C 339 19.64 11.63 13.48
C SER C 339 19.66 10.89 12.14
N TYR C 340 19.63 9.57 12.19
CA TYR C 340 19.65 8.78 10.97
C TYR C 340 18.43 7.87 10.85
N PHE C 341 17.32 8.32 11.41
CA PHE C 341 16.09 7.53 11.36
C PHE C 341 15.05 8.24 10.49
N VAL C 342 15.52 9.16 9.65
CA VAL C 342 14.65 9.91 8.75
C VAL C 342 13.78 10.92 9.51
N GLU C 343 13.68 12.13 8.95
CA GLU C 343 12.89 13.19 9.58
C GLU C 343 11.67 13.56 8.76
N TRP C 344 11.35 12.77 7.74
CA TRP C 344 10.18 13.04 6.91
C TRP C 344 9.09 12.00 7.10
N ILE C 345 9.29 11.12 8.08
CA ILE C 345 8.33 10.08 8.42
C ILE C 345 8.23 9.97 9.94
N PRO C 346 7.01 10.16 10.50
CA PRO C 346 6.79 10.07 11.95
C PRO C 346 7.26 8.74 12.53
N ASN C 347 6.68 7.65 12.05
CA ASN C 347 7.05 6.32 12.51
C ASN C 347 7.59 5.52 11.32
N ASN C 348 8.85 5.14 11.40
CA ASN C 348 9.50 4.41 10.31
C ASN C 348 9.50 2.91 10.56
N VAL C 349 9.16 2.50 11.77
CA VAL C 349 9.17 1.09 12.10
C VAL C 349 7.77 0.49 12.23
N LYS C 350 7.46 -0.42 11.33
CA LYS C 350 6.17 -1.10 11.36
C LYS C 350 6.33 -2.42 12.12
N THR C 351 5.95 -2.40 13.38
CA THR C 351 6.06 -3.56 14.24
C THR C 351 5.17 -4.72 13.80
N ALA C 352 5.56 -5.92 14.21
CA ALA C 352 4.82 -7.15 13.91
C ALA C 352 5.28 -8.22 14.87
N VAL C 353 4.34 -8.93 15.49
CA VAL C 353 4.67 -9.97 16.46
C VAL C 353 3.94 -11.28 16.18
N CYS C 354 4.70 -12.30 15.82
CA CYS C 354 4.15 -13.62 15.55
C CYS C 354 3.96 -14.36 16.88
N ASP C 355 3.02 -15.28 16.94
CA ASP C 355 2.74 -16.01 18.17
C ASP C 355 3.46 -17.37 18.24
N ILE C 356 4.40 -17.60 17.34
CA ILE C 356 5.13 -18.87 17.35
C ILE C 356 6.63 -18.68 17.12
N PRO C 357 7.45 -19.12 18.09
CA PRO C 357 8.92 -19.04 18.02
C PRO C 357 9.50 -20.08 17.07
N PRO C 358 10.79 -19.95 16.71
CA PRO C 358 11.46 -20.88 15.79
C PRO C 358 11.87 -22.20 16.46
N ARG C 359 10.88 -23.00 16.82
CA ARG C 359 11.10 -24.31 17.44
C ARG C 359 11.98 -24.26 18.68
N GLY C 360 13.28 -24.56 18.51
CA GLY C 360 14.22 -24.60 19.62
C GLY C 360 14.74 -23.23 20.04
N LEU C 361 13.93 -22.21 19.81
CA LEU C 361 14.31 -20.85 20.17
C LEU C 361 13.14 -20.22 20.93
N LYS C 362 13.44 -19.53 22.01
CA LYS C 362 12.39 -18.90 22.82
C LYS C 362 11.97 -17.54 22.26
N MET C 363 12.93 -16.63 22.16
CA MET C 363 12.66 -15.29 21.66
C MET C 363 13.46 -15.03 20.39
N SER C 364 12.78 -14.56 19.34
CA SER C 364 13.45 -14.30 18.08
C SER C 364 12.75 -13.18 17.32
N ALA C 365 13.50 -12.56 16.42
CA ALA C 365 12.99 -11.47 15.60
C ALA C 365 13.81 -11.36 14.33
N THR C 366 13.14 -11.07 13.23
CA THR C 366 13.79 -10.91 11.95
C THR C 366 13.91 -9.42 11.62
N PHE C 367 15.13 -8.99 11.32
CA PHE C 367 15.37 -7.59 11.02
C PHE C 367 15.34 -7.31 9.52
N ILE C 368 14.51 -6.37 9.13
CA ILE C 368 14.40 -5.95 7.75
C ILE C 368 14.49 -4.43 7.73
N GLY C 369 15.61 -3.91 7.27
CA GLY C 369 15.77 -2.47 7.26
C GLY C 369 16.15 -1.89 5.92
N ASN C 370 15.30 -1.02 5.40
CA ASN C 370 15.57 -0.35 4.14
C ASN C 370 16.18 1.01 4.46
N SER C 371 17.49 1.10 4.36
CA SER C 371 18.19 2.33 4.66
C SER C 371 18.98 2.82 3.45
N THR C 372 19.28 4.12 3.44
CA THR C 372 20.01 4.72 2.33
C THR C 372 21.48 4.30 2.37
N ALA C 373 21.85 3.56 3.41
CA ALA C 373 23.21 3.07 3.58
C ALA C 373 23.60 2.13 2.44
N ILE C 374 22.59 1.52 1.82
CA ILE C 374 22.81 0.60 0.71
C ILE C 374 23.39 1.34 -0.50
N GLN C 375 23.32 2.67 -0.46
CA GLN C 375 23.85 3.52 -1.54
C GLN C 375 25.35 3.29 -1.71
N GLU C 376 26.03 3.04 -0.60
CA GLU C 376 27.48 2.81 -0.61
C GLU C 376 27.81 1.58 -1.44
N LEU C 377 26.96 0.55 -1.34
CA LEU C 377 27.15 -0.69 -2.07
C LEU C 377 27.04 -0.45 -3.57
N PHE C 378 26.00 0.27 -3.98
CA PHE C 378 25.78 0.57 -5.39
C PHE C 378 26.99 1.28 -5.97
N LYS C 379 27.42 2.34 -5.30
CA LYS C 379 28.57 3.11 -5.74
C LYS C 379 29.82 2.24 -5.82
N ARG C 380 29.92 1.28 -4.91
CA ARG C 380 31.05 0.36 -4.87
C ARG C 380 31.06 -0.56 -6.09
N ILE C 381 29.90 -1.14 -6.38
CA ILE C 381 29.77 -2.05 -7.51
C ILE C 381 29.95 -1.30 -8.83
N SER C 382 29.28 -0.15 -8.94
CA SER C 382 29.38 0.67 -10.14
C SER C 382 30.81 1.09 -10.41
N GLU C 383 31.54 1.45 -9.35
CA GLU C 383 32.94 1.87 -9.47
C GLU C 383 33.77 0.78 -10.14
N GLN C 384 33.62 -0.45 -9.66
CA GLN C 384 34.34 -1.59 -10.19
C GLN C 384 33.92 -1.88 -11.62
N PHE C 385 32.64 -1.65 -11.91
CA PHE C 385 32.11 -1.87 -13.24
C PHE C 385 32.76 -0.97 -14.28
N THR C 386 32.65 0.35 -14.07
CA THR C 386 33.22 1.31 -15.02
C THR C 386 34.73 1.15 -15.16
N ALA C 387 35.39 0.72 -14.09
CA ALA C 387 36.84 0.51 -14.10
C ALA C 387 37.24 -0.47 -15.20
N MET C 388 36.46 -1.53 -15.36
CA MET C 388 36.75 -2.51 -16.38
C MET C 388 35.98 -2.24 -17.67
N PHE C 389 34.83 -1.57 -17.53
CA PHE C 389 34.00 -1.23 -18.69
C PHE C 389 34.71 -0.22 -19.58
N ARG C 390 35.52 0.64 -18.96
CA ARG C 390 36.29 1.65 -19.69
C ARG C 390 37.27 0.98 -20.63
N ARG C 391 37.80 -0.18 -20.22
CA ARG C 391 38.75 -0.91 -21.03
C ARG C 391 38.06 -1.96 -21.88
N LYS C 392 36.86 -2.35 -21.46
CA LYS C 392 36.07 -3.36 -22.18
C LYS C 392 36.85 -4.67 -22.28
N ALA C 393 37.61 -4.95 -21.23
CA ALA C 393 38.44 -6.15 -21.17
C ALA C 393 37.64 -7.43 -21.42
N PHE C 394 36.58 -7.62 -20.66
CA PHE C 394 35.76 -8.82 -20.79
C PHE C 394 34.48 -8.55 -21.57
N LEU C 395 34.49 -7.54 -22.43
CA LEU C 395 33.31 -7.19 -23.22
C LEU C 395 33.04 -8.26 -24.28
N HIS C 396 34.10 -8.73 -24.93
CA HIS C 396 34.00 -9.74 -25.98
C HIS C 396 33.28 -11.02 -25.53
N TRP C 397 33.35 -11.32 -24.24
CA TRP C 397 32.69 -12.51 -23.70
C TRP C 397 31.18 -12.36 -23.77
N TYR C 398 30.72 -11.12 -23.82
CA TYR C 398 29.29 -10.82 -23.88
C TYR C 398 28.87 -10.52 -25.32
N THR C 399 29.73 -9.81 -26.04
CA THR C 399 29.45 -9.46 -27.43
C THR C 399 29.27 -10.70 -28.29
N GLY C 400 30.07 -11.73 -28.03
CA GLY C 400 29.97 -12.97 -28.78
C GLY C 400 28.67 -13.72 -28.52
N GLU C 401 28.01 -13.37 -27.44
CA GLU C 401 26.74 -14.01 -27.08
C GLU C 401 25.57 -13.27 -27.71
N GLY C 402 25.67 -11.94 -27.73
CA GLY C 402 24.62 -11.12 -28.29
C GLY C 402 24.26 -9.99 -27.35
N MET C 403 25.29 -9.32 -26.84
CA MET C 403 25.09 -8.22 -25.92
C MET C 403 25.43 -6.89 -26.57
N ASP C 404 24.45 -5.96 -26.55
CA ASP C 404 24.52 -4.63 -27.11
C ASP C 404 25.53 -3.85 -26.33
N GLU C 405 26.32 -2.99 -27.03
CA GLU C 405 27.23 -2.09 -26.33
C GLU C 405 26.45 -1.10 -25.47
N MET C 406 25.38 -0.58 -26.05
CA MET C 406 24.53 0.40 -25.37
C MET C 406 23.81 -0.23 -24.18
N GLU C 407 23.55 -1.55 -24.21
CA GLU C 407 22.88 -2.24 -23.14
C GLU C 407 23.67 -2.11 -21.87
N PHE C 408 24.99 -2.32 -21.93
CA PHE C 408 25.85 -2.25 -20.76
C PHE C 408 25.77 -0.86 -20.11
N THR C 409 25.92 0.17 -20.93
CA THR C 409 25.87 1.54 -20.46
C THR C 409 24.50 1.89 -19.89
N GLU C 410 23.42 1.31 -20.49
CA GLU C 410 22.07 1.57 -20.03
C GLU C 410 21.85 0.97 -18.67
N ALA C 411 22.34 -0.26 -18.43
CA ALA C 411 22.19 -0.93 -17.14
C ALA C 411 22.82 -0.08 -16.03
N GLU C 412 23.98 0.50 -16.33
CA GLU C 412 24.66 1.34 -15.36
C GLU C 412 23.90 2.65 -15.15
N SER C 413 23.33 3.26 -16.20
CA SER C 413 22.64 4.54 -16.13
C SER C 413 21.36 4.46 -15.32
N ASN C 414 20.68 3.32 -15.37
CA ASN C 414 19.51 3.13 -14.53
C ASN C 414 19.92 2.85 -13.09
N MET C 415 21.05 2.18 -12.94
CA MET C 415 21.58 1.85 -11.61
C MET C 415 22.01 3.13 -10.90
N ASN C 416 22.71 3.98 -11.64
CA ASN C 416 23.19 5.26 -11.12
C ASN C 416 22.02 6.17 -10.79
N ASP C 417 20.92 6.03 -11.56
CA ASP C 417 19.69 6.77 -11.41
C ASP C 417 19.17 6.53 -10.02
N LEU C 418 19.14 5.25 -9.61
CA LEU C 418 18.66 4.81 -8.31
C LEU C 418 19.52 5.41 -7.20
N VAL C 419 20.83 5.44 -7.45
CA VAL C 419 21.78 6.01 -6.50
C VAL C 419 21.51 7.48 -6.27
N SER C 420 21.21 8.19 -7.36
CA SER C 420 20.93 9.61 -7.29
C SER C 420 19.64 9.89 -6.52
N GLU C 421 18.59 9.13 -6.82
CA GLU C 421 17.30 9.31 -6.16
C GLU C 421 17.36 8.91 -4.68
N TYR C 422 18.17 7.90 -4.37
CA TYR C 422 18.33 7.44 -3.00
C TYR C 422 18.86 8.57 -2.13
N GLN C 423 19.74 9.37 -2.70
CA GLN C 423 20.34 10.49 -1.99
C GLN C 423 19.34 11.62 -1.77
N GLN C 424 18.37 11.75 -2.67
CA GLN C 424 17.35 12.78 -2.54
C GLN C 424 16.54 12.56 -1.28
N TYR C 425 16.26 11.30 -0.99
CA TYR C 425 15.49 10.92 0.19
C TYR C 425 16.39 10.78 1.41
N GLN C 426 17.69 10.75 1.16
CA GLN C 426 18.69 10.62 2.23
C GLN C 426 18.90 11.96 2.91
N ASP C 427 18.61 13.05 2.22
CA ASP C 427 18.79 14.38 2.78
C ASP C 427 17.46 14.98 3.20
MG MG D . -11.05 8.79 -26.92
PG ANP E . -12.85 8.65 -23.94
O1G ANP E . -13.77 7.50 -23.66
O2G ANP E . -11.86 8.22 -24.93
O3G ANP E . -12.09 8.95 -22.68
PB ANP E . -13.02 11.13 -25.44
O1B ANP E . -13.48 12.42 -24.94
O2B ANP E . -12.44 10.85 -26.68
N3B ANP E . -13.68 9.83 -24.73
PA ANP E . -14.50 11.23 -27.96
O1A ANP E . -15.24 10.08 -28.50
O2A ANP E . -14.26 12.46 -28.71
O3A ANP E . -14.39 11.34 -26.33
O5' ANP E . -16.00 11.81 -28.07
C5' ANP E . -16.91 12.29 -27.10
C4' ANP E . -18.29 12.09 -27.85
O4' ANP E . -18.88 13.41 -28.19
C3' ANP E . -18.30 11.44 -29.25
O3' ANP E . -19.58 10.85 -29.51
C2' ANP E . -17.93 12.62 -30.17
O2' ANP E . -18.32 12.35 -31.53
C1' ANP E . -18.70 13.75 -29.54
N9 ANP E . -18.00 15.08 -29.64
C8 ANP E . -16.92 15.52 -28.95
N7 ANP E . -16.57 16.75 -29.28
C5 ANP E . -17.42 17.14 -30.24
C6 ANP E . -17.53 18.37 -30.95
N6 ANP E . -16.79 19.39 -30.83
N1 ANP E . -18.58 18.37 -31.85
C2 ANP E . -19.45 17.31 -32.03
N3 ANP E . -19.35 16.17 -31.37
C4 ANP E . -18.32 16.14 -30.46
PG GTP F . -5.24 -4.89 7.96
O1G GTP F . -5.83 -5.06 6.55
O2G GTP F . -4.58 -6.16 8.46
O3G GTP F . -4.26 -3.74 7.80
O3B GTP F . -6.38 -4.58 9.12
PB GTP F . -6.09 -4.35 10.73
O1B GTP F . -6.73 -3.02 11.07
O2B GTP F . -6.49 -5.53 11.48
O3A GTP F . -4.60 -4.06 10.82
PA GTP F . -3.56 -4.01 11.94
O1A GTP F . -3.60 -5.21 12.78
O2A GTP F . -2.24 -3.70 11.31
O5' GTP F . -4.00 -2.67 12.79
C5' GTP F . -3.15 -2.42 13.90
C4' GTP F . -3.47 -1.22 14.73
O4' GTP F . -4.43 -1.56 15.77
C3' GTP F . -2.22 -0.79 15.45
O3' GTP F . -2.29 0.59 15.74
C2' GTP F . -2.24 -1.68 16.69
O2' GTP F . -1.52 -1.03 17.75
C1' GTP F . -3.74 -1.82 17.00
N9 GTP F . -4.16 -3.15 17.48
C8 GTP F . -4.00 -4.36 16.84
N7 GTP F . -4.47 -5.37 17.52
C5 GTP F . -4.96 -4.81 18.67
C6 GTP F . -5.58 -5.41 19.77
O6 GTP F . -5.81 -6.61 19.92
N1 GTP F . -5.95 -4.48 20.77
C2 GTP F . -5.73 -3.12 20.70
N2 GTP F . -6.14 -2.42 21.72
N3 GTP F . -5.14 -2.54 19.66
C4 GTP F . -4.79 -3.43 18.68
MG MG G . -5.32 -8.00 9.88
PB GDP H . 26.16 -19.26 -11.36
O1B GDP H . 24.79 -18.76 -11.54
O2B GDP H . 26.29 -20.48 -10.68
O3B GDP H . 26.90 -19.23 -12.82
O3A GDP H . 26.89 -18.21 -10.44
PA GDP H . 27.66 -18.42 -8.97
O1A GDP H . 26.64 -18.80 -7.94
O2A GDP H . 28.76 -19.44 -9.21
O5' GDP H . 28.14 -16.97 -8.68
C5' GDP H . 29.27 -16.72 -7.80
C4' GDP H . 28.98 -15.86 -6.65
O4' GDP H . 28.01 -16.56 -5.78
C3' GDP H . 30.18 -15.65 -5.65
O3' GDP H . 30.07 -14.25 -5.20
C2' GDP H . 29.99 -16.56 -4.43
O2' GDP H . 30.45 -16.12 -3.14
C1' GDP H . 28.48 -16.78 -4.39
N9 GDP H . 28.06 -18.12 -3.98
C8 GDP H . 28.28 -19.27 -4.91
N7 GDP H . 27.71 -20.21 -4.03
C5 GDP H . 27.24 -19.82 -2.86
C6 GDP H . 26.61 -20.24 -1.65
O6 GDP H . 26.32 -21.54 -1.55
N1 GDP H . 26.28 -19.41 -0.63
C2 GDP H . 26.60 -17.96 -0.77
N2 GDP H . 26.21 -17.36 0.33
N3 GDP H . 27.17 -17.53 -1.81
C4 GDP H . 27.46 -18.38 -2.82
O01 TA1 I . 22.52 -24.54 15.42
C01 TA1 I . 21.62 -23.79 16.25
C02 TA1 I . 22.38 -22.39 16.59
O02 TA1 I . 22.59 -21.82 15.25
C03 TA1 I . 23.91 -21.80 14.73
O03 TA1 I . 24.88 -22.19 15.34
C04 TA1 I . 23.98 -21.24 13.41
C05 TA1 I . 24.78 -22.07 12.51
C06 TA1 I . 24.90 -21.54 11.11
C07 TA1 I . 24.28 -20.33 10.72
C08 TA1 I . 23.61 -19.69 11.58
C09 TA1 I . 23.40 -20.05 12.93
C10 TA1 I . 21.60 -21.27 17.48
C11 TA1 I . 21.73 -19.77 16.92
O04 TA1 I . 21.10 -19.62 15.57
C12 TA1 I . 19.74 -19.72 15.39
O05 TA1 I . 18.93 -19.93 16.25
C13 TA1 I . 19.42 -19.50 13.92
C14 TA1 I . 23.12 -19.14 16.69
O06 TA1 I . 22.86 -18.03 17.57
C15 TA1 I . 21.53 -18.54 17.84
C16 TA1 I . 21.29 -18.77 19.37
C17 TA1 I . 20.94 -20.22 19.72
O07 TA1 I . 20.79 -20.33 21.16
C18 TA1 I . 21.97 -21.29 19.13
C19 TA1 I . 23.42 -20.83 19.45
C20 TA1 I . 21.84 -22.69 19.94
O08 TA1 I . 22.79 -23.07 20.60
C21 TA1 I . 20.57 -23.55 19.87
O09 TA1 I . 20.82 -24.76 20.71
C22 TA1 I . 20.10 -24.95 21.88
O10 TA1 I . 19.28 -24.21 22.31
C23 TA1 I . 20.52 -26.23 22.54
C24 TA1 I . 20.25 -23.92 18.42
C25 TA1 I . 19.07 -23.46 17.85
C26 TA1 I . 18.90 -23.74 16.32
O11 TA1 I . 17.84 -22.93 15.68
C27 TA1 I . 16.64 -23.46 15.59
O12 TA1 I . 16.28 -24.52 15.98
C28 TA1 I . 15.68 -22.47 14.85
O13 TA1 I . 14.42 -23.10 14.74
C29 TA1 I . 16.31 -22.13 13.48
N01 TA1 I . 16.60 -23.39 12.81
C30 TA1 I . 17.59 -23.52 11.90
O14 TA1 I . 18.29 -22.60 11.51
C31 TA1 I . 17.76 -24.92 11.38
C32 TA1 I . 16.76 -25.63 10.72
C33 TA1 I . 17.00 -26.96 10.28
C34 TA1 I . 18.25 -27.58 10.52
C35 TA1 I . 19.25 -26.87 11.16
C36 TA1 I . 19.04 -25.57 11.61
C37 TA1 I . 15.39 -21.19 12.66
C38 TA1 I . 15.59 -19.81 12.78
C39 TA1 I . 14.78 -18.89 12.07
C40 TA1 I . 13.76 -19.37 11.22
C41 TA1 I . 13.56 -20.74 11.10
C42 TA1 I . 14.38 -21.66 11.81
C43 TA1 I . 20.23 -23.45 15.52
C44 TA1 I . 18.00 -22.62 18.53
C45 TA1 I . 21.31 -24.76 17.55
C46 TA1 I . 20.64 -26.15 17.14
C47 TA1 I . 22.63 -25.21 18.22
N SER A 41 14.63 27.37 -20.47
CA SER A 41 13.68 26.31 -20.67
C SER A 41 12.61 26.81 -21.55
N GLU A 42 11.86 25.84 -22.11
CA GLU A 42 10.68 26.15 -22.84
C GLU A 42 9.59 25.72 -21.90
N LYS A 43 8.36 26.18 -22.12
CA LYS A 43 7.28 25.75 -21.30
C LYS A 43 6.41 24.90 -22.19
N VAL A 44 5.85 23.80 -21.63
CA VAL A 44 4.90 22.94 -22.32
C VAL A 44 3.73 23.85 -22.59
N LYS A 45 3.30 24.03 -23.86
CA LYS A 45 2.25 24.99 -24.10
C LYS A 45 0.98 24.38 -23.56
N VAL A 46 0.13 25.17 -22.95
CA VAL A 46 -1.09 24.63 -22.40
C VAL A 46 -2.32 25.12 -23.15
N TYR A 47 -3.15 24.18 -23.56
CA TYR A 47 -4.35 24.49 -24.29
C TYR A 47 -5.55 23.82 -23.67
N LEU A 48 -6.66 24.55 -23.58
CA LEU A 48 -7.89 24.00 -23.02
C LEU A 48 -9.01 24.13 -24.05
N ARG A 49 -9.87 23.12 -24.09
CA ARG A 49 -11.00 23.11 -25.00
C ARG A 49 -12.19 22.40 -24.36
N ILE A 50 -13.37 22.99 -24.49
CA ILE A 50 -14.57 22.40 -23.93
C ILE A 50 -15.46 21.83 -25.02
N ARG A 51 -16.22 20.80 -24.67
CA ARG A 51 -17.11 20.17 -25.62
C ARG A 51 -18.34 21.04 -25.86
N PRO A 52 -18.80 21.15 -27.13
CA PRO A 52 -19.98 21.95 -27.48
C PRO A 52 -21.28 21.31 -27.02
N PHE A 53 -22.33 22.11 -26.96
CA PHE A 53 -23.63 21.64 -26.54
C PHE A 53 -24.52 21.37 -27.74
N LEU A 54 -24.84 20.10 -27.97
CA LEU A 54 -25.69 19.71 -29.08
C LEU A 54 -27.14 19.60 -28.63
N THR A 55 -28.03 19.39 -29.58
CA THR A 55 -29.47 19.25 -29.30
C THR A 55 -29.74 18.07 -28.35
N SER A 56 -28.87 17.08 -28.39
CA SER A 56 -29.01 15.90 -27.54
C SER A 56 -28.85 16.25 -26.06
N GLU A 57 -27.75 16.93 -25.73
CA GLU A 57 -27.48 17.33 -24.36
C GLU A 57 -28.51 18.35 -23.88
N LEU A 58 -28.88 19.26 -24.78
CA LEU A 58 -29.86 20.29 -24.47
C LEU A 58 -31.21 19.65 -24.12
N ASP A 59 -31.53 18.56 -24.81
CA ASP A 59 -32.77 17.85 -24.57
C ASP A 59 -32.75 17.10 -23.25
N ARG A 60 -31.59 16.51 -22.93
CA ARG A 60 -31.42 15.75 -21.70
C ARG A 60 -31.47 16.67 -20.47
N GLN A 61 -30.78 17.80 -20.55
CA GLN A 61 -30.75 18.76 -19.45
C GLN A 61 -30.16 20.09 -19.91
N GLU A 62 -29.95 20.99 -18.96
CA GLU A 62 -29.38 22.30 -19.27
C GLU A 62 -27.95 22.17 -19.77
N ASP A 63 -27.15 21.34 -19.09
CA ASP A 63 -25.73 21.14 -19.44
C ASP A 63 -25.02 22.48 -19.56
N GLN A 64 -25.32 23.35 -18.59
CA GLN A 64 -24.77 24.69 -18.54
C GLN A 64 -23.26 24.64 -18.49
N GLY A 65 -22.62 25.49 -19.27
CA GLY A 65 -21.18 25.49 -19.26
C GLY A 65 -20.68 26.15 -18.00
N CYS A 66 -19.99 25.37 -17.19
CA CYS A 66 -19.43 25.86 -15.95
C CYS A 66 -18.17 26.63 -16.26
N VAL A 67 -17.49 26.20 -17.30
CA VAL A 67 -16.28 26.84 -17.73
C VAL A 67 -16.61 27.94 -18.72
N CYS A 68 -16.16 29.14 -18.44
CA CYS A 68 -16.38 30.28 -19.29
C CYS A 68 -15.08 30.59 -19.99
N ILE A 69 -15.16 31.13 -21.18
CA ILE A 69 -13.96 31.41 -21.93
C ILE A 69 -13.58 32.85 -21.70
N GLU A 70 -12.52 33.06 -20.94
CA GLU A 70 -12.09 34.40 -20.65
C GLU A 70 -10.79 34.63 -21.41
N ASN A 71 -10.82 35.48 -22.42
CA ASN A 71 -9.62 35.74 -23.21
C ASN A 71 -9.18 34.46 -23.97
N THR A 72 -8.31 34.61 -24.95
CA THR A 72 -7.85 33.46 -25.72
C THR A 72 -6.86 32.58 -24.92
N GLU A 73 -6.20 33.17 -23.93
CA GLU A 73 -5.21 32.46 -23.10
C GLU A 73 -5.67 31.93 -21.74
N THR A 74 -6.69 32.56 -21.16
CA THR A 74 -7.14 32.17 -19.83
C THR A 74 -8.62 31.73 -19.79
N LEU A 75 -9.06 31.26 -18.63
CA LEU A 75 -10.43 30.81 -18.47
C LEU A 75 -10.95 31.17 -17.09
N VAL A 76 -12.24 31.51 -16.99
CA VAL A 76 -12.84 31.79 -15.70
C VAL A 76 -13.75 30.62 -15.35
N LEU A 77 -13.54 30.00 -14.20
CA LEU A 77 -14.31 28.82 -13.84
C LEU A 77 -15.37 29.09 -12.79
N GLN A 78 -16.62 28.86 -13.18
CA GLN A 78 -17.74 28.98 -12.27
C GLN A 78 -18.53 27.68 -12.39
N ALA A 79 -18.20 26.71 -11.55
CA ALA A 79 -18.83 25.41 -11.62
C ALA A 79 -19.88 25.21 -10.56
N PRO A 80 -21.14 25.00 -10.97
CA PRO A 80 -22.22 24.73 -10.04
C PRO A 80 -22.12 23.31 -9.49
N GLN A 95 -21.27 27.25 -5.96
CA GLN A 95 -20.43 27.44 -7.12
C GLN A 95 -18.98 27.47 -6.69
N ALA A 96 -18.09 27.17 -7.62
CA ALA A 96 -16.68 27.16 -7.34
C ALA A 96 -16.00 28.13 -8.27
N THR A 97 -15.04 28.90 -7.75
CA THR A 97 -14.34 29.87 -8.57
C THR A 97 -12.88 29.43 -8.76
N HIS A 98 -12.43 29.47 -10.00
CA HIS A 98 -11.05 29.10 -10.34
C HIS A 98 -10.64 29.80 -11.64
N LYS A 99 -9.34 29.98 -11.85
CA LYS A 99 -8.86 30.63 -13.06
C LYS A 99 -7.84 29.73 -13.75
N PHE A 100 -8.02 29.50 -15.04
CA PHE A 100 -7.13 28.64 -15.79
C PHE A 100 -6.20 29.51 -16.62
N THR A 101 -4.90 29.38 -16.41
CA THR A 101 -3.93 30.17 -17.16
C THR A 101 -3.09 29.22 -18.01
N PHE A 102 -3.64 28.87 -19.16
CA PHE A 102 -3.02 27.90 -20.05
C PHE A 102 -2.07 28.49 -21.06
N SER A 103 -2.62 29.16 -22.06
CA SER A 103 -1.83 29.78 -23.18
C SER A 103 -2.78 30.05 -24.30
N GLN A 104 -3.53 29.02 -24.63
CA GLN A 104 -4.52 29.08 -25.66
C GLN A 104 -5.74 28.29 -25.24
N ILE A 105 -6.91 28.87 -25.45
CA ILE A 105 -8.19 28.20 -25.18
C ILE A 105 -9.23 28.55 -26.25
N PHE A 106 -9.94 27.55 -26.76
CA PHE A 106 -10.98 27.78 -27.75
C PHE A 106 -12.34 27.28 -27.24
N GLY A 107 -13.38 28.02 -27.55
CA GLY A 107 -14.71 27.66 -27.10
C GLY A 107 -15.33 26.50 -27.85
N PRO A 108 -16.63 26.25 -27.61
CA PRO A 108 -17.37 25.18 -28.28
C PRO A 108 -17.80 25.57 -29.69
N GLU A 109 -17.67 26.86 -29.98
CA GLU A 109 -18.04 27.41 -31.28
C GLU A 109 -17.07 26.99 -32.38
N VAL A 110 -15.79 27.10 -32.09
CA VAL A 110 -14.75 26.75 -33.06
C VAL A 110 -14.91 25.31 -33.56
N GLY A 111 -14.59 25.11 -34.83
CA GLY A 111 -14.69 23.79 -35.42
C GLY A 111 -13.50 22.93 -35.05
N GLN A 112 -13.43 21.73 -35.60
CA GLN A 112 -12.34 20.82 -35.30
C GLN A 112 -11.04 21.31 -35.94
N VAL A 113 -11.18 21.88 -37.12
CA VAL A 113 -10.03 22.41 -37.85
C VAL A 113 -9.43 23.59 -37.09
N ALA A 114 -10.28 24.34 -36.39
CA ALA A 114 -9.83 25.50 -35.62
C ALA A 114 -8.82 25.10 -34.55
N PHE A 115 -9.06 23.98 -33.89
CA PHE A 115 -8.15 23.46 -32.87
C PHE A 115 -6.77 23.25 -33.51
N PHE A 116 -6.76 22.61 -34.66
CA PHE A 116 -5.52 22.33 -35.38
C PHE A 116 -4.91 23.62 -35.95
N ASN A 117 -5.77 24.50 -36.41
CA ASN A 117 -5.35 25.74 -37.04
C ASN A 117 -4.40 26.55 -36.17
N LEU A 118 -4.75 26.72 -34.91
CA LEU A 118 -3.88 27.43 -33.99
C LEU A 118 -2.84 26.58 -33.26
N THR A 119 -3.31 25.54 -32.58
CA THR A 119 -2.44 24.68 -31.79
C THR A 119 -1.50 23.80 -32.63
N MET A 120 -2.06 23.09 -33.60
CA MET A 120 -1.25 22.19 -34.43
C MET A 120 -0.36 22.91 -35.44
N LYS A 121 -0.76 24.10 -35.87
CA LYS A 121 0.01 24.86 -36.86
C LYS A 121 1.42 25.19 -36.36
N GLU A 122 1.52 25.59 -35.09
CA GLU A 122 2.83 25.94 -34.53
C GLU A 122 3.76 24.73 -34.51
N MET A 123 3.17 23.55 -34.42
CA MET A 123 3.94 22.32 -34.44
C MET A 123 4.47 22.06 -35.83
N VAL A 124 3.61 22.25 -36.84
CA VAL A 124 3.97 22.04 -38.25
C VAL A 124 5.21 22.85 -38.61
N LYS A 125 5.34 24.02 -38.01
CA LYS A 125 6.48 24.89 -38.26
C LYS A 125 7.74 24.35 -37.59
N ASP A 126 7.57 23.75 -36.42
CA ASP A 126 8.70 23.20 -35.67
C ASP A 126 9.28 21.98 -36.36
N VAL A 127 8.43 21.21 -37.04
CA VAL A 127 8.88 20.03 -37.77
C VAL A 127 9.91 20.46 -38.80
N LEU A 128 9.68 21.63 -39.38
CA LEU A 128 10.59 22.19 -40.38
C LEU A 128 11.87 22.67 -39.69
N LYS A 129 11.73 23.11 -38.45
CA LYS A 129 12.85 23.57 -37.65
C LYS A 129 13.78 22.39 -37.39
N GLY A 130 13.21 21.20 -37.34
CA GLY A 130 13.99 20.01 -37.12
C GLY A 130 13.84 19.46 -35.73
N GLN A 131 13.13 20.18 -34.88
CA GLN A 131 12.92 19.73 -33.52
C GLN A 131 11.72 18.79 -33.43
N ASN A 132 11.80 17.85 -32.50
CA ASN A 132 10.74 16.89 -32.29
C ASN A 132 9.60 17.54 -31.51
N TRP A 133 8.38 17.08 -31.71
CA TRP A 133 7.25 17.63 -30.99
C TRP A 133 6.28 16.53 -30.60
N LEU A 134 5.68 16.68 -29.44
CA LEU A 134 4.73 15.71 -28.94
C LEU A 134 3.46 16.41 -28.52
N ILE A 135 2.33 15.94 -29.01
CA ILE A 135 1.05 16.52 -28.65
C ILE A 135 0.23 15.45 -27.98
N TYR A 136 -0.13 15.69 -26.73
CA TYR A 136 -0.91 14.72 -25.99
C TYR A 136 -2.25 15.31 -25.57
N THR A 137 -3.31 14.58 -25.85
CA THR A 137 -4.65 15.02 -25.52
C THR A 137 -5.02 14.43 -24.17
N TYR A 138 -5.28 15.31 -23.22
CA TYR A 138 -5.63 14.92 -21.88
C TYR A 138 -6.93 15.59 -21.50
N GLY A 139 -7.65 14.99 -20.56
CA GLY A 139 -8.90 15.57 -20.13
C GLY A 139 -9.82 14.52 -19.56
N VAL A 140 -10.97 14.96 -19.08
CA VAL A 140 -11.97 14.06 -18.50
C VAL A 140 -12.52 13.08 -19.52
N THR A 141 -13.23 12.08 -19.05
CA THR A 141 -13.83 11.07 -19.90
C THR A 141 -14.90 11.66 -20.80
N ASN A 142 -14.97 11.15 -22.02
CA ASN A 142 -15.94 11.57 -23.04
C ASN A 142 -16.04 13.09 -23.20
N SER A 143 -14.92 13.78 -23.07
CA SER A 143 -14.89 15.22 -23.23
C SER A 143 -14.79 15.59 -24.70
N GLY A 144 -14.47 14.59 -25.51
CA GLY A 144 -14.33 14.81 -26.93
C GLY A 144 -12.89 14.87 -27.38
N LYS A 145 -12.01 14.27 -26.60
CA LYS A 145 -10.57 14.27 -26.91
C LYS A 145 -10.29 13.54 -28.23
N THR A 146 -10.92 12.38 -28.41
CA THR A 146 -10.73 11.63 -29.65
C THR A 146 -11.31 12.41 -30.83
N TYR A 147 -12.32 13.23 -30.53
CA TYR A 147 -12.96 14.06 -31.54
C TYR A 147 -12.04 15.22 -31.92
N THR A 148 -11.34 15.78 -30.93
CA THR A 148 -10.43 16.87 -31.16
C THR A 148 -9.15 16.41 -31.85
N ILE A 149 -8.69 15.21 -31.49
CA ILE A 149 -7.48 14.66 -32.08
C ILE A 149 -7.72 14.06 -33.48
N GLN A 150 -8.76 13.26 -33.64
CA GLN A 150 -9.04 12.63 -34.92
C GLN A 150 -10.06 13.41 -35.74
N GLY A 151 -11.15 13.79 -35.12
CA GLY A 151 -12.19 14.54 -35.82
C GLY A 151 -12.94 13.68 -36.82
N THR A 152 -13.35 14.31 -37.92
CA THR A 152 -14.10 13.64 -38.98
C THR A 152 -13.52 14.03 -40.34
N SER A 153 -14.09 13.49 -41.42
CA SER A 153 -13.62 13.81 -42.76
C SER A 153 -13.82 15.28 -43.10
N LYS A 154 -15.00 15.82 -42.80
CA LYS A 154 -15.30 17.22 -43.05
C LYS A 154 -14.34 18.12 -42.27
N ASP A 155 -14.30 17.89 -40.97
CA ASP A 155 -13.44 18.66 -40.08
C ASP A 155 -12.47 17.71 -39.39
N ALA A 156 -11.26 17.62 -39.91
CA ALA A 156 -10.26 16.74 -39.35
C ALA A 156 -9.69 17.30 -38.06
N GLY A 157 -9.31 16.40 -37.17
CA GLY A 157 -8.74 16.80 -35.90
C GLY A 157 -7.29 17.23 -36.04
N ILE A 158 -6.66 17.51 -34.92
CA ILE A 158 -5.27 17.95 -34.92
C ILE A 158 -4.33 16.98 -35.60
N LEU A 159 -4.56 15.68 -35.42
CA LEU A 159 -3.70 14.66 -36.01
C LEU A 159 -3.84 14.59 -37.54
N PRO A 160 -5.03 14.28 -38.09
CA PRO A 160 -5.23 14.19 -39.55
C PRO A 160 -4.89 15.50 -40.25
N GLN A 161 -5.24 16.61 -39.63
CA GLN A 161 -4.95 17.92 -40.20
C GLN A 161 -3.47 18.23 -40.14
N SER A 162 -2.79 17.68 -39.14
CA SER A 162 -1.35 17.87 -39.00
C SER A 162 -0.68 17.28 -40.23
N LEU A 163 -1.12 16.07 -40.58
CA LEU A 163 -0.59 15.37 -41.74
C LEU A 163 -0.84 16.19 -43.00
N ALA A 164 -2.06 16.71 -43.13
CA ALA A 164 -2.44 17.50 -44.29
C ALA A 164 -1.49 18.68 -44.48
N LEU A 165 -1.21 19.39 -43.40
CA LEU A 165 -0.32 20.55 -43.47
C LEU A 165 1.15 20.15 -43.58
N ILE A 166 1.59 19.16 -42.80
CA ILE A 166 3.00 18.74 -42.84
C ILE A 166 3.38 18.15 -44.20
N PHE A 167 2.51 17.31 -44.75
CA PHE A 167 2.76 16.71 -46.06
C PHE A 167 2.68 17.76 -47.15
N ASN A 168 1.86 18.76 -46.92
CA ASN A 168 1.71 19.86 -47.87
C ASN A 168 2.99 20.70 -47.85
N SER A 169 3.56 20.83 -46.67
CA SER A 169 4.80 21.57 -46.49
C SER A 169 5.97 20.82 -47.14
N LEU A 170 5.89 19.50 -47.08
CA LEU A 170 6.93 18.66 -47.67
C LEU A 170 6.66 18.46 -49.16
N ILE A 276 15.26 19.51 -53.73
CA ILE A 276 15.15 19.28 -52.31
C ILE A 276 14.18 18.12 -52.06
N ARG A 277 14.71 17.01 -51.62
CA ARG A 277 13.91 15.84 -51.38
C ARG A 277 13.54 15.70 -49.92
N PHE A 278 12.29 15.34 -49.69
CA PHE A 278 11.78 15.14 -48.35
C PHE A 278 11.36 13.69 -48.19
N SER A 279 11.51 13.18 -46.98
CA SER A 279 11.14 11.83 -46.67
C SER A 279 10.38 11.80 -45.37
N VAL A 280 9.48 10.87 -45.22
CA VAL A 280 8.70 10.77 -44.01
C VAL A 280 8.43 9.31 -43.64
N TRP A 281 8.59 9.01 -42.37
CA TRP A 281 8.34 7.67 -41.87
C TRP A 281 7.07 7.72 -41.05
N ILE A 282 6.23 6.71 -41.21
CA ILE A 282 4.97 6.68 -40.49
C ILE A 282 4.88 5.48 -39.57
N SER A 283 4.41 5.72 -38.35
CA SER A 283 4.24 4.68 -37.37
C SER A 283 2.97 4.94 -36.56
N PHE A 284 2.12 3.94 -36.42
CA PHE A 284 0.88 4.07 -35.67
C PHE A 284 0.66 2.80 -34.87
N PHE A 285 0.49 2.94 -33.57
CA PHE A 285 0.31 1.80 -32.70
C PHE A 285 -0.62 2.11 -31.54
N GLU A 286 -1.10 1.07 -30.89
CA GLU A 286 -1.97 1.21 -29.75
C GLU A 286 -1.39 0.51 -28.53
N ILE A 287 -1.35 1.22 -27.41
CA ILE A 287 -0.81 0.67 -26.18
C ILE A 287 -1.96 0.23 -25.28
N TYR A 288 -2.24 -1.06 -25.29
CA TYR A 288 -3.32 -1.61 -24.50
C TYR A 288 -2.76 -2.44 -23.36
N ASN A 289 -3.12 -2.08 -22.13
CA ASN A 289 -2.66 -2.78 -20.93
C ASN A 289 -1.13 -2.72 -20.84
N GLU A 290 -0.59 -1.55 -21.20
CA GLU A 290 0.86 -1.31 -21.20
C GLU A 290 1.57 -2.17 -22.24
N LEU A 291 0.81 -2.71 -23.18
CA LEU A 291 1.36 -3.52 -24.26
C LEU A 291 1.33 -2.70 -25.54
N LEU A 292 2.41 -2.74 -26.31
CA LEU A 292 2.46 -1.98 -27.54
C LEU A 292 2.08 -2.85 -28.72
N TYR A 293 0.98 -2.50 -29.37
CA TYR A 293 0.49 -3.25 -30.52
C TYR A 293 0.55 -2.37 -31.76
N ASP A 294 1.18 -2.87 -32.83
CA ASP A 294 1.29 -2.13 -34.07
C ASP A 294 -0.02 -2.21 -34.86
N LEU A 295 -0.58 -1.06 -35.17
CA LEU A 295 -1.83 -0.96 -35.90
C LEU A 295 -1.62 -0.98 -37.41
N LEU A 296 -0.40 -0.63 -37.82
CA LEU A 296 -0.06 -0.57 -39.24
C LEU A 296 -0.08 -1.94 -39.89
N GLU A 297 0.32 -2.97 -39.09
CA GLU A 297 0.19 -4.37 -39.45
C GLU A 297 -1.23 -4.79 -39.11
N PRO A 298 -1.83 -5.58 -39.97
CA PRO A 298 -3.23 -5.97 -39.81
C PRO A 298 -3.82 -7.01 -38.88
N PRO A 299 -3.27 -7.96 -38.13
CA PRO A 299 -4.06 -9.00 -37.50
C PRO A 299 -5.31 -8.63 -36.71
N SER A 300 -5.36 -7.42 -36.08
CA SER A 300 -6.47 -6.90 -35.31
C SER A 300 -6.14 -7.19 -33.89
N HIS A 301 -6.66 -6.40 -32.94
CA HIS A 301 -6.17 -6.71 -31.62
C HIS A 301 -7.31 -7.04 -30.68
N LYS A 304 -1.65 -10.64 -28.44
CA LYS A 304 -0.45 -10.72 -29.30
C LYS A 304 0.74 -10.07 -28.65
N ARG A 305 1.59 -10.86 -27.96
CA ARG A 305 2.74 -10.23 -27.35
C ARG A 305 3.73 -9.99 -28.44
N GLN A 306 4.10 -8.70 -28.67
CA GLN A 306 5.06 -8.37 -29.68
C GLN A 306 6.36 -8.15 -28.98
N THR A 307 7.50 -8.32 -29.67
CA THR A 307 8.75 -8.21 -28.97
C THR A 307 9.46 -6.93 -29.34
N LEU A 308 9.24 -5.87 -28.53
CA LEU A 308 9.96 -4.61 -28.56
C LEU A 308 10.17 -3.98 -27.20
N ARG A 309 11.33 -3.29 -27.03
CA ARG A 309 11.77 -2.69 -25.79
C ARG A 309 12.28 -1.31 -26.09
N LEU A 310 12.50 -0.51 -25.03
CA LEU A 310 13.07 0.80 -25.23
C LEU A 310 14.49 0.75 -24.78
N CYS A 311 15.44 1.06 -25.68
CA CYS A 311 16.81 1.04 -25.28
C CYS A 311 17.29 2.46 -25.19
N GLU A 312 18.28 2.71 -24.31
CA GLU A 312 18.75 4.06 -24.14
C GLU A 312 20.13 4.15 -24.71
N ASP A 313 20.31 5.04 -25.71
CA ASP A 313 21.54 5.22 -26.46
C ASP A 313 22.52 6.06 -25.65
N GLN A 314 23.77 6.12 -26.11
CA GLN A 314 24.81 6.90 -25.44
C GLN A 314 24.39 8.37 -25.30
N ASN A 315 23.53 8.81 -26.19
CA ASN A 315 23.01 10.17 -26.19
C ASN A 315 22.08 10.41 -24.99
N GLY A 316 21.52 9.32 -24.47
CA GLY A 316 20.62 9.43 -23.33
C GLY A 316 19.17 9.43 -23.79
N ASN A 317 18.99 9.48 -25.09
CA ASN A 317 17.67 9.47 -25.71
C ASN A 317 17.12 8.05 -25.77
N PRO A 318 15.87 7.84 -25.34
CA PRO A 318 15.25 6.53 -25.37
C PRO A 318 14.78 6.21 -26.79
N TYR A 319 15.00 4.98 -27.22
CA TYR A 319 14.59 4.54 -28.53
C TYR A 319 13.82 3.24 -28.41
N VAL A 320 12.68 3.14 -29.09
CA VAL A 320 11.93 1.91 -29.05
C VAL A 320 12.52 1.02 -30.14
N LYS A 321 12.91 -0.18 -29.78
CA LYS A 321 13.53 -1.07 -30.74
C LYS A 321 12.51 -2.00 -31.35
N ASP A 322 12.77 -2.39 -32.59
CA ASP A 322 11.91 -3.30 -33.35
C ASP A 322 10.56 -2.67 -33.67
N LEU A 323 10.61 -1.41 -34.08
CA LEU A 323 9.41 -0.68 -34.44
C LEU A 323 9.17 -0.86 -35.93
N ASN A 324 7.96 -0.63 -36.38
CA ASN A 324 7.69 -0.74 -37.79
C ASN A 324 7.85 0.63 -38.40
N TRP A 325 8.42 0.68 -39.58
CA TRP A 325 8.60 1.94 -40.26
C TRP A 325 8.05 1.81 -41.66
N ILE A 326 7.43 2.87 -42.14
CA ILE A 326 6.86 2.86 -43.47
C ILE A 326 7.15 4.18 -44.15
N HIS A 327 7.29 4.12 -45.46
CA HIS A 327 7.55 5.32 -46.23
C HIS A 327 6.23 5.67 -46.91
N VAL A 328 5.89 6.94 -46.92
CA VAL A 328 4.65 7.39 -47.51
C VAL A 328 4.92 8.59 -48.42
N ARG A 329 4.30 8.60 -49.58
CA ARG A 329 4.49 9.68 -50.53
C ARG A 329 3.59 10.86 -50.21
N ASP A 330 2.31 10.57 -50.17
CA ASP A 330 1.29 11.56 -49.87
C ASP A 330 0.76 11.46 -48.45
N VAL A 331 -0.02 12.45 -48.06
CA VAL A 331 -0.62 12.51 -46.73
C VAL A 331 -1.74 11.47 -46.60
N GLU A 332 -2.47 11.26 -47.69
CA GLU A 332 -3.58 10.31 -47.72
C GLU A 332 -3.06 8.91 -47.41
N GLU A 333 -1.81 8.65 -47.78
CA GLU A 333 -1.18 7.36 -47.51
C GLU A 333 -1.09 7.14 -46.00
N ALA A 334 -0.67 8.17 -45.29
CA ALA A 334 -0.57 8.11 -43.84
C ALA A 334 -1.97 8.05 -43.23
N TRP A 335 -2.88 8.79 -43.84
CA TRP A 335 -4.27 8.82 -43.39
C TRP A 335 -4.90 7.43 -43.54
N LYS A 336 -4.57 6.78 -44.65
CA LYS A 336 -5.05 5.44 -44.93
C LYS A 336 -4.57 4.48 -43.86
N LEU A 337 -3.31 4.65 -43.44
CA LEU A 337 -2.72 3.82 -42.41
C LEU A 337 -3.47 4.00 -41.09
N LEU A 338 -3.94 5.22 -40.85
CA LEU A 338 -4.69 5.52 -39.65
C LEU A 338 -6.05 4.83 -39.70
N LYS A 339 -6.63 4.77 -40.88
CA LYS A 339 -7.92 4.09 -41.08
C LYS A 339 -7.78 2.63 -40.69
N VAL A 340 -6.64 2.05 -41.07
CA VAL A 340 -6.34 0.66 -40.75
C VAL A 340 -6.19 0.52 -39.25
N GLY A 341 -5.50 1.49 -38.66
CA GLY A 341 -5.29 1.49 -37.22
C GLY A 341 -6.60 1.58 -36.45
N ARG A 342 -7.52 2.39 -36.94
CA ARG A 342 -8.82 2.55 -36.31
C ARG A 342 -9.62 1.26 -36.42
N LYS A 343 -9.42 0.56 -37.54
CA LYS A 343 -10.09 -0.71 -37.80
C LYS A 343 -9.55 -1.82 -36.90
N ASN A 344 -8.23 -1.89 -36.80
CA ASN A 344 -7.56 -2.92 -36.00
C ASN A 344 -7.57 -2.58 -34.51
N GLN A 345 -7.84 -1.32 -34.21
CA GLN A 345 -7.88 -0.81 -32.85
C GLN A 345 -8.74 -1.68 -31.92
N SER A 346 -8.29 -1.78 -30.64
CA SER A 346 -8.97 -2.38 -29.53
C SER A 346 -9.30 -1.27 -28.58
N PHE A 347 -10.15 -1.49 -27.55
CA PHE A 347 -10.40 -0.46 -26.56
C PHE A 347 -10.35 -1.07 -25.20
N ALA A 348 -10.21 -0.18 -24.18
CA ALA A 348 -10.02 -0.55 -22.81
C ALA A 348 -11.16 -1.26 -22.14
N SER A 349 -12.36 -0.65 -22.08
CA SER A 349 -13.40 -1.28 -21.34
C SER A 349 -14.69 -0.52 -21.64
N SER A 359 -6.93 1.17 -25.70
CA SER A 359 -5.58 1.18 -26.28
C SER A 359 -5.14 2.61 -26.57
N HIS A 360 -3.95 2.97 -26.10
CA HIS A 360 -3.45 4.30 -26.30
C HIS A 360 -3.10 4.39 -27.75
N SER A 361 -3.51 5.42 -28.42
CA SER A 361 -3.19 5.48 -29.82
C SER A 361 -2.15 6.56 -29.96
N ILE A 362 -0.99 6.16 -30.45
CA ILE A 362 0.10 7.10 -30.64
C ILE A 362 0.53 7.06 -32.07
N PHE A 363 0.38 8.19 -32.74
CA PHE A 363 0.76 8.30 -34.11
C PHE A 363 2.09 9.03 -34.17
N SER A 364 3.06 8.42 -34.79
CA SER A 364 4.37 9.00 -34.90
C SER A 364 4.68 9.34 -36.35
N ILE A 365 5.16 10.55 -36.56
CA ILE A 365 5.49 11.04 -37.88
C ILE A 365 6.91 11.60 -37.85
N ARG A 366 7.82 11.00 -38.58
CA ARG A 366 9.17 11.51 -38.61
C ARG A 366 9.55 11.97 -40.01
N ILE A 367 9.76 13.27 -40.15
CA ILE A 367 10.10 13.85 -41.42
C ILE A 367 11.61 14.05 -41.53
N LEU A 368 12.13 13.80 -42.70
CA LEU A 368 13.54 13.97 -42.97
C LEU A 368 13.70 15.20 -43.85
N HIS A 369 14.42 16.18 -43.34
CA HIS A 369 14.65 17.40 -44.09
C HIS A 369 15.99 17.29 -44.78
N LEU A 370 15.96 17.18 -46.09
CA LEU A 370 17.17 17.05 -46.86
C LEU A 370 17.21 18.02 -48.03
N PRO A 378 21.23 15.10 -42.84
CA PRO A 378 19.89 15.62 -42.69
C PRO A 378 19.40 15.87 -41.30
N LYS A 379 18.38 16.70 -41.21
CA LYS A 379 17.75 17.01 -39.96
C LYS A 379 16.44 16.25 -39.95
N ILE A 380 16.22 15.47 -38.91
CA ILE A 380 15.02 14.67 -38.81
C ILE A 380 14.18 15.12 -37.64
N SER A 381 12.89 15.23 -37.86
CA SER A 381 11.98 15.64 -36.81
C SER A 381 10.91 14.58 -36.61
N GLU A 382 10.71 14.16 -35.38
CA GLU A 382 9.71 13.14 -35.08
C GLU A 382 8.61 13.73 -34.22
N LEU A 383 7.38 13.57 -34.68
CA LEU A 383 6.22 14.05 -33.97
C LEU A 383 5.41 12.87 -33.50
N SER A 384 4.69 13.04 -32.42
CA SER A 384 3.87 11.98 -31.89
C SER A 384 2.61 12.54 -31.29
N LEU A 385 1.51 11.86 -31.54
CA LEU A 385 0.23 12.28 -31.04
C LEU A 385 -0.29 11.27 -30.04
N CYS A 386 -0.86 11.76 -28.96
CA CYS A 386 -1.40 10.89 -27.94
C CYS A 386 -2.82 11.28 -27.60
N ASP A 387 -3.67 10.28 -27.46
CA ASP A 387 -5.05 10.51 -27.08
C ASP A 387 -5.50 9.44 -26.09
N LEU A 388 -5.63 9.89 -24.84
CA LEU A 388 -5.95 8.98 -23.78
C LEU A 388 -7.38 8.61 -23.91
N ALA A 389 -7.63 7.29 -24.05
CA ALA A 389 -8.96 6.76 -24.10
C ALA A 389 -9.28 6.48 -22.67
N GLY A 390 -10.53 6.75 -22.27
CA GLY A 390 -10.83 6.57 -20.90
C GLY A 390 -11.86 5.54 -20.84
N SER A 391 -11.92 4.86 -19.70
CA SER A 391 -12.93 3.89 -19.51
C SER A 391 -13.85 4.47 -18.53
N GLU A 392 -15.13 4.07 -18.60
CA GLU A 392 -16.01 4.53 -17.58
C GLU A 392 -16.89 3.40 -17.18
N ARG A 393 -16.53 2.69 -16.08
CA ARG A 393 -17.45 1.72 -15.60
C ARG A 393 -17.98 2.28 -14.34
N CYS A 394 -19.23 1.93 -14.01
CA CYS A 394 -19.86 2.42 -12.82
C CYS A 394 -19.73 1.37 -11.76
N LYS A 395 -20.54 1.50 -10.69
CA LYS A 395 -20.45 0.65 -9.54
C LYS A 395 -20.68 -0.81 -9.86
N ARG A 402 -11.39 -8.53 -15.97
CA ARG A 402 -10.15 -7.96 -16.56
C ARG A 402 -9.00 -8.30 -15.67
N LEU A 403 -7.80 -7.72 -15.96
CA LEU A 403 -6.71 -7.92 -15.06
C LEU A 403 -6.04 -6.59 -14.78
N LYS A 404 -6.49 -5.92 -13.69
CA LYS A 404 -5.99 -4.72 -13.01
C LYS A 404 -5.71 -3.57 -13.97
N GLU A 405 -6.54 -3.46 -15.00
CA GLU A 405 -6.38 -2.40 -15.99
C GLU A 405 -6.60 -1.04 -15.35
N ALA A 406 -7.55 -0.98 -14.41
CA ALA A 406 -7.88 0.24 -13.72
C ALA A 406 -6.71 0.71 -12.85
N GLY A 407 -6.25 -0.18 -11.99
CA GLY A 407 -5.17 0.14 -11.09
C GLY A 407 -3.85 0.42 -11.79
N ASN A 408 -3.54 -0.37 -12.81
CA ASN A 408 -2.30 -0.21 -13.57
C ASN A 408 -2.18 1.19 -14.20
N ILE A 409 -3.19 1.61 -14.96
CA ILE A 409 -3.15 2.92 -15.59
C ILE A 409 -3.29 4.02 -14.55
N ASN A 410 -4.06 3.76 -13.51
CA ASN A 410 -4.25 4.75 -12.45
C ASN A 410 -2.88 5.20 -11.96
N THR A 411 -1.96 4.24 -11.93
CA THR A 411 -0.59 4.49 -11.53
C THR A 411 0.13 5.33 -12.59
N SER A 412 -0.15 5.04 -13.86
CA SER A 412 0.46 5.76 -14.98
C SER A 412 0.08 7.24 -14.96
N LEU A 413 -1.19 7.51 -14.69
CA LEU A 413 -1.67 8.89 -14.61
C LEU A 413 -1.08 9.58 -13.40
N HIS A 414 -0.92 8.82 -12.32
CA HIS A 414 -0.35 9.33 -11.08
C HIS A 414 1.10 9.78 -11.27
N THR A 415 1.89 8.95 -11.94
CA THR A 415 3.28 9.29 -12.19
C THR A 415 3.37 10.43 -13.21
N LEU A 416 2.44 10.45 -14.14
CA LEU A 416 2.41 11.50 -15.16
C LEU A 416 2.18 12.84 -14.48
N GLY A 417 1.25 12.86 -13.53
CA GLY A 417 0.95 14.06 -12.79
C GLY A 417 2.14 14.52 -11.96
N ARG A 418 2.78 13.58 -11.29
CA ARG A 418 3.94 13.90 -10.46
C ARG A 418 5.13 14.35 -11.30
N CYS A 419 5.31 13.69 -12.45
CA CYS A 419 6.41 14.03 -13.35
C CYS A 419 6.23 15.44 -13.90
N ILE A 420 5.01 15.77 -14.31
CA ILE A 420 4.72 17.10 -14.84
C ILE A 420 4.98 18.16 -13.77
N ALA A 421 4.66 17.81 -12.53
CA ALA A 421 4.87 18.71 -11.40
C ALA A 421 6.35 18.98 -11.22
N ALA A 422 7.16 17.94 -11.33
CA ALA A 422 8.60 18.06 -11.19
C ALA A 422 9.17 18.88 -12.35
N LEU A 423 8.61 18.67 -13.53
CA LEU A 423 9.01 19.39 -14.72
C LEU A 423 8.76 20.88 -14.57
N ARG A 424 7.67 21.22 -13.86
CA ARG A 424 7.32 22.61 -13.63
C ARG A 424 8.34 23.31 -12.74
N GLN A 425 8.61 22.73 -11.58
CA GLN A 425 9.56 23.32 -10.64
C GLN A 425 10.99 23.40 -11.19
N ASN A 426 11.41 22.38 -11.93
CA ASN A 426 12.75 22.35 -12.51
C ASN A 426 12.89 23.34 -13.67
N GLN A 427 11.79 23.56 -14.38
CA GLN A 427 11.78 24.49 -15.51
C GLN A 427 11.72 25.93 -15.06
N GLN A 428 11.17 26.15 -13.86
CA GLN A 428 11.00 27.48 -13.29
C GLN A 428 12.34 28.19 -13.16
N ASN A 429 13.42 27.40 -12.91
CA ASN A 429 14.84 27.77 -12.88
C ASN A 429 15.34 28.60 -11.72
N ARG A 430 14.99 28.22 -10.48
CA ARG A 430 15.60 28.75 -9.30
C ARG A 430 16.62 27.68 -9.03
N SER A 431 17.46 27.78 -7.98
CA SER A 431 18.37 26.69 -7.74
C SER A 431 17.53 25.47 -7.43
N LYS A 432 17.44 24.52 -8.37
CA LYS A 432 16.52 23.44 -8.15
C LYS A 432 16.84 22.34 -9.10
N GLN A 433 17.15 21.17 -8.54
CA GLN A 433 17.42 19.94 -9.22
C GLN A 433 16.68 18.84 -8.51
N ASN A 434 15.53 18.43 -9.08
CA ASN A 434 14.78 17.38 -8.45
C ASN A 434 14.81 16.19 -9.36
N LEU A 435 14.89 14.98 -8.77
CA LEU A 435 14.91 13.83 -9.63
C LEU A 435 13.48 13.53 -9.94
N ILE A 436 13.23 13.10 -11.18
CA ILE A 436 11.87 12.83 -11.62
C ILE A 436 11.59 11.34 -11.62
N PRO A 437 10.38 10.97 -11.18
CA PRO A 437 9.92 9.59 -11.07
C PRO A 437 9.65 8.91 -12.42
N PHE A 438 10.36 9.31 -13.46
CA PHE A 438 10.18 8.76 -14.81
C PHE A 438 10.19 7.22 -14.87
N ARG A 439 11.05 6.59 -14.05
CA ARG A 439 11.15 5.15 -13.98
C ARG A 439 9.92 4.50 -13.39
N ASP A 440 9.06 5.27 -12.68
CA ASP A 440 7.86 4.78 -12.01
C ASP A 440 6.99 3.89 -12.91
N SER A 441 6.50 4.44 -14.01
CA SER A 441 5.69 3.68 -14.94
C SER A 441 6.33 3.59 -16.32
N LYS A 442 5.95 2.56 -17.08
CA LYS A 442 6.46 2.38 -18.42
C LYS A 442 6.04 3.55 -19.30
N LEU A 443 4.84 4.05 -19.05
CA LEU A 443 4.30 5.18 -19.83
C LEU A 443 5.20 6.41 -19.72
N THR A 444 5.50 6.82 -18.50
CA THR A 444 6.35 7.99 -18.30
C THR A 444 7.76 7.71 -18.81
N ARG A 445 8.22 6.44 -18.71
CA ARG A 445 9.53 6.05 -19.18
C ARG A 445 9.63 6.19 -20.67
N VAL A 446 8.60 5.73 -21.43
CA VAL A 446 8.65 5.77 -22.89
C VAL A 446 8.56 7.20 -23.45
N PHE A 447 7.79 8.05 -22.78
CA PHE A 447 7.61 9.42 -23.22
C PHE A 447 8.70 10.35 -22.67
N GLN A 448 9.70 9.77 -22.02
CA GLN A 448 10.80 10.54 -21.43
C GLN A 448 11.44 11.49 -22.44
N GLY A 449 11.79 10.95 -23.60
CA GLY A 449 12.43 11.75 -24.64
C GLY A 449 11.56 12.87 -25.19
N PHE A 450 10.26 12.72 -25.11
CA PHE A 450 9.32 13.74 -25.62
C PHE A 450 9.14 14.92 -24.66
N PHE A 451 9.10 14.60 -23.37
CA PHE A 451 8.93 15.63 -22.34
C PHE A 451 10.26 16.29 -21.99
N THR A 452 11.11 15.53 -21.31
CA THR A 452 12.41 16.02 -20.84
C THR A 452 13.55 15.89 -21.88
N GLY A 453 13.38 15.05 -22.91
CA GLY A 453 14.45 14.89 -23.88
C GLY A 453 14.29 15.79 -25.11
N ARG A 454 14.89 15.37 -26.23
CA ARG A 454 14.82 16.13 -27.48
C ARG A 454 13.40 16.23 -28.02
N GLY A 455 12.72 17.29 -27.71
CA GLY A 455 11.38 17.45 -28.20
C GLY A 455 10.57 18.36 -27.32
N ARG A 456 9.71 19.11 -27.98
CA ARG A 456 8.84 20.07 -27.33
C ARG A 456 7.47 19.43 -27.26
N SER A 457 6.73 19.66 -26.20
CA SER A 457 5.43 19.05 -26.09
C SER A 457 4.35 20.08 -25.81
N CYS A 458 3.12 19.73 -26.17
CA CYS A 458 1.99 20.60 -25.95
C CYS A 458 0.98 19.88 -25.08
N MET A 459 0.34 20.61 -24.19
CA MET A 459 -0.62 20.01 -23.29
C MET A 459 -2.00 20.39 -23.75
N ILE A 460 -2.79 19.37 -24.06
CA ILE A 460 -4.13 19.58 -24.53
C ILE A 460 -5.10 19.11 -23.46
N VAL A 461 -5.89 20.03 -22.94
CA VAL A 461 -6.85 19.69 -21.92
C VAL A 461 -8.27 19.90 -22.40
N ASN A 462 -8.95 18.80 -22.66
CA ASN A 462 -10.32 18.83 -23.11
C ASN A 462 -11.20 18.55 -21.90
N VAL A 463 -12.15 19.41 -21.64
CA VAL A 463 -13.00 19.26 -20.48
C VAL A 463 -14.49 19.24 -20.84
N ASN A 464 -15.31 18.76 -19.91
CA ASN A 464 -16.74 18.68 -20.10
C ASN A 464 -17.46 19.68 -19.21
N PRO A 465 -18.42 20.42 -19.77
CA PRO A 465 -19.20 21.43 -19.05
C PRO A 465 -20.23 20.86 -18.08
N CYS A 466 -20.57 19.58 -18.22
CA CYS A 466 -21.55 18.95 -17.36
C CYS A 466 -21.14 19.06 -15.88
N ALA A 467 -22.13 19.26 -15.02
CA ALA A 467 -21.87 19.41 -13.59
C ALA A 467 -21.56 18.07 -12.91
N SER A 468 -22.13 16.99 -13.43
CA SER A 468 -21.90 15.66 -12.88
C SER A 468 -20.47 15.20 -13.14
N THR A 469 -19.90 15.68 -14.24
CA THR A 469 -18.54 15.35 -14.63
C THR A 469 -17.51 16.20 -13.90
N TYR A 470 -17.97 17.13 -13.08
CA TYR A 470 -17.07 18.03 -12.35
C TYR A 470 -16.07 17.29 -11.48
N ASP A 471 -16.42 16.08 -11.08
CA ASP A 471 -15.55 15.26 -10.26
C ASP A 471 -14.22 15.05 -10.99
N GLU A 472 -14.32 14.58 -12.23
CA GLU A 472 -13.16 14.33 -13.06
C GLU A 472 -12.47 15.64 -13.41
N THR A 473 -13.28 16.67 -13.65
CA THR A 473 -12.79 18.00 -13.99
C THR A 473 -11.97 18.61 -12.87
N LEU A 474 -12.45 18.43 -11.63
CA LEU A 474 -11.76 18.98 -10.46
C LEU A 474 -10.30 18.56 -10.41
N HIS A 475 -10.04 17.31 -10.76
CA HIS A 475 -8.69 16.77 -10.75
C HIS A 475 -7.86 17.37 -11.88
N ALA A 476 -8.40 17.34 -13.09
CA ALA A 476 -7.70 17.88 -14.26
C ALA A 476 -7.47 19.39 -14.14
N ALA A 477 -8.39 20.06 -13.46
CA ALA A 477 -8.30 21.50 -13.26
C ALA A 477 -7.13 21.85 -12.36
N LYS A 478 -7.04 21.16 -11.21
CA LYS A 478 -6.05 21.36 -10.19
C LYS A 478 -4.71 20.99 -10.75
N PHE A 479 -4.70 19.88 -11.51
CA PHE A 479 -3.49 19.34 -12.12
C PHE A 479 -2.91 20.38 -13.08
N SER A 480 -3.79 21.03 -13.85
CA SER A 480 -3.35 21.96 -14.84
C SER A 480 -2.97 23.28 -14.22
N ALA A 481 -3.90 23.91 -13.47
CA ALA A 481 -3.64 25.20 -12.89
C ALA A 481 -3.19 24.98 -11.47
N LEU A 482 -2.08 25.61 -11.04
CA LEU A 482 -1.67 25.42 -9.69
C LEU A 482 -2.57 26.30 -8.87
N ALA A 483 -3.43 25.70 -8.01
CA ALA A 483 -4.37 26.50 -7.28
C ALA A 483 -3.91 26.63 -5.82
N ARG B 2 -35.62 -1.78 18.27
CA ARG B 2 -35.33 -2.45 19.54
C ARG B 2 -33.93 -3.06 19.52
N GLU B 3 -33.73 -4.01 18.62
CA GLU B 3 -32.44 -4.68 18.50
C GLU B 3 -31.43 -3.87 17.69
N CYS B 4 -30.18 -4.30 17.79
CA CYS B 4 -29.09 -3.66 17.07
C CYS B 4 -28.14 -4.73 16.56
N ILE B 5 -27.67 -4.56 15.34
CA ILE B 5 -26.75 -5.52 14.73
C ILE B 5 -25.34 -4.96 14.72
N SER B 6 -24.39 -5.74 15.19
CA SER B 6 -23.00 -5.30 15.25
C SER B 6 -22.19 -5.81 14.07
N ILE B 7 -21.31 -4.96 13.56
CA ILE B 7 -20.46 -5.29 12.43
C ILE B 7 -19.01 -4.99 12.76
N HIS B 8 -18.26 -6.04 13.05
CA HIS B 8 -16.84 -5.89 13.38
C HIS B 8 -16.00 -6.06 12.12
N VAL B 9 -15.36 -4.98 11.68
CA VAL B 9 -14.53 -5.03 10.47
C VAL B 9 -13.06 -4.76 10.78
N GLY B 10 -12.20 -5.64 10.30
CA GLY B 10 -10.77 -5.49 10.52
C GLY B 10 -10.27 -6.41 11.60
N GLN B 11 -8.95 -6.64 11.62
CA GLN B 11 -8.31 -7.50 12.61
C GLN B 11 -8.70 -7.08 14.03
N ALA B 12 -8.38 -5.84 14.38
CA ALA B 12 -8.71 -5.31 15.70
C ALA B 12 -10.21 -5.40 15.97
N GLY B 13 -11.00 -5.15 14.93
CA GLY B 13 -12.44 -5.21 15.06
C GLY B 13 -12.91 -6.59 15.50
N VAL B 14 -12.31 -7.62 14.92
CA VAL B 14 -12.65 -8.99 15.25
C VAL B 14 -12.16 -9.33 16.65
N GLN B 15 -10.93 -8.89 16.96
CA GLN B 15 -10.34 -9.14 18.28
C GLN B 15 -11.17 -8.49 19.38
N ILE B 16 -11.42 -7.20 19.24
CA ILE B 16 -12.22 -6.46 20.22
C ILE B 16 -13.65 -6.98 20.24
N GLY B 17 -14.16 -7.36 19.07
CA GLY B 17 -15.51 -7.87 18.97
C GLY B 17 -15.72 -9.14 19.77
N ASN B 18 -14.78 -10.08 19.63
CA ASN B 18 -14.86 -11.33 20.36
C ASN B 18 -14.71 -11.09 21.85
N ALA B 19 -13.76 -10.24 22.22
CA ALA B 19 -13.51 -9.91 23.62
C ALA B 19 -14.70 -9.18 24.22
N CYS B 20 -15.33 -8.33 23.43
CA CYS B 20 -16.50 -7.57 23.87
C CYS B 20 -17.68 -8.50 24.05
N TRP B 21 -17.89 -9.39 23.09
CA TRP B 21 -18.99 -10.34 23.16
C TRP B 21 -18.78 -11.39 24.24
N GLU B 22 -17.52 -11.64 24.57
CA GLU B 22 -17.18 -12.59 25.63
C GLU B 22 -17.77 -12.06 26.93
N LEU B 23 -17.69 -10.75 27.09
CA LEU B 23 -18.22 -10.09 28.26
C LEU B 23 -19.74 -9.99 28.16
N TYR B 24 -20.22 -9.79 26.92
CA TYR B 24 -21.65 -9.69 26.65
C TYR B 24 -22.43 -10.91 27.15
N CYS B 25 -21.95 -12.09 26.79
CA CYS B 25 -22.61 -13.33 27.21
C CYS B 25 -22.28 -13.68 28.66
N LEU B 26 -21.15 -13.18 29.15
CA LEU B 26 -20.74 -13.43 30.53
C LEU B 26 -21.78 -12.90 31.50
N GLU B 27 -22.17 -11.64 31.32
CA GLU B 27 -23.16 -11.02 32.18
C GLU B 27 -24.57 -11.52 31.86
N HIS B 28 -24.75 -11.96 30.62
CA HIS B 28 -26.04 -12.48 30.18
C HIS B 28 -26.31 -13.83 30.84
N GLY B 29 -25.25 -14.51 31.23
CA GLY B 29 -25.38 -15.80 31.86
C GLY B 29 -25.51 -16.90 30.84
N ILE B 30 -24.94 -16.68 29.67
CA ILE B 30 -24.99 -17.66 28.59
C ILE B 30 -23.63 -18.32 28.41
N GLN B 31 -23.63 -19.64 28.34
CA GLN B 31 -22.41 -20.40 28.17
C GLN B 31 -22.06 -20.48 26.68
N PRO B 32 -20.81 -20.88 26.35
CA PRO B 32 -20.36 -21.01 24.96
C PRO B 32 -21.37 -21.73 24.08
N ASP B 33 -21.91 -22.82 24.58
CA ASP B 33 -22.91 -23.58 23.83
C ASP B 33 -24.30 -23.35 24.41
N GLY B 34 -24.85 -22.18 24.10
CA GLY B 34 -26.17 -21.83 24.59
C GLY B 34 -27.10 -21.44 23.46
N HIS B 61 -27.72 -18.25 23.13
CA HIS B 61 -28.60 -17.81 22.06
C HIS B 61 -27.77 -17.37 20.86
N VAL B 62 -28.43 -16.81 19.84
CA VAL B 62 -27.74 -16.37 18.64
C VAL B 62 -27.42 -14.88 18.73
N PRO B 63 -26.13 -14.52 18.66
CA PRO B 63 -25.69 -13.12 18.73
C PRO B 63 -25.97 -12.37 17.44
N ARG B 64 -26.36 -11.11 17.59
CA ARG B 64 -26.66 -10.26 16.44
C ARG B 64 -25.42 -9.47 16.04
N ALA B 65 -24.39 -10.19 15.60
CA ALA B 65 -23.14 -9.56 15.21
C ALA B 65 -22.42 -10.40 14.16
N VAL B 66 -21.66 -9.74 13.30
CA VAL B 66 -20.91 -10.43 12.26
C VAL B 66 -19.46 -9.98 12.27
N PHE B 67 -18.57 -10.86 11.83
CA PHE B 67 -17.15 -10.57 11.77
C PHE B 67 -16.72 -10.47 10.31
N VAL B 68 -16.08 -9.37 9.96
CA VAL B 68 -15.63 -9.15 8.59
C VAL B 68 -14.17 -8.71 8.52
N ASP B 69 -13.37 -9.50 7.84
CA ASP B 69 -11.95 -9.20 7.66
C ASP B 69 -11.45 -9.91 6.41
N LEU B 70 -10.52 -9.27 5.71
CA LEU B 70 -9.95 -9.83 4.50
C LEU B 70 -8.85 -10.82 4.87
N GLU B 71 -8.35 -10.68 6.09
CA GLU B 71 -7.32 -11.58 6.60
C GLU B 71 -8.01 -12.83 7.12
N PRO B 72 -7.79 -13.97 6.46
CA PRO B 72 -8.43 -15.22 6.83
C PRO B 72 -8.05 -15.70 8.23
N THR B 73 -6.79 -15.48 8.60
CA THR B 73 -6.28 -15.91 9.89
C THR B 73 -6.96 -15.25 11.09
N VAL B 74 -7.48 -14.04 10.89
CA VAL B 74 -8.14 -13.33 11.98
C VAL B 74 -9.53 -13.88 12.27
N ILE B 75 -10.32 -14.09 11.22
CA ILE B 75 -11.67 -14.61 11.37
C ILE B 75 -11.63 -16.05 11.91
N ASP B 76 -10.63 -16.81 11.49
CA ASP B 76 -10.50 -18.20 11.91
C ASP B 76 -10.18 -18.32 13.40
N GLU B 77 -9.78 -17.22 14.01
CA GLU B 77 -9.48 -17.21 15.45
C GLU B 77 -10.73 -17.52 16.25
N VAL B 78 -11.86 -17.01 15.79
CA VAL B 78 -13.14 -17.24 16.46
C VAL B 78 -13.66 -18.64 16.14
N ARG B 79 -13.12 -19.24 15.09
CA ARG B 79 -13.54 -20.57 14.67
C ARG B 79 -12.74 -21.65 15.38
N THR B 80 -11.77 -21.23 16.18
CA THR B 80 -10.93 -22.19 16.89
C THR B 80 -10.78 -21.82 18.36
N GLY B 81 -10.82 -20.53 18.65
CA GLY B 81 -10.67 -20.05 20.00
C GLY B 81 -11.94 -20.17 20.82
N THR B 82 -12.23 -19.12 21.58
CA THR B 82 -13.40 -19.09 22.44
C THR B 82 -14.66 -18.75 21.66
N TYR B 83 -15.76 -19.39 22.04
CA TYR B 83 -17.07 -19.18 21.41
C TYR B 83 -17.11 -19.69 19.98
N ARG B 84 -16.46 -20.82 19.77
CA ARG B 84 -16.38 -21.47 18.47
C ARG B 84 -17.76 -21.90 17.97
N GLN B 85 -18.62 -22.36 18.88
CA GLN B 85 -19.95 -22.80 18.51
C GLN B 85 -21.02 -21.79 18.89
N LEU B 86 -20.61 -20.57 19.23
CA LEU B 86 -21.55 -19.54 19.60
C LEU B 86 -21.97 -18.72 18.39
N PHE B 87 -21.06 -18.57 17.45
CA PHE B 87 -21.32 -17.81 16.24
C PHE B 87 -21.57 -18.72 15.05
N HIS B 88 -22.44 -18.27 14.16
CA HIS B 88 -22.77 -19.01 12.96
C HIS B 88 -21.77 -18.68 11.86
N PRO B 89 -21.42 -19.66 11.01
CA PRO B 89 -20.48 -19.44 9.90
C PRO B 89 -20.97 -18.36 8.94
N GLU B 90 -22.29 -18.14 8.93
CA GLU B 90 -22.88 -17.12 8.09
C GLU B 90 -22.49 -15.72 8.57
N GLN B 91 -22.20 -15.63 9.86
CA GLN B 91 -21.81 -14.37 10.48
C GLN B 91 -20.30 -14.24 10.50
N LEU B 92 -19.62 -15.07 9.72
CA LEU B 92 -18.18 -15.06 9.67
C LEU B 92 -17.66 -14.93 8.24
N ILE B 93 -17.61 -13.71 7.73
CA ILE B 93 -17.11 -13.46 6.39
C ILE B 93 -15.59 -13.55 6.42
N THR B 94 -15.01 -14.29 5.49
CA THR B 94 -13.57 -14.46 5.47
C THR B 94 -13.00 -14.42 4.07
N GLY B 95 -12.02 -13.55 3.87
CA GLY B 95 -11.36 -13.45 2.58
C GLY B 95 -10.15 -14.36 2.58
N LYS B 96 -9.84 -14.97 1.45
CA LYS B 96 -8.69 -15.86 1.37
C LYS B 96 -7.50 -15.17 0.72
N GLU B 97 -7.68 -13.94 0.28
CA GLU B 97 -6.60 -13.19 -0.35
C GLU B 97 -5.81 -12.38 0.68
N ASP B 98 -5.19 -11.30 0.24
CA ASP B 98 -4.40 -10.45 1.12
C ASP B 98 -5.05 -9.09 1.34
N ALA B 99 -5.16 -8.69 2.60
CA ALA B 99 -5.77 -7.42 2.96
C ALA B 99 -4.76 -6.28 2.98
N ALA B 100 -3.65 -6.51 3.65
CA ALA B 100 -2.59 -5.51 3.79
C ALA B 100 -3.04 -4.35 4.68
N ASN B 101 -2.24 -3.30 4.77
CA ASN B 101 -2.57 -2.15 5.60
C ASN B 101 -2.70 -0.89 4.76
N ASN B 102 -3.53 -0.95 3.75
CA ASN B 102 -3.77 0.18 2.87
C ASN B 102 -5.25 0.34 2.56
N TYR B 103 -5.77 1.53 2.89
CA TYR B 103 -7.18 1.86 2.67
C TYR B 103 -7.63 1.53 1.26
N ALA B 104 -6.77 1.82 0.30
CA ALA B 104 -7.06 1.59 -1.12
C ALA B 104 -7.43 0.14 -1.41
N ARG B 105 -6.73 -0.79 -0.80
CA ARG B 105 -6.98 -2.21 -1.03
C ARG B 105 -8.35 -2.63 -0.52
N GLY B 106 -8.66 -2.24 0.70
CA GLY B 106 -9.93 -2.59 1.30
C GLY B 106 -11.09 -1.75 0.81
N HIS B 107 -10.83 -0.84 -0.11
CA HIS B 107 -11.89 0.01 -0.63
C HIS B 107 -12.10 -0.16 -2.14
N TYR B 108 -11.02 -0.37 -2.89
CA TYR B 108 -11.13 -0.50 -4.34
C TYR B 108 -10.73 -1.88 -4.87
N THR B 109 -9.50 -2.29 -4.60
CA THR B 109 -8.97 -3.57 -5.09
C THR B 109 -9.79 -4.79 -4.67
N ILE B 110 -9.61 -5.23 -3.43
CA ILE B 110 -10.30 -6.42 -2.94
C ILE B 110 -11.56 -6.07 -2.16
N GLY B 111 -11.67 -4.81 -1.75
CA GLY B 111 -12.82 -4.36 -1.00
C GLY B 111 -14.15 -4.66 -1.67
N LYS B 112 -14.23 -4.36 -2.95
CA LYS B 112 -15.46 -4.57 -3.71
C LYS B 112 -15.67 -6.03 -4.12
N GLU B 113 -14.90 -6.93 -3.54
CA GLU B 113 -15.03 -8.35 -3.86
C GLU B 113 -15.82 -9.10 -2.79
N ILE B 114 -15.77 -8.62 -1.56
CA ILE B 114 -16.47 -9.28 -0.45
C ILE B 114 -17.61 -8.42 0.12
N ILE B 115 -17.60 -7.13 -0.20
CA ILE B 115 -18.62 -6.20 0.30
C ILE B 115 -20.06 -6.67 0.06
N ASP B 116 -20.34 -7.14 -1.16
CA ASP B 116 -21.69 -7.59 -1.51
C ASP B 116 -22.15 -8.72 -0.59
N LEU B 117 -21.24 -9.65 -0.30
CA LEU B 117 -21.54 -10.77 0.57
C LEU B 117 -21.79 -10.29 1.99
N VAL B 118 -21.02 -9.30 2.42
CA VAL B 118 -21.16 -8.73 3.76
C VAL B 118 -22.53 -8.07 3.90
N LEU B 119 -22.87 -7.24 2.91
CA LEU B 119 -24.15 -6.55 2.90
C LEU B 119 -25.30 -7.53 2.90
N ASP B 120 -25.12 -8.62 2.17
CA ASP B 120 -26.14 -9.67 2.08
C ASP B 120 -26.48 -10.23 3.45
N ARG B 121 -25.45 -10.59 4.20
CA ARG B 121 -25.63 -11.18 5.52
C ARG B 121 -26.26 -10.21 6.51
N ILE B 122 -25.75 -8.98 6.55
CA ILE B 122 -26.29 -7.96 7.47
C ILE B 122 -27.73 -7.60 7.12
N ARG B 123 -28.11 -7.82 5.86
CA ARG B 123 -29.45 -7.54 5.40
C ARG B 123 -30.40 -8.64 5.89
N LYS B 124 -29.92 -9.88 5.86
CA LYS B 124 -30.70 -11.01 6.33
C LYS B 124 -30.96 -10.87 7.82
N LEU B 125 -29.94 -10.42 8.54
CA LEU B 125 -30.04 -10.22 9.98
C LEU B 125 -31.00 -9.09 10.29
N ALA B 126 -30.95 -8.04 9.47
CA ALA B 126 -31.82 -6.89 9.65
C ALA B 126 -33.28 -7.28 9.52
N ASP B 127 -33.55 -8.16 8.56
CA ASP B 127 -34.91 -8.63 8.33
C ASP B 127 -35.35 -9.62 9.40
N GLN B 128 -34.37 -10.32 9.98
CA GLN B 128 -34.63 -11.29 11.02
C GLN B 128 -35.23 -10.63 12.26
N CYS B 129 -34.71 -9.46 12.61
CA CYS B 129 -35.20 -8.72 13.76
C CYS B 129 -36.37 -7.84 13.39
N THR B 130 -37.38 -7.82 14.27
CA THR B 130 -38.57 -7.01 14.05
C THR B 130 -38.38 -5.60 14.58
N GLY B 131 -38.26 -4.64 13.67
CA GLY B 131 -38.09 -3.25 14.05
C GLY B 131 -36.76 -2.99 14.72
N LEU B 132 -35.69 -3.01 13.94
CA LEU B 132 -34.35 -2.78 14.48
C LEU B 132 -34.10 -1.28 14.63
N GLN B 133 -33.18 -0.93 15.53
CA GLN B 133 -32.86 0.47 15.78
C GLN B 133 -31.70 0.93 14.90
N GLY B 134 -30.61 0.18 14.90
CA GLY B 134 -29.47 0.56 14.10
C GLY B 134 -28.37 -0.48 14.10
N PHE B 135 -27.17 -0.06 13.70
CA PHE B 135 -26.04 -0.95 13.63
C PHE B 135 -24.90 -0.47 14.54
N SER B 136 -24.22 -1.42 15.17
CA SER B 136 -23.09 -1.13 16.03
C SER B 136 -21.81 -1.51 15.29
N VAL B 137 -21.16 -0.52 14.72
CA VAL B 137 -19.94 -0.76 13.95
C VAL B 137 -18.72 -0.79 14.86
N PHE B 138 -17.80 -1.70 14.56
CA PHE B 138 -16.56 -1.83 15.32
C PHE B 138 -15.39 -1.95 14.35
N HIS B 139 -14.39 -1.08 14.51
CA HIS B 139 -13.24 -1.08 13.61
C HIS B 139 -12.08 -0.26 14.17
N SER B 140 -10.93 -0.40 13.54
CA SER B 140 -9.74 0.33 13.91
C SER B 140 -9.38 1.32 12.80
N PHE B 141 -9.22 2.60 13.16
CA PHE B 141 -8.88 3.62 12.17
C PHE B 141 -7.53 3.33 11.52
N GLY B 142 -6.64 2.71 12.27
CA GLY B 142 -5.33 2.38 11.75
C GLY B 142 -5.24 0.94 11.32
N GLY B 143 -5.48 0.69 10.04
CA GLY B 143 -5.43 -0.66 9.51
C GLY B 143 -5.79 -0.68 8.03
N GLY B 144 -6.07 -1.86 7.52
CA GLY B 144 -6.44 -1.99 6.12
C GLY B 144 -7.90 -2.35 5.99
N THR B 145 -8.30 -3.44 6.63
CA THR B 145 -9.67 -3.88 6.60
C THR B 145 -10.50 -2.98 7.53
N GLY B 146 -9.86 -2.48 8.56
CA GLY B 146 -10.53 -1.62 9.51
C GLY B 146 -10.70 -0.19 9.00
N SER B 147 -10.15 0.08 7.82
CA SER B 147 -10.24 1.42 7.25
C SER B 147 -11.07 1.42 5.97
N GLY B 148 -10.55 0.81 4.92
CA GLY B 148 -11.23 0.77 3.64
C GLY B 148 -12.57 0.07 3.68
N PHE B 149 -12.61 -1.12 4.25
CA PHE B 149 -13.83 -1.91 4.32
C PHE B 149 -14.94 -1.15 5.06
N THR B 150 -14.60 -0.52 6.16
CA THR B 150 -15.58 0.23 6.95
C THR B 150 -16.16 1.38 6.13
N SER B 151 -15.28 2.09 5.44
CA SER B 151 -15.66 3.23 4.63
C SER B 151 -16.72 2.92 3.58
N LEU B 152 -16.52 1.86 2.79
CA LEU B 152 -17.50 1.50 1.77
C LEU B 152 -18.72 0.81 2.35
N LEU B 153 -18.56 0.22 3.53
CA LEU B 153 -19.66 -0.46 4.18
C LEU B 153 -20.68 0.57 4.69
N MET B 154 -20.17 1.59 5.38
CA MET B 154 -21.01 2.66 5.91
C MET B 154 -21.69 3.41 4.77
N GLU B 155 -20.98 3.48 3.64
CA GLU B 155 -21.48 4.16 2.45
C GLU B 155 -22.80 3.54 1.99
N ARG B 156 -22.86 2.21 1.97
CA ARG B 156 -24.07 1.52 1.56
C ARG B 156 -25.13 1.55 2.66
N LEU B 157 -24.67 1.58 3.90
CA LEU B 157 -25.56 1.60 5.04
C LEU B 157 -26.39 2.89 5.12
N SER B 158 -25.75 4.02 4.89
CA SER B 158 -26.44 5.31 4.95
C SER B 158 -27.42 5.50 3.80
N VAL B 159 -27.33 4.64 2.78
CA VAL B 159 -28.21 4.75 1.63
C VAL B 159 -29.35 3.73 1.68
N ASP B 160 -29.07 2.53 2.17
CA ASP B 160 -30.08 1.48 2.26
C ASP B 160 -30.75 1.44 3.63
N TYR B 161 -30.09 2.03 4.61
CA TYR B 161 -30.61 2.08 5.98
C TYR B 161 -30.46 3.49 6.55
N GLY B 162 -30.85 4.49 5.76
CA GLY B 162 -30.75 5.87 6.20
C GLY B 162 -31.67 6.18 7.36
N LYS B 163 -32.73 5.38 7.50
CA LYS B 163 -33.71 5.57 8.56
C LYS B 163 -33.25 4.90 9.85
N LYS B 164 -32.05 4.33 9.84
CA LYS B 164 -31.51 3.65 11.01
C LYS B 164 -30.38 4.43 11.65
N SER B 165 -30.12 4.13 12.92
CA SER B 165 -29.07 4.78 13.67
C SER B 165 -27.72 4.12 13.37
N LYS B 166 -26.77 4.91 12.90
CA LYS B 166 -25.44 4.40 12.57
C LYS B 166 -24.43 4.82 13.62
N LEU B 167 -24.19 3.92 14.58
CA LEU B 167 -23.25 4.19 15.66
C LEU B 167 -22.03 3.28 15.54
N GLU B 168 -20.89 3.87 15.22
CA GLU B 168 -19.66 3.11 15.08
C GLU B 168 -18.68 3.37 16.23
N PHE B 169 -17.92 2.35 16.57
CA PHE B 169 -16.90 2.43 17.61
C PHE B 169 -15.54 2.41 16.94
N SER B 170 -15.03 3.58 16.64
CA SER B 170 -13.77 3.72 15.95
C SER B 170 -12.56 3.75 16.89
N ILE B 171 -11.66 2.81 16.71
CA ILE B 171 -10.44 2.76 17.52
C ILE B 171 -9.43 3.74 16.94
N TYR B 172 -9.07 4.74 17.74
CA TYR B 172 -8.13 5.77 17.32
C TYR B 172 -6.69 5.30 17.53
N PRO B 173 -5.83 5.48 16.52
CA PRO B 173 -4.42 5.11 16.60
C PRO B 173 -3.68 5.94 17.63
N ALA B 174 -2.66 5.35 18.24
CA ALA B 174 -1.88 6.02 19.26
C ALA B 174 -1.18 7.26 18.70
N PRO B 175 -1.20 8.37 19.46
CA PRO B 175 -0.58 9.62 19.05
C PRO B 175 0.93 9.50 18.80
N GLN B 176 1.62 8.71 19.63
CA GLN B 176 3.05 8.55 19.47
C GLN B 176 3.43 7.11 19.13
N VAL B 177 2.80 6.15 19.79
CA VAL B 177 3.09 4.74 19.55
C VAL B 177 2.25 4.17 18.41
N SER B 178 2.48 4.67 17.20
CA SER B 178 1.76 4.20 16.03
C SER B 178 2.13 2.74 15.73
N THR B 179 1.17 1.98 15.21
CA THR B 179 1.39 0.58 14.91
C THR B 179 1.88 0.39 13.48
N ALA B 180 1.37 1.21 12.57
CA ALA B 180 1.78 1.13 11.16
C ALA B 180 2.41 2.43 10.70
N VAL B 181 3.14 2.37 9.59
CA VAL B 181 3.79 3.55 9.04
C VAL B 181 2.77 4.42 8.30
N VAL B 182 1.90 3.75 7.56
CA VAL B 182 0.86 4.44 6.79
C VAL B 182 -0.39 4.63 7.64
N GLU B 183 -0.20 4.75 8.94
CA GLU B 183 -1.29 4.93 9.89
C GLU B 183 -2.23 6.09 9.51
N PRO B 184 -1.71 7.34 9.40
CA PRO B 184 -2.55 8.51 9.06
C PRO B 184 -3.15 8.42 7.67
N TYR B 185 -2.47 7.72 6.77
CA TYR B 185 -2.93 7.58 5.40
C TYR B 185 -4.26 6.83 5.33
N ASN B 186 -4.42 5.84 6.19
CA ASN B 186 -5.63 5.03 6.22
C ASN B 186 -6.71 5.66 7.10
N SER B 187 -6.32 6.18 8.25
CA SER B 187 -7.25 6.77 9.19
C SER B 187 -7.95 8.02 8.64
N ILE B 188 -7.18 8.96 8.10
CA ILE B 188 -7.72 10.20 7.57
C ILE B 188 -8.77 9.94 6.47
N LEU B 189 -8.52 8.97 5.61
CA LEU B 189 -9.46 8.65 4.53
C LEU B 189 -10.74 8.01 5.06
N THR B 190 -10.61 7.14 6.05
CA THR B 190 -11.77 6.46 6.63
C THR B 190 -12.75 7.47 7.22
N THR B 191 -12.23 8.39 8.03
CA THR B 191 -13.06 9.40 8.66
C THR B 191 -13.57 10.43 7.66
N HIS B 192 -12.90 10.53 6.51
CA HIS B 192 -13.30 11.48 5.47
C HIS B 192 -14.68 11.11 4.92
N THR B 193 -14.83 9.86 4.52
CA THR B 193 -16.09 9.39 3.95
C THR B 193 -17.12 9.05 5.04
N THR B 194 -16.67 8.41 6.11
CA THR B 194 -17.57 8.01 7.20
C THR B 194 -18.18 9.22 7.93
N LEU B 195 -17.58 10.39 7.73
CA LEU B 195 -18.05 11.62 8.38
C LEU B 195 -19.45 12.00 7.89
N GLU B 196 -19.80 11.55 6.70
CA GLU B 196 -21.10 11.83 6.11
C GLU B 196 -21.97 10.58 6.12
N HIS B 197 -21.56 9.58 6.89
CA HIS B 197 -22.30 8.33 6.94
C HIS B 197 -22.80 8.02 8.35
N SER B 198 -21.88 7.80 9.27
CA SER B 198 -22.23 7.48 10.65
C SER B 198 -22.82 8.68 11.38
N ASP B 199 -23.86 8.43 12.15
CA ASP B 199 -24.52 9.47 12.93
C ASP B 199 -23.66 9.88 14.11
N CYS B 200 -22.99 8.90 14.70
CA CYS B 200 -22.13 9.13 15.85
C CYS B 200 -21.07 8.04 15.94
N ALA B 201 -19.83 8.44 16.12
CA ALA B 201 -18.73 7.50 16.21
C ALA B 201 -17.98 7.64 17.52
N PHE B 202 -18.05 6.62 18.36
CA PHE B 202 -17.36 6.63 19.65
C PHE B 202 -15.91 6.25 19.45
N MET B 203 -15.02 7.20 19.67
CA MET B 203 -13.59 6.96 19.49
C MET B 203 -12.88 6.66 20.80
N VAL B 204 -12.01 5.66 20.76
CA VAL B 204 -11.22 5.26 21.90
C VAL B 204 -9.75 5.33 21.50
N ASP B 205 -8.90 5.84 22.38
CA ASP B 205 -7.47 5.97 22.07
C ASP B 205 -6.66 4.76 22.52
N ASN B 206 -5.97 4.14 21.56
CA ASN B 206 -5.15 2.95 21.81
C ASN B 206 -4.10 3.19 22.89
N GLU B 207 -3.42 4.33 22.80
CA GLU B 207 -2.36 4.67 23.74
C GLU B 207 -2.92 5.02 25.12
N ALA B 208 -4.08 5.66 25.12
CA ALA B 208 -4.73 6.05 26.37
C ALA B 208 -5.10 4.84 27.22
N ILE B 209 -5.43 3.73 26.57
CA ILE B 209 -5.78 2.51 27.28
C ILE B 209 -4.57 2.02 28.07
N TYR B 210 -3.40 2.21 27.49
CA TYR B 210 -2.15 1.82 28.13
C TYR B 210 -1.92 2.68 29.37
N ASP B 211 -2.25 3.97 29.25
CA ASP B 211 -2.09 4.91 30.35
C ASP B 211 -2.95 4.50 31.53
N ILE B 212 -4.19 4.13 31.25
CA ILE B 212 -5.13 3.70 32.28
C ILE B 212 -4.61 2.45 32.99
N CYS B 213 -4.07 1.52 32.20
CA CYS B 213 -3.54 0.28 32.75
C CYS B 213 -2.27 0.52 33.56
N ARG B 214 -1.57 1.60 33.25
CA ARG B 214 -0.33 1.92 33.94
C ARG B 214 -0.58 2.69 35.23
N ARG B 215 -1.31 3.79 35.13
CA ARG B 215 -1.57 4.66 36.29
C ARG B 215 -2.66 4.12 37.23
N ASN B 216 -3.77 3.66 36.68
CA ASN B 216 -4.87 3.17 37.49
C ASN B 216 -4.82 1.68 37.76
N LEU B 217 -4.77 0.89 36.69
CA LEU B 217 -4.74 -0.57 36.82
C LEU B 217 -3.43 -1.03 37.46
N ASP B 218 -2.38 -0.24 37.27
CA ASP B 218 -1.06 -0.53 37.83
C ASP B 218 -0.50 -1.86 37.34
N ILE B 219 -0.26 -1.95 36.04
CA ILE B 219 0.31 -3.15 35.45
C ILE B 219 1.32 -2.78 34.36
N GLU B 220 2.34 -3.61 34.23
CA GLU B 220 3.37 -3.40 33.23
C GLU B 220 3.20 -4.41 32.10
N ARG B 221 2.11 -5.17 32.18
CA ARG B 221 1.81 -6.20 31.19
C ARG B 221 0.40 -5.98 30.61
N PRO B 222 0.20 -4.90 29.84
CA PRO B 222 -1.09 -4.59 29.23
C PRO B 222 -1.17 -5.14 27.81
N THR B 223 -1.47 -6.42 27.70
CA THR B 223 -1.58 -7.07 26.40
C THR B 223 -2.75 -6.51 25.62
N TYR B 224 -2.78 -6.77 24.31
CA TYR B 224 -3.87 -6.30 23.46
C TYR B 224 -5.20 -6.82 23.99
N THR B 225 -5.23 -8.09 24.38
CA THR B 225 -6.42 -8.71 24.92
C THR B 225 -6.84 -8.03 26.23
N ASN B 226 -5.88 -7.41 26.91
CA ASN B 226 -6.14 -6.71 28.16
C ASN B 226 -6.79 -5.36 27.89
N LEU B 227 -6.45 -4.76 26.76
CA LEU B 227 -7.00 -3.48 26.37
C LEU B 227 -8.46 -3.68 25.98
N ASN B 228 -8.72 -4.75 25.24
CA ASN B 228 -10.06 -5.09 24.78
C ASN B 228 -11.03 -5.30 25.94
N ARG B 229 -10.48 -5.66 27.10
CA ARG B 229 -11.28 -5.87 28.30
C ARG B 229 -11.95 -4.57 28.74
N LEU B 230 -11.21 -3.48 28.64
CA LEU B 230 -11.71 -2.18 29.05
C LEU B 230 -12.72 -1.63 28.06
N ILE B 231 -12.41 -1.71 26.77
CA ILE B 231 -13.29 -1.21 25.72
C ILE B 231 -14.62 -1.95 25.75
N GLY B 232 -14.56 -3.27 25.91
CA GLY B 232 -15.76 -4.07 25.97
C GLY B 232 -16.63 -3.72 27.16
N GLN B 233 -15.97 -3.36 28.27
CA GLN B 233 -16.67 -2.99 29.49
C GLN B 233 -17.52 -1.75 29.24
N ILE B 234 -17.02 -0.88 28.37
CA ILE B 234 -17.73 0.34 28.01
C ILE B 234 -18.94 0.00 27.15
N VAL B 235 -18.71 -0.76 26.09
CA VAL B 235 -19.77 -1.16 25.17
C VAL B 235 -20.90 -1.85 25.90
N SER B 236 -20.55 -2.71 26.85
CA SER B 236 -21.54 -3.45 27.64
C SER B 236 -22.47 -2.48 28.38
N SER B 237 -21.94 -1.33 28.77
CA SER B 237 -22.73 -0.35 29.49
C SER B 237 -23.41 0.64 28.56
N ILE B 238 -22.88 0.77 27.35
CA ILE B 238 -23.45 1.69 26.36
C ILE B 238 -24.64 1.06 25.64
N THR B 239 -24.56 -0.22 25.35
CA THR B 239 -25.64 -0.90 24.66
C THR B 239 -26.32 -1.98 25.51
N ALA B 240 -25.59 -3.05 25.81
CA ALA B 240 -26.12 -4.19 26.58
C ALA B 240 -27.01 -3.81 27.76
N SER B 241 -26.43 -3.21 28.80
CA SER B 241 -27.19 -2.84 29.99
C SER B 241 -28.23 -1.76 29.72
N LEU B 242 -27.92 -0.85 28.79
CA LEU B 242 -28.84 0.24 28.46
C LEU B 242 -30.04 -0.27 27.67
N ARG B 243 -29.93 -1.49 27.15
CA ARG B 243 -31.01 -2.11 26.40
C ARG B 243 -31.93 -2.83 27.37
N PHE B 244 -31.49 -2.90 28.62
CA PHE B 244 -32.24 -3.56 29.67
C PHE B 244 -33.07 -2.54 30.44
N ASP B 245 -34.26 -2.95 30.84
CA ASP B 245 -35.18 -2.09 31.57
C ASP B 245 -34.58 -1.62 32.90
N GLY B 246 -34.21 -0.35 32.97
CA GLY B 246 -33.64 0.19 34.18
C GLY B 246 -34.57 1.20 34.84
N ALA B 247 -34.02 2.35 35.22
CA ALA B 247 -34.81 3.40 35.85
C ALA B 247 -34.94 4.60 34.93
N LEU B 248 -33.96 4.77 34.07
CA LEU B 248 -33.93 5.85 33.10
C LEU B 248 -33.13 5.41 31.89
N ASN B 249 -33.79 4.68 31.01
CA ASN B 249 -33.18 4.14 29.81
C ASN B 249 -32.90 5.23 28.77
N VAL B 250 -31.84 5.06 28.02
CA VAL B 250 -31.47 5.99 26.97
C VAL B 250 -31.42 5.23 25.65
N ASP B 251 -32.35 5.54 24.77
CA ASP B 251 -32.42 4.87 23.47
C ASP B 251 -31.21 5.22 22.61
N LEU B 252 -30.91 4.36 21.64
CA LEU B 252 -29.79 4.56 20.74
C LEU B 252 -30.01 5.82 19.91
N THR B 253 -31.27 6.10 19.61
CA THR B 253 -31.63 7.28 18.85
C THR B 253 -31.42 8.53 19.71
N GLU B 254 -31.70 8.39 21.01
CA GLU B 254 -31.53 9.49 21.95
C GLU B 254 -30.07 9.88 22.05
N PHE B 255 -29.21 8.88 21.88
CA PHE B 255 -27.77 9.08 21.93
C PHE B 255 -27.35 10.17 20.96
N GLN B 256 -27.53 9.93 19.66
CA GLN B 256 -27.16 10.90 18.64
C GLN B 256 -27.91 12.22 18.81
N THR B 257 -29.17 12.13 19.22
CA THR B 257 -30.00 13.31 19.40
C THR B 257 -29.45 14.23 20.51
N ASN B 258 -28.74 13.66 21.48
CA ASN B 258 -28.19 14.44 22.57
C ASN B 258 -26.67 14.42 22.63
N LEU B 259 -26.05 13.92 21.57
CA LEU B 259 -24.59 13.86 21.51
C LEU B 259 -24.04 14.70 20.37
N VAL B 260 -24.70 14.64 19.22
CA VAL B 260 -24.26 15.40 18.06
C VAL B 260 -25.30 16.47 17.69
N PRO B 261 -25.05 17.72 18.09
CA PRO B 261 -25.95 18.85 17.82
C PRO B 261 -25.85 19.31 16.37
N TYR B 262 -24.97 18.67 15.62
CA TYR B 262 -24.78 18.99 14.21
C TYR B 262 -24.83 17.72 13.38
N PRO B 263 -25.20 17.83 12.09
CA PRO B 263 -25.29 16.68 11.17
C PRO B 263 -23.91 16.19 10.72
N ARG B 264 -22.99 16.10 11.66
CA ARG B 264 -21.64 15.64 11.40
C ARG B 264 -21.33 14.45 12.27
N GLY B 265 -20.52 13.53 11.76
CA GLY B 265 -20.16 12.36 12.54
C GLY B 265 -19.14 12.70 13.60
N HIS B 266 -19.57 13.46 14.61
CA HIS B 266 -18.68 13.85 15.70
C HIS B 266 -18.27 12.63 16.52
N PHE B 267 -17.14 12.72 17.18
CA PHE B 267 -16.62 11.60 17.95
C PHE B 267 -16.54 11.89 19.45
N PRO B 268 -17.46 11.32 20.24
CA PRO B 268 -17.47 11.48 21.70
C PRO B 268 -16.50 10.50 22.37
N LEU B 269 -16.01 10.89 23.54
CA LEU B 269 -15.07 10.07 24.30
C LEU B 269 -15.80 9.02 25.13
N ALA B 270 -15.11 7.94 25.46
CA ALA B 270 -15.70 6.87 26.27
C ALA B 270 -14.94 6.76 27.58
N THR B 271 -15.58 7.17 28.67
CA THR B 271 -14.94 7.14 29.98
C THR B 271 -15.66 6.20 30.95
N TYR B 272 -14.88 5.41 31.67
CA TYR B 272 -15.41 4.47 32.66
C TYR B 272 -14.90 4.84 34.04
N ALA B 273 -15.81 5.07 34.97
CA ALA B 273 -15.45 5.44 36.34
C ALA B 273 -14.62 4.38 37.07
N PRO B 274 -15.14 3.14 37.25
CA PRO B 274 -14.43 2.08 37.96
C PRO B 274 -13.23 1.55 37.16
N VAL B 275 -12.05 1.96 37.56
CA VAL B 275 -10.82 1.51 36.89
C VAL B 275 -9.84 0.95 37.92
N ILE B 276 -10.36 0.69 39.11
CA ILE B 276 -9.56 0.13 40.20
C ILE B 276 -9.25 -1.34 39.93
N SER B 277 -8.01 -1.73 40.15
CA SER B 277 -7.58 -3.10 39.94
C SER B 277 -7.90 -3.98 41.14
N ALA B 278 -8.35 -5.20 40.88
CA ALA B 278 -8.67 -6.13 41.95
C ALA B 278 -7.42 -6.83 42.46
N GLU B 279 -6.59 -6.07 43.16
CA GLU B 279 -5.34 -6.61 43.70
C GLU B 279 -4.71 -5.64 44.71
N LYS B 280 -4.16 -4.55 44.20
CA LYS B 280 -3.48 -3.57 45.04
C LYS B 280 -4.47 -2.69 45.80
N ALA B 281 -5.00 -1.67 45.13
CA ALA B 281 -5.97 -0.77 45.74
C ALA B 281 -7.29 -1.50 45.96
N TYR B 282 -7.89 -1.29 47.13
CA TYR B 282 -9.15 -1.94 47.43
C TYR B 282 -10.11 -1.03 48.19
N HIS B 283 -10.63 -0.02 47.52
CA HIS B 283 -11.59 0.87 48.15
C HIS B 283 -12.96 0.22 48.08
N GLU B 284 -13.34 -0.20 46.86
CA GLU B 284 -14.60 -0.86 46.59
C GLU B 284 -15.81 0.04 46.82
N GLN B 285 -16.16 0.26 48.08
CA GLN B 285 -17.28 1.10 48.44
C GLN B 285 -16.99 2.56 48.12
N LEU B 286 -17.48 3.01 46.98
CA LEU B 286 -17.28 4.37 46.53
C LEU B 286 -18.64 5.01 46.33
N SER B 287 -18.80 6.25 46.80
CA SER B 287 -20.06 6.96 46.66
C SER B 287 -20.24 7.49 45.25
N VAL B 288 -21.47 7.86 44.91
CA VAL B 288 -21.81 8.37 43.59
C VAL B 288 -20.98 9.60 43.22
N ALA B 289 -20.77 10.48 44.20
CA ALA B 289 -20.00 11.70 43.99
C ALA B 289 -18.57 11.39 43.51
N GLU B 290 -17.97 10.35 44.07
CA GLU B 290 -16.61 9.98 43.71
C GLU B 290 -16.53 9.38 42.30
N ILE B 291 -17.42 8.43 41.99
CA ILE B 291 -17.40 7.79 40.68
C ILE B 291 -17.63 8.79 39.54
N THR B 292 -18.57 9.71 39.74
CA THR B 292 -18.86 10.73 38.73
C THR B 292 -17.65 11.65 38.55
N ASN B 293 -17.01 12.00 39.67
CA ASN B 293 -15.85 12.88 39.66
C ASN B 293 -14.62 12.22 39.01
N ALA B 294 -14.67 10.90 38.90
CA ALA B 294 -13.57 10.15 38.30
C ALA B 294 -13.66 10.06 36.79
N CYS B 295 -14.63 10.76 36.20
CA CYS B 295 -14.80 10.75 34.75
C CYS B 295 -14.50 12.11 34.12
N PHE B 296 -13.89 13.00 34.89
CA PHE B 296 -13.55 14.32 34.39
C PHE B 296 -12.05 14.57 34.50
N GLU B 297 -11.32 13.52 34.82
CA GLU B 297 -9.88 13.59 34.97
C GLU B 297 -9.16 13.01 33.76
N PRO B 298 -8.17 13.73 33.22
CA PRO B 298 -7.39 13.30 32.05
C PRO B 298 -6.71 11.96 32.26
N ALA B 299 -6.52 11.58 33.52
CA ALA B 299 -5.88 10.32 33.86
C ALA B 299 -6.81 9.14 33.58
N ASN B 300 -8.10 9.43 33.47
CA ASN B 300 -9.09 8.39 33.22
C ASN B 300 -10.15 8.86 32.24
N GLN B 301 -9.86 8.77 30.95
CA GLN B 301 -10.81 9.18 29.91
C GLN B 301 -10.80 8.25 28.71
N MET B 302 -9.85 7.29 28.72
CA MET B 302 -9.71 6.30 27.63
C MET B 302 -9.44 6.94 26.28
N VAL B 303 -8.94 8.17 26.31
CA VAL B 303 -8.63 8.90 25.11
C VAL B 303 -7.50 9.89 25.38
N LYS B 304 -6.66 10.15 24.39
CA LYS B 304 -5.54 11.07 24.56
C LYS B 304 -5.96 12.52 24.37
N CYS B 305 -7.26 12.73 24.19
CA CYS B 305 -7.79 14.08 24.02
C CYS B 305 -7.88 14.76 25.38
N ASP B 306 -6.72 15.09 25.93
CA ASP B 306 -6.64 15.75 27.23
C ASP B 306 -7.44 17.05 27.21
N PRO B 307 -8.08 17.40 28.34
CA PRO B 307 -8.87 18.63 28.47
C PRO B 307 -7.99 19.87 28.48
N ARG B 308 -7.28 20.09 27.38
CA ARG B 308 -6.40 21.24 27.22
C ARG B 308 -7.23 22.52 27.23
N HIS B 309 -8.18 22.59 26.32
CA HIS B 309 -9.06 23.74 26.20
C HIS B 309 -10.40 23.31 25.60
N GLY B 310 -10.65 22.01 25.64
CA GLY B 310 -11.87 21.48 25.07
C GLY B 310 -13.09 21.76 25.94
N LYS B 311 -14.12 22.29 25.32
CA LYS B 311 -15.36 22.59 26.01
C LYS B 311 -16.35 21.46 25.81
N TYR B 312 -17.06 21.11 26.87
CA TYR B 312 -18.04 20.04 26.80
C TYR B 312 -19.35 20.55 26.20
N MET B 313 -19.79 19.93 25.11
CA MET B 313 -21.03 20.33 24.45
C MET B 313 -22.18 19.41 24.80
N ALA B 314 -21.87 18.12 24.93
CA ALA B 314 -22.88 17.12 25.25
C ALA B 314 -22.22 15.97 26.00
N CYS B 315 -22.72 15.68 27.18
CA CYS B 315 -22.16 14.61 27.99
C CYS B 315 -23.23 13.63 28.46
N CYS B 316 -23.11 12.38 28.06
CA CYS B 316 -24.05 11.37 28.47
C CYS B 316 -23.45 10.57 29.62
N LEU B 317 -24.18 10.48 30.72
CA LEU B 317 -23.72 9.76 31.90
C LEU B 317 -24.59 8.55 32.16
N LEU B 318 -24.04 7.38 31.87
CA LEU B 318 -24.75 6.13 32.08
C LEU B 318 -24.37 5.47 33.39
N TYR B 319 -25.26 5.52 34.36
CA TYR B 319 -25.04 4.93 35.67
C TYR B 319 -25.67 3.56 35.74
N ARG B 320 -24.87 2.53 35.97
CA ARG B 320 -25.38 1.18 36.07
C ARG B 320 -25.04 0.56 37.42
N GLY B 321 -26.07 0.16 38.16
CA GLY B 321 -25.87 -0.45 39.46
C GLY B 321 -26.68 0.22 40.54
N ASP B 322 -26.20 0.15 41.78
CA ASP B 322 -26.89 0.75 42.92
C ASP B 322 -26.62 2.25 42.97
N VAL B 323 -27.42 3.02 42.25
CA VAL B 323 -27.27 4.47 42.21
C VAL B 323 -28.60 5.16 42.48
N VAL B 324 -28.54 6.26 43.23
CA VAL B 324 -29.74 7.03 43.55
C VAL B 324 -29.86 8.22 42.60
N PRO B 325 -31.02 8.39 41.95
CA PRO B 325 -31.27 9.50 41.02
C PRO B 325 -30.92 10.85 41.64
N LYS B 326 -31.33 11.06 42.89
CA LYS B 326 -31.04 12.31 43.58
C LYS B 326 -29.53 12.49 43.78
N ASP B 327 -28.84 11.39 43.99
CA ASP B 327 -27.38 11.42 44.17
C ASP B 327 -26.72 11.84 42.87
N VAL B 328 -27.29 11.37 41.76
CA VAL B 328 -26.79 11.71 40.43
C VAL B 328 -27.03 13.18 40.13
N ASN B 329 -28.24 13.63 40.42
CA ASN B 329 -28.62 15.02 40.20
C ASN B 329 -27.71 15.96 40.97
N ALA B 330 -27.38 15.58 42.21
CA ALA B 330 -26.51 16.38 43.05
C ALA B 330 -25.07 16.38 42.51
N ALA B 331 -24.61 15.21 42.07
CA ALA B 331 -23.26 15.08 41.52
C ALA B 331 -23.11 15.90 40.25
N ILE B 332 -24.13 15.86 39.40
CA ILE B 332 -24.12 16.61 38.16
C ILE B 332 -24.17 18.11 38.45
N ALA B 333 -25.01 18.49 39.41
CA ALA B 333 -25.18 19.88 39.78
C ALA B 333 -23.86 20.49 40.31
N THR B 334 -23.21 19.78 41.22
CA THR B 334 -21.96 20.25 41.80
C THR B 334 -20.85 20.39 40.74
N ILE B 335 -20.87 19.52 39.73
CA ILE B 335 -19.89 19.56 38.67
C ILE B 335 -20.13 20.76 37.76
N LYS B 336 -21.40 21.02 37.48
CA LYS B 336 -21.77 22.14 36.62
C LYS B 336 -21.28 23.46 37.21
N THR B 337 -21.33 23.58 38.53
CA THR B 337 -20.90 24.80 39.21
C THR B 337 -19.41 24.79 39.53
N LYS B 338 -18.69 23.78 39.04
CA LYS B 338 -17.26 23.67 39.30
C LYS B 338 -16.49 24.73 38.52
N ARG B 339 -17.04 25.10 37.35
CA ARG B 339 -16.44 26.10 36.47
C ARG B 339 -15.20 25.61 35.72
N THR B 340 -14.44 24.72 36.35
CA THR B 340 -13.25 24.16 35.73
C THR B 340 -13.65 23.44 34.44
N ILE B 341 -14.77 22.75 34.49
CA ILE B 341 -15.30 22.05 33.34
C ILE B 341 -16.14 23.03 32.53
N GLN B 342 -15.48 23.70 31.59
CA GLN B 342 -16.15 24.68 30.77
C GLN B 342 -16.99 24.03 29.67
N PHE B 343 -18.24 24.43 29.60
CA PHE B 343 -19.15 23.94 28.60
C PHE B 343 -19.24 24.98 27.49
N VAL B 344 -19.84 24.61 26.37
CA VAL B 344 -19.99 25.54 25.26
C VAL B 344 -20.96 26.66 25.65
N ASP B 345 -20.70 27.87 25.16
CA ASP B 345 -21.54 29.03 25.48
C ASP B 345 -23.00 28.80 25.15
N TRP B 346 -23.26 28.22 23.98
CA TRP B 346 -24.64 27.95 23.56
C TRP B 346 -25.17 26.64 24.14
N CYS B 347 -24.51 26.13 25.17
CA CYS B 347 -24.93 24.89 25.82
C CYS B 347 -25.28 25.14 27.28
N PRO B 348 -26.53 25.53 27.55
CA PRO B 348 -27.01 25.79 28.91
C PRO B 348 -27.07 24.50 29.72
N THR B 349 -27.58 23.45 29.09
CA THR B 349 -27.70 22.15 29.74
C THR B 349 -27.29 21.05 28.77
N GLY B 350 -26.17 20.41 29.04
CA GLY B 350 -25.69 19.34 28.17
C GLY B 350 -25.31 18.09 28.95
N PHE B 351 -26.26 17.57 29.70
CA PHE B 351 -26.03 16.38 30.50
C PHE B 351 -27.17 15.38 30.33
N LYS B 352 -26.87 14.25 29.71
CA LYS B 352 -27.85 13.20 29.50
C LYS B 352 -27.76 12.20 30.65
N VAL B 353 -28.83 12.08 31.42
CA VAL B 353 -28.86 11.19 32.56
C VAL B 353 -29.36 9.80 32.19
N GLY B 354 -28.50 8.81 32.35
CA GLY B 354 -28.88 7.44 32.06
C GLY B 354 -28.78 6.60 33.32
N ILE B 355 -29.85 5.91 33.67
CA ILE B 355 -29.86 5.09 34.88
C ILE B 355 -30.28 3.65 34.60
N ASN B 356 -29.36 2.73 34.82
CA ASN B 356 -29.61 1.31 34.59
C ASN B 356 -29.78 0.61 35.93
N TYR B 357 -30.47 -0.53 35.92
CA TYR B 357 -30.69 -1.29 37.13
C TYR B 357 -29.70 -2.45 37.22
N GLU B 358 -29.08 -2.77 36.10
CA GLU B 358 -28.12 -3.86 36.03
C GLU B 358 -26.74 -3.36 36.47
N PRO B 359 -26.15 -4.03 37.47
CA PRO B 359 -24.83 -3.68 37.99
C PRO B 359 -23.72 -3.97 36.98
N PRO B 360 -22.55 -3.33 37.16
CA PRO B 360 -21.40 -3.52 36.26
C PRO B 360 -20.71 -4.86 36.51
N THR B 361 -20.93 -5.80 35.61
CA THR B 361 -20.33 -7.12 35.70
C THR B 361 -18.84 -7.03 35.41
N VAL B 362 -18.07 -7.99 35.93
CA VAL B 362 -16.62 -8.01 35.75
C VAL B 362 -16.13 -9.43 35.44
N VAL B 363 -15.14 -9.53 34.56
CA VAL B 363 -14.54 -10.81 34.20
C VAL B 363 -13.92 -11.46 35.42
N PRO B 364 -14.30 -12.73 35.71
CA PRO B 364 -13.77 -13.48 36.86
C PRO B 364 -12.25 -13.59 36.86
N GLY B 365 -11.65 -13.43 35.68
CA GLY B 365 -10.22 -13.52 35.56
C GLY B 365 -9.61 -12.33 34.84
N GLY B 366 -10.16 -11.15 35.07
CA GLY B 366 -9.65 -9.95 34.44
C GLY B 366 -8.77 -9.16 35.41
N ASP B 367 -8.87 -7.85 35.37
CA ASP B 367 -8.08 -7.00 36.26
C ASP B 367 -8.95 -5.94 36.94
N LEU B 368 -10.26 -6.11 36.84
CA LEU B 368 -11.20 -5.16 37.41
C LEU B 368 -11.60 -5.59 38.82
N ALA B 369 -11.76 -4.61 39.70
CA ALA B 369 -12.11 -4.88 41.10
C ALA B 369 -13.56 -5.31 41.30
N LYS B 370 -14.43 -4.96 40.36
CA LYS B 370 -15.85 -5.31 40.43
C LYS B 370 -16.60 -4.50 41.50
N VAL B 371 -17.26 -3.44 41.06
CA VAL B 371 -18.01 -2.58 41.96
C VAL B 371 -19.51 -2.83 41.77
N GLN B 372 -20.32 -2.34 42.70
CA GLN B 372 -21.77 -2.52 42.62
C GLN B 372 -22.42 -1.41 41.82
N ARG B 373 -21.60 -0.49 41.32
CA ARG B 373 -22.09 0.63 40.52
C ARG B 373 -20.99 1.19 39.64
N ALA B 374 -21.33 1.53 38.40
CA ALA B 374 -20.37 2.07 37.46
C ALA B 374 -20.94 3.26 36.73
N VAL B 375 -20.08 4.21 36.40
CA VAL B 375 -20.48 5.41 35.68
C VAL B 375 -19.76 5.46 34.33
N CYS B 376 -20.54 5.53 33.27
CA CYS B 376 -20.00 5.59 31.93
C CYS B 376 -20.23 6.98 31.36
N MET B 377 -19.15 7.73 31.17
CA MET B 377 -19.23 9.07 30.64
C MET B 377 -18.84 9.12 29.17
N LEU B 378 -19.77 9.56 28.34
CA LEU B 378 -19.52 9.69 26.92
C LEU B 378 -19.89 11.10 26.47
N SER B 379 -18.87 11.92 26.24
CA SER B 379 -19.09 13.31 25.85
C SER B 379 -18.19 13.73 24.69
N ASN B 380 -18.66 14.72 23.95
CA ASN B 380 -17.90 15.26 22.82
C ASN B 380 -17.37 16.63 23.22
N THR B 381 -16.06 16.81 23.14
CA THR B 381 -15.44 18.07 23.52
C THR B 381 -14.65 18.66 22.36
N THR B 382 -14.29 19.92 22.49
CA THR B 382 -13.51 20.61 21.47
C THR B 382 -12.06 20.10 21.45
N ALA B 383 -11.74 19.21 22.38
CA ALA B 383 -10.39 18.64 22.47
C ALA B 383 -10.12 17.67 21.33
N ILE B 384 -11.19 17.22 20.70
CA ILE B 384 -11.08 16.29 19.56
C ILE B 384 -10.29 16.94 18.43
N ALA B 385 -10.45 18.27 18.28
CA ALA B 385 -9.75 19.01 17.25
C ALA B 385 -8.23 18.92 17.45
N GLU B 386 -7.82 18.92 18.71
CA GLU B 386 -6.40 18.83 19.05
C GLU B 386 -5.84 17.48 18.62
N ALA B 387 -6.58 16.42 18.91
CA ALA B 387 -6.17 15.08 18.56
C ALA B 387 -6.13 14.89 17.04
N TRP B 388 -7.16 15.38 16.37
CA TRP B 388 -7.24 15.29 14.92
C TRP B 388 -6.11 16.07 14.25
N ALA B 389 -5.81 17.24 14.81
CA ALA B 389 -4.74 18.09 14.28
C ALA B 389 -3.40 17.37 14.27
N ARG B 390 -3.17 16.52 15.27
CA ARG B 390 -1.93 15.75 15.37
C ARG B 390 -1.84 14.74 14.24
N LEU B 391 -2.95 14.06 13.97
CA LEU B 391 -2.99 13.06 12.91
C LEU B 391 -3.02 13.75 11.55
N ASP B 392 -3.70 14.88 11.49
CA ASP B 392 -3.78 15.68 10.28
C ASP B 392 -2.39 16.08 9.82
N HIS B 393 -1.58 16.54 10.77
CA HIS B 393 -0.21 16.94 10.50
C HIS B 393 0.61 15.72 10.05
N LYS B 394 0.35 14.58 10.67
CA LYS B 394 1.05 13.34 10.34
C LYS B 394 0.80 12.95 8.88
N PHE B 395 -0.40 13.23 8.39
CA PHE B 395 -0.75 12.92 7.03
C PHE B 395 -0.01 13.86 6.08
N ASP B 396 -0.07 15.15 6.38
CA ASP B 396 0.57 16.18 5.56
C ASP B 396 2.08 15.97 5.47
N LEU B 397 2.69 15.57 6.59
CA LEU B 397 4.14 15.34 6.64
C LEU B 397 4.60 14.37 5.54
N MET B 398 3.93 13.23 5.44
CA MET B 398 4.29 12.23 4.43
C MET B 398 3.68 12.57 3.08
N TYR B 399 2.52 13.20 3.09
CA TYR B 399 1.84 13.57 1.86
C TYR B 399 2.65 14.58 1.06
N ALA B 400 3.43 15.39 1.75
CA ALA B 400 4.27 16.39 1.11
C ALA B 400 5.19 15.77 0.07
N LYS B 401 5.60 14.53 0.31
CA LYS B 401 6.47 13.82 -0.61
C LYS B 401 5.75 12.61 -1.19
N ARG B 402 4.44 12.55 -0.93
CA ARG B 402 3.56 11.47 -1.40
C ARG B 402 3.77 10.16 -0.64
N ALA B 403 5.02 9.85 -0.32
CA ALA B 403 5.36 8.64 0.42
C ALA B 403 4.91 7.38 -0.33
N PHE B 404 4.35 6.44 0.42
CA PHE B 404 3.88 5.17 -0.15
C PHE B 404 2.54 5.36 -0.85
N VAL B 405 2.39 6.45 -1.58
CA VAL B 405 1.14 6.75 -2.27
C VAL B 405 0.87 5.76 -3.41
N HIS B 406 1.95 5.21 -3.99
CA HIS B 406 1.83 4.27 -5.09
C HIS B 406 1.09 3.00 -4.68
N TRP B 407 1.20 2.65 -3.40
CA TRP B 407 0.54 1.46 -2.88
C TRP B 407 -0.96 1.68 -2.76
N TYR B 408 -1.39 2.91 -3.00
CA TYR B 408 -2.78 3.27 -2.94
C TYR B 408 -3.30 3.58 -4.34
N VAL B 409 -2.52 4.35 -5.08
CA VAL B 409 -2.86 4.72 -6.43
C VAL B 409 -2.97 3.50 -7.35
N GLY B 410 -2.03 2.57 -7.20
CA GLY B 410 -2.02 1.37 -8.02
C GLY B 410 -3.19 0.43 -7.71
N GLU B 411 -3.89 0.69 -6.62
CA GLU B 411 -5.03 -0.13 -6.23
C GLU B 411 -6.31 0.39 -6.88
N GLY B 412 -6.24 1.58 -7.44
CA GLY B 412 -7.39 2.17 -8.10
C GLY B 412 -7.85 3.46 -7.44
N MET B 413 -6.91 4.23 -6.91
CA MET B 413 -7.23 5.50 -6.27
C MET B 413 -6.42 6.62 -6.91
N GLU B 414 -7.07 7.75 -7.15
CA GLU B 414 -6.41 8.89 -7.78
C GLU B 414 -5.99 9.88 -6.71
N GLU B 415 -5.25 10.91 -7.12
CA GLU B 415 -4.81 11.95 -6.18
C GLU B 415 -6.01 12.63 -5.55
N GLY B 416 -7.12 12.65 -6.28
CA GLY B 416 -8.34 13.27 -5.79
C GLY B 416 -8.86 12.59 -4.54
N GLU B 417 -8.51 11.33 -4.36
CA GLU B 417 -8.95 10.57 -3.19
C GLU B 417 -8.09 10.94 -1.97
N PHE B 418 -7.04 11.72 -2.21
CA PHE B 418 -6.15 12.14 -1.15
C PHE B 418 -6.23 13.66 -0.95
N SER B 419 -6.01 14.41 -2.02
CA SER B 419 -6.05 15.86 -1.97
C SER B 419 -7.42 16.40 -1.53
N GLU B 420 -8.49 15.89 -2.13
CA GLU B 420 -9.84 16.33 -1.78
C GLU B 420 -10.19 15.91 -0.35
N ALA B 421 -9.68 14.76 0.06
CA ALA B 421 -9.91 14.26 1.41
C ALA B 421 -9.18 15.12 2.43
N ARG B 422 -7.98 15.54 2.05
CA ARG B 422 -7.13 16.38 2.88
C ARG B 422 -7.86 17.68 3.23
N GLU B 423 -8.49 18.27 2.22
CA GLU B 423 -9.24 19.51 2.41
C GLU B 423 -10.51 19.26 3.19
N ASP B 424 -11.18 18.15 2.88
CA ASP B 424 -12.42 17.79 3.54
C ASP B 424 -12.23 17.58 5.03
N MET B 425 -11.20 16.82 5.38
CA MET B 425 -10.90 16.55 6.79
C MET B 425 -10.46 17.82 7.50
N ALA B 426 -9.80 18.71 6.76
CA ALA B 426 -9.33 19.97 7.33
C ALA B 426 -10.51 20.84 7.77
N ALA B 427 -11.66 20.62 7.15
CA ALA B 427 -12.86 21.38 7.50
C ALA B 427 -13.36 21.00 8.89
N LEU B 428 -12.97 19.82 9.34
CA LEU B 428 -13.37 19.35 10.67
C LEU B 428 -12.62 20.12 11.75
N GLU B 429 -11.36 20.46 11.46
CA GLU B 429 -10.54 21.22 12.39
C GLU B 429 -11.15 22.61 12.55
N LYS B 430 -11.77 23.09 11.48
CA LYS B 430 -12.41 24.38 11.49
C LYS B 430 -13.79 24.26 12.14
N ASP B 431 -14.42 23.11 11.93
CA ASP B 431 -15.75 22.83 12.48
C ASP B 431 -15.71 22.97 14.00
N TYR B 432 -14.84 22.20 14.64
CA TYR B 432 -14.70 22.25 16.10
C TYR B 432 -14.29 23.64 16.54
N GLU B 433 -13.47 24.29 15.72
CA GLU B 433 -12.97 25.64 16.01
C GLU B 433 -14.10 26.66 16.05
N GLU B 434 -15.15 26.40 15.29
CA GLU B 434 -16.29 27.31 15.24
C GLU B 434 -17.38 26.91 16.22
N VAL B 435 -17.64 25.60 16.29
CA VAL B 435 -18.65 25.08 17.22
C VAL B 435 -18.19 25.37 18.64
N GLY B 436 -16.89 25.30 18.82
CA GLY B 436 -16.31 25.56 20.10
C GLY B 436 -15.50 26.84 20.12
N VAL B 437 -15.01 27.21 21.30
CA VAL B 437 -14.18 28.39 21.49
C VAL B 437 -14.96 29.71 21.41
N ASP B 438 -15.69 29.91 20.30
CA ASP B 438 -16.46 31.13 20.10
C ASP B 438 -17.58 31.26 21.14
N SER B 439 -17.76 32.49 21.64
CA SER B 439 -18.78 32.75 22.65
C SER B 439 -20.15 32.98 22.00
N ARG C 2 -2.49 -17.63 0.92
CA ARG C 2 -1.26 -16.85 0.98
C ARG C 2 -0.09 -17.69 0.48
N GLU C 3 -0.39 -18.58 -0.45
CA GLU C 3 0.60 -19.48 -1.05
C GLU C 3 1.63 -18.71 -1.86
N ILE C 4 2.87 -19.19 -1.85
CA ILE C 4 3.96 -18.56 -2.59
C ILE C 4 4.83 -19.63 -3.25
N VAL C 5 5.43 -19.29 -4.38
CA VAL C 5 6.31 -20.21 -5.06
C VAL C 5 7.75 -19.79 -4.82
N HIS C 6 8.63 -20.75 -4.65
CA HIS C 6 10.03 -20.46 -4.41
C HIS C 6 10.82 -20.87 -5.65
N ILE C 7 11.71 -20.00 -6.11
CA ILE C 7 12.51 -20.30 -7.29
C ILE C 7 14.00 -20.12 -7.02
N GLN C 8 14.78 -21.15 -7.35
CA GLN C 8 16.21 -21.12 -7.17
C GLN C 8 16.87 -20.93 -8.54
N ALA C 9 17.65 -19.87 -8.69
CA ALA C 9 18.29 -19.60 -9.96
C ALA C 9 19.80 -19.52 -9.84
N GLY C 10 20.49 -20.41 -10.56
CA GLY C 10 21.94 -20.41 -10.56
C GLY C 10 22.52 -21.23 -9.44
N GLN C 11 23.83 -21.40 -9.49
CA GLN C 11 24.58 -22.15 -8.49
C GLN C 11 24.31 -21.62 -7.08
N CYS C 12 24.42 -20.30 -6.93
CA CYS C 12 24.19 -19.66 -5.64
C CYS C 12 22.77 -19.94 -5.15
N GLY C 13 21.80 -19.73 -6.03
CA GLY C 13 20.41 -19.96 -5.68
C GLY C 13 20.15 -21.41 -5.33
N ASN C 14 20.76 -22.30 -6.10
CA ASN C 14 20.62 -23.74 -5.88
C ASN C 14 21.18 -24.13 -4.52
N GLN C 15 22.40 -23.70 -4.25
CA GLN C 15 23.06 -24.00 -2.98
C GLN C 15 22.28 -23.46 -1.79
N ILE C 16 21.85 -22.21 -1.89
CA ILE C 16 21.09 -21.59 -0.81
C ILE C 16 19.72 -22.26 -0.66
N GLY C 17 19.10 -22.57 -1.79
CA GLY C 17 17.81 -23.23 -1.78
C GLY C 17 17.87 -24.56 -1.05
N ALA C 18 18.94 -25.30 -1.30
CA ALA C 18 19.15 -26.60 -0.66
C ALA C 18 19.24 -26.44 0.85
N LYS C 19 19.78 -25.30 1.29
CA LYS C 19 19.93 -25.02 2.71
C LYS C 19 18.61 -24.50 3.29
N PHE C 20 17.91 -23.69 2.50
CA PHE C 20 16.63 -23.13 2.92
C PHE C 20 15.64 -24.26 3.22
N TRP C 21 15.50 -25.18 2.28
CA TRP C 21 14.59 -26.30 2.43
C TRP C 21 15.12 -27.31 3.45
N GLU C 22 16.33 -27.07 3.91
CA GLU C 22 16.95 -27.94 4.91
C GLU C 22 16.64 -27.37 6.30
N VAL C 23 16.24 -26.10 6.33
CA VAL C 23 15.91 -25.42 7.58
C VAL C 23 14.39 -25.34 7.76
N ILE C 24 13.70 -24.86 6.74
CA ILE C 24 12.25 -24.72 6.79
C ILE C 24 11.55 -26.07 6.99
N SER C 25 12.24 -27.16 6.65
CA SER C 25 11.69 -28.48 6.81
C SER C 25 11.43 -28.78 8.28
N ASP C 26 12.29 -28.25 9.14
CA ASP C 26 12.15 -28.45 10.57
C ASP C 26 11.15 -27.44 11.14
N GLU C 27 11.07 -26.29 10.47
CA GLU C 27 10.14 -25.24 10.87
C GLU C 27 8.69 -25.70 10.67
N HIS C 28 8.47 -26.45 9.59
CA HIS C 28 7.15 -26.98 9.30
C HIS C 28 7.00 -28.39 9.85
N GLY C 29 8.13 -29.05 10.10
CA GLY C 29 8.11 -30.39 10.64
C GLY C 29 7.79 -31.43 9.57
N ILE C 30 8.56 -31.43 8.50
CA ILE C 30 8.35 -32.38 7.41
C ILE C 30 9.68 -33.04 7.04
N ASP C 31 9.69 -34.37 7.01
CA ASP C 31 10.88 -35.12 6.67
C ASP C 31 11.11 -35.10 5.15
N PRO C 32 12.32 -35.48 4.67
CA PRO C 32 12.66 -35.51 3.23
C PRO C 32 11.51 -36.04 2.38
N THR C 33 11.06 -37.23 2.70
CA THR C 33 9.95 -37.84 1.98
C THR C 33 8.92 -38.32 2.98
N GLY C 34 8.93 -37.68 4.15
CA GLY C 34 8.02 -38.03 5.20
C GLY C 34 6.86 -37.06 5.30
N SER C 35 5.97 -37.32 6.25
CA SER C 35 4.82 -36.48 6.45
C SER C 35 5.04 -35.42 7.53
N TYR C 36 3.96 -35.00 8.15
CA TYR C 36 4.00 -33.98 9.19
C TYR C 36 4.51 -34.58 10.50
N HIS C 37 5.79 -34.40 10.75
CA HIS C 37 6.42 -34.92 11.97
C HIS C 37 6.73 -33.75 12.90
N GLY C 38 6.01 -32.65 12.70
CA GLY C 38 6.21 -31.47 13.53
C GLY C 38 5.81 -31.71 14.97
N ASP C 39 6.42 -30.95 15.88
CA ASP C 39 6.14 -31.09 17.30
C ASP C 39 4.76 -30.54 17.62
N SER C 40 4.45 -29.38 17.08
CA SER C 40 3.16 -28.75 17.27
C SER C 40 2.25 -29.09 16.09
N ASP C 41 1.00 -28.65 16.13
CA ASP C 41 0.07 -28.90 15.02
C ASP C 41 -0.35 -27.62 14.33
N LEU C 42 0.15 -26.49 14.82
CA LEU C 42 -0.18 -25.19 14.25
C LEU C 42 0.57 -24.96 12.94
N GLN C 43 1.66 -25.68 12.75
CA GLN C 43 2.48 -25.54 11.55
C GLN C 43 1.80 -26.17 10.34
N LEU C 44 0.99 -27.20 10.59
CA LEU C 44 0.27 -27.91 9.54
C LEU C 44 -0.76 -27.03 8.84
N GLU C 45 -1.41 -26.16 9.60
CA GLU C 45 -2.44 -25.29 9.06
C GLU C 45 -1.91 -24.25 8.08
N ARG C 46 -0.59 -24.21 7.88
CA ARG C 46 0.01 -23.25 6.97
C ARG C 46 1.07 -23.87 6.07
N ILE C 47 0.94 -25.17 5.80
CA ILE C 47 1.91 -25.85 4.93
C ILE C 47 1.60 -25.65 3.45
N ASN C 48 0.42 -25.12 3.15
CA ASN C 48 0.00 -24.91 1.78
C ASN C 48 0.73 -23.73 1.14
N VAL C 49 1.41 -22.94 1.96
CA VAL C 49 2.13 -21.78 1.47
C VAL C 49 3.32 -22.17 0.60
N TYR C 50 3.98 -23.27 0.95
CA TYR C 50 5.15 -23.71 0.20
C TYR C 50 5.06 -25.16 -0.27
N TYR C 51 4.05 -25.89 0.18
CA TYR C 51 3.92 -27.28 -0.21
C TYR C 51 2.63 -27.55 -0.98
N ASN C 52 2.70 -28.50 -1.91
CA ASN C 52 1.55 -28.88 -2.71
C ASN C 52 0.99 -30.22 -2.23
N GLU C 53 -0.31 -30.25 -1.95
CA GLU C 53 -0.97 -31.46 -1.48
C GLU C 53 -0.94 -32.54 -2.55
N ALA C 54 -0.22 -33.63 -2.27
CA ALA C 54 -0.09 -34.71 -3.24
C ALA C 54 -0.60 -36.05 -2.72
N ALA C 55 0.32 -36.91 -2.27
CA ALA C 55 -0.03 -38.23 -1.78
C ALA C 55 -0.37 -38.28 -0.29
N GLY C 56 -0.68 -37.12 0.28
CA GLY C 56 -1.03 -37.07 1.70
C GLY C 56 0.19 -37.13 2.60
N ASN C 57 0.97 -38.20 2.47
CA ASN C 57 2.18 -38.37 3.27
C ASN C 57 3.32 -37.57 2.68
N LYS C 58 3.41 -37.57 1.35
CA LYS C 58 4.47 -36.86 0.66
C LYS C 58 4.09 -35.42 0.40
N TYR C 59 4.70 -34.50 1.14
CA TYR C 59 4.46 -33.08 0.97
C TYR C 59 5.52 -32.52 0.03
N VAL C 60 5.14 -32.26 -1.21
CA VAL C 60 6.07 -31.75 -2.19
C VAL C 60 6.19 -30.23 -2.17
N PRO C 61 7.41 -29.73 -1.98
CA PRO C 61 7.68 -28.30 -1.94
C PRO C 61 7.55 -27.66 -3.32
N ARG C 62 6.80 -26.56 -3.38
CA ARG C 62 6.59 -25.86 -4.62
C ARG C 62 7.76 -24.92 -4.91
N ALA C 63 8.88 -25.52 -5.28
CA ALA C 63 10.09 -24.79 -5.58
C ALA C 63 10.60 -25.18 -6.96
N ILE C 64 10.97 -24.19 -7.73
CA ILE C 64 11.49 -24.42 -9.07
C ILE C 64 12.99 -24.13 -9.09
N LEU C 65 13.78 -25.15 -9.34
CA LEU C 65 15.23 -25.00 -9.37
C LEU C 65 15.73 -24.99 -10.81
N VAL C 66 16.30 -23.87 -11.22
CA VAL C 66 16.83 -23.70 -12.57
C VAL C 66 18.34 -23.50 -12.52
N ASP C 67 19.06 -24.40 -13.16
CA ASP C 67 20.53 -24.31 -13.19
C ASP C 67 21.05 -24.72 -14.56
N LEU C 68 22.20 -24.15 -14.93
CA LEU C 68 22.82 -24.46 -16.20
C LEU C 68 23.89 -25.52 -16.02
N GLU C 69 24.27 -25.74 -14.76
CA GLU C 69 25.27 -26.73 -14.43
C GLU C 69 24.59 -27.97 -13.83
N PRO C 70 24.44 -29.04 -14.63
CA PRO C 70 23.78 -30.28 -14.19
C PRO C 70 24.44 -30.86 -12.95
N GLY C 71 25.76 -30.76 -12.88
CA GLY C 71 26.49 -31.29 -11.75
C GLY C 71 26.10 -30.60 -10.44
N THR C 72 25.96 -29.29 -10.50
CA THR C 72 25.59 -28.50 -9.33
C THR C 72 24.20 -28.89 -8.82
N MET C 73 23.25 -28.98 -9.75
CA MET C 73 21.88 -29.37 -9.40
C MET C 73 21.84 -30.82 -8.92
N ASP C 74 22.67 -31.65 -9.52
CA ASP C 74 22.72 -33.06 -9.16
C ASP C 74 23.25 -33.29 -7.76
N SER C 75 24.24 -32.50 -7.33
CA SER C 75 24.79 -32.64 -5.99
C SER C 75 23.72 -32.39 -4.93
N VAL C 76 22.73 -31.57 -5.29
CA VAL C 76 21.63 -31.27 -4.39
C VAL C 76 20.68 -32.47 -4.33
N ARG C 77 20.37 -33.01 -5.51
CA ARG C 77 19.47 -34.16 -5.63
C ARG C 77 20.00 -35.37 -4.88
N SER C 78 21.32 -35.52 -4.81
CA SER C 78 21.93 -36.64 -4.13
C SER C 78 22.38 -36.25 -2.73
N GLY C 79 21.87 -35.13 -2.22
CA GLY C 79 22.23 -34.66 -0.91
C GLY C 79 21.20 -35.02 0.14
N PRO C 80 21.03 -34.17 1.17
CA PRO C 80 20.06 -34.41 2.25
C PRO C 80 18.62 -34.21 1.78
N PHE C 81 18.24 -32.98 1.52
CA PHE C 81 16.88 -32.67 1.06
C PHE C 81 16.86 -32.41 -0.44
N GLY C 82 17.30 -33.38 -1.21
CA GLY C 82 17.32 -33.23 -2.65
C GLY C 82 16.28 -34.10 -3.32
N GLN C 83 15.86 -35.15 -2.62
CA GLN C 83 14.85 -36.06 -3.15
C GLN C 83 13.45 -35.57 -2.79
N ILE C 84 13.38 -34.54 -1.97
CA ILE C 84 12.11 -33.98 -1.55
C ILE C 84 11.43 -33.24 -2.72
N PHE C 85 12.25 -32.78 -3.66
CA PHE C 85 11.76 -32.06 -4.82
C PHE C 85 11.27 -33.02 -5.90
N ARG C 86 10.28 -32.58 -6.66
CA ARG C 86 9.74 -33.38 -7.74
C ARG C 86 10.54 -33.11 -9.01
N PRO C 87 10.86 -34.17 -9.78
CA PRO C 87 11.63 -34.06 -11.02
C PRO C 87 11.02 -33.06 -12.01
N ASP C 88 9.71 -32.88 -11.93
CA ASP C 88 9.00 -31.94 -12.81
C ASP C 88 9.45 -30.51 -12.58
N ASN C 89 9.96 -30.22 -11.39
CA ASN C 89 10.41 -28.88 -11.05
C ASN C 89 11.92 -28.72 -11.25
N PHE C 90 12.53 -29.75 -11.85
CA PHE C 90 13.95 -29.72 -12.11
C PHE C 90 14.22 -29.17 -13.51
N VAL C 91 14.61 -27.91 -13.58
CA VAL C 91 14.89 -27.28 -14.87
C VAL C 91 16.39 -27.13 -15.05
N PHE C 92 17.00 -28.14 -15.64
CA PHE C 92 18.44 -28.11 -15.88
C PHE C 92 18.73 -27.85 -17.35
N GLY C 93 19.70 -26.99 -17.60
CA GLY C 93 20.07 -26.67 -18.96
C GLY C 93 21.47 -27.14 -19.26
N GLN C 94 21.59 -28.34 -19.83
CA GLN C 94 22.88 -28.92 -20.16
C GLN C 94 23.47 -28.25 -21.42
N SER C 95 23.68 -26.95 -21.33
CA SER C 95 24.23 -26.18 -22.42
C SER C 95 25.50 -25.46 -21.95
N GLY C 96 25.82 -24.36 -22.61
CA GLY C 96 27.00 -23.60 -22.23
C GLY C 96 26.86 -22.91 -20.89
N ALA C 97 27.15 -23.63 -19.82
CA ALA C 97 27.06 -23.09 -18.47
C ALA C 97 28.26 -22.21 -18.16
N GLY C 98 28.29 -21.04 -18.77
CA GLY C 98 29.38 -20.13 -18.56
C GLY C 98 28.95 -18.94 -17.74
N ASN C 99 29.83 -18.48 -16.85
CA ASN C 99 29.54 -17.33 -16.00
C ASN C 99 29.49 -16.07 -16.84
N ASN C 100 28.32 -15.81 -17.42
CA ASN C 100 28.11 -14.66 -18.27
C ASN C 100 26.63 -14.31 -18.30
N TRP C 101 26.32 -13.06 -17.96
CA TRP C 101 24.94 -12.58 -17.96
C TRP C 101 24.26 -12.78 -19.31
N ALA C 102 24.91 -12.30 -20.37
CA ALA C 102 24.38 -12.41 -21.72
C ALA C 102 24.20 -13.86 -22.16
N LYS C 103 25.18 -14.69 -21.83
CA LYS C 103 25.13 -16.10 -22.19
C LYS C 103 23.98 -16.81 -21.50
N GLY C 104 23.77 -16.50 -20.23
CA GLY C 104 22.70 -17.11 -19.48
C GLY C 104 21.38 -16.38 -19.60
N HIS C 105 21.31 -15.43 -20.52
CA HIS C 105 20.08 -14.66 -20.72
C HIS C 105 19.60 -14.74 -22.16
N TYR C 106 20.47 -14.41 -23.09
CA TYR C 106 20.11 -14.42 -24.51
C TYR C 106 20.38 -15.76 -25.19
N THR C 107 21.63 -16.21 -25.12
CA THR C 107 22.04 -17.45 -25.78
C THR C 107 21.37 -18.70 -25.19
N GLU C 108 21.98 -19.26 -24.16
CA GLU C 108 21.49 -20.49 -23.53
C GLU C 108 20.40 -20.19 -22.51
N GLY C 109 20.16 -18.92 -22.25
CA GLY C 109 19.16 -18.54 -21.28
C GLY C 109 17.74 -18.66 -21.81
N ALA C 110 17.41 -17.84 -22.80
CA ALA C 110 16.08 -17.80 -23.39
C ALA C 110 15.54 -19.18 -23.76
N GLU C 111 16.39 -20.04 -24.33
CA GLU C 111 15.97 -21.37 -24.74
C GLU C 111 15.40 -22.18 -23.58
N LEU C 112 16.00 -22.05 -22.41
CA LEU C 112 15.56 -22.78 -21.24
C LEU C 112 14.41 -22.07 -20.54
N VAL C 113 14.37 -20.75 -20.69
CA VAL C 113 13.31 -19.94 -20.07
C VAL C 113 11.91 -20.43 -20.45
N ASP C 114 11.73 -20.80 -21.70
CA ASP C 114 10.45 -21.32 -22.18
C ASP C 114 10.01 -22.52 -21.36
N SER C 115 10.96 -23.40 -21.08
CA SER C 115 10.70 -24.59 -20.30
C SER C 115 10.39 -24.23 -18.84
N VAL C 116 11.09 -23.22 -18.34
CA VAL C 116 10.89 -22.76 -16.96
C VAL C 116 9.49 -22.16 -16.81
N LEU C 117 9.09 -21.34 -17.77
CA LEU C 117 7.79 -20.69 -17.75
C LEU C 117 6.65 -21.70 -17.65
N ASP C 118 6.80 -22.83 -18.32
CA ASP C 118 5.78 -23.86 -18.30
C ASP C 118 5.63 -24.42 -16.90
N VAL C 119 6.76 -24.62 -16.22
CA VAL C 119 6.77 -25.15 -14.88
C VAL C 119 6.21 -24.14 -13.88
N VAL C 120 6.71 -22.91 -13.96
CA VAL C 120 6.26 -21.85 -13.05
C VAL C 120 4.77 -21.55 -13.22
N ARG C 121 4.28 -21.58 -14.46
CA ARG C 121 2.87 -21.31 -14.74
C ARG C 121 2.01 -22.42 -14.15
N LYS C 122 2.59 -23.61 -14.04
CA LYS C 122 1.90 -24.75 -13.48
C LYS C 122 1.88 -24.65 -11.97
N GLU C 123 2.96 -24.15 -11.40
CA GLU C 123 3.09 -23.99 -9.96
C GLU C 123 2.19 -22.88 -9.44
N SER C 124 2.04 -21.81 -10.22
CA SER C 124 1.18 -20.69 -9.83
C SER C 124 -0.29 -21.09 -9.92
N GLU C 125 -0.63 -21.83 -10.97
CA GLU C 125 -1.99 -22.27 -11.16
C GLU C 125 -2.25 -23.59 -10.46
N SER C 126 -1.97 -23.62 -9.16
CA SER C 126 -2.17 -24.82 -8.36
C SER C 126 -3.55 -24.81 -7.73
N CYS C 127 -3.66 -24.20 -6.55
CA CYS C 127 -4.93 -24.12 -5.84
C CYS C 127 -5.01 -22.83 -5.03
N ASP C 128 -6.22 -22.44 -4.66
CA ASP C 128 -6.47 -21.23 -3.88
C ASP C 128 -5.92 -19.97 -4.58
N CYS C 129 -5.40 -19.03 -3.80
CA CYS C 129 -4.87 -17.80 -4.36
C CYS C 129 -3.39 -17.63 -4.02
N LEU C 130 -2.58 -17.44 -5.06
CA LEU C 130 -1.15 -17.27 -4.89
C LEU C 130 -0.83 -15.82 -4.53
N GLN C 131 0.16 -15.61 -3.69
CA GLN C 131 0.54 -14.27 -3.27
C GLN C 131 1.71 -13.71 -4.08
N GLY C 132 2.83 -14.42 -4.10
CA GLY C 132 3.98 -13.92 -4.82
C GLY C 132 4.94 -15.00 -5.27
N PHE C 133 6.16 -14.58 -5.58
CA PHE C 133 7.19 -15.50 -6.05
C PHE C 133 8.54 -15.15 -5.42
N GLN C 134 9.05 -16.04 -4.57
CA GLN C 134 10.33 -15.82 -3.91
C GLN C 134 11.45 -16.33 -4.82
N LEU C 135 12.53 -15.58 -4.92
CA LEU C 135 13.66 -15.99 -5.76
C LEU C 135 14.99 -15.85 -5.05
N THR C 136 15.89 -16.79 -5.32
CA THR C 136 17.23 -16.79 -4.74
C THR C 136 18.24 -16.92 -5.87
N HIS C 137 19.15 -15.96 -5.99
CA HIS C 137 20.14 -16.01 -7.06
C HIS C 137 21.43 -15.27 -6.69
N SER C 138 22.40 -15.36 -7.59
CA SER C 138 23.70 -14.71 -7.43
C SER C 138 23.74 -13.44 -8.29
N LEU C 139 24.61 -12.51 -7.93
CA LEU C 139 24.73 -11.27 -8.70
C LEU C 139 25.91 -11.32 -9.66
N GLY C 140 26.89 -12.18 -9.34
CA GLY C 140 28.07 -12.32 -10.18
C GLY C 140 28.16 -13.70 -10.80
N GLY C 141 27.04 -14.19 -11.31
CA GLY C 141 27.02 -15.50 -11.94
C GLY C 141 26.41 -15.48 -13.33
N GLY C 142 26.23 -16.64 -13.92
CA GLY C 142 25.64 -16.71 -15.23
C GLY C 142 24.18 -17.09 -15.14
N THR C 143 23.90 -18.16 -14.40
CA THR C 143 22.54 -18.62 -14.24
C THR C 143 21.78 -17.75 -13.24
N GLY C 144 22.46 -17.39 -12.17
CA GLY C 144 21.84 -16.57 -11.14
C GLY C 144 21.47 -15.18 -11.61
N SER C 145 22.45 -14.44 -12.10
CA SER C 145 22.24 -13.08 -12.56
C SER C 145 21.54 -13.00 -13.91
N GLY C 146 21.88 -13.92 -14.82
CA GLY C 146 21.30 -13.89 -16.15
C GLY C 146 19.92 -14.54 -16.22
N MET C 147 19.89 -15.86 -16.09
CA MET C 147 18.64 -16.62 -16.18
C MET C 147 17.59 -16.13 -15.19
N GLY C 148 18.00 -15.92 -13.95
CA GLY C 148 17.08 -15.45 -12.93
C GLY C 148 16.44 -14.12 -13.29
N THR C 149 17.24 -13.25 -13.89
CA THR C 149 16.76 -11.93 -14.30
C THR C 149 15.66 -12.04 -15.36
N LEU C 150 15.79 -12.99 -16.27
CA LEU C 150 14.79 -13.17 -17.31
C LEU C 150 13.55 -13.83 -16.73
N LEU C 151 13.77 -14.70 -15.76
CA LEU C 151 12.69 -15.39 -15.08
C LEU C 151 11.74 -14.40 -14.42
N ILE C 152 12.31 -13.44 -13.68
CA ILE C 152 11.52 -12.43 -13.01
C ILE C 152 10.84 -11.48 -14.00
N SER C 153 11.54 -11.18 -15.10
CA SER C 153 11.00 -10.30 -16.13
C SER C 153 9.73 -10.88 -16.75
N LYS C 154 9.73 -12.19 -16.96
CA LYS C 154 8.60 -12.87 -17.56
C LYS C 154 7.47 -13.05 -16.53
N ILE C 155 7.86 -13.33 -15.29
CA ILE C 155 6.89 -13.53 -14.21
C ILE C 155 6.08 -12.27 -13.94
N ARG C 156 6.76 -11.12 -13.86
CA ARG C 156 6.09 -9.85 -13.60
C ARG C 156 5.19 -9.46 -14.78
N GLU C 157 5.50 -10.01 -15.94
CA GLU C 157 4.75 -9.76 -17.15
C GLU C 157 3.47 -10.60 -17.15
N GLU C 158 3.58 -11.80 -16.60
CA GLU C 158 2.47 -12.73 -16.54
C GLU C 158 1.53 -12.40 -15.38
N TYR C 159 2.10 -12.24 -14.20
CA TYR C 159 1.31 -11.94 -13.01
C TYR C 159 1.75 -10.63 -12.35
N PRO C 160 1.27 -9.48 -12.86
CA PRO C 160 1.61 -8.17 -12.30
C PRO C 160 0.82 -7.90 -11.04
N ASP C 161 -0.16 -8.75 -10.78
CA ASP C 161 -1.02 -8.64 -9.61
C ASP C 161 -0.34 -9.22 -8.38
N ARG C 162 0.71 -9.99 -8.60
CA ARG C 162 1.43 -10.62 -7.51
C ARG C 162 2.73 -9.87 -7.22
N ILE C 163 3.27 -10.07 -6.03
CA ILE C 163 4.50 -9.40 -5.65
C ILE C 163 5.68 -10.34 -5.80
N MET C 164 6.88 -9.79 -5.86
CA MET C 164 8.08 -10.60 -5.99
C MET C 164 9.10 -10.23 -4.93
N ASN C 165 9.63 -11.25 -4.26
CA ASN C 165 10.64 -11.05 -3.22
C ASN C 165 11.90 -11.78 -3.63
N THR C 166 12.96 -11.03 -3.87
CA THR C 166 14.21 -11.60 -4.30
C THR C 166 15.31 -11.54 -3.24
N PHE C 167 16.01 -12.65 -3.08
CA PHE C 167 17.13 -12.75 -2.15
C PHE C 167 18.38 -12.90 -3.01
N SER C 168 19.22 -11.89 -3.02
CA SER C 168 20.41 -11.94 -3.85
C SER C 168 21.70 -11.66 -3.09
N VAL C 169 22.70 -12.51 -3.31
CA VAL C 169 24.00 -12.34 -2.69
C VAL C 169 24.83 -11.43 -3.60
N VAL C 170 25.16 -10.25 -3.12
CA VAL C 170 25.91 -9.30 -3.92
C VAL C 170 27.40 -9.66 -3.94
N PRO C 171 28.13 -9.16 -4.96
CA PRO C 171 29.57 -9.41 -5.11
C PRO C 171 30.37 -8.89 -3.93
N SER C 172 31.14 -9.76 -3.32
CA SER C 172 31.98 -9.40 -2.17
C SER C 172 32.93 -8.26 -2.53
N PRO C 173 32.73 -7.08 -1.92
CA PRO C 173 33.56 -5.90 -2.17
C PRO C 173 35.05 -6.09 -1.82
N LYS C 174 35.35 -6.69 -0.67
CA LYS C 174 36.74 -6.87 -0.27
C LYS C 174 37.46 -7.91 -1.12
N VAL C 175 36.81 -9.05 -1.36
CA VAL C 175 37.40 -10.11 -2.17
C VAL C 175 36.36 -10.70 -3.11
N SER C 176 36.29 -10.18 -4.32
CA SER C 176 35.33 -10.68 -5.31
C SER C 176 35.61 -12.14 -5.65
N ASP C 177 34.55 -12.93 -5.73
CA ASP C 177 34.67 -14.36 -6.01
C ASP C 177 34.70 -14.62 -7.51
N THR C 178 34.24 -13.65 -8.28
CA THR C 178 34.21 -13.77 -9.72
C THR C 178 34.99 -12.62 -10.37
N VAL C 179 35.61 -12.88 -11.51
CA VAL C 179 36.38 -11.86 -12.21
C VAL C 179 35.43 -10.91 -12.95
N VAL C 180 34.45 -11.48 -13.63
CA VAL C 180 33.46 -10.70 -14.36
C VAL C 180 32.25 -10.39 -13.47
N GLU C 181 32.51 -10.38 -12.18
CA GLU C 181 31.46 -10.12 -11.18
C GLU C 181 30.74 -8.78 -11.38
N PRO C 182 31.46 -7.63 -11.43
CA PRO C 182 30.83 -6.32 -11.62
C PRO C 182 30.05 -6.23 -12.94
N TYR C 183 30.55 -6.92 -13.94
CA TYR C 183 29.93 -6.93 -15.26
C TYR C 183 28.55 -7.59 -15.20
N ASN C 184 28.45 -8.65 -14.41
CA ASN C 184 27.18 -9.37 -14.27
C ASN C 184 26.27 -8.66 -13.28
N ALA C 185 26.87 -8.09 -12.24
CA ALA C 185 26.14 -7.40 -11.19
C ALA C 185 25.31 -6.23 -11.72
N THR C 186 25.96 -5.32 -12.45
CA THR C 186 25.28 -4.15 -13.00
C THR C 186 24.13 -4.54 -13.93
N LEU C 187 24.30 -5.63 -14.66
CA LEU C 187 23.26 -6.10 -15.57
C LEU C 187 22.10 -6.75 -14.83
N SER C 188 22.41 -7.53 -13.80
CA SER C 188 21.38 -8.22 -13.03
C SER C 188 20.56 -7.25 -12.18
N VAL C 189 21.24 -6.29 -11.57
CA VAL C 189 20.56 -5.29 -10.74
C VAL C 189 19.61 -4.43 -11.57
N HIS C 190 19.88 -4.34 -12.87
CA HIS C 190 19.05 -3.56 -13.77
C HIS C 190 17.64 -4.12 -13.85
N GLN C 191 17.53 -5.39 -14.22
CA GLN C 191 16.24 -6.04 -14.32
C GLN C 191 15.58 -6.16 -12.96
N LEU C 192 16.40 -6.26 -11.91
CA LEU C 192 15.90 -6.36 -10.55
C LEU C 192 15.03 -5.16 -10.20
N VAL C 193 15.60 -3.97 -10.30
CA VAL C 193 14.88 -2.75 -9.96
C VAL C 193 13.71 -2.48 -10.91
N GLU C 194 13.83 -2.93 -12.17
CA GLU C 194 12.80 -2.78 -13.17
C GLU C 194 11.69 -3.84 -13.06
N ASN C 195 11.82 -4.87 -12.19
CA ASN C 195 10.89 -6.01 -12.17
C ASN C 195 10.37 -6.36 -10.78
N THR C 196 11.26 -6.82 -9.92
CA THR C 196 10.87 -7.23 -8.58
C THR C 196 10.44 -6.05 -7.70
N ASP C 197 9.66 -6.35 -6.66
CA ASP C 197 9.16 -5.32 -5.76
C ASP C 197 9.98 -5.27 -4.48
N GLU C 198 10.43 -6.44 -4.02
CA GLU C 198 11.22 -6.52 -2.80
C GLU C 198 12.51 -7.30 -3.07
N THR C 199 13.60 -6.86 -2.45
CA THR C 199 14.89 -7.53 -2.62
C THR C 199 15.77 -7.38 -1.38
N TYR C 200 16.31 -8.50 -0.93
CA TYR C 200 17.19 -8.52 0.23
C TYR C 200 18.62 -8.77 -0.23
N CYS C 201 19.55 -7.97 0.25
CA CYS C 201 20.94 -8.10 -0.14
C CYS C 201 21.75 -8.81 0.94
N ILE C 202 22.50 -9.82 0.51
CA ILE C 202 23.34 -10.58 1.41
C ILE C 202 24.79 -10.49 0.94
N ASP C 203 25.69 -10.06 1.81
CA ASP C 203 27.10 -9.93 1.45
C ASP C 203 27.90 -11.14 1.89
N ASN C 204 28.91 -11.49 1.09
CA ASN C 204 29.76 -12.63 1.37
C ASN C 204 30.55 -12.47 2.66
N GLU C 205 31.40 -11.45 2.73
CA GLU C 205 32.23 -11.22 3.91
C GLU C 205 31.41 -10.78 5.11
N ALA C 206 30.21 -10.26 4.86
CA ALA C 206 29.34 -9.82 5.94
C ALA C 206 29.00 -11.02 6.81
N LEU C 207 28.61 -12.10 6.15
CA LEU C 207 28.27 -13.34 6.84
C LEU C 207 29.49 -13.88 7.57
N TYR C 208 30.65 -13.70 6.95
CA TYR C 208 31.91 -14.15 7.53
C TYR C 208 32.20 -13.41 8.83
N ASP C 209 32.03 -12.09 8.80
CA ASP C 209 32.27 -11.25 9.96
C ASP C 209 31.32 -11.59 11.10
N ILE C 210 30.04 -11.77 10.76
CA ILE C 210 29.03 -12.12 11.76
C ILE C 210 29.33 -13.48 12.39
N CYS C 211 29.75 -14.43 11.56
CA CYS C 211 30.07 -15.78 12.03
C CYS C 211 31.46 -15.81 12.68
N PHE C 212 32.08 -14.65 12.80
CA PHE C 212 33.40 -14.55 13.40
C PHE C 212 33.33 -13.81 14.72
N ARG C 213 32.61 -12.69 14.74
CA ARG C 213 32.48 -11.88 15.95
C ARG C 213 31.31 -12.31 16.82
N THR C 214 30.12 -12.35 16.24
CA THR C 214 28.92 -12.72 16.96
C THR C 214 28.92 -14.21 17.24
N LEU C 215 29.12 -14.98 16.19
CA LEU C 215 29.19 -16.43 16.32
C LEU C 215 30.64 -16.84 16.39
N LYS C 216 30.93 -17.90 17.12
CA LYS C 216 32.28 -18.37 17.26
C LYS C 216 32.54 -19.56 16.35
N LEU C 217 32.53 -19.30 15.06
CA LEU C 217 32.74 -20.33 14.05
C LEU C 217 34.10 -20.14 13.39
N THR C 218 35.04 -20.99 13.76
CA THR C 218 36.40 -20.93 13.22
C THR C 218 36.41 -21.32 11.74
N THR C 219 35.41 -22.08 11.31
CA THR C 219 35.33 -22.51 9.92
C THR C 219 33.92 -22.29 9.36
N PRO C 220 33.62 -21.06 8.91
CA PRO C 220 32.32 -20.70 8.35
C PRO C 220 32.25 -21.02 6.87
N THR C 221 31.99 -22.28 6.54
CA THR C 221 31.88 -22.70 5.16
C THR C 221 30.57 -22.19 4.56
N TYR C 222 30.36 -22.39 3.26
CA TYR C 222 29.13 -21.94 2.62
C TYR C 222 27.91 -22.57 3.26
N GLY C 223 28.03 -23.83 3.65
CA GLY C 223 26.92 -24.51 4.30
C GLY C 223 26.56 -23.84 5.61
N ASP C 224 27.52 -23.18 6.22
CA ASP C 224 27.31 -22.48 7.48
C ASP C 224 26.72 -21.11 7.22
N LEU C 225 27.26 -20.42 6.23
CA LEU C 225 26.80 -19.09 5.87
C LEU C 225 25.39 -19.13 5.31
N ASN C 226 25.16 -20.00 4.33
CA ASN C 226 23.85 -20.16 3.71
C ASN C 226 22.81 -20.52 4.75
N HIS C 227 23.18 -21.33 5.78
CA HIS C 227 22.27 -21.72 6.83
C HIS C 227 21.69 -20.48 7.47
N LEU C 228 22.56 -19.49 7.77
CA LEU C 228 22.09 -18.29 8.43
C LEU C 228 21.11 -17.55 7.54
N VAL C 229 21.44 -17.46 6.26
CA VAL C 229 20.60 -16.78 5.28
C VAL C 229 19.23 -17.44 5.22
N SER C 230 19.22 -18.76 5.25
CA SER C 230 17.98 -19.52 5.18
C SER C 230 17.15 -19.37 6.46
N ALA C 231 17.71 -18.72 7.47
CA ALA C 231 16.98 -18.50 8.72
C ALA C 231 16.28 -17.15 8.71
N THR C 232 16.85 -16.21 7.98
CA THR C 232 16.27 -14.87 7.88
C THR C 232 15.02 -14.90 7.00
N MET C 233 15.10 -15.62 5.90
CA MET C 233 13.99 -15.74 4.95
C MET C 233 12.77 -16.39 5.59
N SER C 234 12.99 -17.22 6.60
CA SER C 234 11.89 -17.89 7.29
C SER C 234 11.06 -16.86 8.05
N GLY C 235 11.73 -15.86 8.61
CA GLY C 235 11.04 -14.84 9.36
C GLY C 235 10.23 -13.94 8.45
N VAL C 236 10.70 -13.80 7.22
CA VAL C 236 10.03 -12.96 6.24
C VAL C 236 8.87 -13.72 5.57
N THR C 237 9.00 -15.03 5.48
CA THR C 237 7.97 -15.84 4.84
C THR C 237 7.11 -16.63 5.83
N THR C 238 7.63 -17.78 6.29
CA THR C 238 6.91 -18.67 7.20
C THR C 238 6.42 -17.96 8.46
N CYS C 239 7.29 -17.18 9.09
CA CYS C 239 6.94 -16.47 10.31
C CYS C 239 5.76 -15.51 10.11
N LEU C 240 5.56 -15.09 8.87
CA LEU C 240 4.47 -14.17 8.54
C LEU C 240 3.28 -14.92 7.95
N ARG C 241 3.25 -16.23 8.17
CA ARG C 241 2.14 -17.04 7.67
C ARG C 241 1.28 -17.49 8.84
N PHE C 242 1.91 -17.65 9.98
CA PHE C 242 1.23 -18.10 11.20
C PHE C 242 0.61 -16.90 11.93
N PRO C 243 -0.35 -17.17 12.83
CA PRO C 243 -1.03 -16.12 13.60
C PRO C 243 -0.12 -15.47 14.63
N GLY C 244 -0.56 -14.34 15.18
CA GLY C 244 0.22 -13.63 16.18
C GLY C 244 -0.56 -12.50 16.80
N GLN C 245 0.11 -11.70 17.61
CA GLN C 245 -0.52 -10.57 18.27
C GLN C 245 -0.69 -9.44 17.26
N LEU C 246 0.15 -9.48 16.23
CA LEU C 246 0.14 -8.50 15.16
C LEU C 246 0.68 -9.16 13.91
N ASN C 247 -0.23 -9.56 13.02
CA ASN C 247 0.16 -10.25 11.79
C ASN C 247 0.61 -9.28 10.69
N ALA C 248 1.46 -9.81 9.82
CA ALA C 248 2.00 -9.06 8.69
C ALA C 248 2.30 -10.02 7.55
N ASP C 249 2.56 -9.48 6.37
CA ASP C 249 2.86 -10.31 5.21
C ASP C 249 3.61 -9.48 4.17
N LEU C 250 3.77 -10.02 2.96
CA LEU C 250 4.49 -9.32 1.89
C LEU C 250 3.78 -8.02 1.54
N ARG C 251 2.46 -8.03 1.55
CA ARG C 251 1.69 -6.84 1.24
C ARG C 251 1.90 -5.80 2.33
N LYS C 252 1.77 -6.24 3.58
CA LYS C 252 1.97 -5.35 4.72
C LYS C 252 3.38 -4.81 4.73
N LEU C 253 4.34 -5.67 4.40
CA LEU C 253 5.75 -5.31 4.36
C LEU C 253 6.04 -4.30 3.26
N ALA C 254 5.77 -4.68 2.01
CA ALA C 254 6.03 -3.82 0.86
C ALA C 254 5.43 -2.42 1.05
N VAL C 255 4.17 -2.36 1.45
CA VAL C 255 3.49 -1.07 1.66
C VAL C 255 4.10 -0.26 2.80
N ASN C 256 4.81 -0.93 3.70
CA ASN C 256 5.43 -0.26 4.83
C ASN C 256 6.95 -0.39 4.77
N MET C 257 7.49 -0.50 3.56
CA MET C 257 8.94 -0.62 3.37
C MET C 257 9.41 0.07 2.10
N VAL C 258 8.66 -0.12 1.03
CA VAL C 258 8.99 0.49 -0.26
C VAL C 258 8.27 1.83 -0.39
N PRO C 259 8.98 2.94 -0.19
CA PRO C 259 8.38 4.28 -0.24
C PRO C 259 8.17 4.82 -1.66
N PHE C 260 8.79 4.20 -2.65
CA PHE C 260 8.65 4.66 -4.04
C PHE C 260 8.67 3.46 -4.99
N PRO C 261 8.33 3.66 -6.29
CA PRO C 261 8.32 2.57 -7.27
C PRO C 261 9.73 2.30 -7.80
N ARG C 262 10.70 2.24 -6.90
CA ARG C 262 12.08 1.99 -7.29
C ARG C 262 12.61 0.74 -6.60
N LEU C 263 11.68 -0.11 -6.15
CA LEU C 263 12.03 -1.37 -5.48
C LEU C 263 12.63 -1.16 -4.09
N HIS C 264 13.84 -0.61 -4.05
CA HIS C 264 14.58 -0.38 -2.80
C HIS C 264 15.09 -1.67 -2.19
N PHE C 265 16.38 -1.69 -1.88
CA PHE C 265 17.01 -2.87 -1.33
C PHE C 265 17.05 -2.84 0.19
N PHE C 266 16.55 -3.90 0.80
CA PHE C 266 16.49 -4.01 2.25
C PHE C 266 17.65 -4.84 2.77
N MET C 267 18.11 -4.52 3.97
CA MET C 267 19.20 -5.25 4.60
C MET C 267 18.63 -6.13 5.71
N PRO C 268 18.90 -7.44 5.68
CA PRO C 268 18.41 -8.39 6.67
C PRO C 268 19.32 -8.56 7.89
N GLY C 269 18.71 -8.98 9.00
CA GLY C 269 19.44 -9.21 10.23
C GLY C 269 18.72 -10.22 11.11
N PHE C 270 19.40 -10.72 12.14
CA PHE C 270 18.81 -11.71 13.03
C PHE C 270 19.00 -11.32 14.50
N ALA C 271 17.90 -11.29 15.24
CA ALA C 271 17.94 -10.92 16.65
C ALA C 271 18.63 -11.95 17.56
N PRO C 272 18.23 -13.24 17.52
CA PRO C 272 18.84 -14.27 18.36
C PRO C 272 20.13 -14.81 17.75
N LEU C 273 21.15 -13.97 17.72
CA LEU C 273 22.44 -14.37 17.15
C LEU C 273 23.51 -14.47 18.23
N THR C 274 23.73 -15.67 18.73
CA THR C 274 24.72 -15.93 19.77
C THR C 274 25.40 -17.27 19.52
N SER C 275 26.42 -17.60 20.32
CA SER C 275 27.11 -18.86 20.19
C SER C 275 26.30 -20.01 20.79
N ARG C 276 26.87 -21.21 20.80
CA ARG C 276 26.19 -22.38 21.33
C ARG C 276 26.06 -22.38 22.85
N GLY C 277 27.12 -22.79 23.54
CA GLY C 277 27.08 -22.85 24.98
C GLY C 277 27.82 -21.72 25.68
N SER C 278 28.90 -21.26 25.07
CA SER C 278 29.70 -20.18 25.65
C SER C 278 28.87 -18.91 25.80
N GLN C 279 28.18 -18.52 24.74
CA GLN C 279 27.37 -17.30 24.77
C GLN C 279 25.93 -17.60 25.20
N GLN C 280 25.74 -18.72 25.88
CA GLN C 280 24.41 -19.10 26.36
C GLN C 280 24.04 -18.26 27.57
N TYR C 281 23.68 -17.01 27.31
CA TYR C 281 23.30 -16.10 28.36
C TYR C 281 21.78 -16.00 28.44
N ARG C 282 21.15 -16.37 27.33
CA ARG C 282 19.69 -16.34 27.22
C ARG C 282 19.15 -14.94 27.39
N ALA C 283 19.99 -13.95 27.07
CA ALA C 283 19.62 -12.55 27.18
C ALA C 283 18.79 -12.14 25.98
N LEU C 284 17.54 -12.56 25.99
CA LEU C 284 16.62 -12.25 24.91
C LEU C 284 15.28 -11.82 25.49
N THR C 285 15.26 -10.67 26.15
CA THR C 285 14.04 -10.15 26.70
C THR C 285 13.38 -9.22 25.69
N VAL C 286 13.92 -8.01 25.55
CA VAL C 286 13.41 -7.02 24.60
C VAL C 286 14.53 -6.11 24.10
N PRO C 287 15.17 -5.31 24.99
CA PRO C 287 16.25 -4.39 24.59
C PRO C 287 17.44 -5.10 23.96
N GLU C 288 17.69 -6.32 24.37
CA GLU C 288 18.80 -7.10 23.84
C GLU C 288 18.59 -7.43 22.37
N LEU C 289 17.33 -7.58 21.98
CA LEU C 289 16.99 -7.89 20.60
C LEU C 289 17.18 -6.67 19.73
N THR C 290 16.75 -5.52 20.24
CA THR C 290 16.87 -4.26 19.51
C THR C 290 18.35 -3.91 19.35
N GLN C 291 19.13 -4.21 20.40
CA GLN C 291 20.55 -3.93 20.39
C GLN C 291 21.26 -4.82 19.37
N GLN C 292 20.67 -5.99 19.11
CA GLN C 292 21.24 -6.92 18.15
C GLN C 292 20.81 -6.59 16.74
N MET C 293 19.51 -6.36 16.56
CA MET C 293 18.95 -6.05 15.25
C MET C 293 19.47 -4.72 14.70
N PHE C 294 19.58 -3.72 15.55
CA PHE C 294 20.06 -2.40 15.13
C PHE C 294 21.55 -2.26 15.36
N ASP C 295 22.30 -3.30 15.04
CA ASP C 295 23.74 -3.30 15.22
C ASP C 295 24.45 -3.12 13.88
N ALA C 296 25.39 -2.20 13.84
CA ALA C 296 26.13 -1.91 12.62
C ALA C 296 27.05 -3.07 12.21
N LYS C 297 27.21 -4.05 13.07
CA LYS C 297 28.06 -5.20 12.78
C LYS C 297 27.27 -6.50 12.87
N ASN C 298 25.95 -6.40 12.66
CA ASN C 298 25.09 -7.58 12.70
C ASN C 298 24.26 -7.64 11.42
N MET C 299 24.51 -6.70 10.52
CA MET C 299 23.78 -6.64 9.26
C MET C 299 24.41 -7.61 8.27
N MET C 300 23.55 -8.31 7.52
CA MET C 300 24.01 -9.27 6.54
C MET C 300 24.43 -8.60 5.23
N ALA C 301 24.83 -7.34 5.34
CA ALA C 301 25.28 -6.55 4.20
C ALA C 301 26.55 -5.80 4.58
N ALA C 302 27.36 -5.46 3.59
CA ALA C 302 28.61 -4.73 3.83
C ALA C 302 28.33 -3.30 4.25
N CYS C 303 27.25 -2.73 3.73
CA CYS C 303 26.88 -1.37 4.07
C CYS C 303 26.34 -1.31 5.50
N ASP C 304 26.94 -0.47 6.32
CA ASP C 304 26.52 -0.32 7.71
C ASP C 304 25.45 0.76 7.85
N PRO C 305 24.53 0.59 8.81
CA PRO C 305 23.43 1.54 9.06
C PRO C 305 23.90 2.96 9.40
N ARG C 306 25.14 3.10 9.83
CA ARG C 306 25.68 4.40 10.20
C ARG C 306 26.02 5.22 8.96
N HIS C 307 26.23 4.54 7.84
CA HIS C 307 26.58 5.20 6.58
C HIS C 307 25.33 5.66 5.83
N GLY C 308 24.25 5.91 6.55
CA GLY C 308 23.03 6.35 5.92
C GLY C 308 21.93 6.56 6.93
N ARG C 309 20.70 6.67 6.44
CA ARG C 309 19.55 6.84 7.30
C ARG C 309 18.50 5.78 6.99
N TYR C 310 17.77 5.38 8.02
CA TYR C 310 16.72 4.37 7.88
C TYR C 310 15.50 4.98 7.21
N LEU C 311 15.13 4.46 6.05
CA LEU C 311 13.96 4.96 5.33
C LEU C 311 12.70 4.34 5.93
N THR C 312 12.72 3.03 6.05
CA THR C 312 11.60 2.28 6.61
C THR C 312 12.12 0.99 7.20
N VAL C 313 11.71 0.66 8.42
CA VAL C 313 12.18 -0.54 9.09
C VAL C 313 11.03 -1.47 9.43
N ALA C 314 11.24 -2.75 9.21
CA ALA C 314 10.24 -3.76 9.52
C ALA C 314 10.73 -4.59 10.69
N ALA C 315 9.86 -4.77 11.68
CA ALA C 315 10.21 -5.56 12.86
C ALA C 315 9.36 -6.82 12.91
N VAL C 316 9.91 -7.92 12.43
CA VAL C 316 9.19 -9.19 12.42
C VAL C 316 9.57 -10.05 13.61
N PHE C 317 8.88 -9.86 14.72
CA PHE C 317 9.14 -10.63 15.92
C PHE C 317 8.36 -11.94 15.90
N ARG C 318 8.87 -12.95 16.59
CA ARG C 318 8.20 -14.24 16.65
C ARG C 318 8.38 -14.89 18.01
N GLY C 319 7.28 -15.00 18.73
CA GLY C 319 7.31 -15.60 20.06
C GLY C 319 6.39 -14.87 21.00
N ARG C 320 6.28 -15.37 22.22
CA ARG C 320 5.42 -14.74 23.22
C ARG C 320 6.14 -13.57 23.89
N MET C 321 5.56 -12.39 23.77
CA MET C 321 6.14 -11.18 24.37
C MET C 321 5.09 -10.08 24.48
N SER C 322 5.42 -9.06 25.25
CA SER C 322 4.51 -7.94 25.46
C SER C 322 4.59 -6.97 24.29
N MET C 323 3.45 -6.68 23.68
CA MET C 323 3.39 -5.76 22.56
C MET C 323 3.86 -4.37 22.97
N LYS C 324 3.44 -3.95 24.16
CA LYS C 324 3.82 -2.64 24.68
C LYS C 324 5.33 -2.55 24.87
N GLU C 325 5.95 -3.64 25.31
CA GLU C 325 7.40 -3.65 25.53
C GLU C 325 8.16 -3.51 24.23
N VAL C 326 7.68 -4.18 23.18
CA VAL C 326 8.32 -4.12 21.88
C VAL C 326 8.23 -2.71 21.29
N ASP C 327 7.02 -2.20 21.20
CA ASP C 327 6.79 -0.86 20.64
C ASP C 327 7.46 0.23 21.47
N GLU C 328 7.47 0.06 22.79
CA GLU C 328 8.10 1.03 23.67
C GLU C 328 9.59 1.11 23.40
N GLN C 329 10.20 -0.05 23.21
CA GLN C 329 11.63 -0.12 22.93
C GLN C 329 11.94 0.47 21.56
N MET C 330 11.02 0.28 20.62
CA MET C 330 11.19 0.81 19.27
C MET C 330 11.24 2.32 19.31
N LEU C 331 10.37 2.92 20.13
CA LEU C 331 10.32 4.36 20.28
C LEU C 331 11.66 4.87 20.81
N ASN C 332 12.22 4.12 21.75
CA ASN C 332 13.52 4.46 22.34
C ASN C 332 14.59 4.52 21.26
N VAL C 333 14.60 3.51 20.39
CA VAL C 333 15.57 3.45 19.30
C VAL C 333 15.38 4.58 18.31
N GLN C 334 14.12 4.85 17.96
CA GLN C 334 13.80 5.91 17.00
C GLN C 334 14.13 7.29 17.57
N ASN C 335 14.17 7.39 18.89
CA ASN C 335 14.49 8.66 19.55
C ASN C 335 15.99 8.84 19.73
N LYS C 336 16.67 7.77 20.13
CA LYS C 336 18.11 7.81 20.35
C LYS C 336 18.89 7.95 19.05
N ASN C 337 18.41 7.29 18.01
CA ASN C 337 19.07 7.32 16.70
C ASN C 337 18.27 8.13 15.70
N SER C 338 17.58 9.15 16.20
CA SER C 338 16.75 10.01 15.38
C SER C 338 17.51 10.67 14.23
N SER C 339 18.79 10.98 14.48
CA SER C 339 19.64 11.63 13.48
C SER C 339 19.66 10.89 12.14
N TYR C 340 19.63 9.57 12.19
CA TYR C 340 19.65 8.78 10.97
C TYR C 340 18.43 7.87 10.85
N PHE C 341 17.32 8.32 11.41
CA PHE C 341 16.09 7.53 11.36
C PHE C 341 15.05 8.24 10.49
N VAL C 342 15.52 9.16 9.65
CA VAL C 342 14.65 9.91 8.75
C VAL C 342 13.78 10.92 9.51
N GLU C 343 13.68 12.13 8.95
CA GLU C 343 12.89 13.19 9.58
C GLU C 343 11.67 13.56 8.76
N TRP C 344 11.35 12.77 7.74
CA TRP C 344 10.18 13.04 6.91
C TRP C 344 9.09 12.00 7.10
N ILE C 345 9.29 11.12 8.08
CA ILE C 345 8.33 10.08 8.42
C ILE C 345 8.23 9.97 9.94
N PRO C 346 7.01 10.16 10.50
CA PRO C 346 6.79 10.07 11.95
C PRO C 346 7.26 8.74 12.53
N ASN C 347 6.68 7.65 12.05
CA ASN C 347 7.05 6.32 12.51
C ASN C 347 7.59 5.52 11.32
N ASN C 348 8.85 5.14 11.40
CA ASN C 348 9.50 4.41 10.31
C ASN C 348 9.50 2.91 10.56
N VAL C 349 9.16 2.50 11.77
CA VAL C 349 9.17 1.09 12.10
C VAL C 349 7.77 0.49 12.23
N LYS C 350 7.46 -0.42 11.33
CA LYS C 350 6.17 -1.10 11.36
C LYS C 350 6.33 -2.42 12.12
N THR C 351 5.95 -2.40 13.38
CA THR C 351 6.06 -3.56 14.24
C THR C 351 5.17 -4.72 13.80
N ALA C 352 5.56 -5.92 14.21
CA ALA C 352 4.82 -7.15 13.91
C ALA C 352 5.28 -8.22 14.87
N VAL C 353 4.34 -8.93 15.49
CA VAL C 353 4.67 -9.97 16.46
C VAL C 353 3.94 -11.28 16.18
N CYS C 354 4.70 -12.30 15.82
CA CYS C 354 4.15 -13.62 15.55
C CYS C 354 3.96 -14.36 16.88
N ASP C 355 3.02 -15.28 16.94
CA ASP C 355 2.74 -16.01 18.17
C ASP C 355 3.46 -17.37 18.24
N ILE C 356 4.40 -17.60 17.34
CA ILE C 356 5.13 -18.87 17.35
C ILE C 356 6.63 -18.68 17.12
N PRO C 357 7.45 -19.12 18.09
CA PRO C 357 8.92 -19.04 18.02
C PRO C 357 9.50 -20.08 17.07
N PRO C 358 10.79 -19.95 16.71
CA PRO C 358 11.46 -20.88 15.79
C PRO C 358 11.87 -22.20 16.46
N ARG C 359 10.88 -23.00 16.82
CA ARG C 359 11.10 -24.31 17.44
C ARG C 359 11.98 -24.26 18.68
N GLY C 360 13.28 -24.56 18.51
CA GLY C 360 14.22 -24.60 19.62
C GLY C 360 14.74 -23.23 20.04
N LEU C 361 13.93 -22.21 19.81
CA LEU C 361 14.31 -20.85 20.17
C LEU C 361 13.14 -20.22 20.93
N LYS C 362 13.44 -19.53 22.01
CA LYS C 362 12.39 -18.90 22.82
C LYS C 362 11.97 -17.54 22.26
N MET C 363 12.93 -16.63 22.16
CA MET C 363 12.66 -15.29 21.66
C MET C 363 13.46 -15.03 20.39
N SER C 364 12.78 -14.56 19.34
CA SER C 364 13.45 -14.30 18.08
C SER C 364 12.75 -13.18 17.32
N ALA C 365 13.50 -12.56 16.42
CA ALA C 365 12.99 -11.47 15.60
C ALA C 365 13.81 -11.36 14.33
N THR C 366 13.14 -11.07 13.23
CA THR C 366 13.79 -10.91 11.95
C THR C 366 13.91 -9.42 11.62
N PHE C 367 15.13 -8.99 11.32
CA PHE C 367 15.37 -7.59 11.02
C PHE C 367 15.34 -7.31 9.52
N ILE C 368 14.51 -6.37 9.13
CA ILE C 368 14.40 -5.95 7.75
C ILE C 368 14.49 -4.43 7.73
N GLY C 369 15.61 -3.91 7.27
CA GLY C 369 15.77 -2.47 7.26
C GLY C 369 16.15 -1.89 5.92
N ASN C 370 15.30 -1.02 5.40
CA ASN C 370 15.57 -0.35 4.14
C ASN C 370 16.18 1.01 4.46
N SER C 371 17.49 1.10 4.36
CA SER C 371 18.19 2.33 4.66
C SER C 371 18.98 2.82 3.45
N THR C 372 19.28 4.12 3.44
CA THR C 372 20.01 4.72 2.33
C THR C 372 21.48 4.30 2.37
N ALA C 373 21.85 3.56 3.41
CA ALA C 373 23.21 3.07 3.58
C ALA C 373 23.60 2.13 2.44
N ILE C 374 22.59 1.52 1.82
CA ILE C 374 22.81 0.60 0.71
C ILE C 374 23.39 1.34 -0.50
N GLN C 375 23.32 2.67 -0.46
CA GLN C 375 23.85 3.52 -1.54
C GLN C 375 25.35 3.29 -1.71
N GLU C 376 26.03 3.04 -0.60
CA GLU C 376 27.48 2.81 -0.61
C GLU C 376 27.81 1.58 -1.44
N LEU C 377 26.96 0.55 -1.34
CA LEU C 377 27.15 -0.69 -2.07
C LEU C 377 27.04 -0.45 -3.57
N PHE C 378 26.00 0.27 -3.98
CA PHE C 378 25.78 0.57 -5.39
C PHE C 378 26.99 1.28 -5.97
N LYS C 379 27.42 2.34 -5.30
CA LYS C 379 28.57 3.11 -5.74
C LYS C 379 29.82 2.24 -5.82
N ARG C 380 29.92 1.28 -4.91
CA ARG C 380 31.05 0.36 -4.87
C ARG C 380 31.06 -0.56 -6.09
N ILE C 381 29.90 -1.14 -6.38
CA ILE C 381 29.77 -2.05 -7.51
C ILE C 381 29.95 -1.30 -8.83
N SER C 382 29.28 -0.15 -8.94
CA SER C 382 29.38 0.67 -10.14
C SER C 382 30.81 1.09 -10.41
N GLU C 383 31.54 1.45 -9.35
CA GLU C 383 32.94 1.87 -9.47
C GLU C 383 33.77 0.78 -10.14
N GLN C 384 33.62 -0.45 -9.66
CA GLN C 384 34.34 -1.59 -10.19
C GLN C 384 33.92 -1.88 -11.62
N PHE C 385 32.64 -1.65 -11.91
CA PHE C 385 32.11 -1.87 -13.24
C PHE C 385 32.76 -0.97 -14.28
N THR C 386 32.65 0.35 -14.07
CA THR C 386 33.22 1.31 -15.02
C THR C 386 34.73 1.15 -15.16
N ALA C 387 35.39 0.72 -14.09
CA ALA C 387 36.84 0.51 -14.10
C ALA C 387 37.24 -0.47 -15.20
N MET C 388 36.46 -1.53 -15.36
CA MET C 388 36.75 -2.51 -16.38
C MET C 388 35.98 -2.24 -17.67
N PHE C 389 34.83 -1.57 -17.53
CA PHE C 389 34.00 -1.23 -18.69
C PHE C 389 34.71 -0.22 -19.58
N ARG C 390 35.52 0.64 -18.96
CA ARG C 390 36.29 1.65 -19.69
C ARG C 390 37.27 0.98 -20.63
N ARG C 391 37.80 -0.18 -20.22
CA ARG C 391 38.75 -0.91 -21.03
C ARG C 391 38.06 -1.96 -21.88
N LYS C 392 36.86 -2.35 -21.46
CA LYS C 392 36.07 -3.36 -22.18
C LYS C 392 36.85 -4.67 -22.28
N ALA C 393 37.61 -4.95 -21.23
CA ALA C 393 38.44 -6.15 -21.17
C ALA C 393 37.64 -7.43 -21.42
N PHE C 394 36.58 -7.62 -20.66
CA PHE C 394 35.76 -8.82 -20.79
C PHE C 394 34.48 -8.55 -21.57
N LEU C 395 34.49 -7.54 -22.43
CA LEU C 395 33.31 -7.19 -23.22
C LEU C 395 33.04 -8.26 -24.28
N HIS C 396 34.10 -8.73 -24.93
CA HIS C 396 34.00 -9.74 -25.98
C HIS C 396 33.28 -11.02 -25.53
N TRP C 397 33.35 -11.32 -24.24
CA TRP C 397 32.69 -12.51 -23.70
C TRP C 397 31.18 -12.36 -23.77
N TYR C 398 30.72 -11.12 -23.82
CA TYR C 398 29.29 -10.82 -23.88
C TYR C 398 28.87 -10.52 -25.32
N THR C 399 29.73 -9.81 -26.04
CA THR C 399 29.45 -9.46 -27.43
C THR C 399 29.27 -10.70 -28.29
N GLY C 400 30.07 -11.73 -28.03
CA GLY C 400 29.97 -12.97 -28.78
C GLY C 400 28.67 -13.72 -28.52
N GLU C 401 28.01 -13.37 -27.44
CA GLU C 401 26.74 -14.01 -27.08
C GLU C 401 25.57 -13.27 -27.71
N GLY C 402 25.67 -11.94 -27.73
CA GLY C 402 24.62 -11.12 -28.29
C GLY C 402 24.26 -9.99 -27.35
N MET C 403 25.29 -9.32 -26.84
CA MET C 403 25.09 -8.22 -25.92
C MET C 403 25.43 -6.89 -26.57
N ASP C 404 24.45 -5.96 -26.55
CA ASP C 404 24.52 -4.63 -27.11
C ASP C 404 25.53 -3.85 -26.33
N GLU C 405 26.32 -2.99 -27.03
CA GLU C 405 27.23 -2.09 -26.33
C GLU C 405 26.45 -1.10 -25.47
N MET C 406 25.38 -0.58 -26.05
CA MET C 406 24.53 0.40 -25.37
C MET C 406 23.81 -0.23 -24.18
N GLU C 407 23.55 -1.55 -24.21
CA GLU C 407 22.88 -2.24 -23.14
C GLU C 407 23.67 -2.11 -21.87
N PHE C 408 24.99 -2.32 -21.93
CA PHE C 408 25.85 -2.25 -20.76
C PHE C 408 25.77 -0.86 -20.11
N THR C 409 25.92 0.17 -20.93
CA THR C 409 25.87 1.54 -20.46
C THR C 409 24.50 1.89 -19.89
N GLU C 410 23.42 1.31 -20.49
CA GLU C 410 22.07 1.57 -20.03
C GLU C 410 21.85 0.97 -18.67
N ALA C 411 22.34 -0.26 -18.43
CA ALA C 411 22.19 -0.93 -17.14
C ALA C 411 22.82 -0.08 -16.03
N GLU C 412 23.98 0.50 -16.33
CA GLU C 412 24.66 1.34 -15.36
C GLU C 412 23.90 2.65 -15.15
N SER C 413 23.33 3.26 -16.20
CA SER C 413 22.64 4.54 -16.13
C SER C 413 21.36 4.46 -15.32
N ASN C 414 20.68 3.32 -15.37
CA ASN C 414 19.51 3.13 -14.53
C ASN C 414 19.92 2.85 -13.09
N MET C 415 21.05 2.18 -12.94
CA MET C 415 21.58 1.85 -11.61
C MET C 415 22.01 3.13 -10.90
N ASN C 416 22.71 3.98 -11.64
CA ASN C 416 23.19 5.26 -11.12
C ASN C 416 22.02 6.17 -10.79
N ASP C 417 20.92 6.03 -11.56
CA ASP C 417 19.69 6.77 -11.41
C ASP C 417 19.17 6.53 -10.02
N LEU C 418 19.14 5.25 -9.61
CA LEU C 418 18.66 4.81 -8.31
C LEU C 418 19.52 5.41 -7.20
N VAL C 419 20.83 5.44 -7.45
CA VAL C 419 21.78 6.01 -6.50
C VAL C 419 21.51 7.48 -6.27
N SER C 420 21.21 8.19 -7.36
CA SER C 420 20.93 9.61 -7.29
C SER C 420 19.64 9.89 -6.52
N GLU C 421 18.59 9.13 -6.82
CA GLU C 421 17.30 9.31 -6.16
C GLU C 421 17.36 8.91 -4.68
N TYR C 422 18.17 7.90 -4.37
CA TYR C 422 18.33 7.44 -3.00
C TYR C 422 18.86 8.57 -2.13
N GLN C 423 19.74 9.37 -2.70
CA GLN C 423 20.34 10.49 -1.99
C GLN C 423 19.34 11.62 -1.77
N GLN C 424 18.37 11.75 -2.67
CA GLN C 424 17.35 12.78 -2.54
C GLN C 424 16.54 12.56 -1.28
N TYR C 425 16.26 11.30 -0.99
CA TYR C 425 15.49 10.92 0.19
C TYR C 425 16.39 10.78 1.41
N GLN C 426 17.69 10.75 1.16
CA GLN C 426 18.69 10.62 2.23
C GLN C 426 18.90 11.96 2.91
N ASP C 427 18.61 13.05 2.22
CA ASP C 427 18.79 14.38 2.78
C ASP C 427 17.46 14.98 3.20
MG MG D . -11.04 8.79 -26.91
PG ANP E . -12.85 8.66 -23.92
O1G ANP E . -13.77 7.51 -23.64
O2G ANP E . -11.86 8.22 -24.90
O3G ANP E . -12.08 8.96 -22.66
PB ANP E . -13.02 11.14 -25.42
O1B ANP E . -13.49 12.42 -24.92
O2B ANP E . -12.43 10.86 -26.66
N3B ANP E . -13.68 9.84 -24.72
PA ANP E . -14.50 11.23 -27.94
O1A ANP E . -15.23 10.07 -28.48
O2A ANP E . -14.25 12.46 -28.70
O3A ANP E . -14.39 11.33 -26.32
O5' ANP E . -16.00 11.80 -28.06
C5' ANP E . -16.91 12.29 -27.08
C4' ANP E . -18.29 12.09 -27.82
O4' ANP E . -18.88 13.41 -28.18
C3' ANP E . -18.30 11.43 -29.24
O3' ANP E . -19.58 10.85 -29.50
C2' ANP E . -17.93 12.61 -30.15
O2' ANP E . -18.33 12.35 -31.52
C1' ANP E . -18.70 13.74 -29.53
N9 ANP E . -17.99 15.07 -29.63
C8 ANP E . -16.92 15.51 -28.94
N7 ANP E . -16.57 16.74 -29.27
C5 ANP E . -17.43 17.13 -30.24
C6 ANP E . -17.53 18.37 -30.95
N6 ANP E . -16.79 19.38 -30.84
N1 ANP E . -18.58 18.36 -31.85
C2 ANP E . -19.45 17.30 -32.03
N3 ANP E . -19.35 16.16 -31.36
C4 ANP E . -18.33 16.13 -30.46
PG GTP F . -5.24 -4.89 7.96
O1G GTP F . -5.83 -5.06 6.55
O2G GTP F . -4.58 -6.16 8.46
O3G GTP F . -4.26 -3.74 7.80
O3B GTP F . -6.38 -4.58 9.12
PB GTP F . -6.09 -4.35 10.73
O1B GTP F . -6.73 -3.02 11.07
O2B GTP F . -6.49 -5.53 11.48
O3A GTP F . -4.60 -4.06 10.82
PA GTP F . -3.56 -4.01 11.94
O1A GTP F . -3.60 -5.21 12.78
O2A GTP F . -2.24 -3.70 11.31
O5' GTP F . -4.00 -2.67 12.79
C5' GTP F . -3.15 -2.42 13.90
C4' GTP F . -3.47 -1.22 14.73
O4' GTP F . -4.43 -1.56 15.77
C3' GTP F . -2.22 -0.79 15.45
O3' GTP F . -2.29 0.59 15.74
C2' GTP F . -2.24 -1.68 16.69
O2' GTP F . -1.52 -1.03 17.75
C1' GTP F . -3.74 -1.82 17.00
N9 GTP F . -4.16 -3.15 17.48
C8 GTP F . -4.00 -4.36 16.84
N7 GTP F . -4.47 -5.37 17.52
C5 GTP F . -4.96 -4.81 18.67
C6 GTP F . -5.58 -5.41 19.77
O6 GTP F . -5.81 -6.61 19.92
N1 GTP F . -5.95 -4.48 20.77
C2 GTP F . -5.73 -3.12 20.70
N2 GTP F . -6.14 -2.42 21.72
N3 GTP F . -5.14 -2.54 19.66
C4 GTP F . -4.79 -3.43 18.68
MG MG G . -5.32 -8.00 9.88
PB GDP H . 26.16 -19.26 -11.36
O1B GDP H . 24.79 -18.76 -11.54
O2B GDP H . 26.29 -20.48 -10.68
O3B GDP H . 26.90 -19.23 -12.82
O3A GDP H . 26.89 -18.21 -10.44
PA GDP H . 27.66 -18.42 -8.97
O1A GDP H . 26.64 -18.80 -7.94
O2A GDP H . 28.76 -19.44 -9.21
O5' GDP H . 28.14 -16.97 -8.68
C5' GDP H . 29.27 -16.72 -7.80
C4' GDP H . 28.98 -15.86 -6.65
O4' GDP H . 28.01 -16.56 -5.78
C3' GDP H . 30.18 -15.65 -5.65
O3' GDP H . 30.07 -14.25 -5.20
C2' GDP H . 29.99 -16.56 -4.43
O2' GDP H . 30.45 -16.12 -3.14
C1' GDP H . 28.48 -16.78 -4.39
N9 GDP H . 28.06 -18.12 -3.98
C8 GDP H . 28.28 -19.27 -4.91
N7 GDP H . 27.71 -20.21 -4.03
C5 GDP H . 27.24 -19.82 -2.86
C6 GDP H . 26.61 -20.24 -1.65
O6 GDP H . 26.32 -21.54 -1.55
N1 GDP H . 26.28 -19.41 -0.63
C2 GDP H . 26.60 -17.96 -0.77
N2 GDP H . 26.21 -17.36 0.33
N3 GDP H . 27.17 -17.53 -1.81
C4 GDP H . 27.46 -18.38 -2.82
O01 TA1 I . 22.52 -24.54 15.42
C01 TA1 I . 21.62 -23.79 16.25
C02 TA1 I . 22.38 -22.39 16.59
O02 TA1 I . 22.59 -21.82 15.25
C03 TA1 I . 23.91 -21.80 14.73
O03 TA1 I . 24.88 -22.19 15.34
C04 TA1 I . 23.98 -21.24 13.41
C05 TA1 I . 24.78 -22.07 12.51
C06 TA1 I . 24.90 -21.54 11.11
C07 TA1 I . 24.28 -20.33 10.72
C08 TA1 I . 23.61 -19.69 11.58
C09 TA1 I . 23.40 -20.05 12.93
C10 TA1 I . 21.60 -21.27 17.48
C11 TA1 I . 21.73 -19.77 16.92
O04 TA1 I . 21.10 -19.62 15.57
C12 TA1 I . 19.74 -19.72 15.39
O05 TA1 I . 18.93 -19.93 16.25
C13 TA1 I . 19.42 -19.50 13.92
C14 TA1 I . 23.12 -19.14 16.69
O06 TA1 I . 22.86 -18.03 17.57
C15 TA1 I . 21.53 -18.54 17.84
C16 TA1 I . 21.29 -18.77 19.37
C17 TA1 I . 20.94 -20.22 19.72
O07 TA1 I . 20.79 -20.33 21.16
C18 TA1 I . 21.97 -21.29 19.13
C19 TA1 I . 23.42 -20.83 19.45
C20 TA1 I . 21.84 -22.69 19.94
O08 TA1 I . 22.79 -23.07 20.60
C21 TA1 I . 20.57 -23.55 19.87
O09 TA1 I . 20.82 -24.76 20.71
C22 TA1 I . 20.10 -24.95 21.88
O10 TA1 I . 19.28 -24.21 22.31
C23 TA1 I . 20.52 -26.23 22.54
C24 TA1 I . 20.25 -23.92 18.42
C25 TA1 I . 19.07 -23.46 17.85
C26 TA1 I . 18.90 -23.74 16.32
O11 TA1 I . 17.84 -22.93 15.68
C27 TA1 I . 16.64 -23.46 15.59
O12 TA1 I . 16.28 -24.52 15.98
C28 TA1 I . 15.68 -22.47 14.85
O13 TA1 I . 14.42 -23.10 14.74
C29 TA1 I . 16.31 -22.13 13.48
N01 TA1 I . 16.60 -23.39 12.81
C30 TA1 I . 17.59 -23.52 11.90
O14 TA1 I . 18.29 -22.60 11.51
C31 TA1 I . 17.76 -24.92 11.38
C32 TA1 I . 16.76 -25.63 10.72
C33 TA1 I . 17.00 -26.96 10.28
C34 TA1 I . 18.25 -27.58 10.52
C35 TA1 I . 19.25 -26.87 11.16
C36 TA1 I . 19.04 -25.57 11.61
C37 TA1 I . 15.39 -21.19 12.66
C38 TA1 I . 15.59 -19.81 12.78
C39 TA1 I . 14.78 -18.89 12.07
C40 TA1 I . 13.76 -19.37 11.22
C41 TA1 I . 13.56 -20.74 11.10
C42 TA1 I . 14.38 -21.66 11.81
C43 TA1 I . 20.23 -23.45 15.52
C44 TA1 I . 18.00 -22.62 18.53
C45 TA1 I . 21.31 -24.76 17.55
C46 TA1 I . 20.64 -26.15 17.14
C47 TA1 I . 22.63 -25.21 18.22
N SER A 41 14.64 27.39 -20.47
CA SER A 41 13.69 26.33 -20.67
C SER A 41 12.61 26.83 -21.56
N GLU A 42 11.86 25.86 -22.12
CA GLU A 42 10.68 26.17 -22.85
C GLU A 42 9.60 25.74 -21.90
N LYS A 43 8.36 26.20 -22.13
CA LYS A 43 7.28 25.76 -21.31
C LYS A 43 6.41 24.92 -22.19
N VAL A 44 5.85 23.82 -21.64
CA VAL A 44 4.91 22.96 -22.32
C VAL A 44 3.74 23.87 -22.59
N LYS A 45 3.31 24.04 -23.87
CA LYS A 45 2.25 25.00 -24.10
C LYS A 45 0.99 24.40 -23.57
N VAL A 46 0.14 25.18 -22.96
CA VAL A 46 -1.08 24.63 -22.41
C VAL A 46 -2.31 25.13 -23.16
N TYR A 47 -3.14 24.19 -23.56
CA TYR A 47 -4.34 24.50 -24.31
C TYR A 47 -5.55 23.83 -23.68
N LEU A 48 -6.65 24.56 -23.59
CA LEU A 48 -7.89 24.01 -23.03
C LEU A 48 -9.01 24.13 -24.06
N ARG A 49 -9.86 23.13 -24.10
CA ARG A 49 -11.00 23.11 -25.01
C ARG A 49 -12.18 22.41 -24.37
N ILE A 50 -13.36 22.99 -24.51
CA ILE A 50 -14.57 22.40 -23.94
C ILE A 50 -15.46 21.83 -25.04
N ARG A 51 -16.21 20.80 -24.69
CA ARG A 51 -17.10 20.16 -25.64
C ARG A 51 -18.34 21.04 -25.88
N PRO A 52 -18.78 21.14 -27.14
CA PRO A 52 -19.96 21.94 -27.49
C PRO A 52 -21.27 21.31 -27.03
N PHE A 53 -22.32 22.11 -26.98
CA PHE A 53 -23.63 21.63 -26.56
C PHE A 53 -24.51 21.35 -27.76
N LEU A 54 -24.83 20.09 -27.98
CA LEU A 54 -25.68 19.71 -29.09
C LEU A 54 -27.13 19.60 -28.64
N THR A 55 -28.02 19.37 -29.60
CA THR A 55 -29.45 19.24 -29.32
C THR A 55 -29.72 18.06 -28.36
N SER A 56 -28.85 17.07 -28.40
CA SER A 56 -28.99 15.89 -27.56
C SER A 56 -28.83 16.24 -26.08
N GLU A 57 -27.74 16.92 -25.75
CA GLU A 57 -27.47 17.32 -24.37
C GLU A 57 -28.50 18.33 -23.90
N LEU A 58 -28.87 19.24 -24.79
CA LEU A 58 -29.85 20.27 -24.48
C LEU A 58 -31.20 19.63 -24.14
N ASP A 59 -31.52 18.54 -24.82
CA ASP A 59 -32.76 17.83 -24.58
C ASP A 59 -32.73 17.10 -23.26
N ARG A 60 -31.58 16.50 -22.95
CA ARG A 60 -31.41 15.75 -21.72
C ARG A 60 -31.46 16.65 -20.49
N GLN A 61 -30.77 17.79 -20.56
CA GLN A 61 -30.74 18.75 -19.47
C GLN A 61 -30.16 20.07 -19.93
N GLU A 62 -29.94 20.98 -18.98
CA GLU A 62 -29.37 22.28 -19.28
C GLU A 62 -27.94 22.16 -19.79
N ASP A 63 -27.14 21.32 -19.11
CA ASP A 63 -25.73 21.12 -19.45
C ASP A 63 -25.02 22.47 -19.57
N GLN A 64 -25.32 23.34 -18.61
CA GLN A 64 -24.77 24.68 -18.56
C GLN A 64 -23.26 24.63 -18.50
N GLY A 65 -22.61 25.48 -19.28
CA GLY A 65 -21.18 25.49 -19.27
C GLY A 65 -20.68 26.14 -18.01
N CYS A 66 -19.99 25.36 -17.21
CA CYS A 66 -19.42 25.86 -15.96
C CYS A 66 -18.16 26.63 -16.28
N VAL A 67 -17.48 26.20 -17.31
CA VAL A 67 -16.27 26.84 -17.74
C VAL A 67 -16.61 27.94 -18.74
N CYS A 68 -16.16 29.14 -18.45
CA CYS A 68 -16.38 30.28 -19.30
C CYS A 68 -15.08 30.59 -20.00
N ILE A 69 -15.16 31.13 -21.19
CA ILE A 69 -13.96 31.41 -21.94
C ILE A 69 -13.58 32.85 -21.72
N GLU A 70 -12.53 33.06 -20.95
CA GLU A 70 -12.10 34.40 -20.67
C GLU A 70 -10.80 34.63 -21.41
N ASN A 71 -10.82 35.49 -22.43
CA ASN A 71 -9.63 35.74 -23.23
C ASN A 71 -9.18 34.47 -23.99
N THR A 72 -8.31 34.62 -24.96
CA THR A 72 -7.85 33.47 -25.73
C THR A 72 -6.86 32.60 -24.94
N GLU A 73 -6.20 33.18 -23.93
CA GLU A 73 -5.21 32.48 -23.11
C GLU A 73 -5.67 31.93 -21.75
N THR A 74 -6.69 32.57 -21.17
CA THR A 74 -7.14 32.18 -19.84
C THR A 74 -8.62 31.74 -19.80
N LEU A 75 -9.07 31.27 -18.65
CA LEU A 75 -10.44 30.81 -18.48
C LEU A 75 -10.96 31.17 -17.10
N VAL A 76 -12.23 31.51 -17.00
CA VAL A 76 -12.84 31.80 -15.71
C VAL A 76 -13.75 30.62 -15.37
N LEU A 77 -13.54 30.00 -14.21
CA LEU A 77 -14.32 28.83 -13.85
C LEU A 77 -15.38 29.10 -12.80
N GLN A 78 -16.62 28.87 -13.19
CA GLN A 78 -17.75 28.97 -12.28
C GLN A 78 -18.53 27.68 -12.41
N ALA A 79 -18.20 26.71 -11.56
CA ALA A 79 -18.82 25.40 -11.63
C ALA A 79 -19.88 25.21 -10.57
N PRO A 80 -21.14 25.00 -10.98
CA PRO A 80 -22.22 24.73 -10.05
C PRO A 80 -22.11 23.31 -9.50
N GLN A 95 -21.27 27.24 -5.97
CA GLN A 95 -20.43 27.44 -7.14
C GLN A 95 -18.98 27.48 -6.72
N ALA A 96 -18.10 27.17 -7.64
CA ALA A 96 -16.69 27.16 -7.35
C ALA A 96 -16.00 28.13 -8.29
N THR A 97 -15.05 28.90 -7.77
CA THR A 97 -14.34 29.87 -8.58
C THR A 97 -12.88 29.44 -8.77
N HIS A 98 -12.42 29.48 -10.02
CA HIS A 98 -11.05 29.10 -10.35
C HIS A 98 -10.64 29.80 -11.65
N LYS A 99 -9.35 29.99 -11.86
CA LYS A 99 -8.86 30.63 -13.07
C LYS A 99 -7.84 29.74 -13.76
N PHE A 100 -8.03 29.50 -15.05
CA PHE A 100 -7.12 28.65 -15.80
C PHE A 100 -6.19 29.52 -16.63
N THR A 101 -4.90 29.39 -16.42
CA THR A 101 -3.93 30.17 -17.17
C THR A 101 -3.09 29.23 -18.02
N PHE A 102 -3.63 28.88 -19.17
CA PHE A 102 -3.01 27.91 -20.06
C PHE A 102 -2.06 28.50 -21.07
N SER A 103 -2.62 29.17 -22.07
CA SER A 103 -1.83 29.79 -23.19
C SER A 103 -2.78 30.06 -24.31
N GLN A 104 -3.53 29.03 -24.64
CA GLN A 104 -4.52 29.09 -25.67
C GLN A 104 -5.74 28.30 -25.25
N ILE A 105 -6.90 28.88 -25.46
CA ILE A 105 -8.18 28.21 -25.19
C ILE A 105 -9.23 28.55 -26.26
N PHE A 106 -9.94 27.55 -26.77
CA PHE A 106 -10.98 27.78 -27.76
C PHE A 106 -12.32 27.29 -27.24
N GLY A 107 -13.38 28.02 -27.56
CA GLY A 107 -14.71 27.66 -27.11
C GLY A 107 -15.33 26.50 -27.86
N PRO A 108 -16.63 26.25 -27.62
CA PRO A 108 -17.36 25.18 -28.29
C PRO A 108 -17.79 25.57 -29.70
N GLU A 109 -17.66 26.86 -30.00
CA GLU A 109 -18.04 27.41 -31.29
C GLU A 109 -17.07 26.99 -32.39
N VAL A 110 -15.78 27.09 -32.09
CA VAL A 110 -14.75 26.75 -33.07
C VAL A 110 -14.90 25.32 -33.57
N GLY A 111 -14.58 25.11 -34.84
CA GLY A 111 -14.67 23.79 -35.43
C GLY A 111 -13.48 22.93 -35.05
N GLN A 112 -13.42 21.74 -35.61
CA GLN A 112 -12.32 20.83 -35.31
C GLN A 112 -11.04 21.30 -35.94
N VAL A 113 -11.17 21.87 -37.14
CA VAL A 113 -10.02 22.42 -37.85
C VAL A 113 -9.42 23.60 -37.09
N ALA A 114 -10.27 24.35 -36.40
CA ALA A 114 -9.82 25.50 -35.63
C ALA A 114 -8.81 25.11 -34.56
N PHE A 115 -9.05 23.97 -33.90
CA PHE A 115 -8.14 23.47 -32.88
C PHE A 115 -6.76 23.26 -33.52
N PHE A 116 -6.75 22.62 -34.68
CA PHE A 116 -5.51 22.35 -35.39
C PHE A 116 -4.90 23.62 -35.96
N ASN A 117 -5.77 24.51 -36.42
CA ASN A 117 -5.34 25.75 -37.06
C ASN A 117 -4.39 26.55 -36.18
N LEU A 118 -4.75 26.73 -34.92
CA LEU A 118 -3.87 27.44 -34.01
C LEU A 118 -2.84 26.59 -33.27
N THR A 119 -3.31 25.55 -32.59
CA THR A 119 -2.43 24.69 -31.80
C THR A 119 -1.50 23.81 -32.64
N MET A 120 -2.05 23.10 -33.62
CA MET A 120 -1.24 22.20 -34.43
C MET A 120 -0.35 22.92 -35.45
N LYS A 121 -0.75 24.12 -35.88
CA LYS A 121 0.03 24.87 -36.86
C LYS A 121 1.42 25.21 -36.37
N GLU A 122 1.53 25.60 -35.09
CA GLU A 122 2.83 25.95 -34.54
C GLU A 122 3.77 24.74 -34.53
N MET A 123 3.18 23.55 -34.43
CA MET A 123 3.95 22.32 -34.44
C MET A 123 4.48 22.07 -35.85
N VAL A 124 3.61 22.27 -36.85
CA VAL A 124 3.98 22.05 -38.25
C VAL A 124 5.22 22.87 -38.62
N LYS A 125 5.35 24.04 -38.02
CA LYS A 125 6.49 24.91 -38.27
C LYS A 125 7.75 24.37 -37.61
N ASP A 126 7.58 23.77 -36.43
CA ASP A 126 8.71 23.22 -35.68
C ASP A 126 9.29 22.00 -36.37
N VAL A 127 8.44 21.23 -37.05
CA VAL A 127 8.90 20.06 -37.77
C VAL A 127 9.93 20.48 -38.82
N LEU A 128 9.70 21.65 -39.40
CA LEU A 128 10.61 22.21 -40.39
C LEU A 128 11.88 22.70 -39.70
N LYS A 129 11.73 23.13 -38.45
CA LYS A 129 12.86 23.59 -37.66
C LYS A 129 13.80 22.42 -37.39
N GLY A 130 13.22 21.22 -37.34
CA GLY A 130 14.01 20.03 -37.13
C GLY A 130 13.86 19.49 -35.74
N GLN A 131 13.14 20.21 -34.88
CA GLN A 131 12.92 19.74 -33.52
C GLN A 131 11.73 18.81 -33.44
N ASN A 132 11.82 17.87 -32.52
CA ASN A 132 10.76 16.90 -32.29
C ASN A 132 9.62 17.55 -31.51
N TRP A 133 8.40 17.09 -31.71
CA TRP A 133 7.26 17.65 -31.01
C TRP A 133 6.29 16.54 -30.61
N LEU A 134 5.69 16.69 -29.44
CA LEU A 134 4.74 15.72 -28.96
C LEU A 134 3.48 16.42 -28.52
N ILE A 135 2.35 15.96 -29.03
CA ILE A 135 1.06 16.54 -28.67
C ILE A 135 0.24 15.47 -27.98
N TYR A 136 -0.12 15.70 -26.73
CA TYR A 136 -0.90 14.73 -26.00
C TYR A 136 -2.24 15.32 -25.59
N THR A 137 -3.29 14.59 -25.86
CA THR A 137 -4.63 15.02 -25.52
C THR A 137 -5.01 14.44 -24.19
N TYR A 138 -5.27 15.32 -23.23
CA TYR A 138 -5.61 14.93 -21.90
C TYR A 138 -6.92 15.60 -21.50
N GLY A 139 -7.63 15.00 -20.57
CA GLY A 139 -8.89 15.57 -20.13
C GLY A 139 -9.81 14.53 -19.57
N VAL A 140 -10.97 14.97 -19.09
CA VAL A 140 -11.96 14.07 -18.51
C VAL A 140 -12.51 13.08 -19.54
N THR A 141 -13.22 12.08 -19.05
CA THR A 141 -13.81 11.07 -19.91
C THR A 141 -14.88 11.66 -20.81
N ASN A 142 -14.95 11.15 -22.04
CA ASN A 142 -15.92 11.57 -23.05
C ASN A 142 -16.03 13.09 -23.22
N SER A 143 -14.90 13.78 -23.08
CA SER A 143 -14.88 15.22 -23.24
C SER A 143 -14.78 15.59 -24.71
N GLY A 144 -14.45 14.59 -25.52
CA GLY A 144 -14.32 14.82 -26.95
C GLY A 144 -12.87 14.87 -27.39
N LYS A 145 -11.99 14.26 -26.61
CA LYS A 145 -10.57 14.27 -26.92
C LYS A 145 -10.28 13.55 -28.24
N THR A 146 -10.90 12.39 -28.43
CA THR A 146 -10.72 11.63 -29.66
C THR A 146 -11.30 12.42 -30.83
N TYR A 147 -12.30 13.23 -30.53
CA TYR A 147 -12.93 14.06 -31.55
C TYR A 147 -12.02 15.22 -31.93
N THR A 148 -11.33 15.77 -30.95
CA THR A 148 -10.42 16.88 -31.17
C THR A 148 -9.13 16.40 -31.86
N ILE A 149 -8.67 15.21 -31.51
CA ILE A 149 -7.47 14.67 -32.10
C ILE A 149 -7.69 14.07 -33.49
N GLN A 150 -8.74 13.26 -33.65
CA GLN A 150 -9.02 12.63 -34.93
C GLN A 150 -10.05 13.41 -35.76
N GLY A 151 -11.13 13.79 -35.13
CA GLY A 151 -12.18 14.53 -35.83
C GLY A 151 -12.92 13.69 -36.84
N THR A 152 -13.33 14.32 -37.93
CA THR A 152 -14.08 13.64 -38.99
C THR A 152 -13.50 14.03 -40.35
N SER A 153 -14.07 13.49 -41.43
CA SER A 153 -13.60 13.81 -42.77
C SER A 153 -13.80 15.29 -43.11
N LYS A 154 -14.98 15.82 -42.81
CA LYS A 154 -15.29 17.22 -43.07
C LYS A 154 -14.34 18.12 -42.28
N ASP A 155 -14.29 17.89 -40.97
CA ASP A 155 -13.42 18.66 -40.08
C ASP A 155 -12.46 17.71 -39.40
N ALA A 156 -11.25 17.63 -39.93
CA ALA A 156 -10.24 16.75 -39.37
C ALA A 156 -9.67 17.31 -38.07
N GLY A 157 -9.30 16.40 -37.18
CA GLY A 157 -8.73 16.80 -35.92
C GLY A 157 -7.29 17.24 -36.06
N ILE A 158 -6.65 17.51 -34.93
CA ILE A 158 -5.26 17.96 -34.92
C ILE A 158 -4.31 16.98 -35.61
N LEU A 159 -4.54 15.69 -35.43
CA LEU A 159 -3.69 14.68 -36.03
C LEU A 159 -3.82 14.59 -37.56
N PRO A 160 -5.02 14.29 -38.10
CA PRO A 160 -5.21 14.20 -39.56
C PRO A 160 -4.87 15.51 -40.27
N GLN A 161 -5.22 16.63 -39.63
CA GLN A 161 -4.94 17.93 -40.20
C GLN A 161 -3.46 18.24 -40.16
N SER A 162 -2.77 17.70 -39.15
CA SER A 162 -1.34 17.88 -39.01
C SER A 162 -0.67 17.30 -40.24
N LEU A 163 -1.10 16.09 -40.59
CA LEU A 163 -0.58 15.39 -41.75
C LEU A 163 -0.83 16.20 -43.01
N ALA A 164 -2.04 16.71 -43.14
CA ALA A 164 -2.42 17.51 -44.29
C ALA A 164 -1.48 18.68 -44.49
N LEU A 165 -1.19 19.40 -43.41
CA LEU A 165 -0.31 20.55 -43.48
C LEU A 165 1.17 20.17 -43.58
N ILE A 166 1.61 19.18 -42.81
CA ILE A 166 3.02 18.75 -42.85
C ILE A 166 3.39 18.16 -44.20
N PHE A 167 2.53 17.32 -44.76
CA PHE A 167 2.78 16.72 -46.06
C PHE A 167 2.70 17.77 -47.16
N ASN A 168 1.87 18.78 -46.93
CA ASN A 168 1.73 19.88 -47.88
C ASN A 168 3.00 20.71 -47.87
N SER A 169 3.58 20.85 -46.67
CA SER A 169 4.82 21.59 -46.51
C SER A 169 5.98 20.84 -47.15
N LEU A 170 5.91 19.52 -47.09
CA LEU A 170 6.94 18.68 -47.68
C LEU A 170 6.68 18.48 -49.17
N ILE A 276 15.27 19.53 -53.73
CA ILE A 276 15.16 19.30 -52.31
C ILE A 276 14.20 18.14 -52.06
N ARG A 277 14.73 17.03 -51.63
CA ARG A 277 13.92 15.85 -51.38
C ARG A 277 13.56 15.73 -49.92
N PHE A 278 12.31 15.35 -49.70
CA PHE A 278 11.80 15.15 -48.36
C PHE A 278 11.37 13.71 -48.19
N SER A 279 11.53 13.21 -47.00
CA SER A 279 11.17 11.84 -46.68
C SER A 279 10.41 11.82 -45.38
N VAL A 280 9.49 10.88 -45.22
CA VAL A 280 8.71 10.78 -44.02
C VAL A 280 8.45 9.33 -43.64
N TRP A 281 8.61 9.03 -42.38
CA TRP A 281 8.37 7.69 -41.88
C TRP A 281 7.09 7.74 -41.05
N ILE A 282 6.26 6.74 -41.21
CA ILE A 282 4.99 6.71 -40.49
C ILE A 282 4.91 5.49 -39.58
N SER A 283 4.44 5.73 -38.35
CA SER A 283 4.25 4.69 -37.37
C SER A 283 2.99 4.96 -36.56
N PHE A 284 2.15 3.95 -36.43
CA PHE A 284 0.90 4.08 -35.68
C PHE A 284 0.68 2.81 -34.88
N PHE A 285 0.52 2.96 -33.58
CA PHE A 285 0.34 1.81 -32.70
C PHE A 285 -0.59 2.13 -31.55
N GLU A 286 -1.07 1.08 -30.89
CA GLU A 286 -1.95 1.22 -29.76
C GLU A 286 -1.35 0.51 -28.54
N ILE A 287 -1.32 1.23 -27.42
CA ILE A 287 -0.79 0.68 -26.18
C ILE A 287 -1.93 0.24 -25.30
N TYR A 288 -2.22 -1.05 -25.30
CA TYR A 288 -3.29 -1.60 -24.51
C TYR A 288 -2.74 -2.43 -23.37
N ASN A 289 -3.09 -2.07 -22.14
CA ASN A 289 -2.62 -2.77 -20.94
C ASN A 289 -1.11 -2.71 -20.85
N GLU A 290 -0.56 -1.53 -21.20
CA GLU A 290 0.88 -1.30 -21.21
C GLU A 290 1.60 -2.15 -22.25
N LEU A 291 0.84 -2.69 -23.19
CA LEU A 291 1.39 -3.50 -24.26
C LEU A 291 1.35 -2.68 -25.55
N LEU A 292 2.43 -2.72 -26.31
CA LEU A 292 2.49 -1.95 -27.55
C LEU A 292 2.11 -2.83 -28.73
N TYR A 293 1.01 -2.50 -29.37
CA TYR A 293 0.52 -3.23 -30.52
C TYR A 293 0.58 -2.36 -31.77
N ASP A 294 1.21 -2.86 -32.83
CA ASP A 294 1.32 -2.11 -34.08
C ASP A 294 0.01 -2.20 -34.86
N LEU A 295 -0.55 -1.04 -35.18
CA LEU A 295 -1.81 -0.95 -35.91
C LEU A 295 -1.59 -0.98 -37.42
N LEU A 296 -0.38 -0.62 -37.83
CA LEU A 296 -0.03 -0.56 -39.25
C LEU A 296 -0.05 -1.94 -39.89
N GLU A 297 0.27 -2.95 -39.02
CA GLU A 297 0.33 -4.41 -39.08
C GLU A 297 -1.06 -5.06 -39.01
N PRO A 298 -1.04 -6.39 -39.05
CA PRO A 298 -2.23 -7.23 -38.97
C PRO A 298 -3.06 -7.29 -37.71
N PRO A 299 -4.32 -7.60 -37.93
CA PRO A 299 -5.30 -7.61 -36.88
C PRO A 299 -5.19 -8.73 -35.92
N SER A 300 -5.69 -8.51 -34.70
CA SER A 300 -5.60 -9.50 -33.68
C SER A 300 -6.55 -9.10 -32.59
N HIS A 301 -6.27 -9.59 -31.35
CA HIS A 301 -6.95 -9.41 -30.08
C HIS A 301 -8.18 -10.29 -30.02
N LYS A 304 -1.75 -11.54 -29.64
CA LYS A 304 -0.47 -11.22 -30.33
C LYS A 304 0.40 -10.45 -29.40
N ARG A 305 1.71 -10.77 -29.37
CA ARG A 305 2.60 -10.00 -28.56
C ARG A 305 3.78 -9.66 -29.42
N GLN A 306 4.03 -8.34 -29.64
CA GLN A 306 5.15 -7.90 -30.43
C GLN A 306 6.33 -7.74 -29.51
N THR A 307 7.53 -8.17 -29.97
CA THR A 307 8.69 -8.12 -29.12
C THR A 307 9.50 -6.88 -29.38
N LEU A 308 9.26 -5.85 -28.54
CA LEU A 308 9.99 -4.58 -28.57
C LEU A 308 10.20 -3.96 -27.20
N ARG A 309 11.36 -3.27 -27.04
CA ARG A 309 11.79 -2.67 -25.80
C ARG A 309 12.31 -1.29 -26.09
N LEU A 310 12.53 -0.48 -25.03
CA LEU A 310 13.09 0.83 -25.23
C LEU A 310 14.52 0.77 -24.78
N CYS A 311 15.47 1.09 -25.68
CA CYS A 311 16.84 1.06 -25.28
C CYS A 311 17.31 2.48 -25.20
N GLU A 312 18.30 2.74 -24.31
CA GLU A 312 18.77 4.09 -24.14
C GLU A 312 20.15 4.18 -24.71
N ASP A 313 20.33 5.07 -25.71
CA ASP A 313 21.57 5.25 -26.46
C ASP A 313 22.54 6.09 -25.65
N GLN A 314 23.79 6.15 -26.11
CA GLN A 314 24.83 6.94 -25.44
C GLN A 314 24.41 8.40 -25.30
N ASN A 315 23.53 8.84 -26.20
CA ASN A 315 23.03 10.21 -26.18
C ASN A 315 22.10 10.43 -25.00
N GLY A 316 21.55 9.35 -24.47
CA GLY A 316 20.63 9.45 -23.34
C GLY A 316 19.19 9.45 -23.80
N ASN A 317 19.01 9.50 -25.10
CA ASN A 317 17.69 9.49 -25.71
C ASN A 317 17.14 8.07 -25.77
N PRO A 318 15.90 7.88 -25.34
CA PRO A 318 15.27 6.56 -25.38
C PRO A 318 14.80 6.23 -26.80
N TYR A 319 15.02 5.00 -27.22
CA TYR A 319 14.61 4.57 -28.54
C TYR A 319 13.84 3.26 -28.42
N VAL A 320 12.70 3.16 -29.10
CA VAL A 320 11.96 1.93 -29.06
C VAL A 320 12.55 1.04 -30.14
N LYS A 321 12.94 -0.15 -29.78
CA LYS A 321 13.55 -1.04 -30.74
C LYS A 321 12.54 -1.98 -31.36
N ASP A 322 12.80 -2.37 -32.60
CA ASP A 322 11.94 -3.28 -33.35
C ASP A 322 10.59 -2.65 -33.67
N LEU A 323 10.63 -1.39 -34.07
CA LEU A 323 9.43 -0.66 -34.45
C LEU A 323 9.20 -0.84 -35.94
N ASN A 324 7.99 -0.61 -36.38
CA ASN A 324 7.72 -0.72 -37.80
C ASN A 324 7.89 0.65 -38.40
N TRP A 325 8.45 0.70 -39.59
CA TRP A 325 8.63 1.96 -40.27
C TRP A 325 8.08 1.83 -41.67
N ILE A 326 7.45 2.88 -42.15
CA ILE A 326 6.88 2.88 -43.47
C ILE A 326 7.18 4.20 -44.16
N HIS A 327 7.32 4.14 -45.47
CA HIS A 327 7.56 5.34 -46.23
C HIS A 327 6.27 5.68 -46.91
N VAL A 328 5.92 6.96 -46.92
CA VAL A 328 4.68 7.41 -47.52
C VAL A 328 4.95 8.60 -48.42
N ARG A 329 4.33 8.61 -49.58
CA ARG A 329 4.51 9.69 -50.54
C ARG A 329 3.62 10.87 -50.21
N ASP A 330 2.33 10.58 -50.18
CA ASP A 330 1.31 11.57 -49.88
C ASP A 330 0.78 11.47 -48.45
N VAL A 331 0.00 12.47 -48.06
CA VAL A 331 -0.60 12.52 -46.74
C VAL A 331 -1.72 11.48 -46.62
N GLU A 332 -2.45 11.27 -47.70
CA GLU A 332 -3.55 10.32 -47.73
C GLU A 332 -3.04 8.92 -47.42
N GLU A 333 -1.78 8.66 -47.78
CA GLU A 333 -1.16 7.37 -47.52
C GLU A 333 -1.07 7.15 -46.01
N ALA A 334 -0.65 8.18 -45.30
CA ALA A 334 -0.54 8.12 -43.85
C ALA A 334 -1.95 8.07 -43.24
N TRP A 335 -2.86 8.80 -43.84
CA TRP A 335 -4.25 8.84 -43.40
C TRP A 335 -4.87 7.45 -43.55
N LYS A 336 -4.54 6.79 -44.66
CA LYS A 336 -5.03 5.44 -44.94
C LYS A 336 -4.54 4.49 -43.86
N LEU A 337 -3.29 4.66 -43.45
CA LEU A 337 -2.70 3.83 -42.42
C LEU A 337 -3.44 4.01 -41.10
N LEU A 338 -3.91 5.23 -40.85
CA LEU A 338 -4.67 5.53 -39.66
C LEU A 338 -6.02 4.84 -39.70
N LYS A 339 -6.61 4.77 -40.89
CA LYS A 339 -7.89 4.10 -41.08
C LYS A 339 -7.74 2.64 -40.69
N VAL A 340 -6.62 2.05 -41.08
CA VAL A 340 -6.31 0.67 -40.77
C VAL A 340 -6.16 0.53 -39.25
N GLY A 341 -5.47 1.50 -38.66
CA GLY A 341 -5.26 1.50 -37.23
C GLY A 341 -6.56 1.59 -36.46
N ARG A 342 -7.48 2.40 -36.96
CA ARG A 342 -8.79 2.56 -36.32
C ARG A 342 -9.59 1.26 -36.44
N LYS A 343 -9.39 0.57 -37.54
CA LYS A 343 -10.06 -0.70 -37.81
C LYS A 343 -9.52 -1.82 -36.91
N ASN A 344 -8.20 -1.90 -36.81
CA ASN A 344 -7.53 -2.91 -36.00
C ASN A 344 -7.55 -2.58 -34.52
N GLN A 345 -7.82 -1.31 -34.22
CA GLN A 345 -7.86 -0.81 -32.85
C GLN A 345 -8.72 -1.67 -31.93
N SER A 346 -8.22 -1.80 -30.67
CA SER A 346 -8.83 -2.53 -29.58
C SER A 346 -9.32 -1.48 -28.62
N PHE A 347 -10.28 -1.84 -27.72
CA PHE A 347 -10.81 -1.03 -26.62
C PHE A 347 -11.49 -2.02 -25.73
N ALA A 348 -11.95 -1.54 -24.54
CA ALA A 348 -12.72 -2.28 -23.56
C ALA A 348 -12.84 -1.37 -22.39
N SER A 349 -13.44 -1.85 -21.29
CA SER A 349 -13.50 -1.04 -20.12
C SER A 349 -12.70 -1.79 -19.07
N SER A 359 -6.90 1.17 -25.71
CA SER A 359 -5.55 1.19 -26.29
C SER A 359 -5.11 2.62 -26.58
N HIS A 360 -3.92 2.98 -26.11
CA HIS A 360 -3.42 4.31 -26.31
C HIS A 360 -3.08 4.40 -27.76
N SER A 361 -3.49 5.43 -28.43
CA SER A 361 -3.16 5.49 -29.82
C SER A 361 -2.13 6.57 -29.97
N ILE A 362 -0.96 6.17 -30.46
CA ILE A 362 0.12 7.11 -30.64
C ILE A 362 0.55 7.07 -32.08
N PHE A 363 0.39 8.20 -32.74
CA PHE A 363 0.79 8.31 -34.12
C PHE A 363 2.11 9.05 -34.18
N SER A 364 3.09 8.43 -34.80
CA SER A 364 4.40 9.02 -34.91
C SER A 364 4.70 9.35 -36.36
N ILE A 365 5.17 10.56 -36.56
CA ILE A 365 5.52 11.05 -37.89
C ILE A 365 6.92 11.62 -37.85
N ARG A 366 7.84 11.03 -38.59
CA ARG A 366 9.20 11.53 -38.63
C ARG A 366 9.57 12.00 -40.02
N ILE A 367 9.77 13.29 -40.16
CA ILE A 367 10.13 13.86 -41.43
C ILE A 367 11.63 14.07 -41.53
N LEU A 368 12.15 13.83 -42.71
CA LEU A 368 13.55 13.99 -42.97
C LEU A 368 13.72 15.21 -43.85
N HIS A 369 14.44 16.20 -43.35
CA HIS A 369 14.67 17.42 -44.10
C HIS A 369 16.01 17.31 -44.78
N LEU A 370 15.98 17.21 -46.11
CA LEU A 370 17.19 17.08 -46.87
C LEU A 370 17.23 18.05 -48.03
N PRO A 378 21.25 15.12 -42.84
CA PRO A 378 19.91 15.64 -42.70
C PRO A 378 19.42 15.90 -41.29
N LYS A 379 18.39 16.73 -41.21
CA LYS A 379 17.77 17.03 -39.96
C LYS A 379 16.46 16.27 -39.95
N ILE A 380 16.24 15.49 -38.91
CA ILE A 380 15.04 14.69 -38.81
C ILE A 380 14.20 15.14 -37.64
N SER A 381 12.91 15.25 -37.86
CA SER A 381 12.00 15.66 -36.81
C SER A 381 10.92 14.61 -36.61
N GLU A 382 10.73 14.18 -35.38
CA GLU A 382 9.73 13.17 -35.08
C GLU A 382 8.62 13.74 -34.23
N LEU A 383 7.41 13.58 -34.69
CA LEU A 383 6.24 14.07 -33.99
C LEU A 383 5.43 12.89 -33.51
N SER A 384 4.71 13.06 -32.42
CA SER A 384 3.89 11.99 -31.89
C SER A 384 2.62 12.55 -31.29
N LEU A 385 1.53 11.87 -31.54
CA LEU A 385 0.24 12.29 -31.04
C LEU A 385 -0.28 11.29 -30.05
N CYS A 386 -0.84 11.77 -28.97
CA CYS A 386 -1.37 10.90 -27.95
C CYS A 386 -2.80 11.28 -27.61
N ASP A 387 -3.65 10.29 -27.47
CA ASP A 387 -5.04 10.51 -27.09
C ASP A 387 -5.48 9.46 -26.11
N LEU A 388 -5.59 9.93 -24.83
CA LEU A 388 -5.88 9.10 -23.71
C LEU A 388 -7.26 8.55 -23.87
N ALA A 389 -7.33 7.21 -23.99
CA ALA A 389 -8.55 6.47 -24.05
C ALA A 389 -8.97 6.28 -22.64
N GLY A 390 -10.29 6.32 -22.39
CA GLY A 390 -10.69 6.17 -21.03
C GLY A 390 -12.01 5.49 -21.02
N SER A 391 -12.13 4.52 -20.12
CA SER A 391 -13.40 3.85 -20.00
C SER A 391 -13.94 4.30 -18.69
N GLU A 392 -15.28 4.28 -18.55
CA GLU A 392 -15.84 4.66 -17.30
C GLU A 392 -16.71 3.54 -16.81
N ARG A 393 -16.27 2.87 -15.72
CA ARG A 393 -17.02 1.82 -15.10
C ARG A 393 -17.63 2.43 -13.88
N CYS A 394 -18.73 1.84 -13.39
CA CYS A 394 -19.36 2.38 -12.22
C CYS A 394 -19.25 1.36 -11.12
N LYS A 395 -20.17 1.44 -10.12
CA LYS A 395 -20.19 0.56 -8.98
C LYS A 395 -20.37 -0.88 -9.37
N ARG A 402 -12.74 -7.41 -13.81
CA ARG A 402 -11.74 -7.69 -14.86
C ARG A 402 -10.45 -8.04 -14.20
N LEU A 403 -9.32 -7.48 -14.67
CA LEU A 403 -8.05 -7.75 -14.06
C LEU A 403 -7.62 -6.50 -13.34
N LYS A 404 -6.46 -5.91 -13.70
CA LYS A 404 -5.95 -4.71 -13.03
C LYS A 404 -5.69 -3.56 -13.97
N GLU A 405 -6.51 -3.45 -15.01
CA GLU A 405 -6.36 -2.39 -15.99
C GLU A 405 -6.57 -1.03 -15.36
N ALA A 406 -7.53 -0.98 -14.42
CA ALA A 406 -7.85 0.26 -13.73
C ALA A 406 -6.69 0.72 -12.86
N GLY A 407 -6.22 -0.17 -12.00
CA GLY A 407 -5.14 0.15 -11.10
C GLY A 407 -3.83 0.44 -11.80
N ASN A 408 -3.52 -0.36 -12.82
CA ASN A 408 -2.28 -0.19 -13.58
C ASN A 408 -2.16 1.20 -14.21
N ILE A 409 -3.16 1.62 -14.97
CA ILE A 409 -3.13 2.93 -15.59
C ILE A 409 -3.27 4.03 -14.56
N ASN A 410 -4.05 3.77 -13.51
CA ASN A 410 -4.24 4.75 -12.45
C ASN A 410 -2.87 5.21 -11.97
N THR A 411 -1.94 4.25 -11.94
CA THR A 411 -0.58 4.51 -11.53
C THR A 411 0.16 5.34 -12.61
N SER A 412 -0.13 5.06 -13.88
CA SER A 412 0.48 5.77 -14.99
C SER A 412 0.10 7.25 -14.96
N LEU A 413 -1.18 7.52 -14.69
CA LEU A 413 -1.66 8.91 -14.62
C LEU A 413 -1.06 9.60 -13.40
N HIS A 414 -0.90 8.83 -12.33
CA HIS A 414 -0.34 9.35 -11.09
C HIS A 414 1.11 9.79 -11.29
N THR A 415 1.91 8.97 -11.95
CA THR A 415 3.29 9.30 -12.20
C THR A 415 3.39 10.44 -13.21
N LEU A 416 2.45 10.47 -14.16
CA LEU A 416 2.42 11.51 -15.17
C LEU A 416 2.20 12.85 -14.48
N GLY A 417 1.26 12.87 -13.54
CA GLY A 417 0.97 14.08 -12.80
C GLY A 417 2.15 14.54 -11.97
N ARG A 418 2.79 13.60 -11.29
CA ARG A 418 3.95 13.92 -10.46
C ARG A 418 5.14 14.36 -11.31
N CYS A 419 5.32 13.71 -12.45
CA CYS A 419 6.42 14.05 -13.35
C CYS A 419 6.25 15.46 -13.91
N ILE A 420 5.03 15.79 -14.32
CA ILE A 420 4.73 17.12 -14.86
C ILE A 420 4.98 18.18 -13.78
N ALA A 421 4.66 17.83 -12.54
CA ALA A 421 4.87 18.72 -11.41
C ALA A 421 6.36 19.01 -11.23
N ALA A 422 7.17 17.96 -11.34
CA ALA A 422 8.62 18.08 -11.20
C ALA A 422 9.18 18.90 -12.35
N LEU A 423 8.61 18.69 -13.53
CA LEU A 423 9.02 19.41 -14.73
C LEU A 423 8.77 20.90 -14.57
N ARG A 424 7.68 21.24 -13.87
CA ARG A 424 7.32 22.63 -13.64
C ARG A 424 8.34 23.33 -12.75
N GLN A 425 8.62 22.75 -11.59
CA GLN A 425 9.57 23.34 -10.64
C GLN A 425 10.98 23.43 -11.19
N ASN A 426 11.41 22.42 -11.93
CA ASN A 426 12.75 22.38 -12.52
C ASN A 426 12.89 23.36 -13.68
N GLN A 427 11.80 23.59 -14.38
CA GLN A 427 11.79 24.52 -15.52
C GLN A 427 11.72 25.97 -15.06
N GLN A 428 11.17 26.17 -13.87
CA GLN A 428 11.01 27.50 -13.30
C GLN A 428 12.34 28.21 -13.16
N ASN A 429 13.40 27.41 -12.91
CA ASN A 429 14.82 27.75 -12.79
C ASN A 429 15.17 28.58 -11.60
N ARG A 430 14.85 28.05 -10.40
CA ARG A 430 15.21 28.58 -9.12
C ARG A 430 16.28 27.62 -8.72
N SER A 431 16.74 27.59 -7.46
CA SER A 431 17.76 26.59 -7.21
C SER A 431 17.10 25.27 -7.00
N LYS A 432 16.83 24.50 -8.09
CA LYS A 432 16.16 23.26 -7.83
C LYS A 432 16.36 22.22 -8.91
N GLN A 433 17.16 21.20 -8.55
CA GLN A 433 17.42 19.97 -9.23
C GLN A 433 16.69 18.86 -8.51
N ASN A 434 15.54 18.46 -9.09
CA ASN A 434 14.79 17.41 -8.46
C ASN A 434 14.83 16.22 -9.36
N LEU A 435 14.90 15.00 -8.77
CA LEU A 435 14.93 13.85 -9.63
C LEU A 435 13.50 13.55 -9.94
N ILE A 436 13.24 13.12 -11.17
CA ILE A 436 11.89 12.85 -11.63
C ILE A 436 11.61 11.36 -11.62
N PRO A 437 10.40 10.99 -11.18
CA PRO A 437 9.94 9.60 -11.07
C PRO A 437 9.66 8.93 -12.43
N PHE A 438 10.38 9.34 -13.47
CA PHE A 438 10.19 8.79 -14.82
C PHE A 438 10.21 7.25 -14.87
N ARG A 439 11.07 6.61 -14.05
CA ARG A 439 11.17 5.17 -13.98
C ARG A 439 9.94 4.52 -13.40
N ASP A 440 9.08 5.29 -12.69
CA ASP A 440 7.88 4.80 -12.01
C ASP A 440 7.02 3.90 -12.92
N SER A 441 6.53 4.47 -14.01
CA SER A 441 5.71 3.71 -14.95
C SER A 441 6.36 3.61 -16.33
N LYS A 442 5.97 2.59 -17.08
CA LYS A 442 6.48 2.39 -18.42
C LYS A 442 6.07 3.56 -19.31
N LEU A 443 4.86 4.08 -19.06
CA LEU A 443 4.32 5.19 -19.83
C LEU A 443 5.22 6.43 -19.73
N THR A 444 5.52 6.84 -18.51
CA THR A 444 6.36 8.00 -18.30
C THR A 444 7.78 7.73 -18.82
N ARG A 445 8.24 6.46 -18.71
CA ARG A 445 9.54 6.06 -19.18
C ARG A 445 9.65 6.21 -20.68
N VAL A 446 8.62 5.76 -21.44
CA VAL A 446 8.68 5.80 -22.90
C VAL A 446 8.58 7.22 -23.45
N PHE A 447 7.81 8.07 -22.79
CA PHE A 447 7.63 9.45 -23.22
C PHE A 447 8.72 10.37 -22.67
N GLN A 448 9.72 9.79 -22.03
CA GLN A 448 10.81 10.56 -21.45
C GLN A 448 11.45 11.52 -22.44
N GLY A 449 11.80 10.98 -23.60
CA GLY A 449 12.44 11.76 -24.65
C GLY A 449 11.58 12.90 -25.20
N PHE A 450 10.26 12.74 -25.12
CA PHE A 450 9.33 13.75 -25.63
C PHE A 450 9.14 14.93 -24.66
N PHE A 451 9.11 14.63 -23.39
CA PHE A 451 8.95 15.65 -22.36
C PHE A 451 10.28 16.32 -22.01
N THR A 452 11.13 15.56 -21.31
CA THR A 452 12.43 16.05 -20.85
C THR A 452 13.56 15.92 -21.88
N GLY A 453 13.39 15.08 -22.91
CA GLY A 453 14.45 14.92 -23.89
C GLY A 453 14.31 15.82 -25.11
N ARG A 454 14.89 15.39 -26.23
CA ARG A 454 14.83 16.15 -27.48
C ARG A 454 13.42 16.25 -28.02
N GLY A 455 12.73 17.32 -27.71
CA GLY A 455 11.39 17.47 -28.19
C GLY A 455 10.57 18.38 -27.33
N ARG A 456 9.73 19.13 -27.98
CA ARG A 456 8.85 20.08 -27.33
C ARG A 456 7.47 19.45 -27.27
N SER A 457 6.74 19.68 -26.21
CA SER A 457 5.43 19.07 -26.10
C SER A 457 4.36 20.10 -25.82
N CYS A 458 3.13 19.75 -26.18
CA CYS A 458 2.00 20.61 -25.97
C CYS A 458 0.98 19.89 -25.09
N MET A 459 0.36 20.62 -24.20
CA MET A 459 -0.60 20.02 -23.30
C MET A 459 -2.00 20.40 -23.75
N ILE A 460 -2.77 19.39 -24.07
CA ILE A 460 -4.13 19.59 -24.54
C ILE A 460 -5.09 19.13 -23.47
N VAL A 461 -5.88 20.04 -22.95
CA VAL A 461 -6.84 19.71 -21.93
C VAL A 461 -8.26 19.91 -22.41
N ASN A 462 -8.94 18.81 -22.67
CA ASN A 462 -10.31 18.83 -23.11
C ASN A 462 -11.19 18.55 -21.91
N VAL A 463 -12.15 19.42 -21.66
CA VAL A 463 -12.99 19.25 -20.49
C VAL A 463 -14.48 19.24 -20.85
N ASN A 464 -15.29 18.76 -19.91
CA ASN A 464 -16.73 18.67 -20.12
C ASN A 464 -17.45 19.68 -19.23
N PRO A 465 -18.42 20.42 -19.79
CA PRO A 465 -19.19 21.43 -19.07
C PRO A 465 -20.23 20.86 -18.09
N CYS A 466 -20.55 19.57 -18.24
CA CYS A 466 -21.54 18.94 -17.36
C CYS A 466 -21.14 19.06 -15.89
N ALA A 467 -22.12 19.26 -15.02
CA ALA A 467 -21.87 19.40 -13.59
C ALA A 467 -21.55 18.06 -12.93
N SER A 468 -22.12 16.99 -13.43
CA SER A 468 -21.89 15.65 -12.89
C SER A 468 -20.45 15.19 -13.15
N THR A 469 -19.89 15.67 -14.25
CA THR A 469 -18.53 15.34 -14.65
C THR A 469 -17.50 16.21 -13.92
N TYR A 470 -17.96 17.13 -13.08
CA TYR A 470 -17.07 18.04 -12.37
C TYR A 470 -16.07 17.29 -11.50
N ASP A 471 -16.42 16.08 -11.09
CA ASP A 471 -15.53 15.26 -10.28
C ASP A 471 -14.21 15.05 -11.00
N GLU A 472 -14.31 14.57 -12.23
CA GLU A 472 -13.14 14.33 -13.07
C GLU A 472 -12.45 15.65 -13.42
N THR A 473 -13.27 16.67 -13.65
CA THR A 473 -12.79 17.99 -14.01
C THR A 473 -11.96 18.62 -12.88
N LEU A 474 -12.44 18.44 -11.65
CA LEU A 474 -11.76 18.98 -10.47
C LEU A 474 -10.30 18.56 -10.42
N HIS A 475 -10.03 17.32 -10.77
CA HIS A 475 -8.68 16.77 -10.76
C HIS A 475 -7.85 17.38 -11.90
N ALA A 476 -8.39 17.35 -13.10
CA ALA A 476 -7.69 17.88 -14.28
C ALA A 476 -7.46 19.40 -14.15
N ALA A 477 -8.38 20.07 -13.47
CA ALA A 477 -8.29 21.51 -13.28
C ALA A 477 -7.13 21.87 -12.37
N LYS A 478 -7.04 21.17 -11.22
CA LYS A 478 -6.05 21.37 -10.20
C LYS A 478 -4.71 21.00 -10.76
N PHE A 479 -4.70 19.89 -11.52
CA PHE A 479 -3.48 19.35 -12.14
C PHE A 479 -2.91 20.39 -13.09
N SER A 480 -3.78 21.04 -13.86
CA SER A 480 -3.36 21.99 -14.84
C SER A 480 -2.97 23.30 -14.22
N ALA A 481 -3.89 23.94 -13.44
CA ALA A 481 -3.60 25.21 -12.87
C ALA A 481 -3.12 25.00 -11.47
N LEU A 482 -2.00 25.66 -11.08
CA LEU A 482 -1.53 25.49 -9.73
C LEU A 482 -2.41 26.35 -8.89
N ALA A 483 -3.22 25.74 -8.00
CA ALA A 483 -4.13 26.53 -7.23
C ALA A 483 -3.63 26.59 -5.79
N ARG B 2 -35.62 -1.78 18.27
CA ARG B 2 -35.33 -2.45 19.54
C ARG B 2 -33.93 -3.06 19.52
N GLU B 3 -33.73 -4.01 18.62
CA GLU B 3 -32.44 -4.68 18.50
C GLU B 3 -31.43 -3.87 17.69
N CYS B 4 -30.18 -4.30 17.79
CA CYS B 4 -29.09 -3.66 17.07
C CYS B 4 -28.14 -4.73 16.56
N ILE B 5 -27.67 -4.56 15.34
CA ILE B 5 -26.75 -5.52 14.73
C ILE B 5 -25.34 -4.96 14.72
N SER B 6 -24.39 -5.74 15.19
CA SER B 6 -23.00 -5.30 15.25
C SER B 6 -22.19 -5.81 14.07
N ILE B 7 -21.31 -4.96 13.56
CA ILE B 7 -20.46 -5.29 12.43
C ILE B 7 -19.01 -4.99 12.76
N HIS B 8 -18.26 -6.04 13.05
CA HIS B 8 -16.84 -5.89 13.38
C HIS B 8 -16.00 -6.06 12.12
N VAL B 9 -15.36 -4.98 11.68
CA VAL B 9 -14.53 -5.03 10.47
C VAL B 9 -13.06 -4.76 10.78
N GLY B 10 -12.20 -5.64 10.30
CA GLY B 10 -10.77 -5.49 10.52
C GLY B 10 -10.27 -6.41 11.60
N GLN B 11 -8.95 -6.64 11.62
CA GLN B 11 -8.31 -7.50 12.61
C GLN B 11 -8.70 -7.08 14.03
N ALA B 12 -8.38 -5.84 14.38
CA ALA B 12 -8.71 -5.31 15.70
C ALA B 12 -10.21 -5.40 15.97
N GLY B 13 -11.00 -5.15 14.93
CA GLY B 13 -12.44 -5.21 15.06
C GLY B 13 -12.91 -6.59 15.50
N VAL B 14 -12.31 -7.62 14.92
CA VAL B 14 -12.65 -8.99 15.25
C VAL B 14 -12.16 -9.33 16.65
N GLN B 15 -10.93 -8.89 16.96
CA GLN B 15 -10.34 -9.14 18.28
C GLN B 15 -11.17 -8.49 19.38
N ILE B 16 -11.42 -7.20 19.24
CA ILE B 16 -12.22 -6.46 20.22
C ILE B 16 -13.65 -6.98 20.24
N GLY B 17 -14.16 -7.36 19.07
CA GLY B 17 -15.51 -7.87 18.97
C GLY B 17 -15.72 -9.14 19.77
N ASN B 18 -14.78 -10.08 19.63
CA ASN B 18 -14.86 -11.33 20.36
C ASN B 18 -14.71 -11.09 21.85
N ALA B 19 -13.76 -10.24 22.22
CA ALA B 19 -13.51 -9.91 23.62
C ALA B 19 -14.70 -9.18 24.22
N CYS B 20 -15.33 -8.33 23.43
CA CYS B 20 -16.50 -7.57 23.87
C CYS B 20 -17.68 -8.50 24.05
N TRP B 21 -17.89 -9.39 23.09
CA TRP B 21 -18.99 -10.34 23.16
C TRP B 21 -18.78 -11.39 24.24
N GLU B 22 -17.52 -11.64 24.57
CA GLU B 22 -17.18 -12.59 25.63
C GLU B 22 -17.77 -12.06 26.93
N LEU B 23 -17.69 -10.75 27.09
CA LEU B 23 -18.22 -10.09 28.26
C LEU B 23 -19.74 -9.99 28.16
N TYR B 24 -20.22 -9.79 26.92
CA TYR B 24 -21.65 -9.69 26.65
C TYR B 24 -22.43 -10.91 27.15
N CYS B 25 -21.95 -12.09 26.79
CA CYS B 25 -22.61 -13.33 27.21
C CYS B 25 -22.28 -13.68 28.66
N LEU B 26 -21.15 -13.18 29.15
CA LEU B 26 -20.74 -13.43 30.53
C LEU B 26 -21.78 -12.90 31.50
N GLU B 27 -22.17 -11.64 31.32
CA GLU B 27 -23.16 -11.02 32.18
C GLU B 27 -24.57 -11.52 31.86
N HIS B 28 -24.75 -11.96 30.62
CA HIS B 28 -26.04 -12.48 30.18
C HIS B 28 -26.31 -13.83 30.84
N GLY B 29 -25.25 -14.51 31.23
CA GLY B 29 -25.38 -15.80 31.86
C GLY B 29 -25.51 -16.90 30.84
N ILE B 30 -24.94 -16.68 29.67
CA ILE B 30 -24.99 -17.66 28.59
C ILE B 30 -23.63 -18.32 28.41
N GLN B 31 -23.63 -19.64 28.34
CA GLN B 31 -22.41 -20.40 28.17
C GLN B 31 -22.06 -20.48 26.68
N PRO B 32 -20.81 -20.88 26.35
CA PRO B 32 -20.36 -21.01 24.96
C PRO B 32 -21.37 -21.73 24.08
N ASP B 33 -21.91 -22.82 24.58
CA ASP B 33 -22.91 -23.58 23.83
C ASP B 33 -24.30 -23.35 24.41
N GLY B 34 -24.85 -22.18 24.10
CA GLY B 34 -26.17 -21.83 24.59
C GLY B 34 -27.10 -21.44 23.46
N HIS B 61 -27.72 -18.25 23.13
CA HIS B 61 -28.60 -17.81 22.06
C HIS B 61 -27.77 -17.37 20.86
N VAL B 62 -28.43 -16.81 19.84
CA VAL B 62 -27.74 -16.37 18.64
C VAL B 62 -27.42 -14.88 18.73
N PRO B 63 -26.13 -14.52 18.66
CA PRO B 63 -25.69 -13.12 18.73
C PRO B 63 -25.97 -12.37 17.44
N ARG B 64 -26.36 -11.11 17.59
CA ARG B 64 -26.66 -10.26 16.44
C ARG B 64 -25.42 -9.47 16.04
N ALA B 65 -24.39 -10.19 15.60
CA ALA B 65 -23.14 -9.56 15.21
C ALA B 65 -22.42 -10.40 14.16
N VAL B 66 -21.66 -9.74 13.30
CA VAL B 66 -20.91 -10.43 12.26
C VAL B 66 -19.46 -9.98 12.27
N PHE B 67 -18.57 -10.86 11.83
CA PHE B 67 -17.15 -10.57 11.77
C PHE B 67 -16.72 -10.47 10.31
N VAL B 68 -16.08 -9.37 9.96
CA VAL B 68 -15.63 -9.15 8.59
C VAL B 68 -14.17 -8.71 8.52
N ASP B 69 -13.37 -9.50 7.84
CA ASP B 69 -11.95 -9.20 7.66
C ASP B 69 -11.45 -9.91 6.41
N LEU B 70 -10.52 -9.27 5.71
CA LEU B 70 -9.95 -9.83 4.50
C LEU B 70 -8.85 -10.82 4.87
N GLU B 71 -8.35 -10.68 6.09
CA GLU B 71 -7.32 -11.58 6.60
C GLU B 71 -8.01 -12.83 7.12
N PRO B 72 -7.79 -13.97 6.46
CA PRO B 72 -8.43 -15.22 6.83
C PRO B 72 -8.05 -15.70 8.23
N THR B 73 -6.79 -15.48 8.60
CA THR B 73 -6.28 -15.91 9.89
C THR B 73 -6.96 -15.25 11.09
N VAL B 74 -7.48 -14.04 10.89
CA VAL B 74 -8.14 -13.33 11.98
C VAL B 74 -9.53 -13.88 12.27
N ILE B 75 -10.32 -14.09 11.22
CA ILE B 75 -11.67 -14.61 11.37
C ILE B 75 -11.63 -16.05 11.91
N ASP B 76 -10.63 -16.81 11.49
CA ASP B 76 -10.50 -18.20 11.91
C ASP B 76 -10.18 -18.32 13.40
N GLU B 77 -9.78 -17.22 14.01
CA GLU B 77 -9.48 -17.21 15.45
C GLU B 77 -10.73 -17.52 16.25
N VAL B 78 -11.86 -17.01 15.79
CA VAL B 78 -13.14 -17.24 16.46
C VAL B 78 -13.66 -18.64 16.14
N ARG B 79 -13.12 -19.24 15.09
CA ARG B 79 -13.54 -20.57 14.67
C ARG B 79 -12.74 -21.65 15.38
N THR B 80 -11.77 -21.23 16.18
CA THR B 80 -10.93 -22.19 16.89
C THR B 80 -10.78 -21.82 18.36
N GLY B 81 -10.82 -20.53 18.65
CA GLY B 81 -10.67 -20.05 20.00
C GLY B 81 -11.94 -20.17 20.82
N THR B 82 -12.23 -19.12 21.58
CA THR B 82 -13.40 -19.09 22.44
C THR B 82 -14.66 -18.75 21.66
N TYR B 83 -15.76 -19.39 22.04
CA TYR B 83 -17.07 -19.18 21.41
C TYR B 83 -17.11 -19.69 19.98
N ARG B 84 -16.46 -20.82 19.77
CA ARG B 84 -16.38 -21.47 18.47
C ARG B 84 -17.76 -21.90 17.97
N GLN B 85 -18.62 -22.36 18.88
CA GLN B 85 -19.95 -22.80 18.51
C GLN B 85 -21.02 -21.79 18.89
N LEU B 86 -20.61 -20.57 19.23
CA LEU B 86 -21.55 -19.54 19.60
C LEU B 86 -21.97 -18.72 18.39
N PHE B 87 -21.06 -18.57 17.45
CA PHE B 87 -21.32 -17.81 16.24
C PHE B 87 -21.57 -18.72 15.05
N HIS B 88 -22.44 -18.27 14.16
CA HIS B 88 -22.77 -19.01 12.96
C HIS B 88 -21.77 -18.68 11.86
N PRO B 89 -21.42 -19.66 11.01
CA PRO B 89 -20.48 -19.44 9.90
C PRO B 89 -20.97 -18.36 8.94
N GLU B 90 -22.29 -18.14 8.93
CA GLU B 90 -22.88 -17.12 8.09
C GLU B 90 -22.49 -15.72 8.57
N GLN B 91 -22.20 -15.63 9.86
CA GLN B 91 -21.81 -14.37 10.48
C GLN B 91 -20.30 -14.24 10.50
N LEU B 92 -19.62 -15.07 9.72
CA LEU B 92 -18.18 -15.06 9.67
C LEU B 92 -17.66 -14.93 8.24
N ILE B 93 -17.61 -13.71 7.73
CA ILE B 93 -17.11 -13.46 6.39
C ILE B 93 -15.59 -13.55 6.42
N THR B 94 -15.01 -14.29 5.49
CA THR B 94 -13.57 -14.46 5.47
C THR B 94 -13.00 -14.42 4.07
N GLY B 95 -12.02 -13.55 3.87
CA GLY B 95 -11.36 -13.45 2.58
C GLY B 95 -10.15 -14.36 2.58
N LYS B 96 -9.84 -14.97 1.45
CA LYS B 96 -8.69 -15.86 1.37
C LYS B 96 -7.50 -15.17 0.72
N GLU B 97 -7.68 -13.94 0.28
CA GLU B 97 -6.60 -13.19 -0.35
C GLU B 97 -5.81 -12.38 0.68
N ASP B 98 -5.19 -11.30 0.24
CA ASP B 98 -4.40 -10.45 1.12
C ASP B 98 -5.05 -9.09 1.34
N ALA B 99 -5.16 -8.69 2.60
CA ALA B 99 -5.77 -7.42 2.96
C ALA B 99 -4.76 -6.28 2.98
N ALA B 100 -3.65 -6.51 3.65
CA ALA B 100 -2.59 -5.51 3.79
C ALA B 100 -3.04 -4.35 4.68
N ASN B 101 -2.24 -3.30 4.77
CA ASN B 101 -2.57 -2.15 5.60
C ASN B 101 -2.70 -0.89 4.76
N ASN B 102 -3.53 -0.95 3.75
CA ASN B 102 -3.77 0.18 2.87
C ASN B 102 -5.25 0.34 2.56
N TYR B 103 -5.77 1.53 2.89
CA TYR B 103 -7.18 1.86 2.67
C TYR B 103 -7.63 1.53 1.26
N ALA B 104 -6.77 1.82 0.30
CA ALA B 104 -7.06 1.59 -1.12
C ALA B 104 -7.43 0.14 -1.41
N ARG B 105 -6.73 -0.79 -0.80
CA ARG B 105 -6.98 -2.21 -1.03
C ARG B 105 -8.35 -2.63 -0.52
N GLY B 106 -8.66 -2.24 0.70
CA GLY B 106 -9.93 -2.59 1.30
C GLY B 106 -11.09 -1.75 0.81
N HIS B 107 -10.83 -0.84 -0.11
CA HIS B 107 -11.89 0.01 -0.63
C HIS B 107 -12.10 -0.16 -2.14
N TYR B 108 -11.02 -0.37 -2.89
CA TYR B 108 -11.13 -0.50 -4.34
C TYR B 108 -10.73 -1.88 -4.87
N THR B 109 -9.50 -2.29 -4.60
CA THR B 109 -8.97 -3.57 -5.09
C THR B 109 -9.79 -4.79 -4.67
N ILE B 110 -9.61 -5.23 -3.43
CA ILE B 110 -10.30 -6.42 -2.94
C ILE B 110 -11.56 -6.07 -2.16
N GLY B 111 -11.67 -4.81 -1.75
CA GLY B 111 -12.82 -4.36 -1.00
C GLY B 111 -14.15 -4.66 -1.67
N LYS B 112 -14.23 -4.36 -2.95
CA LYS B 112 -15.46 -4.57 -3.71
C LYS B 112 -15.67 -6.03 -4.12
N GLU B 113 -14.90 -6.93 -3.54
CA GLU B 113 -15.03 -8.35 -3.86
C GLU B 113 -15.82 -9.10 -2.79
N ILE B 114 -15.77 -8.62 -1.56
CA ILE B 114 -16.47 -9.28 -0.45
C ILE B 114 -17.61 -8.42 0.12
N ILE B 115 -17.60 -7.13 -0.20
CA ILE B 115 -18.62 -6.20 0.30
C ILE B 115 -20.06 -6.67 0.06
N ASP B 116 -20.34 -7.14 -1.16
CA ASP B 116 -21.69 -7.59 -1.51
C ASP B 116 -22.15 -8.72 -0.59
N LEU B 117 -21.24 -9.65 -0.30
CA LEU B 117 -21.54 -10.77 0.57
C LEU B 117 -21.79 -10.29 1.99
N VAL B 118 -21.02 -9.30 2.42
CA VAL B 118 -21.16 -8.73 3.76
C VAL B 118 -22.53 -8.07 3.90
N LEU B 119 -22.87 -7.24 2.91
CA LEU B 119 -24.15 -6.55 2.90
C LEU B 119 -25.30 -7.53 2.90
N ASP B 120 -25.12 -8.62 2.17
CA ASP B 120 -26.14 -9.67 2.08
C ASP B 120 -26.48 -10.23 3.45
N ARG B 121 -25.45 -10.59 4.20
CA ARG B 121 -25.63 -11.18 5.52
C ARG B 121 -26.26 -10.21 6.51
N ILE B 122 -25.75 -8.98 6.55
CA ILE B 122 -26.29 -7.96 7.47
C ILE B 122 -27.73 -7.60 7.12
N ARG B 123 -28.11 -7.82 5.86
CA ARG B 123 -29.45 -7.54 5.40
C ARG B 123 -30.40 -8.64 5.89
N LYS B 124 -29.92 -9.88 5.86
CA LYS B 124 -30.70 -11.01 6.33
C LYS B 124 -30.96 -10.87 7.82
N LEU B 125 -29.94 -10.42 8.54
CA LEU B 125 -30.04 -10.22 9.98
C LEU B 125 -31.00 -9.09 10.29
N ALA B 126 -30.95 -8.04 9.47
CA ALA B 126 -31.82 -6.89 9.65
C ALA B 126 -33.28 -7.28 9.52
N ASP B 127 -33.55 -8.16 8.56
CA ASP B 127 -34.91 -8.63 8.33
C ASP B 127 -35.35 -9.62 9.40
N GLN B 128 -34.37 -10.32 9.98
CA GLN B 128 -34.63 -11.29 11.02
C GLN B 128 -35.23 -10.63 12.26
N CYS B 129 -34.71 -9.46 12.61
CA CYS B 129 -35.20 -8.72 13.76
C CYS B 129 -36.37 -7.84 13.39
N THR B 130 -37.38 -7.82 14.27
CA THR B 130 -38.57 -7.01 14.05
C THR B 130 -38.38 -5.60 14.58
N GLY B 131 -38.26 -4.64 13.67
CA GLY B 131 -38.09 -3.25 14.05
C GLY B 131 -36.76 -2.99 14.72
N LEU B 132 -35.69 -3.01 13.94
CA LEU B 132 -34.35 -2.78 14.48
C LEU B 132 -34.10 -1.28 14.63
N GLN B 133 -33.18 -0.93 15.53
CA GLN B 133 -32.86 0.47 15.78
C GLN B 133 -31.70 0.93 14.90
N GLY B 134 -30.61 0.18 14.90
CA GLY B 134 -29.47 0.56 14.10
C GLY B 134 -28.37 -0.48 14.10
N PHE B 135 -27.17 -0.06 13.70
CA PHE B 135 -26.04 -0.95 13.63
C PHE B 135 -24.90 -0.47 14.54
N SER B 136 -24.22 -1.42 15.17
CA SER B 136 -23.09 -1.13 16.03
C SER B 136 -21.81 -1.51 15.29
N VAL B 137 -21.16 -0.52 14.72
CA VAL B 137 -19.94 -0.76 13.95
C VAL B 137 -18.72 -0.79 14.86
N PHE B 138 -17.80 -1.70 14.56
CA PHE B 138 -16.56 -1.83 15.32
C PHE B 138 -15.39 -1.95 14.35
N HIS B 139 -14.39 -1.08 14.51
CA HIS B 139 -13.24 -1.08 13.61
C HIS B 139 -12.08 -0.26 14.17
N SER B 140 -10.93 -0.40 13.54
CA SER B 140 -9.74 0.33 13.91
C SER B 140 -9.38 1.32 12.80
N PHE B 141 -9.22 2.60 13.16
CA PHE B 141 -8.88 3.62 12.17
C PHE B 141 -7.53 3.33 11.52
N GLY B 142 -6.64 2.71 12.27
CA GLY B 142 -5.33 2.38 11.75
C GLY B 142 -5.24 0.94 11.32
N GLY B 143 -5.48 0.69 10.04
CA GLY B 143 -5.43 -0.66 9.51
C GLY B 143 -5.79 -0.68 8.03
N GLY B 144 -6.07 -1.86 7.52
CA GLY B 144 -6.44 -1.99 6.12
C GLY B 144 -7.90 -2.35 5.99
N THR B 145 -8.30 -3.44 6.63
CA THR B 145 -9.67 -3.88 6.60
C THR B 145 -10.50 -2.98 7.53
N GLY B 146 -9.86 -2.48 8.56
CA GLY B 146 -10.53 -1.62 9.51
C GLY B 146 -10.70 -0.19 9.00
N SER B 147 -10.15 0.08 7.82
CA SER B 147 -10.24 1.42 7.25
C SER B 147 -11.07 1.42 5.97
N GLY B 148 -10.55 0.81 4.92
CA GLY B 148 -11.23 0.77 3.64
C GLY B 148 -12.57 0.07 3.68
N PHE B 149 -12.61 -1.12 4.25
CA PHE B 149 -13.83 -1.91 4.32
C PHE B 149 -14.94 -1.15 5.06
N THR B 150 -14.60 -0.52 6.16
CA THR B 150 -15.58 0.23 6.95
C THR B 150 -16.16 1.38 6.13
N SER B 151 -15.28 2.09 5.44
CA SER B 151 -15.66 3.23 4.63
C SER B 151 -16.72 2.92 3.58
N LEU B 152 -16.52 1.86 2.79
CA LEU B 152 -17.50 1.50 1.77
C LEU B 152 -18.72 0.81 2.35
N LEU B 153 -18.56 0.22 3.53
CA LEU B 153 -19.66 -0.46 4.18
C LEU B 153 -20.68 0.57 4.69
N MET B 154 -20.17 1.59 5.38
CA MET B 154 -21.01 2.66 5.91
C MET B 154 -21.69 3.41 4.77
N GLU B 155 -20.98 3.48 3.64
CA GLU B 155 -21.48 4.16 2.45
C GLU B 155 -22.80 3.54 1.99
N ARG B 156 -22.86 2.21 1.97
CA ARG B 156 -24.07 1.52 1.56
C ARG B 156 -25.13 1.55 2.66
N LEU B 157 -24.67 1.58 3.90
CA LEU B 157 -25.56 1.60 5.04
C LEU B 157 -26.39 2.89 5.12
N SER B 158 -25.75 4.02 4.89
CA SER B 158 -26.44 5.31 4.95
C SER B 158 -27.42 5.50 3.80
N VAL B 159 -27.33 4.64 2.78
CA VAL B 159 -28.21 4.75 1.63
C VAL B 159 -29.35 3.73 1.68
N ASP B 160 -29.07 2.53 2.17
CA ASP B 160 -30.08 1.48 2.26
C ASP B 160 -30.75 1.44 3.63
N TYR B 161 -30.09 2.03 4.61
CA TYR B 161 -30.61 2.08 5.98
C TYR B 161 -30.46 3.49 6.55
N GLY B 162 -30.85 4.49 5.76
CA GLY B 162 -30.75 5.87 6.20
C GLY B 162 -31.67 6.18 7.36
N LYS B 163 -32.73 5.38 7.50
CA LYS B 163 -33.71 5.57 8.56
C LYS B 163 -33.25 4.90 9.85
N LYS B 164 -32.05 4.33 9.84
CA LYS B 164 -31.51 3.65 11.01
C LYS B 164 -30.38 4.43 11.65
N SER B 165 -30.12 4.13 12.92
CA SER B 165 -29.07 4.78 13.67
C SER B 165 -27.72 4.12 13.37
N LYS B 166 -26.77 4.91 12.90
CA LYS B 166 -25.44 4.40 12.57
C LYS B 166 -24.43 4.82 13.62
N LEU B 167 -24.19 3.92 14.58
CA LEU B 167 -23.25 4.19 15.66
C LEU B 167 -22.03 3.28 15.54
N GLU B 168 -20.89 3.87 15.22
CA GLU B 168 -19.66 3.11 15.08
C GLU B 168 -18.68 3.37 16.23
N PHE B 169 -17.92 2.35 16.57
CA PHE B 169 -16.90 2.43 17.61
C PHE B 169 -15.54 2.41 16.94
N SER B 170 -15.03 3.58 16.64
CA SER B 170 -13.77 3.72 15.95
C SER B 170 -12.56 3.75 16.89
N ILE B 171 -11.66 2.81 16.71
CA ILE B 171 -10.44 2.76 17.52
C ILE B 171 -9.43 3.74 16.94
N TYR B 172 -9.07 4.74 17.74
CA TYR B 172 -8.13 5.77 17.32
C TYR B 172 -6.69 5.30 17.53
N PRO B 173 -5.83 5.48 16.52
CA PRO B 173 -4.42 5.11 16.60
C PRO B 173 -3.68 5.94 17.63
N ALA B 174 -2.66 5.35 18.24
CA ALA B 174 -1.88 6.02 19.26
C ALA B 174 -1.18 7.26 18.70
N PRO B 175 -1.20 8.37 19.46
CA PRO B 175 -0.58 9.62 19.05
C PRO B 175 0.93 9.50 18.80
N GLN B 176 1.62 8.71 19.63
CA GLN B 176 3.05 8.55 19.47
C GLN B 176 3.43 7.11 19.13
N VAL B 177 2.80 6.15 19.79
CA VAL B 177 3.09 4.74 19.55
C VAL B 177 2.25 4.17 18.41
N SER B 178 2.48 4.67 17.20
CA SER B 178 1.76 4.20 16.03
C SER B 178 2.13 2.74 15.73
N THR B 179 1.17 1.98 15.21
CA THR B 179 1.39 0.58 14.91
C THR B 179 1.88 0.39 13.48
N ALA B 180 1.37 1.21 12.57
CA ALA B 180 1.78 1.13 11.16
C ALA B 180 2.41 2.43 10.70
N VAL B 181 3.14 2.37 9.59
CA VAL B 181 3.79 3.55 9.04
C VAL B 181 2.77 4.42 8.30
N VAL B 182 1.90 3.75 7.56
CA VAL B 182 0.86 4.44 6.79
C VAL B 182 -0.39 4.63 7.64
N GLU B 183 -0.20 4.75 8.94
CA GLU B 183 -1.29 4.93 9.89
C GLU B 183 -2.23 6.09 9.51
N PRO B 184 -1.71 7.34 9.40
CA PRO B 184 -2.55 8.51 9.06
C PRO B 184 -3.15 8.42 7.67
N TYR B 185 -2.47 7.72 6.77
CA TYR B 185 -2.93 7.58 5.40
C TYR B 185 -4.26 6.83 5.33
N ASN B 186 -4.42 5.84 6.19
CA ASN B 186 -5.63 5.03 6.22
C ASN B 186 -6.71 5.66 7.10
N SER B 187 -6.32 6.18 8.25
CA SER B 187 -7.25 6.77 9.19
C SER B 187 -7.95 8.02 8.64
N ILE B 188 -7.18 8.96 8.10
CA ILE B 188 -7.72 10.20 7.57
C ILE B 188 -8.77 9.94 6.47
N LEU B 189 -8.52 8.97 5.61
CA LEU B 189 -9.46 8.65 4.53
C LEU B 189 -10.74 8.01 5.06
N THR B 190 -10.61 7.14 6.05
CA THR B 190 -11.77 6.46 6.63
C THR B 190 -12.75 7.47 7.22
N THR B 191 -12.23 8.39 8.03
CA THR B 191 -13.06 9.40 8.66
C THR B 191 -13.57 10.43 7.66
N HIS B 192 -12.90 10.53 6.51
CA HIS B 192 -13.30 11.48 5.47
C HIS B 192 -14.68 11.11 4.92
N THR B 193 -14.83 9.86 4.52
CA THR B 193 -16.09 9.39 3.95
C THR B 193 -17.12 9.05 5.04
N THR B 194 -16.67 8.41 6.11
CA THR B 194 -17.57 8.01 7.20
C THR B 194 -18.18 9.22 7.93
N LEU B 195 -17.58 10.39 7.73
CA LEU B 195 -18.05 11.62 8.38
C LEU B 195 -19.45 12.00 7.89
N GLU B 196 -19.80 11.55 6.70
CA GLU B 196 -21.10 11.83 6.11
C GLU B 196 -21.97 10.58 6.12
N HIS B 197 -21.56 9.58 6.89
CA HIS B 197 -22.30 8.33 6.94
C HIS B 197 -22.80 8.02 8.35
N SER B 198 -21.88 7.80 9.27
CA SER B 198 -22.23 7.48 10.65
C SER B 198 -22.82 8.68 11.38
N ASP B 199 -23.86 8.43 12.15
CA ASP B 199 -24.52 9.47 12.93
C ASP B 199 -23.66 9.88 14.11
N CYS B 200 -22.99 8.90 14.70
CA CYS B 200 -22.13 9.13 15.85
C CYS B 200 -21.07 8.04 15.94
N ALA B 201 -19.83 8.44 16.12
CA ALA B 201 -18.73 7.50 16.21
C ALA B 201 -17.98 7.64 17.52
N PHE B 202 -18.05 6.62 18.36
CA PHE B 202 -17.36 6.63 19.65
C PHE B 202 -15.91 6.25 19.45
N MET B 203 -15.02 7.20 19.67
CA MET B 203 -13.59 6.96 19.49
C MET B 203 -12.88 6.66 20.80
N VAL B 204 -12.01 5.66 20.76
CA VAL B 204 -11.22 5.26 21.90
C VAL B 204 -9.75 5.33 21.50
N ASP B 205 -8.90 5.84 22.38
CA ASP B 205 -7.47 5.97 22.07
C ASP B 205 -6.66 4.76 22.52
N ASN B 206 -5.97 4.14 21.56
CA ASN B 206 -5.15 2.95 21.81
C ASN B 206 -4.10 3.19 22.89
N GLU B 207 -3.42 4.33 22.80
CA GLU B 207 -2.36 4.67 23.74
C GLU B 207 -2.92 5.02 25.12
N ALA B 208 -4.08 5.66 25.12
CA ALA B 208 -4.73 6.05 26.37
C ALA B 208 -5.10 4.84 27.22
N ILE B 209 -5.43 3.73 26.57
CA ILE B 209 -5.78 2.51 27.28
C ILE B 209 -4.57 2.02 28.07
N TYR B 210 -3.40 2.21 27.49
CA TYR B 210 -2.15 1.82 28.13
C TYR B 210 -1.92 2.68 29.37
N ASP B 211 -2.25 3.97 29.25
CA ASP B 211 -2.09 4.91 30.35
C ASP B 211 -2.95 4.50 31.53
N ILE B 212 -4.19 4.13 31.25
CA ILE B 212 -5.13 3.70 32.28
C ILE B 212 -4.61 2.45 32.99
N CYS B 213 -4.07 1.52 32.20
CA CYS B 213 -3.54 0.28 32.75
C CYS B 213 -2.27 0.52 33.56
N ARG B 214 -1.57 1.60 33.25
CA ARG B 214 -0.33 1.92 33.94
C ARG B 214 -0.58 2.69 35.23
N ARG B 215 -1.31 3.79 35.13
CA ARG B 215 -1.57 4.66 36.29
C ARG B 215 -2.66 4.12 37.23
N ASN B 216 -3.77 3.66 36.68
CA ASN B 216 -4.87 3.17 37.49
C ASN B 216 -4.82 1.68 37.76
N LEU B 217 -4.77 0.89 36.69
CA LEU B 217 -4.74 -0.57 36.82
C LEU B 217 -3.43 -1.03 37.46
N ASP B 218 -2.38 -0.24 37.27
CA ASP B 218 -1.06 -0.53 37.83
C ASP B 218 -0.50 -1.86 37.34
N ILE B 219 -0.26 -1.95 36.04
CA ILE B 219 0.31 -3.15 35.45
C ILE B 219 1.32 -2.78 34.36
N GLU B 220 2.34 -3.61 34.23
CA GLU B 220 3.37 -3.40 33.23
C GLU B 220 3.20 -4.41 32.10
N ARG B 221 2.11 -5.17 32.18
CA ARG B 221 1.81 -6.20 31.19
C ARG B 221 0.40 -5.98 30.61
N PRO B 222 0.20 -4.90 29.84
CA PRO B 222 -1.09 -4.59 29.23
C PRO B 222 -1.17 -5.14 27.81
N THR B 223 -1.47 -6.42 27.70
CA THR B 223 -1.58 -7.07 26.40
C THR B 223 -2.75 -6.51 25.62
N TYR B 224 -2.78 -6.77 24.31
CA TYR B 224 -3.87 -6.30 23.46
C TYR B 224 -5.20 -6.82 23.99
N THR B 225 -5.23 -8.09 24.38
CA THR B 225 -6.42 -8.71 24.92
C THR B 225 -6.84 -8.03 26.23
N ASN B 226 -5.88 -7.41 26.91
CA ASN B 226 -6.14 -6.71 28.16
C ASN B 226 -6.79 -5.36 27.89
N LEU B 227 -6.45 -4.76 26.76
CA LEU B 227 -7.00 -3.48 26.37
C LEU B 227 -8.46 -3.68 25.98
N ASN B 228 -8.72 -4.75 25.24
CA ASN B 228 -10.06 -5.09 24.78
C ASN B 228 -11.03 -5.30 25.94
N ARG B 229 -10.48 -5.66 27.10
CA ARG B 229 -11.28 -5.87 28.30
C ARG B 229 -11.95 -4.57 28.74
N LEU B 230 -11.21 -3.48 28.64
CA LEU B 230 -11.71 -2.18 29.05
C LEU B 230 -12.72 -1.63 28.06
N ILE B 231 -12.41 -1.71 26.77
CA ILE B 231 -13.29 -1.21 25.72
C ILE B 231 -14.62 -1.95 25.75
N GLY B 232 -14.56 -3.27 25.91
CA GLY B 232 -15.76 -4.07 25.97
C GLY B 232 -16.63 -3.72 27.16
N GLN B 233 -15.97 -3.36 28.27
CA GLN B 233 -16.67 -2.99 29.49
C GLN B 233 -17.52 -1.75 29.24
N ILE B 234 -17.02 -0.88 28.37
CA ILE B 234 -17.73 0.34 28.01
C ILE B 234 -18.94 0.00 27.15
N VAL B 235 -18.71 -0.76 26.09
CA VAL B 235 -19.77 -1.16 25.17
C VAL B 235 -20.90 -1.85 25.90
N SER B 236 -20.55 -2.71 26.85
CA SER B 236 -21.54 -3.45 27.64
C SER B 236 -22.47 -2.48 28.38
N SER B 237 -21.94 -1.33 28.77
CA SER B 237 -22.73 -0.35 29.49
C SER B 237 -23.41 0.64 28.56
N ILE B 238 -22.88 0.77 27.35
CA ILE B 238 -23.45 1.69 26.36
C ILE B 238 -24.64 1.06 25.64
N THR B 239 -24.56 -0.22 25.35
CA THR B 239 -25.64 -0.90 24.66
C THR B 239 -26.32 -1.98 25.51
N ALA B 240 -25.59 -3.05 25.81
CA ALA B 240 -26.12 -4.19 26.58
C ALA B 240 -27.01 -3.81 27.76
N SER B 241 -26.43 -3.21 28.80
CA SER B 241 -27.19 -2.84 29.99
C SER B 241 -28.23 -1.76 29.72
N LEU B 242 -27.92 -0.85 28.79
CA LEU B 242 -28.84 0.24 28.46
C LEU B 242 -30.04 -0.27 27.67
N ARG B 243 -29.93 -1.49 27.15
CA ARG B 243 -31.01 -2.11 26.40
C ARG B 243 -31.93 -2.83 27.37
N PHE B 244 -31.49 -2.90 28.62
CA PHE B 244 -32.24 -3.56 29.67
C PHE B 244 -33.07 -2.54 30.44
N ASP B 245 -34.26 -2.95 30.84
CA ASP B 245 -35.18 -2.09 31.57
C ASP B 245 -34.58 -1.62 32.90
N GLY B 246 -34.21 -0.35 32.97
CA GLY B 246 -33.64 0.19 34.18
C GLY B 246 -34.57 1.20 34.84
N ALA B 247 -34.02 2.35 35.22
CA ALA B 247 -34.81 3.40 35.85
C ALA B 247 -34.94 4.60 34.93
N LEU B 248 -33.96 4.77 34.07
CA LEU B 248 -33.93 5.85 33.10
C LEU B 248 -33.13 5.41 31.89
N ASN B 249 -33.79 4.68 31.01
CA ASN B 249 -33.18 4.14 29.81
C ASN B 249 -32.90 5.23 28.77
N VAL B 250 -31.84 5.06 28.02
CA VAL B 250 -31.47 5.99 26.97
C VAL B 250 -31.42 5.23 25.65
N ASP B 251 -32.35 5.54 24.77
CA ASP B 251 -32.42 4.87 23.47
C ASP B 251 -31.21 5.22 22.61
N LEU B 252 -30.91 4.36 21.64
CA LEU B 252 -29.79 4.56 20.74
C LEU B 252 -30.01 5.82 19.91
N THR B 253 -31.27 6.10 19.61
CA THR B 253 -31.63 7.28 18.85
C THR B 253 -31.42 8.53 19.71
N GLU B 254 -31.70 8.39 21.01
CA GLU B 254 -31.53 9.49 21.95
C GLU B 254 -30.07 9.88 22.05
N PHE B 255 -29.21 8.88 21.88
CA PHE B 255 -27.77 9.08 21.93
C PHE B 255 -27.35 10.17 20.96
N GLN B 256 -27.53 9.93 19.66
CA GLN B 256 -27.16 10.90 18.64
C GLN B 256 -27.91 12.22 18.81
N THR B 257 -29.17 12.13 19.22
CA THR B 257 -30.00 13.31 19.40
C THR B 257 -29.45 14.23 20.51
N ASN B 258 -28.74 13.66 21.48
CA ASN B 258 -28.19 14.44 22.57
C ASN B 258 -26.67 14.42 22.63
N LEU B 259 -26.05 13.92 21.57
CA LEU B 259 -24.59 13.86 21.51
C LEU B 259 -24.04 14.70 20.37
N VAL B 260 -24.70 14.64 19.22
CA VAL B 260 -24.26 15.40 18.06
C VAL B 260 -25.30 16.47 17.69
N PRO B 261 -25.05 17.72 18.09
CA PRO B 261 -25.95 18.85 17.82
C PRO B 261 -25.85 19.31 16.37
N TYR B 262 -24.97 18.67 15.62
CA TYR B 262 -24.78 18.99 14.21
C TYR B 262 -24.83 17.72 13.38
N PRO B 263 -25.20 17.83 12.09
CA PRO B 263 -25.29 16.68 11.17
C PRO B 263 -23.91 16.19 10.72
N ARG B 264 -22.99 16.10 11.66
CA ARG B 264 -21.64 15.64 11.40
C ARG B 264 -21.33 14.45 12.27
N GLY B 265 -20.52 13.53 11.76
CA GLY B 265 -20.16 12.36 12.54
C GLY B 265 -19.14 12.70 13.60
N HIS B 266 -19.57 13.46 14.61
CA HIS B 266 -18.68 13.85 15.70
C HIS B 266 -18.27 12.63 16.52
N PHE B 267 -17.14 12.72 17.18
CA PHE B 267 -16.62 11.60 17.95
C PHE B 267 -16.54 11.89 19.45
N PRO B 268 -17.46 11.32 20.24
CA PRO B 268 -17.47 11.48 21.70
C PRO B 268 -16.50 10.50 22.37
N LEU B 269 -16.01 10.89 23.54
CA LEU B 269 -15.07 10.07 24.30
C LEU B 269 -15.80 9.02 25.13
N ALA B 270 -15.11 7.94 25.46
CA ALA B 270 -15.70 6.87 26.27
C ALA B 270 -14.94 6.76 27.58
N THR B 271 -15.58 7.17 28.67
CA THR B 271 -14.94 7.14 29.98
C THR B 271 -15.66 6.20 30.95
N TYR B 272 -14.88 5.41 31.67
CA TYR B 272 -15.41 4.47 32.66
C TYR B 272 -14.90 4.84 34.04
N ALA B 273 -15.81 5.07 34.97
CA ALA B 273 -15.45 5.44 36.34
C ALA B 273 -14.62 4.38 37.07
N PRO B 274 -15.14 3.14 37.25
CA PRO B 274 -14.43 2.08 37.96
C PRO B 274 -13.23 1.55 37.16
N VAL B 275 -12.05 1.96 37.56
CA VAL B 275 -10.82 1.51 36.89
C VAL B 275 -9.84 0.95 37.92
N ILE B 276 -10.36 0.69 39.11
CA ILE B 276 -9.56 0.13 40.20
C ILE B 276 -9.25 -1.34 39.93
N SER B 277 -8.01 -1.73 40.15
CA SER B 277 -7.58 -3.10 39.94
C SER B 277 -7.90 -3.98 41.14
N ALA B 278 -8.35 -5.20 40.88
CA ALA B 278 -8.67 -6.13 41.95
C ALA B 278 -7.42 -6.83 42.46
N GLU B 279 -6.59 -6.07 43.16
CA GLU B 279 -5.34 -6.61 43.70
C GLU B 279 -4.71 -5.64 44.71
N LYS B 280 -4.16 -4.55 44.20
CA LYS B 280 -3.48 -3.57 45.04
C LYS B 280 -4.47 -2.69 45.80
N ALA B 281 -5.00 -1.67 45.13
CA ALA B 281 -5.97 -0.77 45.74
C ALA B 281 -7.29 -1.50 45.96
N TYR B 282 -7.89 -1.29 47.13
CA TYR B 282 -9.15 -1.94 47.43
C TYR B 282 -10.11 -1.03 48.19
N HIS B 283 -10.63 -0.02 47.52
CA HIS B 283 -11.59 0.87 48.15
C HIS B 283 -12.96 0.22 48.08
N GLU B 284 -13.34 -0.20 46.86
CA GLU B 284 -14.60 -0.86 46.59
C GLU B 284 -15.81 0.04 46.82
N GLN B 285 -16.16 0.26 48.08
CA GLN B 285 -17.28 1.10 48.44
C GLN B 285 -16.99 2.56 48.12
N LEU B 286 -17.48 3.01 46.98
CA LEU B 286 -17.28 4.37 46.53
C LEU B 286 -18.64 5.01 46.33
N SER B 287 -18.80 6.25 46.80
CA SER B 287 -20.06 6.96 46.66
C SER B 287 -20.24 7.49 45.25
N VAL B 288 -21.47 7.86 44.91
CA VAL B 288 -21.81 8.37 43.59
C VAL B 288 -20.98 9.60 43.22
N ALA B 289 -20.77 10.48 44.20
CA ALA B 289 -20.00 11.70 43.99
C ALA B 289 -18.57 11.39 43.51
N GLU B 290 -17.97 10.35 44.07
CA GLU B 290 -16.61 9.98 43.71
C GLU B 290 -16.53 9.38 42.30
N ILE B 291 -17.42 8.43 41.99
CA ILE B 291 -17.40 7.79 40.68
C ILE B 291 -17.63 8.79 39.54
N THR B 292 -18.57 9.71 39.74
CA THR B 292 -18.86 10.73 38.73
C THR B 292 -17.65 11.65 38.55
N ASN B 293 -17.01 12.00 39.67
CA ASN B 293 -15.85 12.88 39.66
C ASN B 293 -14.62 12.22 39.01
N ALA B 294 -14.67 10.90 38.90
CA ALA B 294 -13.57 10.15 38.30
C ALA B 294 -13.66 10.06 36.79
N CYS B 295 -14.63 10.76 36.20
CA CYS B 295 -14.80 10.75 34.75
C CYS B 295 -14.50 12.11 34.12
N PHE B 296 -13.89 13.00 34.89
CA PHE B 296 -13.55 14.32 34.39
C PHE B 296 -12.05 14.57 34.50
N GLU B 297 -11.32 13.52 34.82
CA GLU B 297 -9.88 13.59 34.97
C GLU B 297 -9.16 13.01 33.76
N PRO B 298 -8.17 13.73 33.22
CA PRO B 298 -7.39 13.30 32.05
C PRO B 298 -6.71 11.96 32.26
N ALA B 299 -6.52 11.58 33.52
CA ALA B 299 -5.88 10.32 33.86
C ALA B 299 -6.81 9.14 33.58
N ASN B 300 -8.10 9.43 33.47
CA ASN B 300 -9.09 8.39 33.22
C ASN B 300 -10.15 8.86 32.24
N GLN B 301 -9.86 8.77 30.95
CA GLN B 301 -10.81 9.18 29.91
C GLN B 301 -10.80 8.25 28.71
N MET B 302 -9.85 7.29 28.72
CA MET B 302 -9.71 6.30 27.63
C MET B 302 -9.44 6.94 26.28
N VAL B 303 -8.94 8.17 26.31
CA VAL B 303 -8.63 8.90 25.11
C VAL B 303 -7.50 9.89 25.38
N LYS B 304 -6.66 10.15 24.39
CA LYS B 304 -5.54 11.07 24.56
C LYS B 304 -5.96 12.52 24.37
N CYS B 305 -7.26 12.73 24.19
CA CYS B 305 -7.79 14.08 24.02
C CYS B 305 -7.88 14.76 25.38
N ASP B 306 -6.72 15.09 25.93
CA ASP B 306 -6.64 15.75 27.23
C ASP B 306 -7.44 17.05 27.21
N PRO B 307 -8.08 17.40 28.34
CA PRO B 307 -8.87 18.63 28.47
C PRO B 307 -7.99 19.87 28.48
N ARG B 308 -7.28 20.09 27.38
CA ARG B 308 -6.40 21.24 27.22
C ARG B 308 -7.23 22.52 27.23
N HIS B 309 -8.18 22.59 26.32
CA HIS B 309 -9.06 23.74 26.20
C HIS B 309 -10.40 23.31 25.60
N GLY B 310 -10.65 22.01 25.64
CA GLY B 310 -11.87 21.48 25.07
C GLY B 310 -13.09 21.76 25.94
N LYS B 311 -14.12 22.29 25.32
CA LYS B 311 -15.36 22.59 26.01
C LYS B 311 -16.35 21.46 25.81
N TYR B 312 -17.06 21.11 26.87
CA TYR B 312 -18.04 20.04 26.80
C TYR B 312 -19.35 20.55 26.20
N MET B 313 -19.79 19.93 25.11
CA MET B 313 -21.03 20.33 24.45
C MET B 313 -22.18 19.41 24.80
N ALA B 314 -21.87 18.12 24.93
CA ALA B 314 -22.88 17.12 25.25
C ALA B 314 -22.22 15.97 26.00
N CYS B 315 -22.72 15.68 27.18
CA CYS B 315 -22.16 14.61 27.99
C CYS B 315 -23.23 13.63 28.46
N CYS B 316 -23.11 12.38 28.06
CA CYS B 316 -24.05 11.37 28.47
C CYS B 316 -23.45 10.57 29.62
N LEU B 317 -24.18 10.48 30.72
CA LEU B 317 -23.72 9.76 31.90
C LEU B 317 -24.59 8.55 32.16
N LEU B 318 -24.04 7.38 31.87
CA LEU B 318 -24.75 6.13 32.08
C LEU B 318 -24.37 5.47 33.39
N TYR B 319 -25.26 5.52 34.36
CA TYR B 319 -25.04 4.93 35.67
C TYR B 319 -25.67 3.56 35.74
N ARG B 320 -24.87 2.53 35.97
CA ARG B 320 -25.38 1.18 36.07
C ARG B 320 -25.04 0.56 37.42
N GLY B 321 -26.07 0.16 38.16
CA GLY B 321 -25.87 -0.45 39.46
C GLY B 321 -26.68 0.22 40.54
N ASP B 322 -26.20 0.15 41.78
CA ASP B 322 -26.89 0.75 42.92
C ASP B 322 -26.62 2.25 42.97
N VAL B 323 -27.42 3.02 42.25
CA VAL B 323 -27.27 4.47 42.21
C VAL B 323 -28.60 5.16 42.48
N VAL B 324 -28.54 6.26 43.23
CA VAL B 324 -29.74 7.03 43.55
C VAL B 324 -29.86 8.22 42.60
N PRO B 325 -31.02 8.39 41.95
CA PRO B 325 -31.27 9.50 41.02
C PRO B 325 -30.92 10.85 41.64
N LYS B 326 -31.33 11.06 42.89
CA LYS B 326 -31.04 12.31 43.58
C LYS B 326 -29.53 12.49 43.78
N ASP B 327 -28.84 11.39 43.99
CA ASP B 327 -27.38 11.42 44.17
C ASP B 327 -26.72 11.84 42.87
N VAL B 328 -27.29 11.37 41.76
CA VAL B 328 -26.79 11.71 40.43
C VAL B 328 -27.03 13.18 40.13
N ASN B 329 -28.24 13.63 40.42
CA ASN B 329 -28.62 15.02 40.20
C ASN B 329 -27.71 15.96 40.97
N ALA B 330 -27.38 15.58 42.21
CA ALA B 330 -26.51 16.38 43.05
C ALA B 330 -25.07 16.38 42.51
N ALA B 331 -24.61 15.21 42.07
CA ALA B 331 -23.26 15.08 41.52
C ALA B 331 -23.11 15.90 40.25
N ILE B 332 -24.13 15.86 39.40
CA ILE B 332 -24.12 16.61 38.16
C ILE B 332 -24.17 18.11 38.45
N ALA B 333 -25.01 18.49 39.41
CA ALA B 333 -25.18 19.88 39.78
C ALA B 333 -23.86 20.49 40.31
N THR B 334 -23.21 19.78 41.22
CA THR B 334 -21.96 20.25 41.80
C THR B 334 -20.85 20.39 40.74
N ILE B 335 -20.87 19.52 39.73
CA ILE B 335 -19.89 19.56 38.67
C ILE B 335 -20.13 20.76 37.76
N LYS B 336 -21.40 21.02 37.48
CA LYS B 336 -21.77 22.14 36.62
C LYS B 336 -21.28 23.46 37.21
N THR B 337 -21.33 23.58 38.53
CA THR B 337 -20.90 24.80 39.21
C THR B 337 -19.41 24.79 39.53
N LYS B 338 -18.69 23.78 39.04
CA LYS B 338 -17.26 23.67 39.30
C LYS B 338 -16.49 24.73 38.52
N ARG B 339 -17.04 25.10 37.35
CA ARG B 339 -16.44 26.10 36.47
C ARG B 339 -15.20 25.61 35.72
N THR B 340 -14.44 24.72 36.35
CA THR B 340 -13.25 24.16 35.73
C THR B 340 -13.65 23.44 34.44
N ILE B 341 -14.77 22.75 34.49
CA ILE B 341 -15.30 22.05 33.34
C ILE B 341 -16.14 23.03 32.53
N GLN B 342 -15.48 23.70 31.59
CA GLN B 342 -16.15 24.68 30.77
C GLN B 342 -16.99 24.03 29.67
N PHE B 343 -18.24 24.43 29.60
CA PHE B 343 -19.15 23.94 28.60
C PHE B 343 -19.24 24.98 27.49
N VAL B 344 -19.84 24.61 26.37
CA VAL B 344 -19.99 25.54 25.26
C VAL B 344 -20.96 26.66 25.65
N ASP B 345 -20.70 27.87 25.16
CA ASP B 345 -21.54 29.03 25.48
C ASP B 345 -23.00 28.80 25.15
N TRP B 346 -23.26 28.22 23.98
CA TRP B 346 -24.64 27.95 23.56
C TRP B 346 -25.17 26.64 24.14
N CYS B 347 -24.51 26.13 25.17
CA CYS B 347 -24.93 24.89 25.82
C CYS B 347 -25.28 25.14 27.28
N PRO B 348 -26.53 25.53 27.55
CA PRO B 348 -27.01 25.79 28.91
C PRO B 348 -27.07 24.50 29.72
N THR B 349 -27.58 23.45 29.09
CA THR B 349 -27.70 22.15 29.74
C THR B 349 -27.29 21.05 28.77
N GLY B 350 -26.17 20.41 29.04
CA GLY B 350 -25.69 19.34 28.17
C GLY B 350 -25.31 18.09 28.95
N PHE B 351 -26.26 17.57 29.70
CA PHE B 351 -26.03 16.38 30.50
C PHE B 351 -27.17 15.38 30.33
N LYS B 352 -26.87 14.25 29.71
CA LYS B 352 -27.85 13.20 29.50
C LYS B 352 -27.76 12.20 30.65
N VAL B 353 -28.83 12.08 31.42
CA VAL B 353 -28.86 11.19 32.56
C VAL B 353 -29.36 9.80 32.19
N GLY B 354 -28.50 8.81 32.35
CA GLY B 354 -28.88 7.44 32.06
C GLY B 354 -28.78 6.60 33.32
N ILE B 355 -29.85 5.91 33.67
CA ILE B 355 -29.86 5.09 34.88
C ILE B 355 -30.28 3.65 34.60
N ASN B 356 -29.36 2.73 34.82
CA ASN B 356 -29.61 1.31 34.59
C ASN B 356 -29.78 0.61 35.93
N TYR B 357 -30.47 -0.53 35.92
CA TYR B 357 -30.69 -1.29 37.13
C TYR B 357 -29.70 -2.45 37.22
N GLU B 358 -29.08 -2.77 36.10
CA GLU B 358 -28.12 -3.86 36.03
C GLU B 358 -26.74 -3.36 36.47
N PRO B 359 -26.15 -4.03 37.47
CA PRO B 359 -24.83 -3.68 37.99
C PRO B 359 -23.72 -3.97 36.98
N PRO B 360 -22.55 -3.33 37.16
CA PRO B 360 -21.40 -3.52 36.26
C PRO B 360 -20.71 -4.86 36.51
N THR B 361 -20.93 -5.80 35.61
CA THR B 361 -20.33 -7.12 35.70
C THR B 361 -18.84 -7.03 35.41
N VAL B 362 -18.07 -7.99 35.93
CA VAL B 362 -16.62 -8.01 35.75
C VAL B 362 -16.13 -9.43 35.44
N VAL B 363 -15.14 -9.53 34.56
CA VAL B 363 -14.54 -10.81 34.20
C VAL B 363 -13.92 -11.46 35.42
N PRO B 364 -14.30 -12.73 35.71
CA PRO B 364 -13.77 -13.48 36.86
C PRO B 364 -12.25 -13.59 36.86
N GLY B 365 -11.65 -13.43 35.68
CA GLY B 365 -10.22 -13.52 35.56
C GLY B 365 -9.61 -12.33 34.84
N GLY B 366 -10.16 -11.15 35.07
CA GLY B 366 -9.65 -9.95 34.44
C GLY B 366 -8.77 -9.16 35.41
N ASP B 367 -8.87 -7.85 35.37
CA ASP B 367 -8.08 -7.00 36.26
C ASP B 367 -8.95 -5.94 36.94
N LEU B 368 -10.26 -6.11 36.84
CA LEU B 368 -11.20 -5.16 37.41
C LEU B 368 -11.60 -5.59 38.82
N ALA B 369 -11.76 -4.61 39.70
CA ALA B 369 -12.11 -4.88 41.10
C ALA B 369 -13.56 -5.31 41.30
N LYS B 370 -14.43 -4.96 40.36
CA LYS B 370 -15.85 -5.31 40.43
C LYS B 370 -16.60 -4.50 41.50
N VAL B 371 -17.26 -3.44 41.06
CA VAL B 371 -18.01 -2.58 41.96
C VAL B 371 -19.51 -2.83 41.77
N GLN B 372 -20.32 -2.34 42.70
CA GLN B 372 -21.77 -2.52 42.62
C GLN B 372 -22.42 -1.41 41.82
N ARG B 373 -21.60 -0.49 41.32
CA ARG B 373 -22.09 0.63 40.52
C ARG B 373 -20.99 1.19 39.64
N ALA B 374 -21.33 1.53 38.40
CA ALA B 374 -20.37 2.07 37.46
C ALA B 374 -20.94 3.26 36.73
N VAL B 375 -20.08 4.21 36.40
CA VAL B 375 -20.48 5.41 35.68
C VAL B 375 -19.76 5.46 34.33
N CYS B 376 -20.54 5.53 33.27
CA CYS B 376 -20.00 5.59 31.93
C CYS B 376 -20.23 6.98 31.36
N MET B 377 -19.15 7.73 31.17
CA MET B 377 -19.23 9.07 30.64
C MET B 377 -18.84 9.12 29.17
N LEU B 378 -19.77 9.56 28.34
CA LEU B 378 -19.52 9.69 26.92
C LEU B 378 -19.89 11.10 26.47
N SER B 379 -18.87 11.92 26.24
CA SER B 379 -19.09 13.31 25.85
C SER B 379 -18.19 13.73 24.69
N ASN B 380 -18.66 14.72 23.95
CA ASN B 380 -17.90 15.26 22.82
C ASN B 380 -17.37 16.63 23.22
N THR B 381 -16.06 16.81 23.14
CA THR B 381 -15.44 18.07 23.52
C THR B 381 -14.65 18.66 22.36
N THR B 382 -14.29 19.92 22.49
CA THR B 382 -13.51 20.61 21.47
C THR B 382 -12.06 20.10 21.45
N ALA B 383 -11.74 19.21 22.38
CA ALA B 383 -10.39 18.64 22.47
C ALA B 383 -10.12 17.67 21.33
N ILE B 384 -11.19 17.22 20.70
CA ILE B 384 -11.08 16.29 19.56
C ILE B 384 -10.29 16.94 18.43
N ALA B 385 -10.45 18.27 18.28
CA ALA B 385 -9.75 19.01 17.25
C ALA B 385 -8.23 18.92 17.45
N GLU B 386 -7.82 18.92 18.71
CA GLU B 386 -6.40 18.83 19.05
C GLU B 386 -5.84 17.48 18.62
N ALA B 387 -6.58 16.42 18.91
CA ALA B 387 -6.17 15.08 18.56
C ALA B 387 -6.13 14.89 17.04
N TRP B 388 -7.16 15.38 16.37
CA TRP B 388 -7.24 15.29 14.92
C TRP B 388 -6.11 16.07 14.25
N ALA B 389 -5.81 17.24 14.81
CA ALA B 389 -4.74 18.09 14.28
C ALA B 389 -3.40 17.37 14.27
N ARG B 390 -3.17 16.52 15.27
CA ARG B 390 -1.93 15.75 15.37
C ARG B 390 -1.84 14.74 14.24
N LEU B 391 -2.95 14.06 13.97
CA LEU B 391 -2.99 13.06 12.91
C LEU B 391 -3.02 13.75 11.55
N ASP B 392 -3.70 14.88 11.49
CA ASP B 392 -3.78 15.68 10.28
C ASP B 392 -2.39 16.08 9.82
N HIS B 393 -1.58 16.54 10.77
CA HIS B 393 -0.21 16.94 10.50
C HIS B 393 0.61 15.72 10.05
N LYS B 394 0.35 14.58 10.67
CA LYS B 394 1.05 13.34 10.34
C LYS B 394 0.80 12.95 8.88
N PHE B 395 -0.40 13.23 8.39
CA PHE B 395 -0.75 12.92 7.03
C PHE B 395 -0.01 13.86 6.08
N ASP B 396 -0.07 15.15 6.38
CA ASP B 396 0.57 16.18 5.56
C ASP B 396 2.08 15.97 5.47
N LEU B 397 2.69 15.57 6.59
CA LEU B 397 4.14 15.34 6.64
C LEU B 397 4.60 14.37 5.54
N MET B 398 3.93 13.23 5.44
CA MET B 398 4.29 12.23 4.43
C MET B 398 3.68 12.57 3.08
N TYR B 399 2.52 13.20 3.09
CA TYR B 399 1.84 13.57 1.86
C TYR B 399 2.65 14.58 1.06
N ALA B 400 3.43 15.39 1.75
CA ALA B 400 4.27 16.39 1.11
C ALA B 400 5.19 15.77 0.07
N LYS B 401 5.60 14.53 0.31
CA LYS B 401 6.47 13.82 -0.61
C LYS B 401 5.75 12.61 -1.19
N ARG B 402 4.44 12.55 -0.93
CA ARG B 402 3.56 11.47 -1.40
C ARG B 402 3.77 10.16 -0.64
N ALA B 403 5.02 9.85 -0.32
CA ALA B 403 5.36 8.64 0.42
C ALA B 403 4.91 7.38 -0.33
N PHE B 404 4.35 6.44 0.42
CA PHE B 404 3.88 5.17 -0.15
C PHE B 404 2.54 5.36 -0.85
N VAL B 405 2.39 6.45 -1.58
CA VAL B 405 1.14 6.75 -2.27
C VAL B 405 0.87 5.76 -3.41
N HIS B 406 1.95 5.21 -3.99
CA HIS B 406 1.83 4.27 -5.09
C HIS B 406 1.09 3.00 -4.68
N TRP B 407 1.20 2.65 -3.40
CA TRP B 407 0.54 1.46 -2.88
C TRP B 407 -0.96 1.68 -2.76
N TYR B 408 -1.39 2.91 -3.00
CA TYR B 408 -2.78 3.27 -2.94
C TYR B 408 -3.30 3.58 -4.34
N VAL B 409 -2.52 4.35 -5.08
CA VAL B 409 -2.86 4.72 -6.43
C VAL B 409 -2.97 3.50 -7.35
N GLY B 410 -2.03 2.57 -7.20
CA GLY B 410 -2.02 1.37 -8.02
C GLY B 410 -3.19 0.43 -7.71
N GLU B 411 -3.89 0.69 -6.62
CA GLU B 411 -5.03 -0.13 -6.23
C GLU B 411 -6.31 0.39 -6.88
N GLY B 412 -6.24 1.58 -7.44
CA GLY B 412 -7.39 2.17 -8.10
C GLY B 412 -7.85 3.46 -7.44
N MET B 413 -6.91 4.23 -6.91
CA MET B 413 -7.23 5.50 -6.27
C MET B 413 -6.42 6.62 -6.91
N GLU B 414 -7.07 7.75 -7.15
CA GLU B 414 -6.41 8.89 -7.78
C GLU B 414 -5.99 9.88 -6.71
N GLU B 415 -5.25 10.91 -7.12
CA GLU B 415 -4.81 11.95 -6.18
C GLU B 415 -6.01 12.63 -5.55
N GLY B 416 -7.12 12.65 -6.28
CA GLY B 416 -8.34 13.27 -5.79
C GLY B 416 -8.86 12.59 -4.54
N GLU B 417 -8.51 11.33 -4.36
CA GLU B 417 -8.95 10.57 -3.19
C GLU B 417 -8.09 10.94 -1.97
N PHE B 418 -7.04 11.72 -2.21
CA PHE B 418 -6.15 12.14 -1.15
C PHE B 418 -6.23 13.66 -0.95
N SER B 419 -6.01 14.41 -2.02
CA SER B 419 -6.05 15.86 -1.97
C SER B 419 -7.42 16.40 -1.53
N GLU B 420 -8.49 15.89 -2.13
CA GLU B 420 -9.84 16.33 -1.78
C GLU B 420 -10.19 15.91 -0.35
N ALA B 421 -9.68 14.76 0.06
CA ALA B 421 -9.91 14.26 1.41
C ALA B 421 -9.18 15.12 2.43
N ARG B 422 -7.98 15.54 2.05
CA ARG B 422 -7.13 16.38 2.88
C ARG B 422 -7.86 17.68 3.23
N GLU B 423 -8.49 18.27 2.22
CA GLU B 423 -9.24 19.51 2.41
C GLU B 423 -10.51 19.26 3.19
N ASP B 424 -11.18 18.15 2.88
CA ASP B 424 -12.42 17.79 3.54
C ASP B 424 -12.23 17.58 5.03
N MET B 425 -11.20 16.82 5.38
CA MET B 425 -10.90 16.55 6.79
C MET B 425 -10.46 17.82 7.50
N ALA B 426 -9.80 18.71 6.76
CA ALA B 426 -9.33 19.97 7.33
C ALA B 426 -10.51 20.84 7.77
N ALA B 427 -11.66 20.62 7.15
CA ALA B 427 -12.86 21.38 7.50
C ALA B 427 -13.36 21.00 8.89
N LEU B 428 -12.97 19.82 9.34
CA LEU B 428 -13.37 19.35 10.67
C LEU B 428 -12.62 20.12 11.75
N GLU B 429 -11.36 20.46 11.46
CA GLU B 429 -10.54 21.22 12.39
C GLU B 429 -11.15 22.61 12.55
N LYS B 430 -11.77 23.09 11.48
CA LYS B 430 -12.41 24.38 11.49
C LYS B 430 -13.79 24.26 12.14
N ASP B 431 -14.42 23.11 11.93
CA ASP B 431 -15.75 22.83 12.48
C ASP B 431 -15.71 22.97 14.00
N TYR B 432 -14.84 22.20 14.64
CA TYR B 432 -14.70 22.25 16.10
C TYR B 432 -14.29 23.64 16.54
N GLU B 433 -13.47 24.29 15.72
CA GLU B 433 -12.97 25.64 16.01
C GLU B 433 -14.10 26.66 16.05
N GLU B 434 -15.15 26.40 15.29
CA GLU B 434 -16.29 27.31 15.24
C GLU B 434 -17.38 26.91 16.22
N VAL B 435 -17.64 25.60 16.29
CA VAL B 435 -18.65 25.08 17.22
C VAL B 435 -18.19 25.37 18.64
N GLY B 436 -16.89 25.30 18.82
CA GLY B 436 -16.31 25.56 20.10
C GLY B 436 -15.50 26.84 20.12
N VAL B 437 -15.01 27.21 21.30
CA VAL B 437 -14.18 28.39 21.49
C VAL B 437 -14.96 29.71 21.41
N ASP B 438 -15.69 29.91 20.30
CA ASP B 438 -16.46 31.13 20.10
C ASP B 438 -17.58 31.26 21.14
N SER B 439 -17.76 32.49 21.64
CA SER B 439 -18.78 32.75 22.65
C SER B 439 -20.15 32.98 22.00
N ARG C 2 -2.49 -17.63 0.92
CA ARG C 2 -1.26 -16.85 0.98
C ARG C 2 -0.09 -17.69 0.48
N GLU C 3 -0.39 -18.58 -0.45
CA GLU C 3 0.60 -19.48 -1.05
C GLU C 3 1.63 -18.71 -1.86
N ILE C 4 2.87 -19.19 -1.85
CA ILE C 4 3.96 -18.56 -2.59
C ILE C 4 4.83 -19.63 -3.25
N VAL C 5 5.43 -19.29 -4.38
CA VAL C 5 6.31 -20.21 -5.06
C VAL C 5 7.75 -19.79 -4.82
N HIS C 6 8.63 -20.75 -4.65
CA HIS C 6 10.03 -20.46 -4.41
C HIS C 6 10.82 -20.87 -5.65
N ILE C 7 11.71 -20.00 -6.11
CA ILE C 7 12.51 -20.30 -7.29
C ILE C 7 14.00 -20.12 -7.02
N GLN C 8 14.78 -21.15 -7.35
CA GLN C 8 16.21 -21.12 -7.17
C GLN C 8 16.87 -20.93 -8.54
N ALA C 9 17.65 -19.87 -8.69
CA ALA C 9 18.29 -19.60 -9.96
C ALA C 9 19.80 -19.52 -9.84
N GLY C 10 20.49 -20.41 -10.56
CA GLY C 10 21.94 -20.41 -10.56
C GLY C 10 22.52 -21.23 -9.44
N GLN C 11 23.83 -21.40 -9.49
CA GLN C 11 24.58 -22.15 -8.49
C GLN C 11 24.31 -21.62 -7.08
N CYS C 12 24.42 -20.30 -6.93
CA CYS C 12 24.19 -19.66 -5.64
C CYS C 12 22.77 -19.94 -5.15
N GLY C 13 21.80 -19.73 -6.03
CA GLY C 13 20.41 -19.96 -5.68
C GLY C 13 20.15 -21.41 -5.33
N ASN C 14 20.76 -22.30 -6.10
CA ASN C 14 20.62 -23.74 -5.88
C ASN C 14 21.18 -24.13 -4.52
N GLN C 15 22.40 -23.70 -4.25
CA GLN C 15 23.06 -24.00 -2.98
C GLN C 15 22.28 -23.46 -1.79
N ILE C 16 21.85 -22.21 -1.89
CA ILE C 16 21.09 -21.59 -0.81
C ILE C 16 19.72 -22.26 -0.66
N GLY C 17 19.10 -22.57 -1.79
CA GLY C 17 17.81 -23.23 -1.78
C GLY C 17 17.87 -24.56 -1.05
N ALA C 18 18.94 -25.30 -1.30
CA ALA C 18 19.15 -26.60 -0.66
C ALA C 18 19.24 -26.44 0.85
N LYS C 19 19.78 -25.30 1.29
CA LYS C 19 19.93 -25.02 2.71
C LYS C 19 18.61 -24.50 3.29
N PHE C 20 17.91 -23.69 2.50
CA PHE C 20 16.63 -23.13 2.92
C PHE C 20 15.64 -24.26 3.22
N TRP C 21 15.50 -25.18 2.28
CA TRP C 21 14.59 -26.30 2.43
C TRP C 21 15.12 -27.31 3.45
N GLU C 22 16.33 -27.07 3.91
CA GLU C 22 16.95 -27.94 4.91
C GLU C 22 16.64 -27.37 6.30
N VAL C 23 16.24 -26.10 6.33
CA VAL C 23 15.91 -25.42 7.58
C VAL C 23 14.39 -25.34 7.76
N ILE C 24 13.70 -24.86 6.74
CA ILE C 24 12.25 -24.72 6.79
C ILE C 24 11.55 -26.07 6.99
N SER C 25 12.24 -27.16 6.65
CA SER C 25 11.69 -28.48 6.81
C SER C 25 11.43 -28.78 8.28
N ASP C 26 12.29 -28.25 9.14
CA ASP C 26 12.15 -28.45 10.57
C ASP C 26 11.15 -27.44 11.14
N GLU C 27 11.07 -26.29 10.47
CA GLU C 27 10.14 -25.24 10.87
C GLU C 27 8.69 -25.70 10.67
N HIS C 28 8.47 -26.45 9.59
CA HIS C 28 7.15 -26.98 9.30
C HIS C 28 7.00 -28.39 9.85
N GLY C 29 8.13 -29.05 10.10
CA GLY C 29 8.11 -30.39 10.64
C GLY C 29 7.79 -31.43 9.57
N ILE C 30 8.56 -31.43 8.50
CA ILE C 30 8.35 -32.38 7.41
C ILE C 30 9.68 -33.04 7.04
N ASP C 31 9.69 -34.37 7.01
CA ASP C 31 10.88 -35.12 6.67
C ASP C 31 11.11 -35.10 5.15
N PRO C 32 12.32 -35.48 4.67
CA PRO C 32 12.66 -35.51 3.23
C PRO C 32 11.51 -36.04 2.38
N THR C 33 11.06 -37.23 2.70
CA THR C 33 9.95 -37.84 1.98
C THR C 33 8.92 -38.32 2.98
N GLY C 34 8.93 -37.68 4.15
CA GLY C 34 8.02 -38.03 5.20
C GLY C 34 6.86 -37.06 5.30
N SER C 35 5.97 -37.32 6.25
CA SER C 35 4.82 -36.48 6.45
C SER C 35 5.04 -35.42 7.53
N TYR C 36 3.96 -35.00 8.15
CA TYR C 36 4.00 -33.98 9.19
C TYR C 36 4.51 -34.58 10.50
N HIS C 37 5.79 -34.40 10.75
CA HIS C 37 6.42 -34.92 11.97
C HIS C 37 6.73 -33.75 12.90
N GLY C 38 6.01 -32.65 12.70
CA GLY C 38 6.21 -31.47 13.53
C GLY C 38 5.81 -31.71 14.97
N ASP C 39 6.42 -30.95 15.88
CA ASP C 39 6.14 -31.09 17.30
C ASP C 39 4.76 -30.54 17.62
N SER C 40 4.45 -29.38 17.08
CA SER C 40 3.16 -28.75 17.27
C SER C 40 2.25 -29.09 16.09
N ASP C 41 1.00 -28.65 16.13
CA ASP C 41 0.07 -28.90 15.02
C ASP C 41 -0.35 -27.62 14.33
N LEU C 42 0.15 -26.49 14.82
CA LEU C 42 -0.18 -25.19 14.25
C LEU C 42 0.57 -24.96 12.94
N GLN C 43 1.66 -25.68 12.75
CA GLN C 43 2.48 -25.54 11.55
C GLN C 43 1.80 -26.17 10.34
N LEU C 44 0.99 -27.20 10.59
CA LEU C 44 0.27 -27.91 9.54
C LEU C 44 -0.76 -27.03 8.84
N GLU C 45 -1.41 -26.16 9.60
CA GLU C 45 -2.44 -25.29 9.06
C GLU C 45 -1.91 -24.25 8.08
N ARG C 46 -0.59 -24.21 7.88
CA ARG C 46 0.01 -23.25 6.97
C ARG C 46 1.07 -23.87 6.07
N ILE C 47 0.94 -25.17 5.80
CA ILE C 47 1.91 -25.85 4.93
C ILE C 47 1.60 -25.65 3.45
N ASN C 48 0.42 -25.12 3.15
CA ASN C 48 0.00 -24.91 1.78
C ASN C 48 0.73 -23.73 1.14
N VAL C 49 1.41 -22.94 1.96
CA VAL C 49 2.13 -21.78 1.47
C VAL C 49 3.32 -22.17 0.60
N TYR C 50 3.98 -23.27 0.95
CA TYR C 50 5.15 -23.71 0.20
C TYR C 50 5.06 -25.16 -0.27
N TYR C 51 4.05 -25.89 0.18
CA TYR C 51 3.92 -27.28 -0.21
C TYR C 51 2.63 -27.55 -0.98
N ASN C 52 2.70 -28.50 -1.91
CA ASN C 52 1.55 -28.88 -2.71
C ASN C 52 0.99 -30.22 -2.23
N GLU C 53 -0.31 -30.25 -1.95
CA GLU C 53 -0.97 -31.46 -1.48
C GLU C 53 -0.94 -32.54 -2.55
N ALA C 54 -0.22 -33.63 -2.27
CA ALA C 54 -0.09 -34.71 -3.24
C ALA C 54 -0.60 -36.05 -2.72
N ALA C 55 0.32 -36.91 -2.27
CA ALA C 55 -0.03 -38.23 -1.78
C ALA C 55 -0.37 -38.28 -0.29
N GLY C 56 -0.68 -37.12 0.28
CA GLY C 56 -1.03 -37.07 1.70
C GLY C 56 0.19 -37.13 2.60
N ASN C 57 0.97 -38.20 2.47
CA ASN C 57 2.18 -38.37 3.27
C ASN C 57 3.32 -37.57 2.68
N LYS C 58 3.41 -37.57 1.35
CA LYS C 58 4.47 -36.86 0.66
C LYS C 58 4.09 -35.42 0.40
N TYR C 59 4.70 -34.50 1.14
CA TYR C 59 4.46 -33.08 0.97
C TYR C 59 5.52 -32.52 0.03
N VAL C 60 5.14 -32.26 -1.21
CA VAL C 60 6.07 -31.75 -2.19
C VAL C 60 6.19 -30.23 -2.17
N PRO C 61 7.41 -29.73 -1.98
CA PRO C 61 7.68 -28.30 -1.94
C PRO C 61 7.55 -27.66 -3.32
N ARG C 62 6.80 -26.56 -3.38
CA ARG C 62 6.59 -25.86 -4.62
C ARG C 62 7.76 -24.92 -4.91
N ALA C 63 8.88 -25.52 -5.28
CA ALA C 63 10.09 -24.79 -5.58
C ALA C 63 10.60 -25.18 -6.96
N ILE C 64 10.97 -24.19 -7.73
CA ILE C 64 11.49 -24.42 -9.07
C ILE C 64 12.99 -24.13 -9.09
N LEU C 65 13.78 -25.15 -9.34
CA LEU C 65 15.23 -25.00 -9.37
C LEU C 65 15.73 -24.99 -10.81
N VAL C 66 16.30 -23.87 -11.22
CA VAL C 66 16.83 -23.70 -12.57
C VAL C 66 18.34 -23.50 -12.52
N ASP C 67 19.06 -24.40 -13.16
CA ASP C 67 20.53 -24.31 -13.19
C ASP C 67 21.05 -24.72 -14.56
N LEU C 68 22.20 -24.15 -14.93
CA LEU C 68 22.82 -24.46 -16.20
C LEU C 68 23.89 -25.52 -16.02
N GLU C 69 24.27 -25.74 -14.76
CA GLU C 69 25.27 -26.73 -14.43
C GLU C 69 24.59 -27.97 -13.83
N PRO C 70 24.44 -29.04 -14.63
CA PRO C 70 23.78 -30.28 -14.19
C PRO C 70 24.44 -30.86 -12.95
N GLY C 71 25.76 -30.76 -12.88
CA GLY C 71 26.49 -31.29 -11.75
C GLY C 71 26.10 -30.60 -10.44
N THR C 72 25.96 -29.29 -10.50
CA THR C 72 25.59 -28.50 -9.33
C THR C 72 24.20 -28.89 -8.82
N MET C 73 23.25 -28.98 -9.75
CA MET C 73 21.88 -29.37 -9.40
C MET C 73 21.84 -30.82 -8.92
N ASP C 74 22.67 -31.65 -9.52
CA ASP C 74 22.72 -33.06 -9.16
C ASP C 74 23.25 -33.29 -7.76
N SER C 75 24.24 -32.50 -7.33
CA SER C 75 24.79 -32.64 -5.99
C SER C 75 23.72 -32.39 -4.93
N VAL C 76 22.73 -31.57 -5.29
CA VAL C 76 21.63 -31.27 -4.39
C VAL C 76 20.68 -32.47 -4.33
N ARG C 77 20.37 -33.01 -5.51
CA ARG C 77 19.47 -34.16 -5.63
C ARG C 77 20.00 -35.37 -4.88
N SER C 78 21.32 -35.52 -4.81
CA SER C 78 21.93 -36.64 -4.13
C SER C 78 22.38 -36.25 -2.73
N GLY C 79 21.87 -35.13 -2.22
CA GLY C 79 22.23 -34.66 -0.91
C GLY C 79 21.20 -35.02 0.14
N PRO C 80 21.03 -34.17 1.17
CA PRO C 80 20.06 -34.41 2.25
C PRO C 80 18.62 -34.21 1.78
N PHE C 81 18.24 -32.98 1.52
CA PHE C 81 16.88 -32.67 1.06
C PHE C 81 16.86 -32.41 -0.44
N GLY C 82 17.30 -33.38 -1.21
CA GLY C 82 17.32 -33.23 -2.65
C GLY C 82 16.28 -34.10 -3.32
N GLN C 83 15.86 -35.15 -2.62
CA GLN C 83 14.85 -36.06 -3.15
C GLN C 83 13.45 -35.57 -2.79
N ILE C 84 13.38 -34.54 -1.97
CA ILE C 84 12.11 -33.98 -1.55
C ILE C 84 11.43 -33.24 -2.72
N PHE C 85 12.25 -32.78 -3.66
CA PHE C 85 11.76 -32.06 -4.82
C PHE C 85 11.27 -33.02 -5.90
N ARG C 86 10.28 -32.58 -6.66
CA ARG C 86 9.74 -33.38 -7.74
C ARG C 86 10.54 -33.11 -9.01
N PRO C 87 10.86 -34.17 -9.78
CA PRO C 87 11.63 -34.06 -11.02
C PRO C 87 11.02 -33.06 -12.01
N ASP C 88 9.71 -32.88 -11.93
CA ASP C 88 9.00 -31.94 -12.81
C ASP C 88 9.45 -30.51 -12.58
N ASN C 89 9.96 -30.22 -11.39
CA ASN C 89 10.41 -28.88 -11.05
C ASN C 89 11.92 -28.72 -11.25
N PHE C 90 12.53 -29.75 -11.85
CA PHE C 90 13.95 -29.72 -12.11
C PHE C 90 14.22 -29.17 -13.51
N VAL C 91 14.61 -27.91 -13.58
CA VAL C 91 14.89 -27.28 -14.87
C VAL C 91 16.39 -27.13 -15.05
N PHE C 92 17.00 -28.14 -15.64
CA PHE C 92 18.44 -28.11 -15.88
C PHE C 92 18.73 -27.85 -17.35
N GLY C 93 19.70 -26.99 -17.60
CA GLY C 93 20.07 -26.67 -18.96
C GLY C 93 21.47 -27.14 -19.26
N GLN C 94 21.59 -28.34 -19.83
CA GLN C 94 22.88 -28.92 -20.16
C GLN C 94 23.47 -28.25 -21.42
N SER C 95 23.68 -26.95 -21.33
CA SER C 95 24.23 -26.18 -22.42
C SER C 95 25.50 -25.46 -21.95
N GLY C 96 25.82 -24.36 -22.61
CA GLY C 96 27.00 -23.60 -22.23
C GLY C 96 26.86 -22.91 -20.89
N ALA C 97 27.15 -23.63 -19.82
CA ALA C 97 27.06 -23.09 -18.47
C ALA C 97 28.26 -22.21 -18.16
N GLY C 98 28.29 -21.04 -18.77
CA GLY C 98 29.38 -20.13 -18.56
C GLY C 98 28.95 -18.94 -17.74
N ASN C 99 29.83 -18.48 -16.85
CA ASN C 99 29.54 -17.33 -16.00
C ASN C 99 29.49 -16.07 -16.84
N ASN C 100 28.32 -15.81 -17.42
CA ASN C 100 28.11 -14.66 -18.27
C ASN C 100 26.63 -14.31 -18.30
N TRP C 101 26.32 -13.06 -17.96
CA TRP C 101 24.94 -12.58 -17.96
C TRP C 101 24.26 -12.78 -19.31
N ALA C 102 24.91 -12.30 -20.37
CA ALA C 102 24.38 -12.41 -21.72
C ALA C 102 24.20 -13.86 -22.16
N LYS C 103 25.18 -14.69 -21.83
CA LYS C 103 25.13 -16.10 -22.19
C LYS C 103 23.98 -16.81 -21.50
N GLY C 104 23.77 -16.50 -20.23
CA GLY C 104 22.70 -17.11 -19.48
C GLY C 104 21.38 -16.38 -19.60
N HIS C 105 21.31 -15.43 -20.52
CA HIS C 105 20.08 -14.66 -20.72
C HIS C 105 19.60 -14.74 -22.16
N TYR C 106 20.47 -14.41 -23.09
CA TYR C 106 20.11 -14.42 -24.51
C TYR C 106 20.38 -15.76 -25.19
N THR C 107 21.63 -16.21 -25.12
CA THR C 107 22.04 -17.45 -25.78
C THR C 107 21.37 -18.70 -25.19
N GLU C 108 21.98 -19.26 -24.16
CA GLU C 108 21.49 -20.49 -23.53
C GLU C 108 20.40 -20.19 -22.51
N GLY C 109 20.16 -18.92 -22.25
CA GLY C 109 19.16 -18.54 -21.28
C GLY C 109 17.74 -18.66 -21.81
N ALA C 110 17.41 -17.84 -22.80
CA ALA C 110 16.08 -17.80 -23.39
C ALA C 110 15.54 -19.18 -23.76
N GLU C 111 16.39 -20.04 -24.33
CA GLU C 111 15.97 -21.37 -24.74
C GLU C 111 15.40 -22.18 -23.58
N LEU C 112 16.00 -22.05 -22.41
CA LEU C 112 15.56 -22.78 -21.24
C LEU C 112 14.41 -22.07 -20.54
N VAL C 113 14.37 -20.75 -20.69
CA VAL C 113 13.31 -19.94 -20.07
C VAL C 113 11.91 -20.43 -20.45
N ASP C 114 11.73 -20.80 -21.70
CA ASP C 114 10.45 -21.32 -22.18
C ASP C 114 10.01 -22.52 -21.36
N SER C 115 10.96 -23.40 -21.08
CA SER C 115 10.70 -24.59 -20.30
C SER C 115 10.39 -24.23 -18.84
N VAL C 116 11.09 -23.22 -18.34
CA VAL C 116 10.89 -22.76 -16.96
C VAL C 116 9.49 -22.16 -16.81
N LEU C 117 9.09 -21.34 -17.77
CA LEU C 117 7.79 -20.69 -17.75
C LEU C 117 6.65 -21.70 -17.65
N ASP C 118 6.80 -22.83 -18.32
CA ASP C 118 5.78 -23.86 -18.30
C ASP C 118 5.63 -24.42 -16.90
N VAL C 119 6.76 -24.62 -16.22
CA VAL C 119 6.77 -25.15 -14.88
C VAL C 119 6.21 -24.14 -13.88
N VAL C 120 6.71 -22.91 -13.96
CA VAL C 120 6.26 -21.85 -13.05
C VAL C 120 4.77 -21.55 -13.22
N ARG C 121 4.28 -21.58 -14.46
CA ARG C 121 2.87 -21.31 -14.74
C ARG C 121 2.01 -22.42 -14.15
N LYS C 122 2.59 -23.61 -14.04
CA LYS C 122 1.90 -24.75 -13.48
C LYS C 122 1.88 -24.65 -11.97
N GLU C 123 2.96 -24.15 -11.40
CA GLU C 123 3.09 -23.99 -9.96
C GLU C 123 2.19 -22.88 -9.44
N SER C 124 2.04 -21.81 -10.22
CA SER C 124 1.18 -20.69 -9.83
C SER C 124 -0.29 -21.09 -9.92
N GLU C 125 -0.63 -21.83 -10.97
CA GLU C 125 -1.99 -22.27 -11.16
C GLU C 125 -2.25 -23.59 -10.46
N SER C 126 -1.97 -23.62 -9.16
CA SER C 126 -2.17 -24.82 -8.36
C SER C 126 -3.55 -24.81 -7.73
N CYS C 127 -3.66 -24.20 -6.55
CA CYS C 127 -4.93 -24.12 -5.84
C CYS C 127 -5.01 -22.83 -5.03
N ASP C 128 -6.22 -22.44 -4.66
CA ASP C 128 -6.47 -21.23 -3.88
C ASP C 128 -5.92 -19.97 -4.58
N CYS C 129 -5.40 -19.03 -3.80
CA CYS C 129 -4.87 -17.80 -4.36
C CYS C 129 -3.39 -17.63 -4.02
N LEU C 130 -2.58 -17.44 -5.06
CA LEU C 130 -1.15 -17.27 -4.89
C LEU C 130 -0.83 -15.82 -4.53
N GLN C 131 0.16 -15.61 -3.69
CA GLN C 131 0.54 -14.27 -3.27
C GLN C 131 1.71 -13.71 -4.08
N GLY C 132 2.83 -14.42 -4.10
CA GLY C 132 3.98 -13.92 -4.82
C GLY C 132 4.94 -15.00 -5.27
N PHE C 133 6.16 -14.58 -5.58
CA PHE C 133 7.19 -15.50 -6.05
C PHE C 133 8.54 -15.15 -5.42
N GLN C 134 9.05 -16.04 -4.57
CA GLN C 134 10.33 -15.82 -3.91
C GLN C 134 11.45 -16.33 -4.82
N LEU C 135 12.53 -15.58 -4.92
CA LEU C 135 13.66 -15.99 -5.76
C LEU C 135 14.99 -15.85 -5.05
N THR C 136 15.89 -16.79 -5.32
CA THR C 136 17.23 -16.79 -4.74
C THR C 136 18.24 -16.92 -5.87
N HIS C 137 19.15 -15.96 -5.99
CA HIS C 137 20.14 -16.01 -7.06
C HIS C 137 21.43 -15.27 -6.69
N SER C 138 22.40 -15.36 -7.59
CA SER C 138 23.70 -14.71 -7.43
C SER C 138 23.74 -13.44 -8.29
N LEU C 139 24.61 -12.51 -7.93
CA LEU C 139 24.73 -11.27 -8.70
C LEU C 139 25.91 -11.32 -9.66
N GLY C 140 26.89 -12.18 -9.34
CA GLY C 140 28.07 -12.32 -10.18
C GLY C 140 28.16 -13.70 -10.80
N GLY C 141 27.04 -14.19 -11.31
CA GLY C 141 27.02 -15.50 -11.94
C GLY C 141 26.41 -15.48 -13.33
N GLY C 142 26.23 -16.64 -13.92
CA GLY C 142 25.64 -16.71 -15.23
C GLY C 142 24.18 -17.09 -15.14
N THR C 143 23.90 -18.16 -14.40
CA THR C 143 22.54 -18.62 -14.24
C THR C 143 21.78 -17.75 -13.24
N GLY C 144 22.46 -17.39 -12.17
CA GLY C 144 21.84 -16.57 -11.14
C GLY C 144 21.47 -15.18 -11.61
N SER C 145 22.45 -14.44 -12.10
CA SER C 145 22.24 -13.08 -12.56
C SER C 145 21.54 -13.00 -13.91
N GLY C 146 21.88 -13.92 -14.82
CA GLY C 146 21.30 -13.89 -16.15
C GLY C 146 19.92 -14.54 -16.22
N MET C 147 19.89 -15.86 -16.09
CA MET C 147 18.64 -16.62 -16.18
C MET C 147 17.59 -16.13 -15.19
N GLY C 148 18.00 -15.92 -13.95
CA GLY C 148 17.08 -15.45 -12.93
C GLY C 148 16.44 -14.12 -13.29
N THR C 149 17.24 -13.25 -13.89
CA THR C 149 16.76 -11.93 -14.30
C THR C 149 15.66 -12.04 -15.36
N LEU C 150 15.79 -12.99 -16.27
CA LEU C 150 14.79 -13.17 -17.31
C LEU C 150 13.55 -13.83 -16.73
N LEU C 151 13.77 -14.70 -15.76
CA LEU C 151 12.69 -15.39 -15.08
C LEU C 151 11.74 -14.40 -14.42
N ILE C 152 12.31 -13.44 -13.68
CA ILE C 152 11.52 -12.43 -13.01
C ILE C 152 10.84 -11.48 -14.00
N SER C 153 11.54 -11.18 -15.10
CA SER C 153 11.00 -10.30 -16.13
C SER C 153 9.73 -10.88 -16.75
N LYS C 154 9.73 -12.19 -16.96
CA LYS C 154 8.60 -12.87 -17.56
C LYS C 154 7.47 -13.05 -16.53
N ILE C 155 7.86 -13.33 -15.29
CA ILE C 155 6.89 -13.53 -14.21
C ILE C 155 6.08 -12.27 -13.94
N ARG C 156 6.76 -11.12 -13.86
CA ARG C 156 6.09 -9.85 -13.60
C ARG C 156 5.19 -9.46 -14.78
N GLU C 157 5.50 -10.01 -15.94
CA GLU C 157 4.75 -9.76 -17.15
C GLU C 157 3.47 -10.60 -17.15
N GLU C 158 3.58 -11.80 -16.60
CA GLU C 158 2.47 -12.73 -16.54
C GLU C 158 1.53 -12.40 -15.38
N TYR C 159 2.10 -12.24 -14.20
CA TYR C 159 1.31 -11.94 -13.01
C TYR C 159 1.75 -10.63 -12.35
N PRO C 160 1.27 -9.48 -12.86
CA PRO C 160 1.61 -8.17 -12.30
C PRO C 160 0.82 -7.90 -11.04
N ASP C 161 -0.16 -8.75 -10.78
CA ASP C 161 -1.02 -8.64 -9.61
C ASP C 161 -0.34 -9.22 -8.38
N ARG C 162 0.71 -9.99 -8.60
CA ARG C 162 1.43 -10.62 -7.51
C ARG C 162 2.73 -9.87 -7.22
N ILE C 163 3.27 -10.07 -6.03
CA ILE C 163 4.50 -9.40 -5.65
C ILE C 163 5.68 -10.34 -5.80
N MET C 164 6.88 -9.79 -5.86
CA MET C 164 8.08 -10.60 -5.99
C MET C 164 9.10 -10.23 -4.93
N ASN C 165 9.63 -11.25 -4.26
CA ASN C 165 10.64 -11.05 -3.22
C ASN C 165 11.90 -11.78 -3.63
N THR C 166 12.96 -11.03 -3.87
CA THR C 166 14.21 -11.60 -4.30
C THR C 166 15.31 -11.54 -3.24
N PHE C 167 16.01 -12.65 -3.08
CA PHE C 167 17.13 -12.75 -2.15
C PHE C 167 18.38 -12.90 -3.01
N SER C 168 19.22 -11.89 -3.02
CA SER C 168 20.41 -11.94 -3.85
C SER C 168 21.70 -11.66 -3.09
N VAL C 169 22.70 -12.51 -3.31
CA VAL C 169 24.00 -12.34 -2.69
C VAL C 169 24.83 -11.43 -3.60
N VAL C 170 25.16 -10.25 -3.12
CA VAL C 170 25.91 -9.30 -3.92
C VAL C 170 27.40 -9.66 -3.94
N PRO C 171 28.13 -9.16 -4.96
CA PRO C 171 29.57 -9.41 -5.11
C PRO C 171 30.37 -8.89 -3.93
N SER C 172 31.14 -9.76 -3.32
CA SER C 172 31.98 -9.40 -2.17
C SER C 172 32.93 -8.26 -2.53
N PRO C 173 32.73 -7.08 -1.92
CA PRO C 173 33.56 -5.90 -2.17
C PRO C 173 35.05 -6.09 -1.82
N LYS C 174 35.35 -6.69 -0.67
CA LYS C 174 36.74 -6.87 -0.27
C LYS C 174 37.46 -7.91 -1.12
N VAL C 175 36.81 -9.05 -1.36
CA VAL C 175 37.40 -10.11 -2.17
C VAL C 175 36.36 -10.70 -3.11
N SER C 176 36.29 -10.18 -4.32
CA SER C 176 35.33 -10.68 -5.31
C SER C 176 35.61 -12.14 -5.65
N ASP C 177 34.55 -12.93 -5.73
CA ASP C 177 34.67 -14.36 -6.01
C ASP C 177 34.70 -14.62 -7.51
N THR C 178 34.24 -13.65 -8.28
CA THR C 178 34.21 -13.77 -9.72
C THR C 178 34.99 -12.62 -10.37
N VAL C 179 35.61 -12.88 -11.51
CA VAL C 179 36.38 -11.86 -12.21
C VAL C 179 35.43 -10.91 -12.95
N VAL C 180 34.45 -11.48 -13.63
CA VAL C 180 33.46 -10.70 -14.36
C VAL C 180 32.25 -10.39 -13.47
N GLU C 181 32.51 -10.38 -12.18
CA GLU C 181 31.46 -10.12 -11.18
C GLU C 181 30.74 -8.78 -11.38
N PRO C 182 31.46 -7.63 -11.43
CA PRO C 182 30.83 -6.32 -11.62
C PRO C 182 30.05 -6.23 -12.94
N TYR C 183 30.55 -6.92 -13.94
CA TYR C 183 29.93 -6.93 -15.26
C TYR C 183 28.55 -7.59 -15.20
N ASN C 184 28.45 -8.65 -14.41
CA ASN C 184 27.18 -9.37 -14.27
C ASN C 184 26.27 -8.66 -13.28
N ALA C 185 26.87 -8.09 -12.24
CA ALA C 185 26.14 -7.40 -11.19
C ALA C 185 25.31 -6.23 -11.72
N THR C 186 25.96 -5.32 -12.45
CA THR C 186 25.28 -4.15 -13.00
C THR C 186 24.13 -4.54 -13.93
N LEU C 187 24.30 -5.63 -14.66
CA LEU C 187 23.26 -6.10 -15.57
C LEU C 187 22.10 -6.75 -14.83
N SER C 188 22.41 -7.53 -13.80
CA SER C 188 21.38 -8.22 -13.03
C SER C 188 20.56 -7.25 -12.18
N VAL C 189 21.24 -6.29 -11.57
CA VAL C 189 20.56 -5.29 -10.74
C VAL C 189 19.61 -4.43 -11.57
N HIS C 190 19.88 -4.34 -12.87
CA HIS C 190 19.05 -3.56 -13.77
C HIS C 190 17.64 -4.12 -13.85
N GLN C 191 17.53 -5.39 -14.22
CA GLN C 191 16.24 -6.04 -14.32
C GLN C 191 15.58 -6.16 -12.96
N LEU C 192 16.40 -6.26 -11.91
CA LEU C 192 15.90 -6.36 -10.55
C LEU C 192 15.03 -5.16 -10.20
N VAL C 193 15.60 -3.97 -10.30
CA VAL C 193 14.88 -2.75 -9.96
C VAL C 193 13.71 -2.48 -10.91
N GLU C 194 13.83 -2.93 -12.17
CA GLU C 194 12.80 -2.78 -13.17
C GLU C 194 11.69 -3.84 -13.06
N ASN C 195 11.82 -4.87 -12.19
CA ASN C 195 10.89 -6.01 -12.17
C ASN C 195 10.37 -6.36 -10.78
N THR C 196 11.26 -6.82 -9.92
CA THR C 196 10.87 -7.23 -8.58
C THR C 196 10.44 -6.05 -7.70
N ASP C 197 9.66 -6.35 -6.66
CA ASP C 197 9.16 -5.32 -5.76
C ASP C 197 9.98 -5.27 -4.48
N GLU C 198 10.43 -6.44 -4.02
CA GLU C 198 11.22 -6.52 -2.80
C GLU C 198 12.51 -7.30 -3.07
N THR C 199 13.60 -6.86 -2.45
CA THR C 199 14.89 -7.53 -2.62
C THR C 199 15.77 -7.38 -1.38
N TYR C 200 16.31 -8.50 -0.93
CA TYR C 200 17.19 -8.52 0.23
C TYR C 200 18.62 -8.77 -0.23
N CYS C 201 19.55 -7.97 0.25
CA CYS C 201 20.94 -8.10 -0.14
C CYS C 201 21.75 -8.81 0.94
N ILE C 202 22.50 -9.82 0.51
CA ILE C 202 23.34 -10.58 1.41
C ILE C 202 24.79 -10.49 0.94
N ASP C 203 25.69 -10.06 1.81
CA ASP C 203 27.10 -9.93 1.45
C ASP C 203 27.90 -11.14 1.89
N ASN C 204 28.91 -11.49 1.09
CA ASN C 204 29.76 -12.63 1.37
C ASN C 204 30.55 -12.47 2.66
N GLU C 205 31.40 -11.45 2.73
CA GLU C 205 32.23 -11.22 3.91
C GLU C 205 31.41 -10.78 5.11
N ALA C 206 30.21 -10.26 4.86
CA ALA C 206 29.34 -9.82 5.94
C ALA C 206 29.00 -11.02 6.81
N LEU C 207 28.61 -12.10 6.15
CA LEU C 207 28.27 -13.34 6.84
C LEU C 207 29.49 -13.88 7.57
N TYR C 208 30.65 -13.70 6.95
CA TYR C 208 31.91 -14.15 7.53
C TYR C 208 32.20 -13.41 8.83
N ASP C 209 32.03 -12.09 8.80
CA ASP C 209 32.27 -11.25 9.96
C ASP C 209 31.32 -11.59 11.10
N ILE C 210 30.04 -11.77 10.76
CA ILE C 210 29.03 -12.12 11.76
C ILE C 210 29.33 -13.48 12.39
N CYS C 211 29.75 -14.43 11.56
CA CYS C 211 30.07 -15.78 12.03
C CYS C 211 31.46 -15.81 12.68
N PHE C 212 32.08 -14.65 12.80
CA PHE C 212 33.40 -14.55 13.40
C PHE C 212 33.33 -13.81 14.72
N ARG C 213 32.61 -12.69 14.74
CA ARG C 213 32.48 -11.88 15.95
C ARG C 213 31.31 -12.31 16.82
N THR C 214 30.12 -12.35 16.24
CA THR C 214 28.92 -12.72 16.96
C THR C 214 28.92 -14.21 17.24
N LEU C 215 29.12 -14.98 16.19
CA LEU C 215 29.19 -16.43 16.32
C LEU C 215 30.64 -16.84 16.39
N LYS C 216 30.93 -17.90 17.12
CA LYS C 216 32.28 -18.37 17.26
C LYS C 216 32.54 -19.56 16.35
N LEU C 217 32.53 -19.30 15.06
CA LEU C 217 32.74 -20.33 14.05
C LEU C 217 34.10 -20.14 13.39
N THR C 218 35.04 -20.99 13.76
CA THR C 218 36.40 -20.93 13.22
C THR C 218 36.41 -21.32 11.74
N THR C 219 35.41 -22.08 11.31
CA THR C 219 35.33 -22.51 9.92
C THR C 219 33.92 -22.29 9.36
N PRO C 220 33.62 -21.06 8.91
CA PRO C 220 32.32 -20.70 8.35
C PRO C 220 32.25 -21.02 6.87
N THR C 221 31.99 -22.28 6.54
CA THR C 221 31.88 -22.70 5.16
C THR C 221 30.57 -22.19 4.56
N TYR C 222 30.36 -22.39 3.26
CA TYR C 222 29.13 -21.94 2.62
C TYR C 222 27.91 -22.57 3.26
N GLY C 223 28.03 -23.83 3.65
CA GLY C 223 26.92 -24.51 4.30
C GLY C 223 26.56 -23.84 5.61
N ASP C 224 27.52 -23.18 6.22
CA ASP C 224 27.31 -22.48 7.48
C ASP C 224 26.72 -21.11 7.22
N LEU C 225 27.26 -20.42 6.23
CA LEU C 225 26.80 -19.09 5.87
C LEU C 225 25.39 -19.13 5.31
N ASN C 226 25.16 -20.00 4.33
CA ASN C 226 23.85 -20.16 3.71
C ASN C 226 22.81 -20.52 4.75
N HIS C 227 23.18 -21.33 5.78
CA HIS C 227 22.27 -21.72 6.83
C HIS C 227 21.69 -20.48 7.47
N LEU C 228 22.56 -19.49 7.77
CA LEU C 228 22.09 -18.29 8.43
C LEU C 228 21.11 -17.55 7.54
N VAL C 229 21.44 -17.46 6.26
CA VAL C 229 20.60 -16.78 5.28
C VAL C 229 19.23 -17.44 5.22
N SER C 230 19.22 -18.76 5.25
CA SER C 230 17.98 -19.52 5.18
C SER C 230 17.15 -19.37 6.46
N ALA C 231 17.71 -18.72 7.47
CA ALA C 231 16.98 -18.50 8.72
C ALA C 231 16.28 -17.15 8.71
N THR C 232 16.85 -16.21 7.98
CA THR C 232 16.27 -14.87 7.88
C THR C 232 15.02 -14.90 7.00
N MET C 233 15.10 -15.62 5.90
CA MET C 233 13.99 -15.74 4.95
C MET C 233 12.77 -16.39 5.59
N SER C 234 12.99 -17.22 6.60
CA SER C 234 11.89 -17.89 7.29
C SER C 234 11.06 -16.86 8.05
N GLY C 235 11.73 -15.86 8.61
CA GLY C 235 11.04 -14.84 9.36
C GLY C 235 10.23 -13.94 8.45
N VAL C 236 10.70 -13.80 7.22
CA VAL C 236 10.03 -12.96 6.24
C VAL C 236 8.87 -13.72 5.57
N THR C 237 9.00 -15.03 5.48
CA THR C 237 7.97 -15.84 4.84
C THR C 237 7.11 -16.63 5.83
N THR C 238 7.63 -17.78 6.29
CA THR C 238 6.91 -18.67 7.20
C THR C 238 6.42 -17.96 8.46
N CYS C 239 7.29 -17.18 9.09
CA CYS C 239 6.94 -16.47 10.31
C CYS C 239 5.76 -15.51 10.11
N LEU C 240 5.56 -15.09 8.87
CA LEU C 240 4.47 -14.17 8.54
C LEU C 240 3.28 -14.92 7.95
N ARG C 241 3.25 -16.23 8.17
CA ARG C 241 2.14 -17.04 7.67
C ARG C 241 1.28 -17.49 8.84
N PHE C 242 1.91 -17.65 9.98
CA PHE C 242 1.23 -18.10 11.20
C PHE C 242 0.61 -16.90 11.93
N PRO C 243 -0.35 -17.17 12.83
CA PRO C 243 -1.03 -16.12 13.60
C PRO C 243 -0.12 -15.47 14.63
N GLY C 244 -0.56 -14.34 15.18
CA GLY C 244 0.22 -13.63 16.18
C GLY C 244 -0.56 -12.50 16.80
N GLN C 245 0.11 -11.70 17.61
CA GLN C 245 -0.52 -10.57 18.27
C GLN C 245 -0.69 -9.44 17.26
N LEU C 246 0.15 -9.48 16.23
CA LEU C 246 0.14 -8.50 15.16
C LEU C 246 0.68 -9.16 13.91
N ASN C 247 -0.23 -9.56 13.02
CA ASN C 247 0.16 -10.25 11.79
C ASN C 247 0.61 -9.28 10.69
N ALA C 248 1.46 -9.81 9.82
CA ALA C 248 2.00 -9.06 8.69
C ALA C 248 2.30 -10.02 7.55
N ASP C 249 2.56 -9.48 6.37
CA ASP C 249 2.86 -10.31 5.21
C ASP C 249 3.61 -9.48 4.17
N LEU C 250 3.77 -10.02 2.96
CA LEU C 250 4.49 -9.32 1.89
C LEU C 250 3.78 -8.02 1.54
N ARG C 251 2.46 -8.03 1.55
CA ARG C 251 1.69 -6.84 1.24
C ARG C 251 1.90 -5.80 2.33
N LYS C 252 1.77 -6.24 3.58
CA LYS C 252 1.97 -5.35 4.72
C LYS C 252 3.38 -4.81 4.73
N LEU C 253 4.34 -5.67 4.40
CA LEU C 253 5.75 -5.31 4.36
C LEU C 253 6.04 -4.30 3.26
N ALA C 254 5.77 -4.68 2.01
CA ALA C 254 6.03 -3.82 0.86
C ALA C 254 5.43 -2.42 1.05
N VAL C 255 4.17 -2.36 1.45
CA VAL C 255 3.49 -1.07 1.66
C VAL C 255 4.10 -0.26 2.80
N ASN C 256 4.81 -0.93 3.70
CA ASN C 256 5.43 -0.26 4.83
C ASN C 256 6.95 -0.39 4.77
N MET C 257 7.49 -0.50 3.56
CA MET C 257 8.94 -0.62 3.37
C MET C 257 9.41 0.07 2.10
N VAL C 258 8.66 -0.12 1.03
CA VAL C 258 8.99 0.49 -0.26
C VAL C 258 8.27 1.83 -0.39
N PRO C 259 8.98 2.94 -0.19
CA PRO C 259 8.38 4.28 -0.24
C PRO C 259 8.17 4.82 -1.66
N PHE C 260 8.79 4.20 -2.65
CA PHE C 260 8.65 4.66 -4.04
C PHE C 260 8.67 3.46 -4.99
N PRO C 261 8.33 3.66 -6.29
CA PRO C 261 8.32 2.57 -7.27
C PRO C 261 9.73 2.30 -7.80
N ARG C 262 10.70 2.24 -6.90
CA ARG C 262 12.08 1.99 -7.29
C ARG C 262 12.61 0.74 -6.60
N LEU C 263 11.68 -0.11 -6.15
CA LEU C 263 12.03 -1.37 -5.48
C LEU C 263 12.63 -1.16 -4.09
N HIS C 264 13.84 -0.61 -4.05
CA HIS C 264 14.58 -0.38 -2.80
C HIS C 264 15.09 -1.67 -2.19
N PHE C 265 16.38 -1.69 -1.88
CA PHE C 265 17.01 -2.87 -1.33
C PHE C 265 17.05 -2.84 0.19
N PHE C 266 16.55 -3.90 0.80
CA PHE C 266 16.49 -4.01 2.25
C PHE C 266 17.65 -4.84 2.77
N MET C 267 18.11 -4.52 3.97
CA MET C 267 19.20 -5.25 4.60
C MET C 267 18.63 -6.13 5.71
N PRO C 268 18.90 -7.44 5.68
CA PRO C 268 18.41 -8.39 6.67
C PRO C 268 19.32 -8.56 7.89
N GLY C 269 18.71 -8.98 9.00
CA GLY C 269 19.44 -9.21 10.23
C GLY C 269 18.72 -10.22 11.11
N PHE C 270 19.40 -10.72 12.14
CA PHE C 270 18.81 -11.71 13.03
C PHE C 270 19.00 -11.32 14.50
N ALA C 271 17.90 -11.29 15.24
CA ALA C 271 17.94 -10.92 16.65
C ALA C 271 18.63 -11.95 17.56
N PRO C 272 18.23 -13.24 17.52
CA PRO C 272 18.84 -14.27 18.36
C PRO C 272 20.13 -14.81 17.75
N LEU C 273 21.15 -13.97 17.72
CA LEU C 273 22.44 -14.37 17.15
C LEU C 273 23.51 -14.47 18.23
N THR C 274 23.73 -15.67 18.73
CA THR C 274 24.72 -15.93 19.77
C THR C 274 25.40 -17.27 19.52
N SER C 275 26.42 -17.60 20.32
CA SER C 275 27.11 -18.86 20.19
C SER C 275 26.30 -20.01 20.79
N ARG C 276 26.87 -21.21 20.80
CA ARG C 276 26.19 -22.38 21.33
C ARG C 276 26.06 -22.38 22.85
N GLY C 277 27.12 -22.79 23.54
CA GLY C 277 27.08 -22.85 24.98
C GLY C 277 27.82 -21.72 25.68
N SER C 278 28.90 -21.26 25.07
CA SER C 278 29.70 -20.18 25.65
C SER C 278 28.87 -18.91 25.80
N GLN C 279 28.18 -18.52 24.74
CA GLN C 279 27.37 -17.30 24.77
C GLN C 279 25.93 -17.60 25.20
N GLN C 280 25.74 -18.72 25.88
CA GLN C 280 24.41 -19.10 26.36
C GLN C 280 24.04 -18.26 27.57
N TYR C 281 23.68 -17.01 27.31
CA TYR C 281 23.30 -16.10 28.36
C TYR C 281 21.78 -16.00 28.44
N ARG C 282 21.15 -16.37 27.33
CA ARG C 282 19.69 -16.34 27.22
C ARG C 282 19.15 -14.94 27.39
N ALA C 283 19.99 -13.95 27.07
CA ALA C 283 19.62 -12.55 27.18
C ALA C 283 18.79 -12.14 25.98
N LEU C 284 17.54 -12.56 25.99
CA LEU C 284 16.62 -12.25 24.91
C LEU C 284 15.28 -11.82 25.49
N THR C 285 15.26 -10.67 26.15
CA THR C 285 14.04 -10.15 26.70
C THR C 285 13.38 -9.22 25.69
N VAL C 286 13.92 -8.01 25.55
CA VAL C 286 13.41 -7.02 24.60
C VAL C 286 14.53 -6.11 24.10
N PRO C 287 15.17 -5.31 24.99
CA PRO C 287 16.25 -4.39 24.59
C PRO C 287 17.44 -5.10 23.96
N GLU C 288 17.69 -6.32 24.37
CA GLU C 288 18.80 -7.10 23.84
C GLU C 288 18.59 -7.43 22.37
N LEU C 289 17.33 -7.58 21.98
CA LEU C 289 16.99 -7.89 20.60
C LEU C 289 17.18 -6.67 19.73
N THR C 290 16.75 -5.52 20.24
CA THR C 290 16.87 -4.26 19.51
C THR C 290 18.35 -3.91 19.35
N GLN C 291 19.13 -4.21 20.40
CA GLN C 291 20.55 -3.93 20.39
C GLN C 291 21.26 -4.82 19.37
N GLN C 292 20.67 -5.99 19.11
CA GLN C 292 21.24 -6.92 18.15
C GLN C 292 20.81 -6.59 16.74
N MET C 293 19.51 -6.36 16.56
CA MET C 293 18.95 -6.05 15.25
C MET C 293 19.47 -4.72 14.70
N PHE C 294 19.58 -3.72 15.55
CA PHE C 294 20.06 -2.40 15.13
C PHE C 294 21.55 -2.26 15.36
N ASP C 295 22.30 -3.30 15.04
CA ASP C 295 23.74 -3.30 15.22
C ASP C 295 24.45 -3.12 13.88
N ALA C 296 25.39 -2.20 13.84
CA ALA C 296 26.13 -1.91 12.62
C ALA C 296 27.05 -3.07 12.21
N LYS C 297 27.21 -4.05 13.07
CA LYS C 297 28.06 -5.20 12.78
C LYS C 297 27.27 -6.50 12.87
N ASN C 298 25.95 -6.40 12.66
CA ASN C 298 25.09 -7.58 12.70
C ASN C 298 24.26 -7.64 11.42
N MET C 299 24.51 -6.70 10.52
CA MET C 299 23.78 -6.64 9.26
C MET C 299 24.41 -7.61 8.27
N MET C 300 23.55 -8.31 7.52
CA MET C 300 24.01 -9.27 6.54
C MET C 300 24.43 -8.60 5.23
N ALA C 301 24.83 -7.34 5.34
CA ALA C 301 25.28 -6.55 4.20
C ALA C 301 26.55 -5.80 4.58
N ALA C 302 27.36 -5.46 3.59
CA ALA C 302 28.61 -4.73 3.83
C ALA C 302 28.33 -3.30 4.25
N CYS C 303 27.25 -2.73 3.73
CA CYS C 303 26.88 -1.37 4.07
C CYS C 303 26.34 -1.31 5.50
N ASP C 304 26.94 -0.47 6.32
CA ASP C 304 26.52 -0.32 7.71
C ASP C 304 25.45 0.76 7.85
N PRO C 305 24.53 0.59 8.81
CA PRO C 305 23.43 1.54 9.06
C PRO C 305 23.90 2.96 9.40
N ARG C 306 25.14 3.10 9.83
CA ARG C 306 25.68 4.40 10.20
C ARG C 306 26.02 5.22 8.96
N HIS C 307 26.23 4.54 7.84
CA HIS C 307 26.58 5.20 6.58
C HIS C 307 25.33 5.66 5.83
N GLY C 308 24.25 5.91 6.55
CA GLY C 308 23.03 6.35 5.92
C GLY C 308 21.93 6.56 6.93
N ARG C 309 20.70 6.67 6.44
CA ARG C 309 19.55 6.84 7.30
C ARG C 309 18.50 5.78 6.99
N TYR C 310 17.77 5.38 8.02
CA TYR C 310 16.72 4.37 7.88
C TYR C 310 15.50 4.98 7.21
N LEU C 311 15.13 4.46 6.05
CA LEU C 311 13.96 4.96 5.33
C LEU C 311 12.70 4.34 5.93
N THR C 312 12.72 3.03 6.05
CA THR C 312 11.60 2.28 6.61
C THR C 312 12.12 0.99 7.20
N VAL C 313 11.71 0.66 8.42
CA VAL C 313 12.18 -0.54 9.09
C VAL C 313 11.03 -1.47 9.43
N ALA C 314 11.24 -2.75 9.21
CA ALA C 314 10.24 -3.76 9.52
C ALA C 314 10.73 -4.59 10.69
N ALA C 315 9.86 -4.77 11.68
CA ALA C 315 10.21 -5.56 12.86
C ALA C 315 9.36 -6.82 12.91
N VAL C 316 9.91 -7.92 12.43
CA VAL C 316 9.19 -9.19 12.42
C VAL C 316 9.57 -10.05 13.61
N PHE C 317 8.88 -9.86 14.72
CA PHE C 317 9.14 -10.63 15.92
C PHE C 317 8.36 -11.94 15.90
N ARG C 318 8.87 -12.95 16.59
CA ARG C 318 8.20 -14.24 16.65
C ARG C 318 8.38 -14.89 18.01
N GLY C 319 7.28 -15.00 18.73
CA GLY C 319 7.31 -15.60 20.06
C GLY C 319 6.39 -14.87 21.00
N ARG C 320 6.28 -15.37 22.22
CA ARG C 320 5.42 -14.74 23.22
C ARG C 320 6.14 -13.57 23.89
N MET C 321 5.56 -12.39 23.77
CA MET C 321 6.14 -11.18 24.37
C MET C 321 5.09 -10.08 24.48
N SER C 322 5.42 -9.06 25.25
CA SER C 322 4.51 -7.94 25.46
C SER C 322 4.59 -6.97 24.29
N MET C 323 3.45 -6.68 23.68
CA MET C 323 3.39 -5.76 22.56
C MET C 323 3.86 -4.37 22.97
N LYS C 324 3.44 -3.95 24.16
CA LYS C 324 3.82 -2.64 24.68
C LYS C 324 5.33 -2.55 24.87
N GLU C 325 5.95 -3.64 25.31
CA GLU C 325 7.40 -3.65 25.53
C GLU C 325 8.16 -3.51 24.23
N VAL C 326 7.68 -4.18 23.18
CA VAL C 326 8.32 -4.12 21.88
C VAL C 326 8.23 -2.71 21.29
N ASP C 327 7.02 -2.20 21.20
CA ASP C 327 6.79 -0.86 20.64
C ASP C 327 7.46 0.23 21.47
N GLU C 328 7.47 0.06 22.79
CA GLU C 328 8.10 1.03 23.67
C GLU C 328 9.59 1.11 23.40
N GLN C 329 10.20 -0.05 23.21
CA GLN C 329 11.63 -0.12 22.93
C GLN C 329 11.94 0.47 21.56
N MET C 330 11.02 0.28 20.62
CA MET C 330 11.19 0.81 19.27
C MET C 330 11.24 2.32 19.31
N LEU C 331 10.37 2.92 20.13
CA LEU C 331 10.32 4.36 20.28
C LEU C 331 11.66 4.87 20.81
N ASN C 332 12.22 4.12 21.75
CA ASN C 332 13.52 4.46 22.34
C ASN C 332 14.59 4.52 21.26
N VAL C 333 14.60 3.51 20.39
CA VAL C 333 15.57 3.45 19.30
C VAL C 333 15.38 4.58 18.31
N GLN C 334 14.12 4.85 17.96
CA GLN C 334 13.80 5.91 17.00
C GLN C 334 14.13 7.29 17.57
N ASN C 335 14.17 7.39 18.89
CA ASN C 335 14.49 8.66 19.55
C ASN C 335 15.99 8.84 19.73
N LYS C 336 16.67 7.77 20.13
CA LYS C 336 18.11 7.81 20.35
C LYS C 336 18.89 7.95 19.05
N ASN C 337 18.41 7.29 18.01
CA ASN C 337 19.07 7.32 16.70
C ASN C 337 18.27 8.13 15.70
N SER C 338 17.58 9.15 16.20
CA SER C 338 16.75 10.01 15.38
C SER C 338 17.51 10.67 14.23
N SER C 339 18.79 10.98 14.48
CA SER C 339 19.64 11.63 13.48
C SER C 339 19.66 10.89 12.14
N TYR C 340 19.63 9.57 12.19
CA TYR C 340 19.65 8.78 10.97
C TYR C 340 18.43 7.87 10.85
N PHE C 341 17.32 8.32 11.41
CA PHE C 341 16.09 7.53 11.36
C PHE C 341 15.05 8.24 10.49
N VAL C 342 15.52 9.16 9.65
CA VAL C 342 14.65 9.91 8.75
C VAL C 342 13.78 10.92 9.51
N GLU C 343 13.68 12.13 8.95
CA GLU C 343 12.89 13.19 9.58
C GLU C 343 11.67 13.56 8.76
N TRP C 344 11.35 12.77 7.74
CA TRP C 344 10.18 13.04 6.91
C TRP C 344 9.09 12.00 7.10
N ILE C 345 9.29 11.12 8.08
CA ILE C 345 8.33 10.08 8.42
C ILE C 345 8.23 9.97 9.94
N PRO C 346 7.01 10.16 10.50
CA PRO C 346 6.79 10.07 11.95
C PRO C 346 7.26 8.74 12.53
N ASN C 347 6.68 7.65 12.05
CA ASN C 347 7.05 6.32 12.51
C ASN C 347 7.59 5.52 11.32
N ASN C 348 8.85 5.14 11.40
CA ASN C 348 9.50 4.41 10.31
C ASN C 348 9.50 2.91 10.56
N VAL C 349 9.16 2.50 11.77
CA VAL C 349 9.17 1.09 12.10
C VAL C 349 7.77 0.49 12.23
N LYS C 350 7.46 -0.42 11.33
CA LYS C 350 6.17 -1.10 11.36
C LYS C 350 6.33 -2.42 12.12
N THR C 351 5.95 -2.40 13.38
CA THR C 351 6.06 -3.56 14.24
C THR C 351 5.17 -4.72 13.80
N ALA C 352 5.56 -5.92 14.21
CA ALA C 352 4.82 -7.15 13.91
C ALA C 352 5.28 -8.22 14.87
N VAL C 353 4.34 -8.93 15.49
CA VAL C 353 4.67 -9.97 16.46
C VAL C 353 3.94 -11.28 16.18
N CYS C 354 4.70 -12.30 15.82
CA CYS C 354 4.15 -13.62 15.55
C CYS C 354 3.96 -14.36 16.88
N ASP C 355 3.02 -15.28 16.94
CA ASP C 355 2.74 -16.01 18.17
C ASP C 355 3.46 -17.37 18.24
N ILE C 356 4.40 -17.60 17.34
CA ILE C 356 5.13 -18.87 17.35
C ILE C 356 6.63 -18.68 17.12
N PRO C 357 7.45 -19.12 18.09
CA PRO C 357 8.92 -19.04 18.02
C PRO C 357 9.50 -20.08 17.07
N PRO C 358 10.79 -19.95 16.71
CA PRO C 358 11.46 -20.88 15.79
C PRO C 358 11.87 -22.20 16.46
N ARG C 359 10.88 -23.00 16.82
CA ARG C 359 11.10 -24.31 17.44
C ARG C 359 11.98 -24.26 18.68
N GLY C 360 13.28 -24.56 18.51
CA GLY C 360 14.22 -24.60 19.62
C GLY C 360 14.74 -23.23 20.04
N LEU C 361 13.93 -22.21 19.81
CA LEU C 361 14.31 -20.85 20.17
C LEU C 361 13.14 -20.22 20.93
N LYS C 362 13.44 -19.53 22.01
CA LYS C 362 12.39 -18.90 22.82
C LYS C 362 11.97 -17.54 22.26
N MET C 363 12.93 -16.63 22.16
CA MET C 363 12.66 -15.29 21.66
C MET C 363 13.46 -15.03 20.39
N SER C 364 12.78 -14.56 19.34
CA SER C 364 13.45 -14.30 18.08
C SER C 364 12.75 -13.18 17.32
N ALA C 365 13.50 -12.56 16.42
CA ALA C 365 12.99 -11.47 15.60
C ALA C 365 13.81 -11.36 14.33
N THR C 366 13.14 -11.07 13.23
CA THR C 366 13.79 -10.91 11.95
C THR C 366 13.91 -9.42 11.62
N PHE C 367 15.13 -8.99 11.32
CA PHE C 367 15.37 -7.59 11.02
C PHE C 367 15.34 -7.31 9.52
N ILE C 368 14.51 -6.37 9.13
CA ILE C 368 14.40 -5.95 7.75
C ILE C 368 14.49 -4.43 7.73
N GLY C 369 15.61 -3.91 7.27
CA GLY C 369 15.77 -2.47 7.26
C GLY C 369 16.15 -1.89 5.92
N ASN C 370 15.30 -1.02 5.40
CA ASN C 370 15.57 -0.35 4.14
C ASN C 370 16.18 1.01 4.46
N SER C 371 17.49 1.10 4.36
CA SER C 371 18.19 2.33 4.66
C SER C 371 18.98 2.82 3.45
N THR C 372 19.28 4.12 3.44
CA THR C 372 20.01 4.72 2.33
C THR C 372 21.48 4.30 2.37
N ALA C 373 21.85 3.56 3.41
CA ALA C 373 23.21 3.07 3.58
C ALA C 373 23.60 2.13 2.44
N ILE C 374 22.59 1.52 1.82
CA ILE C 374 22.81 0.60 0.71
C ILE C 374 23.39 1.34 -0.50
N GLN C 375 23.32 2.67 -0.46
CA GLN C 375 23.85 3.52 -1.54
C GLN C 375 25.35 3.29 -1.71
N GLU C 376 26.03 3.04 -0.60
CA GLU C 376 27.48 2.81 -0.61
C GLU C 376 27.81 1.58 -1.44
N LEU C 377 26.96 0.55 -1.34
CA LEU C 377 27.15 -0.69 -2.07
C LEU C 377 27.04 -0.45 -3.57
N PHE C 378 26.00 0.27 -3.98
CA PHE C 378 25.78 0.57 -5.39
C PHE C 378 26.99 1.28 -5.97
N LYS C 379 27.42 2.34 -5.30
CA LYS C 379 28.57 3.11 -5.74
C LYS C 379 29.82 2.24 -5.82
N ARG C 380 29.92 1.28 -4.91
CA ARG C 380 31.05 0.36 -4.87
C ARG C 380 31.06 -0.56 -6.09
N ILE C 381 29.90 -1.14 -6.38
CA ILE C 381 29.77 -2.05 -7.51
C ILE C 381 29.95 -1.30 -8.83
N SER C 382 29.28 -0.15 -8.94
CA SER C 382 29.38 0.67 -10.14
C SER C 382 30.81 1.09 -10.41
N GLU C 383 31.54 1.45 -9.35
CA GLU C 383 32.94 1.87 -9.47
C GLU C 383 33.77 0.78 -10.14
N GLN C 384 33.62 -0.45 -9.66
CA GLN C 384 34.34 -1.59 -10.19
C GLN C 384 33.92 -1.88 -11.62
N PHE C 385 32.64 -1.65 -11.91
CA PHE C 385 32.11 -1.87 -13.24
C PHE C 385 32.76 -0.97 -14.28
N THR C 386 32.65 0.35 -14.07
CA THR C 386 33.22 1.31 -15.02
C THR C 386 34.73 1.15 -15.16
N ALA C 387 35.39 0.72 -14.09
CA ALA C 387 36.84 0.51 -14.10
C ALA C 387 37.24 -0.47 -15.20
N MET C 388 36.46 -1.53 -15.36
CA MET C 388 36.75 -2.51 -16.38
C MET C 388 35.98 -2.24 -17.67
N PHE C 389 34.83 -1.57 -17.53
CA PHE C 389 34.00 -1.23 -18.69
C PHE C 389 34.71 -0.22 -19.58
N ARG C 390 35.52 0.64 -18.96
CA ARG C 390 36.29 1.65 -19.69
C ARG C 390 37.27 0.98 -20.63
N ARG C 391 37.80 -0.18 -20.22
CA ARG C 391 38.75 -0.91 -21.03
C ARG C 391 38.06 -1.96 -21.88
N LYS C 392 36.86 -2.35 -21.46
CA LYS C 392 36.07 -3.36 -22.18
C LYS C 392 36.85 -4.67 -22.28
N ALA C 393 37.61 -4.95 -21.23
CA ALA C 393 38.44 -6.15 -21.17
C ALA C 393 37.64 -7.43 -21.42
N PHE C 394 36.58 -7.62 -20.66
CA PHE C 394 35.76 -8.82 -20.79
C PHE C 394 34.48 -8.55 -21.57
N LEU C 395 34.49 -7.54 -22.43
CA LEU C 395 33.31 -7.19 -23.22
C LEU C 395 33.04 -8.26 -24.28
N HIS C 396 34.10 -8.73 -24.93
CA HIS C 396 34.00 -9.74 -25.98
C HIS C 396 33.28 -11.02 -25.53
N TRP C 397 33.35 -11.32 -24.24
CA TRP C 397 32.69 -12.51 -23.70
C TRP C 397 31.18 -12.36 -23.77
N TYR C 398 30.72 -11.12 -23.82
CA TYR C 398 29.29 -10.82 -23.88
C TYR C 398 28.87 -10.52 -25.32
N THR C 399 29.73 -9.81 -26.04
CA THR C 399 29.45 -9.46 -27.43
C THR C 399 29.27 -10.70 -28.29
N GLY C 400 30.07 -11.73 -28.03
CA GLY C 400 29.97 -12.97 -28.78
C GLY C 400 28.67 -13.72 -28.52
N GLU C 401 28.01 -13.37 -27.44
CA GLU C 401 26.74 -14.01 -27.08
C GLU C 401 25.57 -13.27 -27.71
N GLY C 402 25.67 -11.94 -27.73
CA GLY C 402 24.62 -11.12 -28.29
C GLY C 402 24.26 -9.99 -27.35
N MET C 403 25.29 -9.32 -26.84
CA MET C 403 25.09 -8.22 -25.92
C MET C 403 25.43 -6.89 -26.57
N ASP C 404 24.45 -5.96 -26.55
CA ASP C 404 24.52 -4.63 -27.11
C ASP C 404 25.53 -3.85 -26.33
N GLU C 405 26.32 -2.99 -27.03
CA GLU C 405 27.23 -2.09 -26.33
C GLU C 405 26.45 -1.10 -25.47
N MET C 406 25.38 -0.58 -26.05
CA MET C 406 24.53 0.40 -25.37
C MET C 406 23.81 -0.23 -24.18
N GLU C 407 23.55 -1.55 -24.21
CA GLU C 407 22.88 -2.24 -23.14
C GLU C 407 23.67 -2.11 -21.87
N PHE C 408 24.99 -2.32 -21.93
CA PHE C 408 25.85 -2.25 -20.76
C PHE C 408 25.77 -0.86 -20.11
N THR C 409 25.92 0.17 -20.93
CA THR C 409 25.87 1.54 -20.46
C THR C 409 24.50 1.89 -19.89
N GLU C 410 23.42 1.31 -20.49
CA GLU C 410 22.07 1.57 -20.03
C GLU C 410 21.85 0.97 -18.67
N ALA C 411 22.34 -0.26 -18.43
CA ALA C 411 22.19 -0.93 -17.14
C ALA C 411 22.82 -0.08 -16.03
N GLU C 412 23.98 0.50 -16.33
CA GLU C 412 24.66 1.34 -15.36
C GLU C 412 23.90 2.65 -15.15
N SER C 413 23.33 3.26 -16.20
CA SER C 413 22.64 4.54 -16.13
C SER C 413 21.36 4.46 -15.32
N ASN C 414 20.68 3.32 -15.37
CA ASN C 414 19.51 3.13 -14.53
C ASN C 414 19.92 2.85 -13.09
N MET C 415 21.05 2.18 -12.94
CA MET C 415 21.58 1.85 -11.61
C MET C 415 22.01 3.13 -10.90
N ASN C 416 22.71 3.98 -11.64
CA ASN C 416 23.19 5.26 -11.12
C ASN C 416 22.02 6.17 -10.79
N ASP C 417 20.92 6.03 -11.56
CA ASP C 417 19.69 6.77 -11.41
C ASP C 417 19.17 6.53 -10.02
N LEU C 418 19.14 5.25 -9.61
CA LEU C 418 18.66 4.81 -8.31
C LEU C 418 19.52 5.41 -7.20
N VAL C 419 20.83 5.44 -7.45
CA VAL C 419 21.78 6.01 -6.50
C VAL C 419 21.51 7.48 -6.27
N SER C 420 21.21 8.19 -7.36
CA SER C 420 20.93 9.61 -7.29
C SER C 420 19.64 9.89 -6.52
N GLU C 421 18.59 9.13 -6.82
CA GLU C 421 17.30 9.31 -6.16
C GLU C 421 17.36 8.91 -4.68
N TYR C 422 18.17 7.90 -4.37
CA TYR C 422 18.33 7.44 -3.00
C TYR C 422 18.86 8.57 -2.13
N GLN C 423 19.74 9.37 -2.70
CA GLN C 423 20.34 10.49 -1.99
C GLN C 423 19.34 11.62 -1.77
N GLN C 424 18.37 11.75 -2.67
CA GLN C 424 17.35 12.78 -2.54
C GLN C 424 16.54 12.56 -1.28
N TYR C 425 16.26 11.30 -0.99
CA TYR C 425 15.49 10.92 0.19
C TYR C 425 16.39 10.78 1.41
N GLN C 426 17.69 10.75 1.16
CA GLN C 426 18.69 10.62 2.23
C GLN C 426 18.90 11.96 2.91
N ASP C 427 18.61 13.05 2.22
CA ASP C 427 18.79 14.38 2.78
C ASP C 427 17.46 14.98 3.20
MG MG D . -11.02 8.79 -26.92
PG ANP E . -12.83 8.67 -23.93
O1G ANP E . -13.75 7.51 -23.65
O2G ANP E . -11.84 8.23 -24.91
O3G ANP E . -12.07 8.96 -22.67
PB ANP E . -13.00 11.14 -25.44
O1B ANP E . -13.47 12.42 -24.93
O2B ANP E . -12.42 10.85 -26.68
N3B ANP E . -13.65 9.84 -24.73
PA ANP E . -14.49 11.23 -27.96
O1A ANP E . -15.23 10.07 -28.49
O2A ANP E . -14.23 12.46 -28.71
O3A ANP E . -14.37 11.34 -26.33
O5' ANP E . -15.97 11.80 -28.07
C5' ANP E . -16.89 12.29 -27.09
C4' ANP E . -18.27 12.09 -27.84
O4' ANP E . -18.86 13.40 -28.19
C3' ANP E . -18.28 11.43 -29.25
O3' ANP E . -19.57 10.84 -29.51
C2' ANP E . -17.91 12.61 -30.17
O2' ANP E . -18.31 12.34 -31.53
C1' ANP E . -18.68 13.74 -29.54
N9 ANP E . -17.98 15.07 -29.65
C8 ANP E . -16.90 15.52 -28.96
N7 ANP E . -16.56 16.74 -29.29
C5 ANP E . -17.41 17.14 -30.25
C6 ANP E . -17.51 18.37 -30.96
N6 ANP E . -16.78 19.38 -30.85
N1 ANP E . -18.57 18.36 -31.86
C2 ANP E . -19.44 17.29 -32.04
N3 ANP E . -19.34 16.17 -31.37
C4 ANP E . -18.32 16.12 -30.47
PG GTP F . -5.24 -4.89 7.96
O1G GTP F . -5.83 -5.06 6.55
O2G GTP F . -4.58 -6.16 8.46
O3G GTP F . -4.26 -3.74 7.80
O3B GTP F . -6.38 -4.58 9.12
PB GTP F . -6.09 -4.35 10.73
O1B GTP F . -6.73 -3.02 11.07
O2B GTP F . -6.49 -5.53 11.48
O3A GTP F . -4.60 -4.06 10.82
PA GTP F . -3.56 -4.01 11.94
O1A GTP F . -3.60 -5.21 12.78
O2A GTP F . -2.24 -3.70 11.31
O5' GTP F . -4.00 -2.67 12.79
C5' GTP F . -3.15 -2.42 13.90
C4' GTP F . -3.47 -1.22 14.73
O4' GTP F . -4.43 -1.56 15.77
C3' GTP F . -2.22 -0.79 15.45
O3' GTP F . -2.29 0.59 15.74
C2' GTP F . -2.24 -1.68 16.69
O2' GTP F . -1.52 -1.03 17.75
C1' GTP F . -3.74 -1.82 17.00
N9 GTP F . -4.16 -3.15 17.48
C8 GTP F . -4.00 -4.36 16.84
N7 GTP F . -4.47 -5.37 17.52
C5 GTP F . -4.96 -4.81 18.67
C6 GTP F . -5.58 -5.41 19.77
O6 GTP F . -5.81 -6.61 19.92
N1 GTP F . -5.95 -4.48 20.77
C2 GTP F . -5.73 -3.12 20.70
N2 GTP F . -6.14 -2.42 21.72
N3 GTP F . -5.14 -2.54 19.66
C4 GTP F . -4.79 -3.43 18.68
MG MG G . -5.32 -8.00 9.88
PB GDP H . 26.16 -19.26 -11.36
O1B GDP H . 24.79 -18.76 -11.54
O2B GDP H . 26.29 -20.48 -10.68
O3B GDP H . 26.90 -19.23 -12.82
O3A GDP H . 26.89 -18.21 -10.44
PA GDP H . 27.66 -18.42 -8.97
O1A GDP H . 26.64 -18.80 -7.94
O2A GDP H . 28.76 -19.44 -9.21
O5' GDP H . 28.14 -16.97 -8.68
C5' GDP H . 29.27 -16.72 -7.80
C4' GDP H . 28.98 -15.86 -6.65
O4' GDP H . 28.01 -16.56 -5.78
C3' GDP H . 30.18 -15.65 -5.65
O3' GDP H . 30.07 -14.25 -5.20
C2' GDP H . 29.99 -16.56 -4.43
O2' GDP H . 30.45 -16.12 -3.14
C1' GDP H . 28.48 -16.78 -4.39
N9 GDP H . 28.06 -18.12 -3.98
C8 GDP H . 28.28 -19.27 -4.91
N7 GDP H . 27.71 -20.21 -4.03
C5 GDP H . 27.24 -19.82 -2.86
C6 GDP H . 26.61 -20.24 -1.65
O6 GDP H . 26.32 -21.54 -1.55
N1 GDP H . 26.28 -19.41 -0.63
C2 GDP H . 26.60 -17.96 -0.77
N2 GDP H . 26.21 -17.36 0.33
N3 GDP H . 27.17 -17.53 -1.81
C4 GDP H . 27.46 -18.38 -2.82
O01 TA1 I . 22.52 -24.54 15.42
C01 TA1 I . 21.62 -23.79 16.25
C02 TA1 I . 22.38 -22.39 16.59
O02 TA1 I . 22.59 -21.82 15.25
C03 TA1 I . 23.91 -21.80 14.73
O03 TA1 I . 24.88 -22.19 15.34
C04 TA1 I . 23.98 -21.24 13.41
C05 TA1 I . 24.78 -22.07 12.51
C06 TA1 I . 24.90 -21.54 11.11
C07 TA1 I . 24.28 -20.33 10.72
C08 TA1 I . 23.61 -19.69 11.58
C09 TA1 I . 23.40 -20.05 12.93
C10 TA1 I . 21.60 -21.27 17.48
C11 TA1 I . 21.73 -19.77 16.92
O04 TA1 I . 21.10 -19.62 15.57
C12 TA1 I . 19.74 -19.72 15.39
O05 TA1 I . 18.93 -19.93 16.25
C13 TA1 I . 19.42 -19.50 13.92
C14 TA1 I . 23.12 -19.14 16.69
O06 TA1 I . 22.86 -18.03 17.57
C15 TA1 I . 21.53 -18.54 17.84
C16 TA1 I . 21.29 -18.77 19.37
C17 TA1 I . 20.94 -20.22 19.72
O07 TA1 I . 20.79 -20.33 21.16
C18 TA1 I . 21.97 -21.29 19.13
C19 TA1 I . 23.42 -20.83 19.45
C20 TA1 I . 21.84 -22.69 19.94
O08 TA1 I . 22.79 -23.07 20.60
C21 TA1 I . 20.57 -23.55 19.87
O09 TA1 I . 20.82 -24.76 20.71
C22 TA1 I . 20.10 -24.95 21.88
O10 TA1 I . 19.28 -24.21 22.31
C23 TA1 I . 20.52 -26.23 22.54
C24 TA1 I . 20.25 -23.92 18.42
C25 TA1 I . 19.07 -23.46 17.85
C26 TA1 I . 18.90 -23.74 16.32
O11 TA1 I . 17.84 -22.93 15.68
C27 TA1 I . 16.64 -23.46 15.59
O12 TA1 I . 16.28 -24.52 15.98
C28 TA1 I . 15.68 -22.47 14.85
O13 TA1 I . 14.42 -23.10 14.74
C29 TA1 I . 16.31 -22.13 13.48
N01 TA1 I . 16.60 -23.39 12.81
C30 TA1 I . 17.59 -23.52 11.90
O14 TA1 I . 18.29 -22.60 11.51
C31 TA1 I . 17.76 -24.92 11.38
C32 TA1 I . 16.76 -25.63 10.72
C33 TA1 I . 17.00 -26.96 10.28
C34 TA1 I . 18.25 -27.58 10.52
C35 TA1 I . 19.25 -26.87 11.16
C36 TA1 I . 19.04 -25.57 11.61
C37 TA1 I . 15.39 -21.19 12.66
C38 TA1 I . 15.59 -19.81 12.78
C39 TA1 I . 14.78 -18.89 12.07
C40 TA1 I . 13.76 -19.37 11.22
C41 TA1 I . 13.56 -20.74 11.10
C42 TA1 I . 14.38 -21.66 11.81
C43 TA1 I . 20.23 -23.45 15.52
C44 TA1 I . 18.00 -22.62 18.53
C45 TA1 I . 21.31 -24.76 17.55
C46 TA1 I . 20.64 -26.15 17.14
C47 TA1 I . 22.63 -25.21 18.22
N SER A 41 14.63 27.37 -20.47
CA SER A 41 13.68 26.31 -20.67
C SER A 41 12.61 26.81 -21.55
N GLU A 42 11.86 25.84 -22.12
CA GLU A 42 10.68 26.15 -22.84
C GLU A 42 9.59 25.72 -21.90
N LYS A 43 8.36 26.19 -22.12
CA LYS A 43 7.27 25.75 -21.31
C LYS A 43 6.41 24.91 -22.19
N VAL A 44 5.84 23.80 -21.63
CA VAL A 44 4.89 22.95 -22.31
C VAL A 44 3.73 23.86 -22.58
N LYS A 45 3.30 24.04 -23.87
CA LYS A 45 2.25 25.00 -24.10
C LYS A 45 0.97 24.39 -23.56
N VAL A 46 0.13 25.18 -22.96
CA VAL A 46 -1.09 24.64 -22.40
C VAL A 46 -2.32 25.13 -23.15
N TYR A 47 -3.15 24.19 -23.56
CA TYR A 47 -4.36 24.50 -24.30
C TYR A 47 -5.56 23.83 -23.67
N LEU A 48 -6.66 24.56 -23.59
CA LEU A 48 -7.90 24.02 -23.03
C LEU A 48 -9.01 24.14 -24.06
N ARG A 49 -9.88 23.13 -24.10
CA ARG A 49 -11.00 23.12 -25.01
C ARG A 49 -12.19 22.42 -24.36
N ILE A 50 -13.38 23.00 -24.50
CA ILE A 50 -14.58 22.41 -23.93
C ILE A 50 -15.47 21.85 -25.03
N ARG A 51 -16.22 20.83 -24.69
CA ARG A 51 -17.11 20.18 -25.64
C ARG A 51 -18.35 21.06 -25.88
N PRO A 52 -18.80 21.17 -27.13
CA PRO A 52 -19.98 21.97 -27.48
C PRO A 52 -21.28 21.33 -27.02
N PHE A 53 -22.33 22.13 -26.97
CA PHE A 53 -23.64 21.66 -26.55
C PHE A 53 -24.52 21.39 -27.76
N LEU A 54 -24.85 20.13 -27.98
CA LEU A 54 -25.69 19.74 -29.09
C LEU A 54 -27.15 19.63 -28.63
N THR A 55 -28.04 19.41 -29.59
CA THR A 55 -29.47 19.28 -29.31
C THR A 55 -29.74 18.11 -28.35
N SER A 56 -28.87 17.11 -28.39
CA SER A 56 -29.01 15.92 -27.55
C SER A 56 -28.86 16.28 -26.07
N GLU A 57 -27.76 16.95 -25.75
CA GLU A 57 -27.48 17.35 -24.37
C GLU A 57 -28.52 18.37 -23.89
N LEU A 58 -28.89 19.28 -24.78
CA LEU A 58 -29.87 20.31 -24.47
C LEU A 58 -31.21 19.67 -24.13
N ASP A 59 -31.53 18.58 -24.81
CA ASP A 59 -32.78 17.87 -24.58
C ASP A 59 -32.75 17.13 -23.25
N ARG A 60 -31.59 16.54 -22.95
CA ARG A 60 -31.44 15.78 -21.71
C ARG A 60 -31.48 16.69 -20.48
N GLN A 61 -30.79 17.82 -20.56
CA GLN A 61 -30.75 18.78 -19.45
C GLN A 61 -30.17 20.11 -19.91
N GLU A 62 -29.94 21.01 -18.97
CA GLU A 62 -29.38 22.32 -19.27
C GLU A 62 -27.95 22.20 -19.78
N ASP A 63 -27.15 21.36 -19.10
CA ASP A 63 -25.73 21.16 -19.45
C ASP A 63 -25.03 22.50 -19.56
N GLN A 64 -25.33 23.37 -18.60
CA GLN A 64 -24.78 24.71 -18.54
C GLN A 64 -23.27 24.66 -18.49
N GLY A 65 -22.61 25.51 -19.27
CA GLY A 65 -21.18 25.51 -19.26
C GLY A 65 -20.68 26.16 -18.00
N CYS A 66 -19.99 25.38 -17.20
CA CYS A 66 -19.44 25.87 -15.95
C CYS A 66 -18.16 26.65 -16.27
N VAL A 67 -17.49 26.21 -17.31
CA VAL A 67 -16.27 26.85 -17.73
C VAL A 67 -16.61 27.95 -18.73
N CYS A 68 -16.16 29.15 -18.43
CA CYS A 68 -16.38 30.29 -19.30
C CYS A 68 -15.08 30.60 -19.99
N ILE A 69 -15.16 31.15 -21.17
CA ILE A 69 -13.96 31.42 -21.93
C ILE A 69 -13.58 32.87 -21.71
N GLU A 70 -12.52 33.08 -20.94
CA GLU A 70 -12.08 34.41 -20.65
C GLU A 70 -10.80 34.64 -21.40
N ASN A 71 -10.82 35.50 -22.42
CA ASN A 71 -9.61 35.76 -23.22
C ASN A 71 -9.18 34.48 -23.97
N THR A 72 -8.30 34.63 -24.95
CA THR A 72 -7.85 33.48 -25.71
C THR A 72 -6.86 32.60 -24.93
N GLU A 73 -6.21 33.19 -23.92
CA GLU A 73 -5.20 32.48 -23.10
C GLU A 73 -5.67 31.94 -21.74
N THR A 74 -6.68 32.57 -21.16
CA THR A 74 -7.14 32.18 -19.83
C THR A 74 -8.61 31.74 -19.79
N LEU A 75 -9.06 31.27 -18.64
CA LEU A 75 -10.43 30.82 -18.47
C LEU A 75 -10.96 31.18 -17.08
N VAL A 76 -12.23 31.52 -16.99
CA VAL A 76 -12.84 31.81 -15.69
C VAL A 76 -13.75 30.63 -15.36
N LEU A 77 -13.54 30.01 -14.20
CA LEU A 77 -14.32 28.84 -13.84
C LEU A 77 -15.38 29.11 -12.78
N GLN A 78 -16.62 28.88 -13.17
CA GLN A 78 -17.74 28.99 -12.26
C GLN A 78 -18.54 27.69 -12.39
N ALA A 79 -18.20 26.73 -11.56
CA ALA A 79 -18.83 25.42 -11.62
C ALA A 79 -19.89 25.22 -10.56
N PRO A 80 -21.14 25.02 -10.98
CA PRO A 80 -22.23 24.75 -10.04
C PRO A 80 -22.13 23.33 -9.49
N GLN A 95 -21.27 27.26 -5.96
CA GLN A 95 -20.43 27.45 -7.12
C GLN A 95 -18.98 27.50 -6.70
N ALA A 96 -18.10 27.18 -7.63
CA ALA A 96 -16.68 27.17 -7.34
C ALA A 96 -16.00 28.15 -8.28
N THR A 97 -15.05 28.91 -7.76
CA THR A 97 -14.33 29.88 -8.57
C THR A 97 -12.88 29.44 -8.77
N HIS A 98 -12.42 29.49 -10.00
CA HIS A 98 -11.05 29.11 -10.34
C HIS A 98 -10.64 29.81 -11.65
N LYS A 99 -9.35 30.00 -11.85
CA LYS A 99 -8.86 30.64 -13.07
C LYS A 99 -7.83 29.74 -13.75
N PHE A 100 -8.02 29.51 -15.05
CA PHE A 100 -7.13 28.65 -15.79
C PHE A 100 -6.20 29.52 -16.62
N THR A 101 -4.90 29.39 -16.41
CA THR A 101 -3.93 30.17 -17.16
C THR A 101 -3.09 29.22 -18.01
N PHE A 102 -3.64 28.88 -19.16
CA PHE A 102 -3.01 27.91 -20.05
C PHE A 102 -2.07 28.50 -21.06
N SER A 103 -2.62 29.17 -22.06
CA SER A 103 -1.84 29.79 -23.17
C SER A 103 -2.78 30.06 -24.30
N GLN A 104 -3.53 29.03 -24.63
CA GLN A 104 -4.52 29.09 -25.66
C GLN A 104 -5.74 28.30 -25.24
N ILE A 105 -6.91 28.88 -25.45
CA ILE A 105 -8.19 28.21 -25.19
C ILE A 105 -9.23 28.56 -26.26
N PHE A 106 -9.94 27.56 -26.76
CA PHE A 106 -10.97 27.80 -27.75
C PHE A 106 -12.33 27.30 -27.24
N GLY A 107 -13.38 28.04 -27.56
CA GLY A 107 -14.70 27.68 -27.10
C GLY A 107 -15.33 26.52 -27.85
N PRO A 108 -16.63 26.26 -27.62
CA PRO A 108 -17.37 25.19 -28.28
C PRO A 108 -17.80 25.60 -29.69
N GLU A 109 -17.66 26.89 -29.99
CA GLU A 109 -18.05 27.43 -31.28
C GLU A 109 -17.07 27.01 -32.38
N VAL A 110 -15.79 27.12 -32.08
CA VAL A 110 -14.75 26.77 -33.05
C VAL A 110 -14.91 25.33 -33.57
N GLY A 111 -14.59 25.13 -34.83
CA GLY A 111 -14.69 23.81 -35.42
C GLY A 111 -13.50 22.95 -35.05
N GLN A 112 -13.43 21.75 -35.60
CA GLN A 112 -12.34 20.84 -35.31
C GLN A 112 -11.05 21.33 -35.94
N VAL A 113 -11.17 21.90 -37.13
CA VAL A 113 -10.04 22.44 -37.85
C VAL A 113 -9.43 23.61 -37.09
N ALA A 114 -10.28 24.36 -36.39
CA ALA A 114 -9.83 25.52 -35.62
C ALA A 114 -8.82 25.12 -34.56
N PHE A 115 -9.06 23.99 -33.89
CA PHE A 115 -8.15 23.48 -32.87
C PHE A 115 -6.77 23.27 -33.51
N PHE A 116 -6.77 22.62 -34.67
CA PHE A 116 -5.52 22.35 -35.38
C PHE A 116 -4.91 23.63 -35.95
N ASN A 117 -5.78 24.53 -36.41
CA ASN A 117 -5.35 25.76 -37.05
C ASN A 117 -4.41 26.56 -36.17
N LEU A 118 -4.75 26.73 -34.91
CA LEU A 118 -3.88 27.44 -33.99
C LEU A 118 -2.84 26.61 -33.27
N THR A 119 -3.31 25.56 -32.58
CA THR A 119 -2.43 24.69 -31.78
C THR A 119 -1.51 23.81 -32.63
N MET A 120 -2.06 23.11 -33.61
CA MET A 120 -1.26 22.21 -34.43
C MET A 120 -0.36 22.93 -35.44
N LYS A 121 -0.77 24.12 -35.87
CA LYS A 121 0.01 24.88 -36.85
C LYS A 121 1.41 25.22 -36.36
N GLU A 122 1.52 25.60 -35.09
CA GLU A 122 2.83 25.95 -34.53
C GLU A 122 3.76 24.75 -34.52
N MET A 123 3.17 23.55 -34.42
CA MET A 123 3.94 22.32 -34.44
C MET A 123 4.47 22.07 -35.84
N VAL A 124 3.60 22.26 -36.84
CA VAL A 124 3.97 22.06 -38.24
C VAL A 124 5.21 22.86 -38.62
N LYS A 125 5.34 24.04 -38.01
CA LYS A 125 6.47 24.91 -38.27
C LYS A 125 7.74 24.37 -37.60
N ASP A 126 7.57 23.76 -36.43
CA ASP A 126 8.70 23.20 -35.67
C ASP A 126 9.28 21.99 -36.36
N VAL A 127 8.43 21.23 -37.04
CA VAL A 127 8.88 20.04 -37.77
C VAL A 127 9.91 20.47 -38.81
N LEU A 128 9.68 21.64 -39.39
CA LEU A 128 10.59 22.20 -40.38
C LEU A 128 11.86 22.68 -39.70
N LYS A 129 11.72 23.12 -38.45
CA LYS A 129 12.84 23.58 -37.65
C LYS A 129 13.79 22.40 -37.39
N GLY A 130 13.21 21.21 -37.34
CA GLY A 130 13.99 20.01 -37.12
C GLY A 130 13.83 19.46 -35.73
N GLN A 131 13.13 20.19 -34.88
CA GLN A 131 12.91 19.73 -33.52
C GLN A 131 11.71 18.79 -33.44
N ASN A 132 11.80 17.85 -32.51
CA ASN A 132 10.73 16.89 -32.29
C ASN A 132 9.60 17.55 -31.52
N TRP A 133 8.38 17.09 -31.72
CA TRP A 133 7.25 17.64 -31.00
C TRP A 133 6.28 16.54 -30.61
N LEU A 134 5.68 16.68 -29.44
CA LEU A 134 4.72 15.71 -28.95
C LEU A 134 3.45 16.42 -28.52
N ILE A 135 2.32 15.96 -29.03
CA ILE A 135 1.05 16.53 -28.66
C ILE A 135 0.22 15.47 -27.98
N TYR A 136 -0.14 15.70 -26.73
CA TYR A 136 -0.93 14.73 -26.00
C TYR A 136 -2.25 15.32 -25.58
N THR A 137 -3.32 14.59 -25.86
CA THR A 137 -4.65 15.03 -25.52
C THR A 137 -5.03 14.44 -24.18
N TYR A 138 -5.29 15.32 -23.23
CA TYR A 138 -5.64 14.93 -21.90
C TYR A 138 -6.95 15.60 -21.50
N GLY A 139 -7.66 15.01 -20.56
CA GLY A 139 -8.91 15.58 -20.13
C GLY A 139 -9.83 14.54 -19.57
N VAL A 140 -10.99 14.98 -19.09
CA VAL A 140 -11.98 14.08 -18.51
C VAL A 140 -12.53 13.10 -19.54
N THR A 141 -13.24 12.09 -19.05
CA THR A 141 -13.84 11.09 -19.90
C THR A 141 -14.91 11.67 -20.80
N ASN A 142 -14.98 11.16 -22.04
CA ASN A 142 -15.95 11.59 -23.04
C ASN A 142 -16.05 13.11 -23.22
N SER A 143 -14.93 13.79 -23.08
CA SER A 143 -14.90 15.23 -23.24
C SER A 143 -14.80 15.60 -24.71
N GLY A 144 -14.47 14.61 -25.52
CA GLY A 144 -14.34 14.83 -26.95
C GLY A 144 -12.90 14.89 -27.38
N LYS A 145 -12.01 14.28 -26.61
CA LYS A 145 -10.59 14.28 -26.92
C LYS A 145 -10.30 13.56 -28.23
N THR A 146 -10.92 12.41 -28.42
CA THR A 146 -10.74 11.65 -29.65
C THR A 146 -11.32 12.43 -30.83
N TYR A 147 -12.32 13.26 -30.54
CA TYR A 147 -12.96 14.08 -31.55
C TYR A 147 -12.04 15.24 -31.92
N THR A 148 -11.34 15.78 -30.93
CA THR A 148 -10.43 16.87 -31.16
C THR A 148 -9.15 16.41 -31.85
N ILE A 149 -8.70 15.22 -31.50
CA ILE A 149 -7.49 14.67 -32.09
C ILE A 149 -7.72 14.08 -33.48
N GLN A 150 -8.77 13.27 -33.64
CA GLN A 150 -9.05 12.65 -34.93
C GLN A 150 -10.06 13.43 -35.76
N GLY A 151 -11.17 13.81 -35.13
CA GLY A 151 -12.20 14.55 -35.83
C GLY A 151 -12.95 13.70 -36.84
N THR A 152 -13.35 14.32 -37.93
CA THR A 152 -14.10 13.66 -38.98
C THR A 152 -13.53 14.05 -40.36
N SER A 153 -14.10 13.51 -41.43
CA SER A 153 -13.63 13.83 -42.78
C SER A 153 -13.82 15.30 -43.11
N LYS A 154 -15.00 15.84 -42.80
CA LYS A 154 -15.31 17.26 -43.06
C LYS A 154 -14.35 18.14 -42.27
N ASP A 155 -14.30 17.92 -40.97
CA ASP A 155 -13.44 18.68 -40.08
C ASP A 155 -12.48 17.73 -39.40
N ALA A 156 -11.27 17.65 -39.92
CA ALA A 156 -10.27 16.77 -39.37
C ALA A 156 -9.69 17.32 -38.07
N GLY A 157 -9.31 16.42 -37.18
CA GLY A 157 -8.75 16.81 -35.90
C GLY A 157 -7.30 17.25 -36.05
N ILE A 158 -6.67 17.52 -34.92
CA ILE A 158 -5.28 17.98 -34.92
C ILE A 158 -4.33 16.99 -35.61
N LEU A 159 -4.56 15.70 -35.43
CA LEU A 159 -3.71 14.68 -36.03
C LEU A 159 -3.85 14.60 -37.56
N PRO A 160 -5.04 14.30 -38.10
CA PRO A 160 -5.24 14.21 -39.55
C PRO A 160 -4.90 15.52 -40.26
N GLN A 161 -5.24 16.64 -39.63
CA GLN A 161 -4.96 17.94 -40.20
C GLN A 161 -3.47 18.25 -40.15
N SER A 162 -2.79 17.70 -39.15
CA SER A 162 -1.35 17.89 -39.00
C SER A 162 -0.69 17.30 -40.23
N LEU A 163 -1.12 16.10 -40.59
CA LEU A 163 -0.60 15.39 -41.74
C LEU A 163 -0.85 16.21 -43.00
N ALA A 164 -2.07 16.72 -43.14
CA ALA A 164 -2.45 17.52 -44.29
C ALA A 164 -1.49 18.69 -44.49
N LEU A 165 -1.21 19.41 -43.41
CA LEU A 165 -0.32 20.56 -43.47
C LEU A 165 1.16 20.17 -43.58
N ILE A 166 1.59 19.17 -42.81
CA ILE A 166 3.00 18.75 -42.84
C ILE A 166 3.37 18.17 -44.20
N PHE A 167 2.51 17.33 -44.75
CA PHE A 167 2.76 16.72 -46.06
C PHE A 167 2.68 17.78 -47.15
N ASN A 168 1.85 18.78 -46.92
CA ASN A 168 1.70 19.88 -47.87
C ASN A 168 2.99 20.72 -47.86
N SER A 169 3.56 20.85 -46.67
CA SER A 169 4.81 21.59 -46.50
C SER A 169 5.96 20.84 -47.14
N LEU A 170 5.90 19.51 -47.08
CA LEU A 170 6.93 18.67 -47.68
C LEU A 170 6.66 18.48 -49.16
N ILE A 276 15.25 19.52 -53.73
CA ILE A 276 15.14 19.29 -52.31
C ILE A 276 14.18 18.13 -52.07
N ARG A 277 14.72 17.02 -51.62
CA ARG A 277 13.90 15.86 -51.38
C ARG A 277 13.53 15.72 -49.92
N PHE A 278 12.28 15.35 -49.69
CA PHE A 278 11.78 15.15 -48.35
C PHE A 278 11.35 13.70 -48.19
N SER A 279 11.51 13.19 -46.99
CA SER A 279 11.14 11.83 -46.68
C SER A 279 10.37 11.82 -45.37
N VAL A 280 9.46 10.88 -45.22
CA VAL A 280 8.68 10.78 -44.02
C VAL A 280 8.42 9.33 -43.64
N TRP A 281 8.58 9.02 -42.38
CA TRP A 281 8.33 7.69 -41.87
C TRP A 281 7.06 7.73 -41.06
N ILE A 282 6.22 6.73 -41.22
CA ILE A 282 4.97 6.70 -40.49
C ILE A 282 4.87 5.49 -39.58
N SER A 283 4.41 5.73 -38.36
CA SER A 283 4.22 4.68 -37.38
C SER A 283 2.96 4.96 -36.56
N PHE A 284 2.11 3.95 -36.44
CA PHE A 284 0.87 4.08 -35.68
C PHE A 284 0.64 2.80 -34.88
N PHE A 285 0.48 2.96 -33.58
CA PHE A 285 0.30 1.81 -32.71
C PHE A 285 -0.63 2.13 -31.55
N GLU A 286 -1.11 1.08 -30.91
CA GLU A 286 -1.99 1.22 -29.76
C GLU A 286 -1.41 0.52 -28.54
N ILE A 287 -1.36 1.23 -27.43
CA ILE A 287 -0.83 0.68 -26.19
C ILE A 287 -1.98 0.24 -25.30
N TYR A 288 -2.25 -1.05 -25.31
CA TYR A 288 -3.34 -1.60 -24.51
C TYR A 288 -2.78 -2.44 -23.37
N ASN A 289 -3.14 -2.06 -22.14
CA ASN A 289 -2.67 -2.77 -20.95
C ASN A 289 -1.15 -2.71 -20.85
N GLU A 290 -0.61 -1.55 -21.21
CA GLU A 290 0.84 -1.30 -21.21
C GLU A 290 1.56 -2.17 -22.25
N LEU A 291 0.80 -2.70 -23.20
CA LEU A 291 1.34 -3.51 -24.27
C LEU A 291 1.31 -2.69 -25.55
N LEU A 292 2.39 -2.73 -26.32
CA LEU A 292 2.45 -1.97 -27.56
C LEU A 292 2.07 -2.84 -28.74
N TYR A 293 0.96 -2.50 -29.38
CA TYR A 293 0.48 -3.23 -30.53
C TYR A 293 0.53 -2.36 -31.77
N ASP A 294 1.16 -2.86 -32.84
CA ASP A 294 1.28 -2.11 -34.08
C ASP A 294 -0.03 -2.20 -34.87
N LEU A 295 -0.59 -1.04 -35.18
CA LEU A 295 -1.85 -0.95 -35.91
C LEU A 295 -1.63 -0.97 -37.42
N LEU A 296 -0.42 -0.62 -37.83
CA LEU A 296 -0.07 -0.55 -39.25
C LEU A 296 -0.09 -1.93 -39.90
N GLU A 297 0.28 -2.93 -39.05
CA GLU A 297 0.21 -4.37 -39.28
C GLU A 297 -1.25 -4.79 -39.17
N PRO A 298 -1.65 -5.67 -40.05
CA PRO A 298 -3.04 -6.04 -40.18
C PRO A 298 -3.82 -6.87 -39.21
N PRO A 299 -3.37 -7.60 -38.22
CA PRO A 299 -4.30 -8.30 -37.39
C PRO A 299 -4.93 -7.32 -36.47
N SER A 300 -6.19 -7.58 -36.07
CA SER A 300 -6.86 -6.71 -35.16
C SER A 300 -6.37 -7.06 -33.79
N HIS A 301 -6.81 -6.33 -32.77
CA HIS A 301 -6.20 -6.67 -31.53
C HIS A 301 -7.22 -7.06 -30.50
N LYS A 304 -0.68 -10.19 -27.07
CA LYS A 304 -0.66 -10.71 -28.45
C LYS A 304 0.72 -10.81 -29.02
N ARG A 305 1.46 -9.69 -29.10
CA ARG A 305 2.77 -9.72 -29.68
C ARG A 305 3.75 -9.31 -28.61
N GLN A 306 4.97 -9.91 -28.59
CA GLN A 306 6.01 -9.49 -27.69
C GLN A 306 7.28 -9.38 -28.50
N THR A 307 7.70 -8.16 -28.93
CA THR A 307 8.93 -8.08 -29.67
C THR A 307 9.65 -6.77 -29.44
N LEU A 308 9.22 -5.86 -28.55
CA LEU A 308 9.94 -4.60 -28.58
C LEU A 308 10.16 -3.97 -27.20
N ARG A 309 11.31 -3.28 -27.04
CA ARG A 309 11.75 -2.69 -25.81
C ARG A 309 12.26 -1.31 -26.09
N LEU A 310 12.49 -0.50 -25.04
CA LEU A 310 13.05 0.80 -25.24
C LEU A 310 14.48 0.76 -24.78
N CYS A 311 15.42 1.07 -25.69
CA CYS A 311 16.80 1.04 -25.28
C CYS A 311 17.27 2.46 -25.20
N GLU A 312 18.26 2.72 -24.32
CA GLU A 312 18.74 4.06 -24.15
C GLU A 312 20.12 4.15 -24.72
N ASP A 313 20.30 5.03 -25.72
CA ASP A 313 21.53 5.21 -26.47
C ASP A 313 22.51 6.05 -25.66
N GLN A 314 23.75 6.12 -26.11
CA GLN A 314 24.79 6.90 -25.44
C GLN A 314 24.38 8.36 -25.30
N ASN A 315 23.51 8.80 -26.20
CA ASN A 315 23.01 10.18 -26.19
C ASN A 315 22.08 10.40 -25.00
N GLY A 316 21.51 9.33 -24.47
CA GLY A 316 20.61 9.42 -23.34
C GLY A 316 19.16 9.42 -23.80
N ASN A 317 18.97 9.48 -25.10
CA ASN A 317 17.66 9.48 -25.71
C ASN A 317 17.11 8.06 -25.77
N PRO A 318 15.86 7.85 -25.34
CA PRO A 318 15.25 6.53 -25.38
C PRO A 318 14.77 6.21 -26.80
N TYR A 319 14.98 4.98 -27.22
CA TYR A 319 14.57 4.54 -28.55
C TYR A 319 13.80 3.25 -28.42
N VAL A 320 12.67 3.14 -29.10
CA VAL A 320 11.92 1.92 -29.06
C VAL A 320 12.51 1.02 -30.15
N LYS A 321 12.89 -0.18 -29.79
CA LYS A 321 13.51 -1.06 -30.75
C LYS A 321 12.49 -2.00 -31.36
N ASP A 322 12.76 -2.38 -32.61
CA ASP A 322 11.89 -3.29 -33.36
C ASP A 322 10.55 -2.67 -33.68
N LEU A 323 10.59 -1.40 -34.09
CA LEU A 323 9.40 -0.68 -34.46
C LEU A 323 9.16 -0.85 -35.95
N ASN A 324 7.95 -0.61 -36.40
CA ASN A 324 7.68 -0.73 -37.81
C ASN A 324 7.84 0.64 -38.42
N TRP A 325 8.41 0.70 -39.60
CA TRP A 325 8.59 1.96 -40.27
C TRP A 325 8.04 1.83 -41.66
N ILE A 326 7.41 2.88 -42.15
CA ILE A 326 6.84 2.88 -43.48
C ILE A 326 7.14 4.19 -44.17
N HIS A 327 7.28 4.14 -45.47
CA HIS A 327 7.54 5.34 -46.23
C HIS A 327 6.23 5.68 -46.91
N VAL A 328 5.89 6.97 -46.92
CA VAL A 328 4.64 7.41 -47.52
C VAL A 328 4.91 8.60 -48.42
N ARG A 329 4.29 8.61 -49.58
CA ARG A 329 4.48 9.69 -50.53
C ARG A 329 3.58 10.87 -50.22
N ASP A 330 2.30 10.58 -50.17
CA ASP A 330 1.28 11.58 -49.88
C ASP A 330 0.76 11.48 -48.45
N VAL A 331 -0.03 12.48 -48.06
CA VAL A 331 -0.62 12.52 -46.73
C VAL A 331 -1.75 11.49 -46.61
N GLU A 332 -2.47 11.28 -47.70
CA GLU A 332 -3.58 10.33 -47.72
C GLU A 332 -3.07 8.92 -47.42
N GLU A 333 -1.82 8.66 -47.78
CA GLU A 333 -1.20 7.38 -47.52
C GLU A 333 -1.10 7.16 -46.02
N ALA A 334 -0.68 8.20 -45.29
CA ALA A 334 -0.58 8.13 -43.84
C ALA A 334 -1.98 8.08 -43.23
N TRP A 335 -2.89 8.81 -43.85
CA TRP A 335 -4.27 8.85 -43.39
C TRP A 335 -4.91 7.46 -43.55
N LYS A 336 -4.57 6.80 -44.66
CA LYS A 336 -5.06 5.45 -44.94
C LYS A 336 -4.57 4.49 -43.86
N LEU A 337 -3.32 4.67 -43.45
CA LEU A 337 -2.73 3.83 -42.42
C LEU A 337 -3.48 4.02 -41.10
N LEU A 338 -3.95 5.24 -40.86
CA LEU A 338 -4.70 5.55 -39.66
C LEU A 338 -6.06 4.85 -39.70
N LYS A 339 -6.65 4.78 -40.89
CA LYS A 339 -7.92 4.12 -41.09
C LYS A 339 -7.79 2.65 -40.70
N VAL A 340 -6.66 2.07 -41.08
CA VAL A 340 -6.36 0.68 -40.77
C VAL A 340 -6.20 0.54 -39.26
N GLY A 341 -5.51 1.50 -38.67
CA GLY A 341 -5.30 1.51 -37.23
C GLY A 341 -6.61 1.60 -36.46
N ARG A 342 -7.53 2.41 -36.96
CA ARG A 342 -8.83 2.57 -36.32
C ARG A 342 -9.63 1.28 -36.44
N LYS A 343 -9.43 0.58 -37.55
CA LYS A 343 -10.11 -0.69 -37.81
C LYS A 343 -9.56 -1.80 -36.92
N ASN A 344 -8.24 -1.88 -36.82
CA ASN A 344 -7.58 -2.90 -36.01
C ASN A 344 -7.60 -2.57 -34.53
N GLN A 345 -7.86 -1.30 -34.22
CA GLN A 345 -7.90 -0.79 -32.86
C GLN A 345 -8.75 -1.66 -31.93
N SER A 346 -8.24 -1.81 -30.69
CA SER A 346 -8.71 -2.62 -29.58
C SER A 346 -9.70 -1.90 -28.73
N PHE A 347 -9.77 -2.41 -27.48
CA PHE A 347 -10.70 -2.14 -26.41
C PHE A 347 -10.43 -0.87 -25.67
N ALA A 348 -11.57 -0.34 -25.17
CA ALA A 348 -11.70 0.68 -24.17
C ALA A 348 -12.39 -0.15 -23.14
N SER A 349 -11.92 -0.14 -21.88
CA SER A 349 -12.55 -1.04 -20.95
C SER A 349 -12.27 -0.60 -19.53
N SER A 359 -6.94 1.18 -25.71
CA SER A 359 -5.59 1.19 -26.29
C SER A 359 -5.15 2.62 -26.58
N HIS A 360 -3.96 2.98 -26.11
CA HIS A 360 -3.46 4.32 -26.31
C HIS A 360 -3.11 4.40 -27.76
N SER A 361 -3.52 5.44 -28.42
CA SER A 361 -3.20 5.49 -29.82
C SER A 361 -2.17 6.57 -29.98
N ILE A 362 -1.00 6.17 -30.45
CA ILE A 362 0.08 7.10 -30.64
C ILE A 362 0.52 7.08 -32.09
N PHE A 363 0.37 8.20 -32.74
CA PHE A 363 0.76 8.31 -34.12
C PHE A 363 2.08 9.05 -34.17
N SER A 364 3.06 8.43 -34.80
CA SER A 364 4.37 9.01 -34.91
C SER A 364 4.67 9.34 -36.36
N ILE A 365 5.15 10.56 -36.56
CA ILE A 365 5.49 11.05 -37.89
C ILE A 365 6.89 11.61 -37.85
N ARG A 366 7.81 11.01 -38.59
CA ARG A 366 9.17 11.52 -38.63
C ARG A 366 9.54 11.98 -40.01
N ILE A 367 9.75 13.28 -40.15
CA ILE A 367 10.10 13.86 -41.43
C ILE A 367 11.60 14.06 -41.53
N LEU A 368 12.12 13.82 -42.71
CA LEU A 368 13.53 13.98 -42.97
C LEU A 368 13.69 15.20 -43.85
N HIS A 369 14.42 16.19 -43.35
CA HIS A 369 14.65 17.41 -44.10
C HIS A 369 15.98 17.30 -44.78
N LEU A 370 15.95 17.20 -46.10
CA LEU A 370 17.17 17.07 -46.86
C LEU A 370 17.22 18.03 -48.03
N PRO A 378 21.23 15.10 -42.84
CA PRO A 378 19.89 15.62 -42.70
C PRO A 378 19.40 15.87 -41.29
N LYS A 379 18.36 16.70 -41.21
CA LYS A 379 17.75 17.01 -39.96
C LYS A 379 16.44 16.25 -39.96
N ILE A 380 16.22 15.47 -38.92
CA ILE A 380 15.02 14.67 -38.82
C ILE A 380 14.18 15.12 -37.64
N SER A 381 12.88 15.24 -37.86
CA SER A 381 11.97 15.66 -36.81
C SER A 381 10.90 14.60 -36.61
N GLU A 382 10.71 14.17 -35.37
CA GLU A 382 9.71 13.15 -35.09
C GLU A 382 8.60 13.73 -34.23
N LEU A 383 7.38 13.58 -34.69
CA LEU A 383 6.22 14.07 -33.98
C LEU A 383 5.40 12.88 -33.51
N SER A 384 4.68 13.06 -32.42
CA SER A 384 3.86 11.99 -31.89
C SER A 384 2.60 12.55 -31.29
N LEU A 385 1.50 11.87 -31.54
CA LEU A 385 0.22 12.29 -31.04
C LEU A 385 -0.30 11.29 -30.05
N CYS A 386 -0.88 11.77 -28.97
CA CYS A 386 -1.40 10.90 -27.95
C CYS A 386 -2.83 11.29 -27.61
N ASP A 387 -3.68 10.29 -27.47
CA ASP A 387 -5.07 10.51 -27.10
C ASP A 387 -5.51 9.46 -26.11
N LEU A 388 -5.66 9.92 -24.85
CA LEU A 388 -6.01 9.05 -23.76
C LEU A 388 -7.41 8.60 -24.00
N ALA A 389 -7.54 7.28 -24.27
CA ALA A 389 -8.77 6.62 -24.52
C ALA A 389 -9.31 6.24 -23.18
N GLY A 390 -10.59 5.90 -23.12
CA GLY A 390 -11.10 5.54 -21.85
C GLY A 390 -12.49 5.06 -22.03
N SER A 391 -13.06 4.65 -20.88
CA SER A 391 -14.40 4.19 -20.79
C SER A 391 -14.76 4.58 -19.42
N GLU A 392 -16.04 4.42 -19.05
CA GLU A 392 -16.39 4.79 -17.71
C GLU A 392 -16.27 3.65 -16.77
N ARG A 393 -15.99 4.07 -15.53
CA ARG A 393 -15.90 3.25 -14.36
C ARG A 393 -17.21 3.48 -13.68
N CYS A 394 -17.82 2.39 -13.15
CA CYS A 394 -19.07 2.54 -12.48
C CYS A 394 -19.21 1.40 -11.53
N LYS A 395 -20.04 1.56 -10.49
CA LYS A 395 -20.17 0.50 -9.54
C LYS A 395 -20.92 -0.63 -10.20
N ARG A 402 -12.55 -6.50 -15.53
CA ARG A 402 -11.57 -7.49 -16.03
C ARG A 402 -10.48 -7.74 -15.05
N LEU A 403 -9.25 -7.37 -15.46
CA LEU A 403 -8.05 -7.50 -14.69
C LEU A 403 -7.79 -6.16 -14.07
N LYS A 404 -6.51 -5.91 -13.71
CA LYS A 404 -6.00 -4.71 -13.03
C LYS A 404 -5.73 -3.56 -13.99
N GLU A 405 -6.56 -3.45 -15.01
CA GLU A 405 -6.40 -2.39 -16.00
C GLU A 405 -6.62 -1.03 -15.36
N ALA A 406 -7.56 -0.97 -14.43
CA ALA A 406 -7.89 0.25 -13.73
C ALA A 406 -6.73 0.72 -12.86
N GLY A 407 -6.26 -0.18 -12.00
CA GLY A 407 -5.18 0.15 -11.10
C GLY A 407 -3.86 0.43 -11.81
N ASN A 408 -3.56 -0.36 -12.82
CA ASN A 408 -2.31 -0.20 -13.58
C ASN A 408 -2.20 1.19 -14.20
N ILE A 409 -3.21 1.61 -14.97
CA ILE A 409 -3.16 2.92 -15.59
C ILE A 409 -3.30 4.03 -14.55
N ASN A 410 -4.08 3.76 -13.51
CA ASN A 410 -4.27 4.76 -12.46
C ASN A 410 -2.90 5.21 -11.98
N THR A 411 -1.98 4.25 -11.94
CA THR A 411 -0.61 4.50 -11.54
C THR A 411 0.12 5.33 -12.60
N SER A 412 -0.16 5.05 -13.88
CA SER A 412 0.45 5.76 -14.99
C SER A 412 0.07 7.24 -14.96
N LEU A 413 -1.20 7.51 -14.69
CA LEU A 413 -1.69 8.90 -14.62
C LEU A 413 -1.09 9.59 -13.40
N HIS A 414 -0.93 8.82 -12.33
CA HIS A 414 -0.37 9.34 -11.09
C HIS A 414 1.08 9.78 -11.28
N THR A 415 1.87 8.95 -11.95
CA THR A 415 3.27 9.29 -12.19
C THR A 415 3.36 10.43 -13.21
N LEU A 416 2.43 10.46 -14.16
CA LEU A 416 2.39 11.50 -15.17
C LEU A 416 2.17 12.84 -14.48
N GLY A 417 1.24 12.86 -13.54
CA GLY A 417 0.95 14.08 -12.80
C GLY A 417 2.12 14.53 -11.96
N ARG A 418 2.77 13.59 -11.29
CA ARG A 418 3.93 13.90 -10.46
C ARG A 418 5.12 14.34 -11.30
N CYS A 419 5.30 13.70 -12.45
CA CYS A 419 6.41 14.03 -13.35
C CYS A 419 6.23 15.44 -13.91
N ILE A 420 5.00 15.78 -14.32
CA ILE A 420 4.72 17.11 -14.85
C ILE A 420 4.97 18.17 -13.77
N ALA A 421 4.64 17.82 -12.54
CA ALA A 421 4.86 18.72 -11.41
C ALA A 421 6.34 18.99 -11.22
N ALA A 422 7.15 17.94 -11.33
CA ALA A 422 8.60 18.06 -11.20
C ALA A 422 9.16 18.89 -12.34
N LEU A 423 8.60 18.67 -13.53
CA LEU A 423 9.00 19.39 -14.73
C LEU A 423 8.75 20.89 -14.56
N ARG A 424 7.67 21.22 -13.86
CA ARG A 424 7.31 22.61 -13.62
C ARG A 424 8.33 23.31 -12.75
N GLN A 425 8.61 22.73 -11.58
CA GLN A 425 9.56 23.32 -10.64
C GLN A 425 10.98 23.41 -11.20
N ASN A 426 11.40 22.39 -11.92
CA ASN A 426 12.75 22.35 -12.51
C ASN A 426 12.89 23.34 -13.67
N GLN A 427 11.79 23.56 -14.39
CA GLN A 427 11.78 24.49 -15.51
C GLN A 427 11.71 25.94 -15.06
N GLN A 428 11.17 26.15 -13.86
CA GLN A 428 11.00 27.48 -13.29
C GLN A 428 12.34 28.19 -13.16
N ASN A 429 13.40 27.37 -12.89
CA ASN A 429 14.81 27.66 -12.78
C ASN A 429 15.24 28.52 -11.62
N ARG A 430 14.69 28.19 -10.43
CA ARG A 430 15.17 28.69 -9.18
C ARG A 430 16.13 27.59 -8.86
N SER A 431 17.10 27.78 -7.93
CA SER A 431 18.05 26.72 -7.66
C SER A 431 17.29 25.50 -7.20
N LYS A 432 17.19 24.48 -8.09
CA LYS A 432 16.43 23.31 -7.78
C LYS A 432 16.61 22.34 -8.91
N GLN A 433 17.15 21.18 -8.55
CA GLN A 433 17.41 19.94 -9.22
C GLN A 433 16.68 18.83 -8.52
N ASN A 434 15.53 18.43 -9.09
CA ASN A 434 14.78 17.37 -8.45
C ASN A 434 14.80 16.19 -9.35
N LEU A 435 14.89 14.97 -8.77
CA LEU A 435 14.90 13.82 -9.64
C LEU A 435 13.48 13.53 -9.93
N ILE A 436 13.21 13.09 -11.18
CA ILE A 436 11.86 12.84 -11.63
C ILE A 436 11.59 11.34 -11.61
N PRO A 437 10.37 10.97 -11.19
CA PRO A 437 9.90 9.58 -11.07
C PRO A 437 9.63 8.91 -12.43
N PHE A 438 10.36 9.31 -13.47
CA PHE A 438 10.17 8.77 -14.82
C PHE A 438 10.18 7.23 -14.87
N ARG A 439 11.03 6.59 -14.05
CA ARG A 439 11.14 5.15 -13.98
C ARG A 439 9.91 4.50 -13.40
N ASP A 440 9.05 5.27 -12.70
CA ASP A 440 7.84 4.79 -12.02
C ASP A 440 6.99 3.88 -12.92
N SER A 441 6.49 4.45 -14.01
CA SER A 441 5.67 3.69 -14.95
C SER A 441 6.31 3.60 -16.33
N LYS A 442 5.94 2.57 -17.08
CA LYS A 442 6.44 2.37 -18.42
C LYS A 442 6.03 3.55 -19.31
N LEU A 443 4.82 4.06 -19.07
CA LEU A 443 4.29 5.19 -19.83
C LEU A 443 5.19 6.42 -19.74
N THR A 444 5.49 6.83 -18.51
CA THR A 444 6.34 7.99 -18.31
C THR A 444 7.74 7.72 -18.82
N ARG A 445 8.21 6.44 -18.71
CA ARG A 445 9.51 6.05 -19.18
C ARG A 445 9.61 6.19 -20.68
N VAL A 446 8.59 5.74 -21.44
CA VAL A 446 8.64 5.78 -22.90
C VAL A 446 8.55 7.21 -23.45
N PHE A 447 7.78 8.05 -22.79
CA PHE A 447 7.61 9.43 -23.23
C PHE A 447 8.68 10.35 -22.67
N GLN A 448 9.69 9.77 -22.03
CA GLN A 448 10.79 10.54 -21.44
C GLN A 448 11.42 11.50 -22.45
N GLY A 449 11.78 10.95 -23.60
CA GLY A 449 12.42 11.74 -24.65
C GLY A 449 11.56 12.87 -25.20
N PHE A 450 10.25 12.73 -25.11
CA PHE A 450 9.31 13.74 -25.63
C PHE A 450 9.13 14.92 -24.66
N PHE A 451 9.10 14.61 -23.38
CA PHE A 451 8.92 15.63 -22.35
C PHE A 451 10.26 16.29 -22.00
N THR A 452 11.11 15.53 -21.31
CA THR A 452 12.41 16.02 -20.85
C THR A 452 13.54 15.89 -21.88
N GLY A 453 13.37 15.06 -22.91
CA GLY A 453 14.44 14.89 -23.89
C GLY A 453 14.28 15.79 -25.11
N ARG A 454 14.87 15.37 -26.23
CA ARG A 454 14.81 16.13 -27.48
C ARG A 454 13.39 16.23 -28.03
N GLY A 455 12.71 17.31 -27.71
CA GLY A 455 11.37 17.46 -28.19
C GLY A 455 10.55 18.36 -27.33
N ARG A 456 9.71 19.13 -27.99
CA ARG A 456 8.84 20.07 -27.33
C ARG A 456 7.46 19.45 -27.26
N SER A 457 6.72 19.67 -26.20
CA SER A 457 5.42 19.05 -26.10
C SER A 457 4.34 20.08 -25.82
N CYS A 458 3.12 19.74 -26.18
CA CYS A 458 1.98 20.61 -25.96
C CYS A 458 0.97 19.89 -25.09
N MET A 459 0.34 20.62 -24.19
CA MET A 459 -0.62 20.02 -23.30
C MET A 459 -2.01 20.40 -23.74
N ILE A 460 -2.79 19.39 -24.07
CA ILE A 460 -4.14 19.60 -24.53
C ILE A 460 -5.10 19.12 -23.47
N VAL A 461 -5.89 20.04 -22.94
CA VAL A 461 -6.86 19.71 -21.92
C VAL A 461 -8.28 19.92 -22.41
N ASN A 462 -8.95 18.82 -22.66
CA ASN A 462 -10.33 18.84 -23.11
C ASN A 462 -11.20 18.56 -21.90
N VAL A 463 -12.16 19.43 -21.65
CA VAL A 463 -13.01 19.27 -20.49
C VAL A 463 -14.50 19.26 -20.85
N ASN A 464 -15.31 18.77 -19.91
CA ASN A 464 -16.76 18.70 -20.11
C ASN A 464 -17.46 19.70 -19.22
N PRO A 465 -18.43 20.43 -19.78
CA PRO A 465 -19.21 21.46 -19.05
C PRO A 465 -20.24 20.88 -18.08
N CYS A 466 -20.56 19.60 -18.23
CA CYS A 466 -21.56 18.96 -17.36
C CYS A 466 -21.15 19.08 -15.89
N ALA A 467 -22.14 19.28 -15.02
CA ALA A 467 -21.88 19.42 -13.59
C ALA A 467 -21.57 18.08 -12.91
N SER A 468 -22.14 17.00 -13.43
CA SER A 468 -21.91 15.67 -12.88
C SER A 468 -20.47 15.21 -13.15
N THR A 469 -19.91 15.69 -14.25
CA THR A 469 -18.55 15.37 -14.64
C THR A 469 -17.52 16.22 -13.92
N TYR A 470 -17.98 17.15 -13.08
CA TYR A 470 -17.09 18.05 -12.37
C TYR A 470 -16.08 17.30 -11.49
N ASP A 471 -16.43 16.09 -11.08
CA ASP A 471 -15.55 15.27 -10.27
C ASP A 471 -14.24 15.06 -11.00
N GLU A 472 -14.33 14.59 -12.23
CA GLU A 472 -13.17 14.34 -13.06
C GLU A 472 -12.48 15.66 -13.42
N THR A 473 -13.29 16.68 -13.65
CA THR A 473 -12.81 18.00 -14.01
C THR A 473 -11.98 18.63 -12.88
N LEU A 474 -12.45 18.45 -11.64
CA LEU A 474 -11.78 18.99 -10.46
C LEU A 474 -10.30 18.56 -10.41
N HIS A 475 -10.05 17.31 -10.77
CA HIS A 475 -8.70 16.78 -10.76
C HIS A 475 -7.87 17.38 -11.89
N ALA A 476 -8.40 17.36 -13.10
CA ALA A 476 -7.71 17.89 -14.27
C ALA A 476 -7.47 19.40 -14.15
N ALA A 477 -8.39 20.07 -13.47
CA ALA A 477 -8.31 21.52 -13.27
C ALA A 477 -7.14 21.87 -12.36
N LYS A 478 -7.05 21.17 -11.22
CA LYS A 478 -6.05 21.38 -10.20
C LYS A 478 -4.72 20.99 -10.76
N PHE A 479 -4.71 19.88 -11.52
CA PHE A 479 -3.50 19.35 -12.13
C PHE A 479 -2.92 20.39 -13.08
N SER A 480 -3.80 21.04 -13.87
CA SER A 480 -3.35 21.99 -14.84
C SER A 480 -2.96 23.29 -14.20
N ALA A 481 -3.87 23.91 -13.41
CA ALA A 481 -3.58 25.19 -12.83
C ALA A 481 -3.00 24.99 -11.47
N LEU A 482 -1.89 25.68 -11.14
CA LEU A 482 -1.29 25.49 -9.84
C LEU A 482 -2.17 26.15 -8.84
N ALA A 483 -2.75 25.36 -7.91
CA ALA A 483 -3.60 25.98 -6.95
C ALA A 483 -2.96 25.80 -5.58
N ARG B 2 -35.62 -1.78 18.27
CA ARG B 2 -35.33 -2.45 19.54
C ARG B 2 -33.93 -3.06 19.52
N GLU B 3 -33.73 -4.01 18.62
CA GLU B 3 -32.44 -4.68 18.50
C GLU B 3 -31.43 -3.87 17.69
N CYS B 4 -30.18 -4.30 17.79
CA CYS B 4 -29.09 -3.66 17.07
C CYS B 4 -28.14 -4.73 16.56
N ILE B 5 -27.67 -4.56 15.34
CA ILE B 5 -26.75 -5.52 14.73
C ILE B 5 -25.34 -4.96 14.72
N SER B 6 -24.39 -5.74 15.19
CA SER B 6 -23.00 -5.30 15.25
C SER B 6 -22.19 -5.81 14.07
N ILE B 7 -21.31 -4.96 13.56
CA ILE B 7 -20.46 -5.29 12.43
C ILE B 7 -19.01 -4.99 12.76
N HIS B 8 -18.26 -6.04 13.05
CA HIS B 8 -16.84 -5.89 13.38
C HIS B 8 -16.00 -6.06 12.12
N VAL B 9 -15.36 -4.98 11.68
CA VAL B 9 -14.53 -5.03 10.47
C VAL B 9 -13.06 -4.76 10.78
N GLY B 10 -12.20 -5.64 10.30
CA GLY B 10 -10.77 -5.49 10.52
C GLY B 10 -10.27 -6.41 11.60
N GLN B 11 -8.95 -6.64 11.62
CA GLN B 11 -8.31 -7.50 12.61
C GLN B 11 -8.70 -7.08 14.03
N ALA B 12 -8.38 -5.84 14.38
CA ALA B 12 -8.71 -5.31 15.70
C ALA B 12 -10.21 -5.40 15.97
N GLY B 13 -11.00 -5.15 14.93
CA GLY B 13 -12.44 -5.21 15.06
C GLY B 13 -12.91 -6.59 15.50
N VAL B 14 -12.31 -7.62 14.92
CA VAL B 14 -12.65 -8.99 15.25
C VAL B 14 -12.16 -9.33 16.65
N GLN B 15 -10.93 -8.89 16.96
CA GLN B 15 -10.34 -9.14 18.28
C GLN B 15 -11.17 -8.49 19.38
N ILE B 16 -11.42 -7.20 19.24
CA ILE B 16 -12.22 -6.46 20.22
C ILE B 16 -13.65 -6.98 20.24
N GLY B 17 -14.16 -7.36 19.07
CA GLY B 17 -15.51 -7.87 18.97
C GLY B 17 -15.72 -9.14 19.77
N ASN B 18 -14.78 -10.08 19.63
CA ASN B 18 -14.86 -11.33 20.36
C ASN B 18 -14.71 -11.09 21.85
N ALA B 19 -13.76 -10.24 22.22
CA ALA B 19 -13.51 -9.91 23.62
C ALA B 19 -14.70 -9.18 24.22
N CYS B 20 -15.33 -8.33 23.43
CA CYS B 20 -16.50 -7.57 23.87
C CYS B 20 -17.68 -8.50 24.05
N TRP B 21 -17.89 -9.39 23.09
CA TRP B 21 -18.99 -10.34 23.16
C TRP B 21 -18.78 -11.39 24.24
N GLU B 22 -17.52 -11.64 24.57
CA GLU B 22 -17.18 -12.59 25.63
C GLU B 22 -17.77 -12.06 26.93
N LEU B 23 -17.69 -10.75 27.09
CA LEU B 23 -18.22 -10.09 28.26
C LEU B 23 -19.74 -9.99 28.16
N TYR B 24 -20.22 -9.79 26.92
CA TYR B 24 -21.65 -9.69 26.65
C TYR B 24 -22.43 -10.91 27.15
N CYS B 25 -21.95 -12.09 26.79
CA CYS B 25 -22.61 -13.33 27.21
C CYS B 25 -22.28 -13.68 28.66
N LEU B 26 -21.15 -13.18 29.15
CA LEU B 26 -20.74 -13.43 30.53
C LEU B 26 -21.78 -12.90 31.50
N GLU B 27 -22.17 -11.64 31.32
CA GLU B 27 -23.16 -11.02 32.18
C GLU B 27 -24.57 -11.52 31.86
N HIS B 28 -24.75 -11.96 30.62
CA HIS B 28 -26.04 -12.48 30.18
C HIS B 28 -26.31 -13.83 30.84
N GLY B 29 -25.25 -14.51 31.23
CA GLY B 29 -25.38 -15.80 31.86
C GLY B 29 -25.51 -16.90 30.84
N ILE B 30 -24.94 -16.68 29.67
CA ILE B 30 -24.99 -17.66 28.59
C ILE B 30 -23.63 -18.32 28.41
N GLN B 31 -23.63 -19.64 28.34
CA GLN B 31 -22.41 -20.40 28.17
C GLN B 31 -22.06 -20.48 26.68
N PRO B 32 -20.81 -20.88 26.35
CA PRO B 32 -20.36 -21.01 24.96
C PRO B 32 -21.37 -21.73 24.08
N ASP B 33 -21.91 -22.82 24.58
CA ASP B 33 -22.91 -23.58 23.83
C ASP B 33 -24.30 -23.35 24.41
N GLY B 34 -24.85 -22.18 24.10
CA GLY B 34 -26.17 -21.83 24.59
C GLY B 34 -27.10 -21.44 23.46
N HIS B 61 -27.72 -18.25 23.13
CA HIS B 61 -28.60 -17.81 22.06
C HIS B 61 -27.77 -17.37 20.86
N VAL B 62 -28.43 -16.81 19.84
CA VAL B 62 -27.74 -16.37 18.64
C VAL B 62 -27.42 -14.88 18.73
N PRO B 63 -26.13 -14.52 18.66
CA PRO B 63 -25.69 -13.12 18.73
C PRO B 63 -25.97 -12.37 17.44
N ARG B 64 -26.36 -11.11 17.59
CA ARG B 64 -26.66 -10.26 16.44
C ARG B 64 -25.42 -9.47 16.04
N ALA B 65 -24.39 -10.19 15.60
CA ALA B 65 -23.14 -9.56 15.21
C ALA B 65 -22.42 -10.40 14.16
N VAL B 66 -21.66 -9.74 13.30
CA VAL B 66 -20.91 -10.43 12.26
C VAL B 66 -19.46 -9.98 12.27
N PHE B 67 -18.57 -10.86 11.83
CA PHE B 67 -17.15 -10.57 11.77
C PHE B 67 -16.72 -10.47 10.31
N VAL B 68 -16.08 -9.37 9.96
CA VAL B 68 -15.63 -9.15 8.59
C VAL B 68 -14.17 -8.71 8.52
N ASP B 69 -13.37 -9.50 7.84
CA ASP B 69 -11.95 -9.20 7.66
C ASP B 69 -11.45 -9.91 6.41
N LEU B 70 -10.52 -9.27 5.71
CA LEU B 70 -9.95 -9.83 4.50
C LEU B 70 -8.85 -10.82 4.87
N GLU B 71 -8.35 -10.68 6.09
CA GLU B 71 -7.32 -11.58 6.60
C GLU B 71 -8.01 -12.83 7.12
N PRO B 72 -7.79 -13.97 6.46
CA PRO B 72 -8.43 -15.22 6.83
C PRO B 72 -8.05 -15.70 8.23
N THR B 73 -6.79 -15.48 8.60
CA THR B 73 -6.28 -15.91 9.89
C THR B 73 -6.96 -15.25 11.09
N VAL B 74 -7.48 -14.04 10.89
CA VAL B 74 -8.14 -13.33 11.98
C VAL B 74 -9.53 -13.88 12.27
N ILE B 75 -10.32 -14.09 11.22
CA ILE B 75 -11.67 -14.61 11.37
C ILE B 75 -11.63 -16.05 11.91
N ASP B 76 -10.63 -16.81 11.49
CA ASP B 76 -10.50 -18.20 11.91
C ASP B 76 -10.18 -18.32 13.40
N GLU B 77 -9.78 -17.22 14.01
CA GLU B 77 -9.48 -17.21 15.45
C GLU B 77 -10.73 -17.52 16.25
N VAL B 78 -11.86 -17.01 15.79
CA VAL B 78 -13.14 -17.24 16.46
C VAL B 78 -13.66 -18.64 16.14
N ARG B 79 -13.12 -19.24 15.09
CA ARG B 79 -13.54 -20.57 14.67
C ARG B 79 -12.74 -21.65 15.38
N THR B 80 -11.77 -21.23 16.18
CA THR B 80 -10.93 -22.19 16.89
C THR B 80 -10.78 -21.82 18.36
N GLY B 81 -10.82 -20.53 18.65
CA GLY B 81 -10.67 -20.05 20.00
C GLY B 81 -11.94 -20.17 20.82
N THR B 82 -12.23 -19.12 21.58
CA THR B 82 -13.40 -19.09 22.44
C THR B 82 -14.66 -18.75 21.66
N TYR B 83 -15.76 -19.39 22.04
CA TYR B 83 -17.07 -19.18 21.41
C TYR B 83 -17.11 -19.69 19.98
N ARG B 84 -16.46 -20.82 19.77
CA ARG B 84 -16.38 -21.47 18.47
C ARG B 84 -17.76 -21.90 17.97
N GLN B 85 -18.62 -22.36 18.88
CA GLN B 85 -19.95 -22.80 18.51
C GLN B 85 -21.02 -21.79 18.89
N LEU B 86 -20.61 -20.57 19.23
CA LEU B 86 -21.55 -19.54 19.60
C LEU B 86 -21.97 -18.72 18.39
N PHE B 87 -21.06 -18.57 17.45
CA PHE B 87 -21.32 -17.81 16.24
C PHE B 87 -21.57 -18.72 15.05
N HIS B 88 -22.44 -18.27 14.16
CA HIS B 88 -22.77 -19.01 12.96
C HIS B 88 -21.77 -18.68 11.86
N PRO B 89 -21.42 -19.66 11.01
CA PRO B 89 -20.48 -19.44 9.90
C PRO B 89 -20.97 -18.36 8.94
N GLU B 90 -22.29 -18.14 8.93
CA GLU B 90 -22.88 -17.12 8.09
C GLU B 90 -22.49 -15.72 8.57
N GLN B 91 -22.20 -15.63 9.86
CA GLN B 91 -21.81 -14.37 10.48
C GLN B 91 -20.30 -14.24 10.50
N LEU B 92 -19.62 -15.07 9.72
CA LEU B 92 -18.18 -15.06 9.67
C LEU B 92 -17.66 -14.93 8.24
N ILE B 93 -17.61 -13.71 7.73
CA ILE B 93 -17.11 -13.46 6.39
C ILE B 93 -15.59 -13.55 6.42
N THR B 94 -15.01 -14.29 5.49
CA THR B 94 -13.57 -14.46 5.47
C THR B 94 -13.00 -14.42 4.07
N GLY B 95 -12.02 -13.55 3.87
CA GLY B 95 -11.36 -13.45 2.58
C GLY B 95 -10.15 -14.36 2.58
N LYS B 96 -9.84 -14.97 1.45
CA LYS B 96 -8.69 -15.86 1.37
C LYS B 96 -7.50 -15.17 0.72
N GLU B 97 -7.68 -13.94 0.28
CA GLU B 97 -6.60 -13.19 -0.35
C GLU B 97 -5.81 -12.38 0.68
N ASP B 98 -5.19 -11.30 0.24
CA ASP B 98 -4.40 -10.45 1.12
C ASP B 98 -5.05 -9.09 1.34
N ALA B 99 -5.16 -8.69 2.60
CA ALA B 99 -5.77 -7.42 2.96
C ALA B 99 -4.76 -6.28 2.98
N ALA B 100 -3.65 -6.51 3.65
CA ALA B 100 -2.59 -5.51 3.79
C ALA B 100 -3.04 -4.35 4.68
N ASN B 101 -2.24 -3.30 4.77
CA ASN B 101 -2.57 -2.15 5.60
C ASN B 101 -2.70 -0.89 4.76
N ASN B 102 -3.53 -0.95 3.75
CA ASN B 102 -3.77 0.18 2.87
C ASN B 102 -5.25 0.34 2.56
N TYR B 103 -5.77 1.53 2.89
CA TYR B 103 -7.18 1.86 2.67
C TYR B 103 -7.63 1.53 1.26
N ALA B 104 -6.77 1.82 0.30
CA ALA B 104 -7.06 1.59 -1.12
C ALA B 104 -7.43 0.14 -1.41
N ARG B 105 -6.73 -0.79 -0.80
CA ARG B 105 -6.98 -2.21 -1.03
C ARG B 105 -8.35 -2.63 -0.52
N GLY B 106 -8.66 -2.24 0.70
CA GLY B 106 -9.93 -2.59 1.30
C GLY B 106 -11.09 -1.75 0.81
N HIS B 107 -10.83 -0.84 -0.11
CA HIS B 107 -11.89 0.01 -0.63
C HIS B 107 -12.10 -0.16 -2.14
N TYR B 108 -11.02 -0.37 -2.89
CA TYR B 108 -11.13 -0.50 -4.34
C TYR B 108 -10.73 -1.88 -4.87
N THR B 109 -9.50 -2.29 -4.60
CA THR B 109 -8.97 -3.57 -5.09
C THR B 109 -9.79 -4.79 -4.67
N ILE B 110 -9.61 -5.23 -3.43
CA ILE B 110 -10.30 -6.42 -2.94
C ILE B 110 -11.56 -6.07 -2.16
N GLY B 111 -11.67 -4.81 -1.75
CA GLY B 111 -12.82 -4.36 -1.00
C GLY B 111 -14.15 -4.66 -1.67
N LYS B 112 -14.23 -4.36 -2.95
CA LYS B 112 -15.46 -4.57 -3.71
C LYS B 112 -15.67 -6.03 -4.12
N GLU B 113 -14.90 -6.93 -3.54
CA GLU B 113 -15.03 -8.35 -3.86
C GLU B 113 -15.82 -9.10 -2.79
N ILE B 114 -15.77 -8.62 -1.56
CA ILE B 114 -16.47 -9.28 -0.45
C ILE B 114 -17.61 -8.42 0.12
N ILE B 115 -17.60 -7.13 -0.20
CA ILE B 115 -18.62 -6.20 0.30
C ILE B 115 -20.06 -6.67 0.06
N ASP B 116 -20.34 -7.14 -1.16
CA ASP B 116 -21.69 -7.59 -1.51
C ASP B 116 -22.15 -8.72 -0.59
N LEU B 117 -21.24 -9.65 -0.30
CA LEU B 117 -21.54 -10.77 0.57
C LEU B 117 -21.79 -10.29 1.99
N VAL B 118 -21.02 -9.30 2.42
CA VAL B 118 -21.16 -8.73 3.76
C VAL B 118 -22.53 -8.07 3.90
N LEU B 119 -22.87 -7.24 2.91
CA LEU B 119 -24.15 -6.55 2.90
C LEU B 119 -25.30 -7.53 2.90
N ASP B 120 -25.12 -8.62 2.17
CA ASP B 120 -26.14 -9.67 2.08
C ASP B 120 -26.48 -10.23 3.45
N ARG B 121 -25.45 -10.59 4.20
CA ARG B 121 -25.63 -11.18 5.52
C ARG B 121 -26.26 -10.21 6.51
N ILE B 122 -25.75 -8.98 6.55
CA ILE B 122 -26.29 -7.96 7.47
C ILE B 122 -27.73 -7.60 7.12
N ARG B 123 -28.11 -7.82 5.86
CA ARG B 123 -29.45 -7.54 5.40
C ARG B 123 -30.40 -8.64 5.89
N LYS B 124 -29.92 -9.88 5.86
CA LYS B 124 -30.70 -11.01 6.33
C LYS B 124 -30.96 -10.87 7.82
N LEU B 125 -29.94 -10.42 8.54
CA LEU B 125 -30.04 -10.22 9.98
C LEU B 125 -31.00 -9.09 10.29
N ALA B 126 -30.95 -8.04 9.47
CA ALA B 126 -31.82 -6.89 9.65
C ALA B 126 -33.28 -7.28 9.52
N ASP B 127 -33.55 -8.16 8.56
CA ASP B 127 -34.91 -8.63 8.33
C ASP B 127 -35.35 -9.62 9.40
N GLN B 128 -34.37 -10.32 9.98
CA GLN B 128 -34.63 -11.29 11.02
C GLN B 128 -35.23 -10.63 12.26
N CYS B 129 -34.71 -9.46 12.61
CA CYS B 129 -35.20 -8.72 13.76
C CYS B 129 -36.37 -7.84 13.39
N THR B 130 -37.38 -7.82 14.27
CA THR B 130 -38.57 -7.01 14.05
C THR B 130 -38.38 -5.60 14.58
N GLY B 131 -38.26 -4.64 13.67
CA GLY B 131 -38.09 -3.25 14.05
C GLY B 131 -36.76 -2.99 14.72
N LEU B 132 -35.69 -3.01 13.94
CA LEU B 132 -34.35 -2.78 14.48
C LEU B 132 -34.10 -1.28 14.63
N GLN B 133 -33.18 -0.93 15.53
CA GLN B 133 -32.86 0.47 15.78
C GLN B 133 -31.70 0.93 14.90
N GLY B 134 -30.61 0.18 14.90
CA GLY B 134 -29.47 0.56 14.10
C GLY B 134 -28.37 -0.48 14.10
N PHE B 135 -27.17 -0.06 13.70
CA PHE B 135 -26.04 -0.95 13.63
C PHE B 135 -24.90 -0.47 14.54
N SER B 136 -24.22 -1.42 15.17
CA SER B 136 -23.09 -1.13 16.03
C SER B 136 -21.81 -1.51 15.29
N VAL B 137 -21.16 -0.52 14.72
CA VAL B 137 -19.94 -0.76 13.95
C VAL B 137 -18.72 -0.79 14.86
N PHE B 138 -17.80 -1.70 14.56
CA PHE B 138 -16.56 -1.83 15.32
C PHE B 138 -15.39 -1.95 14.35
N HIS B 139 -14.39 -1.08 14.51
CA HIS B 139 -13.24 -1.08 13.61
C HIS B 139 -12.08 -0.26 14.17
N SER B 140 -10.93 -0.40 13.54
CA SER B 140 -9.74 0.33 13.91
C SER B 140 -9.38 1.32 12.80
N PHE B 141 -9.22 2.60 13.16
CA PHE B 141 -8.88 3.62 12.17
C PHE B 141 -7.53 3.33 11.52
N GLY B 142 -6.64 2.71 12.27
CA GLY B 142 -5.33 2.38 11.75
C GLY B 142 -5.24 0.94 11.32
N GLY B 143 -5.48 0.69 10.04
CA GLY B 143 -5.43 -0.66 9.51
C GLY B 143 -5.79 -0.68 8.03
N GLY B 144 -6.07 -1.86 7.52
CA GLY B 144 -6.44 -1.99 6.12
C GLY B 144 -7.90 -2.35 5.99
N THR B 145 -8.30 -3.44 6.63
CA THR B 145 -9.67 -3.88 6.60
C THR B 145 -10.50 -2.98 7.53
N GLY B 146 -9.86 -2.48 8.56
CA GLY B 146 -10.53 -1.62 9.51
C GLY B 146 -10.70 -0.19 9.00
N SER B 147 -10.15 0.08 7.82
CA SER B 147 -10.24 1.42 7.25
C SER B 147 -11.07 1.42 5.97
N GLY B 148 -10.55 0.81 4.92
CA GLY B 148 -11.23 0.77 3.64
C GLY B 148 -12.57 0.07 3.68
N PHE B 149 -12.61 -1.12 4.25
CA PHE B 149 -13.83 -1.91 4.32
C PHE B 149 -14.94 -1.15 5.06
N THR B 150 -14.60 -0.52 6.16
CA THR B 150 -15.58 0.23 6.95
C THR B 150 -16.16 1.38 6.13
N SER B 151 -15.28 2.09 5.44
CA SER B 151 -15.66 3.23 4.63
C SER B 151 -16.72 2.92 3.58
N LEU B 152 -16.52 1.86 2.79
CA LEU B 152 -17.50 1.50 1.77
C LEU B 152 -18.72 0.81 2.35
N LEU B 153 -18.56 0.22 3.53
CA LEU B 153 -19.66 -0.46 4.18
C LEU B 153 -20.68 0.57 4.69
N MET B 154 -20.17 1.59 5.38
CA MET B 154 -21.01 2.66 5.91
C MET B 154 -21.69 3.41 4.77
N GLU B 155 -20.98 3.48 3.64
CA GLU B 155 -21.48 4.16 2.45
C GLU B 155 -22.80 3.54 1.99
N ARG B 156 -22.86 2.21 1.97
CA ARG B 156 -24.07 1.52 1.56
C ARG B 156 -25.13 1.55 2.66
N LEU B 157 -24.67 1.58 3.90
CA LEU B 157 -25.56 1.60 5.04
C LEU B 157 -26.39 2.89 5.12
N SER B 158 -25.75 4.02 4.89
CA SER B 158 -26.44 5.31 4.95
C SER B 158 -27.42 5.50 3.80
N VAL B 159 -27.33 4.64 2.78
CA VAL B 159 -28.21 4.75 1.63
C VAL B 159 -29.35 3.73 1.68
N ASP B 160 -29.07 2.53 2.17
CA ASP B 160 -30.08 1.48 2.26
C ASP B 160 -30.75 1.44 3.63
N TYR B 161 -30.09 2.03 4.61
CA TYR B 161 -30.61 2.08 5.98
C TYR B 161 -30.46 3.49 6.55
N GLY B 162 -30.85 4.49 5.76
CA GLY B 162 -30.75 5.87 6.20
C GLY B 162 -31.67 6.18 7.36
N LYS B 163 -32.73 5.38 7.50
CA LYS B 163 -33.71 5.57 8.56
C LYS B 163 -33.25 4.90 9.85
N LYS B 164 -32.05 4.33 9.84
CA LYS B 164 -31.51 3.65 11.01
C LYS B 164 -30.38 4.43 11.65
N SER B 165 -30.12 4.13 12.92
CA SER B 165 -29.07 4.78 13.67
C SER B 165 -27.72 4.12 13.37
N LYS B 166 -26.77 4.91 12.90
CA LYS B 166 -25.44 4.40 12.57
C LYS B 166 -24.43 4.82 13.62
N LEU B 167 -24.19 3.92 14.58
CA LEU B 167 -23.25 4.19 15.66
C LEU B 167 -22.03 3.28 15.54
N GLU B 168 -20.89 3.87 15.22
CA GLU B 168 -19.66 3.11 15.08
C GLU B 168 -18.68 3.37 16.23
N PHE B 169 -17.92 2.35 16.57
CA PHE B 169 -16.90 2.43 17.61
C PHE B 169 -15.54 2.41 16.94
N SER B 170 -15.03 3.58 16.64
CA SER B 170 -13.77 3.72 15.95
C SER B 170 -12.56 3.75 16.89
N ILE B 171 -11.66 2.81 16.71
CA ILE B 171 -10.44 2.76 17.52
C ILE B 171 -9.43 3.74 16.94
N TYR B 172 -9.07 4.74 17.74
CA TYR B 172 -8.13 5.77 17.32
C TYR B 172 -6.69 5.30 17.53
N PRO B 173 -5.83 5.48 16.52
CA PRO B 173 -4.42 5.11 16.60
C PRO B 173 -3.68 5.94 17.63
N ALA B 174 -2.66 5.35 18.24
CA ALA B 174 -1.88 6.02 19.26
C ALA B 174 -1.18 7.26 18.70
N PRO B 175 -1.20 8.37 19.46
CA PRO B 175 -0.58 9.62 19.05
C PRO B 175 0.93 9.50 18.80
N GLN B 176 1.62 8.71 19.63
CA GLN B 176 3.05 8.55 19.47
C GLN B 176 3.43 7.11 19.13
N VAL B 177 2.80 6.15 19.79
CA VAL B 177 3.09 4.74 19.55
C VAL B 177 2.25 4.17 18.41
N SER B 178 2.48 4.67 17.20
CA SER B 178 1.76 4.20 16.03
C SER B 178 2.13 2.74 15.73
N THR B 179 1.17 1.98 15.21
CA THR B 179 1.39 0.58 14.91
C THR B 179 1.88 0.39 13.48
N ALA B 180 1.37 1.21 12.57
CA ALA B 180 1.78 1.13 11.16
C ALA B 180 2.41 2.43 10.70
N VAL B 181 3.14 2.37 9.59
CA VAL B 181 3.79 3.55 9.04
C VAL B 181 2.77 4.42 8.30
N VAL B 182 1.90 3.75 7.56
CA VAL B 182 0.86 4.44 6.79
C VAL B 182 -0.39 4.63 7.64
N GLU B 183 -0.20 4.75 8.94
CA GLU B 183 -1.29 4.93 9.89
C GLU B 183 -2.23 6.09 9.51
N PRO B 184 -1.71 7.34 9.40
CA PRO B 184 -2.55 8.51 9.06
C PRO B 184 -3.15 8.42 7.67
N TYR B 185 -2.47 7.72 6.77
CA TYR B 185 -2.93 7.58 5.40
C TYR B 185 -4.26 6.83 5.33
N ASN B 186 -4.42 5.84 6.19
CA ASN B 186 -5.63 5.03 6.22
C ASN B 186 -6.71 5.66 7.10
N SER B 187 -6.32 6.18 8.25
CA SER B 187 -7.25 6.77 9.19
C SER B 187 -7.95 8.02 8.64
N ILE B 188 -7.18 8.96 8.10
CA ILE B 188 -7.72 10.20 7.57
C ILE B 188 -8.77 9.94 6.47
N LEU B 189 -8.52 8.97 5.61
CA LEU B 189 -9.46 8.65 4.53
C LEU B 189 -10.74 8.01 5.06
N THR B 190 -10.61 7.14 6.05
CA THR B 190 -11.77 6.46 6.63
C THR B 190 -12.75 7.47 7.22
N THR B 191 -12.23 8.39 8.03
CA THR B 191 -13.06 9.40 8.66
C THR B 191 -13.57 10.43 7.66
N HIS B 192 -12.90 10.53 6.51
CA HIS B 192 -13.30 11.48 5.47
C HIS B 192 -14.68 11.11 4.92
N THR B 193 -14.83 9.86 4.52
CA THR B 193 -16.09 9.39 3.95
C THR B 193 -17.12 9.05 5.04
N THR B 194 -16.67 8.41 6.11
CA THR B 194 -17.57 8.01 7.20
C THR B 194 -18.18 9.22 7.93
N LEU B 195 -17.58 10.39 7.73
CA LEU B 195 -18.05 11.62 8.38
C LEU B 195 -19.45 12.00 7.89
N GLU B 196 -19.80 11.55 6.70
CA GLU B 196 -21.10 11.83 6.11
C GLU B 196 -21.97 10.58 6.12
N HIS B 197 -21.56 9.58 6.89
CA HIS B 197 -22.30 8.33 6.94
C HIS B 197 -22.80 8.02 8.35
N SER B 198 -21.88 7.80 9.27
CA SER B 198 -22.23 7.48 10.65
C SER B 198 -22.82 8.68 11.38
N ASP B 199 -23.86 8.43 12.15
CA ASP B 199 -24.52 9.47 12.93
C ASP B 199 -23.66 9.88 14.11
N CYS B 200 -22.99 8.90 14.70
CA CYS B 200 -22.13 9.13 15.85
C CYS B 200 -21.07 8.04 15.94
N ALA B 201 -19.83 8.44 16.12
CA ALA B 201 -18.73 7.50 16.21
C ALA B 201 -17.98 7.64 17.52
N PHE B 202 -18.05 6.62 18.36
CA PHE B 202 -17.36 6.63 19.65
C PHE B 202 -15.91 6.25 19.45
N MET B 203 -15.02 7.20 19.67
CA MET B 203 -13.59 6.96 19.49
C MET B 203 -12.88 6.66 20.80
N VAL B 204 -12.01 5.66 20.76
CA VAL B 204 -11.22 5.26 21.90
C VAL B 204 -9.75 5.33 21.50
N ASP B 205 -8.90 5.84 22.38
CA ASP B 205 -7.47 5.97 22.07
C ASP B 205 -6.66 4.76 22.52
N ASN B 206 -5.97 4.14 21.56
CA ASN B 206 -5.15 2.95 21.81
C ASN B 206 -4.10 3.19 22.89
N GLU B 207 -3.42 4.33 22.80
CA GLU B 207 -2.36 4.67 23.74
C GLU B 207 -2.92 5.02 25.12
N ALA B 208 -4.08 5.66 25.12
CA ALA B 208 -4.73 6.05 26.37
C ALA B 208 -5.10 4.84 27.22
N ILE B 209 -5.43 3.73 26.57
CA ILE B 209 -5.78 2.51 27.28
C ILE B 209 -4.57 2.02 28.07
N TYR B 210 -3.40 2.21 27.49
CA TYR B 210 -2.15 1.82 28.13
C TYR B 210 -1.92 2.68 29.37
N ASP B 211 -2.25 3.97 29.25
CA ASP B 211 -2.09 4.91 30.35
C ASP B 211 -2.95 4.50 31.53
N ILE B 212 -4.19 4.13 31.25
CA ILE B 212 -5.13 3.70 32.28
C ILE B 212 -4.61 2.45 32.99
N CYS B 213 -4.07 1.52 32.20
CA CYS B 213 -3.54 0.28 32.75
C CYS B 213 -2.27 0.52 33.56
N ARG B 214 -1.57 1.60 33.25
CA ARG B 214 -0.33 1.92 33.94
C ARG B 214 -0.58 2.69 35.23
N ARG B 215 -1.31 3.79 35.13
CA ARG B 215 -1.57 4.66 36.29
C ARG B 215 -2.66 4.12 37.23
N ASN B 216 -3.77 3.66 36.68
CA ASN B 216 -4.87 3.17 37.49
C ASN B 216 -4.82 1.68 37.76
N LEU B 217 -4.77 0.89 36.69
CA LEU B 217 -4.74 -0.57 36.82
C LEU B 217 -3.43 -1.03 37.46
N ASP B 218 -2.38 -0.24 37.27
CA ASP B 218 -1.06 -0.53 37.83
C ASP B 218 -0.50 -1.86 37.34
N ILE B 219 -0.26 -1.95 36.04
CA ILE B 219 0.31 -3.15 35.45
C ILE B 219 1.32 -2.78 34.36
N GLU B 220 2.34 -3.61 34.23
CA GLU B 220 3.37 -3.40 33.23
C GLU B 220 3.20 -4.41 32.10
N ARG B 221 2.11 -5.17 32.18
CA ARG B 221 1.81 -6.20 31.19
C ARG B 221 0.40 -5.98 30.61
N PRO B 222 0.20 -4.90 29.84
CA PRO B 222 -1.09 -4.59 29.23
C PRO B 222 -1.17 -5.14 27.81
N THR B 223 -1.47 -6.42 27.70
CA THR B 223 -1.58 -7.07 26.40
C THR B 223 -2.75 -6.51 25.62
N TYR B 224 -2.78 -6.77 24.31
CA TYR B 224 -3.87 -6.30 23.46
C TYR B 224 -5.20 -6.82 23.99
N THR B 225 -5.23 -8.09 24.38
CA THR B 225 -6.42 -8.71 24.92
C THR B 225 -6.84 -8.03 26.23
N ASN B 226 -5.88 -7.41 26.91
CA ASN B 226 -6.14 -6.71 28.16
C ASN B 226 -6.79 -5.36 27.89
N LEU B 227 -6.45 -4.76 26.76
CA LEU B 227 -7.00 -3.48 26.37
C LEU B 227 -8.46 -3.68 25.98
N ASN B 228 -8.72 -4.75 25.24
CA ASN B 228 -10.06 -5.09 24.78
C ASN B 228 -11.03 -5.30 25.94
N ARG B 229 -10.48 -5.66 27.10
CA ARG B 229 -11.28 -5.87 28.30
C ARG B 229 -11.95 -4.57 28.74
N LEU B 230 -11.21 -3.48 28.64
CA LEU B 230 -11.71 -2.18 29.05
C LEU B 230 -12.72 -1.63 28.06
N ILE B 231 -12.41 -1.71 26.77
CA ILE B 231 -13.29 -1.21 25.72
C ILE B 231 -14.62 -1.95 25.75
N GLY B 232 -14.56 -3.27 25.91
CA GLY B 232 -15.76 -4.07 25.97
C GLY B 232 -16.63 -3.72 27.16
N GLN B 233 -15.97 -3.36 28.27
CA GLN B 233 -16.67 -2.99 29.49
C GLN B 233 -17.52 -1.75 29.24
N ILE B 234 -17.02 -0.88 28.37
CA ILE B 234 -17.73 0.34 28.01
C ILE B 234 -18.94 0.00 27.15
N VAL B 235 -18.71 -0.76 26.09
CA VAL B 235 -19.77 -1.16 25.17
C VAL B 235 -20.90 -1.85 25.90
N SER B 236 -20.55 -2.71 26.85
CA SER B 236 -21.54 -3.45 27.64
C SER B 236 -22.47 -2.48 28.38
N SER B 237 -21.94 -1.33 28.77
CA SER B 237 -22.73 -0.35 29.49
C SER B 237 -23.41 0.64 28.56
N ILE B 238 -22.88 0.77 27.35
CA ILE B 238 -23.45 1.69 26.36
C ILE B 238 -24.64 1.06 25.64
N THR B 239 -24.56 -0.22 25.35
CA THR B 239 -25.64 -0.90 24.66
C THR B 239 -26.32 -1.98 25.51
N ALA B 240 -25.59 -3.05 25.81
CA ALA B 240 -26.12 -4.19 26.58
C ALA B 240 -27.01 -3.81 27.76
N SER B 241 -26.43 -3.21 28.80
CA SER B 241 -27.19 -2.84 29.99
C SER B 241 -28.23 -1.76 29.72
N LEU B 242 -27.92 -0.85 28.79
CA LEU B 242 -28.84 0.24 28.46
C LEU B 242 -30.04 -0.27 27.67
N ARG B 243 -29.93 -1.49 27.15
CA ARG B 243 -31.01 -2.11 26.40
C ARG B 243 -31.93 -2.83 27.37
N PHE B 244 -31.49 -2.90 28.62
CA PHE B 244 -32.24 -3.56 29.67
C PHE B 244 -33.07 -2.54 30.44
N ASP B 245 -34.26 -2.95 30.84
CA ASP B 245 -35.18 -2.09 31.57
C ASP B 245 -34.58 -1.62 32.90
N GLY B 246 -34.21 -0.35 32.97
CA GLY B 246 -33.64 0.19 34.18
C GLY B 246 -34.57 1.20 34.84
N ALA B 247 -34.02 2.35 35.22
CA ALA B 247 -34.81 3.40 35.85
C ALA B 247 -34.94 4.60 34.93
N LEU B 248 -33.96 4.77 34.07
CA LEU B 248 -33.93 5.85 33.10
C LEU B 248 -33.13 5.41 31.89
N ASN B 249 -33.79 4.68 31.01
CA ASN B 249 -33.18 4.14 29.81
C ASN B 249 -32.90 5.23 28.77
N VAL B 250 -31.84 5.06 28.02
CA VAL B 250 -31.47 5.99 26.97
C VAL B 250 -31.42 5.23 25.65
N ASP B 251 -32.35 5.54 24.77
CA ASP B 251 -32.42 4.87 23.47
C ASP B 251 -31.21 5.22 22.61
N LEU B 252 -30.91 4.36 21.64
CA LEU B 252 -29.79 4.56 20.74
C LEU B 252 -30.01 5.82 19.91
N THR B 253 -31.27 6.10 19.61
CA THR B 253 -31.63 7.28 18.85
C THR B 253 -31.42 8.53 19.71
N GLU B 254 -31.70 8.39 21.01
CA GLU B 254 -31.53 9.49 21.95
C GLU B 254 -30.07 9.88 22.05
N PHE B 255 -29.21 8.88 21.88
CA PHE B 255 -27.77 9.08 21.93
C PHE B 255 -27.35 10.17 20.96
N GLN B 256 -27.53 9.93 19.66
CA GLN B 256 -27.16 10.90 18.64
C GLN B 256 -27.91 12.22 18.81
N THR B 257 -29.17 12.13 19.22
CA THR B 257 -30.00 13.31 19.40
C THR B 257 -29.45 14.23 20.51
N ASN B 258 -28.74 13.66 21.48
CA ASN B 258 -28.19 14.44 22.57
C ASN B 258 -26.67 14.42 22.63
N LEU B 259 -26.05 13.92 21.57
CA LEU B 259 -24.59 13.86 21.51
C LEU B 259 -24.04 14.70 20.37
N VAL B 260 -24.70 14.64 19.22
CA VAL B 260 -24.26 15.40 18.06
C VAL B 260 -25.30 16.47 17.69
N PRO B 261 -25.05 17.72 18.09
CA PRO B 261 -25.95 18.85 17.82
C PRO B 261 -25.85 19.31 16.37
N TYR B 262 -24.97 18.67 15.62
CA TYR B 262 -24.78 18.99 14.21
C TYR B 262 -24.83 17.72 13.38
N PRO B 263 -25.20 17.83 12.09
CA PRO B 263 -25.29 16.68 11.17
C PRO B 263 -23.91 16.19 10.72
N ARG B 264 -22.99 16.10 11.66
CA ARG B 264 -21.64 15.64 11.40
C ARG B 264 -21.33 14.45 12.27
N GLY B 265 -20.52 13.53 11.76
CA GLY B 265 -20.16 12.36 12.54
C GLY B 265 -19.14 12.70 13.60
N HIS B 266 -19.57 13.46 14.61
CA HIS B 266 -18.68 13.85 15.70
C HIS B 266 -18.27 12.63 16.52
N PHE B 267 -17.14 12.72 17.18
CA PHE B 267 -16.62 11.60 17.95
C PHE B 267 -16.54 11.89 19.45
N PRO B 268 -17.46 11.32 20.24
CA PRO B 268 -17.47 11.48 21.70
C PRO B 268 -16.50 10.50 22.37
N LEU B 269 -16.01 10.89 23.54
CA LEU B 269 -15.07 10.07 24.30
C LEU B 269 -15.80 9.02 25.13
N ALA B 270 -15.11 7.94 25.46
CA ALA B 270 -15.70 6.87 26.27
C ALA B 270 -14.94 6.76 27.58
N THR B 271 -15.58 7.17 28.67
CA THR B 271 -14.94 7.14 29.98
C THR B 271 -15.66 6.20 30.95
N TYR B 272 -14.88 5.41 31.67
CA TYR B 272 -15.41 4.47 32.66
C TYR B 272 -14.90 4.84 34.04
N ALA B 273 -15.81 5.07 34.97
CA ALA B 273 -15.45 5.44 36.34
C ALA B 273 -14.62 4.38 37.07
N PRO B 274 -15.14 3.14 37.25
CA PRO B 274 -14.43 2.08 37.96
C PRO B 274 -13.23 1.55 37.16
N VAL B 275 -12.05 1.96 37.56
CA VAL B 275 -10.82 1.51 36.89
C VAL B 275 -9.84 0.95 37.92
N ILE B 276 -10.36 0.69 39.11
CA ILE B 276 -9.56 0.13 40.20
C ILE B 276 -9.25 -1.34 39.93
N SER B 277 -8.01 -1.73 40.15
CA SER B 277 -7.58 -3.10 39.94
C SER B 277 -7.90 -3.98 41.14
N ALA B 278 -8.35 -5.20 40.88
CA ALA B 278 -8.67 -6.13 41.95
C ALA B 278 -7.42 -6.83 42.46
N GLU B 279 -6.59 -6.07 43.16
CA GLU B 279 -5.34 -6.61 43.70
C GLU B 279 -4.71 -5.64 44.71
N LYS B 280 -4.16 -4.55 44.20
CA LYS B 280 -3.48 -3.57 45.04
C LYS B 280 -4.47 -2.69 45.80
N ALA B 281 -5.00 -1.67 45.13
CA ALA B 281 -5.97 -0.77 45.74
C ALA B 281 -7.29 -1.50 45.96
N TYR B 282 -7.89 -1.29 47.13
CA TYR B 282 -9.15 -1.94 47.43
C TYR B 282 -10.11 -1.03 48.19
N HIS B 283 -10.63 -0.02 47.52
CA HIS B 283 -11.59 0.87 48.15
C HIS B 283 -12.96 0.22 48.08
N GLU B 284 -13.34 -0.20 46.86
CA GLU B 284 -14.60 -0.86 46.59
C GLU B 284 -15.81 0.04 46.82
N GLN B 285 -16.16 0.26 48.08
CA GLN B 285 -17.28 1.10 48.44
C GLN B 285 -16.99 2.56 48.12
N LEU B 286 -17.48 3.01 46.98
CA LEU B 286 -17.28 4.37 46.53
C LEU B 286 -18.64 5.01 46.33
N SER B 287 -18.80 6.25 46.80
CA SER B 287 -20.06 6.96 46.66
C SER B 287 -20.24 7.49 45.25
N VAL B 288 -21.47 7.86 44.91
CA VAL B 288 -21.81 8.37 43.59
C VAL B 288 -20.98 9.60 43.22
N ALA B 289 -20.77 10.48 44.20
CA ALA B 289 -20.00 11.70 43.99
C ALA B 289 -18.57 11.39 43.51
N GLU B 290 -17.97 10.35 44.07
CA GLU B 290 -16.61 9.98 43.71
C GLU B 290 -16.53 9.38 42.30
N ILE B 291 -17.42 8.43 41.99
CA ILE B 291 -17.40 7.79 40.68
C ILE B 291 -17.63 8.79 39.54
N THR B 292 -18.57 9.71 39.74
CA THR B 292 -18.86 10.73 38.73
C THR B 292 -17.65 11.65 38.55
N ASN B 293 -17.01 12.00 39.67
CA ASN B 293 -15.85 12.88 39.66
C ASN B 293 -14.62 12.22 39.01
N ALA B 294 -14.67 10.90 38.90
CA ALA B 294 -13.57 10.15 38.30
C ALA B 294 -13.66 10.06 36.79
N CYS B 295 -14.63 10.76 36.20
CA CYS B 295 -14.80 10.75 34.75
C CYS B 295 -14.50 12.11 34.12
N PHE B 296 -13.89 13.00 34.89
CA PHE B 296 -13.55 14.32 34.39
C PHE B 296 -12.05 14.57 34.50
N GLU B 297 -11.32 13.52 34.82
CA GLU B 297 -9.88 13.59 34.97
C GLU B 297 -9.16 13.01 33.76
N PRO B 298 -8.17 13.73 33.22
CA PRO B 298 -7.39 13.30 32.05
C PRO B 298 -6.71 11.96 32.26
N ALA B 299 -6.52 11.58 33.52
CA ALA B 299 -5.88 10.32 33.86
C ALA B 299 -6.81 9.14 33.58
N ASN B 300 -8.10 9.43 33.47
CA ASN B 300 -9.09 8.39 33.22
C ASN B 300 -10.15 8.86 32.24
N GLN B 301 -9.86 8.77 30.95
CA GLN B 301 -10.81 9.18 29.91
C GLN B 301 -10.80 8.25 28.71
N MET B 302 -9.85 7.29 28.72
CA MET B 302 -9.71 6.30 27.63
C MET B 302 -9.44 6.94 26.28
N VAL B 303 -8.94 8.17 26.31
CA VAL B 303 -8.63 8.90 25.11
C VAL B 303 -7.50 9.89 25.38
N LYS B 304 -6.66 10.15 24.39
CA LYS B 304 -5.54 11.07 24.56
C LYS B 304 -5.96 12.52 24.37
N CYS B 305 -7.26 12.73 24.19
CA CYS B 305 -7.79 14.08 24.02
C CYS B 305 -7.88 14.76 25.38
N ASP B 306 -6.72 15.09 25.93
CA ASP B 306 -6.64 15.75 27.23
C ASP B 306 -7.44 17.05 27.21
N PRO B 307 -8.08 17.40 28.34
CA PRO B 307 -8.87 18.63 28.47
C PRO B 307 -7.99 19.87 28.48
N ARG B 308 -7.28 20.09 27.38
CA ARG B 308 -6.40 21.24 27.22
C ARG B 308 -7.23 22.52 27.23
N HIS B 309 -8.18 22.59 26.32
CA HIS B 309 -9.06 23.74 26.20
C HIS B 309 -10.40 23.31 25.60
N GLY B 310 -10.65 22.01 25.64
CA GLY B 310 -11.87 21.48 25.07
C GLY B 310 -13.09 21.76 25.94
N LYS B 311 -14.12 22.29 25.32
CA LYS B 311 -15.36 22.59 26.01
C LYS B 311 -16.35 21.46 25.81
N TYR B 312 -17.06 21.11 26.87
CA TYR B 312 -18.04 20.04 26.80
C TYR B 312 -19.35 20.55 26.20
N MET B 313 -19.79 19.93 25.11
CA MET B 313 -21.03 20.33 24.45
C MET B 313 -22.18 19.41 24.80
N ALA B 314 -21.87 18.12 24.93
CA ALA B 314 -22.88 17.12 25.25
C ALA B 314 -22.22 15.97 26.00
N CYS B 315 -22.72 15.68 27.18
CA CYS B 315 -22.16 14.61 27.99
C CYS B 315 -23.23 13.63 28.46
N CYS B 316 -23.11 12.38 28.06
CA CYS B 316 -24.05 11.37 28.47
C CYS B 316 -23.45 10.57 29.62
N LEU B 317 -24.18 10.48 30.72
CA LEU B 317 -23.72 9.76 31.90
C LEU B 317 -24.59 8.55 32.16
N LEU B 318 -24.04 7.38 31.87
CA LEU B 318 -24.75 6.13 32.08
C LEU B 318 -24.37 5.47 33.39
N TYR B 319 -25.26 5.52 34.36
CA TYR B 319 -25.04 4.93 35.67
C TYR B 319 -25.67 3.56 35.74
N ARG B 320 -24.87 2.53 35.97
CA ARG B 320 -25.38 1.18 36.07
C ARG B 320 -25.04 0.56 37.42
N GLY B 321 -26.07 0.16 38.16
CA GLY B 321 -25.87 -0.45 39.46
C GLY B 321 -26.68 0.22 40.54
N ASP B 322 -26.20 0.15 41.78
CA ASP B 322 -26.89 0.75 42.92
C ASP B 322 -26.62 2.25 42.97
N VAL B 323 -27.42 3.02 42.25
CA VAL B 323 -27.27 4.47 42.21
C VAL B 323 -28.60 5.16 42.48
N VAL B 324 -28.54 6.26 43.23
CA VAL B 324 -29.74 7.03 43.55
C VAL B 324 -29.86 8.22 42.60
N PRO B 325 -31.02 8.39 41.95
CA PRO B 325 -31.27 9.50 41.02
C PRO B 325 -30.92 10.85 41.64
N LYS B 326 -31.33 11.06 42.89
CA LYS B 326 -31.04 12.31 43.58
C LYS B 326 -29.53 12.49 43.78
N ASP B 327 -28.84 11.39 43.99
CA ASP B 327 -27.38 11.42 44.17
C ASP B 327 -26.72 11.84 42.87
N VAL B 328 -27.29 11.37 41.76
CA VAL B 328 -26.79 11.71 40.43
C VAL B 328 -27.03 13.18 40.13
N ASN B 329 -28.24 13.63 40.42
CA ASN B 329 -28.62 15.02 40.20
C ASN B 329 -27.71 15.96 40.97
N ALA B 330 -27.38 15.58 42.21
CA ALA B 330 -26.51 16.38 43.05
C ALA B 330 -25.07 16.38 42.51
N ALA B 331 -24.61 15.21 42.07
CA ALA B 331 -23.26 15.08 41.52
C ALA B 331 -23.11 15.90 40.25
N ILE B 332 -24.13 15.86 39.40
CA ILE B 332 -24.12 16.61 38.16
C ILE B 332 -24.17 18.11 38.45
N ALA B 333 -25.01 18.49 39.41
CA ALA B 333 -25.18 19.88 39.78
C ALA B 333 -23.86 20.49 40.31
N THR B 334 -23.21 19.78 41.22
CA THR B 334 -21.96 20.25 41.80
C THR B 334 -20.85 20.39 40.74
N ILE B 335 -20.87 19.52 39.73
CA ILE B 335 -19.89 19.56 38.67
C ILE B 335 -20.13 20.76 37.76
N LYS B 336 -21.40 21.02 37.48
CA LYS B 336 -21.77 22.14 36.62
C LYS B 336 -21.28 23.46 37.21
N THR B 337 -21.33 23.58 38.53
CA THR B 337 -20.90 24.80 39.21
C THR B 337 -19.41 24.79 39.53
N LYS B 338 -18.69 23.78 39.04
CA LYS B 338 -17.26 23.67 39.30
C LYS B 338 -16.49 24.73 38.52
N ARG B 339 -17.04 25.10 37.35
CA ARG B 339 -16.44 26.10 36.47
C ARG B 339 -15.20 25.61 35.72
N THR B 340 -14.44 24.72 36.35
CA THR B 340 -13.25 24.16 35.73
C THR B 340 -13.65 23.44 34.44
N ILE B 341 -14.77 22.75 34.49
CA ILE B 341 -15.30 22.05 33.34
C ILE B 341 -16.14 23.03 32.53
N GLN B 342 -15.48 23.70 31.59
CA GLN B 342 -16.15 24.68 30.77
C GLN B 342 -16.99 24.03 29.67
N PHE B 343 -18.24 24.43 29.60
CA PHE B 343 -19.15 23.94 28.60
C PHE B 343 -19.24 24.98 27.49
N VAL B 344 -19.84 24.61 26.37
CA VAL B 344 -19.99 25.54 25.26
C VAL B 344 -20.96 26.66 25.65
N ASP B 345 -20.70 27.87 25.16
CA ASP B 345 -21.54 29.03 25.48
C ASP B 345 -23.00 28.80 25.15
N TRP B 346 -23.26 28.22 23.98
CA TRP B 346 -24.64 27.95 23.56
C TRP B 346 -25.17 26.64 24.14
N CYS B 347 -24.51 26.13 25.17
CA CYS B 347 -24.93 24.89 25.82
C CYS B 347 -25.28 25.14 27.28
N PRO B 348 -26.53 25.53 27.55
CA PRO B 348 -27.01 25.79 28.91
C PRO B 348 -27.07 24.50 29.72
N THR B 349 -27.58 23.45 29.09
CA THR B 349 -27.70 22.15 29.74
C THR B 349 -27.29 21.05 28.77
N GLY B 350 -26.17 20.41 29.04
CA GLY B 350 -25.69 19.34 28.17
C GLY B 350 -25.31 18.09 28.95
N PHE B 351 -26.26 17.57 29.70
CA PHE B 351 -26.03 16.38 30.50
C PHE B 351 -27.17 15.38 30.33
N LYS B 352 -26.87 14.25 29.71
CA LYS B 352 -27.85 13.20 29.50
C LYS B 352 -27.76 12.20 30.65
N VAL B 353 -28.83 12.08 31.42
CA VAL B 353 -28.86 11.19 32.56
C VAL B 353 -29.36 9.80 32.19
N GLY B 354 -28.50 8.81 32.35
CA GLY B 354 -28.88 7.44 32.06
C GLY B 354 -28.78 6.60 33.32
N ILE B 355 -29.85 5.91 33.67
CA ILE B 355 -29.86 5.09 34.88
C ILE B 355 -30.28 3.65 34.60
N ASN B 356 -29.36 2.73 34.82
CA ASN B 356 -29.61 1.31 34.59
C ASN B 356 -29.78 0.61 35.93
N TYR B 357 -30.47 -0.53 35.92
CA TYR B 357 -30.69 -1.29 37.13
C TYR B 357 -29.70 -2.45 37.22
N GLU B 358 -29.08 -2.77 36.10
CA GLU B 358 -28.12 -3.86 36.03
C GLU B 358 -26.74 -3.36 36.47
N PRO B 359 -26.15 -4.03 37.47
CA PRO B 359 -24.83 -3.68 37.99
C PRO B 359 -23.72 -3.97 36.98
N PRO B 360 -22.55 -3.33 37.16
CA PRO B 360 -21.40 -3.52 36.26
C PRO B 360 -20.71 -4.86 36.51
N THR B 361 -20.93 -5.80 35.61
CA THR B 361 -20.33 -7.12 35.70
C THR B 361 -18.84 -7.03 35.41
N VAL B 362 -18.07 -7.99 35.93
CA VAL B 362 -16.62 -8.01 35.75
C VAL B 362 -16.13 -9.43 35.44
N VAL B 363 -15.14 -9.53 34.56
CA VAL B 363 -14.54 -10.81 34.20
C VAL B 363 -13.92 -11.46 35.42
N PRO B 364 -14.30 -12.73 35.71
CA PRO B 364 -13.77 -13.48 36.86
C PRO B 364 -12.25 -13.59 36.86
N GLY B 365 -11.65 -13.43 35.68
CA GLY B 365 -10.22 -13.52 35.56
C GLY B 365 -9.61 -12.33 34.84
N GLY B 366 -10.16 -11.15 35.07
CA GLY B 366 -9.65 -9.95 34.44
C GLY B 366 -8.77 -9.16 35.41
N ASP B 367 -8.87 -7.85 35.37
CA ASP B 367 -8.08 -7.00 36.26
C ASP B 367 -8.95 -5.94 36.94
N LEU B 368 -10.26 -6.11 36.84
CA LEU B 368 -11.20 -5.16 37.41
C LEU B 368 -11.60 -5.59 38.82
N ALA B 369 -11.76 -4.61 39.70
CA ALA B 369 -12.11 -4.88 41.10
C ALA B 369 -13.56 -5.31 41.30
N LYS B 370 -14.43 -4.96 40.36
CA LYS B 370 -15.85 -5.31 40.43
C LYS B 370 -16.60 -4.50 41.50
N VAL B 371 -17.26 -3.44 41.06
CA VAL B 371 -18.01 -2.58 41.96
C VAL B 371 -19.51 -2.83 41.77
N GLN B 372 -20.32 -2.34 42.70
CA GLN B 372 -21.77 -2.52 42.62
C GLN B 372 -22.42 -1.41 41.82
N ARG B 373 -21.60 -0.49 41.32
CA ARG B 373 -22.09 0.63 40.52
C ARG B 373 -20.99 1.19 39.64
N ALA B 374 -21.33 1.53 38.40
CA ALA B 374 -20.37 2.07 37.46
C ALA B 374 -20.94 3.26 36.73
N VAL B 375 -20.08 4.21 36.40
CA VAL B 375 -20.48 5.41 35.68
C VAL B 375 -19.76 5.46 34.33
N CYS B 376 -20.54 5.53 33.27
CA CYS B 376 -20.00 5.59 31.93
C CYS B 376 -20.23 6.98 31.36
N MET B 377 -19.15 7.73 31.17
CA MET B 377 -19.23 9.07 30.64
C MET B 377 -18.84 9.12 29.17
N LEU B 378 -19.77 9.56 28.34
CA LEU B 378 -19.52 9.69 26.92
C LEU B 378 -19.89 11.10 26.47
N SER B 379 -18.87 11.92 26.24
CA SER B 379 -19.09 13.31 25.85
C SER B 379 -18.19 13.73 24.69
N ASN B 380 -18.66 14.72 23.95
CA ASN B 380 -17.90 15.26 22.82
C ASN B 380 -17.37 16.63 23.22
N THR B 381 -16.06 16.81 23.14
CA THR B 381 -15.44 18.07 23.52
C THR B 381 -14.65 18.66 22.36
N THR B 382 -14.29 19.92 22.49
CA THR B 382 -13.51 20.61 21.47
C THR B 382 -12.06 20.10 21.45
N ALA B 383 -11.74 19.21 22.38
CA ALA B 383 -10.39 18.64 22.47
C ALA B 383 -10.12 17.67 21.33
N ILE B 384 -11.19 17.22 20.70
CA ILE B 384 -11.08 16.29 19.56
C ILE B 384 -10.29 16.94 18.43
N ALA B 385 -10.45 18.27 18.28
CA ALA B 385 -9.75 19.01 17.25
C ALA B 385 -8.23 18.92 17.45
N GLU B 386 -7.82 18.92 18.71
CA GLU B 386 -6.40 18.83 19.05
C GLU B 386 -5.84 17.48 18.62
N ALA B 387 -6.58 16.42 18.91
CA ALA B 387 -6.17 15.08 18.56
C ALA B 387 -6.13 14.89 17.04
N TRP B 388 -7.16 15.38 16.37
CA TRP B 388 -7.24 15.29 14.92
C TRP B 388 -6.11 16.07 14.25
N ALA B 389 -5.81 17.24 14.81
CA ALA B 389 -4.74 18.09 14.28
C ALA B 389 -3.40 17.37 14.27
N ARG B 390 -3.17 16.52 15.27
CA ARG B 390 -1.93 15.75 15.37
C ARG B 390 -1.84 14.74 14.24
N LEU B 391 -2.95 14.06 13.97
CA LEU B 391 -2.99 13.06 12.91
C LEU B 391 -3.02 13.75 11.55
N ASP B 392 -3.70 14.88 11.49
CA ASP B 392 -3.78 15.68 10.28
C ASP B 392 -2.39 16.08 9.82
N HIS B 393 -1.58 16.54 10.77
CA HIS B 393 -0.21 16.94 10.50
C HIS B 393 0.61 15.72 10.05
N LYS B 394 0.35 14.58 10.67
CA LYS B 394 1.05 13.34 10.34
C LYS B 394 0.80 12.95 8.88
N PHE B 395 -0.40 13.23 8.39
CA PHE B 395 -0.75 12.92 7.03
C PHE B 395 -0.01 13.86 6.08
N ASP B 396 -0.07 15.15 6.38
CA ASP B 396 0.57 16.18 5.56
C ASP B 396 2.08 15.97 5.47
N LEU B 397 2.69 15.57 6.59
CA LEU B 397 4.14 15.34 6.64
C LEU B 397 4.60 14.37 5.54
N MET B 398 3.93 13.23 5.44
CA MET B 398 4.29 12.23 4.43
C MET B 398 3.68 12.57 3.08
N TYR B 399 2.52 13.20 3.09
CA TYR B 399 1.84 13.57 1.86
C TYR B 399 2.65 14.58 1.06
N ALA B 400 3.43 15.39 1.75
CA ALA B 400 4.27 16.39 1.11
C ALA B 400 5.19 15.77 0.07
N LYS B 401 5.60 14.53 0.31
CA LYS B 401 6.47 13.82 -0.61
C LYS B 401 5.75 12.61 -1.19
N ARG B 402 4.44 12.55 -0.93
CA ARG B 402 3.56 11.47 -1.40
C ARG B 402 3.77 10.16 -0.64
N ALA B 403 5.02 9.85 -0.32
CA ALA B 403 5.36 8.64 0.42
C ALA B 403 4.91 7.38 -0.33
N PHE B 404 4.35 6.44 0.42
CA PHE B 404 3.88 5.17 -0.15
C PHE B 404 2.54 5.36 -0.85
N VAL B 405 2.39 6.45 -1.58
CA VAL B 405 1.14 6.75 -2.27
C VAL B 405 0.87 5.76 -3.41
N HIS B 406 1.95 5.21 -3.99
CA HIS B 406 1.83 4.27 -5.09
C HIS B 406 1.09 3.00 -4.68
N TRP B 407 1.20 2.65 -3.40
CA TRP B 407 0.54 1.46 -2.88
C TRP B 407 -0.96 1.68 -2.76
N TYR B 408 -1.39 2.91 -3.00
CA TYR B 408 -2.78 3.27 -2.94
C TYR B 408 -3.30 3.58 -4.34
N VAL B 409 -2.52 4.35 -5.08
CA VAL B 409 -2.86 4.72 -6.43
C VAL B 409 -2.97 3.50 -7.35
N GLY B 410 -2.03 2.57 -7.20
CA GLY B 410 -2.02 1.37 -8.02
C GLY B 410 -3.19 0.43 -7.71
N GLU B 411 -3.89 0.69 -6.62
CA GLU B 411 -5.03 -0.13 -6.23
C GLU B 411 -6.31 0.39 -6.88
N GLY B 412 -6.24 1.58 -7.44
CA GLY B 412 -7.39 2.17 -8.10
C GLY B 412 -7.85 3.46 -7.44
N MET B 413 -6.91 4.23 -6.91
CA MET B 413 -7.23 5.50 -6.27
C MET B 413 -6.42 6.62 -6.91
N GLU B 414 -7.07 7.75 -7.15
CA GLU B 414 -6.41 8.89 -7.78
C GLU B 414 -5.99 9.88 -6.71
N GLU B 415 -5.25 10.91 -7.12
CA GLU B 415 -4.81 11.95 -6.18
C GLU B 415 -6.01 12.63 -5.55
N GLY B 416 -7.12 12.65 -6.28
CA GLY B 416 -8.34 13.27 -5.79
C GLY B 416 -8.86 12.59 -4.54
N GLU B 417 -8.51 11.33 -4.36
CA GLU B 417 -8.95 10.57 -3.19
C GLU B 417 -8.09 10.94 -1.97
N PHE B 418 -7.04 11.72 -2.21
CA PHE B 418 -6.15 12.14 -1.15
C PHE B 418 -6.23 13.66 -0.95
N SER B 419 -6.01 14.41 -2.02
CA SER B 419 -6.05 15.86 -1.97
C SER B 419 -7.42 16.40 -1.53
N GLU B 420 -8.49 15.89 -2.13
CA GLU B 420 -9.84 16.33 -1.78
C GLU B 420 -10.19 15.91 -0.35
N ALA B 421 -9.68 14.76 0.06
CA ALA B 421 -9.91 14.26 1.41
C ALA B 421 -9.18 15.12 2.43
N ARG B 422 -7.98 15.54 2.05
CA ARG B 422 -7.13 16.38 2.88
C ARG B 422 -7.86 17.68 3.23
N GLU B 423 -8.49 18.27 2.22
CA GLU B 423 -9.24 19.51 2.41
C GLU B 423 -10.51 19.26 3.19
N ASP B 424 -11.18 18.15 2.88
CA ASP B 424 -12.42 17.79 3.54
C ASP B 424 -12.23 17.58 5.03
N MET B 425 -11.20 16.82 5.38
CA MET B 425 -10.90 16.55 6.79
C MET B 425 -10.46 17.82 7.50
N ALA B 426 -9.80 18.71 6.76
CA ALA B 426 -9.33 19.97 7.33
C ALA B 426 -10.51 20.84 7.77
N ALA B 427 -11.66 20.62 7.15
CA ALA B 427 -12.86 21.38 7.50
C ALA B 427 -13.36 21.00 8.89
N LEU B 428 -12.97 19.82 9.34
CA LEU B 428 -13.37 19.35 10.67
C LEU B 428 -12.62 20.12 11.75
N GLU B 429 -11.36 20.46 11.46
CA GLU B 429 -10.54 21.22 12.39
C GLU B 429 -11.15 22.61 12.55
N LYS B 430 -11.77 23.09 11.48
CA LYS B 430 -12.41 24.38 11.49
C LYS B 430 -13.79 24.26 12.14
N ASP B 431 -14.42 23.11 11.93
CA ASP B 431 -15.75 22.83 12.48
C ASP B 431 -15.71 22.97 14.00
N TYR B 432 -14.84 22.20 14.64
CA TYR B 432 -14.70 22.25 16.10
C TYR B 432 -14.29 23.64 16.54
N GLU B 433 -13.47 24.29 15.72
CA GLU B 433 -12.97 25.64 16.01
C GLU B 433 -14.10 26.66 16.05
N GLU B 434 -15.15 26.40 15.29
CA GLU B 434 -16.29 27.31 15.24
C GLU B 434 -17.38 26.91 16.22
N VAL B 435 -17.64 25.60 16.29
CA VAL B 435 -18.65 25.08 17.22
C VAL B 435 -18.19 25.37 18.64
N GLY B 436 -16.89 25.30 18.82
CA GLY B 436 -16.31 25.56 20.10
C GLY B 436 -15.50 26.84 20.12
N VAL B 437 -15.01 27.21 21.30
CA VAL B 437 -14.18 28.39 21.49
C VAL B 437 -14.96 29.71 21.41
N ASP B 438 -15.69 29.91 20.30
CA ASP B 438 -16.46 31.13 20.10
C ASP B 438 -17.58 31.26 21.14
N SER B 439 -17.76 32.49 21.64
CA SER B 439 -18.78 32.75 22.65
C SER B 439 -20.15 32.98 22.00
N ARG C 2 -2.49 -17.63 0.92
CA ARG C 2 -1.26 -16.85 0.98
C ARG C 2 -0.09 -17.69 0.48
N GLU C 3 -0.39 -18.58 -0.45
CA GLU C 3 0.60 -19.48 -1.05
C GLU C 3 1.63 -18.71 -1.86
N ILE C 4 2.87 -19.19 -1.85
CA ILE C 4 3.96 -18.56 -2.59
C ILE C 4 4.83 -19.63 -3.25
N VAL C 5 5.43 -19.29 -4.38
CA VAL C 5 6.31 -20.21 -5.06
C VAL C 5 7.75 -19.79 -4.82
N HIS C 6 8.63 -20.75 -4.65
CA HIS C 6 10.03 -20.46 -4.41
C HIS C 6 10.82 -20.87 -5.65
N ILE C 7 11.71 -20.00 -6.11
CA ILE C 7 12.51 -20.30 -7.29
C ILE C 7 14.00 -20.12 -7.02
N GLN C 8 14.78 -21.15 -7.35
CA GLN C 8 16.21 -21.12 -7.17
C GLN C 8 16.87 -20.93 -8.54
N ALA C 9 17.65 -19.87 -8.69
CA ALA C 9 18.29 -19.60 -9.96
C ALA C 9 19.80 -19.52 -9.84
N GLY C 10 20.49 -20.41 -10.56
CA GLY C 10 21.94 -20.41 -10.56
C GLY C 10 22.52 -21.23 -9.44
N GLN C 11 23.83 -21.40 -9.49
CA GLN C 11 24.58 -22.15 -8.49
C GLN C 11 24.31 -21.62 -7.08
N CYS C 12 24.42 -20.30 -6.93
CA CYS C 12 24.19 -19.66 -5.64
C CYS C 12 22.77 -19.94 -5.15
N GLY C 13 21.80 -19.73 -6.03
CA GLY C 13 20.41 -19.96 -5.68
C GLY C 13 20.15 -21.41 -5.33
N ASN C 14 20.76 -22.30 -6.10
CA ASN C 14 20.62 -23.74 -5.88
C ASN C 14 21.18 -24.13 -4.52
N GLN C 15 22.40 -23.70 -4.25
CA GLN C 15 23.06 -24.00 -2.98
C GLN C 15 22.28 -23.46 -1.79
N ILE C 16 21.85 -22.21 -1.89
CA ILE C 16 21.09 -21.59 -0.81
C ILE C 16 19.72 -22.26 -0.66
N GLY C 17 19.10 -22.57 -1.79
CA GLY C 17 17.81 -23.23 -1.78
C GLY C 17 17.87 -24.56 -1.05
N ALA C 18 18.94 -25.30 -1.30
CA ALA C 18 19.15 -26.60 -0.66
C ALA C 18 19.24 -26.44 0.85
N LYS C 19 19.78 -25.30 1.29
CA LYS C 19 19.93 -25.02 2.71
C LYS C 19 18.61 -24.50 3.29
N PHE C 20 17.91 -23.69 2.50
CA PHE C 20 16.63 -23.13 2.92
C PHE C 20 15.64 -24.26 3.22
N TRP C 21 15.50 -25.18 2.28
CA TRP C 21 14.59 -26.30 2.43
C TRP C 21 15.12 -27.31 3.45
N GLU C 22 16.33 -27.07 3.91
CA GLU C 22 16.95 -27.94 4.91
C GLU C 22 16.64 -27.37 6.30
N VAL C 23 16.24 -26.10 6.33
CA VAL C 23 15.91 -25.42 7.58
C VAL C 23 14.39 -25.34 7.76
N ILE C 24 13.70 -24.86 6.74
CA ILE C 24 12.25 -24.72 6.79
C ILE C 24 11.55 -26.07 6.99
N SER C 25 12.24 -27.16 6.65
CA SER C 25 11.69 -28.48 6.81
C SER C 25 11.43 -28.78 8.28
N ASP C 26 12.29 -28.25 9.14
CA ASP C 26 12.15 -28.45 10.57
C ASP C 26 11.15 -27.44 11.14
N GLU C 27 11.07 -26.29 10.47
CA GLU C 27 10.14 -25.24 10.87
C GLU C 27 8.69 -25.70 10.67
N HIS C 28 8.47 -26.45 9.59
CA HIS C 28 7.15 -26.98 9.30
C HIS C 28 7.00 -28.39 9.85
N GLY C 29 8.13 -29.05 10.10
CA GLY C 29 8.11 -30.39 10.64
C GLY C 29 7.79 -31.43 9.57
N ILE C 30 8.56 -31.43 8.50
CA ILE C 30 8.35 -32.38 7.41
C ILE C 30 9.68 -33.04 7.04
N ASP C 31 9.69 -34.37 7.01
CA ASP C 31 10.88 -35.12 6.67
C ASP C 31 11.11 -35.10 5.15
N PRO C 32 12.32 -35.48 4.67
CA PRO C 32 12.66 -35.51 3.23
C PRO C 32 11.51 -36.04 2.38
N THR C 33 11.06 -37.23 2.70
CA THR C 33 9.95 -37.84 1.98
C THR C 33 8.92 -38.32 2.98
N GLY C 34 8.93 -37.68 4.15
CA GLY C 34 8.02 -38.03 5.20
C GLY C 34 6.86 -37.06 5.30
N SER C 35 5.97 -37.32 6.25
CA SER C 35 4.82 -36.48 6.45
C SER C 35 5.04 -35.42 7.53
N TYR C 36 3.96 -35.00 8.15
CA TYR C 36 4.00 -33.98 9.19
C TYR C 36 4.51 -34.58 10.50
N HIS C 37 5.79 -34.40 10.75
CA HIS C 37 6.42 -34.92 11.97
C HIS C 37 6.73 -33.75 12.90
N GLY C 38 6.01 -32.65 12.70
CA GLY C 38 6.21 -31.47 13.53
C GLY C 38 5.81 -31.71 14.97
N ASP C 39 6.42 -30.95 15.88
CA ASP C 39 6.14 -31.09 17.30
C ASP C 39 4.76 -30.54 17.62
N SER C 40 4.45 -29.38 17.08
CA SER C 40 3.16 -28.75 17.27
C SER C 40 2.25 -29.09 16.09
N ASP C 41 1.00 -28.65 16.13
CA ASP C 41 0.07 -28.90 15.02
C ASP C 41 -0.35 -27.62 14.33
N LEU C 42 0.15 -26.49 14.82
CA LEU C 42 -0.18 -25.19 14.25
C LEU C 42 0.57 -24.96 12.94
N GLN C 43 1.66 -25.68 12.75
CA GLN C 43 2.48 -25.54 11.55
C GLN C 43 1.80 -26.17 10.34
N LEU C 44 0.99 -27.20 10.59
CA LEU C 44 0.27 -27.91 9.54
C LEU C 44 -0.76 -27.03 8.84
N GLU C 45 -1.41 -26.16 9.60
CA GLU C 45 -2.44 -25.29 9.06
C GLU C 45 -1.91 -24.25 8.08
N ARG C 46 -0.59 -24.21 7.88
CA ARG C 46 0.01 -23.25 6.97
C ARG C 46 1.07 -23.87 6.07
N ILE C 47 0.94 -25.17 5.80
CA ILE C 47 1.91 -25.85 4.93
C ILE C 47 1.60 -25.65 3.45
N ASN C 48 0.42 -25.12 3.15
CA ASN C 48 0.00 -24.91 1.78
C ASN C 48 0.73 -23.73 1.14
N VAL C 49 1.41 -22.94 1.96
CA VAL C 49 2.13 -21.78 1.47
C VAL C 49 3.32 -22.17 0.60
N TYR C 50 3.98 -23.27 0.95
CA TYR C 50 5.15 -23.71 0.20
C TYR C 50 5.06 -25.16 -0.27
N TYR C 51 4.05 -25.89 0.18
CA TYR C 51 3.92 -27.28 -0.21
C TYR C 51 2.63 -27.55 -0.98
N ASN C 52 2.70 -28.50 -1.91
CA ASN C 52 1.55 -28.88 -2.71
C ASN C 52 0.99 -30.22 -2.23
N GLU C 53 -0.31 -30.25 -1.95
CA GLU C 53 -0.97 -31.46 -1.48
C GLU C 53 -0.94 -32.54 -2.55
N ALA C 54 -0.22 -33.63 -2.27
CA ALA C 54 -0.09 -34.71 -3.24
C ALA C 54 -0.60 -36.05 -2.72
N ALA C 55 0.32 -36.91 -2.27
CA ALA C 55 -0.03 -38.23 -1.78
C ALA C 55 -0.37 -38.28 -0.29
N GLY C 56 -0.68 -37.12 0.28
CA GLY C 56 -1.03 -37.07 1.70
C GLY C 56 0.19 -37.13 2.60
N ASN C 57 0.97 -38.20 2.47
CA ASN C 57 2.18 -38.37 3.27
C ASN C 57 3.32 -37.57 2.68
N LYS C 58 3.41 -37.57 1.35
CA LYS C 58 4.47 -36.86 0.66
C LYS C 58 4.09 -35.42 0.40
N TYR C 59 4.70 -34.50 1.14
CA TYR C 59 4.46 -33.08 0.97
C TYR C 59 5.52 -32.52 0.03
N VAL C 60 5.14 -32.26 -1.21
CA VAL C 60 6.07 -31.75 -2.19
C VAL C 60 6.19 -30.23 -2.17
N PRO C 61 7.41 -29.73 -1.98
CA PRO C 61 7.68 -28.30 -1.94
C PRO C 61 7.55 -27.66 -3.32
N ARG C 62 6.80 -26.56 -3.38
CA ARG C 62 6.59 -25.86 -4.62
C ARG C 62 7.76 -24.92 -4.91
N ALA C 63 8.88 -25.52 -5.28
CA ALA C 63 10.09 -24.79 -5.58
C ALA C 63 10.60 -25.18 -6.96
N ILE C 64 10.97 -24.19 -7.73
CA ILE C 64 11.49 -24.42 -9.07
C ILE C 64 12.99 -24.13 -9.09
N LEU C 65 13.78 -25.15 -9.34
CA LEU C 65 15.23 -25.00 -9.37
C LEU C 65 15.73 -24.99 -10.81
N VAL C 66 16.30 -23.87 -11.22
CA VAL C 66 16.83 -23.70 -12.57
C VAL C 66 18.34 -23.50 -12.52
N ASP C 67 19.06 -24.40 -13.16
CA ASP C 67 20.53 -24.31 -13.19
C ASP C 67 21.05 -24.72 -14.56
N LEU C 68 22.20 -24.15 -14.93
CA LEU C 68 22.82 -24.46 -16.20
C LEU C 68 23.89 -25.52 -16.02
N GLU C 69 24.27 -25.74 -14.76
CA GLU C 69 25.27 -26.73 -14.43
C GLU C 69 24.59 -27.97 -13.83
N PRO C 70 24.44 -29.04 -14.63
CA PRO C 70 23.78 -30.28 -14.19
C PRO C 70 24.44 -30.86 -12.95
N GLY C 71 25.76 -30.76 -12.88
CA GLY C 71 26.49 -31.29 -11.75
C GLY C 71 26.10 -30.60 -10.44
N THR C 72 25.96 -29.29 -10.50
CA THR C 72 25.59 -28.50 -9.33
C THR C 72 24.20 -28.89 -8.82
N MET C 73 23.25 -28.98 -9.75
CA MET C 73 21.88 -29.37 -9.40
C MET C 73 21.84 -30.82 -8.92
N ASP C 74 22.67 -31.65 -9.52
CA ASP C 74 22.72 -33.06 -9.16
C ASP C 74 23.25 -33.29 -7.76
N SER C 75 24.24 -32.50 -7.33
CA SER C 75 24.79 -32.64 -5.99
C SER C 75 23.72 -32.39 -4.93
N VAL C 76 22.73 -31.57 -5.29
CA VAL C 76 21.63 -31.27 -4.39
C VAL C 76 20.68 -32.47 -4.33
N ARG C 77 20.37 -33.01 -5.51
CA ARG C 77 19.47 -34.16 -5.63
C ARG C 77 20.00 -35.37 -4.88
N SER C 78 21.32 -35.52 -4.81
CA SER C 78 21.93 -36.64 -4.13
C SER C 78 22.38 -36.25 -2.73
N GLY C 79 21.87 -35.13 -2.22
CA GLY C 79 22.23 -34.66 -0.91
C GLY C 79 21.20 -35.02 0.14
N PRO C 80 21.03 -34.17 1.17
CA PRO C 80 20.06 -34.41 2.25
C PRO C 80 18.62 -34.21 1.78
N PHE C 81 18.24 -32.98 1.52
CA PHE C 81 16.88 -32.67 1.06
C PHE C 81 16.86 -32.41 -0.44
N GLY C 82 17.30 -33.38 -1.21
CA GLY C 82 17.32 -33.23 -2.65
C GLY C 82 16.28 -34.10 -3.32
N GLN C 83 15.86 -35.15 -2.62
CA GLN C 83 14.85 -36.06 -3.15
C GLN C 83 13.45 -35.57 -2.79
N ILE C 84 13.38 -34.54 -1.97
CA ILE C 84 12.11 -33.98 -1.55
C ILE C 84 11.43 -33.24 -2.72
N PHE C 85 12.25 -32.78 -3.66
CA PHE C 85 11.76 -32.06 -4.82
C PHE C 85 11.27 -33.02 -5.90
N ARG C 86 10.28 -32.58 -6.66
CA ARG C 86 9.74 -33.38 -7.74
C ARG C 86 10.54 -33.11 -9.01
N PRO C 87 10.86 -34.17 -9.78
CA PRO C 87 11.63 -34.06 -11.02
C PRO C 87 11.02 -33.06 -12.01
N ASP C 88 9.71 -32.88 -11.93
CA ASP C 88 9.00 -31.94 -12.81
C ASP C 88 9.45 -30.51 -12.58
N ASN C 89 9.96 -30.22 -11.39
CA ASN C 89 10.41 -28.88 -11.05
C ASN C 89 11.92 -28.72 -11.25
N PHE C 90 12.53 -29.75 -11.85
CA PHE C 90 13.95 -29.72 -12.11
C PHE C 90 14.22 -29.17 -13.51
N VAL C 91 14.61 -27.91 -13.58
CA VAL C 91 14.89 -27.28 -14.87
C VAL C 91 16.39 -27.13 -15.05
N PHE C 92 17.00 -28.14 -15.64
CA PHE C 92 18.44 -28.11 -15.88
C PHE C 92 18.73 -27.85 -17.35
N GLY C 93 19.70 -26.99 -17.60
CA GLY C 93 20.07 -26.67 -18.96
C GLY C 93 21.47 -27.14 -19.26
N GLN C 94 21.59 -28.34 -19.83
CA GLN C 94 22.88 -28.92 -20.16
C GLN C 94 23.47 -28.25 -21.42
N SER C 95 23.68 -26.95 -21.33
CA SER C 95 24.23 -26.18 -22.42
C SER C 95 25.50 -25.46 -21.95
N GLY C 96 25.82 -24.36 -22.61
CA GLY C 96 27.00 -23.60 -22.23
C GLY C 96 26.86 -22.91 -20.89
N ALA C 97 27.15 -23.63 -19.82
CA ALA C 97 27.06 -23.09 -18.47
C ALA C 97 28.26 -22.21 -18.16
N GLY C 98 28.29 -21.04 -18.77
CA GLY C 98 29.38 -20.13 -18.56
C GLY C 98 28.95 -18.94 -17.74
N ASN C 99 29.83 -18.48 -16.85
CA ASN C 99 29.54 -17.33 -16.00
C ASN C 99 29.49 -16.07 -16.84
N ASN C 100 28.32 -15.81 -17.42
CA ASN C 100 28.11 -14.66 -18.27
C ASN C 100 26.63 -14.31 -18.30
N TRP C 101 26.32 -13.06 -17.96
CA TRP C 101 24.94 -12.58 -17.96
C TRP C 101 24.26 -12.78 -19.31
N ALA C 102 24.91 -12.30 -20.37
CA ALA C 102 24.38 -12.41 -21.72
C ALA C 102 24.20 -13.86 -22.16
N LYS C 103 25.18 -14.69 -21.83
CA LYS C 103 25.13 -16.10 -22.19
C LYS C 103 23.98 -16.81 -21.50
N GLY C 104 23.77 -16.50 -20.23
CA GLY C 104 22.70 -17.11 -19.48
C GLY C 104 21.38 -16.38 -19.60
N HIS C 105 21.31 -15.43 -20.52
CA HIS C 105 20.08 -14.66 -20.72
C HIS C 105 19.60 -14.74 -22.16
N TYR C 106 20.47 -14.41 -23.09
CA TYR C 106 20.11 -14.42 -24.51
C TYR C 106 20.38 -15.76 -25.19
N THR C 107 21.63 -16.21 -25.12
CA THR C 107 22.04 -17.45 -25.78
C THR C 107 21.37 -18.70 -25.19
N GLU C 108 21.98 -19.26 -24.16
CA GLU C 108 21.49 -20.49 -23.53
C GLU C 108 20.40 -20.19 -22.51
N GLY C 109 20.16 -18.92 -22.25
CA GLY C 109 19.16 -18.54 -21.28
C GLY C 109 17.74 -18.66 -21.81
N ALA C 110 17.41 -17.84 -22.80
CA ALA C 110 16.08 -17.80 -23.39
C ALA C 110 15.54 -19.18 -23.76
N GLU C 111 16.39 -20.04 -24.33
CA GLU C 111 15.97 -21.37 -24.74
C GLU C 111 15.40 -22.18 -23.58
N LEU C 112 16.00 -22.05 -22.41
CA LEU C 112 15.56 -22.78 -21.24
C LEU C 112 14.41 -22.07 -20.54
N VAL C 113 14.37 -20.75 -20.69
CA VAL C 113 13.31 -19.94 -20.07
C VAL C 113 11.91 -20.43 -20.45
N ASP C 114 11.73 -20.80 -21.70
CA ASP C 114 10.45 -21.32 -22.18
C ASP C 114 10.01 -22.52 -21.36
N SER C 115 10.96 -23.40 -21.08
CA SER C 115 10.70 -24.59 -20.30
C SER C 115 10.39 -24.23 -18.84
N VAL C 116 11.09 -23.22 -18.34
CA VAL C 116 10.89 -22.76 -16.96
C VAL C 116 9.49 -22.16 -16.81
N LEU C 117 9.09 -21.34 -17.77
CA LEU C 117 7.79 -20.69 -17.75
C LEU C 117 6.65 -21.70 -17.65
N ASP C 118 6.80 -22.83 -18.32
CA ASP C 118 5.78 -23.86 -18.30
C ASP C 118 5.63 -24.42 -16.90
N VAL C 119 6.76 -24.62 -16.22
CA VAL C 119 6.77 -25.15 -14.88
C VAL C 119 6.21 -24.14 -13.88
N VAL C 120 6.71 -22.91 -13.96
CA VAL C 120 6.26 -21.85 -13.05
C VAL C 120 4.77 -21.55 -13.22
N ARG C 121 4.28 -21.58 -14.46
CA ARG C 121 2.87 -21.31 -14.74
C ARG C 121 2.01 -22.42 -14.15
N LYS C 122 2.59 -23.61 -14.04
CA LYS C 122 1.90 -24.75 -13.48
C LYS C 122 1.88 -24.65 -11.97
N GLU C 123 2.96 -24.15 -11.40
CA GLU C 123 3.09 -23.99 -9.96
C GLU C 123 2.19 -22.88 -9.44
N SER C 124 2.04 -21.81 -10.22
CA SER C 124 1.18 -20.69 -9.83
C SER C 124 -0.29 -21.09 -9.92
N GLU C 125 -0.63 -21.83 -10.97
CA GLU C 125 -1.99 -22.27 -11.16
C GLU C 125 -2.25 -23.59 -10.46
N SER C 126 -1.97 -23.62 -9.16
CA SER C 126 -2.17 -24.82 -8.36
C SER C 126 -3.55 -24.81 -7.73
N CYS C 127 -3.66 -24.20 -6.55
CA CYS C 127 -4.93 -24.12 -5.84
C CYS C 127 -5.01 -22.83 -5.03
N ASP C 128 -6.22 -22.44 -4.66
CA ASP C 128 -6.47 -21.23 -3.88
C ASP C 128 -5.92 -19.97 -4.58
N CYS C 129 -5.40 -19.03 -3.80
CA CYS C 129 -4.87 -17.80 -4.36
C CYS C 129 -3.39 -17.63 -4.02
N LEU C 130 -2.58 -17.44 -5.06
CA LEU C 130 -1.15 -17.27 -4.89
C LEU C 130 -0.83 -15.82 -4.53
N GLN C 131 0.16 -15.61 -3.69
CA GLN C 131 0.54 -14.27 -3.27
C GLN C 131 1.71 -13.71 -4.08
N GLY C 132 2.83 -14.42 -4.10
CA GLY C 132 3.98 -13.92 -4.82
C GLY C 132 4.94 -15.00 -5.27
N PHE C 133 6.16 -14.58 -5.58
CA PHE C 133 7.19 -15.50 -6.05
C PHE C 133 8.54 -15.15 -5.42
N GLN C 134 9.05 -16.04 -4.57
CA GLN C 134 10.33 -15.82 -3.91
C GLN C 134 11.45 -16.33 -4.82
N LEU C 135 12.53 -15.58 -4.92
CA LEU C 135 13.66 -15.99 -5.76
C LEU C 135 14.99 -15.85 -5.05
N THR C 136 15.89 -16.79 -5.32
CA THR C 136 17.23 -16.79 -4.74
C THR C 136 18.24 -16.92 -5.87
N HIS C 137 19.15 -15.96 -5.99
CA HIS C 137 20.14 -16.01 -7.06
C HIS C 137 21.43 -15.27 -6.69
N SER C 138 22.40 -15.36 -7.59
CA SER C 138 23.70 -14.71 -7.43
C SER C 138 23.74 -13.44 -8.29
N LEU C 139 24.61 -12.51 -7.93
CA LEU C 139 24.73 -11.27 -8.70
C LEU C 139 25.91 -11.32 -9.66
N GLY C 140 26.89 -12.18 -9.34
CA GLY C 140 28.07 -12.32 -10.18
C GLY C 140 28.16 -13.70 -10.80
N GLY C 141 27.04 -14.19 -11.31
CA GLY C 141 27.02 -15.50 -11.94
C GLY C 141 26.41 -15.48 -13.33
N GLY C 142 26.23 -16.64 -13.92
CA GLY C 142 25.64 -16.71 -15.23
C GLY C 142 24.18 -17.09 -15.14
N THR C 143 23.90 -18.16 -14.40
CA THR C 143 22.54 -18.62 -14.24
C THR C 143 21.78 -17.75 -13.24
N GLY C 144 22.46 -17.39 -12.17
CA GLY C 144 21.84 -16.57 -11.14
C GLY C 144 21.47 -15.18 -11.61
N SER C 145 22.45 -14.44 -12.10
CA SER C 145 22.24 -13.08 -12.56
C SER C 145 21.54 -13.00 -13.91
N GLY C 146 21.88 -13.92 -14.82
CA GLY C 146 21.30 -13.89 -16.15
C GLY C 146 19.92 -14.54 -16.22
N MET C 147 19.89 -15.86 -16.09
CA MET C 147 18.64 -16.62 -16.18
C MET C 147 17.59 -16.13 -15.19
N GLY C 148 18.00 -15.92 -13.95
CA GLY C 148 17.08 -15.45 -12.93
C GLY C 148 16.44 -14.12 -13.29
N THR C 149 17.24 -13.25 -13.89
CA THR C 149 16.76 -11.93 -14.30
C THR C 149 15.66 -12.04 -15.36
N LEU C 150 15.79 -12.99 -16.27
CA LEU C 150 14.79 -13.17 -17.31
C LEU C 150 13.55 -13.83 -16.73
N LEU C 151 13.77 -14.70 -15.76
CA LEU C 151 12.69 -15.39 -15.08
C LEU C 151 11.74 -14.40 -14.42
N ILE C 152 12.31 -13.44 -13.68
CA ILE C 152 11.52 -12.43 -13.01
C ILE C 152 10.84 -11.48 -14.00
N SER C 153 11.54 -11.18 -15.10
CA SER C 153 11.00 -10.30 -16.13
C SER C 153 9.73 -10.88 -16.75
N LYS C 154 9.73 -12.19 -16.96
CA LYS C 154 8.60 -12.87 -17.56
C LYS C 154 7.47 -13.05 -16.53
N ILE C 155 7.86 -13.33 -15.29
CA ILE C 155 6.89 -13.53 -14.21
C ILE C 155 6.08 -12.27 -13.94
N ARG C 156 6.76 -11.12 -13.86
CA ARG C 156 6.09 -9.85 -13.60
C ARG C 156 5.19 -9.46 -14.78
N GLU C 157 5.50 -10.01 -15.94
CA GLU C 157 4.75 -9.76 -17.15
C GLU C 157 3.47 -10.60 -17.15
N GLU C 158 3.58 -11.80 -16.60
CA GLU C 158 2.47 -12.73 -16.54
C GLU C 158 1.53 -12.40 -15.38
N TYR C 159 2.10 -12.24 -14.20
CA TYR C 159 1.31 -11.94 -13.01
C TYR C 159 1.75 -10.63 -12.35
N PRO C 160 1.27 -9.48 -12.86
CA PRO C 160 1.61 -8.17 -12.30
C PRO C 160 0.82 -7.90 -11.04
N ASP C 161 -0.16 -8.75 -10.78
CA ASP C 161 -1.02 -8.64 -9.61
C ASP C 161 -0.34 -9.22 -8.38
N ARG C 162 0.71 -9.99 -8.60
CA ARG C 162 1.43 -10.62 -7.51
C ARG C 162 2.73 -9.87 -7.22
N ILE C 163 3.27 -10.07 -6.03
CA ILE C 163 4.50 -9.40 -5.65
C ILE C 163 5.68 -10.34 -5.80
N MET C 164 6.88 -9.79 -5.86
CA MET C 164 8.08 -10.60 -5.99
C MET C 164 9.10 -10.23 -4.93
N ASN C 165 9.63 -11.25 -4.26
CA ASN C 165 10.64 -11.05 -3.22
C ASN C 165 11.90 -11.78 -3.63
N THR C 166 12.96 -11.03 -3.87
CA THR C 166 14.21 -11.60 -4.30
C THR C 166 15.31 -11.54 -3.24
N PHE C 167 16.01 -12.65 -3.08
CA PHE C 167 17.13 -12.75 -2.15
C PHE C 167 18.38 -12.90 -3.01
N SER C 168 19.22 -11.89 -3.02
CA SER C 168 20.41 -11.94 -3.85
C SER C 168 21.70 -11.66 -3.09
N VAL C 169 22.70 -12.51 -3.31
CA VAL C 169 24.00 -12.34 -2.69
C VAL C 169 24.83 -11.43 -3.60
N VAL C 170 25.16 -10.25 -3.12
CA VAL C 170 25.91 -9.30 -3.92
C VAL C 170 27.40 -9.66 -3.94
N PRO C 171 28.13 -9.16 -4.96
CA PRO C 171 29.57 -9.41 -5.11
C PRO C 171 30.37 -8.89 -3.93
N SER C 172 31.14 -9.76 -3.32
CA SER C 172 31.98 -9.40 -2.17
C SER C 172 32.93 -8.26 -2.53
N PRO C 173 32.73 -7.08 -1.92
CA PRO C 173 33.56 -5.90 -2.17
C PRO C 173 35.05 -6.09 -1.82
N LYS C 174 35.35 -6.69 -0.67
CA LYS C 174 36.74 -6.87 -0.27
C LYS C 174 37.46 -7.91 -1.12
N VAL C 175 36.81 -9.05 -1.36
CA VAL C 175 37.40 -10.11 -2.17
C VAL C 175 36.36 -10.70 -3.11
N SER C 176 36.29 -10.18 -4.32
CA SER C 176 35.33 -10.68 -5.31
C SER C 176 35.61 -12.14 -5.65
N ASP C 177 34.55 -12.93 -5.73
CA ASP C 177 34.67 -14.36 -6.01
C ASP C 177 34.70 -14.62 -7.51
N THR C 178 34.24 -13.65 -8.28
CA THR C 178 34.21 -13.77 -9.72
C THR C 178 34.99 -12.62 -10.37
N VAL C 179 35.61 -12.88 -11.51
CA VAL C 179 36.38 -11.86 -12.21
C VAL C 179 35.43 -10.91 -12.95
N VAL C 180 34.45 -11.48 -13.63
CA VAL C 180 33.46 -10.70 -14.36
C VAL C 180 32.25 -10.39 -13.47
N GLU C 181 32.51 -10.38 -12.18
CA GLU C 181 31.46 -10.12 -11.18
C GLU C 181 30.74 -8.78 -11.38
N PRO C 182 31.46 -7.63 -11.43
CA PRO C 182 30.83 -6.32 -11.62
C PRO C 182 30.05 -6.23 -12.94
N TYR C 183 30.55 -6.92 -13.94
CA TYR C 183 29.93 -6.93 -15.26
C TYR C 183 28.55 -7.59 -15.20
N ASN C 184 28.45 -8.65 -14.41
CA ASN C 184 27.18 -9.37 -14.27
C ASN C 184 26.27 -8.66 -13.28
N ALA C 185 26.87 -8.09 -12.24
CA ALA C 185 26.14 -7.40 -11.19
C ALA C 185 25.31 -6.23 -11.72
N THR C 186 25.96 -5.32 -12.45
CA THR C 186 25.28 -4.15 -13.00
C THR C 186 24.13 -4.54 -13.93
N LEU C 187 24.30 -5.63 -14.66
CA LEU C 187 23.26 -6.10 -15.57
C LEU C 187 22.10 -6.75 -14.83
N SER C 188 22.41 -7.53 -13.80
CA SER C 188 21.38 -8.22 -13.03
C SER C 188 20.56 -7.25 -12.18
N VAL C 189 21.24 -6.29 -11.57
CA VAL C 189 20.56 -5.29 -10.74
C VAL C 189 19.61 -4.43 -11.57
N HIS C 190 19.88 -4.34 -12.87
CA HIS C 190 19.05 -3.56 -13.77
C HIS C 190 17.64 -4.12 -13.85
N GLN C 191 17.53 -5.39 -14.22
CA GLN C 191 16.24 -6.04 -14.32
C GLN C 191 15.58 -6.16 -12.96
N LEU C 192 16.40 -6.26 -11.91
CA LEU C 192 15.90 -6.36 -10.55
C LEU C 192 15.03 -5.16 -10.20
N VAL C 193 15.60 -3.97 -10.30
CA VAL C 193 14.88 -2.75 -9.96
C VAL C 193 13.71 -2.48 -10.91
N GLU C 194 13.83 -2.93 -12.17
CA GLU C 194 12.80 -2.78 -13.17
C GLU C 194 11.69 -3.84 -13.06
N ASN C 195 11.82 -4.87 -12.19
CA ASN C 195 10.89 -6.01 -12.17
C ASN C 195 10.37 -6.36 -10.78
N THR C 196 11.26 -6.82 -9.92
CA THR C 196 10.87 -7.23 -8.58
C THR C 196 10.44 -6.05 -7.70
N ASP C 197 9.66 -6.35 -6.66
CA ASP C 197 9.16 -5.32 -5.76
C ASP C 197 9.98 -5.27 -4.48
N GLU C 198 10.43 -6.44 -4.02
CA GLU C 198 11.22 -6.52 -2.80
C GLU C 198 12.51 -7.30 -3.07
N THR C 199 13.60 -6.86 -2.45
CA THR C 199 14.89 -7.53 -2.62
C THR C 199 15.77 -7.38 -1.38
N TYR C 200 16.31 -8.50 -0.93
CA TYR C 200 17.19 -8.52 0.23
C TYR C 200 18.62 -8.77 -0.23
N CYS C 201 19.55 -7.97 0.25
CA CYS C 201 20.94 -8.10 -0.14
C CYS C 201 21.75 -8.81 0.94
N ILE C 202 22.50 -9.82 0.51
CA ILE C 202 23.34 -10.58 1.41
C ILE C 202 24.79 -10.49 0.94
N ASP C 203 25.69 -10.06 1.81
CA ASP C 203 27.10 -9.93 1.45
C ASP C 203 27.90 -11.14 1.89
N ASN C 204 28.91 -11.49 1.09
CA ASN C 204 29.76 -12.63 1.37
C ASN C 204 30.55 -12.47 2.66
N GLU C 205 31.40 -11.45 2.73
CA GLU C 205 32.23 -11.22 3.91
C GLU C 205 31.41 -10.78 5.11
N ALA C 206 30.21 -10.26 4.86
CA ALA C 206 29.34 -9.82 5.94
C ALA C 206 29.00 -11.02 6.81
N LEU C 207 28.61 -12.10 6.15
CA LEU C 207 28.27 -13.34 6.84
C LEU C 207 29.49 -13.88 7.57
N TYR C 208 30.65 -13.70 6.95
CA TYR C 208 31.91 -14.15 7.53
C TYR C 208 32.20 -13.41 8.83
N ASP C 209 32.03 -12.09 8.80
CA ASP C 209 32.27 -11.25 9.96
C ASP C 209 31.32 -11.59 11.10
N ILE C 210 30.04 -11.77 10.76
CA ILE C 210 29.03 -12.12 11.76
C ILE C 210 29.33 -13.48 12.39
N CYS C 211 29.75 -14.43 11.56
CA CYS C 211 30.07 -15.78 12.03
C CYS C 211 31.46 -15.81 12.68
N PHE C 212 32.08 -14.65 12.80
CA PHE C 212 33.40 -14.55 13.40
C PHE C 212 33.33 -13.81 14.72
N ARG C 213 32.61 -12.69 14.74
CA ARG C 213 32.48 -11.88 15.95
C ARG C 213 31.31 -12.31 16.82
N THR C 214 30.12 -12.35 16.24
CA THR C 214 28.92 -12.72 16.96
C THR C 214 28.92 -14.21 17.24
N LEU C 215 29.12 -14.98 16.19
CA LEU C 215 29.19 -16.43 16.32
C LEU C 215 30.64 -16.84 16.39
N LYS C 216 30.93 -17.90 17.12
CA LYS C 216 32.28 -18.37 17.26
C LYS C 216 32.54 -19.56 16.35
N LEU C 217 32.53 -19.30 15.06
CA LEU C 217 32.74 -20.33 14.05
C LEU C 217 34.10 -20.14 13.39
N THR C 218 35.04 -20.99 13.76
CA THR C 218 36.40 -20.93 13.22
C THR C 218 36.41 -21.32 11.74
N THR C 219 35.41 -22.08 11.31
CA THR C 219 35.33 -22.51 9.92
C THR C 219 33.92 -22.29 9.36
N PRO C 220 33.62 -21.06 8.91
CA PRO C 220 32.32 -20.70 8.35
C PRO C 220 32.25 -21.02 6.87
N THR C 221 31.99 -22.28 6.54
CA THR C 221 31.88 -22.70 5.16
C THR C 221 30.57 -22.19 4.56
N TYR C 222 30.36 -22.39 3.26
CA TYR C 222 29.13 -21.94 2.62
C TYR C 222 27.91 -22.57 3.26
N GLY C 223 28.03 -23.83 3.65
CA GLY C 223 26.92 -24.51 4.30
C GLY C 223 26.56 -23.84 5.61
N ASP C 224 27.52 -23.18 6.22
CA ASP C 224 27.31 -22.48 7.48
C ASP C 224 26.72 -21.11 7.22
N LEU C 225 27.26 -20.42 6.23
CA LEU C 225 26.80 -19.09 5.87
C LEU C 225 25.39 -19.13 5.31
N ASN C 226 25.16 -20.00 4.33
CA ASN C 226 23.85 -20.16 3.71
C ASN C 226 22.81 -20.52 4.75
N HIS C 227 23.18 -21.33 5.78
CA HIS C 227 22.27 -21.72 6.83
C HIS C 227 21.69 -20.48 7.47
N LEU C 228 22.56 -19.49 7.77
CA LEU C 228 22.09 -18.29 8.43
C LEU C 228 21.11 -17.55 7.54
N VAL C 229 21.44 -17.46 6.26
CA VAL C 229 20.60 -16.78 5.28
C VAL C 229 19.23 -17.44 5.22
N SER C 230 19.22 -18.76 5.25
CA SER C 230 17.98 -19.52 5.18
C SER C 230 17.15 -19.37 6.46
N ALA C 231 17.71 -18.72 7.47
CA ALA C 231 16.98 -18.50 8.72
C ALA C 231 16.28 -17.15 8.71
N THR C 232 16.85 -16.21 7.98
CA THR C 232 16.27 -14.87 7.88
C THR C 232 15.02 -14.90 7.00
N MET C 233 15.10 -15.62 5.90
CA MET C 233 13.99 -15.74 4.95
C MET C 233 12.77 -16.39 5.59
N SER C 234 12.99 -17.22 6.60
CA SER C 234 11.89 -17.89 7.29
C SER C 234 11.06 -16.86 8.05
N GLY C 235 11.73 -15.86 8.61
CA GLY C 235 11.04 -14.84 9.36
C GLY C 235 10.23 -13.94 8.45
N VAL C 236 10.70 -13.80 7.22
CA VAL C 236 10.03 -12.96 6.24
C VAL C 236 8.87 -13.72 5.57
N THR C 237 9.00 -15.03 5.48
CA THR C 237 7.97 -15.84 4.84
C THR C 237 7.11 -16.63 5.83
N THR C 238 7.63 -17.78 6.29
CA THR C 238 6.91 -18.67 7.20
C THR C 238 6.42 -17.96 8.46
N CYS C 239 7.29 -17.18 9.09
CA CYS C 239 6.94 -16.47 10.31
C CYS C 239 5.76 -15.51 10.11
N LEU C 240 5.56 -15.09 8.87
CA LEU C 240 4.47 -14.17 8.54
C LEU C 240 3.28 -14.92 7.95
N ARG C 241 3.25 -16.23 8.17
CA ARG C 241 2.14 -17.04 7.67
C ARG C 241 1.28 -17.49 8.84
N PHE C 242 1.91 -17.65 9.98
CA PHE C 242 1.23 -18.10 11.20
C PHE C 242 0.61 -16.90 11.93
N PRO C 243 -0.35 -17.17 12.83
CA PRO C 243 -1.03 -16.12 13.60
C PRO C 243 -0.12 -15.47 14.63
N GLY C 244 -0.56 -14.34 15.18
CA GLY C 244 0.22 -13.63 16.18
C GLY C 244 -0.56 -12.50 16.80
N GLN C 245 0.11 -11.70 17.61
CA GLN C 245 -0.52 -10.57 18.27
C GLN C 245 -0.69 -9.44 17.26
N LEU C 246 0.15 -9.48 16.23
CA LEU C 246 0.14 -8.50 15.16
C LEU C 246 0.68 -9.16 13.91
N ASN C 247 -0.23 -9.56 13.02
CA ASN C 247 0.16 -10.25 11.79
C ASN C 247 0.61 -9.28 10.69
N ALA C 248 1.46 -9.81 9.82
CA ALA C 248 2.00 -9.06 8.69
C ALA C 248 2.30 -10.02 7.55
N ASP C 249 2.56 -9.48 6.37
CA ASP C 249 2.86 -10.31 5.21
C ASP C 249 3.61 -9.48 4.17
N LEU C 250 3.77 -10.02 2.96
CA LEU C 250 4.49 -9.32 1.89
C LEU C 250 3.78 -8.02 1.54
N ARG C 251 2.46 -8.03 1.55
CA ARG C 251 1.69 -6.84 1.24
C ARG C 251 1.90 -5.80 2.33
N LYS C 252 1.77 -6.24 3.58
CA LYS C 252 1.97 -5.35 4.72
C LYS C 252 3.38 -4.81 4.73
N LEU C 253 4.34 -5.67 4.40
CA LEU C 253 5.75 -5.31 4.36
C LEU C 253 6.04 -4.30 3.26
N ALA C 254 5.77 -4.68 2.01
CA ALA C 254 6.03 -3.82 0.86
C ALA C 254 5.43 -2.42 1.05
N VAL C 255 4.17 -2.36 1.45
CA VAL C 255 3.49 -1.07 1.66
C VAL C 255 4.10 -0.26 2.80
N ASN C 256 4.81 -0.93 3.70
CA ASN C 256 5.43 -0.26 4.83
C ASN C 256 6.95 -0.39 4.77
N MET C 257 7.49 -0.50 3.56
CA MET C 257 8.94 -0.62 3.37
C MET C 257 9.41 0.07 2.10
N VAL C 258 8.66 -0.12 1.03
CA VAL C 258 8.99 0.49 -0.26
C VAL C 258 8.27 1.83 -0.39
N PRO C 259 8.98 2.94 -0.19
CA PRO C 259 8.38 4.28 -0.24
C PRO C 259 8.17 4.82 -1.66
N PHE C 260 8.79 4.20 -2.65
CA PHE C 260 8.65 4.66 -4.04
C PHE C 260 8.67 3.46 -4.99
N PRO C 261 8.33 3.66 -6.29
CA PRO C 261 8.32 2.57 -7.27
C PRO C 261 9.73 2.30 -7.80
N ARG C 262 10.70 2.24 -6.90
CA ARG C 262 12.08 1.99 -7.29
C ARG C 262 12.61 0.74 -6.60
N LEU C 263 11.68 -0.11 -6.15
CA LEU C 263 12.03 -1.37 -5.48
C LEU C 263 12.63 -1.16 -4.09
N HIS C 264 13.84 -0.61 -4.05
CA HIS C 264 14.58 -0.38 -2.80
C HIS C 264 15.09 -1.67 -2.19
N PHE C 265 16.38 -1.69 -1.88
CA PHE C 265 17.01 -2.87 -1.33
C PHE C 265 17.05 -2.84 0.19
N PHE C 266 16.55 -3.90 0.80
CA PHE C 266 16.49 -4.01 2.25
C PHE C 266 17.65 -4.84 2.77
N MET C 267 18.11 -4.52 3.97
CA MET C 267 19.20 -5.25 4.60
C MET C 267 18.63 -6.13 5.71
N PRO C 268 18.90 -7.44 5.68
CA PRO C 268 18.41 -8.39 6.67
C PRO C 268 19.32 -8.56 7.89
N GLY C 269 18.71 -8.98 9.00
CA GLY C 269 19.44 -9.21 10.23
C GLY C 269 18.72 -10.22 11.11
N PHE C 270 19.40 -10.72 12.14
CA PHE C 270 18.81 -11.71 13.03
C PHE C 270 19.00 -11.32 14.50
N ALA C 271 17.90 -11.29 15.24
CA ALA C 271 17.94 -10.92 16.65
C ALA C 271 18.63 -11.95 17.56
N PRO C 272 18.23 -13.24 17.52
CA PRO C 272 18.84 -14.27 18.36
C PRO C 272 20.13 -14.81 17.75
N LEU C 273 21.15 -13.97 17.72
CA LEU C 273 22.44 -14.37 17.15
C LEU C 273 23.51 -14.47 18.23
N THR C 274 23.73 -15.67 18.73
CA THR C 274 24.72 -15.93 19.77
C THR C 274 25.40 -17.27 19.52
N SER C 275 26.42 -17.60 20.32
CA SER C 275 27.11 -18.86 20.19
C SER C 275 26.30 -20.01 20.79
N ARG C 276 26.87 -21.21 20.80
CA ARG C 276 26.19 -22.38 21.33
C ARG C 276 26.06 -22.38 22.85
N GLY C 277 27.12 -22.79 23.54
CA GLY C 277 27.08 -22.85 24.98
C GLY C 277 27.82 -21.72 25.68
N SER C 278 28.90 -21.26 25.07
CA SER C 278 29.70 -20.18 25.65
C SER C 278 28.87 -18.91 25.80
N GLN C 279 28.18 -18.52 24.74
CA GLN C 279 27.37 -17.30 24.77
C GLN C 279 25.93 -17.60 25.20
N GLN C 280 25.74 -18.72 25.88
CA GLN C 280 24.41 -19.10 26.36
C GLN C 280 24.04 -18.26 27.57
N TYR C 281 23.68 -17.01 27.31
CA TYR C 281 23.30 -16.10 28.36
C TYR C 281 21.78 -16.00 28.44
N ARG C 282 21.15 -16.37 27.33
CA ARG C 282 19.69 -16.34 27.22
C ARG C 282 19.15 -14.94 27.39
N ALA C 283 19.99 -13.95 27.07
CA ALA C 283 19.62 -12.55 27.18
C ALA C 283 18.79 -12.14 25.98
N LEU C 284 17.54 -12.56 25.99
CA LEU C 284 16.62 -12.25 24.91
C LEU C 284 15.28 -11.82 25.49
N THR C 285 15.26 -10.67 26.15
CA THR C 285 14.04 -10.15 26.70
C THR C 285 13.38 -9.22 25.69
N VAL C 286 13.92 -8.01 25.55
CA VAL C 286 13.41 -7.02 24.60
C VAL C 286 14.53 -6.11 24.10
N PRO C 287 15.17 -5.31 24.99
CA PRO C 287 16.25 -4.39 24.59
C PRO C 287 17.44 -5.10 23.96
N GLU C 288 17.69 -6.32 24.37
CA GLU C 288 18.80 -7.10 23.84
C GLU C 288 18.59 -7.43 22.37
N LEU C 289 17.33 -7.58 21.98
CA LEU C 289 16.99 -7.89 20.60
C LEU C 289 17.18 -6.67 19.73
N THR C 290 16.75 -5.52 20.24
CA THR C 290 16.87 -4.26 19.51
C THR C 290 18.35 -3.91 19.35
N GLN C 291 19.13 -4.21 20.40
CA GLN C 291 20.55 -3.93 20.39
C GLN C 291 21.26 -4.82 19.37
N GLN C 292 20.67 -5.99 19.11
CA GLN C 292 21.24 -6.92 18.15
C GLN C 292 20.81 -6.59 16.74
N MET C 293 19.51 -6.36 16.56
CA MET C 293 18.95 -6.05 15.25
C MET C 293 19.47 -4.72 14.70
N PHE C 294 19.58 -3.72 15.55
CA PHE C 294 20.06 -2.40 15.13
C PHE C 294 21.55 -2.26 15.36
N ASP C 295 22.30 -3.30 15.04
CA ASP C 295 23.74 -3.30 15.22
C ASP C 295 24.45 -3.12 13.88
N ALA C 296 25.39 -2.20 13.84
CA ALA C 296 26.13 -1.91 12.62
C ALA C 296 27.05 -3.07 12.21
N LYS C 297 27.21 -4.05 13.07
CA LYS C 297 28.06 -5.20 12.78
C LYS C 297 27.27 -6.50 12.87
N ASN C 298 25.95 -6.40 12.66
CA ASN C 298 25.09 -7.58 12.70
C ASN C 298 24.26 -7.64 11.42
N MET C 299 24.51 -6.70 10.52
CA MET C 299 23.78 -6.64 9.26
C MET C 299 24.41 -7.61 8.27
N MET C 300 23.55 -8.31 7.52
CA MET C 300 24.01 -9.27 6.54
C MET C 300 24.43 -8.60 5.23
N ALA C 301 24.83 -7.34 5.34
CA ALA C 301 25.28 -6.55 4.20
C ALA C 301 26.55 -5.80 4.58
N ALA C 302 27.36 -5.46 3.59
CA ALA C 302 28.61 -4.73 3.83
C ALA C 302 28.33 -3.30 4.25
N CYS C 303 27.25 -2.73 3.73
CA CYS C 303 26.88 -1.37 4.07
C CYS C 303 26.34 -1.31 5.50
N ASP C 304 26.94 -0.47 6.32
CA ASP C 304 26.52 -0.32 7.71
C ASP C 304 25.45 0.76 7.85
N PRO C 305 24.53 0.59 8.81
CA PRO C 305 23.43 1.54 9.06
C PRO C 305 23.90 2.96 9.40
N ARG C 306 25.14 3.10 9.83
CA ARG C 306 25.68 4.40 10.20
C ARG C 306 26.02 5.22 8.96
N HIS C 307 26.23 4.54 7.84
CA HIS C 307 26.58 5.20 6.58
C HIS C 307 25.33 5.66 5.83
N GLY C 308 24.25 5.91 6.55
CA GLY C 308 23.03 6.35 5.92
C GLY C 308 21.93 6.56 6.93
N ARG C 309 20.70 6.67 6.44
CA ARG C 309 19.55 6.84 7.30
C ARG C 309 18.50 5.78 6.99
N TYR C 310 17.77 5.38 8.02
CA TYR C 310 16.72 4.37 7.88
C TYR C 310 15.50 4.98 7.21
N LEU C 311 15.13 4.46 6.05
CA LEU C 311 13.96 4.96 5.33
C LEU C 311 12.70 4.34 5.93
N THR C 312 12.72 3.03 6.05
CA THR C 312 11.60 2.28 6.61
C THR C 312 12.12 0.99 7.20
N VAL C 313 11.71 0.66 8.42
CA VAL C 313 12.18 -0.54 9.09
C VAL C 313 11.03 -1.47 9.43
N ALA C 314 11.24 -2.75 9.21
CA ALA C 314 10.24 -3.76 9.52
C ALA C 314 10.73 -4.59 10.69
N ALA C 315 9.86 -4.77 11.68
CA ALA C 315 10.21 -5.56 12.86
C ALA C 315 9.36 -6.82 12.91
N VAL C 316 9.91 -7.92 12.43
CA VAL C 316 9.19 -9.19 12.42
C VAL C 316 9.57 -10.05 13.61
N PHE C 317 8.88 -9.86 14.72
CA PHE C 317 9.14 -10.63 15.92
C PHE C 317 8.36 -11.94 15.90
N ARG C 318 8.87 -12.95 16.59
CA ARG C 318 8.20 -14.24 16.65
C ARG C 318 8.38 -14.89 18.01
N GLY C 319 7.28 -15.00 18.73
CA GLY C 319 7.31 -15.60 20.06
C GLY C 319 6.39 -14.87 21.00
N ARG C 320 6.28 -15.37 22.22
CA ARG C 320 5.42 -14.74 23.22
C ARG C 320 6.14 -13.57 23.89
N MET C 321 5.56 -12.39 23.77
CA MET C 321 6.14 -11.18 24.37
C MET C 321 5.09 -10.08 24.48
N SER C 322 5.42 -9.06 25.25
CA SER C 322 4.51 -7.94 25.46
C SER C 322 4.59 -6.97 24.29
N MET C 323 3.45 -6.68 23.68
CA MET C 323 3.39 -5.76 22.56
C MET C 323 3.86 -4.37 22.97
N LYS C 324 3.44 -3.95 24.16
CA LYS C 324 3.82 -2.64 24.68
C LYS C 324 5.33 -2.55 24.87
N GLU C 325 5.95 -3.64 25.31
CA GLU C 325 7.40 -3.65 25.53
C GLU C 325 8.16 -3.51 24.23
N VAL C 326 7.68 -4.18 23.18
CA VAL C 326 8.32 -4.12 21.88
C VAL C 326 8.23 -2.71 21.29
N ASP C 327 7.02 -2.20 21.20
CA ASP C 327 6.79 -0.86 20.64
C ASP C 327 7.46 0.23 21.47
N GLU C 328 7.47 0.06 22.79
CA GLU C 328 8.10 1.03 23.67
C GLU C 328 9.59 1.11 23.40
N GLN C 329 10.20 -0.05 23.21
CA GLN C 329 11.63 -0.12 22.93
C GLN C 329 11.94 0.47 21.56
N MET C 330 11.02 0.28 20.62
CA MET C 330 11.19 0.81 19.27
C MET C 330 11.24 2.32 19.31
N LEU C 331 10.37 2.92 20.13
CA LEU C 331 10.32 4.36 20.28
C LEU C 331 11.66 4.87 20.81
N ASN C 332 12.22 4.12 21.75
CA ASN C 332 13.52 4.46 22.34
C ASN C 332 14.59 4.52 21.26
N VAL C 333 14.60 3.51 20.39
CA VAL C 333 15.57 3.45 19.30
C VAL C 333 15.38 4.58 18.31
N GLN C 334 14.12 4.85 17.96
CA GLN C 334 13.80 5.91 17.00
C GLN C 334 14.13 7.29 17.57
N ASN C 335 14.17 7.39 18.89
CA ASN C 335 14.49 8.66 19.55
C ASN C 335 15.99 8.84 19.73
N LYS C 336 16.67 7.77 20.13
CA LYS C 336 18.11 7.81 20.35
C LYS C 336 18.89 7.95 19.05
N ASN C 337 18.41 7.29 18.01
CA ASN C 337 19.07 7.32 16.70
C ASN C 337 18.27 8.13 15.70
N SER C 338 17.58 9.15 16.20
CA SER C 338 16.75 10.01 15.38
C SER C 338 17.51 10.67 14.23
N SER C 339 18.79 10.98 14.48
CA SER C 339 19.64 11.63 13.48
C SER C 339 19.66 10.89 12.14
N TYR C 340 19.63 9.57 12.19
CA TYR C 340 19.65 8.78 10.97
C TYR C 340 18.43 7.87 10.85
N PHE C 341 17.32 8.32 11.41
CA PHE C 341 16.09 7.53 11.36
C PHE C 341 15.05 8.24 10.49
N VAL C 342 15.52 9.16 9.65
CA VAL C 342 14.65 9.91 8.75
C VAL C 342 13.78 10.92 9.51
N GLU C 343 13.68 12.13 8.95
CA GLU C 343 12.89 13.19 9.58
C GLU C 343 11.67 13.56 8.76
N TRP C 344 11.35 12.77 7.74
CA TRP C 344 10.18 13.04 6.91
C TRP C 344 9.09 12.00 7.10
N ILE C 345 9.29 11.12 8.08
CA ILE C 345 8.33 10.08 8.42
C ILE C 345 8.23 9.97 9.94
N PRO C 346 7.01 10.16 10.50
CA PRO C 346 6.79 10.07 11.95
C PRO C 346 7.26 8.74 12.53
N ASN C 347 6.68 7.65 12.05
CA ASN C 347 7.05 6.32 12.51
C ASN C 347 7.59 5.52 11.32
N ASN C 348 8.85 5.14 11.40
CA ASN C 348 9.50 4.41 10.31
C ASN C 348 9.50 2.91 10.56
N VAL C 349 9.16 2.50 11.77
CA VAL C 349 9.17 1.09 12.10
C VAL C 349 7.77 0.49 12.23
N LYS C 350 7.46 -0.42 11.33
CA LYS C 350 6.17 -1.10 11.36
C LYS C 350 6.33 -2.42 12.12
N THR C 351 5.95 -2.40 13.38
CA THR C 351 6.06 -3.56 14.24
C THR C 351 5.17 -4.72 13.80
N ALA C 352 5.56 -5.92 14.21
CA ALA C 352 4.82 -7.15 13.91
C ALA C 352 5.28 -8.22 14.87
N VAL C 353 4.34 -8.93 15.49
CA VAL C 353 4.67 -9.97 16.46
C VAL C 353 3.94 -11.28 16.18
N CYS C 354 4.70 -12.30 15.82
CA CYS C 354 4.15 -13.62 15.55
C CYS C 354 3.96 -14.36 16.88
N ASP C 355 3.02 -15.28 16.94
CA ASP C 355 2.74 -16.01 18.17
C ASP C 355 3.46 -17.37 18.24
N ILE C 356 4.40 -17.60 17.34
CA ILE C 356 5.13 -18.87 17.35
C ILE C 356 6.63 -18.68 17.12
N PRO C 357 7.45 -19.12 18.09
CA PRO C 357 8.92 -19.04 18.02
C PRO C 357 9.50 -20.08 17.07
N PRO C 358 10.79 -19.95 16.71
CA PRO C 358 11.46 -20.88 15.79
C PRO C 358 11.87 -22.20 16.46
N ARG C 359 10.88 -23.00 16.82
CA ARG C 359 11.10 -24.31 17.44
C ARG C 359 11.98 -24.26 18.68
N GLY C 360 13.28 -24.56 18.51
CA GLY C 360 14.22 -24.60 19.62
C GLY C 360 14.74 -23.23 20.04
N LEU C 361 13.93 -22.21 19.81
CA LEU C 361 14.31 -20.85 20.17
C LEU C 361 13.14 -20.22 20.93
N LYS C 362 13.44 -19.53 22.01
CA LYS C 362 12.39 -18.90 22.82
C LYS C 362 11.97 -17.54 22.26
N MET C 363 12.93 -16.63 22.16
CA MET C 363 12.66 -15.29 21.66
C MET C 363 13.46 -15.03 20.39
N SER C 364 12.78 -14.56 19.34
CA SER C 364 13.45 -14.30 18.08
C SER C 364 12.75 -13.18 17.32
N ALA C 365 13.50 -12.56 16.42
CA ALA C 365 12.99 -11.47 15.60
C ALA C 365 13.81 -11.36 14.33
N THR C 366 13.14 -11.07 13.23
CA THR C 366 13.79 -10.91 11.95
C THR C 366 13.91 -9.42 11.62
N PHE C 367 15.13 -8.99 11.32
CA PHE C 367 15.37 -7.59 11.02
C PHE C 367 15.34 -7.31 9.52
N ILE C 368 14.51 -6.37 9.13
CA ILE C 368 14.40 -5.95 7.75
C ILE C 368 14.49 -4.43 7.73
N GLY C 369 15.61 -3.91 7.27
CA GLY C 369 15.77 -2.47 7.26
C GLY C 369 16.15 -1.89 5.92
N ASN C 370 15.30 -1.02 5.40
CA ASN C 370 15.57 -0.35 4.14
C ASN C 370 16.18 1.01 4.46
N SER C 371 17.49 1.10 4.36
CA SER C 371 18.19 2.33 4.66
C SER C 371 18.98 2.82 3.45
N THR C 372 19.28 4.12 3.44
CA THR C 372 20.01 4.72 2.33
C THR C 372 21.48 4.30 2.37
N ALA C 373 21.85 3.56 3.41
CA ALA C 373 23.21 3.07 3.58
C ALA C 373 23.60 2.13 2.44
N ILE C 374 22.59 1.52 1.82
CA ILE C 374 22.81 0.60 0.71
C ILE C 374 23.39 1.34 -0.50
N GLN C 375 23.32 2.67 -0.46
CA GLN C 375 23.85 3.52 -1.54
C GLN C 375 25.35 3.29 -1.71
N GLU C 376 26.03 3.04 -0.60
CA GLU C 376 27.48 2.81 -0.61
C GLU C 376 27.81 1.58 -1.44
N LEU C 377 26.96 0.55 -1.34
CA LEU C 377 27.15 -0.69 -2.07
C LEU C 377 27.04 -0.45 -3.57
N PHE C 378 26.00 0.27 -3.98
CA PHE C 378 25.78 0.57 -5.39
C PHE C 378 26.99 1.28 -5.97
N LYS C 379 27.42 2.34 -5.30
CA LYS C 379 28.57 3.11 -5.74
C LYS C 379 29.82 2.24 -5.82
N ARG C 380 29.92 1.28 -4.91
CA ARG C 380 31.05 0.36 -4.87
C ARG C 380 31.06 -0.56 -6.09
N ILE C 381 29.90 -1.14 -6.38
CA ILE C 381 29.77 -2.05 -7.51
C ILE C 381 29.95 -1.30 -8.83
N SER C 382 29.28 -0.15 -8.94
CA SER C 382 29.38 0.67 -10.14
C SER C 382 30.81 1.09 -10.41
N GLU C 383 31.54 1.45 -9.35
CA GLU C 383 32.94 1.87 -9.47
C GLU C 383 33.77 0.78 -10.14
N GLN C 384 33.62 -0.45 -9.66
CA GLN C 384 34.34 -1.59 -10.19
C GLN C 384 33.92 -1.88 -11.62
N PHE C 385 32.64 -1.65 -11.91
CA PHE C 385 32.11 -1.87 -13.24
C PHE C 385 32.76 -0.97 -14.28
N THR C 386 32.65 0.35 -14.07
CA THR C 386 33.22 1.31 -15.02
C THR C 386 34.73 1.15 -15.16
N ALA C 387 35.39 0.72 -14.09
CA ALA C 387 36.84 0.51 -14.10
C ALA C 387 37.24 -0.47 -15.20
N MET C 388 36.46 -1.53 -15.36
CA MET C 388 36.75 -2.51 -16.38
C MET C 388 35.98 -2.24 -17.67
N PHE C 389 34.83 -1.57 -17.53
CA PHE C 389 34.00 -1.23 -18.69
C PHE C 389 34.71 -0.22 -19.58
N ARG C 390 35.52 0.64 -18.96
CA ARG C 390 36.29 1.65 -19.69
C ARG C 390 37.27 0.98 -20.63
N ARG C 391 37.80 -0.18 -20.22
CA ARG C 391 38.75 -0.91 -21.03
C ARG C 391 38.06 -1.96 -21.88
N LYS C 392 36.86 -2.35 -21.46
CA LYS C 392 36.07 -3.36 -22.18
C LYS C 392 36.85 -4.67 -22.28
N ALA C 393 37.61 -4.95 -21.23
CA ALA C 393 38.44 -6.15 -21.17
C ALA C 393 37.64 -7.43 -21.42
N PHE C 394 36.58 -7.62 -20.66
CA PHE C 394 35.76 -8.82 -20.79
C PHE C 394 34.48 -8.55 -21.57
N LEU C 395 34.49 -7.54 -22.43
CA LEU C 395 33.31 -7.19 -23.22
C LEU C 395 33.04 -8.26 -24.28
N HIS C 396 34.10 -8.73 -24.93
CA HIS C 396 34.00 -9.74 -25.98
C HIS C 396 33.28 -11.02 -25.53
N TRP C 397 33.35 -11.32 -24.24
CA TRP C 397 32.69 -12.51 -23.70
C TRP C 397 31.18 -12.36 -23.77
N TYR C 398 30.72 -11.12 -23.82
CA TYR C 398 29.29 -10.82 -23.88
C TYR C 398 28.87 -10.52 -25.32
N THR C 399 29.73 -9.81 -26.04
CA THR C 399 29.45 -9.46 -27.43
C THR C 399 29.27 -10.70 -28.29
N GLY C 400 30.07 -11.73 -28.03
CA GLY C 400 29.97 -12.97 -28.78
C GLY C 400 28.67 -13.72 -28.52
N GLU C 401 28.01 -13.37 -27.44
CA GLU C 401 26.74 -14.01 -27.08
C GLU C 401 25.57 -13.27 -27.71
N GLY C 402 25.67 -11.94 -27.73
CA GLY C 402 24.62 -11.12 -28.29
C GLY C 402 24.26 -9.99 -27.35
N MET C 403 25.29 -9.32 -26.84
CA MET C 403 25.09 -8.22 -25.92
C MET C 403 25.43 -6.89 -26.57
N ASP C 404 24.45 -5.96 -26.55
CA ASP C 404 24.52 -4.63 -27.11
C ASP C 404 25.53 -3.85 -26.33
N GLU C 405 26.32 -2.99 -27.03
CA GLU C 405 27.23 -2.09 -26.33
C GLU C 405 26.45 -1.10 -25.47
N MET C 406 25.38 -0.58 -26.05
CA MET C 406 24.53 0.40 -25.37
C MET C 406 23.81 -0.23 -24.18
N GLU C 407 23.55 -1.55 -24.21
CA GLU C 407 22.88 -2.24 -23.14
C GLU C 407 23.67 -2.11 -21.87
N PHE C 408 24.99 -2.32 -21.93
CA PHE C 408 25.85 -2.25 -20.76
C PHE C 408 25.77 -0.86 -20.11
N THR C 409 25.92 0.17 -20.93
CA THR C 409 25.87 1.54 -20.46
C THR C 409 24.50 1.89 -19.89
N GLU C 410 23.42 1.31 -20.49
CA GLU C 410 22.07 1.57 -20.03
C GLU C 410 21.85 0.97 -18.67
N ALA C 411 22.34 -0.26 -18.43
CA ALA C 411 22.19 -0.93 -17.14
C ALA C 411 22.82 -0.08 -16.03
N GLU C 412 23.98 0.50 -16.33
CA GLU C 412 24.66 1.34 -15.36
C GLU C 412 23.90 2.65 -15.15
N SER C 413 23.33 3.26 -16.20
CA SER C 413 22.64 4.54 -16.13
C SER C 413 21.36 4.46 -15.32
N ASN C 414 20.68 3.32 -15.37
CA ASN C 414 19.51 3.13 -14.53
C ASN C 414 19.92 2.85 -13.09
N MET C 415 21.05 2.18 -12.94
CA MET C 415 21.58 1.85 -11.61
C MET C 415 22.01 3.13 -10.90
N ASN C 416 22.71 3.98 -11.64
CA ASN C 416 23.19 5.26 -11.12
C ASN C 416 22.02 6.17 -10.79
N ASP C 417 20.92 6.03 -11.56
CA ASP C 417 19.69 6.77 -11.41
C ASP C 417 19.17 6.53 -10.02
N LEU C 418 19.14 5.25 -9.61
CA LEU C 418 18.66 4.81 -8.31
C LEU C 418 19.52 5.41 -7.20
N VAL C 419 20.83 5.44 -7.45
CA VAL C 419 21.78 6.01 -6.50
C VAL C 419 21.51 7.48 -6.27
N SER C 420 21.21 8.19 -7.36
CA SER C 420 20.93 9.61 -7.29
C SER C 420 19.64 9.89 -6.52
N GLU C 421 18.59 9.13 -6.82
CA GLU C 421 17.30 9.31 -6.16
C GLU C 421 17.36 8.91 -4.68
N TYR C 422 18.17 7.90 -4.37
CA TYR C 422 18.33 7.44 -3.00
C TYR C 422 18.86 8.57 -2.13
N GLN C 423 19.74 9.37 -2.70
CA GLN C 423 20.34 10.49 -1.99
C GLN C 423 19.34 11.62 -1.77
N GLN C 424 18.37 11.75 -2.67
CA GLN C 424 17.35 12.78 -2.54
C GLN C 424 16.54 12.56 -1.28
N TYR C 425 16.26 11.30 -0.99
CA TYR C 425 15.49 10.92 0.19
C TYR C 425 16.39 10.78 1.41
N GLN C 426 17.69 10.75 1.16
CA GLN C 426 18.69 10.62 2.23
C GLN C 426 18.90 11.96 2.91
N ASP C 427 18.61 13.05 2.22
CA ASP C 427 18.79 14.38 2.78
C ASP C 427 17.46 14.98 3.20
MG MG D . -11.05 8.80 -26.91
PG ANP E . -12.85 8.68 -23.93
O1G ANP E . -13.78 7.53 -23.65
O2G ANP E . -11.87 8.24 -24.91
O3G ANP E . -12.10 8.98 -22.67
PB ANP E . -13.03 11.16 -25.44
O1B ANP E . -13.48 12.44 -24.93
O2B ANP E . -12.44 10.88 -26.67
N3B ANP E . -13.68 9.85 -24.72
PA ANP E . -14.51 11.26 -27.95
O1A ANP E . -15.26 10.09 -28.49
O2A ANP E . -14.26 12.48 -28.71
O3A ANP E . -14.40 11.35 -26.33
O5' ANP E . -16.00 11.82 -28.08
C5' ANP E . -16.91 12.31 -27.09
C4' ANP E . -18.30 12.11 -27.84
O4' ANP E . -18.89 13.43 -28.18
C3' ANP E . -18.32 11.45 -29.24
O3' ANP E . -19.59 10.87 -29.50
C2' ANP E . -17.94 12.63 -30.16
O2' ANP E . -18.33 12.37 -31.52
C1' ANP E . -18.70 13.77 -29.54
N9 ANP E . -18.00 15.09 -29.64
C8 ANP E . -16.92 15.54 -28.95
N7 ANP E . -16.58 16.76 -29.28
C5 ANP E . -17.43 17.16 -30.24
C6 ANP E . -17.54 18.39 -30.95
N6 ANP E . -16.80 19.41 -30.85
N1 ANP E . -18.59 18.39 -31.85
C2 ANP E . -19.46 17.32 -32.03
N3 ANP E . -19.35 16.18 -31.37
C4 ANP E . -18.33 16.14 -30.47
PG GTP F . -5.24 -4.89 7.96
O1G GTP F . -5.83 -5.06 6.55
O2G GTP F . -4.58 -6.16 8.46
O3G GTP F . -4.26 -3.74 7.80
O3B GTP F . -6.38 -4.58 9.12
PB GTP F . -6.09 -4.35 10.73
O1B GTP F . -6.73 -3.02 11.07
O2B GTP F . -6.49 -5.53 11.48
O3A GTP F . -4.60 -4.06 10.82
PA GTP F . -3.56 -4.01 11.94
O1A GTP F . -3.60 -5.21 12.78
O2A GTP F . -2.24 -3.70 11.31
O5' GTP F . -4.00 -2.67 12.79
C5' GTP F . -3.15 -2.42 13.90
C4' GTP F . -3.47 -1.22 14.73
O4' GTP F . -4.43 -1.56 15.77
C3' GTP F . -2.22 -0.79 15.45
O3' GTP F . -2.29 0.59 15.74
C2' GTP F . -2.24 -1.68 16.69
O2' GTP F . -1.52 -1.03 17.75
C1' GTP F . -3.74 -1.82 17.00
N9 GTP F . -4.16 -3.15 17.48
C8 GTP F . -4.00 -4.36 16.84
N7 GTP F . -4.47 -5.37 17.52
C5 GTP F . -4.96 -4.81 18.67
C6 GTP F . -5.58 -5.41 19.77
O6 GTP F . -5.81 -6.61 19.92
N1 GTP F . -5.95 -4.48 20.77
C2 GTP F . -5.73 -3.12 20.70
N2 GTP F . -6.14 -2.42 21.72
N3 GTP F . -5.14 -2.54 19.66
C4 GTP F . -4.79 -3.43 18.68
MG MG G . -5.32 -8.00 9.88
PB GDP H . 26.16 -19.26 -11.36
O1B GDP H . 24.79 -18.76 -11.54
O2B GDP H . 26.29 -20.48 -10.68
O3B GDP H . 26.90 -19.23 -12.82
O3A GDP H . 26.89 -18.21 -10.44
PA GDP H . 27.66 -18.42 -8.97
O1A GDP H . 26.64 -18.80 -7.94
O2A GDP H . 28.76 -19.44 -9.21
O5' GDP H . 28.14 -16.97 -8.68
C5' GDP H . 29.27 -16.72 -7.80
C4' GDP H . 28.98 -15.86 -6.65
O4' GDP H . 28.01 -16.56 -5.78
C3' GDP H . 30.18 -15.65 -5.65
O3' GDP H . 30.07 -14.25 -5.20
C2' GDP H . 29.99 -16.56 -4.43
O2' GDP H . 30.45 -16.12 -3.14
C1' GDP H . 28.48 -16.78 -4.39
N9 GDP H . 28.06 -18.12 -3.98
C8 GDP H . 28.28 -19.27 -4.91
N7 GDP H . 27.71 -20.21 -4.03
C5 GDP H . 27.24 -19.82 -2.86
C6 GDP H . 26.61 -20.24 -1.65
O6 GDP H . 26.32 -21.54 -1.55
N1 GDP H . 26.28 -19.41 -0.63
C2 GDP H . 26.60 -17.96 -0.77
N2 GDP H . 26.21 -17.36 0.33
N3 GDP H . 27.17 -17.53 -1.81
C4 GDP H . 27.46 -18.38 -2.82
O01 TA1 I . 22.52 -24.54 15.42
C01 TA1 I . 21.62 -23.79 16.25
C02 TA1 I . 22.38 -22.39 16.59
O02 TA1 I . 22.59 -21.82 15.25
C03 TA1 I . 23.91 -21.80 14.73
O03 TA1 I . 24.88 -22.19 15.34
C04 TA1 I . 23.98 -21.24 13.41
C05 TA1 I . 24.78 -22.07 12.51
C06 TA1 I . 24.90 -21.54 11.11
C07 TA1 I . 24.28 -20.33 10.72
C08 TA1 I . 23.61 -19.69 11.58
C09 TA1 I . 23.40 -20.05 12.93
C10 TA1 I . 21.60 -21.27 17.48
C11 TA1 I . 21.73 -19.77 16.92
O04 TA1 I . 21.10 -19.62 15.57
C12 TA1 I . 19.74 -19.72 15.39
O05 TA1 I . 18.93 -19.93 16.25
C13 TA1 I . 19.42 -19.50 13.92
C14 TA1 I . 23.12 -19.14 16.69
O06 TA1 I . 22.86 -18.03 17.57
C15 TA1 I . 21.53 -18.54 17.84
C16 TA1 I . 21.29 -18.77 19.37
C17 TA1 I . 20.94 -20.22 19.72
O07 TA1 I . 20.79 -20.33 21.16
C18 TA1 I . 21.97 -21.29 19.13
C19 TA1 I . 23.42 -20.83 19.45
C20 TA1 I . 21.84 -22.69 19.94
O08 TA1 I . 22.79 -23.07 20.60
C21 TA1 I . 20.57 -23.55 19.87
O09 TA1 I . 20.82 -24.76 20.71
C22 TA1 I . 20.10 -24.95 21.88
O10 TA1 I . 19.28 -24.21 22.31
C23 TA1 I . 20.52 -26.23 22.54
C24 TA1 I . 20.25 -23.92 18.42
C25 TA1 I . 19.07 -23.46 17.85
C26 TA1 I . 18.90 -23.74 16.32
O11 TA1 I . 17.84 -22.93 15.68
C27 TA1 I . 16.64 -23.46 15.59
O12 TA1 I . 16.28 -24.52 15.98
C28 TA1 I . 15.68 -22.47 14.85
O13 TA1 I . 14.42 -23.10 14.74
C29 TA1 I . 16.31 -22.13 13.48
N01 TA1 I . 16.60 -23.39 12.81
C30 TA1 I . 17.59 -23.52 11.90
O14 TA1 I . 18.29 -22.60 11.51
C31 TA1 I . 17.76 -24.92 11.38
C32 TA1 I . 16.76 -25.63 10.72
C33 TA1 I . 17.00 -26.96 10.28
C34 TA1 I . 18.25 -27.58 10.52
C35 TA1 I . 19.25 -26.87 11.16
C36 TA1 I . 19.04 -25.57 11.61
C37 TA1 I . 15.39 -21.19 12.66
C38 TA1 I . 15.59 -19.81 12.78
C39 TA1 I . 14.78 -18.89 12.07
C40 TA1 I . 13.76 -19.37 11.22
C41 TA1 I . 13.56 -20.74 11.10
C42 TA1 I . 14.38 -21.66 11.81
C43 TA1 I . 20.23 -23.45 15.52
C44 TA1 I . 18.00 -22.62 18.53
C45 TA1 I . 21.31 -24.76 17.55
C46 TA1 I . 20.64 -26.15 17.14
C47 TA1 I . 22.63 -25.21 18.22
N SER A 41 14.64 27.36 -20.49
CA SER A 41 13.70 26.30 -20.69
C SER A 41 12.61 26.80 -21.58
N GLU A 42 11.87 25.84 -22.14
CA GLU A 42 10.68 26.14 -22.86
C GLU A 42 9.60 25.72 -21.92
N LYS A 43 8.37 26.18 -22.14
CA LYS A 43 7.28 25.73 -21.32
C LYS A 43 6.42 24.89 -22.21
N VAL A 44 5.85 23.80 -21.64
CA VAL A 44 4.91 22.94 -22.32
C VAL A 44 3.74 23.85 -22.59
N LYS A 45 3.31 24.02 -23.88
CA LYS A 45 2.25 24.99 -24.11
C LYS A 45 0.99 24.37 -23.57
N VAL A 46 0.14 25.16 -22.97
CA VAL A 46 -1.09 24.62 -22.41
C VAL A 46 -2.31 25.12 -23.15
N TYR A 47 -3.14 24.18 -23.56
CA TYR A 47 -4.34 24.48 -24.30
C TYR A 47 -5.55 23.81 -23.68
N LEU A 48 -6.65 24.54 -23.59
CA LEU A 48 -7.89 24.00 -23.02
C LEU A 48 -9.01 24.12 -24.05
N ARG A 49 -9.86 23.12 -24.10
CA ARG A 49 -11.00 23.10 -25.01
C ARG A 49 -12.18 22.40 -24.37
N ILE A 50 -13.37 22.99 -24.49
CA ILE A 50 -14.57 22.40 -23.92
C ILE A 50 -15.46 21.82 -25.01
N ARG A 51 -16.22 20.80 -24.67
CA ARG A 51 -17.11 20.16 -25.63
C ARG A 51 -18.34 21.03 -25.86
N PRO A 52 -18.80 21.14 -27.12
CA PRO A 52 -19.98 21.94 -27.47
C PRO A 52 -21.28 21.30 -27.01
N PHE A 53 -22.32 22.11 -26.96
CA PHE A 53 -23.63 21.63 -26.53
C PHE A 53 -24.52 21.36 -27.73
N LEU A 54 -24.83 20.10 -27.96
CA LEU A 54 -25.69 19.71 -29.06
C LEU A 54 -27.15 19.60 -28.61
N THR A 55 -28.04 19.38 -29.57
CA THR A 55 -29.46 19.25 -29.29
C THR A 55 -29.73 18.07 -28.33
N SER A 56 -28.86 17.07 -28.37
CA SER A 56 -29.00 15.89 -27.53
C SER A 56 -28.85 16.25 -26.05
N GLU A 57 -27.74 16.93 -25.72
CA GLU A 57 -27.48 17.32 -24.34
C GLU A 57 -28.50 18.34 -23.87
N LEU A 58 -28.87 19.25 -24.76
CA LEU A 58 -29.86 20.27 -24.45
C LEU A 58 -31.20 19.65 -24.10
N ASP A 59 -31.52 18.56 -24.79
CA ASP A 59 -32.77 17.84 -24.56
C ASP A 59 -32.74 17.10 -23.23
N ARG A 60 -31.58 16.51 -22.92
CA ARG A 60 -31.42 15.76 -21.69
C ARG A 60 -31.46 16.67 -20.46
N GLN A 61 -30.77 17.80 -20.54
CA GLN A 61 -30.74 18.75 -19.43
C GLN A 61 -30.15 20.09 -19.89
N GLU A 62 -29.93 20.98 -18.94
CA GLU A 62 -29.37 22.30 -19.25
C GLU A 62 -27.94 22.17 -19.76
N ASP A 63 -27.14 21.34 -19.08
CA ASP A 63 -25.72 21.13 -19.43
C ASP A 63 -25.02 22.48 -19.55
N GLN A 64 -25.32 23.34 -18.58
CA GLN A 64 -24.76 24.68 -18.53
C GLN A 64 -23.25 24.64 -18.48
N GLY A 65 -22.61 25.48 -19.26
CA GLY A 65 -21.18 25.49 -19.25
C GLY A 65 -20.66 26.14 -18.00
N CYS A 66 -19.97 25.36 -17.19
CA CYS A 66 -19.42 25.86 -15.95
C CYS A 66 -18.15 26.64 -16.26
N VAL A 67 -17.48 26.19 -17.31
CA VAL A 67 -16.26 26.84 -17.73
C VAL A 67 -16.60 27.93 -18.72
N CYS A 68 -16.15 29.14 -18.43
CA CYS A 68 -16.37 30.27 -19.29
C CYS A 68 -15.07 30.58 -19.99
N ILE A 69 -15.15 31.13 -21.17
CA ILE A 69 -13.95 31.40 -21.92
C ILE A 69 -13.57 32.84 -21.70
N GLU A 70 -12.51 33.05 -20.94
CA GLU A 70 -12.08 34.40 -20.66
C GLU A 70 -10.79 34.62 -21.41
N ASN A 71 -10.82 35.48 -22.42
CA ASN A 71 -9.61 35.73 -23.22
C ASN A 71 -9.17 34.46 -23.98
N THR A 72 -8.30 34.61 -24.95
CA THR A 72 -7.85 33.46 -25.72
C THR A 72 -6.85 32.58 -24.94
N GLU A 73 -6.20 33.17 -23.93
CA GLU A 73 -5.20 32.46 -23.10
C GLU A 73 -5.66 31.93 -21.75
N THR A 74 -6.68 32.55 -21.16
CA THR A 74 -7.13 32.16 -19.84
C THR A 74 -8.61 31.72 -19.80
N LEU A 75 -9.05 31.26 -18.64
CA LEU A 75 -10.42 30.81 -18.48
C LEU A 75 -10.95 31.17 -17.09
N VAL A 76 -12.23 31.51 -16.99
CA VAL A 76 -12.83 31.79 -15.70
C VAL A 76 -13.74 30.61 -15.36
N LEU A 77 -13.53 30.00 -14.20
CA LEU A 77 -14.30 28.83 -13.83
C LEU A 77 -15.36 29.10 -12.78
N GLN A 78 -16.60 28.87 -13.18
CA GLN A 78 -17.73 28.97 -12.26
C GLN A 78 -18.52 27.67 -12.38
N ALA A 79 -18.19 26.72 -11.54
CA ALA A 79 -18.80 25.41 -11.61
C ALA A 79 -19.86 25.20 -10.54
N PRO A 80 -21.12 25.00 -10.95
CA PRO A 80 -22.20 24.73 -10.03
C PRO A 80 -22.11 23.30 -9.49
N GLN A 95 -21.25 27.25 -5.94
CA GLN A 95 -20.41 27.44 -7.11
C GLN A 95 -18.96 27.47 -6.69
N ALA A 96 -18.08 27.16 -7.62
CA ALA A 96 -16.66 27.16 -7.34
C ALA A 96 -15.98 28.13 -8.27
N THR A 97 -15.03 28.90 -7.76
CA THR A 97 -14.32 29.86 -8.57
C THR A 97 -12.86 29.43 -8.77
N HIS A 98 -12.40 29.47 -10.01
CA HIS A 98 -11.04 29.10 -10.35
C HIS A 98 -10.63 29.79 -11.65
N LYS A 99 -9.33 29.98 -11.85
CA LYS A 99 -8.85 30.63 -13.06
C LYS A 99 -7.83 29.73 -13.76
N PHE A 100 -8.02 29.50 -15.04
CA PHE A 100 -7.11 28.64 -15.80
C PHE A 100 -6.18 29.50 -16.63
N THR A 101 -4.88 29.37 -16.42
CA THR A 101 -3.92 30.16 -17.17
C THR A 101 -3.08 29.21 -18.02
N PHE A 102 -3.62 28.86 -19.17
CA PHE A 102 -3.00 27.89 -20.06
C PHE A 102 -2.05 28.48 -21.07
N SER A 103 -2.62 29.15 -22.07
CA SER A 103 -1.83 29.77 -23.18
C SER A 103 -2.78 30.05 -24.31
N GLN A 104 -3.52 29.02 -24.64
CA GLN A 104 -4.51 29.07 -25.67
C GLN A 104 -5.74 28.28 -25.24
N ILE A 105 -6.90 28.86 -25.45
CA ILE A 105 -8.18 28.20 -25.18
C ILE A 105 -9.23 28.55 -26.25
N PHE A 106 -9.94 27.54 -26.76
CA PHE A 106 -10.98 27.78 -27.75
C PHE A 106 -12.32 27.27 -27.23
N GLY A 107 -13.38 28.02 -27.55
CA GLY A 107 -14.70 27.66 -27.10
C GLY A 107 -15.33 26.48 -27.85
N PRO A 108 -16.63 26.24 -27.61
CA PRO A 108 -17.37 25.17 -28.28
C PRO A 108 -17.80 25.57 -29.69
N GLU A 109 -17.67 26.85 -29.97
CA GLU A 109 -18.05 27.40 -31.28
C GLU A 109 -17.07 26.99 -32.37
N VAL A 110 -15.78 27.10 -32.08
CA VAL A 110 -14.75 26.74 -33.05
C VAL A 110 -14.91 25.31 -33.56
N GLY A 111 -14.60 25.10 -34.82
CA GLY A 111 -14.69 23.78 -35.41
C GLY A 111 -13.50 22.93 -35.05
N GLN A 112 -13.43 21.73 -35.60
CA GLN A 112 -12.34 20.81 -35.29
C GLN A 112 -11.05 21.30 -35.94
N VAL A 113 -11.18 21.87 -37.13
CA VAL A 113 -10.04 22.40 -37.85
C VAL A 113 -9.44 23.58 -37.09
N ALA A 114 -10.28 24.33 -36.39
CA ALA A 114 -9.84 25.49 -35.62
C ALA A 114 -8.82 25.10 -34.55
N PHE A 115 -9.06 23.97 -33.89
CA PHE A 115 -8.15 23.46 -32.87
C PHE A 115 -6.77 23.24 -33.51
N PHE A 116 -6.76 22.60 -34.66
CA PHE A 116 -5.52 22.33 -35.39
C PHE A 116 -4.91 23.61 -35.95
N ASN A 117 -5.78 24.50 -36.42
CA ASN A 117 -5.36 25.74 -37.05
C ASN A 117 -4.41 26.54 -36.17
N LEU A 118 -4.75 26.71 -34.92
CA LEU A 118 -3.88 27.42 -34.00
C LEU A 118 -2.84 26.57 -33.27
N THR A 119 -3.31 25.55 -32.59
CA THR A 119 -2.43 24.68 -31.79
C THR A 119 -1.51 23.79 -32.63
N MET A 120 -2.06 23.09 -33.61
CA MET A 120 -1.26 22.19 -34.44
C MET A 120 -0.36 22.91 -35.45
N LYS A 121 -0.77 24.09 -35.88
CA LYS A 121 0.00 24.86 -36.87
C LYS A 121 1.41 25.19 -36.37
N GLU A 122 1.52 25.59 -35.10
CA GLU A 122 2.82 25.93 -34.54
C GLU A 122 3.76 24.72 -34.53
N MET A 123 3.17 23.54 -34.44
CA MET A 123 3.94 22.31 -34.45
C MET A 123 4.47 22.04 -35.85
N VAL A 124 3.60 22.24 -36.85
CA VAL A 124 3.96 22.04 -38.26
C VAL A 124 5.21 22.84 -38.62
N LYS A 125 5.33 24.01 -38.02
CA LYS A 125 6.47 24.89 -38.28
C LYS A 125 7.74 24.35 -37.62
N ASP A 126 7.56 23.74 -36.44
CA ASP A 126 8.69 23.20 -35.69
C ASP A 126 9.28 21.97 -36.37
N VAL A 127 8.42 21.21 -37.05
CA VAL A 127 8.87 20.02 -37.78
C VAL A 127 9.91 20.45 -38.83
N LEU A 128 9.68 21.62 -39.41
CA LEU A 128 10.59 22.18 -40.40
C LEU A 128 11.86 22.66 -39.71
N LYS A 129 11.72 23.10 -38.47
CA LYS A 129 12.84 23.56 -37.67
C LYS A 129 13.78 22.38 -37.40
N GLY A 130 13.20 21.19 -37.35
CA GLY A 130 13.99 20.00 -37.15
C GLY A 130 13.83 19.45 -35.75
N GLN A 131 13.13 20.18 -34.90
CA GLN A 131 12.92 19.72 -33.54
C GLN A 131 11.72 18.78 -33.46
N ASN A 132 11.80 17.84 -32.53
CA ASN A 132 10.74 16.88 -32.30
C ASN A 132 9.60 17.53 -31.52
N TRP A 133 8.38 17.07 -31.72
CA TRP A 133 7.25 17.63 -31.01
C TRP A 133 6.28 16.52 -30.61
N LEU A 134 5.68 16.67 -29.45
CA LEU A 134 4.72 15.70 -28.96
C LEU A 134 3.46 16.40 -28.53
N ILE A 135 2.34 15.94 -29.03
CA ILE A 135 1.05 16.52 -28.67
C ILE A 135 0.23 15.45 -27.98
N TYR A 136 -0.13 15.68 -26.73
CA TYR A 136 -0.91 14.71 -26.00
C TYR A 136 -2.24 15.31 -25.58
N THR A 137 -3.30 14.57 -25.86
CA THR A 137 -4.64 15.01 -25.52
C THR A 137 -5.02 14.43 -24.17
N TYR A 138 -5.27 15.30 -23.23
CA TYR A 138 -5.62 14.91 -21.88
C TYR A 138 -6.92 15.59 -21.49
N GLY A 139 -7.65 14.99 -20.56
CA GLY A 139 -8.89 15.56 -20.12
C GLY A 139 -9.81 14.52 -19.56
N VAL A 140 -10.97 14.96 -19.08
CA VAL A 140 -11.96 14.06 -18.51
C VAL A 140 -12.51 13.08 -19.53
N THR A 141 -13.22 12.08 -19.04
CA THR A 141 -13.82 11.07 -19.89
C THR A 141 -14.90 11.66 -20.79
N ASN A 142 -14.95 11.14 -22.02
CA ASN A 142 -15.94 11.57 -23.03
C ASN A 142 -16.04 13.09 -23.20
N SER A 143 -14.91 13.77 -23.07
CA SER A 143 -14.89 15.22 -23.23
C SER A 143 -14.79 15.58 -24.70
N GLY A 144 -14.45 14.59 -25.51
CA GLY A 144 -14.33 14.81 -26.93
C GLY A 144 -12.89 14.87 -27.37
N LYS A 145 -12.00 14.25 -26.59
CA LYS A 145 -10.57 14.27 -26.91
C LYS A 145 -10.28 13.54 -28.22
N THR A 146 -10.92 12.38 -28.41
CA THR A 146 -10.73 11.62 -29.64
C THR A 146 -11.31 12.40 -30.82
N TYR A 147 -12.32 13.23 -30.53
CA TYR A 147 -12.96 14.06 -31.54
C TYR A 147 -12.04 15.22 -31.92
N THR A 148 -11.34 15.78 -30.93
CA THR A 148 -10.43 16.87 -31.16
C THR A 148 -9.15 16.41 -31.85
N ILE A 149 -8.70 15.20 -31.49
CA ILE A 149 -7.48 14.65 -32.08
C ILE A 149 -7.72 14.06 -33.48
N GLN A 150 -8.76 13.25 -33.64
CA GLN A 150 -9.05 12.62 -34.92
C GLN A 150 -10.07 13.40 -35.74
N GLY A 151 -11.16 13.78 -35.12
CA GLY A 151 -12.19 14.53 -35.82
C GLY A 151 -12.95 13.68 -36.82
N THR A 152 -13.36 14.30 -37.92
CA THR A 152 -14.10 13.63 -38.98
C THR A 152 -13.54 14.02 -40.34
N SER A 153 -14.10 13.48 -41.41
CA SER A 153 -13.62 13.80 -42.76
C SER A 153 -13.83 15.27 -43.10
N LYS A 154 -15.01 15.81 -42.79
CA LYS A 154 -15.31 17.21 -43.05
C LYS A 154 -14.35 18.11 -42.26
N ASP A 155 -14.31 17.89 -40.96
CA ASP A 155 -13.45 18.65 -40.07
C ASP A 155 -12.48 17.70 -39.39
N ALA A 156 -11.27 17.62 -39.91
CA ALA A 156 -10.26 16.73 -39.35
C ALA A 156 -9.69 17.29 -38.06
N GLY A 157 -9.32 16.40 -37.17
CA GLY A 157 -8.75 16.79 -35.90
C GLY A 157 -7.30 17.23 -36.04
N ILE A 158 -6.67 17.50 -34.92
CA ILE A 158 -5.28 17.94 -34.92
C ILE A 158 -4.33 16.97 -35.61
N LEU A 159 -4.56 15.68 -35.42
CA LEU A 159 -3.71 14.66 -36.02
C LEU A 159 -3.85 14.58 -37.55
N PRO A 160 -5.04 14.28 -38.10
CA PRO A 160 -5.24 14.18 -39.55
C PRO A 160 -4.90 15.49 -40.26
N GLN A 161 -5.25 16.61 -39.62
CA GLN A 161 -4.97 17.92 -40.19
C GLN A 161 -3.47 18.22 -40.15
N SER A 162 -2.79 17.67 -39.15
CA SER A 162 -1.36 17.86 -39.01
C SER A 162 -0.69 17.27 -40.24
N LEU A 163 -1.12 16.07 -40.59
CA LEU A 163 -0.60 15.37 -41.75
C LEU A 163 -0.85 16.18 -43.01
N ALA A 164 -2.07 16.69 -43.13
CA ALA A 164 -2.45 17.49 -44.30
C ALA A 164 -1.50 18.67 -44.48
N LEU A 165 -1.22 19.38 -43.41
CA LEU A 165 -0.33 20.53 -43.47
C LEU A 165 1.15 20.14 -43.58
N ILE A 166 1.59 19.15 -42.81
CA ILE A 166 2.99 18.73 -42.85
C ILE A 166 3.37 18.14 -44.21
N PHE A 167 2.51 17.30 -44.76
CA PHE A 167 2.75 16.69 -46.07
C PHE A 167 2.67 17.75 -47.16
N ASN A 168 1.84 18.76 -46.93
CA ASN A 168 1.70 19.85 -47.89
C ASN A 168 2.97 20.69 -47.86
N SER A 169 3.55 20.82 -46.68
CA SER A 169 4.79 21.57 -46.50
C SER A 169 5.95 20.81 -47.16
N LEU A 170 5.89 19.50 -47.09
CA LEU A 170 6.91 18.65 -47.69
C LEU A 170 6.64 18.46 -49.17
N ILE A 276 15.24 19.50 -53.75
CA ILE A 276 15.13 19.26 -52.33
C ILE A 276 14.16 18.11 -52.08
N ARG A 277 14.69 17.00 -51.64
CA ARG A 277 13.89 15.83 -51.40
C ARG A 277 13.52 15.69 -49.93
N PHE A 278 12.27 15.32 -49.71
CA PHE A 278 11.77 15.12 -48.37
C PHE A 278 11.34 13.68 -48.21
N SER A 279 11.50 13.17 -47.01
CA SER A 279 11.13 11.81 -46.69
C SER A 279 10.37 11.79 -45.38
N VAL A 280 9.46 10.86 -45.24
CA VAL A 280 8.68 10.75 -44.02
C VAL A 280 8.42 9.31 -43.66
N TRP A 281 8.58 9.00 -42.38
CA TRP A 281 8.33 7.66 -41.88
C TRP A 281 7.06 7.71 -41.06
N ILE A 282 6.22 6.71 -41.21
CA ILE A 282 4.96 6.68 -40.50
C ILE A 282 4.87 5.46 -39.58
N SER A 283 4.41 5.71 -38.36
CA SER A 283 4.23 4.67 -37.37
C SER A 283 2.97 4.93 -36.56
N PHE A 284 2.12 3.93 -36.43
CA PHE A 284 0.87 4.06 -35.68
C PHE A 284 0.65 2.79 -34.88
N PHE A 285 0.49 2.94 -33.57
CA PHE A 285 0.31 1.79 -32.71
C PHE A 285 -0.62 2.11 -31.54
N GLU A 286 -1.09 1.06 -30.90
CA GLU A 286 -1.98 1.20 -29.75
C GLU A 286 -1.39 0.49 -28.54
N ILE A 287 -1.34 1.21 -27.42
CA ILE A 287 -0.81 0.67 -26.18
C ILE A 287 -1.96 0.22 -25.29
N TYR A 288 -2.23 -1.07 -25.30
CA TYR A 288 -3.32 -1.61 -24.50
C TYR A 288 -2.75 -2.45 -23.37
N ASN A 289 -3.12 -2.08 -22.14
CA ASN A 289 -2.64 -2.78 -20.93
C ASN A 289 -1.12 -2.72 -20.85
N GLU A 290 -0.59 -1.56 -21.20
CA GLU A 290 0.86 -1.32 -21.20
C GLU A 290 1.57 -2.17 -22.24
N LEU A 291 0.82 -2.71 -23.20
CA LEU A 291 1.37 -3.52 -24.26
C LEU A 291 1.33 -2.71 -25.54
N LEU A 292 2.41 -2.74 -26.31
CA LEU A 292 2.46 -1.98 -27.54
C LEU A 292 2.08 -2.86 -28.72
N TYR A 293 0.98 -2.51 -29.37
CA TYR A 293 0.48 -3.26 -30.52
C TYR A 293 0.54 -2.38 -31.77
N ASP A 294 1.18 -2.88 -32.83
CA ASP A 294 1.28 -2.14 -34.07
C ASP A 294 -0.02 -2.22 -34.86
N LEU A 295 -0.58 -1.06 -35.17
CA LEU A 295 -1.84 -0.97 -35.90
C LEU A 295 -1.63 -0.99 -37.41
N LEU A 296 -0.42 -0.64 -37.83
CA LEU A 296 -0.06 -0.58 -39.25
C LEU A 296 -0.09 -1.95 -39.89
N GLU A 297 0.66 -2.94 -39.34
CA GLU A 297 0.80 -4.26 -39.93
C GLU A 297 -0.19 -5.37 -39.60
N PRO A 298 -0.60 -5.69 -38.37
CA PRO A 298 -1.43 -6.87 -38.19
C PRO A 298 -2.90 -6.72 -38.45
N PRO A 299 -3.56 -7.66 -39.10
CA PRO A 299 -4.99 -7.53 -39.22
C PRO A 299 -5.62 -8.02 -37.98
N SER A 300 -6.60 -7.25 -37.43
CA SER A 300 -7.34 -7.53 -36.23
C SER A 300 -6.45 -7.34 -35.04
N HIS A 301 -6.98 -7.70 -33.85
CA HIS A 301 -6.16 -7.54 -32.70
C HIS A 301 -5.78 -8.92 -32.21
N LYS A 304 0.28 -11.89 -29.83
CA LYS A 304 0.07 -10.44 -29.65
C LYS A 304 1.30 -9.79 -29.08
N ARG A 305 2.02 -10.49 -28.18
CA ARG A 305 3.19 -9.90 -27.59
C ARG A 305 4.22 -9.78 -28.68
N GLN A 306 4.67 -8.53 -28.94
CA GLN A 306 5.65 -8.25 -29.95
C GLN A 306 6.91 -8.12 -29.17
N THR A 307 8.07 -8.34 -29.81
CA THR A 307 9.34 -8.24 -29.15
C THR A 307 9.89 -6.85 -29.22
N LEU A 308 9.23 -5.88 -28.54
CA LEU A 308 9.96 -4.62 -28.58
C LEU A 308 10.17 -3.98 -27.20
N ARG A 309 11.33 -3.30 -27.05
CA ARG A 309 11.77 -2.70 -25.81
C ARG A 309 12.28 -1.31 -26.10
N LEU A 310 12.51 -0.51 -25.04
CA LEU A 310 13.07 0.80 -25.24
C LEU A 310 14.49 0.75 -24.79
N CYS A 311 15.44 1.06 -25.69
CA CYS A 311 16.83 1.04 -25.30
C CYS A 311 17.29 2.45 -25.21
N GLU A 312 18.29 2.71 -24.33
CA GLU A 312 18.76 4.05 -24.16
C GLU A 312 20.14 4.15 -24.73
N ASP A 313 20.31 5.03 -25.74
CA ASP A 313 21.55 5.21 -26.49
C ASP A 313 22.53 6.06 -25.68
N GLN A 314 23.78 6.11 -26.13
CA GLN A 314 24.81 6.90 -25.45
C GLN A 314 24.40 8.36 -25.32
N ASN A 315 23.52 8.80 -26.22
CA ASN A 315 23.02 10.17 -26.21
C ASN A 315 22.09 10.40 -25.02
N GLY A 316 21.53 9.32 -24.50
CA GLY A 316 20.62 9.42 -23.36
C GLY A 316 19.18 9.41 -23.81
N ASN A 317 19.00 9.47 -25.11
CA ASN A 317 17.67 9.46 -25.72
C ASN A 317 17.13 8.05 -25.78
N PRO A 318 15.87 7.84 -25.36
CA PRO A 318 15.25 6.52 -25.40
C PRO A 318 14.78 6.21 -26.81
N TYR A 319 15.00 4.97 -27.23
CA TYR A 319 14.59 4.53 -28.56
C TYR A 319 13.82 3.23 -28.43
N VAL A 320 12.69 3.14 -29.11
CA VAL A 320 11.93 1.90 -29.07
C VAL A 320 12.52 1.02 -30.15
N LYS A 321 12.91 -0.18 -29.80
CA LYS A 321 13.53 -1.07 -30.76
C LYS A 321 12.51 -2.01 -31.36
N ASP A 322 12.77 -2.40 -32.61
CA ASP A 322 11.90 -3.31 -33.36
C ASP A 322 10.56 -2.68 -33.69
N LEU A 323 10.60 -1.42 -34.09
CA LEU A 323 9.40 -0.69 -34.46
C LEU A 323 9.16 -0.87 -35.94
N ASN A 324 7.95 -0.63 -36.39
CA ASN A 324 7.69 -0.75 -37.81
C ASN A 324 7.85 0.62 -38.41
N TRP A 325 8.41 0.68 -39.59
CA TRP A 325 8.59 1.94 -40.28
C TRP A 325 8.04 1.81 -41.67
N ILE A 326 7.42 2.87 -42.15
CA ILE A 326 6.84 2.85 -43.48
C ILE A 326 7.14 4.16 -44.16
N HIS A 327 7.28 4.12 -45.47
CA HIS A 327 7.53 5.31 -46.23
C HIS A 327 6.22 5.66 -46.92
N VAL A 328 5.88 6.93 -46.93
CA VAL A 328 4.64 7.39 -47.52
C VAL A 328 4.91 8.57 -48.43
N ARG A 329 4.29 8.58 -49.58
CA ARG A 329 4.48 9.66 -50.54
C ARG A 329 3.58 10.84 -50.22
N ASP A 330 2.29 10.56 -50.17
CA ASP A 330 1.26 11.55 -49.89
C ASP A 330 0.74 11.45 -48.45
N VAL A 331 -0.03 12.45 -48.07
CA VAL A 331 -0.64 12.49 -46.74
C VAL A 331 -1.75 11.46 -46.61
N GLU A 332 -2.48 11.25 -47.70
CA GLU A 332 -3.59 10.30 -47.72
C GLU A 332 -3.08 8.90 -47.42
N GLU A 333 -1.82 8.64 -47.77
CA GLU A 333 -1.21 7.35 -47.51
C GLU A 333 -1.11 7.13 -46.01
N ALA A 334 -0.68 8.17 -45.30
CA ALA A 334 -0.58 8.09 -43.84
C ALA A 334 -1.98 8.05 -43.23
N TRP A 335 -2.90 8.79 -43.84
CA TRP A 335 -4.28 8.82 -43.39
C TRP A 335 -4.90 7.42 -43.54
N LYS A 336 -4.57 6.77 -44.65
CA LYS A 336 -5.07 5.42 -44.94
C LYS A 336 -4.57 4.47 -43.86
N LEU A 337 -3.32 4.64 -43.45
CA LEU A 337 -2.72 3.81 -42.41
C LEU A 337 -3.48 3.99 -41.09
N LEU A 338 -3.94 5.21 -40.85
CA LEU A 338 -4.70 5.51 -39.66
C LEU A 338 -6.06 4.82 -39.69
N LYS A 339 -6.64 4.76 -40.88
CA LYS A 339 -7.93 4.09 -41.07
C LYS A 339 -7.78 2.62 -40.69
N VAL A 340 -6.65 2.04 -41.07
CA VAL A 340 -6.35 0.65 -40.75
C VAL A 340 -6.19 0.51 -39.25
N GLY A 341 -5.50 1.48 -38.66
CA GLY A 341 -5.30 1.48 -37.23
C GLY A 341 -6.60 1.57 -36.45
N ARG A 342 -7.52 2.38 -36.94
CA ARG A 342 -8.83 2.55 -36.31
C ARG A 342 -9.62 1.25 -36.42
N LYS A 343 -9.42 0.55 -37.53
CA LYS A 343 -10.11 -0.71 -37.79
C LYS A 343 -9.55 -1.83 -36.90
N ASN A 344 -8.23 -1.91 -36.80
CA ASN A 344 -7.56 -2.93 -35.99
C ASN A 344 -7.59 -2.59 -34.50
N GLN A 345 -7.85 -1.33 -34.21
CA GLN A 345 -7.89 -0.82 -32.83
C GLN A 345 -8.74 -1.68 -31.92
N SER A 346 -8.24 -1.82 -30.66
CA SER A 346 -8.79 -2.57 -29.58
C SER A 346 -9.27 -1.57 -28.57
N PHE A 347 -10.10 -2.00 -27.58
CA PHE A 347 -10.54 -1.23 -26.42
C PHE A 347 -11.33 -2.18 -25.55
N ALA A 348 -11.57 -1.79 -24.28
CA ALA A 348 -12.39 -2.51 -23.34
C ALA A 348 -12.50 -1.60 -22.15
N SER A 349 -13.40 -1.92 -21.21
CA SER A 349 -13.48 -1.11 -20.02
C SER A 349 -12.78 -1.92 -18.95
N SER A 359 -6.92 1.16 -25.71
CA SER A 359 -5.58 1.18 -26.28
C SER A 359 -5.14 2.61 -26.57
N HIS A 360 -3.94 2.96 -26.10
CA HIS A 360 -3.45 4.30 -26.30
C HIS A 360 -3.11 4.39 -27.75
N SER A 361 -3.51 5.41 -28.43
CA SER A 361 -3.19 5.48 -29.82
C SER A 361 -2.15 6.55 -29.97
N ILE A 362 -0.99 6.15 -30.45
CA ILE A 362 0.09 7.09 -30.64
C ILE A 362 0.52 7.05 -32.08
N PHE A 363 0.37 8.18 -32.75
CA PHE A 363 0.77 8.30 -34.13
C PHE A 363 2.09 9.02 -34.18
N SER A 364 3.07 8.41 -34.80
CA SER A 364 4.38 8.99 -34.91
C SER A 364 4.68 9.33 -36.36
N ILE A 365 5.15 10.54 -36.57
CA ILE A 365 5.49 11.03 -37.89
C ILE A 365 6.89 11.59 -37.86
N ARG A 366 7.81 10.99 -38.59
CA ARG A 366 9.17 11.50 -38.64
C ARG A 366 9.54 11.96 -40.03
N ILE A 367 9.75 13.26 -40.16
CA ILE A 367 10.09 13.83 -41.44
C ILE A 367 11.59 14.05 -41.55
N LEU A 368 12.12 13.80 -42.72
CA LEU A 368 13.53 13.96 -42.98
C LEU A 368 13.69 15.18 -43.86
N HIS A 369 14.42 16.17 -43.37
CA HIS A 369 14.64 17.39 -44.12
C HIS A 369 15.98 17.28 -44.80
N LEU A 370 15.95 17.18 -46.11
CA LEU A 370 17.16 17.05 -46.88
C LEU A 370 17.20 18.01 -48.05
N PRO A 378 21.23 15.09 -42.86
CA PRO A 378 19.88 15.60 -42.72
C PRO A 378 19.39 15.86 -41.31
N LYS A 379 18.36 16.69 -41.23
CA LYS A 379 17.74 16.99 -39.98
C LYS A 379 16.44 16.23 -39.97
N ILE A 380 16.22 15.46 -38.93
CA ILE A 380 15.01 14.66 -38.83
C ILE A 380 14.18 15.11 -37.65
N SER A 381 12.88 15.23 -37.87
CA SER A 381 11.98 15.63 -36.82
C SER A 381 10.90 14.58 -36.62
N GLU A 382 10.70 14.15 -35.39
CA GLU A 382 9.71 13.14 -35.09
C GLU A 382 8.60 13.72 -34.23
N LEU A 383 7.38 13.56 -34.70
CA LEU A 383 6.22 14.04 -33.99
C LEU A 383 5.41 12.87 -33.51
N SER A 384 4.70 13.04 -32.43
CA SER A 384 3.87 11.97 -31.90
C SER A 384 2.60 12.53 -31.30
N LEU A 385 1.51 11.85 -31.54
CA LEU A 385 0.22 12.27 -31.04
C LEU A 385 -0.30 11.26 -30.05
N CYS A 386 -0.86 11.75 -28.97
CA CYS A 386 -1.39 10.88 -27.95
C CYS A 386 -2.82 11.27 -27.60
N ASP A 387 -3.66 10.27 -27.47
CA ASP A 387 -5.05 10.50 -27.08
C ASP A 387 -5.49 9.44 -26.10
N LEU A 388 -5.66 9.89 -24.84
CA LEU A 388 -5.97 9.01 -23.75
C LEU A 388 -7.42 8.65 -23.80
N ALA A 389 -7.69 7.34 -23.63
CA ALA A 389 -9.02 6.85 -23.62
C ALA A 389 -9.34 6.62 -22.19
N GLY A 390 -10.61 6.80 -21.85
CA GLY A 390 -11.02 6.59 -20.51
C GLY A 390 -11.70 5.28 -20.47
N SER A 391 -12.60 5.14 -19.51
CA SER A 391 -13.36 3.94 -19.41
C SER A 391 -14.53 4.27 -18.55
N GLU A 392 -15.62 3.48 -18.69
CA GLU A 392 -16.78 3.68 -17.86
C GLU A 392 -16.33 3.19 -16.54
N ARG A 393 -16.25 4.06 -15.51
CA ARG A 393 -15.68 3.43 -14.33
C ARG A 393 -16.71 3.58 -13.25
N CYS A 394 -17.32 2.45 -12.82
CA CYS A 394 -18.31 2.51 -11.76
C CYS A 394 -18.56 1.11 -11.27
N LYS A 395 -19.37 0.98 -10.18
CA LYS A 395 -19.71 -0.32 -9.66
C LYS A 395 -20.59 -1.00 -10.66
N ARG A 402 -12.72 -7.14 -14.94
CA ARG A 402 -11.62 -7.33 -15.92
C ARG A 402 -10.40 -7.73 -15.14
N LEU A 403 -9.22 -7.23 -15.57
CA LEU A 403 -7.96 -7.43 -14.93
C LEU A 403 -7.70 -6.12 -14.27
N LYS A 404 -6.48 -5.92 -13.69
CA LYS A 404 -5.98 -4.73 -13.01
C LYS A 404 -5.71 -3.57 -13.97
N GLU A 405 -6.53 -3.46 -15.00
CA GLU A 405 -6.37 -2.40 -15.99
C GLU A 405 -6.59 -1.04 -15.34
N ALA A 406 -7.53 -0.99 -14.41
CA ALA A 406 -7.86 0.25 -13.72
C ALA A 406 -6.70 0.71 -12.85
N GLY A 407 -6.24 -0.19 -11.99
CA GLY A 407 -5.15 0.15 -11.08
C GLY A 407 -3.83 0.43 -11.80
N ASN A 408 -3.54 -0.37 -12.82
CA ASN A 408 -2.29 -0.21 -13.57
C ASN A 408 -2.17 1.18 -14.19
N ILE A 409 -3.18 1.60 -14.96
CA ILE A 409 -3.14 2.91 -15.58
C ILE A 409 -3.27 4.02 -14.55
N ASN A 410 -4.05 3.76 -13.50
CA ASN A 410 -4.24 4.74 -12.45
C ASN A 410 -2.87 5.20 -11.97
N THR A 411 -1.96 4.24 -11.94
CA THR A 411 -0.58 4.50 -11.53
C THR A 411 0.15 5.32 -12.60
N SER A 412 -0.14 5.04 -13.87
CA SER A 412 0.47 5.75 -14.99
C SER A 412 0.09 7.23 -14.97
N LEU A 413 -1.18 7.51 -14.68
CA LEU A 413 -1.67 8.89 -14.62
C LEU A 413 -1.07 9.58 -13.40
N HIS A 414 -0.90 8.81 -12.33
CA HIS A 414 -0.35 9.33 -11.08
C HIS A 414 1.10 9.77 -11.28
N THR A 415 1.90 8.95 -11.95
CA THR A 415 3.30 9.29 -12.20
C THR A 415 3.38 10.42 -13.21
N LEU A 416 2.45 10.45 -14.16
CA LEU A 416 2.41 11.49 -15.16
C LEU A 416 2.20 12.84 -14.48
N GLY A 417 1.27 12.86 -13.54
CA GLY A 417 0.97 14.07 -12.80
C GLY A 417 2.15 14.53 -11.96
N ARG A 418 2.80 13.59 -11.29
CA ARG A 418 3.95 13.90 -10.46
C ARG A 418 5.14 14.34 -11.31
N CYS A 419 5.32 13.69 -12.45
CA CYS A 419 6.42 14.03 -13.36
C CYS A 419 6.25 15.43 -13.91
N ILE A 420 5.03 15.77 -14.32
CA ILE A 420 4.74 17.10 -14.85
C ILE A 420 4.99 18.16 -13.79
N ALA A 421 4.66 17.81 -12.54
CA ALA A 421 4.88 18.71 -11.42
C ALA A 421 6.37 18.99 -11.24
N ALA A 422 7.18 17.93 -11.34
CA ALA A 422 8.62 18.06 -11.21
C ALA A 422 9.18 18.88 -12.36
N LEU A 423 8.61 18.67 -13.54
CA LEU A 423 9.02 19.39 -14.74
C LEU A 423 8.77 20.88 -14.58
N ARG A 424 7.68 21.21 -13.88
CA ARG A 424 7.32 22.61 -13.64
C ARG A 424 8.35 23.30 -12.76
N GLN A 425 8.63 22.72 -11.59
CA GLN A 425 9.58 23.32 -10.65
C GLN A 425 11.00 23.41 -11.21
N ASN A 426 11.42 22.39 -11.95
CA ASN A 426 12.76 22.35 -12.53
C ASN A 426 12.90 23.33 -13.69
N GLN A 427 11.81 23.56 -14.39
CA GLN A 427 11.80 24.49 -15.53
C GLN A 427 11.73 25.94 -15.07
N GLN A 428 11.18 26.14 -13.88
CA GLN A 428 11.01 27.47 -13.31
C GLN A 428 12.36 28.18 -13.18
N ASN A 429 13.42 27.38 -12.92
CA ASN A 429 14.83 27.72 -12.79
C ASN A 429 15.18 28.40 -11.48
N ARG A 430 14.55 27.93 -10.38
CA ARG A 430 14.91 28.28 -9.05
C ARG A 430 15.89 27.18 -8.75
N SER A 431 16.71 27.25 -7.68
CA SER A 431 17.57 26.10 -7.49
C SER A 431 16.69 24.94 -7.12
N LYS A 432 16.50 23.97 -8.06
CA LYS A 432 15.63 22.88 -7.74
C LYS A 432 15.94 21.70 -8.63
N GLN A 433 17.17 21.18 -8.57
CA GLN A 433 17.43 19.94 -9.24
C GLN A 433 16.70 18.83 -8.53
N ASN A 434 15.55 18.43 -9.10
CA ASN A 434 14.81 17.38 -8.48
C ASN A 434 14.83 16.19 -9.38
N LEU A 435 14.91 14.97 -8.80
CA LEU A 435 14.93 13.82 -9.65
C LEU A 435 13.50 13.53 -9.95
N ILE A 436 13.24 13.09 -11.19
CA ILE A 436 11.89 12.84 -11.64
C ILE A 436 11.61 11.33 -11.63
N PRO A 437 10.40 10.97 -11.19
CA PRO A 437 9.94 9.58 -11.08
C PRO A 437 9.66 8.91 -12.44
N PHE A 438 10.38 9.32 -13.48
CA PHE A 438 10.19 8.76 -14.83
C PHE A 438 10.21 7.23 -14.88
N ARG A 439 11.06 6.58 -14.06
CA ARG A 439 11.17 5.15 -13.99
C ARG A 439 9.93 4.50 -13.41
N ASP A 440 9.07 5.26 -12.70
CA ASP A 440 7.87 4.79 -12.03
C ASP A 440 7.01 3.88 -12.92
N SER A 441 6.52 4.44 -14.02
CA SER A 441 5.70 3.69 -14.95
C SER A 441 6.35 3.58 -16.33
N LYS A 442 5.96 2.56 -17.08
CA LYS A 442 6.47 2.37 -18.43
C LYS A 442 6.05 3.54 -19.32
N LEU A 443 4.84 4.05 -19.07
CA LEU A 443 4.31 5.18 -19.83
C LEU A 443 5.21 6.41 -19.74
N THR A 444 5.51 6.82 -18.52
CA THR A 444 6.36 7.98 -18.31
C THR A 444 7.77 7.70 -18.83
N ARG A 445 8.23 6.43 -18.71
CA ARG A 445 9.53 6.05 -19.19
C ARG A 445 9.63 6.18 -20.69
N VAL A 446 8.61 5.73 -21.45
CA VAL A 446 8.66 5.77 -22.90
C VAL A 446 8.57 7.20 -23.45
N PHE A 447 7.80 8.04 -22.79
CA PHE A 447 7.62 9.42 -23.23
C PHE A 447 8.70 10.35 -22.68
N GLN A 448 9.71 9.76 -22.04
CA GLN A 448 10.80 10.54 -21.45
C GLN A 448 11.44 11.49 -22.46
N GLY A 449 11.79 10.95 -23.61
CA GLY A 449 12.43 11.73 -24.67
C GLY A 449 11.57 12.87 -25.21
N PHE A 450 10.26 12.71 -25.12
CA PHE A 450 9.32 13.73 -25.63
C PHE A 450 9.14 14.91 -24.68
N PHE A 451 9.10 14.60 -23.39
CA PHE A 451 8.93 15.62 -22.36
C PHE A 451 10.27 16.29 -22.01
N THR A 452 11.13 15.53 -21.32
CA THR A 452 12.43 16.01 -20.86
C THR A 452 13.56 15.89 -21.89
N GLY A 453 13.39 15.05 -22.92
CA GLY A 453 14.45 14.89 -23.90
C GLY A 453 14.30 15.79 -25.12
N ARG A 454 14.89 15.37 -26.25
CA ARG A 454 14.82 16.13 -27.50
C ARG A 454 13.40 16.22 -28.03
N GLY A 455 12.72 17.29 -27.73
CA GLY A 455 11.38 17.44 -28.21
C GLY A 455 10.56 18.35 -27.35
N ARG A 456 9.72 19.11 -27.99
CA ARG A 456 8.84 20.06 -27.34
C ARG A 456 7.47 19.43 -27.27
N SER A 457 6.73 19.65 -26.22
CA SER A 457 5.43 19.04 -26.11
C SER A 457 4.35 20.07 -25.82
N CYS A 458 3.12 19.73 -26.18
CA CYS A 458 1.99 20.59 -25.97
C CYS A 458 0.98 19.87 -25.10
N MET A 459 0.35 20.60 -24.20
CA MET A 459 -0.61 20.01 -23.31
C MET A 459 -2.00 20.38 -23.75
N ILE A 460 -2.78 19.37 -24.07
CA ILE A 460 -4.14 19.57 -24.53
C ILE A 460 -5.10 19.11 -23.46
N VAL A 461 -5.89 20.03 -22.94
CA VAL A 461 -6.85 19.69 -21.92
C VAL A 461 -8.27 19.90 -22.40
N ASN A 462 -8.94 18.80 -22.66
CA ASN A 462 -10.31 18.82 -23.11
C ASN A 462 -11.19 18.55 -21.90
N VAL A 463 -12.15 19.41 -21.63
CA VAL A 463 -12.99 19.25 -20.47
C VAL A 463 -14.49 19.24 -20.83
N ASN A 464 -15.30 18.76 -19.90
CA ASN A 464 -16.74 18.67 -20.10
C ASN A 464 -17.45 19.67 -19.20
N PRO A 465 -18.42 20.42 -19.76
CA PRO A 465 -19.19 21.44 -19.04
C PRO A 465 -20.23 20.86 -18.07
N CYS A 466 -20.55 19.58 -18.21
CA CYS A 466 -21.54 18.94 -17.34
C CYS A 466 -21.14 19.06 -15.87
N ALA A 467 -22.12 19.26 -15.00
CA ALA A 467 -21.86 19.40 -13.57
C ALA A 467 -21.54 18.06 -12.90
N SER A 468 -22.12 16.99 -13.41
CA SER A 468 -21.89 15.65 -12.88
C SER A 468 -20.45 15.19 -13.13
N THR A 469 -19.89 15.67 -14.23
CA THR A 469 -18.53 15.34 -14.63
C THR A 469 -17.49 16.21 -13.90
N TYR A 470 -17.96 17.13 -13.07
CA TYR A 470 -17.06 18.03 -12.35
C TYR A 470 -16.06 17.28 -11.48
N ASP A 471 -16.41 16.07 -11.08
CA ASP A 471 -15.53 15.26 -10.26
C ASP A 471 -14.21 15.04 -10.98
N GLU A 472 -14.31 14.57 -12.22
CA GLU A 472 -13.14 14.33 -13.05
C GLU A 472 -12.45 15.64 -13.41
N THR A 473 -13.26 16.67 -13.64
CA THR A 473 -12.78 17.99 -14.00
C THR A 473 -11.96 18.62 -12.87
N LEU A 474 -12.43 18.44 -11.63
CA LEU A 474 -11.75 18.97 -10.45
C LEU A 474 -10.28 18.55 -10.41
N HIS A 475 -10.03 17.30 -10.76
CA HIS A 475 -8.68 16.77 -10.75
C HIS A 475 -7.84 17.37 -11.88
N ALA A 476 -8.39 17.35 -13.09
CA ALA A 476 -7.69 17.88 -14.27
C ALA A 476 -7.46 19.38 -14.15
N ALA A 477 -8.38 20.07 -13.46
CA ALA A 477 -8.29 21.50 -13.27
C ALA A 477 -7.12 21.86 -12.37
N LYS A 478 -7.03 21.16 -11.22
CA LYS A 478 -6.03 21.37 -10.20
C LYS A 478 -4.70 20.98 -10.76
N PHE A 479 -4.69 19.87 -11.52
CA PHE A 479 -3.48 19.34 -12.13
C PHE A 479 -2.90 20.38 -13.09
N SER A 480 -3.78 21.03 -13.84
CA SER A 480 -3.34 21.98 -14.82
C SER A 480 -2.94 23.29 -14.19
N ALA A 481 -3.82 23.93 -13.39
CA ALA A 481 -3.47 25.20 -12.83
C ALA A 481 -3.25 25.01 -11.37
N LEU A 482 -2.29 25.73 -10.74
CA LEU A 482 -2.11 25.52 -9.33
C LEU A 482 -2.56 26.74 -8.59
N ALA A 483 -3.61 26.59 -7.76
CA ALA A 483 -4.14 27.67 -6.98
C ALA A 483 -4.74 27.06 -5.72
N ARG B 2 -35.62 -1.78 18.27
CA ARG B 2 -35.33 -2.45 19.54
C ARG B 2 -33.93 -3.06 19.52
N GLU B 3 -33.73 -4.01 18.62
CA GLU B 3 -32.44 -4.68 18.50
C GLU B 3 -31.43 -3.87 17.69
N CYS B 4 -30.18 -4.30 17.79
CA CYS B 4 -29.09 -3.66 17.07
C CYS B 4 -28.14 -4.73 16.56
N ILE B 5 -27.67 -4.56 15.34
CA ILE B 5 -26.75 -5.52 14.73
C ILE B 5 -25.34 -4.96 14.72
N SER B 6 -24.39 -5.74 15.19
CA SER B 6 -23.00 -5.30 15.25
C SER B 6 -22.19 -5.81 14.07
N ILE B 7 -21.31 -4.96 13.56
CA ILE B 7 -20.46 -5.29 12.43
C ILE B 7 -19.01 -4.99 12.76
N HIS B 8 -18.26 -6.04 13.05
CA HIS B 8 -16.84 -5.89 13.38
C HIS B 8 -16.00 -6.06 12.12
N VAL B 9 -15.36 -4.98 11.68
CA VAL B 9 -14.53 -5.03 10.47
C VAL B 9 -13.06 -4.76 10.78
N GLY B 10 -12.20 -5.64 10.30
CA GLY B 10 -10.77 -5.49 10.52
C GLY B 10 -10.27 -6.41 11.60
N GLN B 11 -8.95 -6.64 11.62
CA GLN B 11 -8.31 -7.50 12.61
C GLN B 11 -8.70 -7.08 14.03
N ALA B 12 -8.38 -5.84 14.38
CA ALA B 12 -8.71 -5.31 15.70
C ALA B 12 -10.21 -5.40 15.97
N GLY B 13 -11.00 -5.15 14.93
CA GLY B 13 -12.44 -5.21 15.06
C GLY B 13 -12.91 -6.59 15.50
N VAL B 14 -12.31 -7.62 14.92
CA VAL B 14 -12.65 -8.99 15.25
C VAL B 14 -12.16 -9.33 16.65
N GLN B 15 -10.93 -8.89 16.96
CA GLN B 15 -10.34 -9.14 18.28
C GLN B 15 -11.17 -8.49 19.38
N ILE B 16 -11.42 -7.20 19.24
CA ILE B 16 -12.22 -6.46 20.22
C ILE B 16 -13.65 -6.98 20.24
N GLY B 17 -14.16 -7.36 19.07
CA GLY B 17 -15.51 -7.87 18.97
C GLY B 17 -15.72 -9.14 19.77
N ASN B 18 -14.78 -10.08 19.63
CA ASN B 18 -14.86 -11.33 20.36
C ASN B 18 -14.71 -11.09 21.85
N ALA B 19 -13.76 -10.24 22.22
CA ALA B 19 -13.51 -9.91 23.62
C ALA B 19 -14.70 -9.18 24.22
N CYS B 20 -15.33 -8.33 23.43
CA CYS B 20 -16.50 -7.57 23.87
C CYS B 20 -17.68 -8.50 24.05
N TRP B 21 -17.89 -9.39 23.09
CA TRP B 21 -18.99 -10.34 23.16
C TRP B 21 -18.78 -11.39 24.24
N GLU B 22 -17.52 -11.64 24.57
CA GLU B 22 -17.18 -12.59 25.63
C GLU B 22 -17.77 -12.06 26.93
N LEU B 23 -17.69 -10.75 27.09
CA LEU B 23 -18.22 -10.09 28.26
C LEU B 23 -19.74 -9.99 28.16
N TYR B 24 -20.22 -9.79 26.92
CA TYR B 24 -21.65 -9.69 26.65
C TYR B 24 -22.43 -10.91 27.15
N CYS B 25 -21.95 -12.09 26.79
CA CYS B 25 -22.61 -13.33 27.21
C CYS B 25 -22.28 -13.68 28.66
N LEU B 26 -21.15 -13.18 29.15
CA LEU B 26 -20.74 -13.43 30.53
C LEU B 26 -21.78 -12.90 31.50
N GLU B 27 -22.17 -11.64 31.32
CA GLU B 27 -23.16 -11.02 32.18
C GLU B 27 -24.57 -11.52 31.86
N HIS B 28 -24.75 -11.96 30.62
CA HIS B 28 -26.04 -12.48 30.18
C HIS B 28 -26.31 -13.83 30.84
N GLY B 29 -25.25 -14.51 31.23
CA GLY B 29 -25.38 -15.80 31.86
C GLY B 29 -25.51 -16.90 30.84
N ILE B 30 -24.94 -16.68 29.67
CA ILE B 30 -24.99 -17.66 28.59
C ILE B 30 -23.63 -18.32 28.41
N GLN B 31 -23.63 -19.64 28.34
CA GLN B 31 -22.41 -20.40 28.17
C GLN B 31 -22.06 -20.48 26.68
N PRO B 32 -20.81 -20.88 26.35
CA PRO B 32 -20.36 -21.01 24.96
C PRO B 32 -21.37 -21.73 24.08
N ASP B 33 -21.91 -22.82 24.58
CA ASP B 33 -22.91 -23.58 23.83
C ASP B 33 -24.30 -23.35 24.41
N GLY B 34 -24.85 -22.18 24.10
CA GLY B 34 -26.17 -21.83 24.59
C GLY B 34 -27.10 -21.44 23.46
N HIS B 61 -27.72 -18.25 23.13
CA HIS B 61 -28.60 -17.81 22.06
C HIS B 61 -27.77 -17.37 20.86
N VAL B 62 -28.43 -16.81 19.84
CA VAL B 62 -27.74 -16.37 18.64
C VAL B 62 -27.42 -14.88 18.73
N PRO B 63 -26.13 -14.52 18.66
CA PRO B 63 -25.69 -13.12 18.73
C PRO B 63 -25.97 -12.37 17.44
N ARG B 64 -26.36 -11.11 17.59
CA ARG B 64 -26.66 -10.26 16.44
C ARG B 64 -25.42 -9.47 16.04
N ALA B 65 -24.39 -10.19 15.60
CA ALA B 65 -23.14 -9.56 15.21
C ALA B 65 -22.42 -10.40 14.16
N VAL B 66 -21.66 -9.74 13.30
CA VAL B 66 -20.91 -10.43 12.26
C VAL B 66 -19.46 -9.98 12.27
N PHE B 67 -18.57 -10.86 11.83
CA PHE B 67 -17.15 -10.57 11.77
C PHE B 67 -16.72 -10.47 10.31
N VAL B 68 -16.08 -9.37 9.96
CA VAL B 68 -15.63 -9.15 8.59
C VAL B 68 -14.17 -8.71 8.52
N ASP B 69 -13.37 -9.50 7.84
CA ASP B 69 -11.95 -9.20 7.66
C ASP B 69 -11.45 -9.91 6.41
N LEU B 70 -10.52 -9.27 5.71
CA LEU B 70 -9.95 -9.83 4.50
C LEU B 70 -8.85 -10.82 4.87
N GLU B 71 -8.35 -10.68 6.09
CA GLU B 71 -7.32 -11.58 6.60
C GLU B 71 -8.01 -12.83 7.12
N PRO B 72 -7.79 -13.97 6.46
CA PRO B 72 -8.43 -15.22 6.83
C PRO B 72 -8.05 -15.70 8.23
N THR B 73 -6.79 -15.48 8.60
CA THR B 73 -6.28 -15.91 9.89
C THR B 73 -6.96 -15.25 11.09
N VAL B 74 -7.48 -14.04 10.89
CA VAL B 74 -8.14 -13.33 11.98
C VAL B 74 -9.53 -13.88 12.27
N ILE B 75 -10.32 -14.09 11.22
CA ILE B 75 -11.67 -14.61 11.37
C ILE B 75 -11.63 -16.05 11.91
N ASP B 76 -10.63 -16.81 11.49
CA ASP B 76 -10.50 -18.20 11.91
C ASP B 76 -10.18 -18.32 13.40
N GLU B 77 -9.78 -17.22 14.01
CA GLU B 77 -9.48 -17.21 15.45
C GLU B 77 -10.73 -17.52 16.25
N VAL B 78 -11.86 -17.01 15.79
CA VAL B 78 -13.14 -17.24 16.46
C VAL B 78 -13.66 -18.64 16.14
N ARG B 79 -13.12 -19.24 15.09
CA ARG B 79 -13.54 -20.57 14.67
C ARG B 79 -12.74 -21.65 15.38
N THR B 80 -11.77 -21.23 16.18
CA THR B 80 -10.93 -22.19 16.89
C THR B 80 -10.78 -21.82 18.36
N GLY B 81 -10.82 -20.53 18.65
CA GLY B 81 -10.67 -20.05 20.00
C GLY B 81 -11.94 -20.17 20.82
N THR B 82 -12.23 -19.12 21.58
CA THR B 82 -13.40 -19.09 22.44
C THR B 82 -14.66 -18.75 21.66
N TYR B 83 -15.76 -19.39 22.04
CA TYR B 83 -17.07 -19.18 21.41
C TYR B 83 -17.11 -19.69 19.98
N ARG B 84 -16.46 -20.82 19.77
CA ARG B 84 -16.38 -21.47 18.47
C ARG B 84 -17.76 -21.90 17.97
N GLN B 85 -18.62 -22.36 18.88
CA GLN B 85 -19.95 -22.80 18.51
C GLN B 85 -21.02 -21.79 18.89
N LEU B 86 -20.61 -20.57 19.23
CA LEU B 86 -21.55 -19.54 19.60
C LEU B 86 -21.97 -18.72 18.39
N PHE B 87 -21.06 -18.57 17.45
CA PHE B 87 -21.32 -17.81 16.24
C PHE B 87 -21.57 -18.72 15.05
N HIS B 88 -22.44 -18.27 14.16
CA HIS B 88 -22.77 -19.01 12.96
C HIS B 88 -21.77 -18.68 11.86
N PRO B 89 -21.42 -19.66 11.01
CA PRO B 89 -20.48 -19.44 9.90
C PRO B 89 -20.97 -18.36 8.94
N GLU B 90 -22.29 -18.14 8.93
CA GLU B 90 -22.88 -17.12 8.09
C GLU B 90 -22.49 -15.72 8.57
N GLN B 91 -22.20 -15.63 9.86
CA GLN B 91 -21.81 -14.37 10.48
C GLN B 91 -20.30 -14.24 10.50
N LEU B 92 -19.62 -15.07 9.72
CA LEU B 92 -18.18 -15.06 9.67
C LEU B 92 -17.66 -14.93 8.24
N ILE B 93 -17.61 -13.71 7.73
CA ILE B 93 -17.11 -13.46 6.39
C ILE B 93 -15.59 -13.55 6.42
N THR B 94 -15.01 -14.29 5.49
CA THR B 94 -13.57 -14.46 5.47
C THR B 94 -13.00 -14.42 4.07
N GLY B 95 -12.02 -13.55 3.87
CA GLY B 95 -11.36 -13.45 2.58
C GLY B 95 -10.15 -14.36 2.58
N LYS B 96 -9.84 -14.97 1.45
CA LYS B 96 -8.69 -15.86 1.37
C LYS B 96 -7.50 -15.17 0.72
N GLU B 97 -7.68 -13.94 0.28
CA GLU B 97 -6.60 -13.19 -0.35
C GLU B 97 -5.81 -12.38 0.68
N ASP B 98 -5.19 -11.30 0.24
CA ASP B 98 -4.40 -10.45 1.12
C ASP B 98 -5.05 -9.09 1.34
N ALA B 99 -5.16 -8.69 2.60
CA ALA B 99 -5.77 -7.42 2.96
C ALA B 99 -4.76 -6.28 2.98
N ALA B 100 -3.65 -6.51 3.65
CA ALA B 100 -2.59 -5.51 3.79
C ALA B 100 -3.04 -4.35 4.68
N ASN B 101 -2.24 -3.30 4.77
CA ASN B 101 -2.57 -2.15 5.60
C ASN B 101 -2.70 -0.89 4.76
N ASN B 102 -3.53 -0.95 3.75
CA ASN B 102 -3.77 0.18 2.87
C ASN B 102 -5.25 0.34 2.56
N TYR B 103 -5.77 1.53 2.89
CA TYR B 103 -7.18 1.86 2.67
C TYR B 103 -7.63 1.53 1.26
N ALA B 104 -6.77 1.82 0.30
CA ALA B 104 -7.06 1.59 -1.12
C ALA B 104 -7.43 0.14 -1.41
N ARG B 105 -6.73 -0.79 -0.80
CA ARG B 105 -6.98 -2.21 -1.03
C ARG B 105 -8.35 -2.63 -0.52
N GLY B 106 -8.66 -2.24 0.70
CA GLY B 106 -9.93 -2.59 1.30
C GLY B 106 -11.09 -1.75 0.81
N HIS B 107 -10.83 -0.84 -0.11
CA HIS B 107 -11.89 0.01 -0.63
C HIS B 107 -12.10 -0.16 -2.14
N TYR B 108 -11.02 -0.37 -2.89
CA TYR B 108 -11.13 -0.50 -4.34
C TYR B 108 -10.73 -1.88 -4.87
N THR B 109 -9.50 -2.29 -4.60
CA THR B 109 -8.97 -3.57 -5.09
C THR B 109 -9.79 -4.79 -4.67
N ILE B 110 -9.61 -5.23 -3.43
CA ILE B 110 -10.30 -6.42 -2.94
C ILE B 110 -11.56 -6.07 -2.16
N GLY B 111 -11.67 -4.81 -1.75
CA GLY B 111 -12.82 -4.36 -1.00
C GLY B 111 -14.15 -4.66 -1.67
N LYS B 112 -14.23 -4.36 -2.95
CA LYS B 112 -15.46 -4.57 -3.71
C LYS B 112 -15.67 -6.03 -4.12
N GLU B 113 -14.90 -6.93 -3.54
CA GLU B 113 -15.03 -8.35 -3.86
C GLU B 113 -15.82 -9.10 -2.79
N ILE B 114 -15.77 -8.62 -1.56
CA ILE B 114 -16.47 -9.28 -0.45
C ILE B 114 -17.61 -8.42 0.12
N ILE B 115 -17.60 -7.13 -0.20
CA ILE B 115 -18.62 -6.20 0.30
C ILE B 115 -20.06 -6.67 0.06
N ASP B 116 -20.34 -7.14 -1.16
CA ASP B 116 -21.69 -7.59 -1.51
C ASP B 116 -22.15 -8.72 -0.59
N LEU B 117 -21.24 -9.65 -0.30
CA LEU B 117 -21.54 -10.77 0.57
C LEU B 117 -21.79 -10.29 1.99
N VAL B 118 -21.02 -9.30 2.42
CA VAL B 118 -21.16 -8.73 3.76
C VAL B 118 -22.53 -8.07 3.90
N LEU B 119 -22.87 -7.24 2.91
CA LEU B 119 -24.15 -6.55 2.90
C LEU B 119 -25.30 -7.53 2.90
N ASP B 120 -25.12 -8.62 2.17
CA ASP B 120 -26.14 -9.67 2.08
C ASP B 120 -26.48 -10.23 3.45
N ARG B 121 -25.45 -10.59 4.20
CA ARG B 121 -25.63 -11.18 5.52
C ARG B 121 -26.26 -10.21 6.51
N ILE B 122 -25.75 -8.98 6.55
CA ILE B 122 -26.29 -7.96 7.47
C ILE B 122 -27.73 -7.60 7.12
N ARG B 123 -28.11 -7.82 5.86
CA ARG B 123 -29.45 -7.54 5.40
C ARG B 123 -30.40 -8.64 5.89
N LYS B 124 -29.92 -9.88 5.86
CA LYS B 124 -30.70 -11.01 6.33
C LYS B 124 -30.96 -10.87 7.82
N LEU B 125 -29.94 -10.42 8.54
CA LEU B 125 -30.04 -10.22 9.98
C LEU B 125 -31.00 -9.09 10.29
N ALA B 126 -30.95 -8.04 9.47
CA ALA B 126 -31.82 -6.89 9.65
C ALA B 126 -33.28 -7.28 9.52
N ASP B 127 -33.55 -8.16 8.56
CA ASP B 127 -34.91 -8.63 8.33
C ASP B 127 -35.35 -9.62 9.40
N GLN B 128 -34.37 -10.32 9.98
CA GLN B 128 -34.63 -11.29 11.02
C GLN B 128 -35.23 -10.63 12.26
N CYS B 129 -34.71 -9.46 12.61
CA CYS B 129 -35.20 -8.72 13.76
C CYS B 129 -36.37 -7.84 13.39
N THR B 130 -37.38 -7.82 14.27
CA THR B 130 -38.57 -7.01 14.05
C THR B 130 -38.38 -5.60 14.58
N GLY B 131 -38.26 -4.64 13.67
CA GLY B 131 -38.09 -3.25 14.05
C GLY B 131 -36.76 -2.99 14.72
N LEU B 132 -35.69 -3.01 13.94
CA LEU B 132 -34.35 -2.78 14.48
C LEU B 132 -34.10 -1.28 14.63
N GLN B 133 -33.18 -0.93 15.53
CA GLN B 133 -32.86 0.47 15.78
C GLN B 133 -31.70 0.93 14.90
N GLY B 134 -30.61 0.18 14.90
CA GLY B 134 -29.47 0.56 14.10
C GLY B 134 -28.37 -0.48 14.10
N PHE B 135 -27.17 -0.06 13.70
CA PHE B 135 -26.04 -0.95 13.63
C PHE B 135 -24.90 -0.47 14.54
N SER B 136 -24.22 -1.42 15.17
CA SER B 136 -23.09 -1.13 16.03
C SER B 136 -21.81 -1.51 15.29
N VAL B 137 -21.16 -0.52 14.72
CA VAL B 137 -19.94 -0.76 13.95
C VAL B 137 -18.72 -0.79 14.86
N PHE B 138 -17.80 -1.70 14.56
CA PHE B 138 -16.56 -1.83 15.32
C PHE B 138 -15.39 -1.95 14.35
N HIS B 139 -14.39 -1.08 14.51
CA HIS B 139 -13.24 -1.08 13.61
C HIS B 139 -12.08 -0.26 14.17
N SER B 140 -10.93 -0.40 13.54
CA SER B 140 -9.74 0.33 13.91
C SER B 140 -9.38 1.32 12.80
N PHE B 141 -9.22 2.60 13.16
CA PHE B 141 -8.88 3.62 12.17
C PHE B 141 -7.53 3.33 11.52
N GLY B 142 -6.64 2.71 12.27
CA GLY B 142 -5.33 2.38 11.75
C GLY B 142 -5.24 0.94 11.32
N GLY B 143 -5.48 0.69 10.04
CA GLY B 143 -5.43 -0.66 9.51
C GLY B 143 -5.79 -0.68 8.03
N GLY B 144 -6.07 -1.86 7.52
CA GLY B 144 -6.44 -1.99 6.12
C GLY B 144 -7.90 -2.35 5.99
N THR B 145 -8.30 -3.44 6.63
CA THR B 145 -9.67 -3.88 6.60
C THR B 145 -10.50 -2.98 7.53
N GLY B 146 -9.86 -2.48 8.56
CA GLY B 146 -10.53 -1.62 9.51
C GLY B 146 -10.70 -0.19 9.00
N SER B 147 -10.15 0.08 7.82
CA SER B 147 -10.24 1.42 7.25
C SER B 147 -11.07 1.42 5.97
N GLY B 148 -10.55 0.81 4.92
CA GLY B 148 -11.23 0.77 3.64
C GLY B 148 -12.57 0.07 3.68
N PHE B 149 -12.61 -1.12 4.25
CA PHE B 149 -13.83 -1.91 4.32
C PHE B 149 -14.94 -1.15 5.06
N THR B 150 -14.60 -0.52 6.16
CA THR B 150 -15.58 0.23 6.95
C THR B 150 -16.16 1.38 6.13
N SER B 151 -15.28 2.09 5.44
CA SER B 151 -15.66 3.23 4.63
C SER B 151 -16.72 2.92 3.58
N LEU B 152 -16.52 1.86 2.79
CA LEU B 152 -17.50 1.50 1.77
C LEU B 152 -18.72 0.81 2.35
N LEU B 153 -18.56 0.22 3.53
CA LEU B 153 -19.66 -0.46 4.18
C LEU B 153 -20.68 0.57 4.69
N MET B 154 -20.17 1.59 5.38
CA MET B 154 -21.01 2.66 5.91
C MET B 154 -21.69 3.41 4.77
N GLU B 155 -20.98 3.48 3.64
CA GLU B 155 -21.48 4.16 2.45
C GLU B 155 -22.80 3.54 1.99
N ARG B 156 -22.86 2.21 1.97
CA ARG B 156 -24.07 1.52 1.56
C ARG B 156 -25.13 1.55 2.66
N LEU B 157 -24.67 1.58 3.90
CA LEU B 157 -25.56 1.60 5.04
C LEU B 157 -26.39 2.89 5.12
N SER B 158 -25.75 4.02 4.89
CA SER B 158 -26.44 5.31 4.95
C SER B 158 -27.42 5.50 3.80
N VAL B 159 -27.33 4.64 2.78
CA VAL B 159 -28.21 4.75 1.63
C VAL B 159 -29.35 3.73 1.68
N ASP B 160 -29.07 2.53 2.17
CA ASP B 160 -30.08 1.48 2.26
C ASP B 160 -30.75 1.44 3.63
N TYR B 161 -30.09 2.03 4.61
CA TYR B 161 -30.61 2.08 5.98
C TYR B 161 -30.46 3.49 6.55
N GLY B 162 -30.85 4.49 5.76
CA GLY B 162 -30.75 5.87 6.20
C GLY B 162 -31.67 6.18 7.36
N LYS B 163 -32.73 5.38 7.50
CA LYS B 163 -33.71 5.57 8.56
C LYS B 163 -33.25 4.90 9.85
N LYS B 164 -32.05 4.33 9.84
CA LYS B 164 -31.51 3.65 11.01
C LYS B 164 -30.38 4.43 11.65
N SER B 165 -30.12 4.13 12.92
CA SER B 165 -29.07 4.78 13.67
C SER B 165 -27.72 4.12 13.37
N LYS B 166 -26.77 4.91 12.90
CA LYS B 166 -25.44 4.40 12.57
C LYS B 166 -24.43 4.82 13.62
N LEU B 167 -24.19 3.92 14.58
CA LEU B 167 -23.25 4.19 15.66
C LEU B 167 -22.03 3.28 15.54
N GLU B 168 -20.89 3.87 15.22
CA GLU B 168 -19.66 3.11 15.08
C GLU B 168 -18.68 3.37 16.23
N PHE B 169 -17.92 2.35 16.57
CA PHE B 169 -16.90 2.43 17.61
C PHE B 169 -15.54 2.41 16.94
N SER B 170 -15.03 3.58 16.64
CA SER B 170 -13.77 3.72 15.95
C SER B 170 -12.56 3.75 16.89
N ILE B 171 -11.66 2.81 16.71
CA ILE B 171 -10.44 2.76 17.52
C ILE B 171 -9.43 3.74 16.94
N TYR B 172 -9.07 4.74 17.74
CA TYR B 172 -8.13 5.77 17.32
C TYR B 172 -6.69 5.30 17.53
N PRO B 173 -5.83 5.48 16.52
CA PRO B 173 -4.42 5.11 16.60
C PRO B 173 -3.68 5.94 17.63
N ALA B 174 -2.66 5.35 18.24
CA ALA B 174 -1.88 6.02 19.26
C ALA B 174 -1.18 7.26 18.70
N PRO B 175 -1.20 8.37 19.46
CA PRO B 175 -0.58 9.62 19.05
C PRO B 175 0.93 9.50 18.80
N GLN B 176 1.62 8.71 19.63
CA GLN B 176 3.05 8.55 19.47
C GLN B 176 3.43 7.11 19.13
N VAL B 177 2.80 6.15 19.79
CA VAL B 177 3.09 4.74 19.55
C VAL B 177 2.25 4.17 18.41
N SER B 178 2.48 4.67 17.20
CA SER B 178 1.76 4.20 16.03
C SER B 178 2.13 2.74 15.73
N THR B 179 1.17 1.98 15.21
CA THR B 179 1.39 0.58 14.91
C THR B 179 1.88 0.39 13.48
N ALA B 180 1.37 1.21 12.57
CA ALA B 180 1.78 1.13 11.16
C ALA B 180 2.41 2.43 10.70
N VAL B 181 3.14 2.37 9.59
CA VAL B 181 3.79 3.55 9.04
C VAL B 181 2.77 4.42 8.30
N VAL B 182 1.90 3.75 7.56
CA VAL B 182 0.86 4.44 6.79
C VAL B 182 -0.39 4.63 7.64
N GLU B 183 -0.20 4.75 8.94
CA GLU B 183 -1.29 4.93 9.89
C GLU B 183 -2.23 6.09 9.51
N PRO B 184 -1.71 7.34 9.40
CA PRO B 184 -2.55 8.51 9.06
C PRO B 184 -3.15 8.42 7.67
N TYR B 185 -2.47 7.72 6.77
CA TYR B 185 -2.93 7.58 5.40
C TYR B 185 -4.26 6.83 5.33
N ASN B 186 -4.42 5.84 6.19
CA ASN B 186 -5.63 5.03 6.22
C ASN B 186 -6.71 5.66 7.10
N SER B 187 -6.32 6.18 8.25
CA SER B 187 -7.25 6.77 9.19
C SER B 187 -7.95 8.02 8.64
N ILE B 188 -7.18 8.96 8.10
CA ILE B 188 -7.72 10.20 7.57
C ILE B 188 -8.77 9.94 6.47
N LEU B 189 -8.52 8.97 5.61
CA LEU B 189 -9.46 8.65 4.53
C LEU B 189 -10.74 8.01 5.06
N THR B 190 -10.61 7.14 6.05
CA THR B 190 -11.77 6.46 6.63
C THR B 190 -12.75 7.47 7.22
N THR B 191 -12.23 8.39 8.03
CA THR B 191 -13.06 9.40 8.66
C THR B 191 -13.57 10.43 7.66
N HIS B 192 -12.90 10.53 6.51
CA HIS B 192 -13.30 11.48 5.47
C HIS B 192 -14.68 11.11 4.92
N THR B 193 -14.83 9.86 4.52
CA THR B 193 -16.09 9.39 3.95
C THR B 193 -17.12 9.05 5.04
N THR B 194 -16.67 8.41 6.11
CA THR B 194 -17.57 8.01 7.20
C THR B 194 -18.18 9.22 7.93
N LEU B 195 -17.58 10.39 7.73
CA LEU B 195 -18.05 11.62 8.38
C LEU B 195 -19.45 12.00 7.89
N GLU B 196 -19.80 11.55 6.70
CA GLU B 196 -21.10 11.83 6.11
C GLU B 196 -21.97 10.58 6.12
N HIS B 197 -21.56 9.58 6.89
CA HIS B 197 -22.30 8.33 6.94
C HIS B 197 -22.80 8.02 8.35
N SER B 198 -21.88 7.80 9.27
CA SER B 198 -22.23 7.48 10.65
C SER B 198 -22.82 8.68 11.38
N ASP B 199 -23.86 8.43 12.15
CA ASP B 199 -24.52 9.47 12.93
C ASP B 199 -23.66 9.88 14.11
N CYS B 200 -22.99 8.90 14.70
CA CYS B 200 -22.13 9.13 15.85
C CYS B 200 -21.07 8.04 15.94
N ALA B 201 -19.83 8.44 16.12
CA ALA B 201 -18.73 7.50 16.21
C ALA B 201 -17.98 7.64 17.52
N PHE B 202 -18.05 6.62 18.36
CA PHE B 202 -17.36 6.63 19.65
C PHE B 202 -15.91 6.25 19.45
N MET B 203 -15.02 7.20 19.67
CA MET B 203 -13.59 6.96 19.49
C MET B 203 -12.88 6.66 20.80
N VAL B 204 -12.01 5.66 20.76
CA VAL B 204 -11.22 5.26 21.90
C VAL B 204 -9.75 5.33 21.50
N ASP B 205 -8.90 5.84 22.38
CA ASP B 205 -7.47 5.97 22.07
C ASP B 205 -6.66 4.76 22.52
N ASN B 206 -5.97 4.14 21.56
CA ASN B 206 -5.15 2.95 21.81
C ASN B 206 -4.10 3.19 22.89
N GLU B 207 -3.42 4.33 22.80
CA GLU B 207 -2.36 4.67 23.74
C GLU B 207 -2.92 5.02 25.12
N ALA B 208 -4.08 5.66 25.12
CA ALA B 208 -4.73 6.05 26.37
C ALA B 208 -5.10 4.84 27.22
N ILE B 209 -5.43 3.73 26.57
CA ILE B 209 -5.78 2.51 27.28
C ILE B 209 -4.57 2.02 28.07
N TYR B 210 -3.40 2.21 27.49
CA TYR B 210 -2.15 1.82 28.13
C TYR B 210 -1.92 2.68 29.37
N ASP B 211 -2.25 3.97 29.25
CA ASP B 211 -2.09 4.91 30.35
C ASP B 211 -2.95 4.50 31.53
N ILE B 212 -4.19 4.13 31.25
CA ILE B 212 -5.13 3.70 32.28
C ILE B 212 -4.61 2.45 32.99
N CYS B 213 -4.07 1.52 32.20
CA CYS B 213 -3.54 0.28 32.75
C CYS B 213 -2.27 0.52 33.56
N ARG B 214 -1.57 1.60 33.25
CA ARG B 214 -0.33 1.92 33.94
C ARG B 214 -0.58 2.69 35.23
N ARG B 215 -1.31 3.79 35.13
CA ARG B 215 -1.57 4.66 36.29
C ARG B 215 -2.66 4.12 37.23
N ASN B 216 -3.77 3.66 36.68
CA ASN B 216 -4.87 3.17 37.49
C ASN B 216 -4.82 1.68 37.76
N LEU B 217 -4.77 0.89 36.69
CA LEU B 217 -4.74 -0.57 36.82
C LEU B 217 -3.43 -1.03 37.46
N ASP B 218 -2.38 -0.24 37.27
CA ASP B 218 -1.06 -0.53 37.83
C ASP B 218 -0.50 -1.86 37.34
N ILE B 219 -0.26 -1.95 36.04
CA ILE B 219 0.31 -3.15 35.45
C ILE B 219 1.32 -2.78 34.36
N GLU B 220 2.34 -3.61 34.23
CA GLU B 220 3.37 -3.40 33.23
C GLU B 220 3.20 -4.41 32.10
N ARG B 221 2.11 -5.17 32.18
CA ARG B 221 1.81 -6.20 31.19
C ARG B 221 0.40 -5.98 30.61
N PRO B 222 0.20 -4.90 29.84
CA PRO B 222 -1.09 -4.59 29.23
C PRO B 222 -1.17 -5.14 27.81
N THR B 223 -1.47 -6.42 27.70
CA THR B 223 -1.58 -7.07 26.40
C THR B 223 -2.75 -6.51 25.62
N TYR B 224 -2.78 -6.77 24.31
CA TYR B 224 -3.87 -6.30 23.46
C TYR B 224 -5.20 -6.82 23.99
N THR B 225 -5.23 -8.09 24.38
CA THR B 225 -6.42 -8.71 24.92
C THR B 225 -6.84 -8.03 26.23
N ASN B 226 -5.88 -7.41 26.91
CA ASN B 226 -6.14 -6.71 28.16
C ASN B 226 -6.79 -5.36 27.89
N LEU B 227 -6.45 -4.76 26.76
CA LEU B 227 -7.00 -3.48 26.37
C LEU B 227 -8.46 -3.68 25.98
N ASN B 228 -8.72 -4.75 25.24
CA ASN B 228 -10.06 -5.09 24.78
C ASN B 228 -11.03 -5.30 25.94
N ARG B 229 -10.48 -5.66 27.10
CA ARG B 229 -11.28 -5.87 28.30
C ARG B 229 -11.95 -4.57 28.74
N LEU B 230 -11.21 -3.48 28.64
CA LEU B 230 -11.71 -2.18 29.05
C LEU B 230 -12.72 -1.63 28.06
N ILE B 231 -12.41 -1.71 26.77
CA ILE B 231 -13.29 -1.21 25.72
C ILE B 231 -14.62 -1.95 25.75
N GLY B 232 -14.56 -3.27 25.91
CA GLY B 232 -15.76 -4.07 25.97
C GLY B 232 -16.63 -3.72 27.16
N GLN B 233 -15.97 -3.36 28.27
CA GLN B 233 -16.67 -2.99 29.49
C GLN B 233 -17.52 -1.75 29.24
N ILE B 234 -17.02 -0.88 28.37
CA ILE B 234 -17.73 0.34 28.01
C ILE B 234 -18.94 0.00 27.15
N VAL B 235 -18.71 -0.76 26.09
CA VAL B 235 -19.77 -1.16 25.17
C VAL B 235 -20.90 -1.85 25.90
N SER B 236 -20.55 -2.71 26.85
CA SER B 236 -21.54 -3.45 27.64
C SER B 236 -22.47 -2.48 28.38
N SER B 237 -21.94 -1.33 28.77
CA SER B 237 -22.73 -0.35 29.49
C SER B 237 -23.41 0.64 28.56
N ILE B 238 -22.88 0.77 27.35
CA ILE B 238 -23.45 1.69 26.36
C ILE B 238 -24.64 1.06 25.64
N THR B 239 -24.56 -0.22 25.35
CA THR B 239 -25.64 -0.90 24.66
C THR B 239 -26.32 -1.98 25.51
N ALA B 240 -25.59 -3.05 25.81
CA ALA B 240 -26.12 -4.19 26.58
C ALA B 240 -27.01 -3.81 27.76
N SER B 241 -26.43 -3.21 28.80
CA SER B 241 -27.19 -2.84 29.99
C SER B 241 -28.23 -1.76 29.72
N LEU B 242 -27.92 -0.85 28.79
CA LEU B 242 -28.84 0.24 28.46
C LEU B 242 -30.04 -0.27 27.67
N ARG B 243 -29.93 -1.49 27.15
CA ARG B 243 -31.01 -2.11 26.40
C ARG B 243 -31.93 -2.83 27.37
N PHE B 244 -31.49 -2.90 28.62
CA PHE B 244 -32.24 -3.56 29.67
C PHE B 244 -33.07 -2.54 30.44
N ASP B 245 -34.26 -2.95 30.84
CA ASP B 245 -35.18 -2.09 31.57
C ASP B 245 -34.58 -1.62 32.90
N GLY B 246 -34.21 -0.35 32.97
CA GLY B 246 -33.64 0.19 34.18
C GLY B 246 -34.57 1.20 34.84
N ALA B 247 -34.02 2.35 35.22
CA ALA B 247 -34.81 3.40 35.85
C ALA B 247 -34.94 4.60 34.93
N LEU B 248 -33.96 4.77 34.07
CA LEU B 248 -33.93 5.85 33.10
C LEU B 248 -33.13 5.41 31.89
N ASN B 249 -33.79 4.68 31.01
CA ASN B 249 -33.18 4.14 29.81
C ASN B 249 -32.90 5.23 28.77
N VAL B 250 -31.84 5.06 28.02
CA VAL B 250 -31.47 5.99 26.97
C VAL B 250 -31.42 5.23 25.65
N ASP B 251 -32.35 5.54 24.77
CA ASP B 251 -32.42 4.87 23.47
C ASP B 251 -31.21 5.22 22.61
N LEU B 252 -30.91 4.36 21.64
CA LEU B 252 -29.79 4.56 20.74
C LEU B 252 -30.01 5.82 19.91
N THR B 253 -31.27 6.10 19.61
CA THR B 253 -31.63 7.28 18.85
C THR B 253 -31.42 8.53 19.71
N GLU B 254 -31.70 8.39 21.01
CA GLU B 254 -31.53 9.49 21.95
C GLU B 254 -30.07 9.88 22.05
N PHE B 255 -29.21 8.88 21.88
CA PHE B 255 -27.77 9.08 21.93
C PHE B 255 -27.35 10.17 20.96
N GLN B 256 -27.53 9.93 19.66
CA GLN B 256 -27.16 10.90 18.64
C GLN B 256 -27.91 12.22 18.81
N THR B 257 -29.17 12.13 19.22
CA THR B 257 -30.00 13.31 19.40
C THR B 257 -29.45 14.23 20.51
N ASN B 258 -28.74 13.66 21.48
CA ASN B 258 -28.19 14.44 22.57
C ASN B 258 -26.67 14.42 22.63
N LEU B 259 -26.05 13.92 21.57
CA LEU B 259 -24.59 13.86 21.51
C LEU B 259 -24.04 14.70 20.37
N VAL B 260 -24.70 14.64 19.22
CA VAL B 260 -24.26 15.40 18.06
C VAL B 260 -25.30 16.47 17.69
N PRO B 261 -25.05 17.72 18.09
CA PRO B 261 -25.95 18.85 17.82
C PRO B 261 -25.85 19.31 16.37
N TYR B 262 -24.97 18.67 15.62
CA TYR B 262 -24.78 18.99 14.21
C TYR B 262 -24.83 17.72 13.38
N PRO B 263 -25.20 17.83 12.09
CA PRO B 263 -25.29 16.68 11.17
C PRO B 263 -23.91 16.19 10.72
N ARG B 264 -22.99 16.10 11.66
CA ARG B 264 -21.64 15.64 11.40
C ARG B 264 -21.33 14.45 12.27
N GLY B 265 -20.52 13.53 11.76
CA GLY B 265 -20.16 12.36 12.54
C GLY B 265 -19.14 12.70 13.60
N HIS B 266 -19.57 13.46 14.61
CA HIS B 266 -18.68 13.85 15.70
C HIS B 266 -18.27 12.63 16.52
N PHE B 267 -17.14 12.72 17.18
CA PHE B 267 -16.62 11.60 17.95
C PHE B 267 -16.54 11.89 19.45
N PRO B 268 -17.46 11.32 20.24
CA PRO B 268 -17.47 11.48 21.70
C PRO B 268 -16.50 10.50 22.37
N LEU B 269 -16.01 10.89 23.54
CA LEU B 269 -15.07 10.07 24.30
C LEU B 269 -15.80 9.02 25.13
N ALA B 270 -15.11 7.94 25.46
CA ALA B 270 -15.70 6.87 26.27
C ALA B 270 -14.94 6.76 27.58
N THR B 271 -15.58 7.17 28.67
CA THR B 271 -14.94 7.14 29.98
C THR B 271 -15.66 6.20 30.95
N TYR B 272 -14.88 5.41 31.67
CA TYR B 272 -15.41 4.47 32.66
C TYR B 272 -14.90 4.84 34.04
N ALA B 273 -15.81 5.07 34.97
CA ALA B 273 -15.45 5.44 36.34
C ALA B 273 -14.62 4.38 37.07
N PRO B 274 -15.14 3.14 37.25
CA PRO B 274 -14.43 2.08 37.96
C PRO B 274 -13.23 1.55 37.16
N VAL B 275 -12.05 1.96 37.56
CA VAL B 275 -10.82 1.51 36.89
C VAL B 275 -9.84 0.95 37.92
N ILE B 276 -10.36 0.69 39.11
CA ILE B 276 -9.56 0.13 40.20
C ILE B 276 -9.25 -1.34 39.93
N SER B 277 -8.01 -1.73 40.15
CA SER B 277 -7.58 -3.10 39.94
C SER B 277 -7.90 -3.98 41.14
N ALA B 278 -8.35 -5.20 40.88
CA ALA B 278 -8.67 -6.13 41.95
C ALA B 278 -7.42 -6.83 42.46
N GLU B 279 -6.59 -6.07 43.16
CA GLU B 279 -5.34 -6.61 43.70
C GLU B 279 -4.71 -5.64 44.71
N LYS B 280 -4.16 -4.55 44.20
CA LYS B 280 -3.48 -3.57 45.04
C LYS B 280 -4.47 -2.69 45.80
N ALA B 281 -5.00 -1.67 45.13
CA ALA B 281 -5.97 -0.77 45.74
C ALA B 281 -7.29 -1.50 45.96
N TYR B 282 -7.89 -1.29 47.13
CA TYR B 282 -9.15 -1.94 47.43
C TYR B 282 -10.11 -1.03 48.19
N HIS B 283 -10.63 -0.02 47.52
CA HIS B 283 -11.59 0.87 48.15
C HIS B 283 -12.96 0.22 48.08
N GLU B 284 -13.34 -0.20 46.86
CA GLU B 284 -14.60 -0.86 46.59
C GLU B 284 -15.81 0.04 46.82
N GLN B 285 -16.16 0.26 48.08
CA GLN B 285 -17.28 1.10 48.44
C GLN B 285 -16.99 2.56 48.12
N LEU B 286 -17.48 3.01 46.98
CA LEU B 286 -17.28 4.37 46.53
C LEU B 286 -18.64 5.01 46.33
N SER B 287 -18.80 6.25 46.80
CA SER B 287 -20.06 6.96 46.66
C SER B 287 -20.24 7.49 45.25
N VAL B 288 -21.47 7.86 44.91
CA VAL B 288 -21.81 8.37 43.59
C VAL B 288 -20.98 9.60 43.22
N ALA B 289 -20.77 10.48 44.20
CA ALA B 289 -20.00 11.70 43.99
C ALA B 289 -18.57 11.39 43.51
N GLU B 290 -17.97 10.35 44.07
CA GLU B 290 -16.61 9.98 43.71
C GLU B 290 -16.53 9.38 42.30
N ILE B 291 -17.42 8.43 41.99
CA ILE B 291 -17.40 7.79 40.68
C ILE B 291 -17.63 8.79 39.54
N THR B 292 -18.57 9.71 39.74
CA THR B 292 -18.86 10.73 38.73
C THR B 292 -17.65 11.65 38.55
N ASN B 293 -17.01 12.00 39.67
CA ASN B 293 -15.85 12.88 39.66
C ASN B 293 -14.62 12.22 39.01
N ALA B 294 -14.67 10.90 38.90
CA ALA B 294 -13.57 10.15 38.30
C ALA B 294 -13.66 10.06 36.79
N CYS B 295 -14.63 10.76 36.20
CA CYS B 295 -14.80 10.75 34.75
C CYS B 295 -14.50 12.11 34.12
N PHE B 296 -13.89 13.00 34.89
CA PHE B 296 -13.55 14.32 34.39
C PHE B 296 -12.05 14.57 34.50
N GLU B 297 -11.32 13.52 34.82
CA GLU B 297 -9.88 13.59 34.97
C GLU B 297 -9.16 13.01 33.76
N PRO B 298 -8.17 13.73 33.22
CA PRO B 298 -7.39 13.30 32.05
C PRO B 298 -6.71 11.96 32.26
N ALA B 299 -6.52 11.58 33.52
CA ALA B 299 -5.88 10.32 33.86
C ALA B 299 -6.81 9.14 33.58
N ASN B 300 -8.10 9.43 33.47
CA ASN B 300 -9.09 8.39 33.22
C ASN B 300 -10.15 8.86 32.24
N GLN B 301 -9.86 8.77 30.95
CA GLN B 301 -10.81 9.18 29.91
C GLN B 301 -10.80 8.25 28.71
N MET B 302 -9.85 7.29 28.72
CA MET B 302 -9.71 6.30 27.63
C MET B 302 -9.44 6.94 26.28
N VAL B 303 -8.94 8.17 26.31
CA VAL B 303 -8.63 8.90 25.11
C VAL B 303 -7.50 9.89 25.38
N LYS B 304 -6.66 10.15 24.39
CA LYS B 304 -5.54 11.07 24.56
C LYS B 304 -5.96 12.52 24.37
N CYS B 305 -7.26 12.73 24.19
CA CYS B 305 -7.79 14.08 24.02
C CYS B 305 -7.88 14.76 25.38
N ASP B 306 -6.72 15.09 25.93
CA ASP B 306 -6.64 15.75 27.23
C ASP B 306 -7.44 17.05 27.21
N PRO B 307 -8.08 17.40 28.34
CA PRO B 307 -8.87 18.63 28.47
C PRO B 307 -7.99 19.87 28.48
N ARG B 308 -7.28 20.09 27.38
CA ARG B 308 -6.40 21.24 27.22
C ARG B 308 -7.23 22.52 27.23
N HIS B 309 -8.18 22.59 26.32
CA HIS B 309 -9.06 23.74 26.20
C HIS B 309 -10.40 23.31 25.60
N GLY B 310 -10.65 22.01 25.64
CA GLY B 310 -11.87 21.48 25.07
C GLY B 310 -13.09 21.76 25.94
N LYS B 311 -14.12 22.29 25.32
CA LYS B 311 -15.36 22.59 26.01
C LYS B 311 -16.35 21.46 25.81
N TYR B 312 -17.06 21.11 26.87
CA TYR B 312 -18.04 20.04 26.80
C TYR B 312 -19.35 20.55 26.20
N MET B 313 -19.79 19.93 25.11
CA MET B 313 -21.03 20.33 24.45
C MET B 313 -22.18 19.41 24.80
N ALA B 314 -21.87 18.12 24.93
CA ALA B 314 -22.88 17.12 25.25
C ALA B 314 -22.22 15.97 26.00
N CYS B 315 -22.72 15.68 27.18
CA CYS B 315 -22.16 14.61 27.99
C CYS B 315 -23.23 13.63 28.46
N CYS B 316 -23.11 12.38 28.06
CA CYS B 316 -24.05 11.37 28.47
C CYS B 316 -23.45 10.57 29.62
N LEU B 317 -24.18 10.48 30.72
CA LEU B 317 -23.72 9.76 31.90
C LEU B 317 -24.59 8.55 32.16
N LEU B 318 -24.04 7.38 31.87
CA LEU B 318 -24.75 6.13 32.08
C LEU B 318 -24.37 5.47 33.39
N TYR B 319 -25.26 5.52 34.36
CA TYR B 319 -25.04 4.93 35.67
C TYR B 319 -25.67 3.56 35.74
N ARG B 320 -24.87 2.53 35.97
CA ARG B 320 -25.38 1.18 36.07
C ARG B 320 -25.04 0.56 37.42
N GLY B 321 -26.07 0.16 38.16
CA GLY B 321 -25.87 -0.45 39.46
C GLY B 321 -26.68 0.22 40.54
N ASP B 322 -26.20 0.15 41.78
CA ASP B 322 -26.89 0.75 42.92
C ASP B 322 -26.62 2.25 42.97
N VAL B 323 -27.42 3.02 42.25
CA VAL B 323 -27.27 4.47 42.21
C VAL B 323 -28.60 5.16 42.48
N VAL B 324 -28.54 6.26 43.23
CA VAL B 324 -29.74 7.03 43.55
C VAL B 324 -29.86 8.22 42.60
N PRO B 325 -31.02 8.39 41.95
CA PRO B 325 -31.27 9.50 41.02
C PRO B 325 -30.92 10.85 41.64
N LYS B 326 -31.33 11.06 42.89
CA LYS B 326 -31.04 12.31 43.58
C LYS B 326 -29.53 12.49 43.78
N ASP B 327 -28.84 11.39 43.99
CA ASP B 327 -27.38 11.42 44.17
C ASP B 327 -26.72 11.84 42.87
N VAL B 328 -27.29 11.37 41.76
CA VAL B 328 -26.79 11.71 40.43
C VAL B 328 -27.03 13.18 40.13
N ASN B 329 -28.24 13.63 40.42
CA ASN B 329 -28.62 15.02 40.20
C ASN B 329 -27.71 15.96 40.97
N ALA B 330 -27.38 15.58 42.21
CA ALA B 330 -26.51 16.38 43.05
C ALA B 330 -25.07 16.38 42.51
N ALA B 331 -24.61 15.21 42.07
CA ALA B 331 -23.26 15.08 41.52
C ALA B 331 -23.11 15.90 40.25
N ILE B 332 -24.13 15.86 39.40
CA ILE B 332 -24.12 16.61 38.16
C ILE B 332 -24.17 18.11 38.45
N ALA B 333 -25.01 18.49 39.41
CA ALA B 333 -25.18 19.88 39.78
C ALA B 333 -23.86 20.49 40.31
N THR B 334 -23.21 19.78 41.22
CA THR B 334 -21.96 20.25 41.80
C THR B 334 -20.85 20.39 40.74
N ILE B 335 -20.87 19.52 39.73
CA ILE B 335 -19.89 19.56 38.67
C ILE B 335 -20.13 20.76 37.76
N LYS B 336 -21.40 21.02 37.48
CA LYS B 336 -21.77 22.14 36.62
C LYS B 336 -21.28 23.46 37.21
N THR B 337 -21.33 23.58 38.53
CA THR B 337 -20.90 24.80 39.21
C THR B 337 -19.41 24.79 39.53
N LYS B 338 -18.69 23.78 39.04
CA LYS B 338 -17.26 23.67 39.30
C LYS B 338 -16.49 24.73 38.52
N ARG B 339 -17.04 25.10 37.35
CA ARG B 339 -16.44 26.10 36.47
C ARG B 339 -15.20 25.61 35.72
N THR B 340 -14.44 24.72 36.35
CA THR B 340 -13.25 24.16 35.73
C THR B 340 -13.65 23.44 34.44
N ILE B 341 -14.77 22.75 34.49
CA ILE B 341 -15.30 22.05 33.34
C ILE B 341 -16.14 23.03 32.53
N GLN B 342 -15.48 23.70 31.59
CA GLN B 342 -16.15 24.68 30.77
C GLN B 342 -16.99 24.03 29.67
N PHE B 343 -18.24 24.43 29.60
CA PHE B 343 -19.15 23.94 28.60
C PHE B 343 -19.24 24.98 27.49
N VAL B 344 -19.84 24.61 26.37
CA VAL B 344 -19.99 25.54 25.26
C VAL B 344 -20.96 26.66 25.65
N ASP B 345 -20.70 27.87 25.16
CA ASP B 345 -21.54 29.03 25.48
C ASP B 345 -23.00 28.80 25.15
N TRP B 346 -23.26 28.22 23.98
CA TRP B 346 -24.64 27.95 23.56
C TRP B 346 -25.17 26.64 24.14
N CYS B 347 -24.51 26.13 25.17
CA CYS B 347 -24.93 24.89 25.82
C CYS B 347 -25.28 25.14 27.28
N PRO B 348 -26.53 25.53 27.55
CA PRO B 348 -27.01 25.79 28.91
C PRO B 348 -27.07 24.50 29.72
N THR B 349 -27.58 23.45 29.09
CA THR B 349 -27.70 22.15 29.74
C THR B 349 -27.29 21.05 28.77
N GLY B 350 -26.17 20.41 29.04
CA GLY B 350 -25.69 19.34 28.17
C GLY B 350 -25.31 18.09 28.95
N PHE B 351 -26.26 17.57 29.70
CA PHE B 351 -26.03 16.38 30.50
C PHE B 351 -27.17 15.38 30.33
N LYS B 352 -26.87 14.25 29.71
CA LYS B 352 -27.85 13.20 29.50
C LYS B 352 -27.76 12.20 30.65
N VAL B 353 -28.83 12.08 31.42
CA VAL B 353 -28.86 11.19 32.56
C VAL B 353 -29.36 9.80 32.19
N GLY B 354 -28.50 8.81 32.35
CA GLY B 354 -28.88 7.44 32.06
C GLY B 354 -28.78 6.60 33.32
N ILE B 355 -29.85 5.91 33.67
CA ILE B 355 -29.86 5.09 34.88
C ILE B 355 -30.28 3.65 34.60
N ASN B 356 -29.36 2.73 34.82
CA ASN B 356 -29.61 1.31 34.59
C ASN B 356 -29.78 0.61 35.93
N TYR B 357 -30.47 -0.53 35.92
CA TYR B 357 -30.69 -1.29 37.13
C TYR B 357 -29.70 -2.45 37.22
N GLU B 358 -29.08 -2.77 36.10
CA GLU B 358 -28.12 -3.86 36.03
C GLU B 358 -26.74 -3.36 36.47
N PRO B 359 -26.15 -4.03 37.47
CA PRO B 359 -24.83 -3.68 37.99
C PRO B 359 -23.72 -3.97 36.98
N PRO B 360 -22.55 -3.33 37.16
CA PRO B 360 -21.40 -3.52 36.26
C PRO B 360 -20.71 -4.86 36.51
N THR B 361 -20.93 -5.80 35.61
CA THR B 361 -20.33 -7.12 35.70
C THR B 361 -18.84 -7.03 35.41
N VAL B 362 -18.07 -7.99 35.93
CA VAL B 362 -16.62 -8.01 35.75
C VAL B 362 -16.13 -9.43 35.44
N VAL B 363 -15.14 -9.53 34.56
CA VAL B 363 -14.54 -10.81 34.20
C VAL B 363 -13.92 -11.46 35.42
N PRO B 364 -14.30 -12.73 35.71
CA PRO B 364 -13.77 -13.48 36.86
C PRO B 364 -12.25 -13.59 36.86
N GLY B 365 -11.65 -13.43 35.68
CA GLY B 365 -10.22 -13.52 35.56
C GLY B 365 -9.61 -12.33 34.84
N GLY B 366 -10.16 -11.15 35.07
CA GLY B 366 -9.65 -9.95 34.44
C GLY B 366 -8.77 -9.16 35.41
N ASP B 367 -8.87 -7.85 35.37
CA ASP B 367 -8.08 -7.00 36.26
C ASP B 367 -8.95 -5.94 36.94
N LEU B 368 -10.26 -6.11 36.84
CA LEU B 368 -11.20 -5.16 37.41
C LEU B 368 -11.60 -5.59 38.82
N ALA B 369 -11.76 -4.61 39.70
CA ALA B 369 -12.11 -4.88 41.10
C ALA B 369 -13.56 -5.31 41.30
N LYS B 370 -14.43 -4.96 40.36
CA LYS B 370 -15.85 -5.31 40.43
C LYS B 370 -16.60 -4.50 41.50
N VAL B 371 -17.26 -3.44 41.06
CA VAL B 371 -18.01 -2.58 41.96
C VAL B 371 -19.51 -2.83 41.77
N GLN B 372 -20.32 -2.34 42.70
CA GLN B 372 -21.77 -2.52 42.62
C GLN B 372 -22.42 -1.41 41.82
N ARG B 373 -21.60 -0.49 41.32
CA ARG B 373 -22.09 0.63 40.52
C ARG B 373 -20.99 1.19 39.64
N ALA B 374 -21.33 1.53 38.40
CA ALA B 374 -20.37 2.07 37.46
C ALA B 374 -20.94 3.26 36.73
N VAL B 375 -20.08 4.21 36.40
CA VAL B 375 -20.48 5.41 35.68
C VAL B 375 -19.76 5.46 34.33
N CYS B 376 -20.54 5.53 33.27
CA CYS B 376 -20.00 5.59 31.93
C CYS B 376 -20.23 6.98 31.36
N MET B 377 -19.15 7.73 31.17
CA MET B 377 -19.23 9.07 30.64
C MET B 377 -18.84 9.12 29.17
N LEU B 378 -19.77 9.56 28.34
CA LEU B 378 -19.52 9.69 26.92
C LEU B 378 -19.89 11.10 26.47
N SER B 379 -18.87 11.92 26.24
CA SER B 379 -19.09 13.31 25.85
C SER B 379 -18.19 13.73 24.69
N ASN B 380 -18.66 14.72 23.95
CA ASN B 380 -17.90 15.26 22.82
C ASN B 380 -17.37 16.63 23.22
N THR B 381 -16.06 16.81 23.14
CA THR B 381 -15.44 18.07 23.52
C THR B 381 -14.65 18.66 22.36
N THR B 382 -14.29 19.92 22.49
CA THR B 382 -13.51 20.61 21.47
C THR B 382 -12.06 20.10 21.45
N ALA B 383 -11.74 19.21 22.38
CA ALA B 383 -10.39 18.64 22.47
C ALA B 383 -10.12 17.67 21.33
N ILE B 384 -11.19 17.22 20.70
CA ILE B 384 -11.08 16.29 19.56
C ILE B 384 -10.29 16.94 18.43
N ALA B 385 -10.45 18.27 18.28
CA ALA B 385 -9.75 19.01 17.25
C ALA B 385 -8.23 18.92 17.45
N GLU B 386 -7.82 18.92 18.71
CA GLU B 386 -6.40 18.83 19.05
C GLU B 386 -5.84 17.48 18.62
N ALA B 387 -6.58 16.42 18.91
CA ALA B 387 -6.17 15.08 18.56
C ALA B 387 -6.13 14.89 17.04
N TRP B 388 -7.16 15.38 16.37
CA TRP B 388 -7.24 15.29 14.92
C TRP B 388 -6.11 16.07 14.25
N ALA B 389 -5.81 17.24 14.81
CA ALA B 389 -4.74 18.09 14.28
C ALA B 389 -3.40 17.37 14.27
N ARG B 390 -3.17 16.52 15.27
CA ARG B 390 -1.93 15.75 15.37
C ARG B 390 -1.84 14.74 14.24
N LEU B 391 -2.95 14.06 13.97
CA LEU B 391 -2.99 13.06 12.91
C LEU B 391 -3.02 13.75 11.55
N ASP B 392 -3.70 14.88 11.49
CA ASP B 392 -3.78 15.68 10.28
C ASP B 392 -2.39 16.08 9.82
N HIS B 393 -1.58 16.54 10.77
CA HIS B 393 -0.21 16.94 10.50
C HIS B 393 0.61 15.72 10.05
N LYS B 394 0.35 14.58 10.67
CA LYS B 394 1.05 13.34 10.34
C LYS B 394 0.80 12.95 8.88
N PHE B 395 -0.40 13.23 8.39
CA PHE B 395 -0.75 12.92 7.03
C PHE B 395 -0.01 13.86 6.08
N ASP B 396 -0.07 15.15 6.38
CA ASP B 396 0.57 16.18 5.56
C ASP B 396 2.08 15.97 5.47
N LEU B 397 2.69 15.57 6.59
CA LEU B 397 4.14 15.34 6.64
C LEU B 397 4.60 14.37 5.54
N MET B 398 3.93 13.23 5.44
CA MET B 398 4.29 12.23 4.43
C MET B 398 3.68 12.57 3.08
N TYR B 399 2.52 13.20 3.09
CA TYR B 399 1.84 13.57 1.86
C TYR B 399 2.65 14.58 1.06
N ALA B 400 3.43 15.39 1.75
CA ALA B 400 4.27 16.39 1.11
C ALA B 400 5.19 15.77 0.07
N LYS B 401 5.60 14.53 0.31
CA LYS B 401 6.47 13.82 -0.61
C LYS B 401 5.75 12.61 -1.19
N ARG B 402 4.44 12.55 -0.93
CA ARG B 402 3.56 11.47 -1.40
C ARG B 402 3.77 10.16 -0.64
N ALA B 403 5.02 9.85 -0.32
CA ALA B 403 5.36 8.64 0.42
C ALA B 403 4.91 7.38 -0.33
N PHE B 404 4.35 6.44 0.42
CA PHE B 404 3.88 5.17 -0.15
C PHE B 404 2.54 5.36 -0.85
N VAL B 405 2.39 6.45 -1.58
CA VAL B 405 1.14 6.75 -2.27
C VAL B 405 0.87 5.76 -3.41
N HIS B 406 1.95 5.21 -3.99
CA HIS B 406 1.83 4.27 -5.09
C HIS B 406 1.09 3.00 -4.68
N TRP B 407 1.20 2.65 -3.40
CA TRP B 407 0.54 1.46 -2.88
C TRP B 407 -0.96 1.68 -2.76
N TYR B 408 -1.39 2.91 -3.00
CA TYR B 408 -2.78 3.27 -2.94
C TYR B 408 -3.30 3.58 -4.34
N VAL B 409 -2.52 4.35 -5.08
CA VAL B 409 -2.86 4.72 -6.43
C VAL B 409 -2.97 3.50 -7.35
N GLY B 410 -2.03 2.57 -7.20
CA GLY B 410 -2.02 1.37 -8.02
C GLY B 410 -3.19 0.43 -7.71
N GLU B 411 -3.89 0.69 -6.62
CA GLU B 411 -5.03 -0.13 -6.23
C GLU B 411 -6.31 0.39 -6.88
N GLY B 412 -6.24 1.58 -7.44
CA GLY B 412 -7.39 2.17 -8.10
C GLY B 412 -7.85 3.46 -7.44
N MET B 413 -6.91 4.23 -6.91
CA MET B 413 -7.23 5.50 -6.27
C MET B 413 -6.42 6.62 -6.91
N GLU B 414 -7.07 7.75 -7.15
CA GLU B 414 -6.41 8.89 -7.78
C GLU B 414 -5.99 9.88 -6.71
N GLU B 415 -5.25 10.91 -7.12
CA GLU B 415 -4.81 11.95 -6.18
C GLU B 415 -6.01 12.63 -5.55
N GLY B 416 -7.12 12.65 -6.28
CA GLY B 416 -8.34 13.27 -5.79
C GLY B 416 -8.86 12.59 -4.54
N GLU B 417 -8.51 11.33 -4.36
CA GLU B 417 -8.95 10.57 -3.19
C GLU B 417 -8.09 10.94 -1.97
N PHE B 418 -7.04 11.72 -2.21
CA PHE B 418 -6.15 12.14 -1.15
C PHE B 418 -6.23 13.66 -0.95
N SER B 419 -6.01 14.41 -2.02
CA SER B 419 -6.05 15.86 -1.97
C SER B 419 -7.42 16.40 -1.53
N GLU B 420 -8.49 15.89 -2.13
CA GLU B 420 -9.84 16.33 -1.78
C GLU B 420 -10.19 15.91 -0.35
N ALA B 421 -9.68 14.76 0.06
CA ALA B 421 -9.91 14.26 1.41
C ALA B 421 -9.18 15.12 2.43
N ARG B 422 -7.98 15.54 2.05
CA ARG B 422 -7.13 16.38 2.88
C ARG B 422 -7.86 17.68 3.23
N GLU B 423 -8.49 18.27 2.22
CA GLU B 423 -9.24 19.51 2.41
C GLU B 423 -10.51 19.26 3.19
N ASP B 424 -11.18 18.15 2.88
CA ASP B 424 -12.42 17.79 3.54
C ASP B 424 -12.23 17.58 5.03
N MET B 425 -11.20 16.82 5.38
CA MET B 425 -10.90 16.55 6.79
C MET B 425 -10.46 17.82 7.50
N ALA B 426 -9.80 18.71 6.76
CA ALA B 426 -9.33 19.97 7.33
C ALA B 426 -10.51 20.84 7.77
N ALA B 427 -11.66 20.62 7.15
CA ALA B 427 -12.86 21.38 7.50
C ALA B 427 -13.36 21.00 8.89
N LEU B 428 -12.97 19.82 9.34
CA LEU B 428 -13.37 19.35 10.67
C LEU B 428 -12.62 20.12 11.75
N GLU B 429 -11.36 20.46 11.46
CA GLU B 429 -10.54 21.22 12.39
C GLU B 429 -11.15 22.61 12.55
N LYS B 430 -11.77 23.09 11.48
CA LYS B 430 -12.41 24.38 11.49
C LYS B 430 -13.79 24.26 12.14
N ASP B 431 -14.42 23.11 11.93
CA ASP B 431 -15.75 22.83 12.48
C ASP B 431 -15.71 22.97 14.00
N TYR B 432 -14.84 22.20 14.64
CA TYR B 432 -14.70 22.25 16.10
C TYR B 432 -14.29 23.64 16.54
N GLU B 433 -13.47 24.29 15.72
CA GLU B 433 -12.97 25.64 16.01
C GLU B 433 -14.10 26.66 16.05
N GLU B 434 -15.15 26.40 15.29
CA GLU B 434 -16.29 27.31 15.24
C GLU B 434 -17.38 26.91 16.22
N VAL B 435 -17.64 25.60 16.29
CA VAL B 435 -18.65 25.08 17.22
C VAL B 435 -18.19 25.37 18.64
N GLY B 436 -16.89 25.30 18.82
CA GLY B 436 -16.31 25.56 20.10
C GLY B 436 -15.50 26.84 20.12
N VAL B 437 -15.01 27.21 21.30
CA VAL B 437 -14.18 28.39 21.49
C VAL B 437 -14.96 29.71 21.41
N ASP B 438 -15.69 29.91 20.30
CA ASP B 438 -16.46 31.13 20.10
C ASP B 438 -17.58 31.26 21.14
N SER B 439 -17.76 32.49 21.64
CA SER B 439 -18.78 32.75 22.65
C SER B 439 -20.15 32.98 22.00
N ARG C 2 -2.49 -17.63 0.92
CA ARG C 2 -1.26 -16.85 0.98
C ARG C 2 -0.09 -17.69 0.48
N GLU C 3 -0.39 -18.58 -0.45
CA GLU C 3 0.60 -19.48 -1.05
C GLU C 3 1.63 -18.71 -1.86
N ILE C 4 2.87 -19.19 -1.85
CA ILE C 4 3.96 -18.56 -2.59
C ILE C 4 4.83 -19.63 -3.25
N VAL C 5 5.43 -19.29 -4.38
CA VAL C 5 6.31 -20.21 -5.06
C VAL C 5 7.75 -19.79 -4.82
N HIS C 6 8.63 -20.75 -4.65
CA HIS C 6 10.03 -20.46 -4.41
C HIS C 6 10.82 -20.87 -5.65
N ILE C 7 11.71 -20.00 -6.11
CA ILE C 7 12.51 -20.30 -7.29
C ILE C 7 14.00 -20.12 -7.02
N GLN C 8 14.78 -21.15 -7.35
CA GLN C 8 16.21 -21.12 -7.17
C GLN C 8 16.87 -20.93 -8.54
N ALA C 9 17.65 -19.87 -8.69
CA ALA C 9 18.29 -19.60 -9.96
C ALA C 9 19.80 -19.52 -9.84
N GLY C 10 20.49 -20.41 -10.56
CA GLY C 10 21.94 -20.41 -10.56
C GLY C 10 22.52 -21.23 -9.44
N GLN C 11 23.83 -21.40 -9.49
CA GLN C 11 24.58 -22.15 -8.49
C GLN C 11 24.31 -21.62 -7.08
N CYS C 12 24.42 -20.30 -6.93
CA CYS C 12 24.19 -19.66 -5.64
C CYS C 12 22.77 -19.94 -5.15
N GLY C 13 21.80 -19.73 -6.03
CA GLY C 13 20.41 -19.96 -5.68
C GLY C 13 20.15 -21.41 -5.33
N ASN C 14 20.76 -22.30 -6.10
CA ASN C 14 20.62 -23.74 -5.88
C ASN C 14 21.18 -24.13 -4.52
N GLN C 15 22.40 -23.70 -4.25
CA GLN C 15 23.06 -24.00 -2.98
C GLN C 15 22.28 -23.46 -1.79
N ILE C 16 21.85 -22.21 -1.89
CA ILE C 16 21.09 -21.59 -0.81
C ILE C 16 19.72 -22.26 -0.66
N GLY C 17 19.10 -22.57 -1.79
CA GLY C 17 17.81 -23.23 -1.78
C GLY C 17 17.87 -24.56 -1.05
N ALA C 18 18.94 -25.30 -1.30
CA ALA C 18 19.15 -26.60 -0.66
C ALA C 18 19.24 -26.44 0.85
N LYS C 19 19.78 -25.30 1.29
CA LYS C 19 19.93 -25.02 2.71
C LYS C 19 18.61 -24.50 3.29
N PHE C 20 17.91 -23.69 2.50
CA PHE C 20 16.63 -23.13 2.92
C PHE C 20 15.64 -24.26 3.22
N TRP C 21 15.50 -25.18 2.28
CA TRP C 21 14.59 -26.30 2.43
C TRP C 21 15.12 -27.31 3.45
N GLU C 22 16.33 -27.07 3.91
CA GLU C 22 16.95 -27.94 4.91
C GLU C 22 16.64 -27.37 6.30
N VAL C 23 16.24 -26.10 6.33
CA VAL C 23 15.91 -25.42 7.58
C VAL C 23 14.39 -25.34 7.76
N ILE C 24 13.70 -24.86 6.74
CA ILE C 24 12.25 -24.72 6.79
C ILE C 24 11.55 -26.07 6.99
N SER C 25 12.24 -27.16 6.65
CA SER C 25 11.69 -28.48 6.81
C SER C 25 11.43 -28.78 8.28
N ASP C 26 12.29 -28.25 9.14
CA ASP C 26 12.15 -28.45 10.57
C ASP C 26 11.15 -27.44 11.14
N GLU C 27 11.07 -26.29 10.47
CA GLU C 27 10.14 -25.24 10.87
C GLU C 27 8.69 -25.70 10.67
N HIS C 28 8.47 -26.45 9.59
CA HIS C 28 7.15 -26.98 9.30
C HIS C 28 7.00 -28.39 9.85
N GLY C 29 8.13 -29.05 10.10
CA GLY C 29 8.11 -30.39 10.64
C GLY C 29 7.79 -31.43 9.57
N ILE C 30 8.56 -31.43 8.50
CA ILE C 30 8.35 -32.38 7.41
C ILE C 30 9.68 -33.04 7.04
N ASP C 31 9.69 -34.37 7.01
CA ASP C 31 10.88 -35.12 6.67
C ASP C 31 11.11 -35.10 5.15
N PRO C 32 12.32 -35.48 4.67
CA PRO C 32 12.66 -35.51 3.23
C PRO C 32 11.51 -36.04 2.38
N THR C 33 11.06 -37.23 2.70
CA THR C 33 9.95 -37.84 1.98
C THR C 33 8.92 -38.32 2.98
N GLY C 34 8.93 -37.68 4.15
CA GLY C 34 8.02 -38.03 5.20
C GLY C 34 6.86 -37.06 5.30
N SER C 35 5.97 -37.32 6.25
CA SER C 35 4.82 -36.48 6.45
C SER C 35 5.04 -35.42 7.53
N TYR C 36 3.96 -35.00 8.15
CA TYR C 36 4.00 -33.98 9.19
C TYR C 36 4.51 -34.58 10.50
N HIS C 37 5.79 -34.40 10.75
CA HIS C 37 6.42 -34.92 11.97
C HIS C 37 6.73 -33.75 12.90
N GLY C 38 6.01 -32.65 12.70
CA GLY C 38 6.21 -31.47 13.53
C GLY C 38 5.81 -31.71 14.97
N ASP C 39 6.42 -30.95 15.88
CA ASP C 39 6.14 -31.09 17.30
C ASP C 39 4.76 -30.54 17.62
N SER C 40 4.45 -29.38 17.08
CA SER C 40 3.16 -28.75 17.27
C SER C 40 2.25 -29.09 16.09
N ASP C 41 1.00 -28.65 16.13
CA ASP C 41 0.07 -28.90 15.02
C ASP C 41 -0.35 -27.62 14.33
N LEU C 42 0.15 -26.49 14.82
CA LEU C 42 -0.18 -25.19 14.25
C LEU C 42 0.57 -24.96 12.94
N GLN C 43 1.66 -25.68 12.75
CA GLN C 43 2.48 -25.54 11.55
C GLN C 43 1.80 -26.17 10.34
N LEU C 44 0.99 -27.20 10.59
CA LEU C 44 0.27 -27.91 9.54
C LEU C 44 -0.76 -27.03 8.84
N GLU C 45 -1.41 -26.16 9.60
CA GLU C 45 -2.44 -25.29 9.06
C GLU C 45 -1.91 -24.25 8.08
N ARG C 46 -0.59 -24.21 7.88
CA ARG C 46 0.01 -23.25 6.97
C ARG C 46 1.07 -23.87 6.07
N ILE C 47 0.94 -25.17 5.80
CA ILE C 47 1.91 -25.85 4.93
C ILE C 47 1.60 -25.65 3.45
N ASN C 48 0.42 -25.12 3.15
CA ASN C 48 0.00 -24.91 1.78
C ASN C 48 0.73 -23.73 1.14
N VAL C 49 1.41 -22.94 1.96
CA VAL C 49 2.13 -21.78 1.47
C VAL C 49 3.32 -22.17 0.60
N TYR C 50 3.98 -23.27 0.95
CA TYR C 50 5.15 -23.71 0.20
C TYR C 50 5.06 -25.16 -0.27
N TYR C 51 4.05 -25.89 0.18
CA TYR C 51 3.92 -27.28 -0.21
C TYR C 51 2.63 -27.55 -0.98
N ASN C 52 2.70 -28.50 -1.91
CA ASN C 52 1.55 -28.88 -2.71
C ASN C 52 0.99 -30.22 -2.23
N GLU C 53 -0.31 -30.25 -1.95
CA GLU C 53 -0.97 -31.46 -1.48
C GLU C 53 -0.94 -32.54 -2.55
N ALA C 54 -0.22 -33.63 -2.27
CA ALA C 54 -0.09 -34.71 -3.24
C ALA C 54 -0.60 -36.05 -2.72
N ALA C 55 0.32 -36.91 -2.27
CA ALA C 55 -0.03 -38.23 -1.78
C ALA C 55 -0.37 -38.28 -0.29
N GLY C 56 -0.68 -37.12 0.28
CA GLY C 56 -1.03 -37.07 1.70
C GLY C 56 0.19 -37.13 2.60
N ASN C 57 0.97 -38.20 2.47
CA ASN C 57 2.18 -38.37 3.27
C ASN C 57 3.32 -37.57 2.68
N LYS C 58 3.41 -37.57 1.35
CA LYS C 58 4.47 -36.86 0.66
C LYS C 58 4.09 -35.42 0.40
N TYR C 59 4.70 -34.50 1.14
CA TYR C 59 4.46 -33.08 0.97
C TYR C 59 5.52 -32.52 0.03
N VAL C 60 5.14 -32.26 -1.21
CA VAL C 60 6.07 -31.75 -2.19
C VAL C 60 6.19 -30.23 -2.17
N PRO C 61 7.41 -29.73 -1.98
CA PRO C 61 7.68 -28.30 -1.94
C PRO C 61 7.55 -27.66 -3.32
N ARG C 62 6.80 -26.56 -3.38
CA ARG C 62 6.59 -25.86 -4.62
C ARG C 62 7.76 -24.92 -4.91
N ALA C 63 8.88 -25.52 -5.28
CA ALA C 63 10.09 -24.79 -5.58
C ALA C 63 10.60 -25.18 -6.96
N ILE C 64 10.97 -24.19 -7.73
CA ILE C 64 11.49 -24.42 -9.07
C ILE C 64 12.99 -24.13 -9.09
N LEU C 65 13.78 -25.15 -9.34
CA LEU C 65 15.23 -25.00 -9.37
C LEU C 65 15.73 -24.99 -10.81
N VAL C 66 16.30 -23.87 -11.22
CA VAL C 66 16.83 -23.70 -12.57
C VAL C 66 18.34 -23.50 -12.52
N ASP C 67 19.06 -24.40 -13.16
CA ASP C 67 20.53 -24.31 -13.19
C ASP C 67 21.05 -24.72 -14.56
N LEU C 68 22.20 -24.15 -14.93
CA LEU C 68 22.82 -24.46 -16.20
C LEU C 68 23.89 -25.52 -16.02
N GLU C 69 24.27 -25.74 -14.76
CA GLU C 69 25.27 -26.73 -14.43
C GLU C 69 24.59 -27.97 -13.83
N PRO C 70 24.44 -29.04 -14.63
CA PRO C 70 23.78 -30.28 -14.19
C PRO C 70 24.44 -30.86 -12.95
N GLY C 71 25.76 -30.76 -12.88
CA GLY C 71 26.49 -31.29 -11.75
C GLY C 71 26.10 -30.60 -10.44
N THR C 72 25.96 -29.29 -10.50
CA THR C 72 25.59 -28.50 -9.33
C THR C 72 24.20 -28.89 -8.82
N MET C 73 23.25 -28.98 -9.75
CA MET C 73 21.88 -29.37 -9.40
C MET C 73 21.84 -30.82 -8.92
N ASP C 74 22.67 -31.65 -9.52
CA ASP C 74 22.72 -33.06 -9.16
C ASP C 74 23.25 -33.29 -7.76
N SER C 75 24.24 -32.50 -7.33
CA SER C 75 24.79 -32.64 -5.99
C SER C 75 23.72 -32.39 -4.93
N VAL C 76 22.73 -31.57 -5.29
CA VAL C 76 21.63 -31.27 -4.39
C VAL C 76 20.68 -32.47 -4.33
N ARG C 77 20.37 -33.01 -5.51
CA ARG C 77 19.47 -34.16 -5.63
C ARG C 77 20.00 -35.37 -4.88
N SER C 78 21.32 -35.52 -4.81
CA SER C 78 21.93 -36.64 -4.13
C SER C 78 22.38 -36.25 -2.73
N GLY C 79 21.87 -35.13 -2.22
CA GLY C 79 22.23 -34.66 -0.91
C GLY C 79 21.20 -35.02 0.14
N PRO C 80 21.03 -34.17 1.17
CA PRO C 80 20.06 -34.41 2.25
C PRO C 80 18.62 -34.21 1.78
N PHE C 81 18.24 -32.98 1.52
CA PHE C 81 16.88 -32.67 1.06
C PHE C 81 16.86 -32.41 -0.44
N GLY C 82 17.30 -33.38 -1.21
CA GLY C 82 17.32 -33.23 -2.65
C GLY C 82 16.28 -34.10 -3.32
N GLN C 83 15.86 -35.15 -2.62
CA GLN C 83 14.85 -36.06 -3.15
C GLN C 83 13.45 -35.57 -2.79
N ILE C 84 13.38 -34.54 -1.97
CA ILE C 84 12.11 -33.98 -1.55
C ILE C 84 11.43 -33.24 -2.72
N PHE C 85 12.25 -32.78 -3.66
CA PHE C 85 11.76 -32.06 -4.82
C PHE C 85 11.27 -33.02 -5.90
N ARG C 86 10.28 -32.58 -6.66
CA ARG C 86 9.74 -33.38 -7.74
C ARG C 86 10.54 -33.11 -9.01
N PRO C 87 10.86 -34.17 -9.78
CA PRO C 87 11.63 -34.06 -11.02
C PRO C 87 11.02 -33.06 -12.01
N ASP C 88 9.71 -32.88 -11.93
CA ASP C 88 9.00 -31.94 -12.81
C ASP C 88 9.45 -30.51 -12.58
N ASN C 89 9.96 -30.22 -11.39
CA ASN C 89 10.41 -28.88 -11.05
C ASN C 89 11.92 -28.72 -11.25
N PHE C 90 12.53 -29.75 -11.85
CA PHE C 90 13.95 -29.72 -12.11
C PHE C 90 14.22 -29.17 -13.51
N VAL C 91 14.61 -27.91 -13.58
CA VAL C 91 14.89 -27.28 -14.87
C VAL C 91 16.39 -27.13 -15.05
N PHE C 92 17.00 -28.14 -15.64
CA PHE C 92 18.44 -28.11 -15.88
C PHE C 92 18.73 -27.85 -17.35
N GLY C 93 19.70 -26.99 -17.60
CA GLY C 93 20.07 -26.67 -18.96
C GLY C 93 21.47 -27.14 -19.26
N GLN C 94 21.59 -28.34 -19.83
CA GLN C 94 22.88 -28.92 -20.16
C GLN C 94 23.47 -28.25 -21.42
N SER C 95 23.68 -26.95 -21.33
CA SER C 95 24.23 -26.18 -22.42
C SER C 95 25.50 -25.46 -21.95
N GLY C 96 25.82 -24.36 -22.61
CA GLY C 96 27.00 -23.60 -22.23
C GLY C 96 26.86 -22.91 -20.89
N ALA C 97 27.15 -23.63 -19.82
CA ALA C 97 27.06 -23.09 -18.47
C ALA C 97 28.26 -22.21 -18.16
N GLY C 98 28.29 -21.04 -18.77
CA GLY C 98 29.38 -20.13 -18.56
C GLY C 98 28.95 -18.94 -17.74
N ASN C 99 29.83 -18.48 -16.85
CA ASN C 99 29.54 -17.33 -16.00
C ASN C 99 29.49 -16.07 -16.84
N ASN C 100 28.32 -15.81 -17.42
CA ASN C 100 28.11 -14.66 -18.27
C ASN C 100 26.63 -14.31 -18.30
N TRP C 101 26.32 -13.06 -17.96
CA TRP C 101 24.94 -12.58 -17.96
C TRP C 101 24.26 -12.78 -19.31
N ALA C 102 24.91 -12.30 -20.37
CA ALA C 102 24.38 -12.41 -21.72
C ALA C 102 24.20 -13.86 -22.16
N LYS C 103 25.18 -14.69 -21.83
CA LYS C 103 25.13 -16.10 -22.19
C LYS C 103 23.98 -16.81 -21.50
N GLY C 104 23.77 -16.50 -20.23
CA GLY C 104 22.70 -17.11 -19.48
C GLY C 104 21.38 -16.38 -19.60
N HIS C 105 21.31 -15.43 -20.52
CA HIS C 105 20.08 -14.66 -20.72
C HIS C 105 19.60 -14.74 -22.16
N TYR C 106 20.47 -14.41 -23.09
CA TYR C 106 20.11 -14.42 -24.51
C TYR C 106 20.38 -15.76 -25.19
N THR C 107 21.63 -16.21 -25.12
CA THR C 107 22.04 -17.45 -25.78
C THR C 107 21.37 -18.70 -25.19
N GLU C 108 21.98 -19.26 -24.16
CA GLU C 108 21.49 -20.49 -23.53
C GLU C 108 20.40 -20.19 -22.51
N GLY C 109 20.16 -18.92 -22.25
CA GLY C 109 19.16 -18.54 -21.28
C GLY C 109 17.74 -18.66 -21.81
N ALA C 110 17.41 -17.84 -22.80
CA ALA C 110 16.08 -17.80 -23.39
C ALA C 110 15.54 -19.18 -23.76
N GLU C 111 16.39 -20.04 -24.33
CA GLU C 111 15.97 -21.37 -24.74
C GLU C 111 15.40 -22.18 -23.58
N LEU C 112 16.00 -22.05 -22.41
CA LEU C 112 15.56 -22.78 -21.24
C LEU C 112 14.41 -22.07 -20.54
N VAL C 113 14.37 -20.75 -20.69
CA VAL C 113 13.31 -19.94 -20.07
C VAL C 113 11.91 -20.43 -20.45
N ASP C 114 11.73 -20.80 -21.70
CA ASP C 114 10.45 -21.32 -22.18
C ASP C 114 10.01 -22.52 -21.36
N SER C 115 10.96 -23.40 -21.08
CA SER C 115 10.70 -24.59 -20.30
C SER C 115 10.39 -24.23 -18.84
N VAL C 116 11.09 -23.22 -18.34
CA VAL C 116 10.89 -22.76 -16.96
C VAL C 116 9.49 -22.16 -16.81
N LEU C 117 9.09 -21.34 -17.77
CA LEU C 117 7.79 -20.69 -17.75
C LEU C 117 6.65 -21.70 -17.65
N ASP C 118 6.80 -22.83 -18.32
CA ASP C 118 5.78 -23.86 -18.30
C ASP C 118 5.63 -24.42 -16.90
N VAL C 119 6.76 -24.62 -16.22
CA VAL C 119 6.77 -25.15 -14.88
C VAL C 119 6.21 -24.14 -13.88
N VAL C 120 6.71 -22.91 -13.96
CA VAL C 120 6.26 -21.85 -13.05
C VAL C 120 4.77 -21.55 -13.22
N ARG C 121 4.28 -21.58 -14.46
CA ARG C 121 2.87 -21.31 -14.74
C ARG C 121 2.01 -22.42 -14.15
N LYS C 122 2.59 -23.61 -14.04
CA LYS C 122 1.90 -24.75 -13.48
C LYS C 122 1.88 -24.65 -11.97
N GLU C 123 2.96 -24.15 -11.40
CA GLU C 123 3.09 -23.99 -9.96
C GLU C 123 2.19 -22.88 -9.44
N SER C 124 2.04 -21.81 -10.22
CA SER C 124 1.18 -20.69 -9.83
C SER C 124 -0.29 -21.09 -9.92
N GLU C 125 -0.63 -21.83 -10.97
CA GLU C 125 -1.99 -22.27 -11.16
C GLU C 125 -2.25 -23.59 -10.46
N SER C 126 -1.97 -23.62 -9.16
CA SER C 126 -2.17 -24.82 -8.36
C SER C 126 -3.55 -24.81 -7.73
N CYS C 127 -3.66 -24.20 -6.55
CA CYS C 127 -4.93 -24.12 -5.84
C CYS C 127 -5.01 -22.83 -5.03
N ASP C 128 -6.22 -22.44 -4.66
CA ASP C 128 -6.47 -21.23 -3.88
C ASP C 128 -5.92 -19.97 -4.58
N CYS C 129 -5.40 -19.03 -3.80
CA CYS C 129 -4.87 -17.80 -4.36
C CYS C 129 -3.39 -17.63 -4.02
N LEU C 130 -2.58 -17.44 -5.06
CA LEU C 130 -1.15 -17.27 -4.89
C LEU C 130 -0.83 -15.82 -4.53
N GLN C 131 0.16 -15.61 -3.69
CA GLN C 131 0.54 -14.27 -3.27
C GLN C 131 1.71 -13.71 -4.08
N GLY C 132 2.83 -14.42 -4.10
CA GLY C 132 3.98 -13.92 -4.82
C GLY C 132 4.94 -15.00 -5.27
N PHE C 133 6.16 -14.58 -5.58
CA PHE C 133 7.19 -15.50 -6.05
C PHE C 133 8.54 -15.15 -5.42
N GLN C 134 9.05 -16.04 -4.57
CA GLN C 134 10.33 -15.82 -3.91
C GLN C 134 11.45 -16.33 -4.82
N LEU C 135 12.53 -15.58 -4.92
CA LEU C 135 13.66 -15.99 -5.76
C LEU C 135 14.99 -15.85 -5.05
N THR C 136 15.89 -16.79 -5.32
CA THR C 136 17.23 -16.79 -4.74
C THR C 136 18.24 -16.92 -5.87
N HIS C 137 19.15 -15.96 -5.99
CA HIS C 137 20.14 -16.01 -7.06
C HIS C 137 21.43 -15.27 -6.69
N SER C 138 22.40 -15.36 -7.59
CA SER C 138 23.70 -14.71 -7.43
C SER C 138 23.74 -13.44 -8.29
N LEU C 139 24.61 -12.51 -7.93
CA LEU C 139 24.73 -11.27 -8.70
C LEU C 139 25.91 -11.32 -9.66
N GLY C 140 26.89 -12.18 -9.34
CA GLY C 140 28.07 -12.32 -10.18
C GLY C 140 28.16 -13.70 -10.80
N GLY C 141 27.04 -14.19 -11.31
CA GLY C 141 27.02 -15.50 -11.94
C GLY C 141 26.41 -15.48 -13.33
N GLY C 142 26.23 -16.64 -13.92
CA GLY C 142 25.64 -16.71 -15.23
C GLY C 142 24.18 -17.09 -15.14
N THR C 143 23.90 -18.16 -14.40
CA THR C 143 22.54 -18.62 -14.24
C THR C 143 21.78 -17.75 -13.24
N GLY C 144 22.46 -17.39 -12.17
CA GLY C 144 21.84 -16.57 -11.14
C GLY C 144 21.47 -15.18 -11.61
N SER C 145 22.45 -14.44 -12.10
CA SER C 145 22.24 -13.08 -12.56
C SER C 145 21.54 -13.00 -13.91
N GLY C 146 21.88 -13.92 -14.82
CA GLY C 146 21.30 -13.89 -16.15
C GLY C 146 19.92 -14.54 -16.22
N MET C 147 19.89 -15.86 -16.09
CA MET C 147 18.64 -16.62 -16.18
C MET C 147 17.59 -16.13 -15.19
N GLY C 148 18.00 -15.92 -13.95
CA GLY C 148 17.08 -15.45 -12.93
C GLY C 148 16.44 -14.12 -13.29
N THR C 149 17.24 -13.25 -13.89
CA THR C 149 16.76 -11.93 -14.30
C THR C 149 15.66 -12.04 -15.36
N LEU C 150 15.79 -12.99 -16.27
CA LEU C 150 14.79 -13.17 -17.31
C LEU C 150 13.55 -13.83 -16.73
N LEU C 151 13.77 -14.70 -15.76
CA LEU C 151 12.69 -15.39 -15.08
C LEU C 151 11.74 -14.40 -14.42
N ILE C 152 12.31 -13.44 -13.68
CA ILE C 152 11.52 -12.43 -13.01
C ILE C 152 10.84 -11.48 -14.00
N SER C 153 11.54 -11.18 -15.10
CA SER C 153 11.00 -10.30 -16.13
C SER C 153 9.73 -10.88 -16.75
N LYS C 154 9.73 -12.19 -16.96
CA LYS C 154 8.60 -12.87 -17.56
C LYS C 154 7.47 -13.05 -16.53
N ILE C 155 7.86 -13.33 -15.29
CA ILE C 155 6.89 -13.53 -14.21
C ILE C 155 6.08 -12.27 -13.94
N ARG C 156 6.76 -11.12 -13.86
CA ARG C 156 6.09 -9.85 -13.60
C ARG C 156 5.19 -9.46 -14.78
N GLU C 157 5.50 -10.01 -15.94
CA GLU C 157 4.75 -9.76 -17.15
C GLU C 157 3.47 -10.60 -17.15
N GLU C 158 3.58 -11.80 -16.60
CA GLU C 158 2.47 -12.73 -16.54
C GLU C 158 1.53 -12.40 -15.38
N TYR C 159 2.10 -12.24 -14.20
CA TYR C 159 1.31 -11.94 -13.01
C TYR C 159 1.75 -10.63 -12.35
N PRO C 160 1.27 -9.48 -12.86
CA PRO C 160 1.61 -8.17 -12.30
C PRO C 160 0.82 -7.90 -11.04
N ASP C 161 -0.16 -8.75 -10.78
CA ASP C 161 -1.02 -8.64 -9.61
C ASP C 161 -0.34 -9.22 -8.38
N ARG C 162 0.71 -9.99 -8.60
CA ARG C 162 1.43 -10.62 -7.51
C ARG C 162 2.73 -9.87 -7.22
N ILE C 163 3.27 -10.07 -6.03
CA ILE C 163 4.50 -9.40 -5.65
C ILE C 163 5.68 -10.34 -5.80
N MET C 164 6.88 -9.79 -5.86
CA MET C 164 8.08 -10.60 -5.99
C MET C 164 9.10 -10.23 -4.93
N ASN C 165 9.63 -11.25 -4.26
CA ASN C 165 10.64 -11.05 -3.22
C ASN C 165 11.90 -11.78 -3.63
N THR C 166 12.96 -11.03 -3.87
CA THR C 166 14.21 -11.60 -4.30
C THR C 166 15.31 -11.54 -3.24
N PHE C 167 16.01 -12.65 -3.08
CA PHE C 167 17.13 -12.75 -2.15
C PHE C 167 18.38 -12.90 -3.01
N SER C 168 19.22 -11.89 -3.02
CA SER C 168 20.41 -11.94 -3.85
C SER C 168 21.70 -11.66 -3.09
N VAL C 169 22.70 -12.51 -3.31
CA VAL C 169 24.00 -12.34 -2.69
C VAL C 169 24.83 -11.43 -3.60
N VAL C 170 25.16 -10.25 -3.12
CA VAL C 170 25.91 -9.30 -3.92
C VAL C 170 27.40 -9.66 -3.94
N PRO C 171 28.13 -9.16 -4.96
CA PRO C 171 29.57 -9.41 -5.11
C PRO C 171 30.37 -8.89 -3.93
N SER C 172 31.14 -9.76 -3.32
CA SER C 172 31.98 -9.40 -2.17
C SER C 172 32.93 -8.26 -2.53
N PRO C 173 32.73 -7.08 -1.92
CA PRO C 173 33.56 -5.90 -2.17
C PRO C 173 35.05 -6.09 -1.82
N LYS C 174 35.35 -6.69 -0.67
CA LYS C 174 36.74 -6.87 -0.27
C LYS C 174 37.46 -7.91 -1.12
N VAL C 175 36.81 -9.05 -1.36
CA VAL C 175 37.40 -10.11 -2.17
C VAL C 175 36.36 -10.70 -3.11
N SER C 176 36.29 -10.18 -4.32
CA SER C 176 35.33 -10.68 -5.31
C SER C 176 35.61 -12.14 -5.65
N ASP C 177 34.55 -12.93 -5.73
CA ASP C 177 34.67 -14.36 -6.01
C ASP C 177 34.70 -14.62 -7.51
N THR C 178 34.24 -13.65 -8.28
CA THR C 178 34.21 -13.77 -9.72
C THR C 178 34.99 -12.62 -10.37
N VAL C 179 35.61 -12.88 -11.51
CA VAL C 179 36.38 -11.86 -12.21
C VAL C 179 35.43 -10.91 -12.95
N VAL C 180 34.45 -11.48 -13.63
CA VAL C 180 33.46 -10.70 -14.36
C VAL C 180 32.25 -10.39 -13.47
N GLU C 181 32.51 -10.38 -12.18
CA GLU C 181 31.46 -10.12 -11.18
C GLU C 181 30.74 -8.78 -11.38
N PRO C 182 31.46 -7.63 -11.43
CA PRO C 182 30.83 -6.32 -11.62
C PRO C 182 30.05 -6.23 -12.94
N TYR C 183 30.55 -6.92 -13.94
CA TYR C 183 29.93 -6.93 -15.26
C TYR C 183 28.55 -7.59 -15.20
N ASN C 184 28.45 -8.65 -14.41
CA ASN C 184 27.18 -9.37 -14.27
C ASN C 184 26.27 -8.66 -13.28
N ALA C 185 26.87 -8.09 -12.24
CA ALA C 185 26.14 -7.40 -11.19
C ALA C 185 25.31 -6.23 -11.72
N THR C 186 25.96 -5.32 -12.45
CA THR C 186 25.28 -4.15 -13.00
C THR C 186 24.13 -4.54 -13.93
N LEU C 187 24.30 -5.63 -14.66
CA LEU C 187 23.26 -6.10 -15.57
C LEU C 187 22.10 -6.75 -14.83
N SER C 188 22.41 -7.53 -13.80
CA SER C 188 21.38 -8.22 -13.03
C SER C 188 20.56 -7.25 -12.18
N VAL C 189 21.24 -6.29 -11.57
CA VAL C 189 20.56 -5.29 -10.74
C VAL C 189 19.61 -4.43 -11.57
N HIS C 190 19.88 -4.34 -12.87
CA HIS C 190 19.05 -3.56 -13.77
C HIS C 190 17.64 -4.12 -13.85
N GLN C 191 17.53 -5.39 -14.22
CA GLN C 191 16.24 -6.04 -14.32
C GLN C 191 15.58 -6.16 -12.96
N LEU C 192 16.40 -6.26 -11.91
CA LEU C 192 15.90 -6.36 -10.55
C LEU C 192 15.03 -5.16 -10.20
N VAL C 193 15.60 -3.97 -10.30
CA VAL C 193 14.88 -2.75 -9.96
C VAL C 193 13.71 -2.48 -10.91
N GLU C 194 13.83 -2.93 -12.17
CA GLU C 194 12.80 -2.78 -13.17
C GLU C 194 11.69 -3.84 -13.06
N ASN C 195 11.82 -4.87 -12.19
CA ASN C 195 10.89 -6.01 -12.17
C ASN C 195 10.37 -6.36 -10.78
N THR C 196 11.26 -6.82 -9.92
CA THR C 196 10.87 -7.23 -8.58
C THR C 196 10.44 -6.05 -7.70
N ASP C 197 9.66 -6.35 -6.66
CA ASP C 197 9.16 -5.32 -5.76
C ASP C 197 9.98 -5.27 -4.48
N GLU C 198 10.43 -6.44 -4.02
CA GLU C 198 11.22 -6.52 -2.80
C GLU C 198 12.51 -7.30 -3.07
N THR C 199 13.60 -6.86 -2.45
CA THR C 199 14.89 -7.53 -2.62
C THR C 199 15.77 -7.38 -1.38
N TYR C 200 16.31 -8.50 -0.93
CA TYR C 200 17.19 -8.52 0.23
C TYR C 200 18.62 -8.77 -0.23
N CYS C 201 19.55 -7.97 0.25
CA CYS C 201 20.94 -8.10 -0.14
C CYS C 201 21.75 -8.81 0.94
N ILE C 202 22.50 -9.82 0.51
CA ILE C 202 23.34 -10.58 1.41
C ILE C 202 24.79 -10.49 0.94
N ASP C 203 25.69 -10.06 1.81
CA ASP C 203 27.10 -9.93 1.45
C ASP C 203 27.90 -11.14 1.89
N ASN C 204 28.91 -11.49 1.09
CA ASN C 204 29.76 -12.63 1.37
C ASN C 204 30.55 -12.47 2.66
N GLU C 205 31.40 -11.45 2.73
CA GLU C 205 32.23 -11.22 3.91
C GLU C 205 31.41 -10.78 5.11
N ALA C 206 30.21 -10.26 4.86
CA ALA C 206 29.34 -9.82 5.94
C ALA C 206 29.00 -11.02 6.81
N LEU C 207 28.61 -12.10 6.15
CA LEU C 207 28.27 -13.34 6.84
C LEU C 207 29.49 -13.88 7.57
N TYR C 208 30.65 -13.70 6.95
CA TYR C 208 31.91 -14.15 7.53
C TYR C 208 32.20 -13.41 8.83
N ASP C 209 32.03 -12.09 8.80
CA ASP C 209 32.27 -11.25 9.96
C ASP C 209 31.32 -11.59 11.10
N ILE C 210 30.04 -11.77 10.76
CA ILE C 210 29.03 -12.12 11.76
C ILE C 210 29.33 -13.48 12.39
N CYS C 211 29.75 -14.43 11.56
CA CYS C 211 30.07 -15.78 12.03
C CYS C 211 31.46 -15.81 12.68
N PHE C 212 32.08 -14.65 12.80
CA PHE C 212 33.40 -14.55 13.40
C PHE C 212 33.33 -13.81 14.72
N ARG C 213 32.61 -12.69 14.74
CA ARG C 213 32.48 -11.88 15.95
C ARG C 213 31.31 -12.31 16.82
N THR C 214 30.12 -12.35 16.24
CA THR C 214 28.92 -12.72 16.96
C THR C 214 28.92 -14.21 17.24
N LEU C 215 29.12 -14.98 16.19
CA LEU C 215 29.19 -16.43 16.32
C LEU C 215 30.64 -16.84 16.39
N LYS C 216 30.93 -17.90 17.12
CA LYS C 216 32.28 -18.37 17.26
C LYS C 216 32.54 -19.56 16.35
N LEU C 217 32.53 -19.30 15.06
CA LEU C 217 32.74 -20.33 14.05
C LEU C 217 34.10 -20.14 13.39
N THR C 218 35.04 -20.99 13.76
CA THR C 218 36.40 -20.93 13.22
C THR C 218 36.41 -21.32 11.74
N THR C 219 35.41 -22.08 11.31
CA THR C 219 35.33 -22.51 9.92
C THR C 219 33.92 -22.29 9.36
N PRO C 220 33.62 -21.06 8.91
CA PRO C 220 32.32 -20.70 8.35
C PRO C 220 32.25 -21.02 6.87
N THR C 221 31.99 -22.28 6.54
CA THR C 221 31.88 -22.70 5.16
C THR C 221 30.57 -22.19 4.56
N TYR C 222 30.36 -22.39 3.26
CA TYR C 222 29.13 -21.94 2.62
C TYR C 222 27.91 -22.57 3.26
N GLY C 223 28.03 -23.83 3.65
CA GLY C 223 26.92 -24.51 4.30
C GLY C 223 26.56 -23.84 5.61
N ASP C 224 27.52 -23.18 6.22
CA ASP C 224 27.31 -22.48 7.48
C ASP C 224 26.72 -21.11 7.22
N LEU C 225 27.26 -20.42 6.23
CA LEU C 225 26.80 -19.09 5.87
C LEU C 225 25.39 -19.13 5.31
N ASN C 226 25.16 -20.00 4.33
CA ASN C 226 23.85 -20.16 3.71
C ASN C 226 22.81 -20.52 4.75
N HIS C 227 23.18 -21.33 5.78
CA HIS C 227 22.27 -21.72 6.83
C HIS C 227 21.69 -20.48 7.47
N LEU C 228 22.56 -19.49 7.77
CA LEU C 228 22.09 -18.29 8.43
C LEU C 228 21.11 -17.55 7.54
N VAL C 229 21.44 -17.46 6.26
CA VAL C 229 20.60 -16.78 5.28
C VAL C 229 19.23 -17.44 5.22
N SER C 230 19.22 -18.76 5.25
CA SER C 230 17.98 -19.52 5.18
C SER C 230 17.15 -19.37 6.46
N ALA C 231 17.71 -18.72 7.47
CA ALA C 231 16.98 -18.50 8.72
C ALA C 231 16.28 -17.15 8.71
N THR C 232 16.85 -16.21 7.98
CA THR C 232 16.27 -14.87 7.88
C THR C 232 15.02 -14.90 7.00
N MET C 233 15.10 -15.62 5.90
CA MET C 233 13.99 -15.74 4.95
C MET C 233 12.77 -16.39 5.59
N SER C 234 12.99 -17.22 6.60
CA SER C 234 11.89 -17.89 7.29
C SER C 234 11.06 -16.86 8.05
N GLY C 235 11.73 -15.86 8.61
CA GLY C 235 11.04 -14.84 9.36
C GLY C 235 10.23 -13.94 8.45
N VAL C 236 10.70 -13.80 7.22
CA VAL C 236 10.03 -12.96 6.24
C VAL C 236 8.87 -13.72 5.57
N THR C 237 9.00 -15.03 5.48
CA THR C 237 7.97 -15.84 4.84
C THR C 237 7.11 -16.63 5.83
N THR C 238 7.63 -17.78 6.29
CA THR C 238 6.91 -18.67 7.20
C THR C 238 6.42 -17.96 8.46
N CYS C 239 7.29 -17.18 9.09
CA CYS C 239 6.94 -16.47 10.31
C CYS C 239 5.76 -15.51 10.11
N LEU C 240 5.56 -15.09 8.87
CA LEU C 240 4.47 -14.17 8.54
C LEU C 240 3.28 -14.92 7.95
N ARG C 241 3.25 -16.23 8.17
CA ARG C 241 2.14 -17.04 7.67
C ARG C 241 1.28 -17.49 8.84
N PHE C 242 1.91 -17.65 9.98
CA PHE C 242 1.23 -18.10 11.20
C PHE C 242 0.61 -16.90 11.93
N PRO C 243 -0.35 -17.17 12.83
CA PRO C 243 -1.03 -16.12 13.60
C PRO C 243 -0.12 -15.47 14.63
N GLY C 244 -0.56 -14.34 15.18
CA GLY C 244 0.22 -13.63 16.18
C GLY C 244 -0.56 -12.50 16.80
N GLN C 245 0.11 -11.70 17.61
CA GLN C 245 -0.52 -10.57 18.27
C GLN C 245 -0.69 -9.44 17.26
N LEU C 246 0.15 -9.48 16.23
CA LEU C 246 0.14 -8.50 15.16
C LEU C 246 0.68 -9.16 13.91
N ASN C 247 -0.23 -9.56 13.02
CA ASN C 247 0.16 -10.25 11.79
C ASN C 247 0.61 -9.28 10.69
N ALA C 248 1.46 -9.81 9.82
CA ALA C 248 2.00 -9.06 8.69
C ALA C 248 2.30 -10.02 7.55
N ASP C 249 2.56 -9.48 6.37
CA ASP C 249 2.86 -10.31 5.21
C ASP C 249 3.61 -9.48 4.17
N LEU C 250 3.77 -10.02 2.96
CA LEU C 250 4.49 -9.32 1.89
C LEU C 250 3.78 -8.02 1.54
N ARG C 251 2.46 -8.03 1.55
CA ARG C 251 1.69 -6.84 1.24
C ARG C 251 1.90 -5.80 2.33
N LYS C 252 1.77 -6.24 3.58
CA LYS C 252 1.97 -5.35 4.72
C LYS C 252 3.38 -4.81 4.73
N LEU C 253 4.34 -5.67 4.40
CA LEU C 253 5.75 -5.31 4.36
C LEU C 253 6.04 -4.30 3.26
N ALA C 254 5.77 -4.68 2.01
CA ALA C 254 6.03 -3.82 0.86
C ALA C 254 5.43 -2.42 1.05
N VAL C 255 4.17 -2.36 1.45
CA VAL C 255 3.49 -1.07 1.66
C VAL C 255 4.10 -0.26 2.80
N ASN C 256 4.81 -0.93 3.70
CA ASN C 256 5.43 -0.26 4.83
C ASN C 256 6.95 -0.39 4.77
N MET C 257 7.49 -0.50 3.56
CA MET C 257 8.94 -0.62 3.37
C MET C 257 9.41 0.07 2.10
N VAL C 258 8.66 -0.12 1.03
CA VAL C 258 8.99 0.49 -0.26
C VAL C 258 8.27 1.83 -0.39
N PRO C 259 8.98 2.94 -0.19
CA PRO C 259 8.38 4.28 -0.24
C PRO C 259 8.17 4.82 -1.66
N PHE C 260 8.79 4.20 -2.65
CA PHE C 260 8.65 4.66 -4.04
C PHE C 260 8.67 3.46 -4.99
N PRO C 261 8.33 3.66 -6.29
CA PRO C 261 8.32 2.57 -7.27
C PRO C 261 9.73 2.30 -7.80
N ARG C 262 10.70 2.24 -6.90
CA ARG C 262 12.08 1.99 -7.29
C ARG C 262 12.61 0.74 -6.60
N LEU C 263 11.68 -0.11 -6.15
CA LEU C 263 12.03 -1.37 -5.48
C LEU C 263 12.63 -1.16 -4.09
N HIS C 264 13.84 -0.61 -4.05
CA HIS C 264 14.58 -0.38 -2.80
C HIS C 264 15.09 -1.67 -2.19
N PHE C 265 16.38 -1.69 -1.88
CA PHE C 265 17.01 -2.87 -1.33
C PHE C 265 17.05 -2.84 0.19
N PHE C 266 16.55 -3.90 0.80
CA PHE C 266 16.49 -4.01 2.25
C PHE C 266 17.65 -4.84 2.77
N MET C 267 18.11 -4.52 3.97
CA MET C 267 19.20 -5.25 4.60
C MET C 267 18.63 -6.13 5.71
N PRO C 268 18.90 -7.44 5.68
CA PRO C 268 18.41 -8.39 6.67
C PRO C 268 19.32 -8.56 7.89
N GLY C 269 18.71 -8.98 9.00
CA GLY C 269 19.44 -9.21 10.23
C GLY C 269 18.72 -10.22 11.11
N PHE C 270 19.40 -10.72 12.14
CA PHE C 270 18.81 -11.71 13.03
C PHE C 270 19.00 -11.32 14.50
N ALA C 271 17.90 -11.29 15.24
CA ALA C 271 17.94 -10.92 16.65
C ALA C 271 18.63 -11.95 17.56
N PRO C 272 18.23 -13.24 17.52
CA PRO C 272 18.84 -14.27 18.36
C PRO C 272 20.13 -14.81 17.75
N LEU C 273 21.15 -13.97 17.72
CA LEU C 273 22.44 -14.37 17.15
C LEU C 273 23.51 -14.47 18.23
N THR C 274 23.73 -15.67 18.73
CA THR C 274 24.72 -15.93 19.77
C THR C 274 25.40 -17.27 19.52
N SER C 275 26.42 -17.60 20.32
CA SER C 275 27.11 -18.86 20.19
C SER C 275 26.30 -20.01 20.79
N ARG C 276 26.87 -21.21 20.80
CA ARG C 276 26.19 -22.38 21.33
C ARG C 276 26.06 -22.38 22.85
N GLY C 277 27.12 -22.79 23.54
CA GLY C 277 27.08 -22.85 24.98
C GLY C 277 27.82 -21.72 25.68
N SER C 278 28.90 -21.26 25.07
CA SER C 278 29.70 -20.18 25.65
C SER C 278 28.87 -18.91 25.80
N GLN C 279 28.18 -18.52 24.74
CA GLN C 279 27.37 -17.30 24.77
C GLN C 279 25.93 -17.60 25.20
N GLN C 280 25.74 -18.72 25.88
CA GLN C 280 24.41 -19.10 26.36
C GLN C 280 24.04 -18.26 27.57
N TYR C 281 23.68 -17.01 27.31
CA TYR C 281 23.30 -16.10 28.36
C TYR C 281 21.78 -16.00 28.44
N ARG C 282 21.15 -16.37 27.33
CA ARG C 282 19.69 -16.34 27.22
C ARG C 282 19.15 -14.94 27.39
N ALA C 283 19.99 -13.95 27.07
CA ALA C 283 19.62 -12.55 27.18
C ALA C 283 18.79 -12.14 25.98
N LEU C 284 17.54 -12.56 25.99
CA LEU C 284 16.62 -12.25 24.91
C LEU C 284 15.28 -11.82 25.49
N THR C 285 15.26 -10.67 26.15
CA THR C 285 14.04 -10.15 26.70
C THR C 285 13.38 -9.22 25.69
N VAL C 286 13.92 -8.01 25.55
CA VAL C 286 13.41 -7.02 24.60
C VAL C 286 14.53 -6.11 24.10
N PRO C 287 15.17 -5.31 24.99
CA PRO C 287 16.25 -4.39 24.59
C PRO C 287 17.44 -5.10 23.96
N GLU C 288 17.69 -6.32 24.37
CA GLU C 288 18.80 -7.10 23.84
C GLU C 288 18.59 -7.43 22.37
N LEU C 289 17.33 -7.58 21.98
CA LEU C 289 16.99 -7.89 20.60
C LEU C 289 17.18 -6.67 19.73
N THR C 290 16.75 -5.52 20.24
CA THR C 290 16.87 -4.26 19.51
C THR C 290 18.35 -3.91 19.35
N GLN C 291 19.13 -4.21 20.40
CA GLN C 291 20.55 -3.93 20.39
C GLN C 291 21.26 -4.82 19.37
N GLN C 292 20.67 -5.99 19.11
CA GLN C 292 21.24 -6.92 18.15
C GLN C 292 20.81 -6.59 16.74
N MET C 293 19.51 -6.36 16.56
CA MET C 293 18.95 -6.05 15.25
C MET C 293 19.47 -4.72 14.70
N PHE C 294 19.58 -3.72 15.55
CA PHE C 294 20.06 -2.40 15.13
C PHE C 294 21.55 -2.26 15.36
N ASP C 295 22.30 -3.30 15.04
CA ASP C 295 23.74 -3.30 15.22
C ASP C 295 24.45 -3.12 13.88
N ALA C 296 25.39 -2.20 13.84
CA ALA C 296 26.13 -1.91 12.62
C ALA C 296 27.05 -3.07 12.21
N LYS C 297 27.21 -4.05 13.07
CA LYS C 297 28.06 -5.20 12.78
C LYS C 297 27.27 -6.50 12.87
N ASN C 298 25.95 -6.40 12.66
CA ASN C 298 25.09 -7.58 12.70
C ASN C 298 24.26 -7.64 11.42
N MET C 299 24.51 -6.70 10.52
CA MET C 299 23.78 -6.64 9.26
C MET C 299 24.41 -7.61 8.27
N MET C 300 23.55 -8.31 7.52
CA MET C 300 24.01 -9.27 6.54
C MET C 300 24.43 -8.60 5.23
N ALA C 301 24.83 -7.34 5.34
CA ALA C 301 25.28 -6.55 4.20
C ALA C 301 26.55 -5.80 4.58
N ALA C 302 27.36 -5.46 3.59
CA ALA C 302 28.61 -4.73 3.83
C ALA C 302 28.33 -3.30 4.25
N CYS C 303 27.25 -2.73 3.73
CA CYS C 303 26.88 -1.37 4.07
C CYS C 303 26.34 -1.31 5.50
N ASP C 304 26.94 -0.47 6.32
CA ASP C 304 26.52 -0.32 7.71
C ASP C 304 25.45 0.76 7.85
N PRO C 305 24.53 0.59 8.81
CA PRO C 305 23.43 1.54 9.06
C PRO C 305 23.90 2.96 9.40
N ARG C 306 25.14 3.10 9.83
CA ARG C 306 25.68 4.40 10.20
C ARG C 306 26.02 5.22 8.96
N HIS C 307 26.23 4.54 7.84
CA HIS C 307 26.58 5.20 6.58
C HIS C 307 25.33 5.66 5.83
N GLY C 308 24.25 5.91 6.55
CA GLY C 308 23.03 6.35 5.92
C GLY C 308 21.93 6.56 6.93
N ARG C 309 20.70 6.67 6.44
CA ARG C 309 19.55 6.84 7.30
C ARG C 309 18.50 5.78 6.99
N TYR C 310 17.77 5.38 8.02
CA TYR C 310 16.72 4.37 7.88
C TYR C 310 15.50 4.98 7.21
N LEU C 311 15.13 4.46 6.05
CA LEU C 311 13.96 4.96 5.33
C LEU C 311 12.70 4.34 5.93
N THR C 312 12.72 3.03 6.05
CA THR C 312 11.60 2.28 6.61
C THR C 312 12.12 0.99 7.20
N VAL C 313 11.71 0.66 8.42
CA VAL C 313 12.18 -0.54 9.09
C VAL C 313 11.03 -1.47 9.43
N ALA C 314 11.24 -2.75 9.21
CA ALA C 314 10.24 -3.76 9.52
C ALA C 314 10.73 -4.59 10.69
N ALA C 315 9.86 -4.77 11.68
CA ALA C 315 10.21 -5.56 12.86
C ALA C 315 9.36 -6.82 12.91
N VAL C 316 9.91 -7.92 12.43
CA VAL C 316 9.19 -9.19 12.42
C VAL C 316 9.57 -10.05 13.61
N PHE C 317 8.88 -9.86 14.72
CA PHE C 317 9.14 -10.63 15.92
C PHE C 317 8.36 -11.94 15.90
N ARG C 318 8.87 -12.95 16.59
CA ARG C 318 8.20 -14.24 16.65
C ARG C 318 8.38 -14.89 18.01
N GLY C 319 7.28 -15.00 18.73
CA GLY C 319 7.31 -15.60 20.06
C GLY C 319 6.39 -14.87 21.00
N ARG C 320 6.28 -15.37 22.22
CA ARG C 320 5.42 -14.74 23.22
C ARG C 320 6.14 -13.57 23.89
N MET C 321 5.56 -12.39 23.77
CA MET C 321 6.14 -11.18 24.37
C MET C 321 5.09 -10.08 24.48
N SER C 322 5.42 -9.06 25.25
CA SER C 322 4.51 -7.94 25.46
C SER C 322 4.59 -6.97 24.29
N MET C 323 3.45 -6.68 23.68
CA MET C 323 3.39 -5.76 22.56
C MET C 323 3.86 -4.37 22.97
N LYS C 324 3.44 -3.95 24.16
CA LYS C 324 3.82 -2.64 24.68
C LYS C 324 5.33 -2.55 24.87
N GLU C 325 5.95 -3.64 25.31
CA GLU C 325 7.40 -3.65 25.53
C GLU C 325 8.16 -3.51 24.23
N VAL C 326 7.68 -4.18 23.18
CA VAL C 326 8.32 -4.12 21.88
C VAL C 326 8.23 -2.71 21.29
N ASP C 327 7.02 -2.20 21.20
CA ASP C 327 6.79 -0.86 20.64
C ASP C 327 7.46 0.23 21.47
N GLU C 328 7.47 0.06 22.79
CA GLU C 328 8.10 1.03 23.67
C GLU C 328 9.59 1.11 23.40
N GLN C 329 10.20 -0.05 23.21
CA GLN C 329 11.63 -0.12 22.93
C GLN C 329 11.94 0.47 21.56
N MET C 330 11.02 0.28 20.62
CA MET C 330 11.19 0.81 19.27
C MET C 330 11.24 2.32 19.31
N LEU C 331 10.37 2.92 20.13
CA LEU C 331 10.32 4.36 20.28
C LEU C 331 11.66 4.87 20.81
N ASN C 332 12.22 4.12 21.75
CA ASN C 332 13.52 4.46 22.34
C ASN C 332 14.59 4.52 21.26
N VAL C 333 14.60 3.51 20.39
CA VAL C 333 15.57 3.45 19.30
C VAL C 333 15.38 4.58 18.31
N GLN C 334 14.12 4.85 17.96
CA GLN C 334 13.80 5.91 17.00
C GLN C 334 14.13 7.29 17.57
N ASN C 335 14.17 7.39 18.89
CA ASN C 335 14.49 8.66 19.55
C ASN C 335 15.99 8.84 19.73
N LYS C 336 16.67 7.77 20.13
CA LYS C 336 18.11 7.81 20.35
C LYS C 336 18.89 7.95 19.05
N ASN C 337 18.41 7.29 18.01
CA ASN C 337 19.07 7.32 16.70
C ASN C 337 18.27 8.13 15.70
N SER C 338 17.58 9.15 16.20
CA SER C 338 16.75 10.01 15.38
C SER C 338 17.51 10.67 14.23
N SER C 339 18.79 10.98 14.48
CA SER C 339 19.64 11.63 13.48
C SER C 339 19.66 10.89 12.14
N TYR C 340 19.63 9.57 12.19
CA TYR C 340 19.65 8.78 10.97
C TYR C 340 18.43 7.87 10.85
N PHE C 341 17.32 8.32 11.41
CA PHE C 341 16.09 7.53 11.36
C PHE C 341 15.05 8.24 10.49
N VAL C 342 15.52 9.16 9.65
CA VAL C 342 14.65 9.91 8.75
C VAL C 342 13.78 10.92 9.51
N GLU C 343 13.68 12.13 8.95
CA GLU C 343 12.89 13.19 9.58
C GLU C 343 11.67 13.56 8.76
N TRP C 344 11.35 12.77 7.74
CA TRP C 344 10.18 13.04 6.91
C TRP C 344 9.09 12.00 7.10
N ILE C 345 9.29 11.12 8.08
CA ILE C 345 8.33 10.08 8.42
C ILE C 345 8.23 9.97 9.94
N PRO C 346 7.01 10.16 10.50
CA PRO C 346 6.79 10.07 11.95
C PRO C 346 7.26 8.74 12.53
N ASN C 347 6.68 7.65 12.05
CA ASN C 347 7.05 6.32 12.51
C ASN C 347 7.59 5.52 11.32
N ASN C 348 8.85 5.14 11.40
CA ASN C 348 9.50 4.41 10.31
C ASN C 348 9.50 2.91 10.56
N VAL C 349 9.16 2.50 11.77
CA VAL C 349 9.17 1.09 12.10
C VAL C 349 7.77 0.49 12.23
N LYS C 350 7.46 -0.42 11.33
CA LYS C 350 6.17 -1.10 11.36
C LYS C 350 6.33 -2.42 12.12
N THR C 351 5.95 -2.40 13.38
CA THR C 351 6.06 -3.56 14.24
C THR C 351 5.17 -4.72 13.80
N ALA C 352 5.56 -5.92 14.21
CA ALA C 352 4.82 -7.15 13.91
C ALA C 352 5.28 -8.22 14.87
N VAL C 353 4.34 -8.93 15.49
CA VAL C 353 4.67 -9.97 16.46
C VAL C 353 3.94 -11.28 16.18
N CYS C 354 4.70 -12.30 15.82
CA CYS C 354 4.15 -13.62 15.55
C CYS C 354 3.96 -14.36 16.88
N ASP C 355 3.02 -15.28 16.94
CA ASP C 355 2.74 -16.01 18.17
C ASP C 355 3.46 -17.37 18.24
N ILE C 356 4.40 -17.60 17.34
CA ILE C 356 5.13 -18.87 17.35
C ILE C 356 6.63 -18.68 17.12
N PRO C 357 7.45 -19.12 18.09
CA PRO C 357 8.92 -19.04 18.02
C PRO C 357 9.50 -20.08 17.07
N PRO C 358 10.79 -19.95 16.71
CA PRO C 358 11.46 -20.88 15.79
C PRO C 358 11.87 -22.20 16.46
N ARG C 359 10.88 -23.00 16.82
CA ARG C 359 11.10 -24.31 17.44
C ARG C 359 11.98 -24.26 18.68
N GLY C 360 13.28 -24.56 18.51
CA GLY C 360 14.22 -24.60 19.62
C GLY C 360 14.74 -23.23 20.04
N LEU C 361 13.93 -22.21 19.81
CA LEU C 361 14.31 -20.85 20.17
C LEU C 361 13.14 -20.22 20.93
N LYS C 362 13.44 -19.53 22.01
CA LYS C 362 12.39 -18.90 22.82
C LYS C 362 11.97 -17.54 22.26
N MET C 363 12.93 -16.63 22.16
CA MET C 363 12.66 -15.29 21.66
C MET C 363 13.46 -15.03 20.39
N SER C 364 12.78 -14.56 19.34
CA SER C 364 13.45 -14.30 18.08
C SER C 364 12.75 -13.18 17.32
N ALA C 365 13.50 -12.56 16.42
CA ALA C 365 12.99 -11.47 15.60
C ALA C 365 13.81 -11.36 14.33
N THR C 366 13.14 -11.07 13.23
CA THR C 366 13.79 -10.91 11.95
C THR C 366 13.91 -9.42 11.62
N PHE C 367 15.13 -8.99 11.32
CA PHE C 367 15.37 -7.59 11.02
C PHE C 367 15.34 -7.31 9.52
N ILE C 368 14.51 -6.37 9.13
CA ILE C 368 14.40 -5.95 7.75
C ILE C 368 14.49 -4.43 7.73
N GLY C 369 15.61 -3.91 7.27
CA GLY C 369 15.77 -2.47 7.26
C GLY C 369 16.15 -1.89 5.92
N ASN C 370 15.30 -1.02 5.40
CA ASN C 370 15.57 -0.35 4.14
C ASN C 370 16.18 1.01 4.46
N SER C 371 17.49 1.10 4.36
CA SER C 371 18.19 2.33 4.66
C SER C 371 18.98 2.82 3.45
N THR C 372 19.28 4.12 3.44
CA THR C 372 20.01 4.72 2.33
C THR C 372 21.48 4.30 2.37
N ALA C 373 21.85 3.56 3.41
CA ALA C 373 23.21 3.07 3.58
C ALA C 373 23.60 2.13 2.44
N ILE C 374 22.59 1.52 1.82
CA ILE C 374 22.81 0.60 0.71
C ILE C 374 23.39 1.34 -0.50
N GLN C 375 23.32 2.67 -0.46
CA GLN C 375 23.85 3.52 -1.54
C GLN C 375 25.35 3.29 -1.71
N GLU C 376 26.03 3.04 -0.60
CA GLU C 376 27.48 2.81 -0.61
C GLU C 376 27.81 1.58 -1.44
N LEU C 377 26.96 0.55 -1.34
CA LEU C 377 27.15 -0.69 -2.07
C LEU C 377 27.04 -0.45 -3.57
N PHE C 378 26.00 0.27 -3.98
CA PHE C 378 25.78 0.57 -5.39
C PHE C 378 26.99 1.28 -5.97
N LYS C 379 27.42 2.34 -5.30
CA LYS C 379 28.57 3.11 -5.74
C LYS C 379 29.82 2.24 -5.82
N ARG C 380 29.92 1.28 -4.91
CA ARG C 380 31.05 0.36 -4.87
C ARG C 380 31.06 -0.56 -6.09
N ILE C 381 29.90 -1.14 -6.38
CA ILE C 381 29.77 -2.05 -7.51
C ILE C 381 29.95 -1.30 -8.83
N SER C 382 29.28 -0.15 -8.94
CA SER C 382 29.38 0.67 -10.14
C SER C 382 30.81 1.09 -10.41
N GLU C 383 31.54 1.45 -9.35
CA GLU C 383 32.94 1.87 -9.47
C GLU C 383 33.77 0.78 -10.14
N GLN C 384 33.62 -0.45 -9.66
CA GLN C 384 34.34 -1.59 -10.19
C GLN C 384 33.92 -1.88 -11.62
N PHE C 385 32.64 -1.65 -11.91
CA PHE C 385 32.11 -1.87 -13.24
C PHE C 385 32.76 -0.97 -14.28
N THR C 386 32.65 0.35 -14.07
CA THR C 386 33.22 1.31 -15.02
C THR C 386 34.73 1.15 -15.16
N ALA C 387 35.39 0.72 -14.09
CA ALA C 387 36.84 0.51 -14.10
C ALA C 387 37.24 -0.47 -15.20
N MET C 388 36.46 -1.53 -15.36
CA MET C 388 36.75 -2.51 -16.38
C MET C 388 35.98 -2.24 -17.67
N PHE C 389 34.83 -1.57 -17.53
CA PHE C 389 34.00 -1.23 -18.69
C PHE C 389 34.71 -0.22 -19.58
N ARG C 390 35.52 0.64 -18.96
CA ARG C 390 36.29 1.65 -19.69
C ARG C 390 37.27 0.98 -20.63
N ARG C 391 37.80 -0.18 -20.22
CA ARG C 391 38.75 -0.91 -21.03
C ARG C 391 38.06 -1.96 -21.88
N LYS C 392 36.86 -2.35 -21.46
CA LYS C 392 36.07 -3.36 -22.18
C LYS C 392 36.85 -4.67 -22.28
N ALA C 393 37.61 -4.95 -21.23
CA ALA C 393 38.44 -6.15 -21.17
C ALA C 393 37.64 -7.43 -21.42
N PHE C 394 36.58 -7.62 -20.66
CA PHE C 394 35.76 -8.82 -20.79
C PHE C 394 34.48 -8.55 -21.57
N LEU C 395 34.49 -7.54 -22.43
CA LEU C 395 33.31 -7.19 -23.22
C LEU C 395 33.04 -8.26 -24.28
N HIS C 396 34.10 -8.73 -24.93
CA HIS C 396 34.00 -9.74 -25.98
C HIS C 396 33.28 -11.02 -25.53
N TRP C 397 33.35 -11.32 -24.24
CA TRP C 397 32.69 -12.51 -23.70
C TRP C 397 31.18 -12.36 -23.77
N TYR C 398 30.72 -11.12 -23.82
CA TYR C 398 29.29 -10.82 -23.88
C TYR C 398 28.87 -10.52 -25.32
N THR C 399 29.73 -9.81 -26.04
CA THR C 399 29.45 -9.46 -27.43
C THR C 399 29.27 -10.70 -28.29
N GLY C 400 30.07 -11.73 -28.03
CA GLY C 400 29.97 -12.97 -28.78
C GLY C 400 28.67 -13.72 -28.52
N GLU C 401 28.01 -13.37 -27.44
CA GLU C 401 26.74 -14.01 -27.08
C GLU C 401 25.57 -13.27 -27.71
N GLY C 402 25.67 -11.94 -27.73
CA GLY C 402 24.62 -11.12 -28.29
C GLY C 402 24.26 -9.99 -27.35
N MET C 403 25.29 -9.32 -26.84
CA MET C 403 25.09 -8.22 -25.92
C MET C 403 25.43 -6.89 -26.57
N ASP C 404 24.45 -5.96 -26.55
CA ASP C 404 24.52 -4.63 -27.11
C ASP C 404 25.53 -3.85 -26.33
N GLU C 405 26.32 -2.99 -27.03
CA GLU C 405 27.23 -2.09 -26.33
C GLU C 405 26.45 -1.10 -25.47
N MET C 406 25.38 -0.58 -26.05
CA MET C 406 24.53 0.40 -25.37
C MET C 406 23.81 -0.23 -24.18
N GLU C 407 23.55 -1.55 -24.21
CA GLU C 407 22.88 -2.24 -23.14
C GLU C 407 23.67 -2.11 -21.87
N PHE C 408 24.99 -2.32 -21.93
CA PHE C 408 25.85 -2.25 -20.76
C PHE C 408 25.77 -0.86 -20.11
N THR C 409 25.92 0.17 -20.93
CA THR C 409 25.87 1.54 -20.46
C THR C 409 24.50 1.89 -19.89
N GLU C 410 23.42 1.31 -20.49
CA GLU C 410 22.07 1.57 -20.03
C GLU C 410 21.85 0.97 -18.67
N ALA C 411 22.34 -0.26 -18.43
CA ALA C 411 22.19 -0.93 -17.14
C ALA C 411 22.82 -0.08 -16.03
N GLU C 412 23.98 0.50 -16.33
CA GLU C 412 24.66 1.34 -15.36
C GLU C 412 23.90 2.65 -15.15
N SER C 413 23.33 3.26 -16.20
CA SER C 413 22.64 4.54 -16.13
C SER C 413 21.36 4.46 -15.32
N ASN C 414 20.68 3.32 -15.37
CA ASN C 414 19.51 3.13 -14.53
C ASN C 414 19.92 2.85 -13.09
N MET C 415 21.05 2.18 -12.94
CA MET C 415 21.58 1.85 -11.61
C MET C 415 22.01 3.13 -10.90
N ASN C 416 22.71 3.98 -11.64
CA ASN C 416 23.19 5.26 -11.12
C ASN C 416 22.02 6.17 -10.79
N ASP C 417 20.92 6.03 -11.56
CA ASP C 417 19.69 6.77 -11.41
C ASP C 417 19.17 6.53 -10.02
N LEU C 418 19.14 5.25 -9.61
CA LEU C 418 18.66 4.81 -8.31
C LEU C 418 19.52 5.41 -7.20
N VAL C 419 20.83 5.44 -7.45
CA VAL C 419 21.78 6.01 -6.50
C VAL C 419 21.51 7.48 -6.27
N SER C 420 21.21 8.19 -7.36
CA SER C 420 20.93 9.61 -7.29
C SER C 420 19.64 9.89 -6.52
N GLU C 421 18.59 9.13 -6.82
CA GLU C 421 17.30 9.31 -6.16
C GLU C 421 17.36 8.91 -4.68
N TYR C 422 18.17 7.90 -4.37
CA TYR C 422 18.33 7.44 -3.00
C TYR C 422 18.86 8.57 -2.13
N GLN C 423 19.74 9.37 -2.70
CA GLN C 423 20.34 10.49 -1.99
C GLN C 423 19.34 11.62 -1.77
N GLN C 424 18.37 11.75 -2.67
CA GLN C 424 17.35 12.78 -2.54
C GLN C 424 16.54 12.56 -1.28
N TYR C 425 16.26 11.30 -0.99
CA TYR C 425 15.49 10.92 0.19
C TYR C 425 16.39 10.78 1.41
N GLN C 426 17.69 10.75 1.16
CA GLN C 426 18.69 10.62 2.23
C GLN C 426 18.90 11.96 2.91
N ASP C 427 18.61 13.05 2.22
CA ASP C 427 18.79 14.38 2.78
C ASP C 427 17.46 14.98 3.20
MG MG D . -11.04 8.78 -26.90
PG ANP E . -12.84 8.66 -23.91
O1G ANP E . -13.76 7.51 -23.63
O2G ANP E . -11.85 8.22 -24.89
O3G ANP E . -12.08 8.95 -22.66
PB ANP E . -13.02 11.14 -25.42
O1B ANP E . -13.47 12.41 -24.92
O2B ANP E . -12.43 10.85 -26.66
N3B ANP E . -13.67 9.83 -24.71
PA ANP E . -14.50 11.23 -27.94
O1A ANP E . -15.24 10.06 -28.47
O2A ANP E . -14.26 12.45 -28.70
O3A ANP E . -14.38 11.33 -26.31
O5' ANP E . -15.99 11.80 -28.06
C5' ANP E . -16.91 12.29 -27.07
C4' ANP E . -18.29 12.08 -27.82
O4' ANP E . -18.88 13.40 -28.17
C3' ANP E . -18.31 11.43 -29.22
O3' ANP E . -19.58 10.84 -29.49
C2' ANP E . -17.93 12.61 -30.15
O2' ANP E . -18.32 12.34 -31.51
C1' ANP E . -18.69 13.74 -29.53
N9 ANP E . -18.00 15.06 -29.63
C8 ANP E . -16.92 15.51 -28.94
N7 ANP E . -16.57 16.74 -29.27
C5 ANP E . -17.42 17.13 -30.23
C6 ANP E . -17.53 18.36 -30.94
N6 ANP E . -16.80 19.38 -30.84
N1 ANP E . -18.58 18.35 -31.84
C2 ANP E . -19.45 17.29 -32.02
N3 ANP E . -19.35 16.16 -31.35
C4 ANP E . -18.33 16.12 -30.45
PG GTP F . -5.24 -4.89 7.96
O1G GTP F . -5.83 -5.06 6.55
O2G GTP F . -4.58 -6.16 8.46
O3G GTP F . -4.26 -3.74 7.80
O3B GTP F . -6.38 -4.58 9.12
PB GTP F . -6.09 -4.35 10.73
O1B GTP F . -6.73 -3.02 11.07
O2B GTP F . -6.49 -5.53 11.48
O3A GTP F . -4.60 -4.06 10.82
PA GTP F . -3.56 -4.01 11.94
O1A GTP F . -3.60 -5.21 12.78
O2A GTP F . -2.24 -3.70 11.31
O5' GTP F . -4.00 -2.67 12.79
C5' GTP F . -3.15 -2.42 13.90
C4' GTP F . -3.47 -1.22 14.73
O4' GTP F . -4.43 -1.56 15.77
C3' GTP F . -2.22 -0.79 15.45
O3' GTP F . -2.29 0.59 15.74
C2' GTP F . -2.24 -1.68 16.69
O2' GTP F . -1.52 -1.03 17.75
C1' GTP F . -3.74 -1.82 17.00
N9 GTP F . -4.16 -3.15 17.48
C8 GTP F . -4.00 -4.36 16.84
N7 GTP F . -4.47 -5.37 17.52
C5 GTP F . -4.96 -4.81 18.67
C6 GTP F . -5.58 -5.41 19.77
O6 GTP F . -5.81 -6.61 19.92
N1 GTP F . -5.95 -4.48 20.77
C2 GTP F . -5.73 -3.12 20.70
N2 GTP F . -6.14 -2.42 21.72
N3 GTP F . -5.14 -2.54 19.66
C4 GTP F . -4.79 -3.43 18.68
MG MG G . -5.32 -8.00 9.88
PB GDP H . 26.16 -19.26 -11.36
O1B GDP H . 24.79 -18.76 -11.54
O2B GDP H . 26.29 -20.48 -10.68
O3B GDP H . 26.90 -19.23 -12.82
O3A GDP H . 26.89 -18.21 -10.44
PA GDP H . 27.66 -18.42 -8.97
O1A GDP H . 26.64 -18.80 -7.94
O2A GDP H . 28.76 -19.44 -9.21
O5' GDP H . 28.14 -16.97 -8.68
C5' GDP H . 29.27 -16.72 -7.80
C4' GDP H . 28.98 -15.86 -6.65
O4' GDP H . 28.01 -16.56 -5.78
C3' GDP H . 30.18 -15.65 -5.65
O3' GDP H . 30.07 -14.25 -5.20
C2' GDP H . 29.99 -16.56 -4.43
O2' GDP H . 30.45 -16.12 -3.14
C1' GDP H . 28.48 -16.78 -4.39
N9 GDP H . 28.06 -18.12 -3.98
C8 GDP H . 28.28 -19.27 -4.91
N7 GDP H . 27.71 -20.21 -4.03
C5 GDP H . 27.24 -19.82 -2.86
C6 GDP H . 26.61 -20.24 -1.65
O6 GDP H . 26.32 -21.54 -1.55
N1 GDP H . 26.28 -19.41 -0.63
C2 GDP H . 26.60 -17.96 -0.77
N2 GDP H . 26.21 -17.36 0.33
N3 GDP H . 27.17 -17.53 -1.81
C4 GDP H . 27.46 -18.38 -2.82
O01 TA1 I . 22.52 -24.54 15.42
C01 TA1 I . 21.62 -23.79 16.25
C02 TA1 I . 22.38 -22.39 16.59
O02 TA1 I . 22.59 -21.82 15.25
C03 TA1 I . 23.91 -21.80 14.73
O03 TA1 I . 24.88 -22.19 15.34
C04 TA1 I . 23.98 -21.24 13.41
C05 TA1 I . 24.78 -22.07 12.51
C06 TA1 I . 24.90 -21.54 11.11
C07 TA1 I . 24.28 -20.33 10.72
C08 TA1 I . 23.61 -19.69 11.58
C09 TA1 I . 23.40 -20.05 12.93
C10 TA1 I . 21.60 -21.27 17.48
C11 TA1 I . 21.73 -19.77 16.92
O04 TA1 I . 21.10 -19.62 15.57
C12 TA1 I . 19.74 -19.72 15.39
O05 TA1 I . 18.93 -19.93 16.25
C13 TA1 I . 19.42 -19.50 13.92
C14 TA1 I . 23.12 -19.14 16.69
O06 TA1 I . 22.86 -18.03 17.57
C15 TA1 I . 21.53 -18.54 17.84
C16 TA1 I . 21.29 -18.77 19.37
C17 TA1 I . 20.94 -20.22 19.72
O07 TA1 I . 20.79 -20.33 21.16
C18 TA1 I . 21.97 -21.29 19.13
C19 TA1 I . 23.42 -20.83 19.45
C20 TA1 I . 21.84 -22.69 19.94
O08 TA1 I . 22.79 -23.07 20.60
C21 TA1 I . 20.57 -23.55 19.87
O09 TA1 I . 20.82 -24.76 20.71
C22 TA1 I . 20.10 -24.95 21.88
O10 TA1 I . 19.28 -24.21 22.31
C23 TA1 I . 20.52 -26.23 22.54
C24 TA1 I . 20.25 -23.92 18.42
C25 TA1 I . 19.07 -23.46 17.85
C26 TA1 I . 18.90 -23.74 16.32
O11 TA1 I . 17.84 -22.93 15.68
C27 TA1 I . 16.64 -23.46 15.59
O12 TA1 I . 16.28 -24.52 15.98
C28 TA1 I . 15.68 -22.47 14.85
O13 TA1 I . 14.42 -23.10 14.74
C29 TA1 I . 16.31 -22.13 13.48
N01 TA1 I . 16.60 -23.39 12.81
C30 TA1 I . 17.59 -23.52 11.90
O14 TA1 I . 18.29 -22.60 11.51
C31 TA1 I . 17.76 -24.92 11.38
C32 TA1 I . 16.76 -25.63 10.72
C33 TA1 I . 17.00 -26.96 10.28
C34 TA1 I . 18.25 -27.58 10.52
C35 TA1 I . 19.25 -26.87 11.16
C36 TA1 I . 19.04 -25.57 11.61
C37 TA1 I . 15.39 -21.19 12.66
C38 TA1 I . 15.59 -19.81 12.78
C39 TA1 I . 14.78 -18.89 12.07
C40 TA1 I . 13.76 -19.37 11.22
C41 TA1 I . 13.56 -20.74 11.10
C42 TA1 I . 14.38 -21.66 11.81
C43 TA1 I . 20.23 -23.45 15.52
C44 TA1 I . 18.00 -22.62 18.53
C45 TA1 I . 21.31 -24.76 17.55
C46 TA1 I . 20.64 -26.15 17.14
C47 TA1 I . 22.63 -25.21 18.22
#